data_4MVJ
#
_entry.id   4MVJ
#
_cell.length_a   145.879
_cell.length_b   69.688
_cell.length_c   271.923
_cell.angle_alpha   90.00
_cell.angle_beta   98.80
_cell.angle_gamma   90.00
#
_symmetry.space_group_name_H-M   'P 1 21 1'
#
loop_
_entity.id
_entity.type
_entity.pdbx_description
1 polymer 'Glyceraldehyde-3-phosphate dehydrogenase A'
2 polymer 'Glyceraldehyde-3-phosphate dehydrogenase A'
3 polymer 'Glyceraldehyde-3-phosphate Dehydrogenase A'
4 polymer 'Glyceraldehyde-3-phosphate Dehydrogenase A'
5 polymer 'Glyceraldehyde-3-phosphate Dehydrogenase A'
6 polymer 'Glyceraldehyde-3-phosphate Dehydrogenase A'
7 polymer 'Glyceraldehyde-3-phosphate Dehydrogenase A'
8 polymer 'Glyceraldehyde-3-phosphate Dehydrogenase A'
9 polymer 'Glyceraldehyde-3-phosphate Dehydrogenase A'
10 non-polymer 'SODIUM ION'
11 non-polymer 'CHLORIDE ION'
12 non-polymer 'PHOSPHATE ION'
13 non-polymer 'PYROPHOSPHATE 2-'
14 non-polymer NICOTINAMIDE-ADENINE-DINUCLEOTIDE
15 non-polymer 'ACETATE ION'
16 non-polymer 'TRIETHYLENE GLYCOL'
17 non-polymer DI(HYDROXYETHYL)ETHER
18 non-polymer 'TETRAETHYLENE GLYCOL'
19 non-polymer ACETYLPHOSPHATE
20 water water
#
loop_
_entity_poly.entity_id
_entity_poly.type
_entity_poly.pdbx_seq_one_letter_code
_entity_poly.pdbx_strand_id
1 'polypeptide(L)'
;MHHHHHHSSGVDLGTENLYFQSNAMTIKVGINGFGRIGRIVFRAAQKRSDIEIVAINDLLDADYMAYML(ALY)YDSTHG
RFDGTVEVKDGHLIVNGKKIRVTAERDPANLKWDEVGVDVVAEATGLFLTDETARKHITAGAKKVVMTGPSKDNTPMFVK
GANFDKYAGQDIVSNASCTTNCLAPLAKVINDNFGIIEGLMTTVHATTATQKTVDGPSHKDWRGGRGASQNIIPSSTGAA
KAVGKVLPELNGKLTGMAFRVPTPNVSVVDLTVRLEKAATYEQIKAAVKAAAEGEMKGVLGYTEDDVVSTDFNGEVCTSV
FDAKAGIALNDNFVKLVSWYDNETGYSNKVLDLIAHISK
;
A,B,C,K,N
2 'polypeptide(L)'
;MHHHHHHSSGVDLGTENLYFQSNAMTIKVGINGFGRIGRIVFRAAQKRSDIEIVAINDLLDADYMAYMLKYDSTHGRFDG
TVEVKDGHLIVNGKKIRVTAERDPANLKWDEVGVDVVAEATGLFLTDETARKHITAGAKKVVMTGPSKDNTPMFVKGANF
DKYAGQDIVSNASCTTNCLAPLAKVINDNFGIIEGLMTTVHATTATQKTVDGPSHKDWRGGRGASQNIIPSSTGAAKAVG
KVLPELNGKLTGMAFRVPTPNVSVVDLTVRLEKAATYEQIKAAVKAAAEGEMKGVLGYTEDDVVSTDFNGEVCTSVFDAK
AGIALNDNFVKLVSWYDNETGYSNKVLDLIAHISK
;
D,L
3 'polypeptide(L)'
;MHHHHHHSSGVDLGTENLYFQSNAMTIKVGINGFGRIGRIVFRAAQKRSDIEIVAINDLLDADYMAYML(ALY)YDSTHG
RFDGTVEVKDGHLIVNGKKIRVTAERDPANLKWDEVGVDVVAEATGLFLTDETARKHITAGAKKVVMTGPSKDNTPMFVK
GANFDKYAGQDIVSNASCTTNCLAPLAKVINDNFGIIEGLMTTVHATTATQKTVDGPSHKDWRGGRGASQNIIPSSTGAA
KAVGKVLPELNGKLTGMAFRVPTPNVSVVDLTVRLE(ALY)AATYEQIKAAVKAAAEGEMKGVLGYTEDDVVSTDFNGEV
CTSVFDAKAGIALNDNFVKLVSWYDNETGYSNKVLDLIAHISK
;
E
4 'polypeptide(L)'
;MHHHHHHSSGVDLGTENLYFQSNAMTIKVGINGFGRIGRIVFRAAQKRSDIEIVAINDLLDADYMAYML(ALY)YDSTHG
RFDGTVEVKDGHLIVNGKKIRVTAERDPANLKWDEVGVDVVAEATGLFLTDETARKHITAGAKKVVMTGPSKDNTPMFVK
GANFDKYAGQDIVSNASCTTNCLAPLAKVINDNFGIIEGLMTTVHATTATQKTVDGPSHKDWRGGRGASQNIIPSSTGAA
KAVGKVLPELNGKLTGMAFRVPTPNVSVVDLTVRLEKAATYEQI(ALY)AAVKAAAEGEMKGVLGYTEDDVVSTDFNGEV
CTSVFDAKAGIALNDNFVKLVSWYDNETGYSNKVLDLIAHISK
;
F,J,O
5 'polypeptide(L)'
;MHHHHHHSSGVDLGTENLYFQSNAMTIKVGINGFGRIGRIVFRAAQKRSDIEIVAINDLLDADYMAYML(ALY)YDSTHG
RFDGTVEVKDGHLIVNGKKIRVTAERDPANLKWDEVGVDVVAEATGLFLTDETARKHITAGAKKVVMTGPSKDNTPMFVK
GANFDKYAGQDIVSNAS(SCY)TTNCLAPLAKVINDNFGIIEGLMTTVHATTATQKTVDGPSHKDWRGGRGASQNIIPSS
TGAAKAVGKVLPELNGKLTGMAFRVPTPNVSVVDLTVRLEKAATYEQIKAAVKAAAEGEMKGVLGYTEDDVVSTDFNGEV
CTSVFDAKAGIALNDNFVKLVSWYDNETGYSNKVLDLIAHISK
;
G
6 'polypeptide(L)'
;MHHHHHHSSGVDLGTENLYFQSNAMTIKVGINGFGRIGRIVFRAAQKRSDIEIVAINDLLDADYMAYML(ALY)YDSTHG
RFDGTVEVKDGHLIVNGKKIRVTAERDPANLKWDEVGVDVVAEATGLFLTDETARKHITAGAKKVVMTGPSKDNTPMFVK
GANFDKYAGQDIVSNAS(SCY)TTNCLAPLAKVINDNFGIIEGLMTTVHATTATQKTVDGPSHKDWRGGRGASQNIIPSS
TGAAKAVGKVLPELNGKLTGMAFRVPTPNVSVVDLTVRLEKAATYEQI(ALY)AAVKAAAEGEMKGVLGYTEDDVVSTDF
NGEVCTSVFDAKAGIALNDNFVKLVSWYDNETGYSNKVLDLIAHISK
;
H
7 'polypeptide(L)'
;MHHHHHHSSGVDLGTENLYFQSNAMTIKVGINGFGRIGRIVFRAAQKRSDIEIVAINDLLDADYMAYML(ALY)YDSTHG
RFDGTVEVKDGHLIVNGKKIRVTAERDPANLKWDEVGVDVVAEATGLFLTDETARKHITAGAKKVVMTGPSKDNTPMFVK
GANFDKYAGQDIVSNASCTTNCLAPLAKVINDNFGIIEGLMTTVHATTATQKTVDGPSHKDWRGGRGASQNIIPSSTGAA
KAVGKVLPELNGKLTGMAFRVPTPNVSVVDLTVRLE(ALY)AATYEQI(ALY)AAVKAAAEGEMKGVLGYTEDDVVSTDF
NGEVCTSVFDAKAGIALNDNFVKLVSWYDNETGYSNKVLDLIAHISK
;
I
8 'polypeptide(L)'
;MHHHHHHSSGVDLGTENLYFQSNAMTIKVGINGFGRIGRIVFRAAQKRSDIEIVAINDLLDADYMAYMLKYDSTHGRFDG
TVEVKDGHLIVNGKKIRVTAERDPANLKWDEVGVDVVAEATGLFLTDETARKHITAGAKKVVMTGPSKDNTPMFVKGANF
DKYAGQDIVSNASCTTNCLAPLAKVINDNFGIIEGLMTTVHATTATQKTVDGPSHKDWRGGRGASQNIIPSSTGAAKAVG
KVLPELNGKLTGMAFRVPTPNVSVVDLTVRLEKAATYEQI(ALY)AAVKAAAEGEMKGVLGYTEDDVVSTDFNGEVCTSV
FDAKAGIALNDNFVKLVSWYDNETGYSNKVLDLIAHISK
;
M
9 'polypeptide(L)'
;MHHHHHHSSGVDLGTENLYFQSNAMTIKVGINGFGRIGRIVFRAAQKRSDIEIVAINDLLDADYMAYML(ALY)YDSTHG
RFDGTVEVKDGHLIVNGKKIRVTAERDPANLKWDEVGVDVVAEATGLFLTDETARKHITAGAKKVVMTGPSKDNTPMFVK
GANFDKYAGQDIVSNAS(SCY)TTNCLAPLAKVINDNFGIIEGLMTTVHATTATQKTVDGPSHKDWRGGRGASQNIIPSS
TGAAKAVGKVLPELNGKLTGMAFRVPTPNVSVVDLTVRLE(ALY)AATYEQIKAAVKAAAEGEMKGVLGYTEDDVVSTDF
NGEVCTSVFDAKAGIALNDNFVKLVSWYDNETGYSNKVLDLIAHISK
;
P
#
loop_
_chem_comp.id
_chem_comp.type
_chem_comp.name
_chem_comp.formula
ACT non-polymer 'ACETATE ION' 'C2 H3 O2 -1'
CL non-polymer 'CHLORIDE ION' 'Cl -1'
NA non-polymer 'SODIUM ION' 'Na 1'
NAD non-polymer NICOTINAMIDE-ADENINE-DINUCLEOTIDE 'C21 H27 N7 O14 P2'
PEG non-polymer DI(HYDROXYETHYL)ETHER 'C4 H10 O3'
PG4 non-polymer 'TETRAETHYLENE GLYCOL' 'C8 H18 O5'
PGE non-polymer 'TRIETHYLENE GLYCOL' 'C6 H14 O4'
PO4 non-polymer 'PHOSPHATE ION' 'O4 P -3'
POP non-polymer 'PYROPHOSPHATE 2-' 'H2 O7 P2 -2'
UVW non-polymer ACETYLPHOSPHATE 'C2 H5 O5 P'
#
# COMPACT_ATOMS: atom_id res chain seq x y z
N MET A 25 11.47 -32.04 -65.36
CA MET A 25 12.22 -31.90 -66.62
C MET A 25 13.03 -30.62 -66.45
N THR A 26 12.39 -29.45 -66.37
CA THR A 26 13.08 -28.17 -66.14
C THR A 26 12.30 -27.39 -65.03
N ILE A 27 12.77 -27.56 -63.80
CA ILE A 27 12.12 -27.01 -62.62
C ILE A 27 12.54 -25.61 -62.21
N LYS A 28 11.59 -24.68 -62.17
CA LYS A 28 11.90 -23.31 -61.79
C LYS A 28 12.01 -23.22 -60.27
N VAL A 29 13.13 -22.68 -59.79
CA VAL A 29 13.37 -22.55 -58.36
C VAL A 29 13.63 -21.13 -57.93
N GLY A 30 13.09 -20.82 -56.75
CA GLY A 30 13.29 -19.51 -56.14
C GLY A 30 14.05 -19.74 -54.85
N ILE A 31 15.07 -18.92 -54.60
CA ILE A 31 15.88 -19.06 -53.38
C ILE A 31 15.56 -17.94 -52.41
N ASN A 32 15.20 -18.29 -51.19
CA ASN A 32 14.93 -17.28 -50.23
C ASN A 32 16.04 -17.41 -49.24
N GLY A 33 16.90 -16.42 -49.22
CA GLY A 33 18.05 -16.41 -48.30
C GLY A 33 19.30 -16.72 -49.09
N PHE A 34 20.15 -15.73 -49.28
CA PHE A 34 21.31 -15.93 -50.10
C PHE A 34 22.55 -15.99 -49.26
N GLY A 35 22.47 -16.80 -48.22
CA GLY A 35 23.58 -17.02 -47.30
C GLY A 35 24.49 -18.11 -47.84
N ARG A 36 25.24 -18.79 -46.97
CA ARG A 36 26.16 -19.82 -47.43
C ARG A 36 25.45 -20.89 -48.23
N ILE A 37 24.38 -21.44 -47.68
CA ILE A 37 23.65 -22.50 -48.38
C ILE A 37 23.00 -21.96 -49.62
N GLY A 38 22.30 -20.84 -49.51
CA GLY A 38 21.66 -20.25 -50.69
C GLY A 38 22.63 -20.10 -51.85
N ARG A 39 23.82 -19.60 -51.56
CA ARG A 39 24.80 -19.38 -52.60
C ARG A 39 25.43 -20.62 -53.18
N ILE A 40 25.65 -21.63 -52.36
CA ILE A 40 26.24 -22.86 -52.86
C ILE A 40 25.15 -23.61 -53.64
N VAL A 41 23.93 -23.59 -53.15
CA VAL A 41 22.83 -24.17 -53.88
C VAL A 41 22.77 -23.50 -55.28
N PHE A 42 22.86 -22.16 -55.30
CA PHE A 42 22.86 -21.45 -56.55
C PHE A 42 23.94 -21.94 -57.52
N ARG A 43 25.18 -22.07 -57.03
CA ARG A 43 26.25 -22.52 -57.88
C ARG A 43 26.04 -23.93 -58.39
N ALA A 44 25.52 -24.81 -57.53
CA ALA A 44 25.32 -26.22 -57.92
C ALA A 44 24.22 -26.35 -58.98
N ALA A 45 23.25 -25.45 -58.92
CA ALA A 45 22.16 -25.44 -59.85
C ALA A 45 22.60 -25.13 -61.27
N GLN A 46 23.71 -24.40 -61.41
CA GLN A 46 24.24 -24.07 -62.75
C GLN A 46 24.70 -25.29 -63.51
N LYS A 47 25.12 -26.30 -62.77
CA LYS A 47 25.67 -27.53 -63.34
C LYS A 47 24.63 -28.57 -63.63
N ARG A 48 23.38 -28.30 -63.32
CA ARG A 48 22.29 -29.24 -63.56
C ARG A 48 21.35 -28.63 -64.57
N SER A 49 20.92 -29.43 -65.52
CA SER A 49 20.03 -28.94 -66.56
C SER A 49 18.56 -29.07 -66.19
N ASP A 50 18.28 -29.88 -65.17
CA ASP A 50 16.90 -30.10 -64.77
C ASP A 50 16.39 -29.04 -63.78
N ILE A 51 17.26 -28.13 -63.36
CA ILE A 51 16.87 -27.09 -62.40
C ILE A 51 17.43 -25.74 -62.76
N GLU A 52 16.58 -24.74 -62.66
CA GLU A 52 16.94 -23.36 -62.96
C GLU A 52 16.55 -22.42 -61.87
N ILE A 53 17.49 -21.61 -61.43
CA ILE A 53 17.20 -20.63 -60.42
C ILE A 53 16.70 -19.45 -61.21
N VAL A 54 15.53 -18.98 -60.91
CA VAL A 54 14.99 -17.85 -61.65
C VAL A 54 14.73 -16.63 -60.80
N ALA A 55 14.92 -16.77 -59.49
CA ALA A 55 14.70 -15.67 -58.57
C ALA A 55 15.40 -15.91 -57.26
N ILE A 56 15.83 -14.81 -56.66
CA ILE A 56 16.49 -14.82 -55.37
C ILE A 56 15.95 -13.71 -54.48
N ASN A 57 15.69 -14.00 -53.21
CA ASN A 57 15.22 -12.98 -52.31
C ASN A 57 16.10 -12.89 -51.10
N ASP A 58 16.51 -11.70 -50.75
CA ASP A 58 17.29 -11.49 -49.55
C ASP A 58 17.39 -9.98 -49.36
N LEU A 59 17.70 -9.56 -48.15
CA LEU A 59 17.84 -8.14 -47.83
C LEU A 59 19.17 -7.58 -48.36
N LEU A 60 19.43 -7.72 -49.64
CA LEU A 60 20.68 -7.25 -50.21
C LEU A 60 20.49 -6.66 -51.60
N ASP A 61 21.24 -5.59 -51.90
CA ASP A 61 21.16 -4.97 -53.22
C ASP A 61 21.70 -5.97 -54.23
N ALA A 62 21.24 -5.88 -55.46
CA ALA A 62 21.67 -6.81 -56.49
C ALA A 62 23.15 -6.76 -56.71
N ASP A 63 23.74 -5.57 -56.62
CA ASP A 63 25.19 -5.44 -56.86
C ASP A 63 26.02 -6.18 -55.79
N TYR A 64 25.45 -6.27 -54.58
CA TYR A 64 26.12 -6.94 -53.49
C TYR A 64 25.91 -8.45 -53.61
N MET A 65 24.73 -8.89 -54.04
CA MET A 65 24.55 -10.32 -54.25
C MET A 65 25.53 -10.77 -55.33
N ALA A 66 25.72 -9.94 -56.34
CA ALA A 66 26.61 -10.28 -57.43
C ALA A 66 28.00 -10.52 -56.86
N TYR A 67 28.40 -9.65 -55.95
CA TYR A 67 29.69 -9.77 -55.31
C TYR A 67 29.79 -11.03 -54.50
N MET A 68 28.76 -11.35 -53.73
CA MET A 68 28.79 -12.54 -52.89
C MET A 68 28.85 -13.82 -53.73
N LEU A 69 28.39 -13.70 -54.94
CA LEU A 69 28.35 -14.81 -55.85
C LEU A 69 29.65 -14.94 -56.61
OH ALY A 70 32.40 -6.81 -57.03
CH ALY A 70 31.61 -7.29 -57.77
CH3 ALY A 70 30.23 -6.71 -57.75
NZ ALY A 70 31.98 -8.26 -58.63
CE ALY A 70 31.29 -9.01 -59.74
CD ALY A 70 31.92 -10.42 -60.01
CG ALY A 70 31.14 -11.66 -59.47
CB ALY A 70 31.87 -12.40 -58.34
CA ALY A 70 31.42 -13.80 -57.88
N ALY A 70 30.19 -13.81 -57.08
C ALY A 70 32.58 -14.33 -57.07
O ALY A 70 33.35 -15.18 -57.57
N TYR A 71 32.76 -13.82 -55.86
CA TYR A 71 33.89 -14.22 -54.99
C TYR A 71 33.50 -14.98 -53.72
N ASP A 72 34.25 -16.06 -53.44
CA ASP A 72 33.99 -16.91 -52.29
C ASP A 72 35.29 -17.38 -51.72
N SER A 73 35.53 -17.05 -50.46
CA SER A 73 36.75 -17.44 -49.78
C SER A 73 37.02 -18.94 -49.75
N THR A 74 36.00 -19.73 -49.66
CA THR A 74 36.17 -21.15 -49.57
C THR A 74 36.15 -21.88 -50.91
N HIS A 75 35.24 -21.50 -51.79
CA HIS A 75 35.10 -22.20 -53.06
C HIS A 75 35.60 -21.49 -54.28
N GLY A 76 36.41 -20.46 -54.10
CA GLY A 76 36.90 -19.71 -55.21
C GLY A 76 35.89 -18.90 -56.00
N ARG A 77 36.34 -18.39 -57.13
CA ARG A 77 35.52 -17.55 -57.98
C ARG A 77 34.49 -18.32 -58.74
N PHE A 78 33.33 -17.69 -58.92
CA PHE A 78 32.24 -18.28 -59.63
C PHE A 78 32.65 -18.58 -61.06
N ASP A 79 32.36 -19.80 -61.51
CA ASP A 79 32.68 -20.23 -62.85
C ASP A 79 31.54 -19.77 -63.78
N GLY A 80 31.62 -18.53 -64.22
CA GLY A 80 30.61 -17.99 -65.12
C GLY A 80 30.58 -16.49 -65.07
N THR A 81 29.66 -15.91 -65.84
CA THR A 81 29.54 -14.47 -65.91
C THR A 81 28.38 -14.00 -65.09
N VAL A 82 28.57 -12.86 -64.43
CA VAL A 82 27.53 -12.26 -63.62
C VAL A 82 27.57 -10.74 -63.74
N GLU A 83 26.47 -10.15 -64.18
CA GLU A 83 26.40 -8.70 -64.29
C GLU A 83 25.07 -8.24 -63.69
N VAL A 84 24.99 -6.95 -63.37
CA VAL A 84 23.76 -6.37 -62.81
C VAL A 84 23.10 -5.43 -63.82
N LYS A 85 21.78 -5.56 -63.97
CA LYS A 85 21.07 -4.72 -64.90
C LYS A 85 19.67 -4.41 -64.37
N ASP A 86 19.41 -3.12 -64.19
CA ASP A 86 18.10 -2.65 -63.72
C ASP A 86 17.70 -3.24 -62.38
N GLY A 87 18.68 -3.30 -61.48
CA GLY A 87 18.43 -3.83 -60.13
C GLY A 87 18.24 -5.33 -60.08
N HIS A 88 18.40 -6.00 -61.23
CA HIS A 88 18.28 -7.45 -61.29
C HIS A 88 19.61 -8.04 -61.71
N LEU A 89 19.69 -9.34 -61.65
CA LEU A 89 20.92 -10.01 -61.88
C LEU A 89 20.90 -10.79 -63.18
N ILE A 90 22.03 -10.82 -63.88
CA ILE A 90 22.14 -11.59 -65.12
C ILE A 90 23.33 -12.52 -65.01
N VAL A 91 23.03 -13.79 -64.83
CA VAL A 91 24.03 -14.83 -64.68
C VAL A 91 24.07 -15.78 -65.86
N ASN A 92 25.20 -15.78 -66.58
CA ASN A 92 25.34 -16.62 -67.77
C ASN A 92 24.21 -16.33 -68.75
N GLY A 93 23.94 -15.05 -68.95
CA GLY A 93 22.88 -14.60 -69.85
C GLY A 93 21.42 -14.88 -69.49
N LYS A 94 21.14 -15.18 -68.22
CA LYS A 94 19.77 -15.48 -67.77
C LYS A 94 19.34 -14.47 -66.72
N LYS A 95 18.12 -13.95 -66.79
CA LYS A 95 17.68 -13.02 -65.76
C LYS A 95 17.28 -13.74 -64.51
N ILE A 96 17.71 -13.20 -63.38
CA ILE A 96 17.37 -13.75 -62.10
C ILE A 96 16.69 -12.60 -61.41
N ARG A 97 15.46 -12.80 -60.98
CA ARG A 97 14.75 -11.71 -60.33
C ARG A 97 15.26 -11.57 -58.90
N VAL A 98 15.68 -10.36 -58.56
CA VAL A 98 16.18 -10.04 -57.23
C VAL A 98 15.17 -9.21 -56.50
N THR A 99 14.81 -9.64 -55.30
CA THR A 99 13.84 -8.96 -54.46
C THR A 99 14.42 -8.79 -53.08
N ALA A 100 13.80 -7.94 -52.27
CA ALA A 100 14.27 -7.71 -50.92
C ALA A 100 13.12 -7.66 -49.92
N GLU A 101 12.16 -8.57 -50.07
CA GLU A 101 10.98 -8.65 -49.19
C GLU A 101 11.32 -9.33 -47.86
N ARG A 102 10.87 -8.71 -46.77
CA ARG A 102 11.10 -9.24 -45.42
C ARG A 102 10.02 -10.29 -45.12
N ASP A 103 8.80 -10.01 -45.56
CA ASP A 103 7.69 -10.91 -45.37
C ASP A 103 7.45 -11.72 -46.65
N PRO A 104 7.69 -13.04 -46.60
CA PRO A 104 7.52 -13.96 -47.74
C PRO A 104 6.17 -13.95 -48.46
N ALA A 105 5.09 -13.52 -47.82
CA ALA A 105 3.80 -13.48 -48.50
C ALA A 105 3.80 -12.50 -49.70
N ASN A 106 4.75 -11.56 -49.69
CA ASN A 106 4.86 -10.55 -50.75
C ASN A 106 5.79 -10.90 -51.89
N LEU A 107 6.36 -12.11 -51.86
CA LEU A 107 7.33 -12.53 -52.89
C LEU A 107 6.80 -12.71 -54.30
N LYS A 108 5.50 -12.90 -54.46
CA LYS A 108 4.92 -13.07 -55.79
C LYS A 108 5.73 -14.05 -56.63
N TRP A 109 5.92 -15.26 -56.14
CA TRP A 109 6.73 -16.25 -56.87
C TRP A 109 6.11 -16.67 -58.19
N ASP A 110 4.79 -16.69 -58.25
CA ASP A 110 4.10 -17.08 -59.48
C ASP A 110 4.41 -16.15 -60.66
N GLU A 111 4.87 -14.93 -60.37
CA GLU A 111 5.15 -13.96 -61.46
C GLU A 111 6.35 -14.34 -62.25
N VAL A 112 7.23 -15.10 -61.64
CA VAL A 112 8.42 -15.52 -62.33
C VAL A 112 8.37 -17.06 -62.50
N GLY A 113 7.17 -17.61 -62.38
CA GLY A 113 6.88 -19.05 -62.56
C GLY A 113 7.59 -20.05 -61.70
N VAL A 114 7.80 -19.73 -60.42
CA VAL A 114 8.55 -20.62 -59.51
C VAL A 114 7.76 -21.84 -59.06
N ASP A 115 8.34 -23.02 -59.27
CA ASP A 115 7.70 -24.28 -58.89
C ASP A 115 8.00 -24.57 -57.44
N VAL A 116 9.29 -24.53 -57.09
CA VAL A 116 9.73 -24.82 -55.73
C VAL A 116 10.62 -23.74 -55.15
N VAL A 117 10.47 -23.50 -53.84
CA VAL A 117 11.28 -22.54 -53.15
C VAL A 117 12.25 -23.21 -52.19
N ALA A 118 13.51 -22.79 -52.26
CA ALA A 118 14.52 -23.30 -51.34
C ALA A 118 14.55 -22.27 -50.22
N GLU A 119 13.92 -22.62 -49.10
CA GLU A 119 13.88 -21.74 -47.94
C GLU A 119 15.19 -21.83 -47.18
N ALA A 120 16.05 -20.83 -47.35
CA ALA A 120 17.40 -20.90 -46.75
C ALA A 120 17.80 -19.71 -45.88
N THR A 121 16.84 -19.09 -45.24
CA THR A 121 17.13 -17.99 -44.36
C THR A 121 17.37 -18.46 -42.96
N GLY A 122 16.99 -19.70 -42.66
CA GLY A 122 17.14 -20.24 -41.32
C GLY A 122 16.06 -19.74 -40.35
N LEU A 123 15.17 -18.88 -40.84
CA LEU A 123 14.10 -18.30 -40.00
C LEU A 123 12.69 -18.88 -40.18
N PHE A 124 12.43 -19.55 -41.28
CA PHE A 124 11.10 -20.08 -41.50
C PHE A 124 11.11 -21.60 -41.57
N LEU A 125 11.33 -22.21 -40.42
CA LEU A 125 11.41 -23.66 -40.32
C LEU A 125 10.20 -24.35 -39.69
N THR A 126 9.03 -23.71 -39.80
CA THR A 126 7.78 -24.29 -39.32
C THR A 126 6.83 -24.28 -40.51
N ASP A 127 5.77 -25.07 -40.44
CA ASP A 127 4.82 -25.10 -41.53
C ASP A 127 4.16 -23.76 -41.80
N GLU A 128 3.71 -23.05 -40.78
CA GLU A 128 3.03 -21.78 -41.05
C GLU A 128 3.95 -20.75 -41.67
N THR A 129 5.20 -20.69 -41.21
CA THR A 129 6.14 -19.69 -41.76
C THR A 129 6.53 -20.02 -43.19
N ALA A 130 6.73 -21.30 -43.48
CA ALA A 130 7.15 -21.71 -44.83
C ALA A 130 5.97 -21.71 -45.79
N ARG A 131 4.79 -22.00 -45.25
CA ARG A 131 3.55 -21.99 -46.02
C ARG A 131 3.36 -20.66 -46.78
N LYS A 132 3.93 -19.58 -46.25
CA LYS A 132 3.78 -18.29 -46.90
C LYS A 132 4.25 -18.28 -48.35
N HIS A 133 5.28 -19.06 -48.67
CA HIS A 133 5.79 -19.10 -50.04
C HIS A 133 4.73 -19.68 -50.96
N ILE A 134 3.96 -20.63 -50.44
CA ILE A 134 2.88 -21.22 -51.22
C ILE A 134 1.77 -20.20 -51.40
N THR A 135 1.48 -19.44 -50.34
CA THR A 135 0.45 -18.40 -50.40
C THR A 135 0.88 -17.38 -51.46
N ALA A 136 2.19 -17.18 -51.58
CA ALA A 136 2.78 -16.25 -52.55
C ALA A 136 2.98 -16.80 -53.96
N GLY A 137 2.43 -17.99 -54.25
CA GLY A 137 2.52 -18.54 -55.62
C GLY A 137 3.37 -19.75 -55.90
N ALA A 138 4.24 -20.11 -54.97
CA ALA A 138 5.10 -21.27 -55.19
C ALA A 138 4.26 -22.51 -54.93
N LYS A 139 4.60 -23.60 -55.59
CA LYS A 139 3.84 -24.85 -55.41
C LYS A 139 4.37 -25.65 -54.22
N LYS A 140 5.69 -25.74 -54.07
CA LYS A 140 6.30 -26.48 -52.95
C LYS A 140 7.47 -25.76 -52.34
N VAL A 141 7.85 -26.21 -51.15
CA VAL A 141 8.96 -25.63 -50.40
C VAL A 141 9.89 -26.65 -49.76
N VAL A 142 11.19 -26.37 -49.83
CA VAL A 142 12.19 -27.23 -49.24
C VAL A 142 12.99 -26.41 -48.25
N MET A 143 12.84 -26.73 -46.98
CA MET A 143 13.57 -26.05 -45.92
C MET A 143 15.00 -26.58 -45.96
N THR A 144 15.97 -25.69 -45.92
CA THR A 144 17.39 -26.13 -46.00
C THR A 144 17.95 -26.26 -44.61
N GLY A 145 17.16 -26.80 -43.71
CA GLY A 145 17.56 -26.99 -42.34
C GLY A 145 16.54 -27.92 -41.69
N PRO A 146 16.87 -28.45 -40.52
CA PRO A 146 15.90 -29.30 -39.85
C PRO A 146 14.71 -28.48 -39.40
N SER A 147 13.54 -29.05 -39.58
CA SER A 147 12.32 -28.36 -39.17
C SER A 147 12.14 -28.23 -37.63
N LYS A 148 11.71 -27.06 -37.17
CA LYS A 148 11.41 -26.85 -35.75
C LYS A 148 10.06 -27.42 -35.31
N ASP A 149 9.15 -27.66 -36.25
CA ASP A 149 7.89 -28.29 -35.95
C ASP A 149 8.06 -29.73 -36.47
N ASN A 150 7.00 -30.40 -36.83
CA ASN A 150 7.22 -31.76 -37.32
C ASN A 150 7.14 -31.92 -38.82
N THR A 151 7.62 -30.91 -39.54
CA THR A 151 7.58 -30.91 -40.99
C THR A 151 8.48 -32.09 -41.30
N PRO A 152 8.04 -33.00 -42.19
CA PRO A 152 8.84 -34.19 -42.48
C PRO A 152 10.18 -33.91 -43.08
N MET A 153 11.16 -34.68 -42.66
CA MET A 153 12.54 -34.53 -43.16
C MET A 153 12.92 -35.66 -44.10
N PHE A 154 13.67 -35.34 -45.13
CA PHE A 154 14.13 -36.36 -46.10
C PHE A 154 15.62 -36.24 -46.31
N VAL A 155 16.29 -37.38 -46.34
CA VAL A 155 17.73 -37.45 -46.51
C VAL A 155 18.05 -38.46 -47.60
N LYS A 156 18.71 -38.01 -48.65
CA LYS A 156 19.02 -38.90 -49.75
C LYS A 156 19.90 -40.00 -49.26
N GLY A 157 19.56 -41.22 -49.67
CA GLY A 157 20.30 -42.41 -49.27
C GLY A 157 19.61 -43.08 -48.10
N ALA A 158 18.72 -42.34 -47.44
CA ALA A 158 17.97 -42.88 -46.29
C ALA A 158 16.49 -43.03 -46.50
N ASN A 159 15.79 -41.96 -46.87
CA ASN A 159 14.34 -42.09 -47.03
C ASN A 159 13.66 -41.29 -48.11
N PHE A 160 14.35 -40.97 -49.19
CA PHE A 160 13.66 -40.26 -50.27
C PHE A 160 12.40 -41.02 -50.73
N ASP A 161 12.48 -42.35 -50.81
CA ASP A 161 11.36 -43.20 -51.23
C ASP A 161 10.09 -42.98 -50.38
N LYS A 162 10.27 -42.53 -49.13
CA LYS A 162 9.13 -42.24 -48.24
C LYS A 162 8.37 -40.95 -48.57
N TYR A 163 8.91 -40.09 -49.41
CA TYR A 163 8.20 -38.89 -49.77
C TYR A 163 6.82 -39.31 -50.28
N ALA A 164 5.80 -38.59 -49.81
CA ALA A 164 4.41 -38.90 -50.13
C ALA A 164 3.60 -37.69 -50.63
N GLY A 165 4.19 -36.90 -51.48
CA GLY A 165 3.50 -35.75 -52.06
C GLY A 165 3.34 -34.50 -51.20
N GLN A 166 3.90 -34.48 -49.99
CA GLN A 166 3.80 -33.27 -49.13
C GLN A 166 4.33 -32.05 -49.87
N ASP A 167 3.77 -30.89 -49.58
CA ASP A 167 4.16 -29.66 -50.28
C ASP A 167 5.24 -28.89 -49.58
N ILE A 168 5.54 -29.28 -48.35
CA ILE A 168 6.56 -28.62 -47.54
C ILE A 168 7.37 -29.69 -46.86
N VAL A 169 8.67 -29.65 -47.11
CA VAL A 169 9.59 -30.65 -46.55
C VAL A 169 10.89 -30.01 -46.11
N SER A 170 11.70 -30.81 -45.42
CA SER A 170 12.98 -30.40 -44.91
C SER A 170 14.05 -31.38 -45.36
N ASN A 171 15.24 -30.88 -45.69
CA ASN A 171 16.35 -31.74 -46.12
C ASN A 171 17.25 -32.04 -44.93
N ALA A 172 16.71 -31.86 -43.73
CA ALA A 172 17.42 -32.12 -42.48
C ALA A 172 18.64 -31.24 -42.36
N SER A 173 19.65 -31.71 -41.63
CA SER A 173 20.90 -30.97 -41.44
C SER A 173 22.06 -31.62 -42.18
N CYS A 174 23.16 -30.89 -42.28
CA CYS A 174 24.35 -31.39 -42.98
C CYS A 174 24.87 -32.65 -42.29
N THR A 175 24.87 -32.62 -40.95
CA THR A 175 25.37 -33.74 -40.18
C THR A 175 24.47 -34.95 -40.34
N THR A 176 23.17 -34.74 -40.35
CA THR A 176 22.28 -35.86 -40.52
C THR A 176 22.48 -36.49 -41.89
N ASN A 177 22.82 -35.67 -42.90
CA ASN A 177 23.03 -36.22 -44.23
C ASN A 177 24.27 -37.04 -44.29
N CYS A 178 25.20 -36.83 -43.38
CA CYS A 178 26.42 -37.63 -43.37
C CYS A 178 26.21 -38.92 -42.62
N LEU A 179 25.54 -38.80 -41.49
CA LEU A 179 25.30 -39.92 -40.60
C LEU A 179 24.27 -40.93 -41.06
N ALA A 180 23.14 -40.45 -41.55
CA ALA A 180 22.07 -41.38 -41.92
C ALA A 180 22.47 -42.45 -42.93
N PRO A 181 23.14 -42.03 -44.02
CA PRO A 181 23.47 -43.06 -45.02
C PRO A 181 24.40 -44.11 -44.49
N LEU A 182 25.39 -43.69 -43.73
CA LEU A 182 26.36 -44.62 -43.16
C LEU A 182 25.67 -45.55 -42.18
N ALA A 183 24.89 -44.97 -41.27
CA ALA A 183 24.13 -45.77 -40.28
C ALA A 183 23.21 -46.79 -40.95
N LYS A 184 22.54 -46.38 -42.02
CA LYS A 184 21.63 -47.26 -42.72
C LYS A 184 22.36 -48.50 -43.21
N VAL A 185 23.50 -48.29 -43.81
CA VAL A 185 24.31 -49.41 -44.34
C VAL A 185 24.77 -50.31 -43.21
N ILE A 186 25.35 -49.71 -42.18
CA ILE A 186 25.83 -50.48 -41.06
C ILE A 186 24.70 -51.27 -40.42
N ASN A 187 23.56 -50.61 -40.24
CA ASN A 187 22.44 -51.25 -39.61
C ASN A 187 21.88 -52.38 -40.46
N ASP A 188 21.65 -52.11 -41.74
CA ASP A 188 21.09 -53.11 -42.65
C ASP A 188 21.93 -54.35 -42.69
N ASN A 189 23.23 -54.18 -42.65
CA ASN A 189 24.13 -55.32 -42.70
C ASN A 189 24.47 -55.99 -41.39
N PHE A 190 24.59 -55.22 -40.30
CA PHE A 190 25.03 -55.82 -39.03
C PHE A 190 24.17 -55.53 -37.84
N GLY A 191 23.24 -54.58 -37.98
CA GLY A 191 22.33 -54.22 -36.91
C GLY A 191 22.94 -53.37 -35.82
N ILE A 192 22.52 -52.13 -35.75
CA ILE A 192 23.01 -51.24 -34.71
C ILE A 192 22.17 -51.38 -33.45
N ILE A 193 22.80 -51.85 -32.38
CA ILE A 193 22.10 -51.99 -31.12
C ILE A 193 21.97 -50.60 -30.48
N GLU A 194 23.07 -49.88 -30.46
CA GLU A 194 23.14 -48.56 -29.88
C GLU A 194 24.39 -47.87 -30.42
N GLY A 195 24.36 -46.54 -30.52
CA GLY A 195 25.52 -45.82 -30.97
C GLY A 195 25.55 -44.40 -30.48
N LEU A 196 26.76 -43.86 -30.35
CA LEU A 196 26.99 -42.50 -29.91
C LEU A 196 27.89 -41.89 -30.95
N MET A 197 27.62 -40.66 -31.34
CA MET A 197 28.45 -40.08 -32.34
C MET A 197 28.93 -38.68 -31.96
N THR A 198 30.03 -38.29 -32.58
CA THR A 198 30.65 -37.00 -32.36
C THR A 198 30.99 -36.45 -33.69
N THR A 199 30.74 -35.17 -33.87
CA THR A 199 31.14 -34.57 -35.10
C THR A 199 32.12 -33.44 -34.79
N VAL A 200 33.32 -33.49 -35.41
CA VAL A 200 34.28 -32.41 -35.31
C VAL A 200 33.84 -31.56 -36.51
N HIS A 201 33.25 -30.42 -36.19
CA HIS A 201 32.66 -29.56 -37.17
C HIS A 201 33.36 -28.23 -37.43
N ALA A 202 33.28 -27.78 -38.67
CA ALA A 202 33.92 -26.54 -39.07
C ALA A 202 33.17 -25.37 -38.53
N THR A 203 33.81 -24.21 -38.57
CA THR A 203 33.20 -23.00 -38.04
C THR A 203 32.10 -22.58 -38.95
N THR A 204 31.06 -21.96 -38.41
CA THR A 204 29.96 -21.49 -39.25
C THR A 204 29.60 -20.05 -38.91
N ALA A 205 28.70 -19.52 -39.73
CA ALA A 205 28.24 -18.14 -39.60
C ALA A 205 27.62 -17.77 -38.26
N THR A 206 27.09 -18.72 -37.50
CA THR A 206 26.52 -18.38 -36.21
C THR A 206 27.55 -18.10 -35.13
N GLN A 207 28.83 -18.36 -35.39
CA GLN A 207 29.89 -18.14 -34.37
C GLN A 207 30.45 -16.76 -34.43
N LYS A 208 31.32 -16.42 -33.50
CA LYS A 208 31.93 -15.13 -33.43
C LYS A 208 33.45 -15.12 -33.64
N THR A 209 33.95 -14.03 -34.19
CA THR A 209 35.38 -13.88 -34.41
C THR A 209 36.17 -13.75 -33.13
N VAL A 210 35.61 -13.07 -32.14
CA VAL A 210 36.25 -12.93 -30.84
C VAL A 210 35.16 -13.11 -29.80
N ASP A 211 35.54 -13.39 -28.54
CA ASP A 211 34.54 -13.64 -27.49
C ASP A 211 33.45 -12.62 -27.53
N GLY A 212 32.23 -13.08 -27.84
CA GLY A 212 31.08 -12.16 -28.02
C GLY A 212 29.86 -12.82 -27.45
N PRO A 213 28.73 -12.14 -27.54
CA PRO A 213 27.46 -12.62 -27.01
C PRO A 213 26.68 -13.64 -27.83
N SER A 214 26.16 -14.65 -27.14
CA SER A 214 25.36 -15.72 -27.70
C SER A 214 24.56 -16.17 -26.48
N HIS A 215 23.48 -15.44 -26.21
N HIS A 215 23.48 -15.44 -26.21
CA HIS A 215 22.60 -15.64 -25.02
CA HIS A 215 22.61 -15.66 -25.02
C HIS A 215 22.01 -17.06 -24.90
C HIS A 215 22.05 -17.07 -24.90
N LYS A 216 21.70 -17.69 -26.01
CA LYS A 216 21.13 -19.04 -25.99
C LYS A 216 22.20 -20.15 -26.02
N ASP A 217 23.44 -19.80 -26.33
CA ASP A 217 24.54 -20.76 -26.39
C ASP A 217 25.85 -20.10 -25.99
N TRP A 218 26.07 -19.99 -24.69
CA TRP A 218 27.27 -19.31 -24.16
C TRP A 218 28.58 -19.78 -24.78
N ARG A 219 28.80 -21.09 -24.84
CA ARG A 219 30.06 -21.54 -25.43
C ARG A 219 30.20 -21.07 -26.88
N GLY A 220 29.09 -21.05 -27.58
CA GLY A 220 29.06 -20.70 -28.98
C GLY A 220 29.48 -19.29 -29.31
N GLY A 221 29.47 -18.43 -28.30
CA GLY A 221 29.87 -17.04 -28.49
C GLY A 221 31.33 -16.82 -28.30
N ARG A 222 32.04 -17.85 -27.85
CA ARG A 222 33.50 -17.75 -27.68
C ARG A 222 34.23 -17.74 -29.02
N GLY A 223 35.33 -17.02 -29.04
CA GLY A 223 36.14 -16.87 -30.23
C GLY A 223 36.31 -18.17 -31.00
N ALA A 224 35.79 -18.22 -32.22
CA ALA A 224 35.85 -19.42 -33.03
C ALA A 224 37.25 -19.89 -33.43
N SER A 225 38.10 -18.98 -33.84
CA SER A 225 39.46 -19.36 -34.26
C SER A 225 40.43 -19.76 -33.13
N GLN A 226 40.12 -19.42 -31.91
CA GLN A 226 40.99 -19.73 -30.80
C GLN A 226 40.60 -20.99 -30.03
N ASN A 227 39.37 -21.46 -30.25
CA ASN A 227 38.86 -22.56 -29.47
C ASN A 227 38.27 -23.81 -30.10
N ILE A 228 38.28 -24.87 -29.30
CA ILE A 228 37.61 -26.15 -29.58
C ILE A 228 36.36 -25.88 -28.76
N ILE A 229 35.20 -25.81 -29.40
CA ILE A 229 34.00 -25.50 -28.70
C ILE A 229 32.96 -26.62 -28.67
N PRO A 230 32.63 -27.13 -27.47
CA PRO A 230 31.61 -28.19 -27.43
C PRO A 230 30.27 -27.61 -27.82
N SER A 231 29.49 -28.39 -28.55
CA SER A 231 28.15 -27.95 -28.97
C SER A 231 27.18 -29.07 -29.07
N SER A 232 25.91 -28.71 -29.01
CA SER A 232 24.82 -29.69 -29.08
C SER A 232 24.37 -29.87 -30.50
N THR A 233 23.80 -31.02 -30.78
CA THR A 233 23.34 -31.32 -32.12
C THR A 233 22.44 -32.53 -32.04
N GLY A 234 21.16 -32.30 -32.24
CA GLY A 234 20.18 -33.36 -32.22
C GLY A 234 20.24 -34.21 -33.49
N ALA A 235 21.17 -33.88 -34.38
CA ALA A 235 21.40 -34.58 -35.65
C ALA A 235 21.45 -36.06 -35.53
N ALA A 236 22.05 -36.55 -34.46
CA ALA A 236 22.13 -38.00 -34.25
C ALA A 236 20.75 -38.55 -33.85
N LYS A 237 20.04 -37.83 -33.00
CA LYS A 237 18.70 -38.22 -32.58
C LYS A 237 17.74 -38.11 -33.79
N ALA A 238 17.97 -37.09 -34.65
CA ALA A 238 17.13 -36.84 -35.85
C ALA A 238 17.23 -37.97 -36.87
N VAL A 239 18.28 -38.79 -36.76
CA VAL A 239 18.41 -39.91 -37.66
C VAL A 239 17.21 -40.82 -37.41
N GLY A 240 16.74 -40.84 -36.16
CA GLY A 240 15.60 -41.66 -35.80
C GLY A 240 14.36 -41.35 -36.63
N LYS A 241 14.28 -40.13 -37.13
CA LYS A 241 13.14 -39.72 -37.93
C LYS A 241 13.25 -40.13 -39.37
N VAL A 242 14.43 -40.04 -39.96
CA VAL A 242 14.58 -40.45 -41.35
C VAL A 242 14.77 -41.96 -41.43
N LEU A 243 15.24 -42.56 -40.33
CA LEU A 243 15.40 -44.02 -40.24
C LEU A 243 14.73 -44.50 -38.95
N PRO A 244 13.38 -44.62 -38.96
CA PRO A 244 12.59 -45.02 -37.79
C PRO A 244 13.18 -46.19 -37.03
N GLU A 245 13.72 -47.18 -37.74
CA GLU A 245 14.30 -48.36 -37.11
C GLU A 245 15.45 -48.04 -36.12
N LEU A 246 16.04 -46.85 -36.23
CA LEU A 246 17.11 -46.44 -35.34
C LEU A 246 16.64 -45.43 -34.31
N ASN A 247 15.34 -45.22 -34.22
CA ASN A 247 14.82 -44.26 -33.27
C ASN A 247 15.23 -44.68 -31.85
N GLY A 248 15.81 -43.75 -31.08
CA GLY A 248 16.20 -44.03 -29.71
C GLY A 248 17.50 -44.78 -29.54
N LYS A 249 18.17 -45.09 -30.65
CA LYS A 249 19.44 -45.86 -30.63
C LYS A 249 20.69 -45.05 -30.87
N LEU A 250 20.53 -43.80 -31.26
CA LEU A 250 21.67 -42.95 -31.50
C LEU A 250 21.47 -41.57 -30.96
N THR A 251 22.56 -40.94 -30.58
CA THR A 251 22.54 -39.57 -30.10
C THR A 251 23.99 -39.16 -30.15
N GLY A 252 24.27 -37.89 -29.90
CA GLY A 252 25.67 -37.45 -29.95
C GLY A 252 25.88 -36.00 -29.67
N MET A 253 27.06 -35.52 -30.00
CA MET A 253 27.41 -34.12 -29.79
C MET A 253 28.45 -33.63 -30.80
N ALA A 254 28.88 -32.38 -30.64
CA ALA A 254 29.82 -31.83 -31.55
C ALA A 254 30.87 -30.97 -30.89
N PHE A 255 31.98 -30.87 -31.59
CA PHE A 255 33.02 -29.96 -31.21
C PHE A 255 33.24 -29.05 -32.44
N ARG A 256 33.07 -27.75 -32.27
CA ARG A 256 33.32 -26.82 -33.33
C ARG A 256 34.82 -26.47 -33.26
N VAL A 257 35.54 -26.58 -34.37
CA VAL A 257 36.96 -26.27 -34.39
C VAL A 257 37.23 -25.20 -35.42
N PRO A 258 38.38 -24.56 -35.36
CA PRO A 258 38.70 -23.49 -36.26
C PRO A 258 39.07 -23.81 -37.72
N THR A 259 38.18 -24.44 -38.47
CA THR A 259 38.41 -24.63 -39.90
C THR A 259 37.21 -23.97 -40.56
N PRO A 260 37.39 -23.41 -41.75
CA PRO A 260 36.28 -22.67 -42.41
C PRO A 260 35.24 -23.53 -43.08
N ASN A 261 35.58 -24.78 -43.41
CA ASN A 261 34.62 -25.68 -44.05
C ASN A 261 35.07 -27.11 -43.99
N VAL A 262 34.15 -28.03 -44.17
CA VAL A 262 34.38 -29.48 -44.08
C VAL A 262 34.41 -29.96 -42.63
N SER A 263 33.55 -30.93 -42.35
CA SER A 263 33.42 -31.52 -41.05
C SER A 263 33.56 -33.07 -41.11
N VAL A 264 33.59 -33.75 -39.96
CA VAL A 264 33.68 -35.19 -39.96
C VAL A 264 32.89 -35.83 -38.79
N VAL A 265 32.27 -36.99 -39.03
CA VAL A 265 31.60 -37.66 -37.93
C VAL A 265 32.43 -38.85 -37.47
N ASP A 266 32.33 -39.12 -36.18
CA ASP A 266 32.98 -40.18 -35.49
C ASP A 266 31.83 -40.98 -34.81
N LEU A 267 31.34 -41.99 -35.52
CA LEU A 267 30.28 -42.86 -35.04
C LEU A 267 30.81 -44.11 -34.34
N THR A 268 30.46 -44.26 -33.07
CA THR A 268 30.88 -45.37 -32.24
C THR A 268 29.66 -46.22 -32.00
N VAL A 269 29.60 -47.40 -32.62
CA VAL A 269 28.44 -48.27 -32.50
C VAL A 269 28.71 -49.67 -31.98
N ARG A 270 27.66 -50.29 -31.44
CA ARG A 270 27.75 -51.63 -30.95
C ARG A 270 26.87 -52.43 -31.91
N LEU A 271 27.44 -53.47 -32.52
CA LEU A 271 26.70 -54.27 -33.52
C LEU A 271 26.08 -55.57 -33.02
N GLU A 272 24.93 -55.92 -33.59
CA GLU A 272 24.22 -57.14 -33.23
C GLU A 272 24.96 -58.31 -33.85
N LYS A 273 25.24 -58.25 -35.15
CA LYS A 273 25.96 -59.30 -35.82
C LYS A 273 27.46 -58.97 -35.81
N ALA A 274 28.29 -59.93 -35.47
CA ALA A 274 29.74 -59.72 -35.44
C ALA A 274 30.23 -59.42 -36.83
N ALA A 275 31.16 -58.48 -36.94
CA ALA A 275 31.75 -58.13 -38.22
C ALA A 275 33.14 -57.59 -38.07
N THR A 276 34.05 -58.16 -38.82
CA THR A 276 35.43 -57.72 -38.79
C THR A 276 35.45 -56.36 -39.50
N TYR A 277 36.54 -55.60 -39.31
CA TYR A 277 36.61 -54.31 -39.94
C TYR A 277 36.67 -54.49 -41.44
N GLU A 278 37.25 -55.59 -41.89
CA GLU A 278 37.36 -55.81 -43.31
C GLU A 278 35.97 -55.98 -43.93
N GLN A 279 35.07 -56.63 -43.19
CA GLN A 279 33.69 -56.84 -43.63
C GLN A 279 32.88 -55.55 -43.69
N ILE A 280 33.14 -54.67 -42.73
CA ILE A 280 32.48 -53.38 -42.69
C ILE A 280 32.92 -52.58 -43.89
N LYS A 281 34.23 -52.56 -44.13
CA LYS A 281 34.77 -51.87 -45.31
C LYS A 281 34.06 -52.35 -46.57
N ALA A 282 33.97 -53.67 -46.75
CA ALA A 282 33.30 -54.23 -47.92
C ALA A 282 31.83 -53.82 -48.03
N ALA A 283 31.13 -53.76 -46.90
CA ALA A 283 29.72 -53.39 -46.89
C ALA A 283 29.52 -51.98 -47.39
N VAL A 284 30.30 -51.07 -46.85
CA VAL A 284 30.23 -49.69 -47.21
C VAL A 284 30.63 -49.48 -48.67
N LYS A 285 31.75 -50.07 -49.05
CA LYS A 285 32.25 -49.93 -50.40
C LYS A 285 31.20 -50.44 -51.39
N ALA A 286 30.51 -51.51 -51.03
CA ALA A 286 29.48 -52.05 -51.90
C ALA A 286 28.35 -51.03 -52.06
N ALA A 287 27.92 -50.44 -50.96
CA ALA A 287 26.86 -49.46 -51.00
C ALA A 287 27.27 -48.24 -51.80
N ALA A 288 28.53 -47.85 -51.67
CA ALA A 288 29.04 -46.66 -52.33
C ALA A 288 29.11 -46.83 -53.81
N GLU A 289 29.41 -48.04 -54.25
CA GLU A 289 29.51 -48.35 -55.69
C GLU A 289 28.17 -48.78 -56.23
N GLY A 290 27.23 -49.07 -55.37
CA GLY A 290 25.90 -49.49 -55.79
C GLY A 290 24.72 -48.57 -55.53
N GLU A 291 23.83 -49.03 -54.66
CA GLU A 291 22.60 -48.34 -54.35
C GLU A 291 22.75 -46.89 -53.87
N MET A 292 23.79 -46.61 -53.08
CA MET A 292 23.98 -45.26 -52.59
C MET A 292 25.10 -44.50 -53.33
N LYS A 293 25.26 -44.80 -54.60
CA LYS A 293 26.26 -44.10 -55.37
C LYS A 293 25.93 -42.60 -55.42
N GLY A 294 26.94 -41.75 -55.29
CA GLY A 294 26.75 -40.29 -55.33
C GLY A 294 26.39 -39.70 -53.97
N VAL A 295 25.92 -40.53 -53.05
CA VAL A 295 25.60 -40.10 -51.72
C VAL A 295 26.70 -40.51 -50.74
N LEU A 296 26.97 -41.80 -50.69
CA LEU A 296 27.97 -42.36 -49.79
C LEU A 296 29.22 -42.68 -50.59
N GLY A 297 30.34 -42.13 -50.14
CA GLY A 297 31.61 -42.36 -50.77
C GLY A 297 32.47 -43.26 -49.91
N TYR A 298 33.59 -43.71 -50.48
CA TYR A 298 34.52 -44.60 -49.78
C TYR A 298 35.95 -44.31 -50.18
N THR A 299 36.85 -44.19 -49.22
CA THR A 299 38.24 -43.95 -49.55
C THR A 299 39.16 -44.72 -48.61
N GLU A 300 40.35 -45.05 -49.12
CA GLU A 300 41.35 -45.77 -48.33
C GLU A 300 42.63 -44.95 -48.35
N ASP A 301 42.54 -43.74 -48.89
CA ASP A 301 43.69 -42.85 -48.91
C ASP A 301 43.89 -42.10 -47.58
N ASP A 302 45.09 -41.52 -47.42
CA ASP A 302 45.45 -40.75 -46.24
C ASP A 302 44.96 -39.30 -46.32
N VAL A 303 43.64 -39.15 -46.35
CA VAL A 303 43.02 -37.84 -46.50
C VAL A 303 42.91 -36.95 -45.25
N VAL A 304 42.67 -35.65 -45.50
CA VAL A 304 42.50 -34.69 -44.45
C VAL A 304 41.35 -33.86 -44.92
N SER A 305 40.82 -33.04 -44.05
CA SER A 305 39.60 -32.30 -44.34
C SER A 305 39.58 -31.55 -45.63
N THR A 306 40.66 -30.83 -45.95
CA THR A 306 40.69 -30.06 -47.21
C THR A 306 40.49 -30.91 -48.45
N ASP A 307 40.76 -32.19 -48.36
CA ASP A 307 40.59 -33.05 -49.49
C ASP A 307 39.13 -33.21 -49.84
N PHE A 308 38.23 -32.71 -49.01
CA PHE A 308 36.78 -32.84 -49.32
C PHE A 308 36.13 -31.50 -49.57
N ASN A 309 36.93 -30.46 -49.67
CA ASN A 309 36.36 -29.17 -49.90
C ASN A 309 35.83 -29.29 -51.31
N GLY A 310 34.54 -29.10 -51.48
CA GLY A 310 33.94 -29.23 -52.81
C GLY A 310 33.27 -30.57 -53.07
N GLU A 311 33.42 -31.50 -52.13
CA GLU A 311 32.84 -32.82 -52.25
C GLU A 311 31.33 -32.83 -52.31
N VAL A 312 30.80 -33.55 -53.28
CA VAL A 312 29.36 -33.65 -53.48
C VAL A 312 28.73 -34.78 -52.67
N CYS A 313 29.46 -35.87 -52.47
CA CYS A 313 28.89 -36.94 -51.64
C CYS A 313 28.65 -36.34 -50.26
N THR A 314 27.55 -36.76 -49.63
CA THR A 314 27.23 -36.27 -48.30
C THR A 314 27.86 -37.03 -47.16
N SER A 315 28.57 -38.09 -47.50
CA SER A 315 29.21 -38.91 -46.47
C SER A 315 30.29 -39.73 -47.13
N VAL A 316 31.53 -39.55 -46.71
CA VAL A 316 32.60 -40.28 -47.33
C VAL A 316 33.36 -41.03 -46.27
N PHE A 317 33.15 -42.33 -46.27
CA PHE A 317 33.79 -43.24 -45.31
C PHE A 317 35.29 -43.23 -45.46
N ASP A 318 35.97 -43.09 -44.34
CA ASP A 318 37.44 -43.06 -44.29
C ASP A 318 37.84 -44.38 -43.66
N ALA A 319 38.21 -45.33 -44.50
CA ALA A 319 38.54 -46.66 -44.02
C ALA A 319 39.68 -46.68 -43.02
N LYS A 320 40.83 -46.11 -43.40
CA LYS A 320 41.99 -46.12 -42.49
C LYS A 320 41.83 -45.39 -41.19
N ALA A 321 40.97 -44.38 -41.13
CA ALA A 321 40.80 -43.60 -39.89
C ALA A 321 40.04 -44.30 -38.79
N GLY A 322 39.14 -45.19 -39.17
CA GLY A 322 38.32 -45.89 -38.20
C GLY A 322 39.10 -46.95 -37.48
N ILE A 323 38.56 -47.38 -36.35
CA ILE A 323 39.22 -48.38 -35.55
C ILE A 323 38.17 -49.27 -34.89
N ALA A 324 38.49 -50.56 -34.74
CA ALA A 324 37.59 -51.53 -34.15
C ALA A 324 38.19 -52.13 -32.92
N LEU A 325 37.45 -52.11 -31.82
CA LEU A 325 37.97 -52.70 -30.59
C LEU A 325 37.80 -54.22 -30.73
N ASN A 326 36.66 -54.62 -31.30
CA ASN A 326 36.34 -56.02 -31.50
C ASN A 326 35.22 -56.17 -32.57
N ASP A 327 34.87 -57.40 -32.89
CA ASP A 327 33.86 -57.65 -33.91
C ASP A 327 32.49 -57.04 -33.62
N ASN A 328 32.29 -56.45 -32.45
CA ASN A 328 30.96 -55.87 -32.15
C ASN A 328 30.97 -54.48 -31.59
N PHE A 329 32.12 -53.82 -31.59
CA PHE A 329 32.22 -52.48 -31.03
C PHE A 329 33.23 -51.77 -31.89
N VAL A 330 32.72 -50.81 -32.66
CA VAL A 330 33.52 -50.11 -33.65
C VAL A 330 33.32 -48.60 -33.69
N LYS A 331 34.33 -47.90 -34.19
CA LYS A 331 34.34 -46.44 -34.34
C LYS A 331 34.59 -46.19 -35.81
N LEU A 332 33.59 -45.63 -36.46
CA LEU A 332 33.59 -45.36 -37.90
C LEU A 332 33.69 -43.88 -38.16
N VAL A 333 34.44 -43.52 -39.19
CA VAL A 333 34.67 -42.13 -39.50
C VAL A 333 34.21 -41.80 -40.88
N SER A 334 33.50 -40.68 -41.01
CA SER A 334 33.00 -40.25 -42.33
C SER A 334 33.01 -38.74 -42.48
N TRP A 335 33.53 -38.29 -43.62
CA TRP A 335 33.72 -36.88 -43.92
C TRP A 335 32.60 -36.29 -44.66
N TYR A 336 32.45 -34.96 -44.54
CA TYR A 336 31.42 -34.25 -45.26
C TYR A 336 31.69 -32.76 -45.44
N ASP A 337 31.44 -32.25 -46.65
CA ASP A 337 31.59 -30.83 -46.92
C ASP A 337 30.26 -30.29 -46.53
N ASN A 338 30.23 -29.62 -45.39
CA ASN A 338 28.95 -29.12 -44.84
C ASN A 338 28.23 -28.09 -45.68
N GLU A 339 28.91 -27.49 -46.63
CA GLU A 339 28.25 -26.56 -47.49
C GLU A 339 27.85 -27.23 -48.81
N THR A 340 28.83 -27.83 -49.48
CA THR A 340 28.61 -28.42 -50.80
C THR A 340 27.73 -29.66 -50.85
N GLY A 341 28.00 -30.63 -50.01
CA GLY A 341 27.19 -31.84 -50.04
C GLY A 341 25.70 -31.56 -49.84
N TYR A 342 25.43 -30.88 -48.74
CA TYR A 342 24.08 -30.57 -48.38
C TYR A 342 23.42 -29.77 -49.49
N SER A 343 24.10 -28.74 -49.96
CA SER A 343 23.53 -27.93 -51.02
C SER A 343 23.12 -28.78 -52.21
N ASN A 344 23.96 -29.71 -52.64
CA ASN A 344 23.57 -30.56 -53.77
C ASN A 344 22.37 -31.44 -53.45
N LYS A 345 22.28 -31.95 -52.23
CA LYS A 345 21.15 -32.78 -51.88
C LYS A 345 19.89 -31.97 -51.77
N VAL A 346 20.01 -30.67 -51.50
CA VAL A 346 18.80 -29.84 -51.47
C VAL A 346 18.23 -29.91 -52.88
N LEU A 347 19.08 -29.72 -53.87
CA LEU A 347 18.64 -29.83 -55.23
C LEU A 347 18.08 -31.23 -55.56
N ASP A 348 18.73 -32.26 -55.05
CA ASP A 348 18.28 -33.62 -55.32
C ASP A 348 16.86 -33.79 -54.79
N LEU A 349 16.59 -33.19 -53.63
CA LEU A 349 15.27 -33.28 -53.01
C LEU A 349 14.25 -32.49 -53.77
N ILE A 350 14.66 -31.30 -54.25
CA ILE A 350 13.77 -30.49 -55.07
C ILE A 350 13.35 -31.29 -56.29
N ALA A 351 14.32 -31.94 -56.92
CA ALA A 351 14.05 -32.73 -58.11
C ALA A 351 13.12 -33.90 -57.80
N HIS A 352 13.35 -34.52 -56.66
CA HIS A 352 12.57 -35.68 -56.25
C HIS A 352 11.13 -35.38 -55.97
N ILE A 353 10.86 -34.32 -55.21
CA ILE A 353 9.46 -33.95 -54.92
C ILE A 353 8.74 -33.36 -56.14
N SER A 354 9.47 -33.08 -57.23
CA SER A 354 8.86 -32.51 -58.46
C SER A 354 8.50 -33.56 -59.48
N LYS A 355 8.79 -34.83 -59.19
CA LYS A 355 8.40 -35.91 -60.10
C LYS A 355 6.87 -35.99 -60.13
N ALA B 24 37.42 6.85 1.72
CA ALA B 24 38.39 6.93 0.59
C ALA B 24 37.98 8.00 -0.42
N MET B 25 38.84 8.16 -1.42
CA MET B 25 38.57 9.08 -2.52
C MET B 25 38.91 8.30 -3.78
N THR B 26 38.22 7.17 -3.96
CA THR B 26 38.38 6.43 -5.17
C THR B 26 37.36 7.12 -6.07
N ILE B 27 37.60 7.04 -7.37
CA ILE B 27 36.71 7.61 -8.37
C ILE B 27 35.70 6.54 -8.73
N LYS B 28 34.42 6.81 -8.53
CA LYS B 28 33.39 5.84 -8.87
C LYS B 28 33.12 5.84 -10.37
N VAL B 29 33.24 4.68 -10.99
CA VAL B 29 33.00 4.56 -12.40
C VAL B 29 31.87 3.62 -12.77
N GLY B 30 31.10 4.03 -13.78
CA GLY B 30 30.06 3.19 -14.32
C GLY B 30 30.45 2.79 -15.74
N ILE B 31 30.28 1.52 -16.10
CA ILE B 31 30.61 1.08 -17.45
C ILE B 31 29.35 0.81 -18.26
N ASN B 32 29.24 1.44 -19.42
CA ASN B 32 28.11 1.19 -20.26
C ASN B 32 28.64 0.44 -21.44
N GLY B 33 28.26 -0.83 -21.56
CA GLY B 33 28.74 -1.71 -22.64
C GLY B 33 29.80 -2.64 -22.08
N PHE B 34 29.47 -3.90 -21.96
CA PHE B 34 30.37 -4.85 -21.36
C PHE B 34 30.95 -5.76 -22.41
N GLY B 35 31.43 -5.14 -23.49
CA GLY B 35 32.06 -5.86 -24.61
C GLY B 35 33.54 -6.08 -24.32
N ARG B 36 34.35 -6.25 -25.36
CA ARG B 36 35.77 -6.45 -25.17
C ARG B 36 36.42 -5.33 -24.35
N ILE B 37 36.24 -4.09 -24.74
CA ILE B 37 36.83 -2.98 -24.01
C ILE B 37 36.24 -2.87 -22.62
N GLY B 38 34.92 -2.93 -22.51
CA GLY B 38 34.28 -2.81 -21.20
C GLY B 38 34.85 -3.80 -20.23
N ARG B 39 35.02 -5.03 -20.67
CA ARG B 39 35.53 -6.06 -19.80
C ARG B 39 36.99 -5.94 -19.44
N ILE B 40 37.82 -5.45 -20.36
CA ILE B 40 39.26 -5.32 -20.09
C ILE B 40 39.44 -4.13 -19.19
N VAL B 41 38.66 -3.08 -19.43
CA VAL B 41 38.68 -1.92 -18.58
C VAL B 41 38.32 -2.38 -17.17
N PHE B 42 37.29 -3.22 -17.07
CA PHE B 42 36.86 -3.73 -15.77
C PHE B 42 37.99 -4.45 -15.05
N ARG B 43 38.66 -5.35 -15.76
CA ARG B 43 39.80 -6.04 -15.17
C ARG B 43 40.96 -5.14 -14.74
N ALA B 44 41.29 -4.16 -15.57
CA ALA B 44 42.39 -3.27 -15.26
C ALA B 44 42.08 -2.41 -14.05
N ALA B 45 40.80 -2.16 -13.84
CA ALA B 45 40.36 -1.31 -12.74
C ALA B 45 40.55 -1.97 -11.39
N GLN B 46 40.56 -3.30 -11.38
CA GLN B 46 40.77 -4.05 -10.13
C GLN B 46 42.17 -3.85 -9.58
N LYS B 47 43.11 -3.58 -10.47
CA LYS B 47 44.53 -3.43 -10.09
C LYS B 47 44.89 -2.01 -9.72
N ARG B 48 43.93 -1.09 -9.80
CA ARG B 48 44.18 0.31 -9.45
C ARG B 48 43.34 0.64 -8.24
N SER B 49 43.95 1.32 -7.28
CA SER B 49 43.24 1.68 -6.06
C SER B 49 42.53 3.02 -6.17
N ASP B 50 42.86 3.81 -7.19
CA ASP B 50 42.23 5.12 -7.36
C ASP B 50 40.91 5.06 -8.13
N ILE B 51 40.54 3.88 -8.63
CA ILE B 51 39.31 3.72 -9.41
C ILE B 51 38.55 2.47 -9.04
N GLU B 52 37.24 2.63 -8.88
CA GLU B 52 36.32 1.55 -8.58
C GLU B 52 35.16 1.48 -9.50
N ILE B 53 34.92 0.30 -10.04
CA ILE B 53 33.76 0.13 -10.91
C ILE B 53 32.66 -0.20 -9.96
N VAL B 54 31.59 0.56 -9.99
CA VAL B 54 30.46 0.35 -9.10
C VAL B 54 29.16 -0.02 -9.81
N ALA B 55 29.16 0.03 -11.13
CA ALA B 55 28.00 -0.32 -11.90
C ALA B 55 28.36 -0.65 -13.34
N ILE B 56 27.59 -1.55 -13.94
CA ILE B 56 27.74 -1.98 -15.31
C ILE B 56 26.38 -2.07 -15.99
N ASN B 57 26.28 -1.57 -17.22
CA ASN B 57 25.04 -1.66 -17.94
C ASN B 57 25.25 -2.30 -19.27
N ASP B 58 24.37 -3.24 -19.60
CA ASP B 58 24.44 -3.92 -20.89
C ASP B 58 23.22 -4.81 -20.96
N LEU B 59 22.86 -5.22 -22.16
CA LEU B 59 21.70 -6.08 -22.40
C LEU B 59 22.05 -7.53 -22.07
N LEU B 60 22.49 -7.80 -20.85
CA LEU B 60 22.85 -9.14 -20.47
C LEU B 60 22.48 -9.43 -19.03
N ASP B 61 22.03 -10.66 -18.78
CA ASP B 61 21.71 -11.07 -17.41
C ASP B 61 23.02 -11.04 -16.59
N ALA B 62 22.90 -10.82 -15.29
CA ALA B 62 24.06 -10.80 -14.42
C ALA B 62 24.85 -12.09 -14.47
N ASP B 63 24.17 -13.23 -14.52
CA ASP B 63 24.86 -14.52 -14.55
C ASP B 63 25.73 -14.67 -15.81
N TYR B 64 25.30 -14.06 -16.89
CA TYR B 64 26.03 -14.11 -18.13
C TYR B 64 27.19 -13.10 -18.10
N MET B 65 27.00 -11.94 -17.47
CA MET B 65 28.13 -11.03 -17.38
C MET B 65 29.20 -11.69 -16.54
N ALA B 66 28.78 -12.43 -15.51
CA ALA B 66 29.72 -13.06 -14.62
C ALA B 66 30.58 -14.01 -15.45
N TYR B 67 29.93 -14.74 -16.34
CA TYR B 67 30.62 -15.69 -17.20
C TYR B 67 31.58 -14.99 -18.13
N MET B 68 31.15 -13.93 -18.78
CA MET B 68 32.05 -13.18 -19.72
C MET B 68 33.26 -12.60 -18.99
N LEU B 69 33.09 -12.32 -17.72
CA LEU B 69 34.14 -11.82 -16.90
C LEU B 69 35.07 -12.93 -16.39
OH ALY B 70 29.89 -19.73 -15.74
CH ALY B 70 29.95 -18.92 -14.90
CH3 ALY B 70 28.74 -18.07 -14.64
NZ ALY B 70 31.06 -18.78 -14.15
CE ALY B 70 31.53 -17.87 -13.03
CD ALY B 70 33.10 -17.63 -13.01
CG ALY B 70 33.63 -16.24 -13.51
CB ALY B 70 34.48 -16.34 -14.79
CA ALY B 70 35.31 -15.15 -15.33
N ALY B 70 34.52 -14.06 -15.93
C ALY B 70 36.24 -15.74 -16.37
O ALY B 70 37.42 -15.95 -16.08
N TYR B 71 35.72 -15.97 -17.58
CA TYR B 71 36.49 -16.61 -18.64
C TYR B 71 36.73 -15.73 -19.87
N ASP B 72 37.98 -15.71 -20.35
CA ASP B 72 38.38 -14.92 -21.50
C ASP B 72 39.41 -15.70 -22.35
N SER B 73 39.10 -15.90 -23.62
CA SER B 73 39.91 -16.67 -24.50
C SER B 73 41.28 -16.10 -24.73
N THR B 74 41.38 -14.80 -24.70
CA THR B 74 42.61 -14.13 -24.94
C THR B 74 43.41 -13.82 -23.69
N HIS B 75 42.74 -13.38 -22.63
CA HIS B 75 43.45 -13.01 -21.39
C HIS B 75 43.33 -13.93 -20.20
N GLY B 76 42.87 -15.16 -20.44
CA GLY B 76 42.73 -16.12 -19.36
C GLY B 76 41.66 -15.82 -18.34
N ARG B 77 41.67 -16.58 -17.26
CA ARG B 77 40.65 -16.45 -16.24
C ARG B 77 40.83 -15.25 -15.38
N PHE B 78 39.71 -14.70 -14.95
CA PHE B 78 39.72 -13.54 -14.09
C PHE B 78 40.41 -13.85 -12.80
N ASP B 79 41.37 -13.00 -12.44
CA ASP B 79 42.09 -13.17 -11.21
C ASP B 79 41.26 -12.56 -10.05
N GLY B 80 40.24 -13.27 -9.62
CA GLY B 80 39.46 -12.80 -8.49
C GLY B 80 38.17 -13.56 -8.38
N THR B 81 37.35 -13.20 -7.41
CA THR B 81 36.12 -13.94 -7.17
C THR B 81 34.97 -13.18 -7.72
N VAL B 82 34.03 -13.90 -8.29
CA VAL B 82 32.84 -13.29 -8.86
C VAL B 82 31.64 -14.18 -8.62
N GLU B 83 30.65 -13.66 -7.92
CA GLU B 83 29.41 -14.42 -7.68
C GLU B 83 28.21 -13.51 -7.99
N VAL B 84 27.05 -14.13 -8.20
CA VAL B 84 25.80 -13.39 -8.52
C VAL B 84 24.84 -13.45 -7.35
N LYS B 85 24.28 -12.31 -6.97
CA LYS B 85 23.36 -12.26 -5.86
C LYS B 85 22.28 -11.25 -6.11
N ASP B 86 21.02 -11.72 -6.11
CA ASP B 86 19.84 -10.88 -6.35
C ASP B 86 19.91 -10.10 -7.65
N GLY B 87 20.35 -10.78 -8.71
CA GLY B 87 20.44 -10.14 -10.03
C GLY B 87 21.55 -9.13 -10.18
N HIS B 88 22.40 -9.02 -9.14
CA HIS B 88 23.55 -8.14 -9.18
C HIS B 88 24.81 -8.95 -9.05
N LEU B 89 25.93 -8.29 -9.21
CA LEU B 89 27.19 -8.96 -9.25
C LEU B 89 28.03 -8.62 -8.07
N ILE B 90 28.76 -9.59 -7.56
CA ILE B 90 29.66 -9.36 -6.40
C ILE B 90 31.05 -9.82 -6.77
N VAL B 91 31.89 -8.84 -7.05
CA VAL B 91 33.26 -9.07 -7.46
C VAL B 91 34.26 -8.68 -6.37
N ASN B 92 35.01 -9.66 -5.87
CA ASN B 92 35.97 -9.42 -4.82
C ASN B 92 35.29 -8.72 -3.65
N GLY B 93 34.13 -9.27 -3.26
CA GLY B 93 33.37 -8.75 -2.13
C GLY B 93 32.77 -7.34 -2.26
N LYS B 94 32.67 -6.80 -3.48
CA LYS B 94 32.03 -5.49 -3.72
C LYS B 94 30.80 -5.63 -4.60
N LYS B 95 29.71 -4.92 -4.28
CA LYS B 95 28.47 -4.99 -5.03
C LYS B 95 28.64 -4.10 -6.31
N ILE B 96 28.33 -4.68 -7.49
CA ILE B 96 28.41 -3.98 -8.73
C ILE B 96 26.98 -3.99 -9.23
N ARG B 97 26.39 -2.83 -9.40
CA ARG B 97 25.02 -2.77 -9.87
C ARG B 97 24.95 -3.12 -11.35
N VAL B 98 24.13 -4.11 -11.66
CA VAL B 98 23.89 -4.57 -13.02
C VAL B 98 22.54 -4.10 -13.50
N THR B 99 22.54 -3.43 -14.64
CA THR B 99 21.32 -2.92 -15.26
C THR B 99 21.28 -3.35 -16.71
N ALA B 100 20.10 -3.26 -17.33
CA ALA B 100 19.93 -3.64 -18.73
C ALA B 100 19.08 -2.62 -19.50
N GLU B 101 19.36 -1.33 -19.28
CA GLU B 101 18.69 -0.25 -19.95
C GLU B 101 19.22 -0.02 -21.38
N ARG B 102 18.30 0.09 -22.36
CA ARG B 102 18.62 0.36 -23.80
C ARG B 102 18.89 1.85 -23.94
N ASP B 103 18.11 2.68 -23.23
CA ASP B 103 18.22 4.15 -23.29
C ASP B 103 18.95 4.68 -22.06
N PRO B 104 20.16 5.24 -22.25
CA PRO B 104 21.02 5.76 -21.18
C PRO B 104 20.42 6.77 -20.24
N ALA B 105 19.37 7.47 -20.64
CA ALA B 105 18.76 8.44 -19.75
C ALA B 105 18.15 7.76 -18.50
N ASN B 106 17.87 6.46 -18.60
CA ASN B 106 17.25 5.71 -17.52
C ASN B 106 18.22 5.01 -16.58
N LEU B 107 19.53 5.21 -16.80
CA LEU B 107 20.55 4.54 -15.99
C LEU B 107 20.64 4.94 -14.53
N LYS B 108 20.15 6.12 -14.17
CA LYS B 108 20.18 6.54 -12.76
C LYS B 108 21.55 6.34 -12.14
N TRP B 109 22.58 6.89 -12.74
CA TRP B 109 23.95 6.71 -12.23
C TRP B 109 24.15 7.31 -10.85
N ASP B 110 23.46 8.39 -10.57
CA ASP B 110 23.61 9.07 -9.27
C ASP B 110 23.20 8.19 -8.09
N GLU B 111 22.33 7.21 -8.33
CA GLU B 111 21.89 6.30 -7.26
C GLU B 111 23.01 5.42 -6.74
N VAL B 112 24.02 5.17 -7.54
CA VAL B 112 25.15 4.34 -7.09
C VAL B 112 26.43 5.22 -7.04
N GLY B 113 26.22 6.53 -7.02
CA GLY B 113 27.28 7.51 -6.89
C GLY B 113 28.35 7.55 -7.94
N VAL B 114 27.99 7.30 -9.19
CA VAL B 114 28.97 7.32 -10.28
C VAL B 114 29.49 8.70 -10.67
N ASP B 115 30.83 8.85 -10.66
CA ASP B 115 31.48 10.11 -11.03
C ASP B 115 31.65 10.18 -12.54
N VAL B 116 32.26 9.14 -13.11
CA VAL B 116 32.52 9.07 -14.54
C VAL B 116 32.01 7.80 -15.19
N VAL B 117 31.52 7.94 -16.40
CA VAL B 117 31.03 6.80 -17.15
C VAL B 117 31.94 6.45 -18.31
N ALA B 118 32.25 5.17 -18.45
CA ALA B 118 33.07 4.72 -19.54
C ALA B 118 32.07 4.26 -20.56
N GLU B 119 31.89 5.05 -21.60
CA GLU B 119 30.92 4.72 -22.65
C GLU B 119 31.61 3.77 -23.63
N ALA B 120 31.27 2.49 -23.53
CA ALA B 120 31.91 1.49 -24.36
C ALA B 120 31.01 0.61 -25.19
N THR B 121 29.87 1.14 -25.61
CA THR B 121 28.97 0.36 -26.45
C THR B 121 29.28 0.55 -27.92
N GLY B 122 30.05 1.59 -28.24
CA GLY B 122 30.36 1.91 -29.62
C GLY B 122 29.22 2.62 -30.35
N LEU B 123 28.11 2.81 -29.66
CA LEU B 123 26.95 3.45 -30.26
C LEU B 123 26.71 4.91 -29.89
N PHE B 124 27.29 5.38 -28.80
CA PHE B 124 27.05 6.75 -28.37
C PHE B 124 28.33 7.58 -28.43
N LEU B 125 28.74 7.89 -29.65
CA LEU B 125 29.95 8.64 -29.86
C LEU B 125 29.76 10.08 -30.30
N THR B 126 28.62 10.69 -29.93
CA THR B 126 28.38 12.09 -30.24
C THR B 126 28.06 12.76 -28.91
N ASP B 127 28.18 14.06 -28.85
CA ASP B 127 27.85 14.76 -27.63
C ASP B 127 26.41 14.51 -27.14
N GLU B 128 25.42 14.58 -28.02
CA GLU B 128 24.04 14.42 -27.54
C GLU B 128 23.80 13.01 -27.01
N THR B 129 24.36 12.00 -27.66
CA THR B 129 24.10 10.63 -27.21
C THR B 129 24.81 10.32 -25.90
N ALA B 130 26.02 10.83 -25.75
CA ALA B 130 26.80 10.60 -24.53
C ALA B 130 26.30 11.47 -23.38
N ARG B 131 25.79 12.65 -23.72
CA ARG B 131 25.27 13.61 -22.75
C ARG B 131 24.22 12.96 -21.88
N LYS B 132 23.54 11.96 -22.43
CA LYS B 132 22.49 11.29 -21.67
C LYS B 132 22.97 10.75 -20.33
N HIS B 133 24.24 10.36 -20.24
CA HIS B 133 24.76 9.79 -18.99
C HIS B 133 24.79 10.88 -17.95
N ILE B 134 25.10 12.09 -18.39
CA ILE B 134 25.12 13.23 -17.47
C ILE B 134 23.70 13.58 -17.03
N THR B 135 22.76 13.53 -17.97
CA THR B 135 21.34 13.77 -17.66
C THR B 135 20.90 12.72 -16.62
N ALA B 136 21.47 11.52 -16.70
CA ALA B 136 21.14 10.41 -15.80
C ALA B 136 21.93 10.42 -14.48
N GLY B 137 22.65 11.49 -14.17
CA GLY B 137 23.38 11.59 -12.90
C GLY B 137 24.89 11.52 -12.88
N ALA B 138 25.50 11.11 -13.98
CA ALA B 138 26.95 11.01 -13.99
C ALA B 138 27.51 12.40 -14.18
N LYS B 139 28.70 12.66 -13.66
CA LYS B 139 29.32 13.98 -13.81
C LYS B 139 30.07 14.11 -15.13
N LYS B 140 30.82 13.07 -15.51
CA LYS B 140 31.61 13.10 -16.78
C LYS B 140 31.55 11.78 -17.52
N VAL B 141 31.93 11.85 -18.78
CA VAL B 141 31.91 10.70 -19.66
C VAL B 141 33.14 10.56 -20.54
N VAL B 142 33.64 9.33 -20.65
CA VAL B 142 34.80 9.03 -21.51
C VAL B 142 34.40 8.03 -22.55
N MET B 143 34.35 8.46 -23.79
CA MET B 143 34.01 7.59 -24.87
C MET B 143 35.20 6.68 -25.12
N THR B 144 34.99 5.38 -25.17
CA THR B 144 36.05 4.48 -25.45
C THR B 144 36.19 4.25 -26.97
N GLY B 145 36.10 5.31 -27.75
CA GLY B 145 36.27 5.21 -29.19
C GLY B 145 36.37 6.61 -29.73
N PRO B 146 36.79 6.73 -30.99
CA PRO B 146 36.87 8.08 -31.53
C PRO B 146 35.50 8.68 -31.69
N SER B 147 35.38 9.96 -31.40
CA SER B 147 34.13 10.63 -31.52
C SER B 147 33.70 10.89 -32.97
N LYS B 148 32.42 10.70 -33.25
CA LYS B 148 31.88 10.94 -34.59
C LYS B 148 31.59 12.41 -34.80
N ASP B 149 31.55 13.18 -33.72
CA ASP B 149 31.28 14.60 -33.83
C ASP B 149 32.59 15.22 -33.43
N ASN B 150 32.56 16.42 -32.88
CA ASN B 150 33.79 17.10 -32.56
C ASN B 150 34.12 17.04 -31.09
N THR B 151 33.62 16.03 -30.42
CA THR B 151 33.93 15.82 -29.03
C THR B 151 35.46 15.67 -29.00
N PRO B 152 36.13 16.37 -28.10
CA PRO B 152 37.61 16.36 -28.07
C PRO B 152 38.19 15.03 -27.70
N MET B 153 39.27 14.68 -28.38
CA MET B 153 39.96 13.41 -28.16
C MET B 153 41.26 13.65 -27.43
N PHE B 154 41.56 12.74 -26.51
CA PHE B 154 42.80 12.82 -25.76
C PHE B 154 43.55 11.50 -25.81
N VAL B 155 44.86 11.57 -26.03
CA VAL B 155 45.71 10.39 -26.14
C VAL B 155 46.90 10.61 -25.23
N LYS B 156 47.05 9.72 -24.22
CA LYS B 156 48.15 9.84 -23.27
C LYS B 156 49.46 9.74 -24.03
N GLY B 157 50.37 10.66 -23.69
CA GLY B 157 51.64 10.77 -24.35
C GLY B 157 51.60 11.85 -25.44
N ALA B 158 50.40 12.28 -25.83
CA ALA B 158 50.26 13.27 -26.89
C ALA B 158 49.64 14.55 -26.42
N ASN B 159 48.48 14.49 -25.78
CA ASN B 159 47.83 15.73 -25.40
C ASN B 159 47.00 15.74 -24.14
N PHE B 160 47.30 14.89 -23.16
CA PHE B 160 46.51 14.93 -21.91
C PHE B 160 46.56 16.33 -21.30
N ASP B 161 47.73 16.99 -21.36
CA ASP B 161 47.92 18.33 -20.82
C ASP B 161 46.92 19.35 -21.40
N LYS B 162 46.44 19.12 -22.61
CA LYS B 162 45.41 19.99 -23.25
C LYS B 162 43.98 19.88 -22.65
N TYR B 163 43.73 18.88 -21.81
CA TYR B 163 42.40 18.74 -21.22
C TYR B 163 42.08 20.04 -20.53
N ALA B 164 40.87 20.56 -20.75
CA ALA B 164 40.46 21.83 -20.20
C ALA B 164 39.12 21.77 -19.42
N GLY B 165 38.93 20.75 -18.62
CA GLY B 165 37.70 20.60 -17.85
C GLY B 165 36.44 20.13 -18.57
N GLN B 166 36.51 19.77 -19.86
CA GLN B 166 35.30 19.31 -20.58
C GLN B 166 34.70 18.13 -19.83
N ASP B 167 33.37 18.00 -19.91
CA ASP B 167 32.67 16.91 -19.22
C ASP B 167 32.50 15.66 -20.06
N ILE B 168 32.76 15.76 -21.35
CA ILE B 168 32.63 14.64 -22.26
C ILE B 168 33.84 14.64 -23.17
N VAL B 169 34.56 13.53 -23.14
CA VAL B 169 35.77 13.36 -23.94
C VAL B 169 35.87 11.97 -24.55
N SER B 170 36.83 11.81 -25.44
CA SER B 170 37.09 10.57 -26.16
C SER B 170 38.54 10.19 -26.01
N ASN B 171 38.82 8.90 -25.86
CA ASN B 171 40.20 8.41 -25.70
C ASN B 171 40.73 7.95 -27.06
N ALA B 172 40.11 8.45 -28.13
CA ALA B 172 40.47 8.11 -29.50
C ALA B 172 40.37 6.63 -29.76
N SER B 173 41.20 6.13 -30.68
CA SER B 173 41.20 4.69 -31.04
C SER B 173 42.46 4.02 -30.62
N CYS B 174 42.45 2.69 -30.63
CA CYS B 174 43.60 1.90 -30.20
C CYS B 174 44.81 2.24 -31.12
N THR B 175 44.56 2.33 -32.42
CA THR B 175 45.60 2.65 -33.36
C THR B 175 46.14 4.07 -33.14
N THR B 176 45.28 5.01 -32.81
CA THR B 176 45.75 6.38 -32.66
C THR B 176 46.58 6.44 -31.41
N ASN B 177 46.28 5.62 -30.43
CA ASN B 177 47.09 5.61 -29.22
C ASN B 177 48.45 5.05 -29.47
N CYS B 178 48.59 4.21 -30.51
CA CYS B 178 49.91 3.66 -30.82
C CYS B 178 50.75 4.64 -31.63
N LEU B 179 50.11 5.25 -32.61
CA LEU B 179 50.76 6.15 -33.53
C LEU B 179 51.10 7.51 -33.01
N ALA B 180 50.18 8.13 -32.30
CA ALA B 180 50.42 9.51 -31.81
C ALA B 180 51.68 9.67 -31.00
N PRO B 181 51.88 8.83 -29.95
CA PRO B 181 53.10 9.00 -29.16
C PRO B 181 54.39 8.85 -29.96
N LEU B 182 54.42 7.89 -30.86
CA LEU B 182 55.58 7.67 -31.67
C LEU B 182 55.81 8.85 -32.61
N ALA B 183 54.75 9.29 -33.27
CA ALA B 183 54.84 10.42 -34.22
C ALA B 183 55.28 11.69 -33.51
N LYS B 184 54.76 11.92 -32.31
CA LYS B 184 55.14 13.08 -31.55
C LYS B 184 56.64 13.12 -31.33
N VAL B 185 57.21 12.01 -30.88
CA VAL B 185 58.64 11.92 -30.63
C VAL B 185 59.45 12.16 -31.91
N ILE B 186 59.06 11.47 -32.98
CA ILE B 186 59.76 11.60 -34.26
C ILE B 186 59.67 13.02 -34.76
N ASN B 187 58.47 13.58 -34.71
CA ASN B 187 58.27 14.95 -35.17
C ASN B 187 59.01 15.98 -34.32
N ASP B 188 58.88 15.92 -33.01
CA ASP B 188 59.62 16.83 -32.13
C ASP B 188 61.13 16.80 -32.37
N ASN B 189 61.70 15.62 -32.59
CA ASN B 189 63.11 15.50 -32.79
C ASN B 189 63.61 15.70 -34.22
N PHE B 190 62.83 15.29 -35.20
CA PHE B 190 63.34 15.38 -36.59
C PHE B 190 62.42 16.07 -37.57
N GLY B 191 61.16 16.30 -37.18
CA GLY B 191 60.20 16.94 -38.05
C GLY B 191 59.66 16.05 -39.15
N ILE B 192 58.40 15.72 -39.05
CA ILE B 192 57.76 14.90 -40.05
C ILE B 192 57.20 15.77 -41.15
N ILE B 193 57.69 15.56 -42.37
CA ILE B 193 57.20 16.36 -43.50
C ILE B 193 55.89 15.78 -43.96
N GLU B 194 55.90 14.47 -44.14
CA GLU B 194 54.72 13.74 -44.57
C GLU B 194 54.94 12.27 -44.20
N GLY B 195 53.85 11.53 -44.00
CA GLY B 195 53.96 10.14 -43.65
C GLY B 195 52.74 9.37 -44.00
N LEU B 196 52.93 8.10 -44.34
CA LEU B 196 51.87 7.16 -44.64
C LEU B 196 52.03 5.98 -43.71
N MET B 197 50.94 5.47 -43.17
CA MET B 197 51.08 4.39 -42.23
C MET B 197 50.13 3.25 -42.55
N THR B 198 50.53 2.07 -42.13
CA THR B 198 49.77 0.87 -42.32
C THR B 198 49.73 0.13 -41.03
N THR B 199 48.57 -0.38 -40.68
CA THR B 199 48.49 -1.15 -39.50
C THR B 199 48.05 -2.57 -39.88
N VAL B 200 48.86 -3.58 -39.49
CA VAL B 200 48.49 -4.98 -39.65
C VAL B 200 47.74 -5.20 -38.32
N HIS B 201 46.44 -5.35 -38.44
CA HIS B 201 45.55 -5.41 -37.28
C HIS B 201 44.89 -6.76 -37.02
N ALA B 202 44.72 -7.07 -35.75
CA ALA B 202 44.08 -8.32 -35.35
C ALA B 202 42.63 -8.29 -35.66
N THR B 203 42.05 -9.47 -35.72
CA THR B 203 40.64 -9.59 -35.97
C THR B 203 39.84 -9.00 -34.82
N THR B 204 38.68 -8.42 -35.14
CA THR B 204 37.84 -7.87 -34.08
C THR B 204 36.42 -8.36 -34.20
N ALA B 205 35.63 -8.01 -33.19
CA ALA B 205 34.22 -8.39 -33.14
C ALA B 205 33.35 -7.99 -34.32
N THR B 206 33.73 -6.92 -35.05
CA THR B 206 32.93 -6.52 -36.22
C THR B 206 33.09 -7.44 -37.44
N GLN B 207 34.07 -8.34 -37.43
CA GLN B 207 34.26 -9.25 -38.56
C GLN B 207 33.43 -10.54 -38.47
N LYS B 208 33.51 -11.37 -39.51
CA LYS B 208 32.73 -12.59 -39.59
C LYS B 208 33.59 -13.86 -39.65
N THR B 209 33.04 -14.94 -39.10
CA THR B 209 33.72 -16.18 -39.08
C THR B 209 33.83 -16.76 -40.46
N VAL B 210 32.81 -16.58 -41.28
CA VAL B 210 32.83 -17.08 -42.66
C VAL B 210 32.21 -15.98 -43.52
N ASP B 211 32.51 -15.99 -44.80
CA ASP B 211 31.92 -14.98 -45.68
C ASP B 211 30.44 -14.67 -45.35
N GLY B 212 30.21 -13.47 -44.83
CA GLY B 212 28.89 -13.04 -44.44
C GLY B 212 28.68 -11.62 -44.87
N PRO B 213 27.50 -11.07 -44.54
CA PRO B 213 27.11 -9.69 -44.88
C PRO B 213 27.68 -8.54 -44.03
N SER B 214 28.13 -7.50 -44.72
CA SER B 214 28.66 -6.29 -44.13
C SER B 214 28.38 -5.27 -45.23
N HIS B 215 27.14 -4.78 -45.24
N HIS B 215 27.15 -4.78 -45.26
CA HIS B 215 26.63 -3.85 -46.27
CA HIS B 215 26.64 -3.86 -46.27
C HIS B 215 27.43 -2.55 -46.41
C HIS B 215 27.46 -2.57 -46.42
N LYS B 216 27.96 -2.02 -45.31
CA LYS B 216 28.77 -0.78 -45.36
C LYS B 216 30.26 -1.03 -45.64
N ASP B 217 30.71 -2.28 -45.50
CA ASP B 217 32.11 -2.65 -45.73
C ASP B 217 32.21 -4.09 -46.30
N TRP B 218 32.04 -4.21 -47.60
CA TRP B 218 32.06 -5.52 -48.28
C TRP B 218 33.25 -6.38 -47.94
N ARG B 219 34.47 -5.85 -48.07
CA ARG B 219 35.62 -6.67 -47.72
C ARG B 219 35.56 -7.17 -46.26
N GLY B 220 35.04 -6.32 -45.37
CA GLY B 220 34.95 -6.63 -43.93
C GLY B 220 34.07 -7.79 -43.55
N GLY B 221 33.20 -8.18 -44.46
CA GLY B 221 32.31 -9.30 -44.23
C GLY B 221 32.92 -10.63 -44.64
N ARG B 222 34.07 -10.60 -45.31
CA ARG B 222 34.73 -11.84 -45.72
C ARG B 222 35.33 -12.57 -44.51
N GLY B 223 35.37 -13.90 -44.62
CA GLY B 223 35.88 -14.77 -43.57
C GLY B 223 37.16 -14.26 -42.96
N ALA B 224 37.11 -13.93 -41.68
CA ALA B 224 38.27 -13.37 -41.01
C ALA B 224 39.49 -14.28 -40.92
N SER B 225 39.28 -15.55 -40.61
CA SER B 225 40.39 -16.47 -40.42
C SER B 225 41.05 -16.95 -41.71
N GLN B 226 40.42 -16.75 -42.84
CA GLN B 226 40.97 -17.20 -44.12
C GLN B 226 41.65 -16.10 -44.91
N ASN B 227 41.42 -14.85 -44.52
CA ASN B 227 41.91 -13.73 -45.28
C ASN B 227 42.72 -12.59 -44.65
N ILE B 228 43.44 -11.91 -45.54
CA ILE B 228 44.19 -10.69 -45.24
C ILE B 228 43.16 -9.73 -45.84
N ILE B 229 42.57 -8.88 -45.02
CA ILE B 229 41.51 -8.00 -45.50
C ILE B 229 41.83 -6.51 -45.43
N PRO B 230 41.93 -5.84 -46.59
CA PRO B 230 42.23 -4.41 -46.56
C PRO B 230 41.10 -3.69 -45.90
N SER B 231 41.42 -2.59 -45.23
CA SER B 231 40.44 -1.84 -44.48
C SER B 231 40.82 -0.41 -44.27
N SER B 232 39.83 0.45 -44.12
CA SER B 232 40.08 1.87 -43.89
C SER B 232 40.23 2.16 -42.42
N THR B 233 40.96 3.23 -42.12
CA THR B 233 41.15 3.67 -40.75
C THR B 233 41.63 5.13 -40.78
N GLY B 234 40.78 6.05 -40.33
CA GLY B 234 41.12 7.46 -40.28
C GLY B 234 42.06 7.78 -39.12
N ALA B 235 42.45 6.72 -38.38
CA ALA B 235 43.36 6.83 -37.22
C ALA B 235 44.59 7.64 -37.49
N ALA B 236 45.10 7.54 -38.70
CA ALA B 236 46.30 8.29 -39.08
C ALA B 236 45.95 9.76 -39.26
N LYS B 237 44.80 10.00 -39.86
CA LYS B 237 44.32 11.37 -40.07
C LYS B 237 43.92 12.00 -38.71
N ALA B 238 43.30 11.21 -37.83
CA ALA B 238 42.90 11.64 -36.47
C ALA B 238 44.09 12.09 -35.60
N VAL B 239 45.30 11.74 -36.01
CA VAL B 239 46.46 12.13 -35.22
C VAL B 239 46.50 13.63 -35.31
N GLY B 240 46.04 14.14 -36.43
CA GLY B 240 46.05 15.59 -36.67
C GLY B 240 45.29 16.34 -35.60
N LYS B 241 44.35 15.66 -34.97
CA LYS B 241 43.55 16.29 -33.94
C LYS B 241 44.21 16.30 -32.57
N VAL B 242 44.90 15.23 -32.22
CA VAL B 242 45.55 15.19 -30.91
C VAL B 242 46.90 15.87 -31.02
N LEU B 243 47.41 15.97 -32.25
CA LEU B 243 48.68 16.63 -32.52
C LEU B 243 48.49 17.57 -33.71
N PRO B 244 47.86 18.74 -33.46
CA PRO B 244 47.57 19.73 -34.50
C PRO B 244 48.72 19.97 -35.48
N GLU B 245 49.94 20.01 -34.98
CA GLU B 245 51.11 20.26 -35.83
C GLU B 245 51.28 19.22 -36.96
N LEU B 246 50.62 18.06 -36.85
CA LEU B 246 50.71 17.01 -37.89
C LEU B 246 49.46 16.91 -38.72
N ASN B 247 48.58 17.88 -38.57
CA ASN B 247 47.33 17.87 -39.31
C ASN B 247 47.63 17.92 -40.79
N GLY B 248 47.03 17.00 -41.55
CA GLY B 248 47.23 16.93 -43.00
C GLY B 248 48.51 16.30 -43.48
N LYS B 249 49.35 15.82 -42.55
CA LYS B 249 50.65 15.23 -42.90
C LYS B 249 50.69 13.72 -42.84
N LEU B 250 49.65 13.11 -42.34
CA LEU B 250 49.63 11.67 -42.21
C LEU B 250 48.31 11.12 -42.57
N THR B 251 48.33 9.95 -43.15
CA THR B 251 47.10 9.20 -43.43
C THR B 251 47.56 7.76 -43.59
N GLY B 252 46.64 6.84 -43.77
CA GLY B 252 47.03 5.44 -43.86
C GLY B 252 45.91 4.47 -44.05
N MET B 253 46.23 3.18 -43.90
CA MET B 253 45.24 2.13 -44.04
C MET B 253 45.58 0.91 -43.20
N ALA B 254 44.77 -0.14 -43.33
CA ALA B 254 44.95 -1.29 -42.53
C ALA B 254 44.71 -2.57 -43.27
N PHE B 255 45.31 -3.62 -42.74
CA PHE B 255 45.09 -4.95 -43.22
C PHE B 255 44.68 -5.78 -41.98
N ARG B 256 43.51 -6.39 -42.03
CA ARG B 256 43.01 -7.20 -40.93
C ARG B 256 43.49 -8.60 -41.21
N VAL B 257 44.17 -9.21 -40.26
CA VAL B 257 44.72 -10.54 -40.43
C VAL B 257 44.16 -11.48 -39.37
N PRO B 258 44.27 -12.80 -39.56
CA PRO B 258 43.73 -13.76 -38.64
C PRO B 258 44.38 -13.99 -37.27
N THR B 259 44.49 -12.99 -36.43
CA THR B 259 45.05 -13.17 -35.09
C THR B 259 43.97 -12.61 -34.20
N PRO B 260 43.76 -13.20 -33.02
CA PRO B 260 42.73 -12.74 -32.13
C PRO B 260 43.00 -11.47 -31.37
N ASN B 261 44.26 -11.06 -31.24
CA ASN B 261 44.59 -9.84 -30.51
C ASN B 261 46.02 -9.40 -30.78
N VAL B 262 46.28 -8.11 -30.57
CA VAL B 262 47.59 -7.49 -30.79
C VAL B 262 47.76 -7.12 -32.26
N SER B 263 48.04 -5.84 -32.48
CA SER B 263 48.24 -5.29 -33.80
C SER B 263 49.61 -4.53 -33.86
N VAL B 264 50.00 -4.08 -35.05
CA VAL B 264 51.26 -3.36 -35.20
C VAL B 264 51.15 -2.23 -36.26
N VAL B 265 51.76 -1.07 -36.02
CA VAL B 265 51.76 -0.03 -37.06
C VAL B 265 53.14 -0.01 -37.77
N ASP B 266 53.08 0.31 -39.05
CA ASP B 266 54.21 0.42 -39.98
C ASP B 266 54.15 1.87 -40.53
N LEU B 267 54.87 2.75 -39.86
CA LEU B 267 54.88 4.16 -40.21
C LEU B 267 56.03 4.51 -41.09
N THR B 268 55.72 4.92 -42.32
CA THR B 268 56.74 5.33 -43.30
C THR B 268 56.73 6.85 -43.37
N VAL B 269 57.79 7.51 -42.91
CA VAL B 269 57.84 8.98 -42.90
C VAL B 269 59.04 9.56 -43.59
N ARG B 270 58.89 10.82 -43.97
CA ARG B 270 59.94 11.55 -44.59
C ARG B 270 60.28 12.63 -43.55
N LEU B 271 61.56 12.74 -43.19
CA LEU B 271 62.00 13.68 -42.17
C LEU B 271 62.61 14.96 -42.69
N GLU B 272 62.38 16.03 -41.95
CA GLU B 272 62.94 17.33 -42.29
C GLU B 272 64.43 17.33 -41.94
N LYS B 273 64.77 17.00 -40.71
CA LYS B 273 66.14 16.93 -40.30
C LYS B 273 66.68 15.46 -40.48
N ALA B 274 67.86 15.34 -41.08
CA ALA B 274 68.47 14.05 -41.34
C ALA B 274 68.75 13.36 -40.05
N ALA B 275 68.54 12.04 -40.02
CA ALA B 275 68.77 11.27 -38.83
C ALA B 275 69.04 9.84 -39.17
N THR B 276 70.16 9.31 -38.67
CA THR B 276 70.52 7.91 -38.88
C THR B 276 69.54 7.09 -38.06
N TYR B 277 69.45 5.81 -38.36
CA TYR B 277 68.53 4.96 -37.62
C TYR B 277 68.97 4.87 -36.16
N GLU B 278 70.25 4.96 -35.91
CA GLU B 278 70.72 4.85 -34.57
C GLU B 278 70.20 6.03 -33.76
N GLN B 279 70.11 7.21 -34.39
CA GLN B 279 69.64 8.43 -33.73
C GLN B 279 68.18 8.37 -33.41
N ILE B 280 67.42 7.76 -34.31
CA ILE B 280 66.02 7.57 -34.11
C ILE B 280 65.83 6.66 -32.91
N LYS B 281 66.56 5.55 -32.89
CA LYS B 281 66.46 4.63 -31.79
C LYS B 281 66.68 5.38 -30.47
N ALA B 282 67.73 6.20 -30.43
CA ALA B 282 68.05 6.90 -29.19
C ALA B 282 66.95 7.84 -28.78
N ALA B 283 66.32 8.48 -29.75
CA ALA B 283 65.26 9.44 -29.48
C ALA B 283 64.06 8.79 -28.83
N VAL B 284 63.64 7.68 -29.41
CA VAL B 284 62.52 6.93 -28.89
C VAL B 284 62.84 6.36 -27.54
N LYS B 285 64.04 5.77 -27.43
CA LYS B 285 64.41 5.14 -26.17
C LYS B 285 64.41 6.18 -25.07
N ALA B 286 64.81 7.40 -25.42
CA ALA B 286 64.90 8.44 -24.41
C ALA B 286 63.51 8.76 -23.93
N ALA B 287 62.58 8.87 -24.88
CA ALA B 287 61.19 9.21 -24.56
C ALA B 287 60.56 8.11 -23.76
N ALA B 288 60.90 6.87 -24.10
CA ALA B 288 60.34 5.70 -23.41
C ALA B 288 60.79 5.61 -21.97
N GLU B 289 62.04 5.99 -21.71
CA GLU B 289 62.60 5.94 -20.36
C GLU B 289 62.31 7.22 -19.60
N GLY B 290 61.88 8.25 -20.32
CA GLY B 290 61.60 9.52 -19.71
C GLY B 290 60.16 10.01 -19.65
N GLU B 291 59.87 11.06 -20.40
CA GLU B 291 58.58 11.74 -20.40
C GLU B 291 57.39 10.86 -20.75
N MET B 292 57.57 9.91 -21.66
CA MET B 292 56.47 9.04 -22.05
C MET B 292 56.59 7.64 -21.46
N LYS B 293 57.15 7.54 -20.28
CA LYS B 293 57.30 6.23 -19.63
C LYS B 293 55.90 5.67 -19.37
N GLY B 294 55.75 4.36 -19.58
CA GLY B 294 54.44 3.72 -19.39
C GLY B 294 53.51 3.80 -20.60
N VAL B 295 53.79 4.72 -21.51
CA VAL B 295 53.01 4.87 -22.69
C VAL B 295 53.77 4.30 -23.88
N LEU B 296 54.96 4.82 -24.09
CA LEU B 296 55.80 4.42 -25.22
C LEU B 296 56.88 3.48 -24.72
N GLY B 297 56.93 2.29 -25.30
CA GLY B 297 57.92 1.31 -24.93
C GLY B 297 58.96 1.18 -26.00
N TYR B 298 60.03 0.46 -25.68
CA TYR B 298 61.13 0.28 -26.63
C TYR B 298 61.75 -1.09 -26.46
N THR B 299 61.95 -1.81 -27.54
CA THR B 299 62.58 -3.12 -27.46
C THR B 299 63.56 -3.35 -28.65
N GLU B 300 64.57 -4.15 -28.39
CA GLU B 300 65.53 -4.50 -29.39
C GLU B 300 65.53 -6.03 -29.53
N ASP B 301 64.57 -6.69 -28.88
CA ASP B 301 64.46 -8.13 -28.93
C ASP B 301 63.71 -8.60 -30.18
N ASP B 302 63.82 -9.88 -30.48
CA ASP B 302 63.19 -10.51 -31.63
C ASP B 302 61.75 -10.93 -31.31
N VAL B 303 60.92 -9.94 -31.11
CA VAL B 303 59.57 -10.16 -30.73
C VAL B 303 58.57 -10.45 -31.84
N VAL B 304 57.41 -10.99 -31.43
CA VAL B 304 56.35 -11.29 -32.34
C VAL B 304 55.14 -10.86 -31.61
N SER B 305 54.02 -10.76 -32.30
CA SER B 305 52.78 -10.23 -31.72
C SER B 305 52.38 -10.78 -30.37
N THR B 306 52.49 -12.10 -30.16
CA THR B 306 52.03 -12.68 -28.87
C THR B 306 52.81 -12.17 -27.71
N ASP B 307 54.00 -11.62 -27.98
CA ASP B 307 54.79 -11.13 -26.90
C ASP B 307 54.21 -9.88 -26.30
N PHE B 308 53.20 -9.31 -26.93
CA PHE B 308 52.58 -8.10 -26.41
C PHE B 308 51.13 -8.35 -25.96
N ASN B 309 50.72 -9.61 -25.94
CA ASN B 309 49.42 -9.91 -25.44
C ASN B 309 49.47 -9.52 -23.94
N GLY B 310 48.62 -8.60 -23.51
CA GLY B 310 48.65 -8.15 -22.12
C GLY B 310 49.44 -6.87 -21.88
N GLU B 311 50.13 -6.40 -22.90
CA GLU B 311 50.93 -5.20 -22.80
C GLU B 311 50.13 -3.95 -22.45
N VAL B 312 50.56 -3.24 -21.44
CA VAL B 312 49.98 -2.00 -21.02
C VAL B 312 50.46 -0.76 -21.81
N CYS B 313 51.70 -0.72 -22.28
CA CYS B 313 52.12 0.40 -23.06
C CYS B 313 51.26 0.42 -24.32
N THR B 314 50.89 1.62 -24.78
CA THR B 314 50.09 1.74 -25.97
C THR B 314 50.86 1.76 -27.26
N SER B 315 52.18 1.74 -27.17
CA SER B 315 53.00 1.77 -28.36
C SER B 315 54.37 1.27 -27.97
N VAL B 316 54.81 0.18 -28.58
CA VAL B 316 56.11 -0.35 -28.26
C VAL B 316 56.95 -0.43 -29.50
N PHE B 317 57.89 0.52 -29.60
CA PHE B 317 58.81 0.56 -30.73
C PHE B 317 59.65 -0.71 -30.86
N ASP B 318 59.65 -1.28 -32.05
CA ASP B 318 60.44 -2.46 -32.38
C ASP B 318 61.66 -1.99 -33.21
N ALA B 319 62.79 -1.79 -32.53
CA ALA B 319 63.98 -1.29 -33.20
C ALA B 319 64.45 -2.14 -34.38
N LYS B 320 64.70 -3.42 -34.16
CA LYS B 320 65.14 -4.28 -35.23
C LYS B 320 64.22 -4.44 -36.43
N ALA B 321 62.92 -4.29 -36.24
CA ALA B 321 61.97 -4.49 -37.34
C ALA B 321 61.94 -3.37 -38.35
N GLY B 322 62.19 -2.15 -37.91
CA GLY B 322 62.18 -1.00 -38.77
C GLY B 322 63.37 -0.98 -39.72
N ILE B 323 63.24 -0.19 -40.77
CA ILE B 323 64.28 -0.11 -41.78
C ILE B 323 64.31 1.30 -42.35
N ALA B 324 65.52 1.77 -42.67
CA ALA B 324 65.75 3.12 -43.20
C ALA B 324 66.34 3.07 -44.59
N LEU B 325 65.75 3.80 -45.53
CA LEU B 325 66.29 3.82 -46.88
C LEU B 325 67.46 4.78 -46.84
N ASN B 326 67.27 5.89 -46.13
CA ASN B 326 68.28 6.93 -45.99
C ASN B 326 68.00 7.81 -44.77
N ASP B 327 68.85 8.81 -44.55
CA ASP B 327 68.72 9.68 -43.39
C ASP B 327 67.43 10.48 -43.35
N ASN B 328 66.62 10.43 -44.41
CA ASN B 328 65.38 11.20 -44.41
C ASN B 328 64.14 10.46 -44.82
N PHE B 329 64.20 9.14 -44.94
CA PHE B 329 63.07 8.36 -45.40
C PHE B 329 63.19 7.04 -44.65
N VAL B 330 62.27 6.85 -43.69
CA VAL B 330 62.30 5.73 -42.80
C VAL B 330 60.96 5.04 -42.57
N LYS B 331 61.02 3.74 -42.27
CA LYS B 331 59.88 2.94 -41.97
C LYS B 331 60.05 2.49 -40.52
N LEU B 332 59.16 2.95 -39.64
CA LEU B 332 59.19 2.63 -38.24
C LEU B 332 58.06 1.67 -37.85
N VAL B 333 58.36 0.74 -36.95
CA VAL B 333 57.40 -0.25 -36.52
C VAL B 333 57.11 -0.19 -35.03
N SER B 334 55.81 -0.22 -34.66
CA SER B 334 55.43 -0.17 -33.24
C SER B 334 54.23 -1.05 -32.97
N TRP B 335 54.38 -1.88 -31.95
CA TRP B 335 53.34 -2.83 -31.54
C TRP B 335 52.33 -2.28 -30.53
N TYR B 336 51.13 -2.85 -30.54
CA TYR B 336 50.12 -2.49 -29.55
C TYR B 336 49.08 -3.57 -29.26
N ASP B 337 48.76 -3.78 -27.98
CA ASP B 337 47.71 -4.71 -27.63
C ASP B 337 46.46 -3.88 -27.73
N ASN B 338 45.69 -4.12 -28.77
CA ASN B 338 44.49 -3.33 -29.04
C ASN B 338 43.39 -3.38 -28.00
N GLU B 339 43.42 -4.36 -27.13
CA GLU B 339 42.45 -4.40 -26.06
C GLU B 339 43.03 -3.85 -24.77
N THR B 340 44.23 -4.36 -24.38
CA THR B 340 44.81 -4.01 -23.09
C THR B 340 45.37 -2.59 -22.98
N GLY B 341 46.16 -2.18 -23.92
CA GLY B 341 46.73 -0.82 -23.86
C GLY B 341 45.68 0.26 -23.78
N TYR B 342 44.83 0.27 -24.79
CA TYR B 342 43.76 1.21 -24.84
C TYR B 342 42.94 1.15 -23.53
N SER B 343 42.55 -0.04 -23.06
CA SER B 343 41.73 -0.12 -21.87
C SER B 343 42.40 0.56 -20.69
N ASN B 344 43.70 0.36 -20.53
CA ASN B 344 44.40 1.02 -19.43
C ASN B 344 44.44 2.52 -19.58
N LYS B 345 44.63 2.99 -20.81
CA LYS B 345 44.62 4.44 -21.01
C LYS B 345 43.24 5.04 -20.82
N VAL B 346 42.19 4.25 -20.99
CA VAL B 346 40.86 4.80 -20.75
C VAL B 346 40.86 5.17 -19.26
N LEU B 347 41.36 4.25 -18.42
CA LEU B 347 41.40 4.51 -16.99
C LEU B 347 42.32 5.70 -16.68
N ASP B 348 43.43 5.81 -17.39
CA ASP B 348 44.34 6.92 -17.17
C ASP B 348 43.63 8.21 -17.45
N LEU B 349 42.78 8.22 -18.47
CA LEU B 349 42.06 9.44 -18.87
C LEU B 349 40.99 9.76 -17.85
N ILE B 350 40.32 8.74 -17.35
CA ILE B 350 39.30 8.92 -16.35
C ILE B 350 39.93 9.59 -15.12
N ALA B 351 41.10 9.08 -14.72
CA ALA B 351 41.82 9.60 -13.58
C ALA B 351 42.25 11.02 -13.82
N HIS B 352 42.73 11.28 -15.03
CA HIS B 352 43.16 12.61 -15.39
C HIS B 352 42.06 13.68 -15.37
N ILE B 353 40.92 13.39 -15.96
CA ILE B 353 39.82 14.39 -15.98
C ILE B 353 39.14 14.54 -14.62
N SER B 354 39.49 13.68 -13.65
CA SER B 354 38.92 13.73 -12.31
C SER B 354 39.82 14.36 -11.30
N LYS B 355 41.08 14.57 -11.69
CA LYS B 355 42.10 15.16 -10.82
C LYS B 355 41.73 16.56 -10.31
N MET C 25 66.61 -30.23 1.21
CA MET C 25 67.33 -30.80 0.03
C MET C 25 66.51 -30.85 -1.26
N THR C 26 66.94 -30.10 -2.25
CA THR C 26 66.27 -30.07 -3.51
C THR C 26 66.85 -31.21 -4.39
N ILE C 27 66.02 -31.69 -5.30
CA ILE C 27 66.40 -32.70 -6.26
C ILE C 27 66.99 -31.99 -7.50
N LYS C 28 68.25 -32.26 -7.81
CA LYS C 28 68.87 -31.65 -8.97
C LYS C 28 68.42 -32.32 -10.24
N VAL C 29 67.90 -31.53 -11.18
CA VAL C 29 67.41 -32.06 -12.44
C VAL C 29 68.11 -31.49 -13.65
N GLY C 30 68.29 -32.35 -14.65
CA GLY C 30 68.91 -31.95 -15.90
C GLY C 30 67.88 -32.17 -16.96
N ILE C 31 67.74 -31.22 -17.87
CA ILE C 31 66.76 -31.34 -18.92
C ILE C 31 67.45 -31.61 -20.25
N ASN C 32 67.05 -32.67 -20.95
CA ASN C 32 67.65 -32.93 -22.24
C ASN C 32 66.53 -32.70 -23.23
N GLY C 33 66.66 -31.64 -24.02
CA GLY C 33 65.66 -31.29 -25.00
C GLY C 33 64.90 -30.11 -24.47
N PHE C 34 65.10 -28.95 -25.07
CA PHE C 34 64.47 -27.75 -24.56
C PHE C 34 63.39 -27.31 -25.47
N GLY C 35 62.52 -28.26 -25.81
CA GLY C 35 61.41 -28.04 -26.71
C GLY C 35 60.23 -27.59 -25.90
N ARG C 36 59.02 -27.82 -26.43
CA ARG C 36 57.84 -27.39 -25.72
C ARG C 36 57.77 -27.97 -24.29
N ILE C 37 57.90 -29.28 -24.17
CA ILE C 37 57.80 -29.90 -22.85
C ILE C 37 58.99 -29.46 -21.99
N GLY C 38 60.20 -29.53 -22.54
CA GLY C 38 61.37 -29.12 -21.77
C GLY C 38 61.20 -27.74 -21.17
N ARG C 39 60.71 -26.79 -21.97
CA ARG C 39 60.54 -25.43 -21.51
C ARG C 39 59.44 -25.23 -20.50
N ILE C 40 58.34 -25.93 -20.66
CA ILE C 40 57.24 -25.81 -19.69
C ILE C 40 57.64 -26.50 -18.38
N VAL C 41 58.35 -27.61 -18.47
CA VAL C 41 58.82 -28.29 -17.30
C VAL C 41 59.71 -27.32 -16.59
N PHE C 42 60.58 -26.65 -17.35
CA PHE C 42 61.49 -25.69 -16.75
C PHE C 42 60.74 -24.61 -15.96
N ARG C 43 59.67 -24.06 -16.56
CA ARG C 43 58.91 -22.99 -15.89
C ARG C 43 58.21 -23.48 -14.65
N ALA C 44 57.64 -24.68 -14.73
CA ALA C 44 56.92 -25.25 -13.60
C ALA C 44 57.86 -25.51 -12.43
N ALA C 45 59.12 -25.82 -12.76
CA ALA C 45 60.11 -26.14 -11.76
C ALA C 45 60.49 -24.96 -10.92
N GLN C 46 60.36 -23.77 -11.48
CA GLN C 46 60.65 -22.54 -10.72
C GLN C 46 59.70 -22.31 -9.55
N LYS C 47 58.47 -22.82 -9.70
CA LYS C 47 57.43 -22.66 -8.67
C LYS C 47 57.45 -23.73 -7.58
N ARG C 48 58.38 -24.68 -7.68
CA ARG C 48 58.49 -25.77 -6.71
C ARG C 48 59.82 -25.63 -6.04
N SER C 49 59.83 -25.77 -4.74
CA SER C 49 61.05 -25.65 -4.00
C SER C 49 61.78 -26.97 -3.86
N ASP C 50 61.11 -28.08 -4.16
CA ASP C 50 61.74 -29.38 -4.02
C ASP C 50 62.53 -29.80 -5.24
N ILE C 51 62.50 -29.00 -6.28
CA ILE C 51 63.18 -29.36 -7.53
C ILE C 51 63.87 -28.16 -8.14
N GLU C 52 65.13 -28.38 -8.52
CA GLU C 52 65.95 -27.36 -9.18
C GLU C 52 66.53 -27.83 -10.48
N ILE C 53 66.35 -27.03 -11.52
CA ILE C 53 66.91 -27.37 -12.83
C ILE C 53 68.29 -26.77 -12.75
N VAL C 54 69.30 -27.56 -13.02
CA VAL C 54 70.68 -27.10 -12.88
C VAL C 54 71.44 -27.19 -14.17
N ALA C 55 70.81 -27.78 -15.19
CA ALA C 55 71.45 -27.98 -16.47
C ALA C 55 70.46 -28.29 -17.52
N ILE C 56 70.79 -27.86 -18.73
CA ILE C 56 69.95 -28.03 -19.88
C ILE C 56 70.83 -28.39 -21.06
N ASN C 57 70.34 -29.30 -21.89
CA ASN C 57 71.11 -29.68 -23.07
C ASN C 57 70.22 -29.65 -24.27
N ASP C 58 70.69 -29.00 -25.31
CA ASP C 58 69.98 -28.97 -26.57
C ASP C 58 70.92 -28.34 -27.58
N LEU C 59 70.63 -28.52 -28.87
CA LEU C 59 71.44 -27.98 -29.94
C LEU C 59 71.18 -26.47 -30.12
N LEU C 60 71.33 -25.68 -29.08
CA LEU C 60 71.06 -24.27 -29.16
C LEU C 60 72.02 -23.44 -28.32
N ASP C 61 72.47 -22.31 -28.82
CA ASP C 61 73.31 -21.49 -27.91
C ASP C 61 72.49 -20.98 -26.76
N ALA C 62 73.20 -20.56 -25.74
CA ALA C 62 72.62 -20.06 -24.57
C ALA C 62 71.79 -18.84 -24.79
N ASP C 63 72.25 -17.92 -25.62
CA ASP C 63 71.48 -16.70 -25.88
C ASP C 63 70.09 -17.01 -26.53
N TYR C 64 70.02 -18.09 -27.30
CA TYR C 64 68.79 -18.46 -27.96
C TYR C 64 67.92 -19.21 -26.98
N MET C 65 68.48 -20.02 -26.09
CA MET C 65 67.65 -20.68 -25.09
C MET C 65 67.01 -19.63 -24.22
N ALA C 66 67.78 -18.60 -23.90
CA ALA C 66 67.28 -17.53 -23.08
C ALA C 66 66.05 -16.93 -23.76
N TYR C 67 66.12 -16.76 -25.06
CA TYR C 67 65.03 -16.16 -25.82
C TYR C 67 63.83 -17.08 -25.80
N MET C 68 64.05 -18.39 -25.96
CA MET C 68 62.93 -19.35 -26.01
C MET C 68 62.26 -19.45 -24.68
N LEU C 69 63.01 -19.13 -23.66
CA LEU C 69 62.49 -19.12 -22.32
C LEU C 69 61.77 -17.81 -21.97
OH ALY C 70 65.89 -11.96 -26.70
CH ALY C 70 66.31 -12.34 -25.66
CH3 ALY C 70 67.58 -13.13 -25.66
NZ ALY C 70 65.72 -11.99 -24.51
CE ALY C 70 65.88 -12.31 -23.05
CD ALY C 70 64.52 -12.35 -22.24
CG ALY C 70 63.98 -13.76 -21.80
CB ALY C 70 62.65 -14.17 -22.48
CA ALY C 70 61.79 -15.38 -21.99
N ALY C 70 62.35 -16.67 -22.36
C ALY C 70 60.43 -15.20 -22.61
O ALY C 70 59.50 -14.73 -21.95
N TYR C 71 60.30 -15.56 -23.89
CA TYR C 71 59.07 -15.35 -24.63
C TYR C 71 58.41 -16.63 -25.10
N ASP C 72 57.10 -16.72 -24.93
CA ASP C 72 56.33 -17.89 -25.30
C ASP C 72 54.97 -17.43 -25.83
N SER C 73 54.66 -17.78 -27.07
CA SER C 73 53.44 -17.41 -27.68
C SER C 73 52.17 -17.92 -26.97
N THR C 74 52.24 -19.09 -26.39
CA THR C 74 51.10 -19.67 -25.70
C THR C 74 51.00 -19.31 -24.22
N HIS C 75 52.11 -19.34 -23.51
CA HIS C 75 52.11 -19.05 -22.09
C HIS C 75 52.69 -17.70 -21.61
N GLY C 76 52.95 -16.81 -22.53
CA GLY C 76 53.35 -15.47 -22.14
C GLY C 76 54.77 -15.41 -21.71
N ARG C 77 55.16 -14.25 -21.21
CA ARG C 77 56.51 -14.02 -20.81
C ARG C 77 56.86 -14.70 -19.54
N PHE C 78 58.10 -15.17 -19.48
CA PHE C 78 58.61 -15.84 -18.31
C PHE C 78 58.55 -14.92 -17.11
N ASP C 79 57.98 -15.43 -16.02
CA ASP C 79 57.88 -14.68 -14.78
C ASP C 79 59.22 -14.80 -14.00
N GLY C 80 60.20 -14.01 -14.37
CA GLY C 80 61.49 -14.04 -13.69
C GLY C 80 62.58 -13.43 -14.54
N THR C 81 63.80 -13.41 -13.99
CA THR C 81 64.93 -12.83 -14.71
C THR C 81 65.74 -13.89 -15.36
N VAL C 82 66.18 -13.61 -16.58
CA VAL C 82 67.06 -14.52 -17.31
C VAL C 82 68.16 -13.74 -18.05
N GLU C 83 69.43 -14.02 -17.73
CA GLU C 83 70.54 -13.37 -18.41
C GLU C 83 71.58 -14.43 -18.81
N VAL C 84 72.44 -14.07 -19.74
CA VAL C 84 73.46 -14.99 -20.23
C VAL C 84 74.83 -14.54 -19.77
N LYS C 85 75.60 -15.48 -19.23
CA LYS C 85 76.95 -15.15 -18.81
C LYS C 85 77.92 -16.32 -19.09
N ASP C 86 78.97 -16.05 -19.88
CA ASP C 86 80.00 -17.05 -20.22
C ASP C 86 79.43 -18.30 -20.88
N GLY C 87 78.49 -18.08 -21.81
CA GLY C 87 77.89 -19.18 -22.55
C GLY C 87 76.94 -20.01 -21.72
N HIS C 88 76.71 -19.59 -20.46
CA HIS C 88 75.77 -20.30 -19.57
C HIS C 88 74.63 -19.37 -19.22
N LEU C 89 73.64 -19.92 -18.57
CA LEU C 89 72.43 -19.20 -18.33
C LEU C 89 72.27 -18.90 -16.88
N ILE C 90 71.74 -17.71 -16.56
CA ILE C 90 71.50 -17.33 -15.19
C ILE C 90 70.04 -16.94 -15.04
N VAL C 91 69.27 -17.85 -14.45
CA VAL C 91 67.84 -17.66 -14.25
C VAL C 91 67.50 -17.42 -12.76
N ASN C 92 66.93 -16.26 -12.46
CA ASN C 92 66.63 -15.90 -11.09
C ASN C 92 67.86 -16.10 -10.19
N GLY C 93 69.01 -15.62 -10.69
CA GLY C 93 70.28 -15.67 -9.93
C GLY C 93 70.93 -17.02 -9.72
N LYS C 94 70.53 -18.03 -10.48
CA LYS C 94 71.06 -19.41 -10.36
C LYS C 94 71.71 -19.83 -11.66
N LYS C 95 72.88 -20.46 -11.60
CA LYS C 95 73.51 -20.89 -12.86
C LYS C 95 72.90 -22.15 -13.35
N ILE C 96 72.66 -22.16 -14.65
CA ILE C 96 72.13 -23.31 -15.31
C ILE C 96 73.19 -23.66 -16.37
N ARG C 97 73.78 -24.84 -16.28
CA ARG C 97 74.77 -25.25 -17.27
C ARG C 97 74.09 -25.57 -18.59
N VAL C 98 74.57 -24.91 -19.63
CA VAL C 98 74.07 -25.10 -20.98
C VAL C 98 75.09 -25.86 -21.82
N THR C 99 74.65 -26.95 -22.46
CA THR C 99 75.49 -27.80 -23.27
C THR C 99 74.79 -28.04 -24.58
N ALA C 100 75.52 -28.57 -25.56
CA ALA C 100 74.97 -28.83 -26.90
C ALA C 100 75.44 -30.16 -27.47
N GLU C 101 75.44 -31.19 -26.62
CA GLU C 101 75.88 -32.51 -27.00
C GLU C 101 74.77 -33.24 -27.75
N ARG C 102 75.14 -33.88 -28.86
CA ARG C 102 74.20 -34.67 -29.66
C ARG C 102 74.08 -36.06 -29.05
N ASP C 103 75.20 -36.62 -28.58
CA ASP C 103 75.24 -37.93 -27.97
C ASP C 103 75.24 -37.79 -26.44
N PRO C 104 74.14 -38.22 -25.78
CA PRO C 104 73.97 -38.15 -24.34
C PRO C 104 75.08 -38.74 -23.47
N ALA C 105 75.90 -39.66 -23.98
CA ALA C 105 76.96 -40.22 -23.16
C ALA C 105 78.00 -39.16 -22.78
N ASN C 106 78.01 -38.06 -23.53
CA ASN C 106 78.97 -36.96 -23.31
C ASN C 106 78.47 -35.84 -22.43
N LEU C 107 77.26 -35.96 -21.92
CA LEU C 107 76.68 -34.91 -21.06
C LEU C 107 77.35 -34.61 -19.71
N LYS C 108 78.11 -35.56 -19.18
CA LYS C 108 78.74 -35.36 -17.91
C LYS C 108 77.79 -34.74 -16.87
N TRP C 109 76.64 -35.37 -16.66
CA TRP C 109 75.70 -34.87 -15.66
C TRP C 109 76.23 -34.81 -14.22
N ASP C 110 77.10 -35.73 -13.87
CA ASP C 110 77.66 -35.77 -12.51
C ASP C 110 78.45 -34.51 -12.16
N GLU C 111 78.94 -33.80 -13.18
CA GLU C 111 79.74 -32.59 -12.95
C GLU C 111 78.93 -31.46 -12.41
N VAL C 112 77.64 -31.47 -12.65
CA VAL C 112 76.77 -30.45 -12.13
C VAL C 112 75.78 -31.09 -11.11
N GLY C 113 76.14 -32.27 -10.63
CA GLY C 113 75.37 -33.00 -9.60
C GLY C 113 73.93 -33.37 -9.88
N VAL C 114 73.63 -33.69 -11.14
CA VAL C 114 72.29 -34.08 -11.50
C VAL C 114 71.81 -35.42 -10.96
N ASP C 115 70.68 -35.42 -10.26
CA ASP C 115 70.07 -36.63 -9.72
C ASP C 115 69.24 -37.29 -10.79
N VAL C 116 68.35 -36.52 -11.43
CA VAL C 116 67.43 -37.05 -12.41
C VAL C 116 67.44 -36.27 -13.67
N VAL C 117 67.30 -36.96 -14.78
CA VAL C 117 67.21 -36.32 -16.08
C VAL C 117 65.84 -36.44 -16.71
N ALA C 118 65.34 -35.31 -17.23
CA ALA C 118 64.05 -35.29 -17.87
C ALA C 118 64.39 -35.41 -19.31
N GLU C 119 64.17 -36.59 -19.87
CA GLU C 119 64.51 -36.85 -21.26
C GLU C 119 63.36 -36.36 -22.12
N ALA C 120 63.55 -35.21 -22.75
CA ALA C 120 62.47 -34.58 -23.52
C ALA C 120 62.75 -34.25 -24.97
N THR C 121 63.54 -35.06 -25.63
CA THR C 121 63.89 -34.82 -27.01
C THR C 121 62.98 -35.58 -27.92
N GLY C 122 62.32 -36.60 -27.37
CA GLY C 122 61.44 -37.43 -28.14
C GLY C 122 62.18 -38.50 -28.92
N LEU C 123 63.50 -38.48 -28.86
CA LEU C 123 64.32 -39.45 -29.58
C LEU C 123 64.89 -40.62 -28.75
N PHE C 124 64.94 -40.50 -27.43
CA PHE C 124 65.50 -41.58 -26.60
C PHE C 124 64.45 -42.21 -25.70
N LEU C 125 63.56 -42.98 -26.31
CA LEU C 125 62.48 -43.62 -25.58
C LEU C 125 62.60 -45.13 -25.38
N THR C 126 63.84 -45.64 -25.33
CA THR C 126 64.07 -47.05 -25.10
C THR C 126 65.03 -47.09 -23.97
N ASP C 127 65.15 -48.24 -23.33
CA ASP C 127 66.10 -48.36 -22.21
C ASP C 127 67.54 -48.05 -22.61
N GLU C 128 68.01 -48.62 -23.71
CA GLU C 128 69.38 -48.39 -24.13
C GLU C 128 69.72 -46.94 -24.42
N THR C 129 68.82 -46.27 -25.11
CA THR C 129 69.07 -44.86 -25.45
C THR C 129 69.02 -43.95 -24.23
N ALA C 130 68.09 -44.20 -23.33
CA ALA C 130 67.95 -43.37 -22.13
C ALA C 130 69.03 -43.70 -21.10
N ARG C 131 69.45 -44.96 -21.09
CA ARG C 131 70.47 -45.47 -20.16
C ARG C 131 71.73 -44.62 -20.26
N LYS C 132 71.95 -44.01 -21.42
CA LYS C 132 73.14 -43.21 -21.64
C LYS C 132 73.28 -42.09 -20.63
N HIS C 133 72.17 -41.52 -20.18
CA HIS C 133 72.24 -40.44 -19.19
C HIS C 133 72.82 -40.99 -17.90
N ILE C 134 72.52 -42.25 -17.58
CA ILE C 134 73.02 -42.85 -16.37
C ILE C 134 74.50 -43.11 -16.54
N THR C 135 74.89 -43.53 -17.74
CA THR C 135 76.30 -43.80 -18.07
C THR C 135 77.05 -42.48 -17.92
N ALA C 136 76.38 -41.39 -18.27
CA ALA C 136 76.94 -40.03 -18.16
C ALA C 136 76.86 -39.36 -16.76
N GLY C 137 76.43 -40.10 -15.73
CA GLY C 137 76.44 -39.55 -14.34
C GLY C 137 75.12 -39.31 -13.64
N ALA C 138 74.02 -39.35 -14.38
CA ALA C 138 72.74 -39.15 -13.75
C ALA C 138 72.34 -40.42 -13.04
N LYS C 139 71.57 -40.32 -11.96
CA LYS C 139 71.12 -41.49 -11.21
C LYS C 139 69.86 -42.09 -11.84
N LYS C 140 68.90 -41.25 -12.25
CA LYS C 140 67.62 -41.75 -12.84
C LYS C 140 67.17 -40.92 -14.00
N VAL C 141 66.26 -41.48 -14.77
CA VAL C 141 65.73 -40.83 -15.94
C VAL C 141 64.21 -40.94 -16.10
N VAL C 142 63.58 -39.84 -16.47
CA VAL C 142 62.15 -39.80 -16.70
C VAL C 142 61.91 -39.38 -18.16
N MET C 143 61.41 -40.32 -18.97
CA MET C 143 61.10 -40.04 -20.34
C MET C 143 59.83 -39.22 -20.33
N THR C 144 59.81 -38.11 -21.06
CA THR C 144 58.64 -37.29 -21.14
C THR C 144 57.83 -37.72 -22.35
N GLY C 145 57.65 -39.02 -22.53
CA GLY C 145 56.85 -39.55 -23.64
C GLY C 145 56.66 -41.03 -23.40
N PRO C 146 55.76 -41.66 -24.12
CA PRO C 146 55.58 -43.09 -23.87
C PRO C 146 56.76 -43.84 -24.38
N SER C 147 57.12 -44.90 -23.67
CA SER C 147 58.26 -45.69 -24.05
C SER C 147 58.02 -46.61 -25.25
N LYS C 148 59.00 -46.71 -26.14
CA LYS C 148 58.88 -47.56 -27.33
C LYS C 148 59.21 -48.99 -27.02
N ASP C 149 59.88 -49.21 -25.89
CA ASP C 149 60.20 -50.58 -25.47
C ASP C 149 59.30 -50.83 -24.27
N ASN C 150 59.73 -51.70 -23.35
CA ASN C 150 58.92 -52.00 -22.19
C ASN C 150 59.28 -51.26 -20.94
N THR C 151 59.87 -50.09 -21.10
CA THR C 151 60.21 -49.26 -19.97
C THR C 151 58.87 -48.96 -19.32
N PRO C 152 58.79 -49.16 -18.00
CA PRO C 152 57.50 -48.94 -17.32
C PRO C 152 56.98 -47.50 -17.33
N MET C 153 55.67 -47.35 -17.50
CA MET C 153 55.03 -46.05 -17.52
C MET C 153 54.24 -45.78 -16.24
N PHE C 154 54.24 -44.54 -15.82
CA PHE C 154 53.51 -44.14 -14.63
C PHE C 154 52.68 -42.90 -14.90
N VAL C 155 51.45 -42.90 -14.43
CA VAL C 155 50.50 -41.81 -14.61
C VAL C 155 49.87 -41.47 -13.27
N LYS C 156 50.08 -40.23 -12.83
CA LYS C 156 49.54 -39.81 -11.54
C LYS C 156 48.03 -39.91 -11.56
N GLY C 157 47.49 -40.45 -10.49
CA GLY C 157 46.06 -40.69 -10.39
C GLY C 157 45.70 -42.14 -10.77
N ALA C 158 46.64 -42.85 -11.41
CA ALA C 158 46.41 -44.19 -11.87
C ALA C 158 47.33 -45.20 -11.26
N ASN C 159 48.64 -45.01 -11.36
CA ASN C 159 49.56 -46.01 -10.79
C ASN C 159 50.91 -45.55 -10.20
N PHE C 160 51.01 -44.33 -9.71
CA PHE C 160 52.29 -43.94 -9.06
C PHE C 160 52.68 -44.93 -7.96
N ASP C 161 51.72 -45.40 -7.17
CA ASP C 161 51.97 -46.37 -6.07
C ASP C 161 52.70 -47.63 -6.56
N LYS C 162 52.55 -48.01 -7.82
CA LYS C 162 53.24 -49.17 -8.42
C LYS C 162 54.75 -48.96 -8.67
N TYR C 163 55.25 -47.74 -8.54
CA TYR C 163 56.67 -47.50 -8.79
C TYR C 163 57.42 -48.39 -7.85
N ALA C 164 58.46 -49.07 -8.36
CA ALA C 164 59.23 -50.02 -7.59
C ALA C 164 60.75 -49.82 -7.65
N GLY C 165 61.18 -48.58 -7.54
CA GLY C 165 62.61 -48.25 -7.57
C GLY C 165 63.34 -48.27 -8.90
N GLN C 166 62.64 -48.44 -10.02
CA GLN C 166 63.32 -48.51 -11.34
C GLN C 166 64.07 -47.23 -11.58
N ASP C 167 65.17 -47.29 -12.32
CA ASP C 167 66.00 -46.09 -12.57
C ASP C 167 65.63 -45.36 -13.83
N ILE C 168 64.83 -46.00 -14.67
CA ILE C 168 64.36 -45.39 -15.92
C ILE C 168 62.87 -45.65 -16.04
N VAL C 169 62.10 -44.56 -16.14
CA VAL C 169 60.67 -44.62 -16.27
C VAL C 169 60.13 -43.64 -17.33
N SER C 170 58.84 -43.78 -17.61
CA SER C 170 58.15 -42.95 -18.56
C SER C 170 56.91 -42.37 -17.93
N ASN C 171 56.58 -41.12 -18.24
CA ASN C 171 55.38 -40.47 -17.68
C ASN C 171 54.21 -40.59 -18.69
N ALA C 172 54.32 -41.59 -19.57
CA ALA C 172 53.35 -41.84 -20.59
C ALA C 172 53.15 -40.61 -21.49
N SER C 173 51.97 -40.48 -22.09
CA SER C 173 51.64 -39.37 -22.95
C SER C 173 50.64 -38.42 -22.31
N CYS C 174 50.48 -37.26 -22.92
CA CYS C 174 49.57 -36.24 -22.40
C CYS C 174 48.15 -36.81 -22.40
N THR C 175 47.81 -37.55 -23.44
CA THR C 175 46.47 -38.08 -23.60
C THR C 175 46.23 -39.17 -22.59
N THR C 176 47.23 -39.99 -22.36
CA THR C 176 47.03 -41.06 -21.40
C THR C 176 46.83 -40.45 -20.01
N ASN C 177 47.49 -39.33 -19.74
CA ASN C 177 47.34 -38.68 -18.43
C ASN C 177 45.96 -38.10 -18.25
N CYS C 178 45.29 -37.77 -19.35
CA CYS C 178 43.91 -37.30 -19.26
C CYS C 178 42.92 -38.46 -19.10
N LEU C 179 43.08 -39.45 -19.96
CA LEU C 179 42.21 -40.60 -19.97
C LEU C 179 42.29 -41.57 -18.78
N ALA C 180 43.49 -41.93 -18.33
CA ALA C 180 43.62 -42.91 -17.26
C ALA C 180 42.88 -42.56 -16.00
N PRO C 181 43.05 -41.34 -15.49
CA PRO C 181 42.35 -41.00 -14.23
C PRO C 181 40.84 -41.08 -14.36
N LEU C 182 40.31 -40.60 -15.47
CA LEU C 182 38.86 -40.63 -15.69
C LEU C 182 38.36 -42.06 -15.80
N ALA C 183 39.04 -42.85 -16.61
CA ALA C 183 38.71 -44.27 -16.79
C ALA C 183 38.77 -45.05 -15.48
N LYS C 184 39.80 -44.81 -14.69
CA LYS C 184 39.91 -45.46 -13.41
C LYS C 184 38.66 -45.21 -12.55
N VAL C 185 38.23 -43.94 -12.46
CA VAL C 185 37.05 -43.59 -11.68
C VAL C 185 35.81 -44.26 -12.21
N ILE C 186 35.57 -44.11 -13.51
CA ILE C 186 34.39 -44.72 -14.12
C ILE C 186 34.40 -46.23 -13.92
N ASN C 187 35.55 -46.85 -14.13
CA ASN C 187 35.64 -48.29 -14.00
C ASN C 187 35.42 -48.75 -12.56
N ASP C 188 36.09 -48.10 -11.62
CA ASP C 188 35.95 -48.48 -10.21
C ASP C 188 34.51 -48.41 -9.76
N ASN C 189 33.80 -47.38 -10.18
CA ASN C 189 32.41 -47.19 -9.78
C ASN C 189 31.36 -47.93 -10.59
N PHE C 190 31.56 -48.10 -11.90
CA PHE C 190 30.51 -48.72 -12.71
C PHE C 190 30.96 -49.87 -13.57
N GLY C 191 32.29 -50.01 -13.74
CA GLY C 191 32.83 -51.10 -14.54
C GLY C 191 32.74 -50.87 -16.03
N ILE C 192 33.91 -50.69 -16.65
CA ILE C 192 33.94 -50.46 -18.08
C ILE C 192 34.04 -51.79 -18.78
N ILE C 193 33.05 -52.10 -19.59
CA ILE C 193 33.05 -53.35 -20.35
C ILE C 193 33.97 -53.18 -21.54
N GLU C 194 33.74 -52.08 -22.26
CA GLU C 194 34.54 -51.74 -23.43
C GLU C 194 34.35 -50.26 -23.70
N GLY C 195 35.34 -49.66 -24.35
CA GLY C 195 35.24 -48.25 -24.65
C GLY C 195 36.09 -47.85 -25.81
N LEU C 196 35.62 -46.85 -26.55
CA LEU C 196 36.37 -46.26 -27.67
C LEU C 196 36.52 -44.78 -27.39
N MET C 197 37.69 -44.22 -27.62
CA MET C 197 37.86 -42.82 -27.33
C MET C 197 38.46 -42.07 -28.51
N THR C 198 38.19 -40.78 -28.51
CA THR C 198 38.68 -39.90 -29.53
C THR C 198 39.23 -38.67 -28.84
N THR C 199 40.36 -38.19 -29.30
CA THR C 199 40.88 -36.97 -28.73
C THR C 199 41.01 -35.93 -29.84
N VAL C 200 40.41 -34.75 -29.61
CA VAL C 200 40.45 -33.65 -30.55
C VAL C 200 41.66 -32.96 -29.94
N HIS C 201 42.74 -32.99 -30.66
CA HIS C 201 44.02 -32.55 -30.17
C HIS C 201 44.59 -31.34 -30.85
N ALA C 202 45.23 -30.48 -30.07
CA ALA C 202 45.85 -29.29 -30.60
C ALA C 202 47.07 -29.62 -31.44
N THR C 203 47.43 -28.68 -32.27
CA THR C 203 48.55 -28.83 -33.13
C THR C 203 49.83 -28.95 -32.31
N THR C 204 50.81 -29.70 -32.82
CA THR C 204 52.10 -29.84 -32.13
C THR C 204 53.26 -29.64 -33.07
N ALA C 205 54.45 -29.66 -32.48
CA ALA C 205 55.67 -29.44 -33.20
C ALA C 205 55.96 -30.42 -34.32
N THR C 206 55.37 -31.61 -34.29
CA THR C 206 55.67 -32.59 -35.34
C THR C 206 54.89 -32.27 -36.60
N GLN C 207 53.96 -31.32 -36.55
CA GLN C 207 53.18 -30.97 -37.74
C GLN C 207 53.85 -29.88 -38.57
N LYS C 208 53.25 -29.57 -39.72
CA LYS C 208 53.77 -28.59 -40.65
C LYS C 208 52.85 -27.39 -40.89
N THR C 209 53.44 -26.25 -41.22
CA THR C 209 52.68 -25.04 -41.46
C THR C 209 51.95 -25.13 -42.74
N VAL C 210 52.56 -25.77 -43.75
CA VAL C 210 51.89 -25.96 -45.05
C VAL C 210 52.19 -27.39 -45.49
N ASP C 211 51.40 -27.95 -46.40
CA ASP C 211 51.64 -29.33 -46.85
C ASP C 211 53.10 -29.61 -47.08
N GLY C 212 53.69 -30.42 -46.20
CA GLY C 212 55.10 -30.79 -46.24
C GLY C 212 55.28 -32.28 -46.01
N PRO C 213 56.53 -32.76 -45.95
CA PRO C 213 56.86 -34.17 -45.80
C PRO C 213 56.84 -34.73 -44.39
N SER C 214 56.29 -35.94 -44.26
CA SER C 214 56.16 -36.66 -43.01
C SER C 214 56.05 -38.10 -43.50
N HIS C 215 57.18 -38.68 -43.84
CA HIS C 215 57.30 -40.03 -44.42
C HIS C 215 56.61 -41.13 -43.63
N LYS C 216 56.62 -41.06 -42.30
CA LYS C 216 56.01 -42.12 -41.46
C LYS C 216 54.55 -41.83 -41.15
N ASP C 217 54.09 -40.61 -41.41
CA ASP C 217 52.71 -40.22 -41.16
C ASP C 217 52.25 -39.21 -42.20
N TRP C 218 51.84 -39.71 -43.36
CA TRP C 218 51.42 -38.86 -44.46
C TRP C 218 50.40 -37.79 -44.10
N ARG C 219 49.33 -38.17 -43.42
CA ARG C 219 48.30 -37.17 -43.07
C ARG C 219 48.90 -36.09 -42.19
N GLY C 220 49.81 -36.50 -41.34
CA GLY C 220 50.48 -35.57 -40.41
C GLY C 220 51.29 -34.47 -41.04
N GLY C 221 51.65 -34.63 -42.30
CA GLY C 221 52.46 -33.65 -42.97
C GLY C 221 51.62 -32.58 -43.62
N ARG C 222 50.30 -32.76 -43.61
CA ARG C 222 49.39 -31.79 -44.23
C ARG C 222 49.28 -30.53 -43.35
N GLY C 223 49.02 -29.41 -44.02
CA GLY C 223 48.97 -28.10 -43.40
C GLY C 223 48.15 -28.14 -42.16
N ALA C 224 48.79 -27.87 -41.03
CA ALA C 224 48.10 -27.93 -39.71
C ALA C 224 46.96 -26.96 -39.52
N SER C 225 47.14 -25.72 -39.96
CA SER C 225 46.13 -24.69 -39.77
C SER C 225 44.91 -24.77 -40.72
N GLN C 226 45.01 -25.54 -41.79
CA GLN C 226 43.94 -25.64 -42.76
C GLN C 226 43.09 -26.89 -42.58
N ASN C 227 43.62 -27.85 -41.82
CA ASN C 227 42.95 -29.13 -41.69
C ASN C 227 42.60 -29.76 -40.37
N ILE C 228 41.61 -30.66 -40.44
CA ILE C 228 41.21 -31.54 -39.35
C ILE C 228 41.97 -32.79 -39.83
N ILE C 229 42.96 -33.23 -39.07
CA ILE C 229 43.81 -34.34 -39.49
C ILE C 229 43.69 -35.59 -38.65
N PRO C 230 43.18 -36.67 -39.22
CA PRO C 230 43.07 -37.89 -38.44
C PRO C 230 44.44 -38.38 -38.09
N SER C 231 44.54 -39.02 -36.95
CA SER C 231 45.81 -39.47 -36.47
C SER C 231 45.68 -40.64 -35.50
N SER C 232 46.72 -41.46 -35.41
CA SER C 232 46.73 -42.62 -34.53
C SER C 232 47.28 -42.24 -33.20
N THR C 233 46.86 -42.97 -32.18
CA THR C 233 47.33 -42.72 -30.84
C THR C 233 47.03 -43.96 -30.02
N GLY C 234 48.09 -44.68 -29.65
CA GLY C 234 47.96 -45.87 -28.84
C GLY C 234 47.65 -45.53 -27.38
N ALA C 235 47.53 -44.23 -27.09
CA ALA C 235 47.24 -43.71 -25.76
C ALA C 235 46.09 -44.40 -25.08
N ALA C 236 45.08 -44.80 -25.84
CA ALA C 236 43.94 -45.50 -25.26
C ALA C 236 44.32 -46.92 -24.91
N LYS C 237 45.10 -47.53 -25.78
CA LYS C 237 45.55 -48.90 -25.58
C LYS C 237 46.58 -48.92 -24.42
N ALA C 238 47.43 -47.89 -24.35
CA ALA C 238 48.45 -47.72 -23.30
C ALA C 238 47.84 -47.58 -21.89
N VAL C 239 46.55 -47.23 -21.81
CA VAL C 239 45.87 -47.17 -20.52
C VAL C 239 45.94 -48.58 -19.90
N GLY C 240 45.87 -49.59 -20.76
CA GLY C 240 45.94 -50.97 -20.32
C GLY C 240 47.18 -51.25 -19.51
N LYS C 241 48.24 -50.48 -19.74
CA LYS C 241 49.52 -50.70 -19.03
C LYS C 241 49.57 -50.02 -17.67
N VAL C 242 49.04 -48.81 -17.56
CA VAL C 242 48.99 -48.15 -16.27
C VAL C 242 47.79 -48.66 -15.43
N LEU C 243 46.76 -49.19 -16.09
CA LEU C 243 45.58 -49.78 -15.44
C LEU C 243 45.31 -51.17 -16.05
N PRO C 244 46.10 -52.18 -15.64
CA PRO C 244 46.00 -53.56 -16.13
C PRO C 244 44.58 -54.07 -16.27
N GLU C 245 43.73 -53.78 -15.28
CA GLU C 245 42.32 -54.19 -15.33
C GLU C 245 41.55 -53.73 -16.60
N LEU C 246 42.05 -52.72 -17.32
CA LEU C 246 41.41 -52.23 -18.54
C LEU C 246 42.15 -52.66 -19.79
N ASN C 247 43.12 -53.53 -19.63
CA ASN C 247 43.89 -54.00 -20.77
C ASN C 247 42.94 -54.66 -21.79
N GLY C 248 43.03 -54.27 -23.05
CA GLY C 248 42.21 -54.85 -24.07
C GLY C 248 40.79 -54.33 -24.15
N LYS C 249 40.42 -53.44 -23.24
CA LYS C 249 39.06 -52.85 -23.22
C LYS C 249 38.90 -51.44 -23.81
N LEU C 250 39.99 -50.78 -24.14
CA LEU C 250 39.94 -49.45 -24.71
C LEU C 250 40.91 -49.27 -25.81
N THR C 251 40.53 -48.44 -26.76
CA THR C 251 41.39 -48.08 -27.87
C THR C 251 40.77 -46.83 -28.44
N GLY C 252 41.44 -46.18 -29.38
CA GLY C 252 40.89 -44.95 -29.92
C GLY C 252 41.71 -44.30 -30.98
N MET C 253 41.38 -43.05 -31.27
CA MET C 253 42.10 -42.30 -32.27
C MET C 253 42.07 -40.82 -32.03
N ALA C 254 42.66 -40.04 -32.93
CA ALA C 254 42.72 -38.62 -32.75
C ALA C 254 42.49 -37.83 -33.99
N PHE C 255 42.09 -36.58 -33.78
CA PHE C 255 41.92 -35.65 -34.81
C PHE C 255 42.72 -34.43 -34.38
N ARG C 256 43.73 -34.08 -35.16
CA ARG C 256 44.50 -32.91 -34.90
C ARG C 256 43.76 -31.73 -35.51
N VAL C 257 43.45 -30.70 -34.73
CA VAL C 257 42.79 -29.50 -35.28
C VAL C 257 43.69 -28.25 -35.10
N PRO C 258 43.40 -27.17 -35.81
CA PRO C 258 44.19 -25.96 -35.74
C PRO C 258 44.13 -25.07 -34.51
N THR C 259 44.51 -25.57 -33.34
CA THR C 259 44.57 -24.73 -32.15
C THR C 259 45.97 -24.97 -31.67
N PRO C 260 46.59 -23.95 -31.10
CA PRO C 260 48.00 -24.09 -30.69
C PRO C 260 48.24 -24.87 -29.40
N ASN C 261 47.19 -25.05 -28.60
CA ASN C 261 47.35 -25.76 -27.30
C ASN C 261 46.01 -26.11 -26.69
N VAL C 262 45.99 -27.12 -25.87
CA VAL C 262 44.80 -27.62 -25.17
C VAL C 262 44.06 -28.58 -26.08
N SER C 263 43.81 -29.75 -25.53
CA SER C 263 43.12 -30.81 -26.22
C SER C 263 41.96 -31.35 -25.37
N VAL C 264 41.18 -32.26 -25.92
CA VAL C 264 40.06 -32.83 -25.19
C VAL C 264 39.77 -34.28 -25.56
N VAL C 265 39.42 -35.15 -24.57
CA VAL C 265 39.08 -36.56 -24.91
C VAL C 265 37.56 -36.74 -24.87
N ASP C 266 37.09 -37.62 -25.75
CA ASP C 266 35.70 -37.96 -25.95
C ASP C 266 35.67 -39.46 -25.78
N LEU C 267 35.41 -39.89 -24.56
CA LEU C 267 35.37 -41.30 -24.19
C LEU C 267 33.96 -41.86 -24.23
N THR C 268 33.76 -42.83 -25.10
CA THR C 268 32.49 -43.46 -25.27
C THR C 268 32.62 -44.82 -24.67
N VAL C 269 31.94 -45.08 -23.56
CA VAL C 269 32.03 -46.39 -22.87
C VAL C 269 30.72 -47.09 -22.60
N ARG C 270 30.79 -48.40 -22.41
CA ARG C 270 29.65 -49.20 -22.14
C ARG C 270 29.90 -49.68 -20.70
N LEU C 271 28.94 -49.47 -19.82
CA LEU C 271 29.06 -49.80 -18.42
C LEU C 271 28.39 -51.08 -17.98
N GLU C 272 29.02 -51.75 -17.04
CA GLU C 272 28.51 -52.98 -16.49
C GLU C 272 27.35 -52.64 -15.58
N LYS C 273 27.55 -51.72 -14.65
CA LYS C 273 26.47 -51.28 -13.73
C LYS C 273 25.78 -50.08 -14.31
N ALA C 274 24.45 -50.10 -14.33
CA ALA C 274 23.66 -48.99 -14.83
C ALA C 274 23.90 -47.76 -13.99
N ALA C 275 24.00 -46.61 -14.64
CA ALA C 275 24.24 -45.39 -13.96
C ALA C 275 23.70 -44.23 -14.76
N THR C 276 22.87 -43.42 -14.12
CA THR C 276 22.36 -42.23 -14.71
C THR C 276 23.51 -41.24 -14.84
N TYR C 277 23.32 -40.22 -15.67
CA TYR C 277 24.39 -39.21 -15.87
C TYR C 277 24.62 -38.42 -14.56
N GLU C 278 23.57 -38.22 -13.77
CA GLU C 278 23.71 -37.49 -12.49
C GLU C 278 24.63 -38.32 -11.55
N GLN C 279 24.57 -39.66 -11.62
CA GLN C 279 25.45 -40.52 -10.80
C GLN C 279 26.91 -40.51 -11.22
N ILE C 280 27.12 -40.44 -12.53
CA ILE C 280 28.45 -40.35 -13.08
C ILE C 280 29.08 -39.03 -12.64
N LYS C 281 28.34 -37.96 -12.80
CA LYS C 281 28.81 -36.68 -12.33
C LYS C 281 29.26 -36.75 -10.85
N ALA C 282 28.43 -37.35 -9.99
CA ALA C 282 28.74 -37.43 -8.58
C ALA C 282 30.00 -38.24 -8.33
N ALA C 283 30.18 -39.31 -9.10
CA ALA C 283 31.36 -40.15 -8.94
C ALA C 283 32.65 -39.41 -9.23
N VAL C 284 32.64 -38.67 -10.35
CA VAL C 284 33.78 -37.91 -10.78
C VAL C 284 34.07 -36.77 -9.84
N LYS C 285 33.01 -36.08 -9.45
CA LYS C 285 33.16 -34.95 -8.55
C LYS C 285 33.72 -35.40 -7.23
N ALA C 286 33.33 -36.57 -6.79
CA ALA C 286 33.84 -37.12 -5.53
C ALA C 286 35.33 -37.38 -5.64
N ALA C 287 35.75 -37.98 -6.74
CA ALA C 287 37.15 -38.28 -6.96
C ALA C 287 37.98 -37.02 -7.08
N ALA C 288 37.41 -36.02 -7.72
CA ALA C 288 38.11 -34.77 -7.94
C ALA C 288 38.34 -34.03 -6.67
N GLU C 289 37.40 -34.18 -5.72
CA GLU C 289 37.48 -33.45 -4.43
C GLU C 289 38.18 -34.28 -3.41
N GLY C 290 38.32 -35.55 -3.71
CA GLY C 290 39.00 -36.46 -2.83
C GLY C 290 40.37 -37.01 -3.23
N GLU C 291 40.39 -38.32 -3.48
CA GLU C 291 41.60 -39.07 -3.76
C GLU C 291 42.42 -38.55 -4.94
N MET C 292 41.75 -38.07 -5.98
CA MET C 292 42.46 -37.58 -7.15
C MET C 292 42.48 -36.07 -7.26
N LYS C 293 42.48 -35.39 -6.13
CA LYS C 293 42.55 -33.96 -6.16
C LYS C 293 43.86 -33.52 -6.82
N GLY C 294 43.79 -32.47 -7.62
CA GLY C 294 44.98 -31.95 -8.32
C GLY C 294 45.30 -32.65 -9.64
N VAL C 295 44.71 -33.81 -9.84
CA VAL C 295 44.91 -34.58 -11.03
C VAL C 295 43.65 -34.48 -11.87
N LEU C 296 42.54 -34.96 -11.32
CA LEU C 296 41.23 -34.95 -11.99
C LEU C 296 40.39 -33.78 -11.50
N GLY C 297 39.95 -32.95 -12.43
CA GLY C 297 39.15 -31.78 -12.11
C GLY C 297 37.72 -32.02 -12.53
N TYR C 298 36.83 -31.14 -12.10
CA TYR C 298 35.41 -31.24 -12.47
C TYR C 298 34.81 -29.87 -12.67
N THR C 299 34.01 -29.70 -13.72
CA THR C 299 33.39 -28.40 -13.96
C THR C 299 32.01 -28.58 -14.55
N GLU C 300 31.14 -27.64 -14.25
CA GLU C 300 29.80 -27.63 -14.81
C GLU C 300 29.60 -26.32 -15.60
N ASP C 301 30.67 -25.57 -15.82
CA ASP C 301 30.59 -24.29 -16.51
C ASP C 301 30.68 -24.49 -18.00
N ASP C 302 30.29 -23.47 -18.75
CA ASP C 302 30.26 -23.47 -20.22
C ASP C 302 31.64 -23.14 -20.80
N VAL C 303 32.57 -24.03 -20.54
CA VAL C 303 33.96 -23.81 -20.93
C VAL C 303 34.31 -24.15 -22.36
N VAL C 304 35.41 -23.58 -22.83
CA VAL C 304 35.93 -23.84 -24.15
C VAL C 304 37.40 -24.08 -23.90
N SER C 305 38.08 -24.61 -24.89
CA SER C 305 39.47 -24.97 -24.73
C SER C 305 40.34 -23.96 -24.08
N THR C 306 40.26 -22.70 -24.51
CA THR C 306 41.19 -21.67 -23.93
C THR C 306 41.05 -21.52 -22.43
N ASP C 307 39.95 -21.97 -21.87
CA ASP C 307 39.76 -21.84 -20.44
C ASP C 307 40.65 -22.77 -19.72
N PHE C 308 41.28 -23.72 -20.42
CA PHE C 308 42.27 -24.63 -19.79
C PHE C 308 43.72 -24.36 -20.18
N ASN C 309 43.96 -23.25 -20.87
CA ASN C 309 45.31 -22.92 -21.19
C ASN C 309 45.96 -22.60 -19.83
N GLY C 310 46.97 -23.36 -19.44
CA GLY C 310 47.63 -23.14 -18.18
C GLY C 310 47.18 -24.08 -17.09
N GLU C 311 46.18 -24.90 -17.39
CA GLU C 311 45.64 -25.84 -16.43
C GLU C 311 46.62 -26.90 -15.98
N VAL C 312 46.73 -27.06 -14.67
CA VAL C 312 47.64 -28.05 -14.08
C VAL C 312 47.01 -29.44 -13.94
N CYS C 313 45.69 -29.54 -13.77
CA CYS C 313 45.08 -30.84 -13.65
C CYS C 313 45.28 -31.49 -15.00
N THR C 314 45.53 -32.80 -14.98
CA THR C 314 45.73 -33.53 -16.22
C THR C 314 44.46 -34.03 -16.88
N SER C 315 43.33 -33.84 -16.22
CA SER C 315 42.04 -34.26 -16.77
C SER C 315 40.93 -33.48 -16.07
N VAL C 316 40.16 -32.69 -16.82
CA VAL C 316 39.11 -31.93 -16.25
C VAL C 316 37.78 -32.30 -16.90
N PHE C 317 36.96 -33.00 -16.15
CA PHE C 317 35.67 -33.48 -16.62
C PHE C 317 34.74 -32.32 -16.89
N ASP C 318 34.10 -32.36 -18.03
CA ASP C 318 33.17 -31.34 -18.48
C ASP C 318 31.80 -31.97 -18.40
N ALA C 319 31.10 -31.69 -17.33
CA ALA C 319 29.80 -32.30 -17.13
C ALA C 319 28.79 -32.01 -18.21
N LYS C 320 28.60 -30.73 -18.52
CA LYS C 320 27.60 -30.37 -19.52
C LYS C 320 27.85 -30.85 -20.95
N ALA C 321 29.10 -31.04 -21.32
CA ALA C 321 29.46 -31.45 -22.67
C ALA C 321 29.16 -32.91 -22.97
N GLY C 322 29.23 -33.75 -21.98
CA GLY C 322 28.98 -35.17 -22.17
C GLY C 322 27.50 -35.45 -22.40
N ILE C 323 27.22 -36.61 -22.98
CA ILE C 323 25.85 -37.02 -23.27
C ILE C 323 25.69 -38.52 -23.08
N ALA C 324 24.51 -38.92 -22.62
CA ALA C 324 24.25 -40.32 -22.33
C ALA C 324 23.13 -40.84 -23.19
N LEU C 325 23.35 -41.94 -23.91
CA LEU C 325 22.26 -42.53 -24.68
C LEU C 325 21.32 -43.25 -23.70
N ASN C 326 21.90 -43.98 -22.75
CA ASN C 326 21.15 -44.70 -21.73
C ASN C 326 22.01 -44.96 -20.49
N ASP C 327 21.45 -45.61 -19.49
CA ASP C 327 22.18 -45.90 -18.26
C ASP C 327 23.43 -46.76 -18.44
N ASN C 328 23.65 -47.31 -19.63
CA ASN C 328 24.82 -48.17 -19.83
C ASN C 328 25.70 -47.85 -21.04
N PHE C 329 25.45 -46.72 -21.69
CA PHE C 329 26.22 -46.33 -22.87
C PHE C 329 26.30 -44.82 -22.81
N VAL C 330 27.49 -44.34 -22.54
CA VAL C 330 27.73 -42.94 -22.34
C VAL C 330 28.97 -42.37 -23.08
N LYS C 331 28.93 -41.08 -23.36
CA LYS C 331 30.03 -40.36 -23.97
C LYS C 331 30.47 -39.30 -22.92
N LEU C 332 31.71 -39.40 -22.47
CA LEU C 332 32.25 -38.51 -21.44
C LEU C 332 33.32 -37.65 -22.03
N VAL C 333 33.38 -36.41 -21.58
CA VAL C 333 34.33 -35.45 -22.12
C VAL C 333 35.23 -34.91 -21.06
N SER C 334 36.54 -34.88 -21.35
CA SER C 334 37.51 -34.34 -20.38
C SER C 334 38.63 -33.56 -21.09
N TRP C 335 38.91 -32.38 -20.57
CA TRP C 335 39.88 -31.47 -21.13
C TRP C 335 41.26 -31.63 -20.55
N TYR C 336 42.27 -31.21 -21.31
CA TYR C 336 43.63 -31.23 -20.85
C TYR C 336 44.58 -30.29 -21.57
N ASP C 337 45.42 -29.61 -20.80
CA ASP C 337 46.41 -28.70 -21.40
C ASP C 337 47.57 -29.64 -21.67
N ASN C 338 47.72 -29.99 -22.94
CA ASN C 338 48.74 -30.94 -23.31
C ASN C 338 50.19 -30.54 -23.03
N GLU C 339 50.44 -29.28 -22.75
CA GLU C 339 51.78 -28.87 -22.42
C GLU C 339 51.93 -28.73 -20.91
N THR C 340 51.05 -27.94 -20.31
CA THR C 340 51.13 -27.67 -18.87
C THR C 340 50.82 -28.82 -17.93
N GLY C 341 49.72 -29.52 -18.13
CA GLY C 341 49.39 -30.63 -17.23
C GLY C 341 50.50 -31.67 -17.20
N TYR C 342 50.83 -32.19 -18.35
CA TYR C 342 51.83 -33.22 -18.48
C TYR C 342 53.14 -32.73 -17.88
N SER C 343 53.56 -31.52 -18.25
CA SER C 343 54.81 -31.01 -17.69
C SER C 343 54.81 -31.07 -16.19
N ASN C 344 53.74 -30.63 -15.54
CA ASN C 344 53.71 -30.66 -14.09
C ASN C 344 53.78 -32.09 -13.55
N LYS C 345 53.12 -33.04 -14.21
CA LYS C 345 53.16 -34.40 -13.75
C LYS C 345 54.55 -35.01 -13.96
N VAL C 346 55.32 -34.51 -14.92
CA VAL C 346 56.67 -35.02 -15.11
C VAL C 346 57.39 -34.69 -13.83
N LEU C 347 57.22 -33.48 -13.34
CA LEU C 347 57.89 -33.08 -12.10
C LEU C 347 57.34 -33.89 -10.92
N ASP C 348 56.04 -34.16 -10.91
CA ASP C 348 55.46 -34.97 -9.84
C ASP C 348 56.15 -36.34 -9.84
N LEU C 349 56.37 -36.89 -11.02
CA LEU C 349 56.99 -38.19 -11.13
C LEU C 349 58.45 -38.17 -10.69
N ILE C 350 59.15 -37.12 -11.05
CA ILE C 350 60.55 -36.97 -10.66
C ILE C 350 60.65 -36.97 -9.16
N ALA C 351 59.76 -36.21 -8.53
CA ALA C 351 59.74 -36.11 -7.07
C ALA C 351 59.40 -37.46 -6.45
N HIS C 352 58.48 -38.19 -7.10
CA HIS C 352 58.03 -39.48 -6.58
C HIS C 352 59.11 -40.54 -6.59
N ILE C 353 59.84 -40.65 -7.70
CA ILE C 353 60.89 -41.66 -7.80
C ILE C 353 62.13 -41.28 -7.00
N SER C 354 62.15 -40.08 -6.44
CA SER C 354 63.29 -39.60 -5.66
C SER C 354 63.07 -39.76 -4.17
N LYS C 355 61.91 -40.25 -3.75
CA LYS C 355 61.68 -40.54 -2.35
C LYS C 355 62.63 -41.67 -1.92
N MET D 25 58.83 -28.99 -81.02
CA MET D 25 58.57 -30.01 -79.96
C MET D 25 58.57 -29.43 -78.49
N THR D 26 58.34 -30.30 -77.52
CA THR D 26 58.31 -29.87 -76.14
C THR D 26 59.70 -29.77 -75.49
N ILE D 27 59.81 -28.89 -74.50
CA ILE D 27 61.04 -28.73 -73.73
C ILE D 27 61.01 -29.72 -72.56
N LYS D 28 61.99 -30.60 -72.48
CA LYS D 28 62.02 -31.59 -71.40
C LYS D 28 62.57 -30.95 -70.15
N VAL D 29 61.81 -31.06 -69.06
CA VAL D 29 62.21 -30.47 -67.79
C VAL D 29 62.34 -31.47 -66.67
N GLY D 30 63.32 -31.22 -65.82
CA GLY D 30 63.56 -32.06 -64.67
C GLY D 30 63.37 -31.16 -63.46
N ILE D 31 62.65 -31.64 -62.45
CA ILE D 31 62.45 -30.88 -61.25
C ILE D 31 63.29 -31.43 -60.09
N ASN D 32 64.08 -30.58 -59.45
CA ASN D 32 64.88 -31.04 -58.33
C ASN D 32 64.28 -30.35 -57.15
N GLY D 33 63.65 -31.12 -56.29
CA GLY D 33 62.98 -30.58 -55.11
C GLY D 33 61.49 -30.58 -55.37
N PHE D 34 60.77 -31.51 -54.75
CA PHE D 34 59.31 -31.59 -54.97
C PHE D 34 58.52 -31.00 -53.80
N GLY D 35 58.94 -29.80 -53.38
CA GLY D 35 58.27 -29.06 -52.30
C GLY D 35 57.10 -28.26 -52.87
N ARG D 36 56.72 -27.17 -52.20
CA ARG D 36 55.58 -26.36 -52.65
C ARG D 36 55.78 -25.87 -54.09
N ILE D 37 56.89 -25.22 -54.36
CA ILE D 37 57.14 -24.73 -55.70
C ILE D 37 57.27 -25.86 -56.68
N GLY D 38 58.08 -26.87 -56.36
CA GLY D 38 58.24 -28.00 -57.27
C GLY D 38 56.92 -28.61 -57.70
N ARG D 39 56.03 -28.80 -56.74
CA ARG D 39 54.73 -29.37 -57.03
C ARG D 39 53.78 -28.47 -57.80
N ILE D 40 53.83 -27.17 -57.55
CA ILE D 40 52.94 -26.25 -58.27
C ILE D 40 53.49 -26.07 -59.69
N VAL D 41 54.79 -26.06 -59.83
CA VAL D 41 55.39 -25.97 -61.13
C VAL D 41 54.94 -27.20 -61.90
N PHE D 42 54.95 -28.34 -61.23
CA PHE D 42 54.56 -29.56 -61.88
C PHE D 42 53.15 -29.48 -62.41
N ARG D 43 52.24 -28.97 -61.59
CA ARG D 43 50.84 -28.86 -62.00
C ARG D 43 50.62 -27.88 -63.14
N ALA D 44 51.31 -26.76 -63.08
CA ALA D 44 51.20 -25.75 -64.10
C ALA D 44 51.72 -26.26 -65.46
N ALA D 45 52.72 -27.13 -65.40
CA ALA D 45 53.34 -27.71 -66.60
C ALA D 45 52.40 -28.62 -67.34
N GLN D 46 51.45 -29.17 -66.62
CA GLN D 46 50.48 -30.07 -67.16
C GLN D 46 49.48 -29.32 -68.14
N LYS D 47 49.29 -28.03 -67.90
CA LYS D 47 48.42 -27.16 -68.72
C LYS D 47 49.13 -26.47 -69.89
N ARG D 48 50.44 -26.68 -70.02
CA ARG D 48 51.21 -26.13 -71.13
C ARG D 48 51.68 -27.25 -72.05
N SER D 49 51.55 -27.05 -73.36
CA SER D 49 51.96 -28.06 -74.31
C SER D 49 53.42 -27.91 -74.71
N ASP D 50 54.02 -26.76 -74.42
CA ASP D 50 55.43 -26.53 -74.78
C ASP D 50 56.42 -27.06 -73.76
N ILE D 51 55.93 -27.52 -72.62
CA ILE D 51 56.80 -28.03 -71.55
C ILE D 51 56.30 -29.33 -70.95
N GLU D 52 57.24 -30.24 -70.72
CA GLU D 52 56.92 -31.56 -70.19
C GLU D 52 57.90 -31.95 -69.10
N ILE D 53 57.34 -32.29 -67.97
CA ILE D 53 58.15 -32.72 -66.88
C ILE D 53 58.40 -34.18 -67.16
N VAL D 54 59.67 -34.58 -67.22
CA VAL D 54 60.01 -35.99 -67.49
C VAL D 54 60.76 -36.68 -66.33
N ALA D 55 61.12 -35.90 -65.31
CA ALA D 55 61.82 -36.45 -64.16
C ALA D 55 61.71 -35.54 -62.95
N ILE D 56 61.73 -36.16 -61.77
CA ILE D 56 61.64 -35.48 -60.50
C ILE D 56 62.62 -36.10 -59.50
N ASN D 57 63.32 -35.28 -58.76
CA ASN D 57 64.25 -35.79 -57.79
C ASN D 57 63.97 -35.17 -56.44
N ASP D 58 63.89 -36.02 -55.42
CA ASP D 58 63.69 -35.56 -54.08
C ASP D 58 63.87 -36.78 -53.18
N LEU D 59 64.15 -36.56 -51.90
CA LEU D 59 64.30 -37.63 -50.93
C LEU D 59 62.94 -38.24 -50.53
N LEU D 60 62.16 -38.72 -51.49
CA LEU D 60 60.85 -39.27 -51.19
C LEU D 60 60.53 -40.45 -52.07
N ASP D 61 59.86 -41.45 -51.51
CA ASP D 61 59.45 -42.61 -52.27
C ASP D 61 58.43 -42.16 -53.30
N ALA D 62 58.32 -42.87 -54.41
CA ALA D 62 57.40 -42.49 -55.46
C ALA D 62 55.97 -42.49 -54.98
N ASP D 63 55.60 -43.45 -54.12
CA ASP D 63 54.21 -43.53 -53.65
C ASP D 63 53.84 -42.30 -52.84
N TYR D 64 54.83 -41.73 -52.16
CA TYR D 64 54.59 -40.55 -51.36
C TYR D 64 54.57 -39.31 -52.26
N MET D 65 55.36 -39.27 -53.32
CA MET D 65 55.31 -38.11 -54.23
C MET D 65 53.94 -38.11 -54.88
N ALA D 66 53.48 -39.29 -55.23
CA ALA D 66 52.16 -39.40 -55.82
C ALA D 66 51.11 -38.77 -54.90
N TYR D 67 51.20 -39.07 -53.61
CA TYR D 67 50.25 -38.55 -52.63
C TYR D 67 50.35 -37.04 -52.55
N MET D 68 51.57 -36.50 -52.49
CA MET D 68 51.77 -35.05 -52.38
C MET D 68 51.21 -34.34 -53.61
N LEU D 69 51.13 -35.08 -54.69
CA LEU D 69 50.67 -34.53 -55.95
C LEU D 69 49.17 -34.64 -56.07
N LYS D 70 48.61 -35.82 -55.75
CA LYS D 70 47.17 -36.04 -55.85
C LYS D 70 46.39 -35.05 -54.98
N TYR D 71 46.80 -34.89 -53.72
CA TYR D 71 46.08 -34.04 -52.77
C TYR D 71 46.88 -32.81 -52.30
N ASP D 72 46.22 -31.65 -52.31
CA ASP D 72 46.84 -30.39 -51.89
C ASP D 72 45.83 -29.57 -51.12
N SER D 73 46.19 -29.20 -49.90
CA SER D 73 45.28 -28.48 -49.01
C SER D 73 44.89 -27.12 -49.55
N THR D 74 45.78 -26.49 -50.26
CA THR D 74 45.53 -25.18 -50.78
C THR D 74 44.89 -25.17 -52.15
N HIS D 75 45.38 -26.01 -53.05
CA HIS D 75 44.91 -26.02 -54.44
C HIS D 75 44.01 -27.18 -54.89
N GLY D 76 43.50 -27.94 -53.95
CA GLY D 76 42.65 -29.02 -54.27
C GLY D 76 43.33 -30.20 -54.93
N ARG D 77 42.50 -31.13 -55.40
CA ARG D 77 42.98 -32.36 -55.99
C ARG D 77 43.54 -32.15 -57.36
N PHE D 78 44.53 -32.95 -57.68
CA PHE D 78 45.18 -32.88 -58.94
C PHE D 78 44.19 -33.23 -60.02
N ASP D 79 44.13 -32.40 -61.06
CA ASP D 79 43.24 -32.64 -62.18
C ASP D 79 43.88 -33.62 -63.16
N GLY D 80 43.81 -34.91 -62.87
CA GLY D 80 44.43 -35.91 -63.71
C GLY D 80 44.68 -37.21 -62.98
N THR D 81 45.22 -38.18 -63.68
CA THR D 81 45.48 -39.49 -63.10
C THR D 81 46.95 -39.64 -62.74
N VAL D 82 47.19 -40.30 -61.61
CA VAL D 82 48.53 -40.53 -61.12
C VAL D 82 48.61 -41.91 -60.47
N GLU D 83 49.51 -42.75 -60.97
CA GLU D 83 49.71 -44.08 -60.42
C GLU D 83 51.22 -44.34 -60.31
N VAL D 84 51.60 -45.32 -59.49
CA VAL D 84 53.00 -45.70 -59.29
C VAL D 84 53.30 -47.05 -59.90
N LYS D 85 54.40 -47.15 -60.60
CA LYS D 85 54.76 -48.39 -61.24
C LYS D 85 56.28 -48.55 -61.27
N ASP D 86 56.79 -49.63 -60.70
CA ASP D 86 58.25 -49.94 -60.68
C ASP D 86 59.04 -48.83 -60.01
N GLY D 87 58.52 -48.27 -58.92
CA GLY D 87 59.23 -47.18 -58.24
C GLY D 87 59.24 -45.85 -58.98
N HIS D 88 58.54 -45.80 -60.11
CA HIS D 88 58.43 -44.58 -60.90
C HIS D 88 56.96 -44.11 -60.94
N LEU D 89 56.76 -42.92 -61.46
CA LEU D 89 55.46 -42.32 -61.45
C LEU D 89 54.86 -42.25 -62.82
N ILE D 90 53.55 -42.46 -62.90
CA ILE D 90 52.84 -42.38 -64.19
C ILE D 90 51.70 -41.40 -64.07
N VAL D 91 51.88 -40.24 -64.67
CA VAL D 91 50.92 -39.17 -64.61
C VAL D 91 50.30 -38.92 -65.95
N ASN D 92 48.98 -39.14 -66.04
CA ASN D 92 48.25 -38.93 -67.32
C ASN D 92 48.89 -39.76 -68.41
N GLY D 93 49.20 -41.01 -68.08
CA GLY D 93 49.85 -41.94 -69.00
C GLY D 93 51.28 -41.66 -69.46
N LYS D 94 52.02 -40.83 -68.73
CA LYS D 94 53.41 -40.49 -69.10
C LYS D 94 54.34 -40.92 -67.98
N LYS D 95 55.47 -41.52 -68.31
CA LYS D 95 56.36 -41.88 -67.28
C LYS D 95 57.23 -40.70 -66.79
N ILE D 96 57.36 -40.58 -65.47
CA ILE D 96 58.15 -39.53 -64.87
C ILE D 96 59.18 -40.28 -64.05
N ARG D 97 60.45 -40.05 -64.33
CA ARG D 97 61.50 -40.75 -63.61
C ARG D 97 61.64 -40.13 -62.24
N VAL D 98 61.56 -40.98 -61.22
CA VAL D 98 61.69 -40.58 -59.82
C VAL D 98 63.02 -41.07 -59.29
N THR D 99 63.79 -40.14 -58.71
CA THR D 99 65.09 -40.44 -58.15
C THR D 99 65.14 -39.86 -56.77
N ALA D 100 66.11 -40.30 -56.00
CA ALA D 100 66.30 -39.81 -54.63
C ALA D 100 67.77 -39.51 -54.30
N GLU D 101 68.47 -38.88 -55.25
CA GLU D 101 69.87 -38.50 -55.11
C GLU D 101 70.04 -37.25 -54.26
N ARG D 102 70.98 -37.30 -53.32
CA ARG D 102 71.24 -36.19 -52.43
C ARG D 102 72.21 -35.23 -53.13
N ASP D 103 73.16 -35.80 -53.87
CA ASP D 103 74.16 -35.04 -54.62
C ASP D 103 73.76 -34.97 -56.10
N PRO D 104 73.41 -33.76 -56.59
CA PRO D 104 72.98 -33.52 -57.96
C PRO D 104 73.90 -34.02 -59.08
N ALA D 105 75.18 -34.22 -58.82
CA ALA D 105 76.06 -34.70 -59.87
C ALA D 105 75.67 -36.13 -60.33
N ASN D 106 74.94 -36.85 -59.48
CA ASN D 106 74.52 -38.22 -59.77
C ASN D 106 73.16 -38.36 -60.43
N LEU D 107 72.52 -37.24 -60.77
CA LEU D 107 71.17 -37.27 -61.33
C LEU D 107 71.03 -37.85 -62.73
N LYS D 108 72.11 -37.85 -63.48
CA LYS D 108 72.05 -38.41 -64.82
C LYS D 108 70.86 -37.88 -65.59
N TRP D 109 70.72 -36.56 -65.68
CA TRP D 109 69.59 -35.96 -66.42
C TRP D 109 69.56 -36.30 -67.92
N ASP D 110 70.72 -36.42 -68.54
CA ASP D 110 70.80 -36.77 -69.94
C ASP D 110 70.15 -38.13 -70.29
N GLU D 111 70.06 -39.04 -69.33
CA GLU D 111 69.44 -40.35 -69.56
C GLU D 111 67.96 -40.26 -69.84
N VAL D 112 67.31 -39.21 -69.35
CA VAL D 112 65.90 -39.05 -69.59
C VAL D 112 65.70 -37.78 -70.47
N GLY D 113 66.77 -37.36 -71.14
CA GLY D 113 66.76 -36.24 -72.08
C GLY D 113 66.33 -34.87 -71.58
N VAL D 114 66.72 -34.51 -70.37
CA VAL D 114 66.33 -33.24 -69.79
C VAL D 114 67.07 -32.06 -70.35
N ASP D 115 66.32 -31.07 -70.82
CA ASP D 115 66.88 -29.85 -71.38
C ASP D 115 67.20 -28.87 -70.27
N VAL D 116 66.20 -28.60 -69.43
CA VAL D 116 66.32 -27.65 -68.37
C VAL D 116 65.89 -28.20 -67.02
N VAL D 117 66.58 -27.78 -65.96
CA VAL D 117 66.28 -28.23 -64.63
C VAL D 117 65.75 -27.09 -63.80
N ALA D 118 64.62 -27.34 -63.14
CA ALA D 118 64.03 -26.36 -62.23
C ALA D 118 64.61 -26.72 -60.87
N GLU D 119 65.59 -25.94 -60.41
CA GLU D 119 66.23 -26.16 -59.12
C GLU D 119 65.36 -25.57 -58.02
N ALA D 120 64.61 -26.43 -57.33
CA ALA D 120 63.65 -25.98 -56.33
C ALA D 120 63.79 -26.53 -54.94
N THR D 121 65.02 -26.84 -54.55
CA THR D 121 65.26 -27.35 -53.20
C THR D 121 65.59 -26.24 -52.23
N GLY D 122 65.96 -25.08 -52.75
CA GLY D 122 66.33 -23.92 -51.94
C GLY D 122 67.74 -24.00 -51.43
N LEU D 123 68.44 -25.08 -51.76
CA LEU D 123 69.79 -25.30 -51.29
C LEU D 123 70.90 -25.04 -52.29
N PHE D 124 70.59 -25.00 -53.57
CA PHE D 124 71.64 -24.82 -54.57
C PHE D 124 71.44 -23.53 -55.34
N LEU D 125 71.71 -22.42 -54.66
CA LEU D 125 71.50 -21.10 -55.24
C LEU D 125 72.77 -20.34 -55.61
N THR D 126 73.83 -21.07 -55.91
CA THR D 126 75.11 -20.46 -56.33
C THR D 126 75.48 -21.14 -57.62
N ASP D 127 76.39 -20.55 -58.37
CA ASP D 127 76.76 -21.14 -59.65
C ASP D 127 77.36 -22.51 -59.50
N GLU D 128 78.29 -22.70 -58.55
CA GLU D 128 78.93 -24.02 -58.43
C GLU D 128 77.94 -25.11 -58.01
N THR D 129 77.03 -24.80 -57.10
CA THR D 129 76.06 -25.82 -56.68
C THR D 129 75.05 -26.17 -57.76
N ALA D 130 74.59 -25.17 -58.50
CA ALA D 130 73.61 -25.43 -59.57
C ALA D 130 74.26 -26.03 -60.79
N ARG D 131 75.53 -25.68 -61.01
CA ARG D 131 76.33 -26.15 -62.14
C ARG D 131 76.33 -27.67 -62.18
N LYS D 132 76.14 -28.29 -61.01
CA LYS D 132 76.16 -29.75 -60.94
C LYS D 132 75.14 -30.40 -61.86
N HIS D 133 74.01 -29.75 -62.07
CA HIS D 133 72.98 -30.33 -62.93
C HIS D 133 73.48 -30.39 -64.36
N ILE D 134 74.29 -29.40 -64.74
CA ILE D 134 74.85 -29.36 -66.09
C ILE D 134 75.91 -30.45 -66.21
N THR D 135 76.71 -30.62 -65.16
CA THR D 135 77.71 -31.67 -65.11
C THR D 135 76.99 -33.03 -65.26
N ALA D 136 75.78 -33.12 -64.73
CA ALA D 136 74.97 -34.33 -64.76
C ALA D 136 74.13 -34.50 -66.03
N GLY D 137 74.33 -33.66 -67.05
CA GLY D 137 73.62 -33.83 -68.33
C GLY D 137 72.59 -32.81 -68.76
N ALA D 138 72.18 -31.94 -67.86
CA ALA D 138 71.18 -30.96 -68.21
C ALA D 138 71.88 -29.86 -68.95
N LYS D 139 71.16 -29.19 -69.82
CA LYS D 139 71.76 -28.11 -70.60
C LYS D 139 71.69 -26.78 -69.83
N LYS D 140 70.56 -26.51 -69.18
CA LYS D 140 70.39 -25.24 -68.44
C LYS D 140 69.67 -25.44 -67.15
N VAL D 141 69.77 -24.43 -66.29
CA VAL D 141 69.16 -24.45 -64.96
C VAL D 141 68.49 -23.17 -64.57
N VAL D 142 67.29 -23.29 -64.02
CA VAL D 142 66.53 -22.16 -63.51
C VAL D 142 66.32 -22.32 -62.00
N MET D 143 66.95 -21.45 -61.23
CA MET D 143 66.84 -21.49 -59.77
C MET D 143 65.48 -20.91 -59.43
N THR D 144 64.70 -21.60 -58.61
CA THR D 144 63.38 -21.08 -58.24
C THR D 144 63.49 -20.27 -56.98
N GLY D 145 64.53 -19.45 -56.90
CA GLY D 145 64.73 -18.57 -55.75
C GLY D 145 65.81 -17.56 -56.10
N PRO D 146 65.95 -16.49 -55.30
CA PRO D 146 67.00 -15.52 -55.61
C PRO D 146 68.38 -16.13 -55.39
N SER D 147 69.31 -15.77 -56.24
CA SER D 147 70.64 -16.34 -56.18
C SER D 147 71.48 -15.72 -55.08
N LYS D 148 72.25 -16.56 -54.39
CA LYS D 148 73.10 -16.10 -53.30
C LYS D 148 74.41 -15.53 -53.82
N ASP D 149 74.75 -15.85 -55.06
CA ASP D 149 75.96 -15.32 -55.67
C ASP D 149 75.46 -14.32 -56.71
N ASN D 150 76.23 -14.10 -57.77
N ASN D 150 76.23 -14.12 -57.79
CA ASN D 150 75.81 -13.14 -58.79
CA ASN D 150 75.87 -13.18 -58.83
C ASN D 150 75.17 -13.76 -60.01
C ASN D 150 75.19 -13.77 -60.02
N THR D 151 74.60 -14.96 -59.85
CA THR D 151 73.87 -15.59 -60.92
C THR D 151 72.77 -14.58 -61.27
N PRO D 152 72.63 -14.26 -62.54
CA PRO D 152 71.65 -13.28 -62.96
C PRO D 152 70.21 -13.66 -62.69
N MET D 153 69.43 -12.70 -62.24
CA MET D 153 68.01 -12.90 -62.01
C MET D 153 67.13 -12.30 -63.11
N PHE D 154 66.04 -12.97 -63.44
CA PHE D 154 65.10 -12.47 -64.44
C PHE D 154 63.68 -12.52 -63.91
N VAL D 155 62.94 -11.45 -64.16
CA VAL D 155 61.55 -11.32 -63.72
C VAL D 155 60.69 -10.90 -64.87
N LYS D 156 59.70 -11.73 -65.20
CA LYS D 156 58.84 -11.42 -66.34
C LYS D 156 58.10 -10.12 -66.06
N GLY D 157 58.11 -9.25 -67.06
CA GLY D 157 57.49 -7.94 -66.99
C GLY D 157 58.54 -6.90 -66.71
N ALA D 158 59.72 -7.35 -66.29
CA ALA D 158 60.79 -6.43 -65.93
C ALA D 158 62.02 -6.52 -66.81
N ASN D 159 62.60 -7.73 -66.92
CA ASN D 159 63.81 -7.85 -67.72
C ASN D 159 64.04 -9.15 -68.48
N PHE D 160 63.01 -9.85 -68.93
CA PHE D 160 63.24 -11.09 -69.71
C PHE D 160 64.06 -10.79 -70.94
N ASP D 161 63.80 -9.64 -71.56
CA ASP D 161 64.55 -9.20 -72.78
C ASP D 161 66.06 -9.14 -72.56
N LYS D 162 66.51 -8.89 -71.32
CA LYS D 162 67.93 -8.87 -70.97
C LYS D 162 68.64 -10.25 -70.97
N TYR D 163 67.88 -11.34 -70.99
CA TYR D 163 68.51 -12.65 -71.02
C TYR D 163 69.48 -12.67 -72.20
N ALA D 164 70.70 -13.18 -71.95
CA ALA D 164 71.76 -13.22 -72.94
C ALA D 164 72.41 -14.59 -73.12
N GLY D 165 71.61 -15.65 -73.15
CA GLY D 165 72.14 -17.01 -73.36
C GLY D 165 72.80 -17.71 -72.19
N GLN D 166 72.78 -17.12 -70.97
CA GLN D 166 73.39 -17.77 -69.80
C GLN D 166 72.76 -19.14 -69.59
N ASP D 167 73.53 -20.07 -69.05
CA ASP D 167 73.04 -21.43 -68.84
C ASP D 167 72.47 -21.66 -67.48
N ILE D 168 72.75 -20.72 -66.56
CA ILE D 168 72.23 -20.78 -65.18
C ILE D 168 71.64 -19.43 -64.81
N VAL D 169 70.36 -19.44 -64.43
CA VAL D 169 69.62 -18.21 -64.09
C VAL D 169 68.74 -18.40 -62.91
N SER D 170 68.23 -17.28 -62.40
CA SER D 170 67.32 -17.27 -61.26
C SER D 170 66.05 -16.52 -61.60
N ASN D 171 64.89 -17.01 -61.14
CA ASN D 171 63.61 -16.34 -61.39
C ASN D 171 63.28 -15.42 -60.22
N ALA D 172 64.31 -15.03 -59.46
CA ALA D 172 64.17 -14.16 -58.29
C ALA D 172 63.25 -14.75 -57.26
N SER D 173 62.58 -13.90 -56.49
CA SER D 173 61.62 -14.35 -55.48
C SER D 173 60.16 -14.00 -55.85
N CYS D 174 59.22 -14.62 -55.15
CA CYS D 174 57.81 -14.37 -55.38
C CYS D 174 57.51 -12.90 -55.18
N THR D 175 58.04 -12.31 -54.12
CA THR D 175 57.81 -10.91 -53.82
C THR D 175 58.41 -10.01 -54.89
N THR D 176 59.59 -10.34 -55.37
CA THR D 176 60.20 -9.50 -56.37
C THR D 176 59.36 -9.55 -57.62
N ASN D 177 58.79 -10.72 -57.92
CA ASN D 177 57.95 -10.82 -59.09
C ASN D 177 56.68 -9.97 -58.97
N CYS D 178 56.27 -9.63 -57.76
CA CYS D 178 55.08 -8.83 -57.59
C CYS D 178 55.43 -7.38 -57.70
N LEU D 179 56.51 -7.03 -57.04
CA LEU D 179 56.97 -5.67 -56.97
C LEU D 179 57.60 -5.09 -58.23
N ALA D 180 58.45 -5.84 -58.90
CA ALA D 180 59.17 -5.30 -60.05
C ALA D 180 58.27 -4.78 -61.15
N PRO D 181 57.29 -5.58 -61.58
CA PRO D 181 56.42 -5.08 -62.63
C PRO D 181 55.68 -3.80 -62.27
N LEU D 182 55.17 -3.73 -61.06
CA LEU D 182 54.44 -2.56 -60.62
C LEU D 182 55.37 -1.36 -60.58
N ALA D 183 56.54 -1.55 -59.99
CA ALA D 183 57.53 -0.46 -59.87
C ALA D 183 57.97 0.05 -61.21
N LYS D 184 58.20 -0.87 -62.14
CA LYS D 184 58.58 -0.49 -63.48
C LYS D 184 57.56 0.46 -64.10
N VAL D 185 56.27 0.12 -63.99
CA VAL D 185 55.20 0.94 -64.54
C VAL D 185 55.16 2.30 -63.86
N ILE D 186 55.12 2.30 -62.54
CA ILE D 186 55.10 3.55 -61.81
C ILE D 186 56.31 4.41 -62.15
N ASN D 187 57.48 3.79 -62.20
CA ASN D 187 58.69 4.54 -62.46
C ASN D 187 58.72 5.09 -63.87
N ASP D 188 58.42 4.25 -64.85
CA ASP D 188 58.39 4.69 -66.25
C ASP D 188 57.46 5.86 -66.47
N ASN D 189 56.33 5.86 -65.82
CA ASN D 189 55.36 6.92 -65.97
C ASN D 189 55.53 8.13 -65.07
N PHE D 190 55.97 7.95 -63.83
CA PHE D 190 56.04 9.09 -62.92
C PHE D 190 57.37 9.29 -62.23
N GLY D 191 58.25 8.30 -62.32
CA GLY D 191 59.56 8.39 -61.71
C GLY D 191 59.56 8.21 -60.23
N ILE D 192 60.16 7.10 -59.80
CA ILE D 192 60.24 6.81 -58.37
C ILE D 192 61.51 7.43 -57.79
N ILE D 193 61.35 8.39 -56.90
CA ILE D 193 62.49 9.01 -56.26
C ILE D 193 63.05 8.05 -55.22
N GLU D 194 62.15 7.54 -54.39
CA GLU D 194 62.48 6.62 -53.33
C GLU D 194 61.22 5.91 -52.90
N GLY D 195 61.36 4.70 -52.40
CA GLY D 195 60.20 3.96 -51.92
C GLY D 195 60.56 2.92 -50.90
N LEU D 196 59.62 2.68 -50.00
CA LEU D 196 59.75 1.66 -48.97
C LEU D 196 58.56 0.74 -49.15
N MET D 197 58.78 -0.57 -49.06
CA MET D 197 57.67 -1.47 -49.23
C MET D 197 57.56 -2.48 -48.09
N THR D 198 56.36 -3.00 -47.92
CA THR D 198 56.05 -3.95 -46.89
C THR D 198 55.23 -5.01 -47.52
N THR D 199 55.49 -6.24 -47.18
CA THR D 199 54.70 -7.30 -47.71
C THR D 199 54.09 -8.06 -46.56
N VAL D 200 52.76 -8.18 -46.55
CA VAL D 200 52.04 -8.96 -45.55
C VAL D 200 52.01 -10.29 -46.29
N HIS D 201 52.74 -11.25 -45.75
CA HIS D 201 52.99 -12.51 -46.42
C HIS D 201 52.41 -13.72 -45.72
N ALA D 202 51.94 -14.66 -46.51
CA ALA D 202 51.40 -15.87 -45.98
C ALA D 202 52.47 -16.73 -45.35
N THR D 203 52.02 -17.66 -44.53
CA THR D 203 52.90 -18.58 -43.90
C THR D 203 53.55 -19.51 -44.93
N THR D 204 54.80 -19.92 -44.68
CA THR D 204 55.50 -20.85 -45.57
C THR D 204 56.12 -22.00 -44.84
N ALA D 205 56.67 -22.91 -45.62
CA ALA D 205 57.26 -24.12 -45.07
C ALA D 205 58.41 -23.92 -44.11
N THR D 206 59.10 -22.79 -44.18
CA THR D 206 60.22 -22.55 -43.28
C THR D 206 59.76 -22.18 -41.87
N GLN D 207 58.45 -21.94 -41.67
CA GLN D 207 57.94 -21.59 -40.34
C GLN D 207 57.54 -22.82 -39.52
N LYS D 208 57.17 -22.59 -38.26
CA LYS D 208 56.80 -23.67 -37.34
C LYS D 208 55.36 -23.60 -36.82
N THR D 209 54.78 -24.76 -36.54
CA THR D 209 53.43 -24.86 -36.03
C THR D 209 53.32 -24.32 -34.63
N VAL D 210 54.36 -24.49 -33.84
CA VAL D 210 54.37 -23.95 -32.47
C VAL D 210 55.76 -23.47 -32.22
N ASP D 211 55.93 -22.58 -31.23
CA ASP D 211 57.29 -22.04 -30.95
C ASP D 211 58.35 -23.12 -31.00
N GLY D 212 59.19 -23.05 -32.01
CA GLY D 212 60.26 -24.00 -32.24
C GLY D 212 61.54 -23.28 -32.63
N PRO D 213 62.59 -24.07 -32.93
CA PRO D 213 63.92 -23.53 -33.25
C PRO D 213 64.14 -23.09 -34.68
N SER D 214 64.76 -21.93 -34.84
CA SER D 214 65.10 -21.32 -36.11
C SER D 214 66.33 -20.48 -35.72
N HIS D 215 67.49 -21.13 -35.64
N HIS D 215 67.50 -21.14 -35.65
CA HIS D 215 68.75 -20.51 -35.20
CA HIS D 215 68.77 -20.50 -35.19
C HIS D 215 69.17 -19.26 -36.00
C HIS D 215 69.20 -19.27 -36.00
N LYS D 216 68.90 -19.26 -37.31
CA LYS D 216 69.27 -18.11 -38.16
C LYS D 216 68.19 -17.01 -38.19
N ASP D 217 66.96 -17.33 -37.77
CA ASP D 217 65.88 -16.36 -37.72
C ASP D 217 64.97 -16.60 -36.51
N TRP D 218 65.36 -16.08 -35.35
CA TRP D 218 64.62 -16.31 -34.11
C TRP D 218 63.12 -16.04 -34.23
N ARG D 219 62.74 -14.89 -34.77
CA ARG D 219 61.30 -14.58 -34.86
C ARG D 219 60.58 -15.58 -35.71
N GLY D 220 61.25 -16.02 -36.76
CA GLY D 220 60.72 -17.01 -37.67
C GLY D 220 60.39 -18.38 -37.09
N GLY D 221 60.96 -18.69 -35.96
CA GLY D 221 60.65 -19.96 -35.30
C GLY D 221 59.43 -19.92 -34.41
N ARG D 222 58.84 -18.73 -34.25
CA ARG D 222 57.67 -18.60 -33.40
C ARG D 222 56.44 -19.13 -34.11
N GLY D 223 55.53 -19.67 -33.31
CA GLY D 223 54.30 -20.26 -33.82
C GLY D 223 53.67 -19.43 -34.90
N ALA D 224 53.55 -20.02 -36.07
CA ALA D 224 53.02 -19.28 -37.21
C ALA D 224 51.57 -18.89 -37.13
N SER D 225 50.74 -19.76 -36.60
CA SER D 225 49.30 -19.48 -36.58
C SER D 225 48.86 -18.52 -35.47
N GLN D 226 49.72 -18.26 -34.51
CA GLN D 226 49.38 -17.40 -33.42
C GLN D 226 49.92 -16.00 -33.57
N ASN D 227 50.85 -15.82 -34.49
CA ASN D 227 51.55 -14.55 -34.60
C ASN D 227 51.68 -13.79 -35.92
N ILE D 228 51.85 -12.47 -35.77
CA ILE D 228 52.19 -11.59 -36.84
C ILE D 228 53.71 -11.57 -36.62
N ILE D 229 54.47 -12.03 -37.57
CA ILE D 229 55.92 -12.12 -37.40
C ILE D 229 56.74 -11.24 -38.34
N PRO D 230 57.44 -10.24 -37.79
CA PRO D 230 58.24 -9.42 -38.67
C PRO D 230 59.33 -10.26 -39.30
N SER D 231 59.72 -9.90 -40.49
CA SER D 231 60.73 -10.61 -41.20
C SER D 231 61.47 -9.76 -42.23
N SER D 232 62.69 -10.14 -42.55
CA SER D 232 63.52 -9.40 -43.53
C SER D 232 63.28 -9.97 -44.90
N THR D 233 63.48 -9.14 -45.90
CA THR D 233 63.32 -9.57 -47.29
C THR D 233 64.04 -8.57 -48.16
N GLY D 234 65.12 -9.02 -48.77
CA GLY D 234 65.90 -8.16 -49.65
C GLY D 234 65.22 -7.97 -50.99
N ALA D 235 64.05 -8.60 -51.15
CA ALA D 235 63.24 -8.54 -52.36
C ALA D 235 63.07 -7.15 -52.91
N ALA D 236 62.98 -6.15 -52.02
CA ALA D 236 62.82 -4.76 -52.47
C ALA D 236 64.13 -4.23 -53.02
N LYS D 237 65.21 -4.60 -52.34
CA LYS D 237 66.53 -4.19 -52.75
C LYS D 237 66.91 -4.94 -54.06
N ALA D 238 66.50 -6.21 -54.17
CA ALA D 238 66.76 -7.05 -55.36
C ALA D 238 66.09 -6.49 -56.63
N VAL D 239 65.12 -5.60 -56.48
CA VAL D 239 64.47 -5.02 -57.62
C VAL D 239 65.55 -4.25 -58.36
N GLY D 240 66.49 -3.71 -57.59
CA GLY D 240 67.59 -2.93 -58.14
C GLY D 240 68.37 -3.70 -59.18
N LYS D 241 68.37 -5.03 -59.06
CA LYS D 241 69.09 -5.88 -60.00
C LYS D 241 68.31 -6.18 -61.29
N VAL D 242 67.01 -6.41 -61.20
CA VAL D 242 66.23 -6.67 -62.41
C VAL D 242 65.86 -5.33 -63.06
N LEU D 243 65.89 -4.24 -62.29
CA LEU D 243 65.58 -2.88 -62.79
C LEU D 243 66.67 -1.93 -62.30
N PRO D 244 67.84 -1.96 -62.93
CA PRO D 244 69.01 -1.16 -62.54
C PRO D 244 68.68 0.28 -62.20
N GLU D 245 67.80 0.89 -63.00
CA GLU D 245 67.40 2.28 -62.76
C GLU D 245 66.83 2.55 -61.34
N LEU D 246 66.43 1.50 -60.61
CA LEU D 246 65.86 1.66 -59.27
C LEU D 246 66.82 1.19 -58.21
N ASN D 247 68.05 0.96 -58.61
CA ASN D 247 69.04 0.46 -57.66
C ASN D 247 69.22 1.50 -56.55
N GLY D 248 69.19 1.08 -55.29
CA GLY D 248 69.34 1.99 -54.15
C GLY D 248 68.13 2.85 -53.79
N LYS D 249 67.04 2.75 -54.55
CA LYS D 249 65.83 3.56 -54.31
C LYS D 249 64.70 2.83 -53.60
N LEU D 250 64.80 1.53 -53.43
CA LEU D 250 63.78 0.79 -52.74
C LEU D 250 64.35 -0.21 -51.79
N THR D 251 63.64 -0.42 -50.71
CA THR D 251 63.99 -1.43 -49.75
C THR D 251 62.71 -1.70 -48.97
N GLY D 252 62.70 -2.71 -48.11
CA GLY D 252 61.50 -2.96 -47.36
C GLY D 252 61.57 -4.09 -46.38
N MET D 253 60.41 -4.52 -45.89
CA MET D 253 60.33 -5.60 -44.93
C MET D 253 59.05 -6.38 -45.05
N ALA D 254 58.88 -7.38 -44.19
CA ALA D 254 57.73 -8.23 -44.26
C ALA D 254 57.17 -8.60 -42.93
N PHE D 255 55.89 -8.99 -42.97
CA PHE D 255 55.19 -9.46 -41.81
C PHE D 255 54.58 -10.76 -42.25
N ARG D 256 54.96 -11.86 -41.59
CA ARG D 256 54.38 -13.13 -41.88
C ARG D 256 53.14 -13.25 -41.03
N VAL D 257 52.00 -13.52 -41.67
CA VAL D 257 50.72 -13.67 -40.92
C VAL D 257 50.13 -15.06 -41.11
N PRO D 258 49.15 -15.44 -40.30
CA PRO D 258 48.59 -16.80 -40.39
C PRO D 258 47.65 -17.16 -41.50
N THR D 259 48.07 -17.13 -42.74
CA THR D 259 47.24 -17.53 -43.86
C THR D 259 48.11 -18.49 -44.59
N PRO D 260 47.51 -19.52 -45.16
CA PRO D 260 48.31 -20.56 -45.81
C PRO D 260 48.86 -20.21 -47.18
N ASN D 261 48.31 -19.18 -47.83
CA ASN D 261 48.76 -18.82 -49.17
C ASN D 261 48.22 -17.49 -49.60
N VAL D 262 48.90 -16.84 -50.53
CA VAL D 262 48.54 -15.50 -51.03
C VAL D 262 49.07 -14.40 -50.10
N SER D 263 49.80 -13.48 -50.71
CA SER D 263 50.45 -12.40 -50.01
C SER D 263 50.14 -11.08 -50.70
N VAL D 264 50.59 -9.98 -50.13
CA VAL D 264 50.31 -8.68 -50.72
C VAL D 264 51.42 -7.67 -50.44
N VAL D 265 51.75 -6.82 -51.43
CA VAL D 265 52.75 -5.78 -51.16
C VAL D 265 52.07 -4.44 -50.97
N ASP D 266 52.66 -3.64 -50.08
CA ASP D 266 52.24 -2.32 -49.72
C ASP D 266 53.45 -1.41 -50.05
N LEU D 267 53.43 -0.84 -51.27
CA LEU D 267 54.50 0.00 -51.75
C LEU D 267 54.20 1.45 -51.52
N THR D 268 55.03 2.11 -50.74
CA THR D 268 54.89 3.51 -50.42
C THR D 268 55.99 4.24 -51.16
N VAL D 269 55.64 5.01 -52.18
CA VAL D 269 56.65 5.71 -52.96
C VAL D 269 56.47 7.20 -53.05
N ARG D 270 57.57 7.88 -53.38
CA ARG D 270 57.55 9.31 -53.55
C ARG D 270 57.81 9.48 -55.04
N LEU D 271 56.94 10.21 -55.73
CA LEU D 271 57.08 10.40 -57.16
C LEU D 271 57.70 11.70 -57.61
N GLU D 272 58.46 11.62 -58.70
CA GLU D 272 59.08 12.81 -59.28
C GLU D 272 58.00 13.66 -59.95
N LYS D 273 57.20 13.06 -60.85
CA LYS D 273 56.13 13.78 -61.54
C LYS D 273 54.85 13.62 -60.74
N ALA D 274 54.17 14.73 -60.50
CA ALA D 274 52.91 14.69 -59.79
C ALA D 274 51.89 13.85 -60.55
N ALA D 275 51.10 13.07 -59.81
CA ALA D 275 50.11 12.23 -60.42
C ALA D 275 48.97 11.96 -59.47
N THR D 276 47.76 12.22 -59.92
CA THR D 276 46.58 11.95 -59.12
C THR D 276 46.42 10.45 -59.08
N TYR D 277 45.63 9.96 -58.12
CA TYR D 277 45.44 8.54 -57.99
C TYR D 277 44.73 8.01 -59.24
N GLU D 278 43.90 8.83 -59.84
CA GLU D 278 43.17 8.38 -61.01
C GLU D 278 44.15 8.10 -62.14
N GLN D 279 45.22 8.90 -62.20
CA GLN D 279 46.24 8.76 -63.27
C GLN D 279 47.06 7.52 -63.09
N ILE D 280 47.32 7.20 -61.84
CA ILE D 280 48.09 6.04 -61.51
C ILE D 280 47.27 4.84 -61.94
N LYS D 281 45.98 4.84 -61.58
CA LYS D 281 45.11 3.74 -61.93
C LYS D 281 45.15 3.53 -63.46
N ALA D 282 45.05 4.60 -64.21
CA ALA D 282 45.07 4.51 -65.68
C ALA D 282 46.39 3.95 -66.23
N ALA D 283 47.50 4.40 -65.65
CA ALA D 283 48.83 3.90 -66.05
C ALA D 283 48.96 2.37 -65.86
N VAL D 284 48.56 1.88 -64.68
CA VAL D 284 48.64 0.47 -64.38
C VAL D 284 47.69 -0.32 -65.25
N LYS D 285 46.46 0.16 -65.35
CA LYS D 285 45.46 -0.52 -66.14
C LYS D 285 45.90 -0.63 -67.59
N ALA D 286 46.54 0.41 -68.10
CA ALA D 286 47.06 0.38 -69.46
C ALA D 286 48.12 -0.72 -69.62
N ALA D 287 49.03 -0.80 -68.65
CA ALA D 287 50.09 -1.79 -68.70
C ALA D 287 49.54 -3.20 -68.58
N ALA D 288 48.51 -3.35 -67.73
CA ALA D 288 47.89 -4.65 -67.51
C ALA D 288 47.18 -5.17 -68.74
N GLU D 289 46.57 -4.26 -69.49
CA GLU D 289 45.85 -4.63 -70.71
C GLU D 289 46.76 -4.68 -71.90
N GLY D 290 47.96 -4.12 -71.77
CA GLY D 290 48.89 -4.05 -72.87
C GLY D 290 50.17 -4.86 -72.76
N GLU D 291 51.29 -4.15 -72.69
CA GLU D 291 52.61 -4.73 -72.65
C GLU D 291 52.84 -5.81 -71.55
N MET D 292 52.27 -5.62 -70.37
CA MET D 292 52.47 -6.58 -69.29
C MET D 292 51.27 -7.47 -69.06
N LYS D 293 50.54 -7.79 -70.11
CA LYS D 293 49.37 -8.62 -69.95
C LYS D 293 49.81 -9.99 -69.47
N GLY D 294 49.06 -10.57 -68.56
CA GLY D 294 49.38 -11.90 -68.01
C GLY D 294 50.34 -11.87 -66.83
N VAL D 295 51.02 -10.75 -66.65
CA VAL D 295 51.95 -10.55 -65.57
C VAL D 295 51.34 -9.63 -64.53
N LEU D 296 51.00 -8.43 -64.97
CA LEU D 296 50.42 -7.44 -64.10
C LEU D 296 48.91 -7.39 -64.32
N GLY D 297 48.16 -7.56 -63.24
CA GLY D 297 46.71 -7.52 -63.30
C GLY D 297 46.19 -6.23 -62.66
N TYR D 298 44.91 -5.99 -62.80
CA TYR D 298 44.30 -4.80 -62.26
C TYR D 298 42.87 -5.10 -61.83
N THR D 299 42.48 -4.62 -60.65
CA THR D 299 41.12 -4.83 -60.20
C THR D 299 40.60 -3.61 -59.41
N GLU D 300 39.29 -3.37 -59.51
CA GLU D 300 38.64 -2.32 -58.75
C GLU D 300 37.58 -2.94 -57.81
N ASP D 301 37.56 -4.27 -57.70
CA ASP D 301 36.60 -4.95 -56.86
C ASP D 301 37.07 -5.00 -55.42
N ASP D 302 36.15 -5.33 -54.53
CA ASP D 302 36.44 -5.44 -53.08
C ASP D 302 37.01 -6.81 -52.72
N VAL D 303 38.19 -7.07 -53.20
CA VAL D 303 38.84 -8.34 -53.01
C VAL D 303 39.58 -8.55 -51.68
N VAL D 304 39.77 -9.83 -51.35
CA VAL D 304 40.51 -10.21 -50.18
C VAL D 304 41.45 -11.27 -50.68
N SER D 305 42.44 -11.60 -49.87
CA SER D 305 43.46 -12.55 -50.28
C SER D 305 42.98 -13.83 -50.97
N THR D 306 41.93 -14.46 -50.48
CA THR D 306 41.48 -15.75 -51.04
C THR D 306 41.02 -15.60 -52.45
N ASP D 307 40.72 -14.39 -52.85
CA ASP D 307 40.28 -14.17 -54.22
C ASP D 307 41.41 -14.36 -55.21
N PHE D 308 42.64 -14.51 -54.71
CA PHE D 308 43.78 -14.71 -55.62
C PHE D 308 44.41 -16.07 -55.50
N ASN D 309 43.74 -16.95 -54.79
CA ASN D 309 44.29 -18.26 -54.61
C ASN D 309 44.18 -18.86 -55.97
N GLY D 310 45.28 -19.23 -56.58
CA GLY D 310 45.27 -19.81 -57.92
C GLY D 310 45.61 -18.80 -59.01
N GLU D 311 45.77 -17.53 -58.64
CA GLU D 311 46.07 -16.47 -59.57
C GLU D 311 47.42 -16.65 -60.27
N VAL D 312 47.40 -16.56 -61.60
CA VAL D 312 48.57 -16.70 -62.42
C VAL D 312 49.34 -15.38 -62.59
N CYS D 313 48.67 -14.24 -62.53
CA CYS D 313 49.38 -12.98 -62.66
C CYS D 313 50.27 -12.90 -61.43
N THR D 314 51.47 -12.35 -61.59
CA THR D 314 52.39 -12.23 -60.47
C THR D 314 52.22 -10.96 -59.67
N SER D 315 51.35 -10.08 -60.14
CA SER D 315 51.11 -8.85 -59.44
C SER D 315 49.75 -8.33 -59.86
N VAL D 316 48.81 -8.22 -58.92
CA VAL D 316 47.50 -7.71 -59.25
C VAL D 316 47.19 -6.46 -58.44
N PHE D 317 47.25 -5.32 -59.12
CA PHE D 317 47.00 -4.03 -58.50
C PHE D 317 45.60 -3.93 -57.96
N ASP D 318 45.50 -3.45 -56.73
CA ASP D 318 44.22 -3.30 -56.04
C ASP D 318 43.96 -1.80 -55.96
N ALA D 319 43.18 -1.30 -56.88
CA ALA D 319 42.93 0.09 -56.95
C ALA D 319 42.32 0.67 -55.68
N LYS D 320 41.20 0.11 -55.22
CA LYS D 320 40.50 0.66 -54.02
C LYS D 320 41.29 0.59 -52.72
N ALA D 321 42.19 -0.37 -52.60
CA ALA D 321 42.96 -0.53 -51.36
C ALA D 321 44.04 0.51 -51.14
N GLY D 322 44.64 0.98 -52.21
CA GLY D 322 45.68 1.99 -52.11
C GLY D 322 45.15 3.34 -51.65
N ILE D 323 46.04 4.16 -51.13
CA ILE D 323 45.68 5.49 -50.69
C ILE D 323 46.79 6.49 -51.01
N ALA D 324 46.41 7.70 -51.33
CA ALA D 324 47.35 8.74 -51.71
C ALA D 324 47.29 9.89 -50.73
N LEU D 325 48.43 10.34 -50.22
CA LEU D 325 48.43 11.49 -49.32
C LEU D 325 48.35 12.72 -50.19
N ASN D 326 49.11 12.72 -51.27
CA ASN D 326 49.11 13.84 -52.24
C ASN D 326 49.60 13.37 -53.62
N ASP D 327 49.64 14.27 -54.58
CA ASP D 327 50.09 13.93 -55.93
C ASP D 327 51.50 13.38 -56.02
N ASN D 328 52.28 13.44 -54.95
CA ASN D 328 53.66 12.91 -55.00
C ASN D 328 54.06 11.92 -53.92
N PHE D 329 53.11 11.47 -53.11
CA PHE D 329 53.40 10.51 -52.05
C PHE D 329 52.19 9.58 -51.98
N VAL D 330 52.43 8.34 -52.39
CA VAL D 330 51.39 7.35 -52.50
C VAL D 330 51.71 5.99 -51.92
N LYS D 331 50.66 5.26 -51.54
CA LYS D 331 50.77 3.90 -51.02
C LYS D 331 49.98 3.03 -51.98
N LEU D 332 50.69 2.17 -52.70
CA LEU D 332 50.09 1.27 -53.69
C LEU D 332 50.05 -0.19 -53.16
N VAL D 333 48.99 -0.91 -53.50
CA VAL D 333 48.81 -2.25 -53.03
C VAL D 333 48.69 -3.22 -54.18
N SER D 334 49.40 -4.34 -54.10
CA SER D 334 49.32 -5.35 -55.14
C SER D 334 49.39 -6.74 -54.56
N TRP D 335 48.45 -7.58 -54.96
CA TRP D 335 48.36 -8.97 -54.50
C TRP D 335 49.15 -9.96 -55.32
N TYR D 336 49.51 -11.07 -54.69
CA TYR D 336 50.19 -12.15 -55.39
C TYR D 336 50.03 -13.53 -54.76
N ASP D 337 49.77 -14.53 -55.59
CA ASP D 337 49.68 -15.91 -55.09
C ASP D 337 51.15 -16.35 -55.11
N ASN D 338 51.74 -16.35 -53.93
CA ASN D 338 53.13 -16.71 -53.81
C ASN D 338 53.52 -18.11 -54.28
N GLU D 339 52.57 -19.00 -54.48
CA GLU D 339 52.91 -20.32 -54.98
C GLU D 339 52.63 -20.40 -56.48
N THR D 340 51.40 -20.09 -56.84
CA THR D 340 50.98 -20.16 -58.25
C THR D 340 51.62 -19.16 -59.25
N GLY D 341 51.61 -17.88 -58.95
CA GLY D 341 52.19 -16.90 -59.86
C GLY D 341 53.63 -17.23 -60.17
N TYR D 342 54.45 -17.24 -59.13
CA TYR D 342 55.86 -17.55 -59.29
C TYR D 342 56.06 -18.85 -60.06
N SER D 343 55.30 -19.90 -59.71
CA SER D 343 55.49 -21.19 -60.37
C SER D 343 55.28 -21.07 -61.85
N ASN D 344 54.29 -20.31 -62.24
CA ASN D 344 54.03 -20.16 -63.66
C ASN D 344 55.14 -19.38 -64.33
N LYS D 345 55.65 -18.37 -63.64
CA LYS D 345 56.73 -17.59 -64.24
C LYS D 345 58.01 -18.39 -64.34
N VAL D 346 58.19 -19.37 -63.47
CA VAL D 346 59.38 -20.22 -63.58
C VAL D 346 59.28 -20.90 -64.97
N LEU D 347 58.08 -21.38 -65.31
CA LEU D 347 57.88 -22.04 -66.59
C LEU D 347 58.06 -21.04 -67.74
N ASP D 348 57.59 -19.82 -67.54
CA ASP D 348 57.75 -18.81 -68.55
C ASP D 348 59.24 -18.57 -68.82
N LEU D 349 60.05 -18.59 -67.76
CA LEU D 349 61.48 -18.34 -67.89
C LEU D 349 62.16 -19.51 -68.54
N ILE D 350 61.75 -20.72 -68.18
CA ILE D 350 62.28 -21.91 -68.81
C ILE D 350 62.05 -21.84 -70.32
N ALA D 351 60.84 -21.50 -70.71
CA ALA D 351 60.48 -21.40 -72.11
C ALA D 351 61.31 -20.30 -72.82
N HIS D 352 61.53 -19.20 -72.12
CA HIS D 352 62.24 -18.08 -72.67
C HIS D 352 63.68 -18.39 -72.93
N ILE D 353 64.36 -19.01 -71.98
CA ILE D 353 65.78 -19.32 -72.17
C ILE D 353 66.00 -20.48 -73.14
N SER D 354 64.93 -21.14 -73.55
CA SER D 354 65.03 -22.28 -74.46
C SER D 354 64.81 -21.87 -75.92
N LYS D 355 64.55 -20.59 -76.17
CA LYS D 355 64.37 -20.12 -77.54
C LYS D 355 65.73 -20.24 -78.22
N MET E 25 33.23 -32.27 54.26
CA MET E 25 32.85 -31.00 53.60
C MET E 25 31.47 -30.99 52.92
N THR E 26 30.83 -29.81 53.08
CA THR E 26 29.49 -29.43 52.45
C THR E 26 29.75 -28.40 51.43
N ILE E 27 29.50 -28.74 50.17
CA ILE E 27 29.74 -27.82 49.09
C ILE E 27 28.51 -26.98 48.82
N LYS E 28 28.65 -25.65 48.95
CA LYS E 28 27.51 -24.76 48.67
C LYS E 28 27.29 -24.57 47.18
N VAL E 29 26.07 -24.81 46.73
CA VAL E 29 25.76 -24.71 45.31
C VAL E 29 24.64 -23.75 45.03
N GLY E 30 24.79 -23.05 43.91
CA GLY E 30 23.79 -22.12 43.45
C GLY E 30 23.29 -22.65 42.12
N ILE E 31 21.98 -22.64 41.92
CA ILE E 31 21.40 -23.11 40.66
C ILE E 31 20.90 -21.96 39.83
N ASN E 32 21.37 -21.85 38.60
CA ASN E 32 20.88 -20.78 37.74
C ASN E 32 20.06 -21.46 36.70
N GLY E 33 18.76 -21.21 36.75
CA GLY E 33 17.83 -21.85 35.83
C GLY E 33 17.12 -22.97 36.56
N PHE E 34 15.85 -22.77 36.87
CA PHE E 34 15.08 -23.77 37.60
C PHE E 34 14.11 -24.53 36.69
N GLY E 35 14.63 -24.98 35.56
CA GLY E 35 13.84 -25.74 34.58
C GLY E 35 13.86 -27.22 34.94
N ARG E 36 13.65 -28.09 33.97
CA ARG E 36 13.69 -29.52 34.24
C ARG E 36 14.97 -29.96 34.92
N ILE E 37 16.12 -29.67 34.34
CA ILE E 37 17.37 -30.08 34.94
C ILE E 37 17.57 -29.41 36.29
N GLY E 38 17.35 -28.10 36.35
CA GLY E 38 17.56 -27.39 37.61
C GLY E 38 16.78 -28.02 38.75
N ARG E 39 15.53 -28.34 38.48
CA ARG E 39 14.69 -28.92 39.49
C ARG E 39 15.05 -30.33 39.88
N ILE E 40 15.46 -31.15 38.92
CA ILE E 40 15.85 -32.55 39.23
C ILE E 40 17.19 -32.53 39.97
N VAL E 41 18.10 -31.64 39.57
CA VAL E 41 19.36 -31.47 40.27
C VAL E 41 19.02 -31.09 41.72
N PHE E 42 18.08 -30.17 41.88
CA PHE E 42 17.68 -29.77 43.22
C PHE E 42 17.21 -30.95 44.07
N ARG E 43 16.33 -31.78 43.51
CA ARG E 43 15.82 -32.93 44.25
C ARG E 43 16.90 -33.94 44.62
N ALA E 44 17.78 -34.21 43.67
CA ALA E 44 18.86 -35.14 43.90
C ALA E 44 19.82 -34.67 44.98
N ALA E 45 19.96 -33.35 45.10
CA ALA E 45 20.86 -32.75 46.07
C ALA E 45 20.39 -32.95 47.48
N GLN E 46 19.09 -33.15 47.66
CA GLN E 46 18.52 -33.37 49.01
C GLN E 46 18.96 -34.69 49.59
N LYS E 47 19.24 -35.64 48.71
CA LYS E 47 19.63 -36.99 49.12
C LYS E 47 21.13 -37.15 49.33
N ARG E 48 21.91 -36.11 49.07
CA ARG E 48 23.36 -36.14 49.27
C ARG E 48 23.73 -35.19 50.39
N SER E 49 24.59 -35.64 51.28
CA SER E 49 24.99 -34.83 52.42
C SER E 49 26.20 -33.97 52.11
N ASP E 50 26.92 -34.29 51.03
CA ASP E 50 28.09 -33.49 50.65
C ASP E 50 27.77 -32.24 49.80
N ILE E 51 26.52 -32.08 49.39
CA ILE E 51 26.10 -30.91 48.60
C ILE E 51 24.81 -30.28 49.10
N GLU E 52 24.83 -28.96 49.17
CA GLU E 52 23.70 -28.15 49.63
C GLU E 52 23.38 -27.06 48.68
N ILE E 53 22.11 -26.99 48.29
CA ILE E 53 21.68 -25.95 47.40
C ILE E 53 21.33 -24.84 48.35
N VAL E 54 21.93 -23.68 48.15
CA VAL E 54 21.69 -22.55 49.04
C VAL E 54 21.07 -21.36 48.34
N ALA E 55 20.95 -21.44 47.02
CA ALA E 55 20.39 -20.36 46.25
C ALA E 55 19.94 -20.83 44.88
N ILE E 56 18.90 -20.18 44.38
CA ILE E 56 18.32 -20.47 43.09
C ILE E 56 17.98 -19.18 42.38
N ASN E 57 18.27 -19.12 41.08
CA ASN E 57 17.96 -17.93 40.32
C ASN E 57 17.19 -18.30 39.10
N ASP E 58 16.11 -17.59 38.86
CA ASP E 58 15.30 -17.78 37.68
C ASP E 58 14.27 -16.66 37.66
N LEU E 59 13.68 -16.41 36.50
CA LEU E 59 12.65 -15.39 36.35
C LEU E 59 11.31 -15.87 36.89
N LEU E 60 11.27 -16.29 38.16
CA LEU E 60 10.03 -16.79 38.74
C LEU E 60 9.86 -16.39 40.19
N ASP E 61 8.63 -16.08 40.60
CA ASP E 61 8.36 -15.71 41.98
C ASP E 61 8.64 -16.93 42.85
N ALA E 62 8.96 -16.72 44.11
CA ALA E 62 9.28 -17.81 45.00
C ALA E 62 8.10 -18.75 45.18
N ASP E 63 6.89 -18.20 45.23
CA ASP E 63 5.71 -19.05 45.41
C ASP E 63 5.50 -20.01 44.22
N TYR E 64 5.92 -19.57 43.04
CA TYR E 64 5.79 -20.38 41.85
C TYR E 64 6.92 -21.41 41.82
N MET E 65 8.11 -21.07 42.28
CA MET E 65 9.20 -22.05 42.29
C MET E 65 8.79 -23.16 43.24
N ALA E 66 8.18 -22.76 44.33
CA ALA E 66 7.74 -23.72 45.32
C ALA E 66 6.79 -24.72 44.66
N TYR E 67 5.90 -24.20 43.84
CA TYR E 67 4.94 -25.05 43.17
C TYR E 67 5.62 -25.97 42.18
N MET E 68 6.57 -25.46 41.42
CA MET E 68 7.26 -26.29 40.41
C MET E 68 8.07 -27.40 41.07
N LEU E 69 8.47 -27.13 42.30
CA LEU E 69 9.23 -28.08 43.10
C LEU E 69 8.31 -29.10 43.79
OH ALY E 70 1.04 -24.72 45.14
CH ALY E 70 1.98 -24.64 45.87
CH3 ALY E 70 2.68 -23.33 45.96
NZ ALY E 70 2.36 -25.68 46.61
CE ALY E 70 3.45 -25.98 47.60
CD ALY E 70 3.86 -27.50 47.63
CG ALY E 70 5.22 -27.89 46.99
CB ALY E 70 5.06 -28.79 45.75
CA ALY E 70 6.27 -29.52 45.12
N ALY E 70 7.22 -28.63 44.43
C ALY E 70 5.68 -30.58 44.22
O ALY E 70 5.65 -31.75 44.57
N TYR E 71 5.21 -30.17 43.04
CA TYR E 71 4.54 -31.08 42.10
C TYR E 71 5.28 -31.26 40.76
N ASP E 72 5.38 -32.52 40.31
CA ASP E 72 6.09 -32.86 39.08
C ASP E 72 5.36 -34.00 38.38
N SER E 73 4.96 -33.76 37.13
CA SER E 73 4.21 -34.71 36.37
C SER E 73 4.93 -36.02 36.14
N THR E 74 6.23 -35.96 35.96
CA THR E 74 7.00 -37.11 35.71
C THR E 74 7.52 -37.82 36.96
N HIS E 75 8.00 -37.08 37.92
CA HIS E 75 8.61 -37.69 39.11
C HIS E 75 7.83 -37.60 40.42
N GLY E 76 6.55 -37.27 40.34
CA GLY E 76 5.72 -37.20 41.51
C GLY E 76 6.01 -36.04 42.43
N ARG E 77 5.38 -36.08 43.59
CA ARG E 77 5.52 -35.03 44.58
C ARG E 77 6.83 -35.04 45.30
N PHE E 78 7.31 -33.85 45.63
CA PHE E 78 8.57 -33.67 46.30
C PHE E 78 8.51 -34.34 47.64
N ASP E 79 9.53 -35.14 47.94
CA ASP E 79 9.60 -35.85 49.22
C ASP E 79 10.22 -34.91 50.26
N GLY E 80 9.40 -34.05 50.84
CA GLY E 80 9.89 -33.09 51.81
C GLY E 80 8.98 -31.88 51.94
N THR E 81 9.36 -30.95 52.80
CA THR E 81 8.53 -29.79 53.05
C THR E 81 9.10 -28.60 52.34
N VAL E 82 8.21 -27.77 51.81
CA VAL E 82 8.59 -26.55 51.14
C VAL E 82 7.58 -25.43 51.45
N GLU E 83 8.08 -24.32 52.01
N GLU E 83 8.08 -24.32 52.01
CA GLU E 83 7.21 -23.18 52.32
CA GLU E 83 7.22 -23.17 52.32
C GLU E 83 7.91 -21.90 51.86
C GLU E 83 7.92 -21.90 51.87
N VAL E 84 7.15 -20.82 51.73
CA VAL E 84 7.69 -19.54 51.28
C VAL E 84 7.65 -18.54 52.39
N LYS E 85 8.75 -17.82 52.58
CA LYS E 85 8.83 -16.83 53.64
C LYS E 85 9.67 -15.64 53.20
N ASP E 86 9.06 -14.45 53.21
CA ASP E 86 9.73 -13.20 52.83
C ASP E 86 10.34 -13.25 51.43
N GLY E 87 9.59 -13.82 50.48
CA GLY E 87 10.05 -13.90 49.09
C GLY E 87 11.16 -14.93 48.88
N HIS E 88 11.49 -15.68 49.92
CA HIS E 88 12.52 -16.71 49.82
C HIS E 88 11.89 -18.06 50.11
N LEU E 89 12.65 -19.10 49.86
CA LEU E 89 12.14 -20.43 49.96
C LEU E 89 12.73 -21.19 51.14
N ILE E 90 11.91 -22.01 51.78
CA ILE E 90 12.37 -22.79 52.94
C ILE E 90 12.03 -24.24 52.68
N VAL E 91 13.07 -25.00 52.36
CA VAL E 91 12.94 -26.42 52.03
C VAL E 91 13.56 -27.30 53.09
N ASN E 92 12.73 -28.09 53.77
CA ASN E 92 13.20 -28.97 54.83
C ASN E 92 13.94 -28.17 55.88
N GLY E 93 13.33 -27.05 56.27
CA GLY E 93 13.89 -26.14 57.26
C GLY E 93 15.19 -25.38 56.93
N LYS E 94 15.54 -25.28 55.63
CA LYS E 94 16.77 -24.56 55.20
C LYS E 94 16.42 -23.40 54.28
N LYS E 95 17.02 -22.23 54.48
CA LYS E 95 16.74 -21.11 53.58
C LYS E 95 17.45 -21.26 52.27
N ILE E 96 16.72 -21.00 51.19
CA ILE E 96 17.25 -21.04 49.87
C ILE E 96 17.01 -19.63 49.34
N ARG E 97 18.06 -18.91 49.00
CA ARG E 97 17.89 -17.57 48.48
C ARG E 97 17.35 -17.63 47.04
N VAL E 98 16.24 -16.95 46.82
CA VAL E 98 15.58 -16.87 45.53
C VAL E 98 15.81 -15.50 44.94
N THR E 99 16.34 -15.48 43.72
CA THR E 99 16.61 -14.24 42.99
C THR E 99 15.99 -14.34 41.60
N ALA E 100 15.89 -13.21 40.90
CA ALA E 100 15.30 -13.17 39.58
C ALA E 100 16.10 -12.27 38.64
N GLU E 101 17.42 -12.40 38.70
CA GLU E 101 18.32 -11.61 37.87
C GLU E 101 18.44 -12.19 36.46
N ARG E 102 18.35 -11.31 35.47
CA ARG E 102 18.46 -11.73 34.07
C ARG E 102 19.94 -11.81 33.70
N ASP E 103 20.74 -10.88 34.24
CA ASP E 103 22.17 -10.80 33.96
C ASP E 103 22.94 -11.38 35.14
N PRO E 104 23.60 -12.53 34.93
CA PRO E 104 24.35 -13.25 35.95
C PRO E 104 25.39 -12.47 36.74
N ALA E 105 25.89 -11.38 36.19
CA ALA E 105 26.90 -10.61 36.92
C ALA E 105 26.30 -10.01 38.22
N ASN E 106 24.98 -9.90 38.28
CA ASN E 106 24.29 -9.31 39.42
C ASN E 106 23.83 -10.31 40.47
N LEU E 107 24.16 -11.57 40.29
CA LEU E 107 23.75 -12.61 41.24
C LEU E 107 24.33 -12.56 42.65
N LYS E 108 25.46 -11.90 42.84
CA LYS E 108 26.07 -11.82 44.15
C LYS E 108 26.11 -13.18 44.85
N TRP E 109 26.71 -14.17 44.22
CA TRP E 109 26.78 -15.51 44.81
C TRP E 109 27.57 -15.57 46.10
N ASP E 110 28.60 -14.74 46.21
CA ASP E 110 29.44 -14.72 47.41
C ASP E 110 28.65 -14.35 48.69
N GLU E 111 27.53 -13.63 48.54
CA GLU E 111 26.73 -13.23 49.70
C GLU E 111 26.06 -14.40 50.39
N VAL E 112 25.85 -15.49 49.67
CA VAL E 112 25.23 -16.66 50.27
C VAL E 112 26.27 -17.83 50.28
N GLY E 113 27.54 -17.45 50.14
CA GLY E 113 28.66 -18.38 50.16
C GLY E 113 28.71 -19.50 49.15
N VAL E 114 28.29 -19.25 47.91
CA VAL E 114 28.28 -20.29 46.87
C VAL E 114 29.64 -20.67 46.33
N ASP E 115 29.96 -21.96 46.39
CA ASP E 115 31.22 -22.48 45.88
C ASP E 115 31.12 -22.72 44.39
N VAL E 116 30.09 -23.46 43.99
CA VAL E 116 29.88 -23.84 42.58
C VAL E 116 28.49 -23.53 42.09
N VAL E 117 28.41 -23.15 40.82
CA VAL E 117 27.13 -22.83 40.21
C VAL E 117 26.78 -23.83 39.15
N ALA E 118 25.54 -24.32 39.20
CA ALA E 118 25.05 -25.27 38.20
C ALA E 118 24.34 -24.38 37.21
N GLU E 119 24.96 -24.18 36.06
CA GLU E 119 24.41 -23.30 35.03
C GLU E 119 23.47 -24.11 34.21
N ALA E 120 22.18 -23.97 34.51
CA ALA E 120 21.15 -24.76 33.84
C ALA E 120 20.06 -24.00 33.05
N THR E 121 20.38 -22.85 32.51
CA THR E 121 19.41 -22.08 31.74
C THR E 121 19.47 -22.46 30.26
N GLY E 122 20.56 -23.09 29.84
CA GLY E 122 20.75 -23.47 28.45
C GLY E 122 21.23 -22.30 27.60
N LEU E 123 21.37 -21.12 28.21
CA LEU E 123 21.77 -19.92 27.49
C LEU E 123 23.20 -19.49 27.67
N PHE E 124 23.87 -19.94 28.72
CA PHE E 124 25.27 -19.52 28.95
C PHE E 124 26.23 -20.70 28.83
N LEU E 125 26.45 -21.15 27.60
CA LEU E 125 27.30 -22.29 27.35
C LEU E 125 28.66 -21.96 26.71
N THR E 126 29.16 -20.76 26.96
CA THR E 126 30.47 -20.33 26.46
C THR E 126 31.23 -19.84 27.67
N ASP E 127 32.55 -19.73 27.55
CA ASP E 127 33.34 -19.31 28.68
C ASP E 127 32.97 -17.92 29.16
N GLU E 128 32.86 -16.98 28.25
CA GLU E 128 32.51 -15.65 28.64
C GLU E 128 31.17 -15.51 29.36
N THR E 129 30.15 -16.20 28.86
CA THR E 129 28.82 -16.09 29.47
C THR E 129 28.77 -16.75 30.83
N ALA E 130 29.41 -17.90 30.97
CA ALA E 130 29.44 -18.60 32.24
C ALA E 130 30.38 -17.94 33.24
N ARG E 131 31.45 -17.31 32.72
CA ARG E 131 32.46 -16.62 33.54
C ARG E 131 31.80 -15.59 34.45
N LYS E 132 30.64 -15.07 34.01
CA LYS E 132 29.93 -14.07 34.81
C LYS E 132 29.59 -14.52 36.23
N HIS E 133 29.34 -15.81 36.42
CA HIS E 133 29.05 -16.32 37.76
C HIS E 133 30.27 -16.17 38.65
N ILE E 134 31.45 -16.35 38.07
CA ILE E 134 32.69 -16.21 38.82
C ILE E 134 32.90 -14.72 39.16
N THR E 135 32.60 -13.85 38.20
CA THR E 135 32.72 -12.42 38.41
C THR E 135 31.78 -12.04 39.56
N ALA E 136 30.64 -12.74 39.64
CA ALA E 136 29.63 -12.50 40.67
C ALA E 136 29.89 -13.20 42.03
N GLY E 137 31.08 -13.77 42.24
CA GLY E 137 31.40 -14.42 43.51
C GLY E 137 31.52 -15.93 43.61
N ALA E 138 30.99 -16.66 42.63
CA ALA E 138 31.13 -18.10 42.66
C ALA E 138 32.56 -18.49 42.31
N LYS E 139 33.03 -19.62 42.83
CA LYS E 139 34.41 -20.07 42.54
C LYS E 139 34.48 -20.89 41.25
N LYS E 140 33.52 -21.77 41.02
CA LYS E 140 33.49 -22.60 39.80
C LYS E 140 32.12 -22.74 39.21
N VAL E 141 32.06 -23.21 37.97
CA VAL E 141 30.81 -23.37 37.25
C VAL E 141 30.73 -24.66 36.47
N VAL E 142 29.56 -25.30 36.54
CA VAL E 142 29.31 -26.51 35.80
C VAL E 142 28.14 -26.28 34.88
N MET E 143 28.41 -26.28 33.57
CA MET E 143 27.38 -26.12 32.58
C MET E 143 26.61 -27.43 32.49
N THR E 144 25.29 -27.37 32.54
CA THR E 144 24.50 -28.59 32.46
C THR E 144 24.11 -28.87 31.02
N GLY E 145 25.05 -28.72 30.12
CA GLY E 145 24.80 -28.96 28.71
C GLY E 145 26.15 -28.91 27.99
N PRO E 146 26.20 -29.38 26.73
CA PRO E 146 27.47 -29.35 26.05
C PRO E 146 27.83 -27.93 25.75
N SER E 147 29.11 -27.64 25.84
CA SER E 147 29.60 -26.28 25.60
C SER E 147 29.61 -25.90 24.15
N LYS E 148 29.21 -24.67 23.85
CA LYS E 148 29.23 -24.16 22.47
C LYS E 148 30.60 -23.69 22.02
N ASP E 149 31.48 -23.43 22.98
CA ASP E 149 32.86 -23.07 22.65
C ASP E 149 33.67 -24.33 23.00
N ASN E 150 34.94 -24.19 23.31
CA ASN E 150 35.69 -25.41 23.68
C ASN E 150 35.87 -25.63 25.18
N THR E 151 34.87 -25.24 25.95
CA THR E 151 34.94 -25.41 27.41
C THR E 151 35.02 -26.91 27.52
N PRO E 152 35.95 -27.42 28.33
CA PRO E 152 36.09 -28.88 28.44
C PRO E 152 34.89 -29.60 29.03
N MET E 153 34.61 -30.77 28.48
CA MET E 153 33.50 -31.59 28.92
C MET E 153 33.96 -32.82 29.71
N PHE E 154 33.20 -33.20 30.73
CA PHE E 154 33.52 -34.35 31.54
C PHE E 154 32.31 -35.23 31.70
N VAL E 155 32.51 -36.53 31.55
CA VAL E 155 31.44 -37.53 31.66
C VAL E 155 31.89 -38.64 32.61
N LYS E 156 31.17 -38.80 33.71
CA LYS E 156 31.51 -39.83 34.67
C LYS E 156 31.49 -41.20 34.00
N GLY E 157 32.54 -41.96 34.27
CA GLY E 157 32.70 -43.28 33.71
C GLY E 157 33.62 -43.22 32.51
N ALA E 158 33.85 -42.01 31.99
CA ALA E 158 34.69 -41.82 30.84
C ALA E 158 35.94 -41.02 31.11
N ASN E 159 35.80 -39.81 31.68
CA ASN E 159 37.00 -38.99 31.87
C ASN E 159 37.06 -38.07 33.04
N PHE E 160 36.39 -38.40 34.13
CA PHE E 160 36.49 -37.53 35.31
C PHE E 160 37.95 -37.36 35.73
N ASP E 161 38.74 -38.43 35.64
CA ASP E 161 40.16 -38.39 36.01
C ASP E 161 40.96 -37.32 35.24
N LYS E 162 40.50 -36.94 34.06
CA LYS E 162 41.16 -35.92 33.23
C LYS E 162 40.94 -34.47 33.71
N TYR E 163 40.03 -34.27 34.65
CA TYR E 163 39.82 -32.93 35.17
C TYR E 163 41.15 -32.43 35.68
N ALA E 164 41.48 -31.18 35.32
CA ALA E 164 42.77 -30.57 35.69
C ALA E 164 42.63 -29.19 36.35
N GLY E 165 41.70 -29.05 37.28
CA GLY E 165 41.53 -27.79 38.00
C GLY E 165 40.84 -26.63 37.31
N GLN E 166 40.33 -26.83 36.09
CA GLN E 166 39.61 -25.75 35.38
C GLN E 166 38.45 -25.24 36.25
N ASP E 167 38.13 -23.97 36.11
CA ASP E 167 37.07 -23.38 36.92
C ASP E 167 35.72 -23.39 36.26
N ILE E 168 35.71 -23.70 34.98
CA ILE E 168 34.48 -23.76 34.20
C ILE E 168 34.50 -25.03 33.37
N VAL E 169 33.49 -25.89 33.59
CA VAL E 169 33.38 -27.17 32.88
C VAL E 169 31.96 -27.47 32.44
N SER E 170 31.83 -28.52 31.63
CA SER E 170 30.57 -28.95 31.10
C SER E 170 30.37 -30.41 31.37
N ASN E 171 29.15 -30.82 31.72
CA ASN E 171 28.87 -32.24 32.00
C ASN E 171 28.33 -32.91 30.73
N ALA E 172 28.66 -32.32 29.57
CA ALA E 172 28.21 -32.82 28.28
C ALA E 172 26.68 -32.92 28.21
N SER E 173 26.17 -33.86 27.42
CA SER E 173 24.73 -34.02 27.23
C SER E 173 24.27 -35.32 27.81
N CYS E 174 22.97 -35.47 27.94
CA CYS E 174 22.38 -36.69 28.51
C CYS E 174 22.75 -37.90 27.66
N THR E 175 22.64 -37.76 26.34
CA THR E 175 23.01 -38.82 25.42
C THR E 175 24.50 -39.17 25.47
N THR E 176 25.36 -38.18 25.58
CA THR E 176 26.79 -38.49 25.66
C THR E 176 27.05 -39.26 26.94
N ASN E 177 26.35 -38.93 28.02
CA ASN E 177 26.53 -39.65 29.27
C ASN E 177 26.09 -41.10 29.16
N CYS E 178 25.25 -41.42 28.20
CA CYS E 178 24.80 -42.80 28.04
C CYS E 178 25.76 -43.56 27.18
N LEU E 179 26.19 -42.91 26.13
CA LEU E 179 27.03 -43.53 25.14
C LEU E 179 28.46 -43.70 25.51
N ALA E 180 29.06 -42.68 26.10
CA ALA E 180 30.47 -42.75 26.43
C ALA E 180 30.87 -43.95 27.30
N PRO E 181 30.19 -44.15 28.42
CA PRO E 181 30.60 -45.28 29.26
C PRO E 181 30.51 -46.62 28.56
N LEU E 182 29.46 -46.82 27.76
CA LEU E 182 29.28 -48.08 27.06
C LEU E 182 30.37 -48.25 26.05
N ALA E 183 30.62 -47.19 25.28
CA ALA E 183 31.62 -47.23 24.21
C ALA E 183 32.99 -47.48 24.80
N LYS E 184 33.28 -46.87 25.93
CA LYS E 184 34.56 -47.05 26.58
C LYS E 184 34.78 -48.55 26.89
N VAL E 185 33.77 -49.19 27.47
CA VAL E 185 33.86 -50.60 27.81
C VAL E 185 34.06 -51.46 26.58
N ILE E 186 33.21 -51.26 25.58
CA ILE E 186 33.31 -52.03 24.35
C ILE E 186 34.64 -51.83 23.70
N ASN E 187 35.09 -50.58 23.65
CA ASN E 187 36.36 -50.29 23.01
C ASN E 187 37.52 -50.88 23.75
N ASP E 188 37.58 -50.66 25.05
CA ASP E 188 38.67 -51.22 25.87
C ASP E 188 38.80 -52.70 25.72
N ASN E 189 37.67 -53.38 25.69
CA ASN E 189 37.68 -54.84 25.55
C ASN E 189 37.80 -55.41 24.16
N PHE E 190 37.20 -54.77 23.16
CA PHE E 190 37.20 -55.36 21.82
C PHE E 190 37.69 -54.46 20.70
N GLY E 191 37.79 -53.16 20.99
CA GLY E 191 38.25 -52.19 20.02
C GLY E 191 37.19 -51.81 19.00
N ILE E 192 36.74 -50.57 19.07
CA ILE E 192 35.76 -50.08 18.12
C ILE E 192 36.46 -49.51 16.92
N ILE E 193 36.27 -50.14 15.78
CA ILE E 193 36.85 -49.65 14.54
C ILE E 193 36.05 -48.43 14.06
N GLU E 194 34.72 -48.57 14.07
CA GLU E 194 33.81 -47.53 13.63
C GLU E 194 32.42 -47.86 14.15
N GLY E 195 31.60 -46.84 14.37
CA GLY E 195 30.27 -47.04 14.88
C GLY E 195 29.34 -45.90 14.57
N LEU E 196 28.07 -46.24 14.41
CA LEU E 196 27.02 -45.27 14.14
C LEU E 196 25.99 -45.48 15.20
N MET E 197 25.45 -44.42 15.76
CA MET E 197 24.44 -44.61 16.78
C MET E 197 23.17 -43.80 16.56
N THR E 198 22.08 -44.29 17.14
CA THR E 198 20.75 -43.66 17.01
C THR E 198 20.14 -43.63 18.37
N THR E 199 19.57 -42.51 18.73
CA THR E 199 18.93 -42.43 20.00
C THR E 199 17.46 -42.09 19.78
N VAL E 200 16.59 -42.93 20.34
CA VAL E 200 15.13 -42.73 20.29
C VAL E 200 14.98 -41.96 21.57
N HIS E 201 14.70 -40.69 21.43
CA HIS E 201 14.69 -39.77 22.55
C HIS E 201 13.31 -39.22 22.93
N ALA E 202 13.10 -38.99 24.23
CA ALA E 202 11.85 -38.48 24.73
C ALA E 202 11.72 -37.03 24.40
N THR E 203 10.49 -36.55 24.45
CA THR E 203 10.19 -35.19 24.16
C THR E 203 10.81 -34.29 25.23
N THR E 204 11.20 -33.09 24.83
CA THR E 204 11.79 -32.15 25.76
C THR E 204 11.16 -30.77 25.63
N ALA E 205 11.54 -29.90 26.55
CA ALA E 205 11.02 -28.54 26.61
C ALA E 205 11.22 -27.70 25.36
N THR E 206 12.21 -28.00 24.55
CA THR E 206 12.43 -27.19 23.31
C THR E 206 11.40 -27.50 22.22
N GLN E 207 10.59 -28.56 22.39
CA GLN E 207 9.61 -28.93 21.36
C GLN E 207 8.27 -28.23 21.58
N LYS E 208 7.35 -28.41 20.65
CA LYS E 208 6.06 -27.77 20.70
C LYS E 208 4.88 -28.75 20.83
N THR E 209 3.81 -28.28 21.45
CA THR E 209 2.62 -29.11 21.64
C THR E 209 1.90 -29.33 20.32
N VAL E 210 1.90 -28.32 19.47
CA VAL E 210 1.28 -28.42 18.16
C VAL E 210 2.20 -27.76 17.16
N ASP E 211 2.10 -28.11 15.88
CA ASP E 211 2.97 -27.46 14.88
C ASP E 211 3.15 -25.95 15.14
N GLY E 212 4.36 -25.57 15.54
CA GLY E 212 4.71 -24.20 15.82
C GLY E 212 6.05 -23.87 15.23
N PRO E 213 6.52 -22.63 15.46
CA PRO E 213 7.80 -22.14 14.93
C PRO E 213 9.09 -22.55 15.67
N SER E 214 10.09 -22.92 14.87
CA SER E 214 11.40 -23.32 15.33
C SER E 214 12.30 -23.02 14.13
N HIS E 215 12.62 -21.73 13.98
CA HIS E 215 13.46 -21.22 12.89
C HIS E 215 14.78 -21.93 12.61
N LYS E 216 15.48 -22.32 13.66
CA LYS E 216 16.77 -23.02 13.50
C LYS E 216 16.63 -24.53 13.33
N ASP E 217 15.43 -25.06 13.59
CA ASP E 217 15.19 -26.51 13.47
C ASP E 217 13.73 -26.76 13.09
N TRP E 218 13.45 -26.64 11.81
CA TRP E 218 12.11 -26.82 11.30
C TRP E 218 11.40 -28.09 11.78
N ARG E 219 12.02 -29.25 11.65
CA ARG E 219 11.34 -30.46 12.08
C ARG E 219 11.00 -30.38 13.56
N GLY E 220 11.89 -29.75 14.34
CA GLY E 220 11.73 -29.62 15.78
C GLY E 220 10.52 -28.86 16.24
N GLY E 221 9.95 -28.05 15.37
CA GLY E 221 8.79 -27.28 15.71
C GLY E 221 7.48 -28.03 15.50
N ARG E 222 7.55 -29.21 14.92
CA ARG E 222 6.34 -29.97 14.63
C ARG E 222 5.80 -30.58 15.91
N GLY E 223 4.48 -30.73 15.94
CA GLY E 223 3.80 -31.28 17.07
C GLY E 223 4.50 -32.48 17.64
N ALA E 224 5.00 -32.33 18.85
CA ALA E 224 5.71 -33.43 19.50
C ALA E 224 4.92 -34.72 19.74
N SER E 225 3.66 -34.61 20.12
CA SER E 225 2.87 -35.81 20.49
C SER E 225 2.32 -36.58 19.29
N GLN E 226 2.35 -35.97 18.13
CA GLN E 226 1.84 -36.61 16.93
C GLN E 226 2.89 -37.19 16.04
N ASN E 227 4.15 -36.84 16.30
CA ASN E 227 5.23 -37.26 15.43
C ASN E 227 6.48 -37.93 15.95
N ILE E 228 7.09 -38.69 15.01
CA ILE E 228 8.45 -39.27 15.19
C ILE E 228 9.24 -38.15 14.47
N ILE E 229 10.04 -37.43 15.18
CA ILE E 229 10.81 -36.32 14.58
C ILE E 229 12.32 -36.53 14.48
N PRO E 230 12.85 -36.65 13.24
CA PRO E 230 14.33 -36.83 13.13
C PRO E 230 15.00 -35.61 13.67
N SER E 231 16.16 -35.82 14.25
CA SER E 231 16.89 -34.70 14.81
C SER E 231 18.39 -34.95 14.82
N SER E 232 19.16 -33.87 14.84
CA SER E 232 20.62 -33.99 14.85
C SER E 232 21.09 -34.01 16.26
N THR E 233 22.24 -34.62 16.46
CA THR E 233 22.84 -34.69 17.78
C THR E 233 24.32 -35.03 17.61
N GLY E 234 25.17 -34.05 17.88
CA GLY E 234 26.60 -34.24 17.81
C GLY E 234 27.12 -35.10 18.98
N ALA E 235 26.22 -35.49 19.89
CA ALA E 235 26.52 -36.34 21.04
C ALA E 235 27.42 -37.51 20.72
N ALA E 236 27.27 -38.11 19.55
CA ALA E 236 28.09 -39.26 19.19
C ALA E 236 29.47 -38.79 18.83
N LYS E 237 29.52 -37.65 18.13
CA LYS E 237 30.79 -37.08 17.73
C LYS E 237 31.51 -36.52 18.97
N ALA E 238 30.73 -35.97 19.91
CA ALA E 238 31.24 -35.41 21.18
C ALA E 238 31.90 -36.47 22.08
N VAL E 239 31.58 -37.74 21.85
CA VAL E 239 32.25 -38.82 22.57
C VAL E 239 33.76 -38.73 22.29
N GLY E 240 34.10 -38.36 21.05
CA GLY E 240 35.48 -38.15 20.64
C GLY E 240 36.24 -37.20 21.55
N LYS E 241 35.56 -36.23 22.14
CA LYS E 241 36.19 -35.33 23.07
C LYS E 241 36.40 -35.91 24.51
N VAL E 242 35.43 -36.66 25.04
CA VAL E 242 35.62 -37.22 26.36
C VAL E 242 36.45 -38.52 26.27
N LEU E 243 36.46 -39.13 25.08
CA LEU E 243 37.25 -40.34 24.82
C LEU E 243 38.03 -40.14 23.53
N PRO E 244 39.14 -39.38 23.60
CA PRO E 244 39.98 -39.05 22.44
C PRO E 244 40.26 -40.22 21.53
N GLU E 245 40.50 -41.39 22.11
CA GLU E 245 40.78 -42.61 21.31
C GLU E 245 39.65 -42.96 20.30
N LEU E 246 38.43 -42.44 20.51
CA LEU E 246 37.30 -42.71 19.62
C LEU E 246 36.99 -41.51 18.72
N ASN E 247 37.85 -40.52 18.73
CA ASN E 247 37.63 -39.36 17.90
C ASN E 247 37.57 -39.77 16.44
N GLY E 248 36.55 -39.29 15.74
CA GLY E 248 36.38 -39.62 14.32
C GLY E 248 35.84 -41.02 14.01
N LYS E 249 35.56 -41.82 15.04
CA LYS E 249 35.05 -43.19 14.86
C LYS E 249 33.56 -43.37 15.10
N LEU E 250 32.90 -42.35 15.63
CA LEU E 250 31.47 -42.43 15.92
C LEU E 250 30.75 -41.20 15.55
N THR E 251 29.51 -41.38 15.15
CA THR E 251 28.64 -40.27 14.86
C THR E 251 27.25 -40.86 14.89
N GLY E 252 26.22 -40.03 14.81
CA GLY E 252 24.86 -40.58 14.83
C GLY E 252 23.76 -39.55 14.71
N MET E 253 22.54 -39.96 15.01
CA MET E 253 21.38 -39.10 14.96
C MET E 253 20.31 -39.48 15.95
N ALA E 254 19.18 -38.77 15.91
CA ALA E 254 18.13 -39.02 16.84
C ALA E 254 16.76 -38.92 16.26
N PHE E 255 15.83 -39.57 16.96
CA PHE E 255 14.44 -39.53 16.62
C PHE E 255 13.74 -39.14 17.92
N ARG E 256 13.04 -38.01 17.91
CA ARG E 256 12.29 -37.57 19.06
C ARG E 256 10.92 -38.23 18.93
N VAL E 257 10.51 -38.98 19.95
CA VAL E 257 9.19 -39.62 19.93
C VAL E 257 8.32 -39.08 21.09
N PRO E 258 7.03 -39.33 21.04
CA PRO E 258 6.14 -38.82 22.05
C PRO E 258 6.09 -39.46 23.44
N THR E 259 7.20 -39.46 24.16
CA THR E 259 7.19 -39.93 25.54
C THR E 259 7.71 -38.75 26.33
N PRO E 260 7.20 -38.53 27.54
CA PRO E 260 7.63 -37.39 28.34
C PRO E 260 9.02 -37.49 28.98
N ASN E 261 9.58 -38.72 29.08
CA ASN E 261 10.88 -38.90 29.72
C ASN E 261 11.45 -40.28 29.45
N VAL E 262 12.77 -40.42 29.56
CA VAL E 262 13.50 -41.68 29.31
C VAL E 262 13.72 -41.92 27.80
N SER E 263 14.99 -42.10 27.45
CA SER E 263 15.42 -42.28 26.10
C SER E 263 16.31 -43.52 25.98
N VAL E 264 16.73 -43.88 24.76
CA VAL E 264 17.55 -45.07 24.57
C VAL E 264 18.52 -44.94 23.41
N VAL E 265 19.74 -45.49 23.53
CA VAL E 265 20.67 -45.45 22.40
C VAL E 265 20.76 -46.83 21.76
N ASP E 266 20.94 -46.83 20.46
CA ASP E 266 21.07 -47.96 19.60
C ASP E 266 22.43 -47.79 18.90
N LEU E 267 23.46 -48.39 19.48
CA LEU E 267 24.80 -48.31 18.97
C LEU E 267 25.16 -49.49 18.12
N THR E 268 25.46 -49.23 16.86
CA THR E 268 25.86 -50.25 15.90
C THR E 268 27.35 -50.09 15.64
N VAL E 269 28.16 -51.03 16.11
CA VAL E 269 29.62 -50.94 15.97
C VAL E 269 30.29 -52.14 15.31
N ARG E 270 31.49 -51.90 14.78
CA ARG E 270 32.26 -52.93 14.12
C ARG E 270 33.45 -53.10 15.02
N LEU E 271 33.71 -54.33 15.46
CA LEU E 271 34.80 -54.60 16.40
C LEU E 271 36.08 -55.14 15.81
N GLU E 272 37.19 -54.76 16.41
CA GLU E 272 38.49 -55.21 15.96
C GLU E 272 38.68 -56.65 16.39
OH ALY E 273 41.91 -53.68 22.98
CH ALY E 273 42.00 -54.35 21.97
CH3 ALY E 273 41.84 -53.66 20.64
NZ ALY E 273 42.24 -55.69 22.04
CE ALY E 273 42.44 -56.76 21.03
CD ALY E 273 41.27 -57.75 21.05
CG ALY E 273 40.60 -57.94 19.68
CB ALY E 273 39.13 -58.32 19.65
CA ALY E 273 38.54 -58.27 18.24
N ALY E 273 38.40 -56.93 17.67
C ALY E 273 37.21 -58.95 18.20
O ALY E 273 36.22 -58.40 18.59
N ALA E 274 37.17 -60.17 17.70
CA ALA E 274 35.92 -60.91 17.59
C ALA E 274 35.39 -61.17 18.96
N ALA E 275 34.08 -61.06 19.11
CA ALA E 275 33.47 -61.31 20.40
C ALA E 275 32.05 -61.76 20.22
N THR E 276 31.70 -62.86 20.87
CA THR E 276 30.34 -63.39 20.82
C THR E 276 29.51 -62.46 21.67
N TYR E 277 28.21 -62.55 21.52
CA TYR E 277 27.32 -61.65 22.27
C TYR E 277 27.44 -61.99 23.75
N GLU E 278 27.70 -63.26 24.06
N GLU E 278 27.73 -63.24 24.06
CA GLU E 278 27.79 -63.68 25.45
CA GLU E 278 27.79 -63.64 25.44
C GLU E 278 28.98 -62.97 26.10
C GLU E 278 28.98 -62.94 26.09
N GLN E 279 30.05 -62.78 25.32
CA GLN E 279 31.27 -62.12 25.81
C GLN E 279 31.07 -60.65 26.06
N ILE E 280 30.28 -60.03 25.19
CA ILE E 280 29.98 -58.63 25.31
C ILE E 280 29.17 -58.43 26.56
N LYS E 281 28.12 -59.22 26.72
CA LYS E 281 27.34 -59.18 27.96
C LYS E 281 28.25 -59.26 29.20
N ALA E 282 29.14 -60.23 29.23
CA ALA E 282 30.03 -60.37 30.35
C ALA E 282 30.91 -59.13 30.59
N ALA E 283 31.40 -58.52 29.52
CA ALA E 283 32.29 -57.37 29.63
C ALA E 283 31.57 -56.22 30.29
N VAL E 284 30.37 -55.96 29.80
CA VAL E 284 29.54 -54.88 30.32
C VAL E 284 29.14 -55.16 31.76
N LYS E 285 28.68 -56.37 32.01
CA LYS E 285 28.24 -56.74 33.35
C LYS E 285 29.40 -56.56 34.32
N ALA E 286 30.61 -56.89 33.87
CA ALA E 286 31.77 -56.76 34.74
C ALA E 286 32.00 -55.31 35.10
N ALA E 287 31.87 -54.45 34.09
CA ALA E 287 32.11 -53.05 34.28
C ALA E 287 31.04 -52.46 35.18
N ALA E 288 29.82 -52.94 35.01
CA ALA E 288 28.68 -52.44 35.78
C ALA E 288 28.77 -52.79 37.23
N GLU E 289 29.31 -53.97 37.52
CA GLU E 289 29.49 -54.42 38.90
C GLU E 289 30.80 -53.96 39.49
N GLY E 290 31.70 -53.47 38.64
CA GLY E 290 33.00 -53.03 39.09
C GLY E 290 33.32 -51.55 39.00
N GLU E 291 34.26 -51.24 38.13
CA GLU E 291 34.80 -49.89 37.97
C GLU E 291 33.75 -48.82 37.67
N MET E 292 32.73 -49.17 36.89
CA MET E 292 31.72 -48.19 36.52
C MET E 292 30.43 -48.41 37.25
N LYS E 293 30.51 -48.90 38.48
CA LYS E 293 29.30 -49.11 39.28
C LYS E 293 28.62 -47.76 39.53
N GLY E 294 27.29 -47.74 39.43
CA GLY E 294 26.52 -46.52 39.61
C GLY E 294 26.38 -45.67 38.34
N VAL E 295 27.23 -45.91 37.35
CA VAL E 295 27.21 -45.18 36.09
C VAL E 295 26.61 -46.06 35.02
N LEU E 296 27.25 -47.19 34.79
CA LEU E 296 26.79 -48.16 33.82
C LEU E 296 26.03 -49.30 34.49
N GLY E 297 24.81 -49.53 34.05
CA GLY E 297 23.97 -50.59 34.58
C GLY E 297 23.84 -51.73 33.58
N TYR E 298 23.27 -52.84 34.03
CA TYR E 298 23.09 -54.02 33.21
C TYR E 298 21.81 -54.74 33.55
N THR E 299 21.02 -55.13 32.56
CA THR E 299 19.80 -55.85 32.81
C THR E 299 19.54 -56.90 31.75
N GLU E 300 18.88 -57.98 32.16
CA GLU E 300 18.51 -59.06 31.24
C GLU E 300 16.98 -59.22 31.26
N ASP E 301 16.29 -58.28 31.91
CA ASP E 301 14.84 -58.36 32.02
C ASP E 301 14.18 -57.74 30.80
N ASP E 302 12.90 -58.02 30.64
CA ASP E 302 12.10 -57.52 29.50
C ASP E 302 11.56 -56.10 29.77
N VAL E 303 12.49 -55.18 29.88
CA VAL E 303 12.15 -53.82 30.20
C VAL E 303 11.65 -52.91 29.07
N VAL E 304 10.98 -51.83 29.48
CA VAL E 304 10.48 -50.83 28.57
C VAL E 304 10.88 -49.52 29.21
N SER E 305 10.77 -48.44 28.47
CA SER E 305 11.26 -47.14 28.92
C SER E 305 10.82 -46.74 30.28
N THR E 306 9.56 -46.97 30.63
CA THR E 306 9.07 -46.51 31.96
C THR E 306 9.78 -47.17 33.10
N ASP E 307 10.39 -48.30 32.83
CA ASP E 307 11.11 -49.00 33.88
C ASP E 307 12.35 -48.24 34.30
N PHE E 308 12.69 -47.18 33.59
CA PHE E 308 13.89 -46.40 33.94
C PHE E 308 13.55 -44.99 34.37
N ASN E 309 12.27 -44.71 34.52
CA ASN E 309 11.90 -43.41 34.99
C ASN E 309 12.44 -43.32 36.40
N GLY E 310 13.37 -42.42 36.66
CA GLY E 310 13.95 -42.28 38.01
C GLY E 310 15.31 -42.92 38.14
N GLU E 311 15.72 -43.63 37.11
CA GLU E 311 17.03 -44.29 37.09
C GLU E 311 18.21 -43.34 37.23
N VAL E 312 19.11 -43.66 38.14
CA VAL E 312 20.29 -42.85 38.41
C VAL E 312 21.47 -43.21 37.52
N CYS E 313 21.56 -44.47 37.08
CA CYS E 313 22.66 -44.85 36.20
C CYS E 313 22.42 -44.09 34.92
N THR E 314 23.51 -43.65 34.29
CA THR E 314 23.43 -42.87 33.07
C THR E 314 23.42 -43.71 31.83
N SER E 315 23.60 -45.00 32.01
CA SER E 315 23.55 -45.89 30.87
C SER E 315 23.23 -47.28 31.37
N VAL E 316 22.14 -47.88 30.89
CA VAL E 316 21.77 -49.21 31.37
C VAL E 316 21.63 -50.14 30.21
N PHE E 317 22.64 -50.98 30.06
CA PHE E 317 22.68 -51.96 28.99
C PHE E 317 21.50 -52.94 29.05
N ASP E 318 20.86 -53.13 27.90
CA ASP E 318 19.74 -54.01 27.76
C ASP E 318 20.23 -55.20 26.96
N ALA E 319 20.61 -56.25 27.66
CA ALA E 319 21.14 -57.43 27.00
C ALA E 319 20.23 -58.06 25.96
N LYS E 320 18.97 -58.33 26.31
CA LYS E 320 18.05 -59.00 25.38
C LYS E 320 17.67 -58.21 24.18
N ALA E 321 17.69 -56.90 24.30
CA ALA E 321 17.30 -56.04 23.17
C ALA E 321 18.32 -55.98 22.03
N GLY E 322 19.59 -56.10 22.36
CA GLY E 322 20.64 -56.01 21.38
C GLY E 322 20.69 -57.23 20.51
N ILE E 323 21.38 -57.10 19.37
CA ILE E 323 21.47 -58.18 18.42
C ILE E 323 22.79 -58.12 17.72
N ALA E 324 23.34 -59.29 17.44
CA ALA E 324 24.63 -59.42 16.78
C ALA E 324 24.51 -60.12 15.43
N LEU E 325 25.10 -59.52 14.39
CA LEU E 325 25.01 -60.13 13.08
C LEU E 325 26.08 -61.18 13.06
N ASN E 326 27.23 -60.83 13.63
CA ASN E 326 28.38 -61.73 13.71
C ASN E 326 29.36 -61.29 14.81
N ASP E 327 30.47 -62.01 14.95
CA ASP E 327 31.42 -61.73 16.04
C ASP E 327 32.08 -60.37 15.92
N ASN E 328 31.87 -59.66 14.80
CA ASN E 328 32.49 -58.35 14.65
C ASN E 328 31.58 -57.20 14.25
N PHE E 329 30.26 -57.41 14.30
CA PHE E 329 29.31 -56.38 13.87
C PHE E 329 28.12 -56.58 14.73
N VAL E 330 27.90 -55.60 15.61
CA VAL E 330 26.87 -55.69 16.63
C VAL E 330 26.07 -54.43 16.85
N LYS E 331 24.84 -54.62 17.32
CA LYS E 331 23.93 -53.52 17.66
C LYS E 331 23.64 -53.64 19.15
N LEU E 332 24.11 -52.66 19.91
CA LEU E 332 23.97 -52.63 21.34
C LEU E 332 22.94 -51.59 21.77
N VAL E 333 22.14 -51.92 22.79
CA VAL E 333 21.11 -51.03 23.27
C VAL E 333 21.30 -50.61 24.70
N SER E 334 21.24 -49.30 24.98
CA SER E 334 21.36 -48.82 26.37
C SER E 334 20.38 -47.68 26.70
N TRP E 335 19.66 -47.86 27.82
CA TRP E 335 18.65 -46.91 28.29
C TRP E 335 19.19 -45.82 29.19
N TYR E 336 18.47 -44.70 29.23
CA TYR E 336 18.83 -43.59 30.08
C TYR E 336 17.70 -42.65 30.41
N ASP E 337 17.59 -42.28 31.70
CA ASP E 337 16.59 -41.33 32.11
C ASP E 337 17.28 -40.00 31.84
N ASN E 338 16.87 -39.34 30.78
CA ASN E 338 17.48 -38.10 30.41
C ASN E 338 17.39 -36.95 31.41
N GLU E 339 16.55 -37.06 32.42
CA GLU E 339 16.46 -36.00 33.40
C GLU E 339 17.21 -36.40 34.63
N THR E 340 16.88 -37.58 35.14
CA THR E 340 17.47 -38.04 36.40
C THR E 340 18.93 -38.44 36.35
N GLY E 341 19.34 -39.21 35.37
CA GLY E 341 20.73 -39.65 35.32
C GLY E 341 21.66 -38.47 35.22
N TYR E 342 21.46 -37.66 34.20
CA TYR E 342 22.27 -36.50 33.95
C TYR E 342 22.28 -35.60 35.15
N SER E 343 21.12 -35.30 35.71
CA SER E 343 21.08 -34.46 36.91
C SER E 343 21.99 -35.00 38.02
N ASN E 344 21.95 -36.30 38.29
CA ASN E 344 22.81 -36.83 39.33
C ASN E 344 24.29 -36.68 38.98
N LYS E 345 24.64 -36.87 37.72
CA LYS E 345 26.03 -36.76 37.31
C LYS E 345 26.49 -35.32 37.35
N VAL E 346 25.58 -34.37 37.18
CA VAL E 346 25.97 -32.98 37.35
C VAL E 346 26.50 -32.84 38.79
N LEU E 347 25.79 -33.39 39.75
CA LEU E 347 26.22 -33.32 41.15
C LEU E 347 27.54 -34.09 41.34
N ASP E 348 27.69 -35.21 40.66
CA ASP E 348 28.90 -36.00 40.79
C ASP E 348 30.09 -35.16 40.32
N LEU E 349 29.85 -34.40 39.25
CA LEU E 349 30.91 -33.53 38.69
C LEU E 349 31.22 -32.37 39.61
N ILE E 350 30.19 -31.79 40.22
CA ILE E 350 30.38 -30.69 41.14
C ILE E 350 31.26 -31.17 42.28
N ALA E 351 30.95 -32.34 42.78
CA ALA E 351 31.70 -32.92 43.90
C ALA E 351 33.13 -33.20 43.49
N HIS E 352 33.30 -33.67 42.27
CA HIS E 352 34.63 -34.02 41.75
C HIS E 352 35.56 -32.82 41.59
N ILE E 353 35.06 -31.75 40.98
CA ILE E 353 35.89 -30.56 40.80
C ILE E 353 36.12 -29.80 42.10
N SER E 354 35.44 -30.20 43.18
CA SER E 354 35.58 -29.52 44.48
C SER E 354 36.54 -30.21 45.41
N LYS E 355 37.10 -31.34 44.99
CA LYS E 355 38.10 -32.00 45.79
C LYS E 355 39.32 -31.07 45.91
N MET F 25 -18.13 -9.83 -5.66
CA MET F 25 -16.78 -9.27 -5.46
C MET F 25 -15.80 -10.04 -4.60
N THR F 26 -14.65 -10.27 -5.20
CA THR F 26 -13.51 -10.94 -4.49
C THR F 26 -13.01 -10.03 -3.44
N ILE F 27 -13.10 -10.45 -2.19
CA ILE F 27 -12.66 -9.63 -1.08
C ILE F 27 -11.20 -9.89 -0.80
N LYS F 28 -10.37 -8.86 -0.88
CA LYS F 28 -8.95 -9.02 -0.59
C LYS F 28 -8.70 -9.06 0.92
N VAL F 29 -8.04 -10.12 1.37
CA VAL F 29 -7.73 -10.28 2.77
C VAL F 29 -6.24 -10.37 3.07
N GLY F 30 -5.87 -9.79 4.20
CA GLY F 30 -4.51 -9.80 4.68
C GLY F 30 -4.53 -10.55 6.01
N ILE F 31 -3.57 -11.45 6.21
CA ILE F 31 -3.52 -12.21 7.45
C ILE F 31 -2.35 -11.75 8.30
N ASN F 32 -2.62 -11.39 9.54
CA ASN F 32 -1.55 -10.98 10.41
C ASN F 32 -1.46 -12.06 11.44
N GLY F 33 -0.37 -12.83 11.40
CA GLY F 33 -0.17 -13.93 12.33
C GLY F 33 -0.43 -15.21 11.58
N PHE F 34 0.63 -15.96 11.27
CA PHE F 34 0.49 -17.17 10.50
C PHE F 34 0.64 -18.40 11.38
N GLY F 35 -0.08 -18.39 12.50
CA GLY F 35 -0.07 -19.49 13.46
C GLY F 35 -1.12 -20.50 13.05
N ARG F 36 -1.63 -21.25 14.02
CA ARG F 36 -2.60 -22.29 13.71
C ARG F 36 -3.82 -21.72 13.01
N ILE F 37 -4.44 -20.71 13.59
CA ILE F 37 -5.62 -20.11 12.98
C ILE F 37 -5.28 -19.45 11.64
N GLY F 38 -4.22 -18.66 11.60
CA GLY F 38 -3.83 -18.00 10.37
C GLY F 38 -3.69 -18.97 9.23
N ARG F 39 -3.03 -20.08 9.49
CA ARG F 39 -2.80 -21.09 8.47
C ARG F 39 -4.03 -21.85 8.04
N ILE F 40 -4.94 -22.14 8.96
CA ILE F 40 -6.16 -22.87 8.61
C ILE F 40 -7.10 -21.92 7.88
N VAL F 41 -7.11 -20.65 8.30
CA VAL F 41 -7.91 -19.64 7.62
C VAL F 41 -7.38 -19.58 6.18
N PHE F 42 -6.07 -19.58 6.04
CA PHE F 42 -5.48 -19.53 4.72
C PHE F 42 -5.95 -20.67 3.85
N ARG F 43 -5.93 -21.89 4.39
CA ARG F 43 -6.33 -23.04 3.61
C ARG F 43 -7.80 -22.99 3.23
N ALA F 44 -8.64 -22.53 4.15
CA ALA F 44 -10.09 -22.49 3.92
C ALA F 44 -10.45 -21.48 2.87
N ALA F 45 -9.63 -20.45 2.78
CA ALA F 45 -9.82 -19.40 1.81
C ALA F 45 -9.59 -19.86 0.38
N GLN F 46 -8.79 -20.91 0.19
CA GLN F 46 -8.51 -21.45 -1.16
C GLN F 46 -9.72 -22.10 -1.76
N LYS F 47 -10.58 -22.64 -0.90
CA LYS F 47 -11.82 -23.29 -1.32
C LYS F 47 -13.02 -22.34 -1.53
N ARG F 48 -12.85 -21.04 -1.30
CA ARG F 48 -13.90 -20.06 -1.48
C ARG F 48 -13.49 -19.12 -2.57
N SER F 49 -14.42 -18.84 -3.48
CA SER F 49 -14.15 -17.94 -4.58
C SER F 49 -14.43 -16.48 -4.24
N ASP F 50 -15.16 -16.21 -3.16
CA ASP F 50 -15.46 -14.83 -2.76
C ASP F 50 -14.36 -14.17 -1.91
N ILE F 51 -13.34 -14.95 -1.51
CA ILE F 51 -12.25 -14.40 -0.71
C ILE F 51 -10.87 -14.83 -1.19
N GLU F 52 -9.95 -13.86 -1.24
CA GLU F 52 -8.57 -14.07 -1.65
C GLU F 52 -7.58 -13.54 -0.66
N ILE F 53 -6.66 -14.41 -0.24
CA ILE F 53 -5.61 -13.96 0.65
C ILE F 53 -4.57 -13.38 -0.29
N VAL F 54 -4.19 -12.14 -0.06
CA VAL F 54 -3.21 -11.49 -0.92
C VAL F 54 -1.95 -11.08 -0.20
N ALA F 55 -1.94 -11.24 1.12
CA ALA F 55 -0.79 -10.87 1.92
C ALA F 55 -0.83 -11.56 3.28
N ILE F 56 0.36 -11.84 3.80
CA ILE F 56 0.55 -12.48 5.09
C ILE F 56 1.69 -11.79 5.85
N ASN F 57 1.50 -11.53 7.13
CA ASN F 57 2.55 -10.91 7.92
C ASN F 57 2.83 -11.73 9.14
N ASP F 58 4.11 -11.98 9.40
CA ASP F 58 4.52 -12.73 10.57
C ASP F 58 6.04 -12.67 10.59
N LEU F 59 6.63 -12.97 11.74
CA LEU F 59 8.07 -12.93 11.92
C LEU F 59 8.70 -14.20 11.37
N LEU F 60 8.48 -14.49 10.11
CA LEU F 60 9.02 -15.71 9.50
C LEU F 60 9.44 -15.51 8.05
N ASP F 61 10.53 -16.15 7.66
CA ASP F 61 10.99 -16.05 6.27
C ASP F 61 9.96 -16.71 5.39
N ALA F 62 9.90 -16.31 4.13
CA ALA F 62 8.91 -16.86 3.21
C ALA F 62 9.10 -18.35 3.01
N ASP F 63 10.34 -18.79 2.93
CA ASP F 63 10.60 -20.23 2.74
C ASP F 63 10.06 -21.08 3.91
N TYR F 64 10.06 -20.49 5.11
CA TYR F 64 9.56 -21.18 6.27
C TYR F 64 8.03 -21.11 6.29
N MET F 65 7.42 -20.01 5.85
CA MET F 65 5.96 -19.97 5.82
C MET F 65 5.51 -21.02 4.84
N ALA F 66 6.25 -21.17 3.74
CA ALA F 66 5.89 -22.14 2.71
C ALA F 66 5.88 -23.53 3.33
N TYR F 67 6.89 -23.82 4.15
CA TYR F 67 6.96 -25.10 4.83
C TYR F 67 5.80 -25.29 5.78
N MET F 68 5.51 -24.29 6.62
CA MET F 68 4.37 -24.41 7.59
C MET F 68 3.02 -24.63 6.88
N LEU F 69 2.95 -24.16 5.66
CA LEU F 69 1.77 -24.29 4.86
C LEU F 69 1.72 -25.64 4.14
OH ALY F 70 9.98 -27.53 2.87
CH ALY F 70 9.36 -26.81 2.14
CH3 ALY F 70 9.78 -25.39 2.08
NZ ALY F 70 8.36 -27.29 1.38
CE ALY F 70 7.41 -26.71 0.38
CD ALY F 70 6.06 -27.52 0.30
CG ALY F 70 4.79 -26.87 0.94
CB ALY F 70 4.27 -27.65 2.14
CA ALY F 70 2.88 -27.33 2.75
N ALY F 70 2.83 -26.06 3.53
C ALY F 70 2.57 -28.53 3.62
O ALY F 70 1.76 -29.35 3.27
N TYR F 71 3.19 -28.59 4.81
CA TYR F 71 3.01 -29.70 5.73
C TYR F 71 2.32 -29.33 7.07
N ASP F 72 1.34 -30.15 7.48
CA ASP F 72 0.56 -29.91 8.71
C ASP F 72 0.30 -31.25 9.37
N SER F 73 0.69 -31.36 10.62
CA SER F 73 0.57 -32.64 11.35
C SER F 73 -0.84 -33.09 11.53
N THR F 74 -1.74 -32.15 11.70
CA THR F 74 -3.10 -32.43 11.93
C THR F 74 -3.94 -32.53 10.67
N HIS F 75 -3.73 -31.62 9.71
CA HIS F 75 -4.57 -31.57 8.52
C HIS F 75 -3.93 -32.02 7.23
N GLY F 76 -2.82 -32.72 7.34
CA GLY F 76 -2.15 -33.25 6.16
C GLY F 76 -1.52 -32.21 5.26
N ARG F 77 -1.08 -32.66 4.09
CA ARG F 77 -0.42 -31.78 3.14
C ARG F 77 -1.38 -30.84 2.45
N PHE F 78 -0.90 -29.64 2.17
CA PHE F 78 -1.66 -28.63 1.51
C PHE F 78 -2.06 -29.10 0.15
N ASP F 79 -3.35 -28.95 -0.16
CA ASP F 79 -3.87 -29.37 -1.44
C ASP F 79 -3.63 -28.25 -2.44
N GLY F 80 -2.42 -28.17 -2.97
CA GLY F 80 -2.09 -27.13 -3.96
C GLY F 80 -0.61 -26.93 -4.07
N THR F 81 -0.21 -26.04 -4.97
CA THR F 81 1.19 -25.77 -5.18
C THR F 81 1.63 -24.53 -4.43
N VAL F 82 2.83 -24.58 -3.88
CA VAL F 82 3.40 -23.46 -3.16
C VAL F 82 4.90 -23.35 -3.44
N GLU F 83 5.33 -22.21 -3.98
CA GLU F 83 6.74 -21.98 -4.25
C GLU F 83 7.13 -20.59 -3.74
N VAL F 84 8.42 -20.37 -3.53
CA VAL F 84 8.94 -19.08 -3.06
C VAL F 84 9.69 -18.36 -4.19
N LYS F 85 9.40 -17.08 -4.38
CA LYS F 85 10.06 -16.31 -5.40
C LYS F 85 10.29 -14.88 -4.92
N ASP F 86 11.55 -14.47 -4.89
CA ASP F 86 11.93 -13.11 -4.49
C ASP F 86 11.44 -12.74 -3.11
N GLY F 87 11.56 -13.68 -2.18
CA GLY F 87 11.14 -13.45 -0.81
C GLY F 87 9.65 -13.40 -0.59
N HIS F 88 8.90 -13.68 -1.65
CA HIS F 88 7.45 -13.70 -1.57
C HIS F 88 6.97 -15.10 -1.88
N LEU F 89 5.70 -15.30 -1.68
CA LEU F 89 5.14 -16.61 -1.83
C LEU F 89 4.22 -16.70 -3.03
N ILE F 90 4.27 -17.82 -3.73
CA ILE F 90 3.38 -18.06 -4.89
C ILE F 90 2.57 -19.34 -4.67
N VAL F 91 1.30 -19.16 -4.35
CA VAL F 91 0.40 -20.25 -4.05
C VAL F 91 -0.64 -20.41 -5.14
N ASN F 92 -0.61 -21.55 -5.82
CA ASN F 92 -1.57 -21.84 -6.90
C ASN F 92 -1.51 -20.71 -7.90
N GLY F 93 -0.28 -20.34 -8.26
CA GLY F 93 -0.02 -19.27 -9.25
C GLY F 93 -0.42 -17.84 -8.89
N LYS F 94 -0.62 -17.53 -7.60
CA LYS F 94 -1.00 -16.18 -7.14
C LYS F 94 0.06 -15.63 -6.20
N LYS F 95 0.46 -14.37 -6.36
CA LYS F 95 1.43 -13.81 -5.42
C LYS F 95 0.79 -13.44 -4.12
N ILE F 96 1.46 -13.82 -3.04
CA ILE F 96 1.03 -13.49 -1.71
C ILE F 96 2.19 -12.67 -1.15
N ARG F 97 1.92 -11.42 -0.77
CA ARG F 97 2.97 -10.58 -0.23
C ARG F 97 3.31 -11.02 1.20
N VAL F 98 4.57 -11.32 1.43
CA VAL F 98 5.08 -11.74 2.71
C VAL F 98 5.87 -10.62 3.34
N THR F 99 5.48 -10.23 4.55
CA THR F 99 6.14 -9.18 5.31
C THR F 99 6.50 -9.70 6.70
N ALA F 100 7.37 -8.98 7.40
CA ALA F 100 7.79 -9.38 8.74
C ALA F 100 7.83 -8.20 9.69
N GLU F 101 6.81 -7.35 9.61
CA GLU F 101 6.69 -6.17 10.47
C GLU F 101 6.19 -6.52 11.86
N ARG F 102 6.83 -5.95 12.87
N ARG F 102 6.84 -5.97 12.88
CA ARG F 102 6.47 -6.20 14.25
CA ARG F 102 6.48 -6.20 14.27
C ARG F 102 5.35 -5.25 14.64
C ARG F 102 5.35 -5.24 14.66
N ASP F 103 5.44 -4.01 14.15
CA ASP F 103 4.45 -2.98 14.42
C ASP F 103 3.51 -2.84 13.22
N PRO F 104 2.23 -3.21 13.41
CA PRO F 104 1.21 -3.18 12.36
C PRO F 104 1.01 -1.87 11.60
N ALA F 105 1.41 -0.75 12.16
CA ALA F 105 1.24 0.52 11.45
C ALA F 105 2.10 0.56 10.17
N ASN F 106 3.13 -0.28 10.12
CA ASN F 106 4.05 -0.34 8.97
C ASN F 106 3.69 -1.35 7.90
N LEU F 107 2.56 -2.03 8.06
CA LEU F 107 2.15 -3.06 7.10
C LEU F 107 1.79 -2.59 5.68
N LYS F 108 1.44 -1.33 5.52
CA LYS F 108 1.08 -0.80 4.20
C LYS F 108 0.12 -1.73 3.47
N TRP F 109 -1.02 -2.04 4.09
CA TRP F 109 -2.00 -2.96 3.47
C TRP F 109 -2.60 -2.43 2.17
N ASP F 110 -2.74 -1.11 2.08
CA ASP F 110 -3.30 -0.50 0.89
C ASP F 110 -2.48 -0.77 -0.38
N GLU F 111 -1.18 -1.04 -0.21
CA GLU F 111 -0.30 -1.30 -1.37
C GLU F 111 -0.62 -2.58 -2.08
N VAL F 112 -1.24 -3.52 -1.37
CA VAL F 112 -1.61 -4.77 -2.01
C VAL F 112 -3.17 -4.89 -2.04
N GLY F 113 -3.83 -3.73 -1.90
CA GLY F 113 -5.29 -3.61 -1.93
C GLY F 113 -6.13 -4.40 -0.96
N VAL F 114 -5.65 -4.55 0.28
CA VAL F 114 -6.39 -5.31 1.29
C VAL F 114 -7.63 -4.62 1.82
N ASP F 115 -8.77 -5.31 1.72
CA ASP F 115 -10.04 -4.81 2.23
C ASP F 115 -10.16 -5.10 3.74
N VAL F 116 -9.97 -6.37 4.11
CA VAL F 116 -10.09 -6.78 5.51
C VAL F 116 -8.87 -7.53 6.01
N VAL F 117 -8.54 -7.31 7.27
CA VAL F 117 -7.43 -8.00 7.89
C VAL F 117 -7.90 -8.99 8.94
N ALA F 118 -7.38 -10.21 8.87
CA ALA F 118 -7.67 -11.23 9.84
C ALA F 118 -6.55 -11.11 10.87
N GLU F 119 -6.86 -10.50 12.01
CA GLU F 119 -5.88 -10.31 13.07
C GLU F 119 -5.77 -11.60 13.88
N ALA F 120 -4.71 -12.37 13.62
CA ALA F 120 -4.56 -13.67 14.27
C ALA F 120 -3.28 -13.92 15.04
N THR F 121 -2.72 -12.88 15.63
CA THR F 121 -1.50 -13.03 16.39
C THR F 121 -1.81 -13.27 17.85
N GLY F 122 -3.05 -12.99 18.24
CA GLY F 122 -3.46 -13.13 19.63
C GLY F 122 -3.00 -11.97 20.51
N LEU F 123 -2.27 -11.02 19.94
CA LEU F 123 -1.72 -9.87 20.69
C LEU F 123 -2.45 -8.54 20.53
N PHE F 124 -3.25 -8.38 19.47
CA PHE F 124 -3.92 -7.11 19.25
C PHE F 124 -5.44 -7.29 19.33
N LEU F 125 -5.92 -7.47 20.55
CA LEU F 125 -7.35 -7.70 20.79
C LEU F 125 -8.09 -6.54 21.43
N THR F 126 -7.60 -5.32 21.20
CA THR F 126 -8.25 -4.11 21.71
C THR F 126 -8.44 -3.21 20.52
N ASP F 127 -9.32 -2.23 20.64
CA ASP F 127 -9.55 -1.34 19.53
C ASP F 127 -8.31 -0.58 19.09
N GLU F 128 -7.56 0.00 20.03
CA GLU F 128 -6.39 0.77 19.62
C GLU F 128 -5.32 -0.08 18.94
N THR F 129 -5.07 -1.29 19.43
CA THR F 129 -4.06 -2.14 18.81
C THR F 129 -4.48 -2.63 17.42
N ALA F 130 -5.75 -2.99 17.26
CA ALA F 130 -6.24 -3.47 15.97
C ALA F 130 -6.43 -2.35 14.99
N ARG F 131 -6.78 -1.16 15.52
CA ARG F 131 -7.00 0.06 14.71
C ARG F 131 -5.79 0.34 13.83
N LYS F 132 -4.61 -0.10 14.27
CA LYS F 132 -3.40 0.13 13.50
C LYS F 132 -3.47 -0.39 12.07
N HIS F 133 -4.18 -1.50 11.85
CA HIS F 133 -4.30 -2.06 10.51
C HIS F 133 -5.04 -1.08 9.62
N ILE F 134 -6.02 -0.38 10.21
CA ILE F 134 -6.79 0.59 9.45
C ILE F 134 -5.90 1.79 9.13
N THR F 135 -5.07 2.18 10.11
CA THR F 135 -4.15 3.31 9.93
C THR F 135 -3.21 2.93 8.79
N ALA F 136 -2.89 1.64 8.69
CA ALA F 136 -1.99 1.12 7.67
C ALA F 136 -2.64 0.83 6.30
N GLY F 137 -3.89 1.25 6.10
CA GLY F 137 -4.56 1.04 4.80
C GLY F 137 -5.70 0.05 4.68
N ALA F 138 -5.87 -0.82 5.65
CA ALA F 138 -6.96 -1.79 5.58
C ALA F 138 -8.25 -1.08 5.93
N LYS F 139 -9.37 -1.55 5.37
CA LYS F 139 -10.67 -0.93 5.65
C LYS F 139 -11.30 -1.48 6.93
N LYS F 140 -11.25 -2.79 7.13
CA LYS F 140 -11.82 -3.42 8.33
C LYS F 140 -10.94 -4.50 8.91
N VAL F 141 -11.24 -4.89 10.14
CA VAL F 141 -10.47 -5.89 10.86
C VAL F 141 -11.33 -6.89 11.63
N VAL F 142 -10.93 -8.16 11.56
CA VAL F 142 -11.62 -9.21 12.25
C VAL F 142 -10.62 -9.89 13.17
N MET F 143 -10.82 -9.71 14.47
CA MET F 143 -9.98 -10.34 15.46
C MET F 143 -10.35 -11.81 15.51
N THR F 144 -9.37 -12.70 15.44
CA THR F 144 -9.65 -14.11 15.51
C THR F 144 -9.58 -14.60 16.93
N GLY F 145 -10.15 -13.84 17.85
CA GLY F 145 -10.15 -14.21 19.25
C GLY F 145 -11.09 -13.28 19.97
N PRO F 146 -11.46 -13.61 21.21
CA PRO F 146 -12.35 -12.70 21.92
C PRO F 146 -11.64 -11.41 22.25
N SER F 147 -12.37 -10.30 22.15
CA SER F 147 -11.80 -8.99 22.43
C SER F 147 -11.57 -8.72 23.92
N LYS F 148 -10.45 -8.08 24.24
CA LYS F 148 -10.12 -7.76 25.63
C LYS F 148 -10.77 -6.48 26.07
N ASP F 149 -11.22 -5.68 25.12
CA ASP F 149 -11.94 -4.46 25.44
C ASP F 149 -13.40 -4.75 25.06
N ASN F 150 -14.17 -3.73 24.70
CA ASN F 150 -15.56 -3.93 24.33
C ASN F 150 -15.82 -3.97 22.84
N THR F 151 -14.80 -4.35 22.07
CA THR F 151 -14.96 -4.53 20.65
C THR F 151 -16.07 -5.59 20.52
N PRO F 152 -17.07 -5.32 19.69
CA PRO F 152 -18.20 -6.27 19.56
C PRO F 152 -17.84 -7.62 18.98
N MET F 153 -18.45 -8.68 19.53
CA MET F 153 -18.20 -10.04 19.07
C MET F 153 -19.38 -10.57 18.29
N PHE F 154 -19.09 -11.37 17.27
CA PHE F 154 -20.12 -11.95 16.44
C PHE F 154 -19.87 -13.43 16.24
N VAL F 155 -20.93 -14.22 16.36
CA VAL F 155 -20.87 -15.67 16.22
C VAL F 155 -21.94 -16.12 15.27
N LYS F 156 -21.54 -16.75 14.18
CA LYS F 156 -22.49 -17.21 13.19
C LYS F 156 -23.43 -18.20 13.83
N GLY F 157 -24.72 -18.01 13.56
CA GLY F 157 -25.77 -18.84 14.12
C GLY F 157 -26.39 -18.16 15.33
N ALA F 158 -25.70 -17.16 15.88
CA ALA F 158 -26.18 -16.45 17.04
C ALA F 158 -26.51 -14.99 16.80
N ASN F 159 -25.57 -14.20 16.29
CA ASN F 159 -25.86 -12.80 16.09
C ASN F 159 -25.24 -12.08 14.90
N PHE F 160 -24.99 -12.77 13.80
CA PHE F 160 -24.44 -12.07 12.62
C PHE F 160 -25.37 -10.92 12.20
N ASP F 161 -26.69 -11.15 12.27
N ASP F 161 -26.68 -11.15 12.26
CA ASP F 161 -27.68 -10.12 11.92
CA ASP F 161 -27.69 -10.11 11.91
C ASP F 161 -27.51 -8.80 12.69
C ASP F 161 -27.51 -8.80 12.69
N LYS F 162 -26.91 -8.87 13.88
CA LYS F 162 -26.67 -7.67 14.73
C LYS F 162 -25.51 -6.79 14.25
N TYR F 163 -24.71 -7.29 13.32
CA TYR F 163 -23.61 -6.47 12.80
C TYR F 163 -24.23 -5.16 12.30
N ALA F 164 -23.60 -4.05 12.67
CA ALA F 164 -24.08 -2.72 12.32
C ALA F 164 -23.02 -1.82 11.65
N GLY F 165 -22.26 -2.36 10.71
CA GLY F 165 -21.25 -1.58 10.01
C GLY F 165 -19.94 -1.27 10.75
N GLN F 166 -19.74 -1.77 11.96
CA GLN F 166 -18.48 -1.48 12.68
C GLN F 166 -17.28 -1.90 11.81
N ASP F 167 -16.16 -1.18 11.94
CA ASP F 167 -14.96 -1.49 11.17
C ASP F 167 -14.00 -2.46 11.85
N ILE F 168 -14.21 -2.70 13.15
CA ILE F 168 -13.38 -3.64 13.91
C ILE F 168 -14.31 -4.55 14.72
N VAL F 169 -14.17 -5.85 14.50
CA VAL F 169 -15.00 -6.85 15.18
C VAL F 169 -14.19 -8.06 15.62
N SER F 170 -14.83 -8.90 16.41
CA SER F 170 -14.23 -10.13 16.92
C SER F 170 -15.12 -11.32 16.60
N ASN F 171 -14.53 -12.45 16.22
CA ASN F 171 -15.32 -13.66 15.93
C ASN F 171 -15.40 -14.54 17.19
N ALA F 172 -15.19 -13.94 18.35
CA ALA F 172 -15.24 -14.63 19.64
C ALA F 172 -14.22 -15.75 19.71
N SER F 173 -14.52 -16.79 20.49
CA SER F 173 -13.62 -17.93 20.64
C SER F 173 -14.21 -19.19 20.01
N CYS F 174 -13.37 -20.21 19.82
CA CYS F 174 -13.80 -21.47 19.24
C CYS F 174 -14.92 -22.09 20.09
N THR F 175 -14.75 -22.04 21.42
CA THR F 175 -15.72 -22.62 22.34
C THR F 175 -17.04 -21.85 22.29
N THR F 176 -16.96 -20.52 22.27
CA THR F 176 -18.19 -19.75 22.17
C THR F 176 -18.91 -20.06 20.87
N ASN F 177 -18.18 -20.28 19.77
CA ASN F 177 -18.84 -20.67 18.51
C ASN F 177 -19.56 -22.02 18.58
N CYS F 178 -19.15 -22.88 19.51
CA CYS F 178 -19.80 -24.18 19.64
C CYS F 178 -21.02 -24.07 20.50
N LEU F 179 -20.85 -23.34 21.59
CA LEU F 179 -21.89 -23.20 22.58
C LEU F 179 -23.02 -22.29 22.22
N ALA F 180 -22.74 -21.14 21.65
CA ALA F 180 -23.80 -20.18 21.36
C ALA F 180 -24.92 -20.73 20.48
N PRO F 181 -24.59 -21.35 19.34
CA PRO F 181 -25.67 -21.85 18.48
C PRO F 181 -26.55 -22.88 19.16
N LEU F 182 -25.94 -23.80 19.88
CA LEU F 182 -26.69 -24.82 20.61
C LEU F 182 -27.59 -24.18 21.67
N ALA F 183 -27.02 -23.30 22.48
CA ALA F 183 -27.77 -22.62 23.55
C ALA F 183 -28.92 -21.84 22.98
N LYS F 184 -28.68 -21.15 21.86
CA LYS F 184 -29.74 -20.37 21.22
C LYS F 184 -30.96 -21.25 20.89
N VAL F 185 -30.71 -22.37 20.23
CA VAL F 185 -31.77 -23.31 19.91
C VAL F 185 -32.48 -23.83 21.15
N ILE F 186 -31.72 -24.30 22.13
CA ILE F 186 -32.32 -24.82 23.36
C ILE F 186 -33.14 -23.75 24.07
N ASN F 187 -32.55 -22.57 24.22
CA ASN F 187 -33.25 -21.48 24.85
C ASN F 187 -34.51 -21.07 24.10
N ASP F 188 -34.40 -20.85 22.79
CA ASP F 188 -35.57 -20.45 21.99
C ASP F 188 -36.71 -21.43 22.12
N ASN F 189 -36.41 -22.70 22.14
CA ASN F 189 -37.43 -23.74 22.23
C ASN F 189 -37.90 -24.10 23.62
N PHE F 190 -37.01 -24.11 24.60
CA PHE F 190 -37.42 -24.53 25.95
C PHE F 190 -37.12 -23.57 27.09
N GLY F 191 -36.30 -22.55 26.82
CA GLY F 191 -35.94 -21.58 27.83
C GLY F 191 -34.92 -22.08 28.83
N ILE F 192 -33.70 -21.53 28.76
CA ILE F 192 -32.66 -21.88 29.69
C ILE F 192 -32.74 -21.03 30.93
N ILE F 193 -32.98 -21.67 32.08
CA ILE F 193 -33.08 -20.94 33.35
C ILE F 193 -31.68 -20.64 33.82
N GLU F 194 -30.85 -21.67 33.81
CA GLU F 194 -29.47 -21.57 34.22
C GLU F 194 -28.73 -22.77 33.64
N GLY F 195 -27.42 -22.61 33.45
CA GLY F 195 -26.64 -23.70 32.89
C GLY F 195 -25.19 -23.57 33.20
N LEU F 196 -24.53 -24.72 33.34
CA LEU F 196 -23.11 -24.80 33.59
C LEU F 196 -22.53 -25.65 32.52
N MET F 197 -21.38 -25.28 31.99
CA MET F 197 -20.82 -26.07 30.91
C MET F 197 -19.38 -26.41 31.15
N THR F 198 -18.96 -27.50 30.56
CA THR F 198 -17.60 -27.94 30.63
C THR F 198 -17.13 -28.28 29.24
N THR F 199 -15.93 -27.88 28.89
CA THR F 199 -15.41 -28.25 27.61
C THR F 199 -14.14 -29.09 27.82
N VAL F 200 -14.13 -30.28 27.22
CA VAL F 200 -12.96 -31.17 27.25
C VAL F 200 -12.30 -30.69 25.97
N HIS F 201 -11.17 -30.03 26.15
CA HIS F 201 -10.50 -29.37 25.08
C HIS F 201 -9.16 -29.94 24.69
N ALA F 202 -8.89 -29.94 23.40
CA ALA F 202 -7.63 -30.41 22.89
C ALA F 202 -6.49 -29.49 23.28
N THR F 203 -5.28 -30.03 23.22
CA THR F 203 -4.09 -29.28 23.54
C THR F 203 -3.88 -28.16 22.53
N THR F 204 -3.32 -27.05 22.97
CA THR F 204 -3.04 -25.93 22.06
C THR F 204 -1.61 -25.43 22.22
N ALA F 205 -1.27 -24.49 21.35
CA ALA F 205 0.06 -23.90 21.32
C ALA F 205 0.51 -23.19 22.60
N THR F 206 -0.42 -22.73 23.43
CA THR F 206 -0.04 -22.08 24.69
C THR F 206 0.44 -23.05 25.76
N GLN F 207 0.25 -24.35 25.56
CA GLN F 207 0.69 -25.35 26.54
C GLN F 207 2.14 -25.80 26.33
N LYS F 208 2.65 -26.63 27.23
CA LYS F 208 4.02 -27.08 27.21
C LYS F 208 4.15 -28.59 27.06
N THR F 209 5.21 -29.01 26.38
CA THR F 209 5.48 -30.41 26.15
C THR F 209 5.84 -31.10 27.45
N VAL F 210 6.53 -30.40 28.35
CA VAL F 210 6.89 -30.96 29.65
C VAL F 210 6.71 -29.85 30.69
N ASP F 211 6.52 -30.20 31.95
CA ASP F 211 6.35 -29.19 32.98
C ASP F 211 7.27 -27.99 32.79
N GLY F 212 6.66 -26.87 32.39
CA GLY F 212 7.38 -25.62 32.16
C GLY F 212 6.63 -24.45 32.76
N PRO F 213 7.16 -23.23 32.56
CA PRO F 213 6.60 -22.00 33.13
C PRO F 213 5.43 -21.38 32.40
N SER F 214 4.43 -20.99 33.18
CA SER F 214 3.22 -20.32 32.71
C SER F 214 2.83 -19.51 33.94
N HIS F 215 3.47 -18.35 34.10
N HIS F 215 3.47 -18.34 34.11
CA HIS F 215 3.29 -17.44 35.26
CA HIS F 215 3.28 -17.44 35.28
C HIS F 215 1.82 -17.02 35.52
C HIS F 215 1.82 -17.00 35.52
N LYS F 216 1.04 -16.81 34.47
CA LYS F 216 -0.36 -16.38 34.62
C LYS F 216 -1.33 -17.55 34.76
N ASP F 217 -0.87 -18.77 34.47
CA ASP F 217 -1.72 -19.98 34.55
C ASP F 217 -0.87 -21.19 34.92
N TRP F 218 -0.60 -21.33 36.21
CA TRP F 218 0.23 -22.41 36.72
C TRP F 218 -0.13 -23.80 36.21
N ARG F 219 -1.40 -24.19 36.29
CA ARG F 219 -1.76 -25.52 35.82
C ARG F 219 -1.47 -25.66 34.32
N GLY F 220 -1.66 -24.59 33.57
CA GLY F 220 -1.41 -24.56 32.12
C GLY F 220 0.00 -24.85 31.68
N GLY F 221 0.95 -24.67 32.58
CA GLY F 221 2.35 -24.95 32.25
C GLY F 221 2.75 -26.40 32.43
N ARG F 222 1.85 -27.22 32.95
CA ARG F 222 2.15 -28.63 33.21
C ARG F 222 2.12 -29.41 31.90
N GLY F 223 2.95 -30.43 31.84
CA GLY F 223 3.07 -31.26 30.67
C GLY F 223 1.72 -31.60 30.08
N ALA F 224 1.49 -31.14 28.87
CA ALA F 224 0.24 -31.37 28.19
C ALA F 224 -0.11 -32.80 27.89
N SER F 225 0.84 -33.58 27.43
CA SER F 225 0.55 -35.00 27.07
C SER F 225 0.37 -35.96 28.26
N GLN F 226 0.80 -35.57 29.44
CA GLN F 226 0.71 -36.42 30.61
C GLN F 226 -0.48 -36.13 31.50
N ASN F 227 -1.10 -34.97 31.29
CA ASN F 227 -2.18 -34.55 32.15
C ASN F 227 -3.55 -34.11 31.63
N ILE F 228 -4.53 -34.22 32.56
CA ILE F 228 -5.87 -33.70 32.38
C ILE F 228 -5.68 -32.38 33.13
N ILE F 229 -5.86 -31.25 32.47
CA ILE F 229 -5.55 -29.98 33.10
C ILE F 229 -6.73 -29.06 33.21
N PRO F 230 -7.16 -28.78 34.46
CA PRO F 230 -8.28 -27.84 34.59
C PRO F 230 -7.88 -26.48 34.09
N SER F 231 -8.84 -25.75 33.55
CA SER F 231 -8.57 -24.46 33.01
C SER F 231 -9.79 -23.56 33.00
N SER F 232 -9.57 -22.25 33.03
CA SER F 232 -10.67 -21.29 32.99
C SER F 232 -11.00 -20.93 31.57
N THR F 233 -12.24 -20.53 31.35
CA THR F 233 -12.71 -20.12 30.04
C THR F 233 -14.00 -19.32 30.22
N GLY F 234 -13.91 -18.01 29.98
CA GLY F 234 -15.06 -17.14 30.08
C GLY F 234 -16.02 -17.33 28.92
N ALA F 235 -15.68 -18.25 28.01
CA ALA F 235 -16.48 -18.56 26.83
C ALA F 235 -17.95 -18.75 27.13
N ALA F 236 -18.27 -19.32 28.29
CA ALA F 236 -19.66 -19.58 28.67
C ALA F 236 -20.30 -18.27 29.06
N LYS F 237 -19.55 -17.45 29.80
CA LYS F 237 -19.97 -16.12 30.20
C LYS F 237 -20.14 -15.21 28.96
N ALA F 238 -19.19 -15.32 28.02
CA ALA F 238 -19.19 -14.54 26.77
C ALA F 238 -20.40 -14.81 25.88
N VAL F 239 -21.08 -15.93 26.12
CA VAL F 239 -22.28 -16.21 25.35
C VAL F 239 -23.29 -15.09 25.66
N GLY F 240 -23.24 -14.58 26.89
CA GLY F 240 -24.11 -13.52 27.33
C GLY F 240 -24.01 -12.29 26.44
N LYS F 241 -22.87 -12.10 25.79
CA LYS F 241 -22.67 -10.96 24.91
C LYS F 241 -23.21 -11.17 23.49
N VAL F 242 -23.06 -12.36 22.92
CA VAL F 242 -23.61 -12.61 21.59
C VAL F 242 -25.10 -12.95 21.69
N LEU F 243 -25.54 -13.39 22.88
CA LEU F 243 -26.96 -13.73 23.15
C LEU F 243 -27.35 -13.07 24.47
N PRO F 244 -27.59 -11.76 24.42
CA PRO F 244 -27.96 -10.98 25.60
C PRO F 244 -28.97 -11.66 26.53
N GLU F 245 -29.96 -12.32 25.94
CA GLU F 245 -31.01 -13.00 26.71
C GLU F 245 -30.46 -14.07 27.68
N LEU F 246 -29.24 -14.53 27.47
CA LEU F 246 -28.61 -15.53 28.34
C LEU F 246 -27.54 -14.93 29.24
N ASN F 247 -27.44 -13.61 29.26
CA ASN F 247 -26.46 -12.96 30.10
C ASN F 247 -26.68 -13.34 31.57
N GLY F 248 -25.62 -13.76 32.24
CA GLY F 248 -25.71 -14.16 33.64
C GLY F 248 -26.30 -15.54 33.92
N LYS F 249 -26.71 -16.26 32.89
CA LYS F 249 -27.30 -17.58 33.05
C LYS F 249 -26.38 -18.76 32.78
N LEU F 250 -25.19 -18.50 32.27
CA LEU F 250 -24.26 -19.57 31.95
C LEU F 250 -22.89 -19.21 32.33
N THR F 251 -22.15 -20.21 32.74
CA THR F 251 -20.74 -20.05 33.02
C THR F 251 -20.17 -21.48 32.94
N GLY F 252 -18.86 -21.63 33.02
CA GLY F 252 -18.29 -22.94 32.92
C GLY F 252 -16.80 -22.99 33.06
N MET F 253 -16.24 -24.15 32.71
CA MET F 253 -14.81 -24.36 32.79
C MET F 253 -14.33 -25.38 31.78
N ALA F 254 -13.05 -25.68 31.82
CA ALA F 254 -12.47 -26.57 30.84
C ALA F 254 -11.45 -27.49 31.40
N PHE F 255 -11.25 -28.59 30.67
CA PHE F 255 -10.25 -29.55 31.01
C PHE F 255 -9.47 -29.75 29.73
N ARG F 256 -8.18 -29.49 29.79
CA ARG F 256 -7.33 -29.64 28.63
C ARG F 256 -6.82 -31.05 28.67
N VAL F 257 -6.98 -31.81 27.58
CA VAL F 257 -6.54 -33.22 27.56
C VAL F 257 -5.57 -33.43 26.45
N PRO F 258 -4.80 -34.52 26.49
CA PRO F 258 -3.80 -34.78 25.48
C PRO F 258 -4.21 -35.22 24.05
N THR F 259 -4.95 -34.40 23.33
CA THR F 259 -5.29 -34.71 21.95
C THR F 259 -4.84 -33.47 21.20
N PRO F 260 -4.34 -33.63 19.97
CA PRO F 260 -3.83 -32.48 19.22
C PRO F 260 -4.88 -31.54 18.61
N ASN F 261 -6.11 -32.03 18.39
CA ASN F 261 -7.17 -31.18 17.85
C ASN F 261 -8.56 -31.76 18.09
N VAL F 262 -9.59 -30.91 18.05
CA VAL F 262 -10.98 -31.30 18.26
C VAL F 262 -11.30 -31.34 19.76
N SER F 263 -12.37 -30.64 20.11
CA SER F 263 -12.80 -30.49 21.47
C SER F 263 -14.31 -30.76 21.57
N VAL F 264 -14.86 -30.76 22.77
CA VAL F 264 -16.28 -31.02 22.94
C VAL F 264 -16.87 -30.29 24.15
N VAL F 265 -18.11 -29.82 24.03
CA VAL F 265 -18.73 -29.13 25.17
C VAL F 265 -19.78 -30.05 25.78
N ASP F 266 -19.92 -29.91 27.09
CA ASP F 266 -20.80 -30.67 27.92
C ASP F 266 -21.63 -29.62 28.65
N LEU F 267 -22.75 -29.28 28.03
CA LEU F 267 -23.68 -28.29 28.58
C LEU F 267 -24.76 -28.90 29.44
N THR F 268 -24.79 -28.52 30.70
CA THR F 268 -25.77 -29.03 31.65
C THR F 268 -26.71 -27.88 31.95
N VAL F 269 -27.94 -27.96 31.47
CA VAL F 269 -28.91 -26.89 31.67
C VAL F 269 -30.19 -27.28 32.35
N ARG F 270 -30.87 -26.27 32.90
CA ARG F 270 -32.13 -26.49 33.57
C ARG F 270 -33.12 -25.73 32.69
N LEU F 271 -34.17 -26.41 32.25
CA LEU F 271 -35.14 -25.81 31.33
C LEU F 271 -36.42 -25.32 31.97
N GLU F 272 -36.94 -24.23 31.42
CA GLU F 272 -38.17 -23.65 31.88
C GLU F 272 -39.34 -24.54 31.43
N LYS F 273 -39.43 -24.82 30.13
CA LYS F 273 -40.50 -25.68 29.62
C LYS F 273 -39.97 -27.15 29.57
N ALA F 274 -40.78 -28.07 30.09
CA ALA F 274 -40.41 -29.47 30.12
C ALA F 274 -40.22 -29.98 28.71
N ALA F 275 -39.19 -30.81 28.51
CA ALA F 275 -38.92 -31.38 27.21
C ALA F 275 -38.23 -32.71 27.33
N THR F 276 -38.80 -33.73 26.68
CA THR F 276 -38.21 -35.04 26.68
C THR F 276 -36.96 -34.94 25.84
N TYR F 277 -36.08 -35.90 25.99
CA TYR F 277 -34.86 -35.88 25.19
C TYR F 277 -35.20 -36.02 23.70
N GLU F 278 -36.30 -36.71 23.38
CA GLU F 278 -36.65 -36.90 21.98
C GLU F 278 -37.00 -35.56 21.37
N GLN F 279 -37.56 -34.70 22.21
CA GLN F 279 -38.01 -33.39 21.84
C GLN F 279 -36.84 -32.57 21.48
N ILE F 280 -35.84 -32.61 22.35
CA ILE F 280 -34.62 -31.82 22.24
C ILE F 280 -33.92 -32.22 20.94
OH ALY F 281 -30.27 -40.41 21.86
CH ALY F 281 -30.73 -40.50 20.75
CH3 ALY F 281 -30.00 -41.45 19.85
NZ ALY F 281 -31.85 -39.85 20.16
CE ALY F 281 -32.94 -38.82 20.37
CD ALY F 281 -32.30 -37.40 20.48
CG ALY F 281 -32.25 -36.52 19.26
CB ALY F 281 -33.44 -35.54 19.09
CA ALY F 281 -33.22 -34.04 19.46
N ALY F 281 -33.81 -33.53 20.70
C ALY F 281 -33.89 -33.38 18.26
O ALY F 281 -33.23 -32.86 17.39
N ALA F 282 -35.21 -33.46 18.23
CA ALA F 282 -35.96 -32.90 17.14
C ALA F 282 -35.72 -31.39 16.95
N ALA F 283 -35.64 -30.65 18.05
CA ALA F 283 -35.41 -29.19 18.00
C ALA F 283 -34.07 -28.86 17.35
N VAL F 284 -33.03 -29.55 17.78
CA VAL F 284 -31.71 -29.34 17.26
C VAL F 284 -31.62 -29.78 15.81
N LYS F 285 -32.16 -30.96 15.53
CA LYS F 285 -32.13 -31.49 14.17
C LYS F 285 -32.84 -30.54 13.21
N ALA F 286 -33.92 -29.93 13.67
CA ALA F 286 -34.65 -28.98 12.84
C ALA F 286 -33.79 -27.78 12.52
N ALA F 287 -33.13 -27.25 13.54
CA ALA F 287 -32.25 -26.09 13.38
C ALA F 287 -31.08 -26.40 12.48
N ALA F 288 -30.53 -27.62 12.62
CA ALA F 288 -29.38 -28.05 11.82
C ALA F 288 -29.70 -28.18 10.36
N GLU F 289 -30.93 -28.63 10.05
CA GLU F 289 -31.38 -28.81 8.67
C GLU F 289 -31.97 -27.54 8.13
N GLY F 290 -32.25 -26.59 9.01
CA GLY F 290 -32.88 -25.35 8.58
C GLY F 290 -32.09 -24.06 8.70
N GLU F 291 -32.57 -23.17 9.57
CA GLU F 291 -31.96 -21.87 9.81
C GLU F 291 -30.45 -21.86 10.13
N MET F 292 -29.96 -22.83 10.89
CA MET F 292 -28.53 -22.87 11.23
C MET F 292 -27.75 -23.91 10.45
N LYS F 293 -28.16 -24.16 9.21
CA LYS F 293 -27.46 -25.15 8.40
C LYS F 293 -26.03 -24.67 8.19
N GLY F 294 -25.07 -25.60 8.24
CA GLY F 294 -23.64 -25.27 8.04
C GLY F 294 -22.93 -24.80 9.30
N VAL F 295 -23.72 -24.40 10.31
CA VAL F 295 -23.19 -23.96 11.58
C VAL F 295 -23.38 -25.04 12.63
N LEU F 296 -24.65 -25.39 12.86
CA LEU F 296 -25.00 -26.42 13.81
C LEU F 296 -25.26 -27.76 13.08
N GLY F 297 -24.56 -28.80 13.51
CA GLY F 297 -24.71 -30.12 12.92
C GLY F 297 -25.40 -31.04 13.89
N TYR F 298 -25.76 -32.23 13.42
CA TYR F 298 -26.48 -33.19 14.23
C TYR F 298 -26.09 -34.58 13.83
N THR F 299 -25.79 -35.44 14.80
CA THR F 299 -25.44 -36.82 14.50
C THR F 299 -26.00 -37.79 15.54
N GLU F 300 -26.29 -39.00 15.10
CA GLU F 300 -26.78 -40.04 16.00
C GLU F 300 -25.82 -41.22 15.94
N ASP F 301 -24.66 -41.01 15.29
CA ASP F 301 -23.65 -42.07 15.14
C ASP F 301 -22.75 -42.13 16.36
N ASP F 302 -22.03 -43.24 16.49
CA ASP F 302 -21.10 -43.50 17.60
C ASP F 302 -19.75 -42.87 17.34
N VAL F 303 -19.76 -41.56 17.29
CA VAL F 303 -18.55 -40.80 16.97
C VAL F 303 -17.57 -40.58 18.11
N VAL F 304 -16.34 -40.28 17.72
CA VAL F 304 -15.28 -39.95 18.67
C VAL F 304 -14.65 -38.70 18.07
N SER F 305 -13.81 -38.04 18.87
CA SER F 305 -13.23 -36.78 18.46
C SER F 305 -12.61 -36.73 17.07
N THR F 306 -11.79 -37.71 16.71
CA THR F 306 -11.16 -37.71 15.37
C THR F 306 -12.16 -37.67 14.23
N ASP F 307 -13.40 -38.11 14.46
CA ASP F 307 -14.38 -38.06 13.39
C ASP F 307 -14.72 -36.61 13.01
N PHE F 308 -14.26 -35.62 13.78
CA PHE F 308 -14.56 -34.23 13.47
C PHE F 308 -13.33 -33.46 13.08
N ASN F 309 -12.22 -34.16 12.90
CA ASN F 309 -11.01 -33.47 12.49
C ASN F 309 -11.34 -33.00 11.08
N GLY F 310 -11.31 -31.70 10.84
CA GLY F 310 -11.64 -31.16 9.53
C GLY F 310 -13.08 -30.64 9.41
N GLU F 311 -13.88 -30.88 10.43
CA GLU F 311 -15.26 -30.44 10.45
C GLU F 311 -15.43 -28.94 10.34
N VAL F 312 -16.31 -28.52 9.43
CA VAL F 312 -16.60 -27.12 9.20
C VAL F 312 -17.70 -26.57 10.11
N CYS F 313 -18.66 -27.39 10.50
CA CYS F 313 -19.70 -26.90 11.39
C CYS F 313 -18.99 -26.54 12.69
N THR F 314 -19.44 -25.45 13.32
CA THR F 314 -18.84 -25.04 14.57
C THR F 314 -19.42 -25.70 15.80
N SER F 315 -20.45 -26.50 15.60
CA SER F 315 -21.07 -27.19 16.71
C SER F 315 -21.83 -28.39 16.15
N VAL F 316 -21.44 -29.60 16.55
CA VAL F 316 -22.13 -30.78 16.09
C VAL F 316 -22.71 -31.56 17.26
N PHE F 317 -24.04 -31.50 17.40
CA PHE F 317 -24.78 -32.16 18.48
C PHE F 317 -24.64 -33.65 18.38
N ASP F 318 -24.31 -34.26 19.52
CA ASP F 318 -24.12 -35.69 19.60
C ASP F 318 -25.31 -36.20 20.38
N ALA F 319 -26.31 -36.65 19.67
CA ALA F 319 -27.53 -37.16 20.30
C ALA F 319 -27.32 -38.30 21.32
N LYS F 320 -26.69 -39.39 20.91
CA LYS F 320 -26.46 -40.50 21.83
C LYS F 320 -25.60 -40.21 23.07
N ALA F 321 -24.67 -39.26 22.97
CA ALA F 321 -23.79 -38.95 24.10
C ALA F 321 -24.44 -38.22 25.25
N GLY F 322 -25.43 -37.40 24.95
CA GLY F 322 -26.13 -36.65 25.97
C GLY F 322 -27.02 -37.52 26.82
N ILE F 323 -27.37 -37.00 27.99
CA ILE F 323 -28.20 -37.73 28.91
C ILE F 323 -29.14 -36.77 29.65
N ALA F 324 -30.35 -37.21 29.91
CA ALA F 324 -31.35 -36.41 30.60
C ALA F 324 -31.73 -37.01 31.93
N LEU F 325 -31.71 -36.22 33.00
CA LEU F 325 -32.06 -36.76 34.28
C LEU F 325 -33.56 -36.77 34.30
N ASN F 326 -34.14 -35.70 33.73
CA ASN F 326 -35.60 -35.53 33.69
C ASN F 326 -35.97 -34.49 32.63
N ASP F 327 -37.25 -34.27 32.47
CA ASP F 327 -37.73 -33.32 31.47
C ASP F 327 -37.22 -31.88 31.64
N ASN F 328 -36.53 -31.58 32.73
CA ASN F 328 -36.08 -30.19 32.95
C ASN F 328 -34.66 -30.02 33.36
N PHE F 329 -33.88 -31.10 33.33
CA PHE F 329 -32.51 -31.04 33.72
C PHE F 329 -31.81 -31.99 32.79
N VAL F 330 -31.01 -31.41 31.90
CA VAL F 330 -30.34 -32.17 30.86
C VAL F 330 -28.87 -31.83 30.65
N LYS F 331 -28.10 -32.83 30.18
CA LYS F 331 -26.70 -32.67 29.84
C LYS F 331 -26.58 -32.91 28.32
N LEU F 332 -26.21 -31.87 27.58
CA LEU F 332 -26.10 -31.91 26.13
C LEU F 332 -24.65 -31.88 25.71
N VAL F 333 -24.33 -32.63 24.68
CA VAL F 333 -22.96 -32.71 24.20
C VAL F 333 -22.82 -32.25 22.76
N SER F 334 -21.83 -31.41 22.49
CA SER F 334 -21.60 -30.95 21.13
C SER F 334 -20.12 -30.83 20.82
N TRP F 335 -19.72 -31.42 19.68
CA TRP F 335 -18.33 -31.41 19.22
C TRP F 335 -17.95 -30.24 18.38
N TYR F 336 -16.65 -29.93 18.37
CA TYR F 336 -16.13 -28.87 17.51
C TYR F 336 -14.66 -29.01 17.16
N ASP F 337 -14.33 -28.78 15.89
CA ASP F 337 -12.92 -28.78 15.48
C ASP F 337 -12.46 -27.36 15.79
N ASN F 338 -11.68 -27.23 16.86
CA ASN F 338 -11.24 -25.90 17.33
C ASN F 338 -10.37 -25.12 16.37
N GLU F 339 -9.78 -25.79 15.38
CA GLU F 339 -9.02 -25.06 14.36
C GLU F 339 -9.85 -24.80 13.10
N THR F 340 -10.42 -25.86 12.53
CA THR F 340 -11.19 -25.74 11.30
C THR F 340 -12.55 -24.99 11.36
N GLY F 341 -13.40 -25.30 12.32
CA GLY F 341 -14.68 -24.63 12.39
C GLY F 341 -14.52 -23.14 12.53
N TYR F 342 -13.79 -22.74 13.57
CA TYR F 342 -13.58 -21.34 13.86
C TYR F 342 -12.97 -20.64 12.63
N SER F 343 -11.94 -21.25 12.04
CA SER F 343 -11.28 -20.64 10.89
C SER F 343 -12.29 -20.36 9.79
N ASN F 344 -13.14 -21.32 9.48
CA ASN F 344 -14.15 -21.06 8.44
C ASN F 344 -15.13 -19.93 8.82
N LYS F 345 -15.53 -19.86 10.08
CA LYS F 345 -16.43 -18.78 10.49
C LYS F 345 -15.74 -17.43 10.46
N VAL F 346 -14.43 -17.39 10.62
CA VAL F 346 -13.73 -16.12 10.53
C VAL F 346 -14.00 -15.63 9.12
N LEU F 347 -13.85 -16.51 8.15
CA LEU F 347 -14.09 -16.14 6.75
C LEU F 347 -15.56 -15.75 6.53
N ASP F 348 -16.47 -16.47 7.18
CA ASP F 348 -17.90 -16.17 7.05
C ASP F 348 -18.15 -14.76 7.55
N LEU F 349 -17.49 -14.39 8.65
CA LEU F 349 -17.64 -13.06 9.24
C LEU F 349 -17.02 -12.00 8.34
N ILE F 350 -15.88 -12.30 7.75
CA ILE F 350 -15.23 -11.37 6.83
C ILE F 350 -16.18 -11.07 5.67
N ALA F 351 -16.76 -12.13 5.12
CA ALA F 351 -17.70 -12.00 4.00
C ALA F 351 -18.94 -11.20 4.41
N HIS F 352 -19.44 -11.48 5.61
CA HIS F 352 -20.60 -10.78 6.13
C HIS F 352 -20.41 -9.27 6.34
N ILE F 353 -19.31 -8.85 6.95
CA ILE F 353 -19.08 -7.43 7.17
C ILE F 353 -18.69 -6.69 5.89
N SER F 354 -18.48 -7.43 4.80
CA SER F 354 -18.09 -6.83 3.53
C SER F 354 -19.26 -6.62 2.60
N LYS F 355 -20.46 -6.98 3.04
CA LYS F 355 -21.66 -6.77 2.23
C LYS F 355 -21.89 -5.27 2.14
N MET G 25 -12.22 -55.67 -17.90
CA MET G 25 -12.37 -56.75 -16.88
C MET G 25 -11.68 -56.47 -15.55
N THR G 26 -12.48 -56.33 -14.51
CA THR G 26 -11.93 -56.06 -13.20
C THR G 26 -11.66 -57.41 -12.55
N ILE G 27 -10.69 -57.41 -11.64
CA ILE G 27 -10.36 -58.60 -10.88
C ILE G 27 -11.25 -58.62 -9.63
N LYS G 28 -12.06 -59.66 -9.48
CA LYS G 28 -12.93 -59.76 -8.29
C LYS G 28 -12.13 -60.24 -7.08
N VAL G 29 -12.21 -59.48 -6.01
CA VAL G 29 -11.48 -59.80 -4.80
C VAL G 29 -12.37 -60.00 -3.59
N GLY G 30 -11.99 -60.96 -2.77
CA GLY G 30 -12.67 -61.24 -1.51
C GLY G 30 -11.69 -60.96 -0.38
N ILE G 31 -12.14 -60.28 0.65
CA ILE G 31 -11.29 -59.94 1.76
C ILE G 31 -11.66 -60.80 2.98
N ASN G 32 -10.70 -61.51 3.53
CA ASN G 32 -10.97 -62.26 4.71
C ASN G 32 -10.22 -61.58 5.81
N GLY G 33 -10.96 -60.95 6.71
CA GLY G 33 -10.37 -60.25 7.87
C GLY G 33 -10.51 -58.76 7.60
N PHE G 34 -11.37 -58.10 8.35
CA PHE G 34 -11.62 -56.70 8.08
C PHE G 34 -11.03 -55.84 9.18
N GLY G 35 -9.76 -56.13 9.48
CA GLY G 35 -8.99 -55.39 10.47
C GLY G 35 -8.33 -54.18 9.83
N ARG G 36 -7.23 -53.70 10.40
CA ARG G 36 -6.58 -52.49 9.83
C ARG G 36 -6.20 -52.67 8.36
N ILE G 37 -5.50 -53.74 8.03
CA ILE G 37 -5.11 -53.97 6.67
C ILE G 37 -6.31 -54.23 5.79
N GLY G 38 -7.23 -55.06 6.24
CA GLY G 38 -8.40 -55.35 5.41
C GLY G 38 -9.14 -54.09 5.01
N ARG G 39 -9.29 -53.19 5.96
CA ARG G 39 -10.02 -51.96 5.71
C ARG G 39 -9.31 -50.96 4.85
N ILE G 40 -7.99 -50.89 4.97
CA ILE G 40 -7.23 -49.96 4.16
C ILE G 40 -7.12 -50.51 2.75
N VAL G 41 -6.99 -51.83 2.63
CA VAL G 41 -6.97 -52.47 1.33
C VAL G 41 -8.31 -52.17 0.68
N PHE G 42 -9.38 -52.27 1.44
CA PHE G 42 -10.69 -51.96 0.91
C PHE G 42 -10.77 -50.55 0.35
N ARG G 43 -10.29 -49.57 1.11
CA ARG G 43 -10.35 -48.17 0.66
C ARG G 43 -9.50 -47.92 -0.56
N ALA G 44 -8.32 -48.52 -0.60
CA ALA G 44 -7.42 -48.34 -1.73
C ALA G 44 -7.99 -48.93 -3.01
N ALA G 45 -8.79 -49.99 -2.85
CA ALA G 45 -9.41 -50.68 -3.98
C ALA G 45 -10.46 -49.83 -4.68
N GLN G 46 -11.06 -48.89 -3.96
CA GLN G 46 -12.06 -48.00 -4.54
C GLN G 46 -11.46 -47.06 -5.55
N LYS G 47 -10.19 -46.75 -5.39
CA LYS G 47 -9.47 -45.83 -6.26
C LYS G 47 -8.84 -46.49 -7.47
N ARG G 48 -8.96 -47.81 -7.60
CA ARG G 48 -8.42 -48.54 -8.73
C ARG G 48 -9.56 -49.14 -9.50
N SER G 49 -9.50 -48.99 -10.81
CA SER G 49 -10.54 -49.52 -11.67
C SER G 49 -10.30 -50.98 -12.06
N ASP G 50 -9.09 -51.49 -11.86
CA ASP G 50 -8.77 -52.87 -12.24
C ASP G 50 -9.12 -53.88 -11.16
N ILE G 51 -9.57 -53.40 -10.01
CA ILE G 51 -9.89 -54.30 -8.87
C ILE G 51 -11.16 -53.89 -8.17
N GLU G 52 -11.99 -54.89 -7.90
CA GLU G 52 -13.26 -54.72 -7.19
C GLU G 52 -13.40 -55.64 -6.05
N ILE G 53 -13.76 -55.09 -4.91
CA ILE G 53 -13.98 -55.90 -3.73
C ILE G 53 -15.43 -56.27 -3.87
N VAL G 54 -15.72 -57.56 -3.85
CA VAL G 54 -17.10 -58.04 -3.99
C VAL G 54 -17.62 -58.81 -2.79
N ALA G 55 -16.74 -59.09 -1.83
CA ALA G 55 -17.10 -59.81 -0.64
C ALA G 55 -16.10 -59.60 0.47
N ILE G 56 -16.63 -59.63 1.70
CA ILE G 56 -15.84 -59.46 2.92
C ILE G 56 -16.27 -60.47 3.96
N ASN G 57 -15.32 -61.09 4.64
CA ASN G 57 -15.67 -62.05 5.67
C ASN G 57 -14.98 -61.70 6.95
N ASP G 58 -15.73 -61.69 8.03
CA ASP G 58 -15.19 -61.41 9.35
C ASP G 58 -16.30 -61.66 10.35
N LEU G 59 -15.95 -61.85 11.61
CA LEU G 59 -16.92 -62.09 12.68
C LEU G 59 -17.59 -60.80 13.12
N LEU G 60 -18.19 -60.08 12.19
CA LEU G 60 -18.82 -58.80 12.49
C LEU G 60 -20.10 -58.59 11.72
N ASP G 61 -21.10 -58.00 12.38
CA ASP G 61 -22.35 -57.72 11.72
C ASP G 61 -22.08 -56.68 10.63
N ALA G 62 -22.89 -56.68 9.58
CA ALA G 62 -22.71 -55.74 8.49
C ALA G 62 -22.81 -54.29 8.94
N ASP G 63 -23.70 -53.99 9.87
CA ASP G 63 -23.86 -52.62 10.35
C ASP G 63 -22.58 -52.12 11.07
N TYR G 64 -21.86 -53.05 11.71
CA TYR G 64 -20.65 -52.70 12.39
C TYR G 64 -19.49 -52.59 11.38
N MET G 65 -19.46 -53.42 10.33
CA MET G 65 -18.41 -53.25 9.31
C MET G 65 -18.58 -51.91 8.66
N ALA G 66 -19.83 -51.53 8.41
CA ALA G 66 -20.13 -50.24 7.82
C ALA G 66 -19.51 -49.13 8.68
N TYR G 67 -19.66 -49.23 10.00
CA TYR G 67 -19.14 -48.22 10.93
C TYR G 67 -17.64 -48.19 10.90
N MET G 68 -17.02 -49.35 10.92
CA MET G 68 -15.54 -49.41 10.87
C MET G 68 -14.99 -48.83 9.56
N LEU G 69 -15.79 -48.89 8.52
CA LEU G 69 -15.43 -48.39 7.22
C LEU G 69 -15.69 -46.89 7.10
OH ALY G 70 -22.42 -45.69 12.31
CH ALY G 70 -22.54 -46.05 11.19
CH3 ALY G 70 -23.06 -47.44 10.97
NZ ALY G 70 -22.26 -45.22 10.14
CE ALY G 70 -22.27 -45.37 8.65
CD ALY G 70 -21.21 -44.44 7.95
CG ALY G 70 -19.92 -45.11 7.35
CB ALY G 70 -18.63 -44.68 8.06
CA ALY G 70 -17.25 -44.99 7.46
N ALY G 70 -16.87 -46.42 7.55
C ALY G 70 -16.29 -44.11 8.22
O ALY G 70 -15.82 -43.11 7.70
N TYR G 71 -15.95 -44.49 9.45
CA TYR G 71 -15.07 -43.70 10.33
C TYR G 71 -13.73 -44.35 10.68
N ASP G 72 -12.65 -43.57 10.59
CA ASP G 72 -11.31 -44.05 10.86
C ASP G 72 -10.52 -42.93 11.52
N SER G 73 -10.01 -43.21 12.72
CA SER G 73 -9.26 -42.25 13.48
C SER G 73 -8.00 -41.77 12.78
N THR G 74 -7.36 -42.63 12.03
CA THR G 74 -6.12 -42.28 11.37
C THR G 74 -6.32 -41.71 9.98
N HIS G 75 -7.21 -42.31 9.21
CA HIS G 75 -7.38 -41.87 7.82
C HIS G 75 -8.65 -41.09 7.50
N GLY G 76 -9.35 -40.62 8.51
CA GLY G 76 -10.55 -39.85 8.28
C GLY G 76 -11.72 -40.62 7.76
N ARG G 77 -12.76 -39.90 7.38
CA ARG G 77 -14.01 -40.51 6.90
C ARG G 77 -13.88 -41.05 5.52
N PHE G 78 -14.58 -42.15 5.30
CA PHE G 78 -14.56 -42.83 4.03
C PHE G 78 -15.08 -41.91 2.97
N ASP G 79 -14.34 -41.81 1.87
CA ASP G 79 -14.75 -40.96 0.76
C ASP G 79 -15.73 -41.72 -0.11
N GLY G 80 -16.98 -41.76 0.30
CA GLY G 80 -18.01 -42.45 -0.47
C GLY G 80 -19.21 -42.80 0.38
N THR G 81 -20.20 -43.41 -0.24
CA THR G 81 -21.42 -43.78 0.46
C THR G 81 -21.40 -45.23 0.86
N VAL G 82 -21.92 -45.50 2.04
CA VAL G 82 -22.01 -46.85 2.55
C VAL G 82 -23.32 -47.04 3.32
N GLU G 83 -24.12 -48.00 2.89
CA GLU G 83 -25.39 -48.29 3.57
C GLU G 83 -25.53 -49.82 3.73
N VAL G 84 -26.39 -50.25 4.64
CA VAL G 84 -26.62 -51.67 4.90
C VAL G 84 -28.00 -52.09 4.41
N LYS G 85 -28.06 -53.21 3.71
CA LYS G 85 -29.32 -53.69 3.20
C LYS G 85 -29.36 -55.22 3.21
N ASP G 86 -30.34 -55.78 3.94
CA ASP G 86 -30.51 -57.23 4.05
C ASP G 86 -29.27 -57.95 4.56
N GLY G 87 -28.66 -57.38 5.59
CA GLY G 87 -27.45 -57.97 6.18
C GLY G 87 -26.21 -57.88 5.32
N HIS G 88 -26.32 -57.21 4.17
CA HIS G 88 -25.18 -57.02 3.29
C HIS G 88 -24.85 -55.54 3.19
N LEU G 89 -23.73 -55.25 2.59
CA LEU G 89 -23.25 -53.93 2.52
C LEU G 89 -23.36 -53.34 1.09
N ILE G 90 -23.71 -52.05 1.00
CA ILE G 90 -23.78 -51.38 -0.29
C ILE G 90 -22.89 -50.13 -0.27
N VAL G 91 -21.77 -50.24 -0.97
CA VAL G 91 -20.76 -49.19 -1.01
C VAL G 91 -20.66 -48.58 -2.38
N ASN G 92 -20.99 -47.30 -2.47
CA ASN G 92 -20.97 -46.58 -3.75
C ASN G 92 -21.84 -47.32 -4.75
N GLY G 93 -23.03 -47.71 -4.31
CA GLY G 93 -23.99 -48.44 -5.13
C GLY G 93 -23.65 -49.86 -5.59
N LYS G 94 -22.69 -50.53 -4.92
CA LYS G 94 -22.26 -51.89 -5.30
C LYS G 94 -22.50 -52.84 -4.14
N LYS G 95 -23.06 -54.03 -4.39
CA LYS G 95 -23.23 -54.98 -3.29
C LYS G 95 -21.95 -55.68 -2.93
N ILE G 96 -21.71 -55.76 -1.62
CA ILE G 96 -20.54 -56.42 -1.11
C ILE G 96 -21.12 -57.51 -0.23
N ARG G 97 -20.84 -58.76 -0.53
CA ARG G 97 -21.36 -59.85 0.26
C ARG G 97 -20.62 -59.91 1.60
N VAL G 98 -21.38 -59.87 2.68
CA VAL G 98 -20.85 -59.92 4.05
C VAL G 98 -21.18 -61.27 4.65
N THR G 99 -20.14 -61.95 5.12
CA THR G 99 -20.27 -63.27 5.73
C THR G 99 -19.56 -63.26 7.06
N ALA G 100 -19.84 -64.25 7.91
CA ALA G 100 -19.22 -64.35 9.22
C ALA G 100 -18.79 -65.78 9.51
N GLU G 101 -18.17 -66.43 8.52
CA GLU G 101 -17.67 -67.80 8.65
C GLU G 101 -16.33 -67.84 9.39
N ARG G 102 -16.19 -68.77 10.33
CA ARG G 102 -14.97 -68.93 11.11
C ARG G 102 -14.02 -69.81 10.33
N ASP G 103 -14.59 -70.82 9.63
CA ASP G 103 -13.81 -71.78 8.86
C ASP G 103 -13.92 -71.43 7.40
N PRO G 104 -12.79 -71.00 6.80
CA PRO G 104 -12.71 -70.56 5.41
C PRO G 104 -13.24 -71.53 4.35
N ALA G 105 -13.30 -72.82 4.65
CA ALA G 105 -13.79 -73.76 3.64
C ALA G 105 -15.28 -73.49 3.30
N ASN G 106 -15.98 -72.83 4.21
CA ASN G 106 -17.41 -72.52 4.05
C ASN G 106 -17.72 -71.17 3.39
N LEU G 107 -16.69 -70.46 2.93
CA LEU G 107 -16.88 -69.13 2.35
C LEU G 107 -17.59 -69.07 1.01
N LYS G 108 -17.60 -70.16 0.28
CA LYS G 108 -18.27 -70.20 -1.01
C LYS G 108 -17.90 -68.96 -1.84
N TRP G 109 -16.62 -68.73 -2.05
CA TRP G 109 -16.18 -67.56 -2.84
C TRP G 109 -16.67 -67.58 -4.30
N ASP G 110 -16.78 -68.77 -4.88
CA ASP G 110 -17.21 -68.90 -6.28
C ASP G 110 -18.63 -68.37 -6.52
N GLU G 111 -19.44 -68.30 -5.45
CA GLU G 111 -20.82 -67.81 -5.58
C GLU G 111 -20.88 -66.33 -5.88
N VAL G 112 -19.85 -65.60 -5.53
CA VAL G 112 -19.83 -64.18 -5.80
C VAL G 112 -18.67 -63.88 -6.79
N GLY G 113 -18.22 -64.93 -7.47
CA GLY G 113 -17.18 -64.86 -8.50
C GLY G 113 -15.83 -64.33 -8.13
N VAL G 114 -15.36 -64.64 -6.93
CA VAL G 114 -14.05 -64.16 -6.48
C VAL G 114 -12.85 -64.81 -7.16
N ASP G 115 -11.98 -63.99 -7.74
CA ASP G 115 -10.75 -64.46 -8.39
C ASP G 115 -9.65 -64.66 -7.35
N VAL G 116 -9.39 -63.61 -6.58
CA VAL G 116 -8.35 -63.65 -5.57
C VAL G 116 -8.84 -63.27 -4.18
N VAL G 117 -8.29 -63.92 -3.15
CA VAL G 117 -8.62 -63.59 -1.78
C VAL G 117 -7.46 -62.93 -1.06
N ALA G 118 -7.75 -61.84 -0.37
CA ALA G 118 -6.74 -61.13 0.41
C ALA G 118 -6.92 -61.71 1.80
N GLU G 119 -6.04 -62.62 2.19
CA GLU G 119 -6.10 -63.23 3.51
C GLU G 119 -5.51 -62.28 4.53
N ALA G 120 -6.36 -61.62 5.31
CA ALA G 120 -5.88 -60.59 6.25
C ALA G 120 -6.28 -60.74 7.69
N THR G 121 -6.48 -61.97 8.12
CA THR G 121 -6.85 -62.23 9.50
C THR G 121 -5.62 -62.43 10.39
N GLY G 122 -4.47 -62.67 9.75
CA GLY G 122 -3.24 -62.94 10.49
C GLY G 122 -3.15 -64.36 11.01
N LEU G 123 -4.17 -65.17 10.79
CA LEU G 123 -4.24 -66.55 11.30
C LEU G 123 -3.98 -67.65 10.29
N PHE G 124 -4.10 -67.37 9.01
CA PHE G 124 -3.90 -68.41 8.00
C PHE G 124 -2.69 -68.09 7.11
N LEU G 125 -1.50 -68.23 7.69
CA LEU G 125 -0.26 -67.92 6.99
C LEU G 125 0.57 -69.13 6.56
N THR G 126 -0.10 -70.25 6.33
CA THR G 126 0.58 -71.49 5.91
C THR G 126 -0.18 -71.93 4.69
N ASP G 127 0.42 -72.82 3.91
CA ASP G 127 -0.24 -73.27 2.72
C ASP G 127 -1.55 -73.99 2.99
N GLU G 128 -1.56 -74.92 3.94
CA GLU G 128 -2.79 -75.65 4.18
C GLU G 128 -3.93 -74.75 4.66
N THR G 129 -3.63 -73.79 5.53
CA THR G 129 -4.69 -72.92 6.04
C THR G 129 -5.24 -71.98 4.98
N ALA G 130 -4.35 -71.46 4.15
CA ALA G 130 -4.77 -70.52 3.10
C ALA G 130 -5.41 -71.26 1.95
N ARG G 131 -4.95 -72.48 1.70
CA ARG G 131 -5.46 -73.34 0.63
C ARG G 131 -6.99 -73.48 0.73
N LYS G 132 -7.52 -73.36 1.94
CA LYS G 132 -8.96 -73.48 2.14
C LYS G 132 -9.78 -72.52 1.29
N HIS G 133 -9.24 -71.34 1.01
CA HIS G 133 -9.98 -70.38 0.19
C HIS G 133 -10.12 -70.92 -1.23
N ILE G 134 -9.12 -71.69 -1.67
CA ILE G 134 -9.15 -72.24 -3.02
C ILE G 134 -10.15 -73.38 -3.04
N THR G 135 -10.16 -74.18 -1.97
CA THR G 135 -11.09 -75.26 -1.84
C THR G 135 -12.51 -74.65 -1.89
N ALA G 136 -12.64 -73.43 -1.34
CA ALA G 136 -13.94 -72.73 -1.27
C ALA G 136 -14.31 -71.93 -2.53
N GLY G 137 -13.57 -72.11 -3.63
CA GLY G 137 -13.90 -71.43 -4.89
C GLY G 137 -13.01 -70.31 -5.40
N ALA G 138 -12.14 -69.79 -4.56
CA ALA G 138 -11.25 -68.74 -5.02
C ALA G 138 -10.14 -69.37 -5.86
N LYS G 139 -9.59 -68.61 -6.81
CA LYS G 139 -8.52 -69.13 -7.69
C LYS G 139 -7.15 -68.95 -7.06
N LYS G 140 -6.92 -67.80 -6.43
CA LYS G 140 -5.62 -67.52 -5.80
C LYS G 140 -5.78 -66.79 -4.47
N VAL G 141 -4.69 -66.78 -3.70
CA VAL G 141 -4.67 -66.14 -2.40
C VAL G 141 -3.41 -65.34 -2.14
N VAL G 142 -3.60 -64.18 -1.53
CA VAL G 142 -2.49 -63.31 -1.16
C VAL G 142 -2.53 -63.09 0.33
N MET G 143 -1.55 -63.64 1.03
CA MET G 143 -1.46 -63.45 2.45
C MET G 143 -0.97 -62.04 2.70
N THR G 144 -1.65 -61.31 3.58
CA THR G 144 -1.22 -59.95 3.90
C THR G 144 -0.28 -59.96 5.10
N GLY G 145 0.65 -60.89 5.11
CA GLY G 145 1.64 -60.97 6.18
C GLY G 145 2.70 -61.97 5.77
N PRO G 146 3.84 -61.99 6.46
CA PRO G 146 4.85 -62.96 6.10
C PRO G 146 4.37 -64.36 6.38
N SER G 147 4.71 -65.29 5.49
CA SER G 147 4.30 -66.69 5.65
C SER G 147 5.07 -67.45 6.72
N LYS G 148 4.36 -68.28 7.48
CA LYS G 148 4.99 -69.07 8.55
C LYS G 148 5.61 -70.32 8.03
N ASP G 149 5.23 -70.72 6.83
CA ASP G 149 5.82 -71.90 6.20
C ASP G 149 6.69 -71.32 5.07
N ASN G 150 6.92 -72.09 4.02
N ASN G 150 6.90 -72.10 4.00
CA ASN G 150 7.74 -71.59 2.92
CA ASN G 150 7.71 -71.65 2.89
C ASN G 150 6.96 -71.04 1.73
C ASN G 150 6.94 -71.06 1.72
N THR G 151 5.74 -70.55 1.98
CA THR G 151 4.96 -69.95 0.95
C THR G 151 5.83 -68.79 0.48
N PRO G 152 6.02 -68.67 -0.83
CA PRO G 152 6.87 -67.60 -1.36
C PRO G 152 6.39 -66.19 -1.10
N MET G 153 7.34 -65.30 -0.79
CA MET G 153 7.02 -63.89 -0.52
C MET G 153 7.45 -63.00 -1.68
N PHE G 154 6.65 -61.97 -1.96
CA PHE G 154 6.95 -61.03 -2.99
C PHE G 154 6.81 -59.62 -2.49
N VAL G 155 7.80 -58.80 -2.81
CA VAL G 155 7.83 -57.39 -2.42
C VAL G 155 8.07 -56.53 -3.65
N LYS G 156 7.13 -55.65 -3.95
CA LYS G 156 7.25 -54.78 -5.14
C LYS G 156 8.51 -53.93 -5.01
N GLY G 157 9.28 -53.89 -6.09
CA GLY G 157 10.53 -53.19 -6.14
C GLY G 157 11.69 -54.14 -5.92
N ALA G 158 11.41 -55.33 -5.40
CA ALA G 158 12.45 -56.31 -5.12
C ALA G 158 12.37 -57.56 -5.94
N ASN G 159 11.22 -58.24 -5.92
CA ASN G 159 11.13 -59.48 -6.68
C ASN G 159 9.79 -59.85 -7.32
N PHE G 160 8.93 -58.89 -7.63
CA PHE G 160 7.69 -59.25 -8.35
C PHE G 160 7.98 -60.07 -9.61
N ASP G 161 9.03 -59.70 -10.36
CA ASP G 161 9.43 -60.42 -11.60
C ASP G 161 9.64 -61.93 -11.36
N LYS G 162 9.99 -62.33 -10.14
CA LYS G 162 10.19 -63.75 -9.78
C LYS G 162 8.90 -64.55 -9.66
N TYR G 163 7.76 -63.89 -9.65
CA TYR G 163 6.50 -64.63 -9.52
C TYR G 163 6.46 -65.62 -10.66
N ALA G 164 6.09 -66.87 -10.34
CA ALA G 164 6.07 -67.95 -11.33
C ALA G 164 4.73 -68.72 -11.37
N GLY G 165 3.61 -68.00 -11.32
CA GLY G 165 2.30 -68.66 -11.40
C GLY G 165 1.75 -69.35 -10.15
N GLN G 166 2.45 -69.27 -9.02
CA GLN G 166 1.95 -69.90 -7.79
C GLN G 166 0.54 -69.38 -7.47
N ASP G 167 -0.27 -70.22 -6.83
CA ASP G 167 -1.65 -69.83 -6.50
C ASP G 167 -1.79 -69.25 -5.11
N ILE G 168 -0.75 -69.38 -4.29
CA ILE G 168 -0.75 -68.85 -2.93
C ILE G 168 0.56 -68.14 -2.70
N VAL G 169 0.49 -66.85 -2.37
CA VAL G 169 1.68 -66.04 -2.12
C VAL G 169 1.52 -65.13 -0.92
N SER G 170 2.62 -64.51 -0.52
CA SER G 170 2.66 -63.59 0.62
C SER G 170 3.28 -62.27 0.20
N ASN G 171 2.74 -61.15 0.70
CA ASN G 171 3.26 -59.82 0.36
C ASN G 171 4.24 -59.36 1.44
N ALA G 172 4.79 -60.33 2.17
CA ALA G 172 5.75 -60.06 3.26
C ALA G 172 5.15 -59.14 4.31
N SER G 173 6.00 -58.37 4.98
CA SER G 173 5.57 -57.44 6.04
C SER G 173 5.76 -55.99 5.59
N SCY G 174 5.20 -55.08 6.35
CA SCY G 174 5.33 -53.67 6.07
CB SCY G 174 4.46 -52.89 7.05
SG SCY G 174 4.50 -53.35 8.77
CD SCY G 174 2.99 -54.23 8.77
OCD SCY G 174 2.93 -55.47 8.61
CE SCY G 174 1.66 -53.51 8.93
C SCY G 174 6.75 -53.21 6.08
O SCY G 174 7.20 -52.49 5.18
N THR G 175 7.48 -53.64 7.09
CA THR G 175 8.85 -53.27 7.26
C THR G 175 9.69 -53.85 6.14
N THR G 176 9.45 -55.08 5.75
CA THR G 176 10.22 -55.65 4.67
C THR G 176 9.96 -54.86 3.38
N ASN G 177 8.75 -54.35 3.19
CA ASN G 177 8.46 -53.58 2.00
C ASN G 177 9.20 -52.25 1.98
N CYS G 178 9.63 -51.77 3.14
CA CYS G 178 10.35 -50.52 3.20
C CYS G 178 11.80 -50.76 2.98
N LEU G 179 12.29 -51.78 3.64
CA LEU G 179 13.71 -52.12 3.60
C LEU G 179 14.23 -52.76 2.31
N ALA G 180 13.50 -53.70 1.75
CA ALA G 180 13.98 -54.38 0.56
C ALA G 180 14.31 -53.46 -0.58
N PRO G 181 13.39 -52.58 -0.96
CA PRO G 181 13.70 -51.73 -2.11
C PRO G 181 14.94 -50.87 -1.90
N LEU G 182 15.09 -50.34 -0.71
CA LEU G 182 16.22 -49.48 -0.40
C LEU G 182 17.49 -50.28 -0.44
N ALA G 183 17.47 -51.44 0.21
CA ALA G 183 18.64 -52.32 0.24
C ALA G 183 19.05 -52.77 -1.15
N LYS G 184 18.08 -53.10 -1.98
CA LYS G 184 18.37 -53.51 -3.34
C LYS G 184 19.15 -52.45 -4.06
N VAL G 185 18.72 -51.21 -3.96
CA VAL G 185 19.38 -50.10 -4.64
C VAL G 185 20.79 -49.91 -4.14
N ILE G 186 20.92 -49.86 -2.81
CA ILE G 186 22.23 -49.66 -2.19
C ILE G 186 23.18 -50.79 -2.55
N ASN G 187 22.66 -52.00 -2.50
CA ASN G 187 23.47 -53.14 -2.81
C ASN G 187 23.86 -53.18 -4.28
N ASP G 188 22.91 -52.99 -5.18
CA ASP G 188 23.22 -53.02 -6.62
C ASP G 188 24.28 -52.01 -6.96
N ASN G 189 24.21 -50.83 -6.36
CA ASN G 189 25.16 -49.77 -6.64
C ASN G 189 26.47 -49.78 -5.88
N PHE G 190 26.47 -50.20 -4.62
CA PHE G 190 27.70 -50.14 -3.83
C PHE G 190 28.08 -51.42 -3.15
N GLY G 191 27.16 -52.40 -3.10
CA GLY G 191 27.44 -53.67 -2.47
C GLY G 191 27.39 -53.62 -0.96
N ILE G 192 26.38 -54.26 -0.38
CA ILE G 192 26.26 -54.31 1.07
C ILE G 192 27.05 -55.50 1.59
N ILE G 193 28.05 -55.22 2.39
CA ILE G 193 28.83 -56.29 3.00
C ILE G 193 28.05 -56.89 4.17
N GLU G 194 27.52 -56.00 5.00
CA GLU G 194 26.74 -56.37 6.16
C GLU G 194 25.96 -55.15 6.62
N GLY G 195 24.85 -55.37 7.30
CA GLY G 195 24.04 -54.27 7.75
C GLY G 195 23.14 -54.66 8.89
N LEU G 196 22.89 -53.70 9.77
CA LEU G 196 22.00 -53.85 10.90
C LEU G 196 20.96 -52.77 10.80
N MET G 197 19.71 -53.08 11.07
CA MET G 197 18.69 -52.08 10.92
C MET G 197 17.80 -52.01 12.12
N THR G 198 17.22 -50.84 12.32
CA THR G 198 16.33 -50.58 13.38
C THR G 198 15.12 -49.90 12.82
N THR G 199 13.93 -50.32 13.25
CA THR G 199 12.75 -49.61 12.82
C THR G 199 12.06 -49.00 14.04
N VAL G 200 11.82 -47.70 14.00
CA VAL G 200 11.09 -47.02 15.05
C VAL G 200 9.71 -47.16 14.47
N HIS G 201 8.88 -47.95 15.11
CA HIS G 201 7.57 -48.35 14.60
C HIS G 201 6.39 -47.86 15.41
N ALA G 202 5.33 -47.52 14.70
CA ALA G 202 4.13 -47.02 15.32
C ALA G 202 3.43 -48.13 16.04
N THR G 203 2.54 -47.74 16.94
CA THR G 203 1.78 -48.68 17.73
C THR G 203 0.82 -49.44 16.84
N THR G 204 0.56 -50.70 17.17
CA THR G 204 -0.36 -51.51 16.37
C THR G 204 -1.36 -52.23 17.24
N ALA G 205 -2.30 -52.92 16.57
CA ALA G 205 -3.38 -53.62 17.26
C ALA G 205 -2.97 -54.71 18.22
N THR G 206 -1.78 -55.29 18.04
CA THR G 206 -1.31 -56.32 18.97
C THR G 206 -0.85 -55.75 20.33
N GLN G 207 -0.67 -54.45 20.44
CA GLN G 207 -0.27 -53.85 21.72
C GLN G 207 -1.46 -53.52 22.65
N LYS G 208 -1.13 -53.06 23.85
CA LYS G 208 -2.14 -52.78 24.88
C LYS G 208 -2.18 -51.32 25.33
N THR G 209 -3.37 -50.88 25.72
CA THR G 209 -3.53 -49.52 26.15
C THR G 209 -2.87 -49.29 27.48
N VAL G 210 -2.90 -50.30 28.35
CA VAL G 210 -2.22 -50.20 29.67
C VAL G 210 -1.54 -51.53 29.92
N ASP G 211 -0.53 -51.57 30.79
CA ASP G 211 0.15 -52.82 31.06
C ASP G 211 -0.82 -54.00 31.15
N GLY G 212 -0.79 -54.86 30.14
CA GLY G 212 -1.64 -56.05 30.07
C GLY G 212 -0.83 -57.28 29.66
N PRO G 213 -1.50 -58.44 29.51
CA PRO G 213 -0.87 -59.71 29.18
C PRO G 213 -0.54 -59.97 27.70
N SER G 214 0.66 -60.49 27.47
CA SER G 214 1.20 -60.80 26.15
C SER G 214 2.21 -61.88 26.49
N HIS G 215 1.70 -63.10 26.67
N HIS G 215 1.71 -63.10 26.66
CA HIS G 215 2.50 -64.29 27.10
CA HIS G 215 2.50 -64.28 27.09
C HIS G 215 3.70 -64.62 26.20
C HIS G 215 3.71 -64.59 26.21
N LYS G 216 3.59 -64.39 24.90
CA LYS G 216 4.70 -64.67 23.98
C LYS G 216 5.66 -63.50 23.81
N ASP G 217 5.25 -62.31 24.23
CA ASP G 217 6.08 -61.10 24.11
C ASP G 217 5.81 -60.15 25.28
N TRP G 218 6.48 -60.41 26.39
CA TRP G 218 6.29 -59.64 27.60
C TRP G 218 6.39 -58.15 27.41
N ARG G 219 7.43 -57.67 26.74
CA ARG G 219 7.59 -56.22 26.57
C ARG G 219 6.42 -55.66 25.80
N GLY G 220 5.93 -56.44 24.85
CA GLY G 220 4.81 -56.05 23.99
C GLY G 220 3.49 -55.82 24.68
N GLY G 221 3.35 -56.35 25.88
CA GLY G 221 2.13 -56.16 26.65
C GLY G 221 2.14 -54.87 27.47
N ARG G 222 3.26 -54.17 27.51
CA ARG G 222 3.37 -52.96 28.30
C ARG G 222 2.64 -51.81 27.61
N GLY G 223 2.14 -50.89 28.44
CA GLY G 223 1.34 -49.77 27.96
C GLY G 223 1.98 -49.14 26.75
N ALA G 224 1.32 -49.22 25.61
CA ALA G 224 1.83 -48.63 24.39
C ALA G 224 2.07 -47.11 24.39
N SER G 225 1.18 -46.34 24.99
CA SER G 225 1.30 -44.87 24.96
C SER G 225 2.28 -44.31 25.94
N GLN G 226 2.69 -45.10 26.91
CA GLN G 226 3.64 -44.65 27.90
C GLN G 226 5.09 -45.04 27.65
N ASN G 227 5.30 -45.97 26.73
CA ASN G 227 6.62 -46.53 26.51
C ASN G 227 7.23 -46.63 25.12
N ILE G 228 8.57 -46.74 25.15
CA ILE G 228 9.40 -47.01 23.98
C ILE G 228 9.59 -48.49 24.26
N ILE G 229 9.13 -49.34 23.36
CA ILE G 229 9.18 -50.76 23.61
C ILE G 229 10.03 -51.53 22.64
N PRO G 230 11.15 -52.11 23.12
CA PRO G 230 11.94 -52.89 22.20
C PRO G 230 11.16 -54.08 21.69
N SER G 231 11.40 -54.46 20.45
CA SER G 231 10.70 -55.56 19.87
C SER G 231 11.50 -56.27 18.79
N SER G 232 11.18 -57.54 18.55
CA SER G 232 11.87 -58.34 17.53
C SER G 232 11.14 -58.22 16.23
N THR G 233 11.88 -58.41 15.15
CA THR G 233 11.32 -58.34 13.82
C THR G 233 12.29 -59.01 12.85
N GLY G 234 11.89 -60.17 12.32
CA GLY G 234 12.73 -60.92 11.39
C GLY G 234 12.71 -60.28 10.01
N ALA G 235 11.98 -59.17 9.89
CA ALA G 235 11.85 -58.41 8.63
C ALA G 235 13.15 -58.16 7.95
N ALA G 236 14.21 -57.96 8.73
CA ALA G 236 15.51 -57.66 8.14
C ALA G 236 16.10 -58.95 7.60
N LYS G 237 15.90 -60.03 8.34
CA LYS G 237 16.39 -61.32 7.93
C LYS G 237 15.56 -61.82 6.70
N ALA G 238 14.24 -61.55 6.71
CA ALA G 238 13.32 -61.91 5.61
C ALA G 238 13.69 -61.24 4.29
N VAL G 239 14.50 -60.19 4.34
CA VAL G 239 14.95 -59.53 3.12
C VAL G 239 15.74 -60.57 2.33
N GLY G 240 16.43 -61.42 3.07
CA GLY G 240 17.23 -62.48 2.48
C GLY G 240 16.43 -63.37 1.54
N LYS G 241 15.13 -63.48 1.78
CA LYS G 241 14.26 -64.31 0.95
C LYS G 241 13.78 -63.60 -0.32
N VAL G 242 13.45 -62.32 -0.25
CA VAL G 242 13.02 -61.60 -1.46
C VAL G 242 14.24 -61.14 -2.26
N LEU G 243 15.38 -61.04 -1.58
CA LEU G 243 16.66 -60.65 -2.21
C LEU G 243 17.74 -61.64 -1.75
N PRO G 244 17.74 -62.85 -2.35
CA PRO G 244 18.69 -63.91 -2.00
C PRO G 244 20.13 -63.44 -1.82
N GLU G 245 20.56 -62.51 -2.67
CA GLU G 245 21.94 -62.00 -2.61
C GLU G 245 22.29 -61.35 -1.26
N LEU G 246 21.29 -61.03 -0.45
CA LEU G 246 21.51 -60.40 0.86
C LEU G 246 21.22 -61.35 1.99
N ASN G 247 21.01 -62.61 1.66
CA ASN G 247 20.74 -63.60 2.69
C ASN G 247 21.91 -63.64 3.67
N GLY G 248 21.62 -63.57 4.96
CA GLY G 248 22.65 -63.62 5.99
C GLY G 248 23.45 -62.34 6.22
N LYS G 249 23.20 -61.29 5.42
CA LYS G 249 23.89 -60.02 5.57
C LYS G 249 23.15 -58.92 6.34
N LEU G 250 21.89 -59.15 6.68
CA LEU G 250 21.14 -58.16 7.40
C LEU G 250 20.31 -58.76 8.45
N THR G 251 20.14 -58.03 9.53
CA THR G 251 19.24 -58.43 10.60
C THR G 251 18.94 -57.14 11.36
N GLY G 252 18.03 -57.17 12.32
CA GLY G 252 17.72 -55.95 13.02
C GLY G 252 16.72 -56.08 14.10
N MET G 253 16.24 -54.94 14.59
CA MET G 253 15.24 -54.92 15.62
C MET G 253 14.33 -53.70 15.54
N ALA G 254 13.43 -53.57 16.50
CA ALA G 254 12.46 -52.52 16.47
C ALA G 254 12.18 -51.92 17.81
N PHE G 255 11.70 -50.69 17.77
CA PHE G 255 11.30 -49.99 18.93
C PHE G 255 9.89 -49.50 18.59
N ARG G 256 8.90 -49.95 19.36
CA ARG G 256 7.55 -49.52 19.20
C ARG G 256 7.37 -48.24 20.04
N VAL G 257 6.93 -47.15 19.40
CA VAL G 257 6.74 -45.88 20.10
C VAL G 257 5.29 -45.44 20.03
N PRO G 258 4.89 -44.46 20.82
CA PRO G 258 3.50 -44.07 20.88
C PRO G 258 2.94 -43.21 19.77
N THR G 259 2.93 -43.70 18.54
CA THR G 259 2.32 -42.95 17.44
C THR G 259 1.36 -43.94 16.86
N PRO G 260 0.21 -43.47 16.39
CA PRO G 260 -0.81 -44.37 15.88
C PRO G 260 -0.55 -44.95 14.50
N ASN G 261 0.31 -44.31 13.72
CA ASN G 261 0.62 -44.81 12.38
C ASN G 261 1.88 -44.15 11.80
N VAL G 262 2.53 -44.82 10.85
CA VAL G 262 3.77 -44.33 10.18
C VAL G 262 4.99 -44.69 11.01
N SER G 263 5.92 -45.38 10.33
CA SER G 263 7.10 -45.90 10.94
C SER G 263 8.30 -45.51 10.09
N VAL G 264 9.50 -45.81 10.58
CA VAL G 264 10.72 -45.43 9.84
C VAL G 264 11.86 -46.45 10.06
N VAL G 265 12.63 -46.75 9.01
CA VAL G 265 13.77 -47.68 9.19
C VAL G 265 15.07 -46.87 9.20
N ASP G 266 16.01 -47.38 9.98
CA ASP G 266 17.32 -46.80 10.23
C ASP G 266 18.27 -47.92 9.88
N LEU G 267 18.67 -47.93 8.62
CA LEU G 267 19.59 -48.94 8.11
C LEU G 267 21.05 -48.50 8.17
N THR G 268 21.87 -49.24 8.92
CA THR G 268 23.26 -48.95 9.09
C THR G 268 24.00 -50.00 8.35
N VAL G 269 24.65 -49.64 7.24
CA VAL G 269 25.37 -50.62 6.41
C VAL G 269 26.81 -50.30 6.15
N ARG G 270 27.57 -51.35 5.82
CA ARG G 270 28.94 -51.22 5.50
C ARG G 270 29.01 -51.55 4.01
N LEU G 271 29.58 -50.65 3.22
CA LEU G 271 29.66 -50.83 1.76
C LEU G 271 30.97 -51.33 1.20
N GLU G 272 30.86 -52.12 0.15
CA GLU G 272 32.03 -52.70 -0.53
C GLU G 272 32.70 -51.59 -1.32
N LYS G 273 31.95 -50.90 -2.15
CA LYS G 273 32.49 -49.78 -2.93
C LYS G 273 32.29 -48.50 -2.16
N ALA G 274 33.35 -47.72 -2.06
CA ALA G 274 33.27 -46.42 -1.39
C ALA G 274 32.26 -45.51 -2.09
N ALA G 275 31.50 -44.75 -1.32
CA ALA G 275 30.53 -43.86 -1.88
C ALA G 275 30.23 -42.74 -0.93
N THR G 276 30.34 -41.50 -1.44
CA THR G 276 30.05 -40.31 -0.67
C THR G 276 28.55 -40.27 -0.49
N TYR G 277 28.09 -39.46 0.45
CA TYR G 277 26.67 -39.41 0.73
C TYR G 277 25.96 -38.81 -0.48
N GLU G 278 26.66 -37.96 -1.20
CA GLU G 278 26.05 -37.31 -2.34
C GLU G 278 25.77 -38.35 -3.43
N GLN G 279 26.65 -39.33 -3.54
CA GLN G 279 26.48 -40.43 -4.50
C GLN G 279 25.33 -41.36 -4.14
N ILE G 280 25.14 -41.58 -2.86
CA ILE G 280 24.09 -42.42 -2.38
C ILE G 280 22.80 -41.74 -2.70
N LYS G 281 22.71 -40.46 -2.37
CA LYS G 281 21.52 -39.69 -2.69
C LYS G 281 21.16 -39.83 -4.18
N ALA G 282 22.14 -39.66 -5.06
CA ALA G 282 21.91 -39.75 -6.49
C ALA G 282 21.44 -41.13 -6.91
N ALA G 283 21.97 -42.18 -6.27
CA ALA G 283 21.58 -43.57 -6.60
C ALA G 283 20.11 -43.85 -6.29
N VAL G 284 19.69 -43.40 -5.11
CA VAL G 284 18.32 -43.58 -4.66
C VAL G 284 17.37 -42.74 -5.46
N LYS G 285 17.73 -41.49 -5.63
CA LYS G 285 16.92 -40.58 -6.42
C LYS G 285 16.72 -41.12 -7.85
N ALA G 286 17.75 -41.74 -8.42
CA ALA G 286 17.66 -42.30 -9.76
C ALA G 286 16.67 -43.42 -9.79
N ALA G 287 16.78 -44.31 -8.82
CA ALA G 287 15.85 -45.42 -8.69
C ALA G 287 14.41 -44.96 -8.46
N ALA G 288 14.25 -43.95 -7.64
CA ALA G 288 12.92 -43.41 -7.32
C ALA G 288 12.23 -42.81 -8.53
N GLU G 289 13.01 -42.21 -9.40
CA GLU G 289 12.47 -41.54 -10.59
C GLU G 289 12.41 -42.50 -11.74
N GLY G 290 13.09 -43.64 -11.60
CA GLY G 290 13.12 -44.61 -12.66
C GLY G 290 12.42 -45.93 -12.44
N GLU G 291 13.22 -46.99 -12.41
CA GLU G 291 12.73 -48.36 -12.25
C GLU G 291 11.82 -48.62 -11.05
N MET G 292 12.09 -48.00 -9.91
CA MET G 292 11.25 -48.20 -8.73
C MET G 292 10.29 -47.04 -8.45
N LYS G 293 9.85 -46.36 -9.48
CA LYS G 293 8.91 -45.28 -9.29
C LYS G 293 7.62 -45.82 -8.65
N GLY G 294 7.05 -45.08 -7.71
CA GLY G 294 5.81 -45.50 -7.02
C GLY G 294 6.03 -46.40 -5.82
N VAL G 295 7.23 -46.96 -5.73
CA VAL G 295 7.60 -47.84 -4.64
C VAL G 295 8.54 -47.11 -3.72
N LEU G 296 9.66 -46.71 -4.27
CA LEU G 296 10.71 -45.99 -3.53
C LEU G 296 10.62 -44.50 -3.81
N GLY G 297 10.51 -43.73 -2.76
CA GLY G 297 10.38 -42.29 -2.87
C GLY G 297 11.66 -41.64 -2.39
N TYR G 298 11.80 -40.35 -2.66
CA TYR G 298 12.97 -39.60 -2.24
C TYR G 298 12.58 -38.17 -1.83
N THR G 299 13.09 -37.68 -0.71
CA THR G 299 12.78 -36.34 -0.26
C THR G 299 13.99 -35.70 0.40
N GLU G 300 14.05 -34.38 0.29
CA GLU G 300 15.15 -33.62 0.88
C GLU G 300 14.53 -32.59 1.80
N ASP G 301 13.21 -32.71 2.02
CA ASP G 301 12.51 -31.78 2.89
C ASP G 301 12.62 -32.18 4.36
N ASP G 302 12.28 -31.26 5.25
CA ASP G 302 12.33 -31.43 6.70
C ASP G 302 11.06 -32.09 7.21
N VAL G 303 10.89 -33.33 6.80
CA VAL G 303 9.72 -34.09 7.15
C VAL G 303 9.71 -34.75 8.52
N VAL G 304 8.50 -35.08 8.97
CA VAL G 304 8.28 -35.80 10.23
C VAL G 304 7.28 -36.85 9.87
N SER G 305 7.10 -37.83 10.74
CA SER G 305 6.23 -38.96 10.46
C SER G 305 4.86 -38.65 9.90
N THR G 306 4.18 -37.64 10.44
CA THR G 306 2.82 -37.35 9.96
C THR G 306 2.79 -36.95 8.50
N ASP G 307 3.92 -36.53 7.96
CA ASP G 307 3.96 -36.13 6.59
C ASP G 307 3.80 -37.33 5.68
N PHE G 308 3.87 -38.54 6.23
CA PHE G 308 3.68 -39.73 5.42
C PHE G 308 2.38 -40.47 5.71
N ASN G 309 1.50 -39.85 6.49
CA ASN G 309 0.25 -40.51 6.80
C ASN G 309 -0.50 -40.49 5.49
N GLY G 310 -0.83 -41.67 4.98
CA GLY G 310 -1.52 -41.73 3.70
C GLY G 310 -0.58 -42.02 2.52
N GLU G 311 0.72 -42.05 2.78
CA GLU G 311 1.72 -42.30 1.74
C GLU G 311 1.60 -43.68 1.10
N VAL G 312 1.57 -43.71 -0.23
CA VAL G 312 1.48 -44.92 -0.99
C VAL G 312 2.83 -45.58 -1.26
N CYS G 313 3.90 -44.80 -1.40
CA CYS G 313 5.21 -45.41 -1.61
C CYS G 313 5.49 -46.24 -0.35
N THR G 314 6.12 -47.40 -0.52
CA THR G 314 6.43 -48.25 0.58
C THR G 314 7.75 -47.95 1.25
N SER G 315 8.49 -47.01 0.69
CA SER G 315 9.77 -46.63 1.28
C SER G 315 10.12 -45.24 0.75
N VAL G 316 10.26 -44.26 1.64
CA VAL G 316 10.60 -42.90 1.22
C VAL G 316 11.88 -42.47 1.89
N PHE G 317 12.96 -42.43 1.08
CA PHE G 317 14.29 -42.06 1.55
C PHE G 317 14.31 -40.61 2.03
N ASP G 318 14.84 -40.42 3.23
CA ASP G 318 14.95 -39.10 3.83
C ASP G 318 16.43 -38.73 3.75
N ALA G 319 16.77 -37.95 2.74
CA ALA G 319 18.16 -37.58 2.54
C ALA G 319 18.81 -36.87 3.70
N LYS G 320 18.18 -35.80 4.20
CA LYS G 320 18.76 -35.02 5.29
C LYS G 320 18.90 -35.75 6.60
N ALA G 321 18.04 -36.70 6.86
CA ALA G 321 18.08 -37.42 8.14
C ALA G 321 19.25 -38.38 8.28
N GLY G 322 19.70 -38.96 7.17
CA GLY G 322 20.76 -39.94 7.21
C GLY G 322 22.07 -39.30 7.50
N ILE G 323 23.03 -40.10 7.93
CA ILE G 323 24.35 -39.60 8.23
C ILE G 323 25.40 -40.65 7.83
N ALA G 324 26.55 -40.18 7.37
CA ALA G 324 27.64 -41.04 6.95
C ALA G 324 28.86 -40.84 7.81
N LEU G 325 29.44 -41.91 8.33
CA LEU G 325 30.66 -41.77 9.14
C LEU G 325 31.81 -41.62 8.14
N ASN G 326 31.77 -42.42 7.09
CA ASN G 326 32.78 -42.39 6.05
C ASN G 326 32.21 -43.01 4.75
N ASP G 327 33.03 -43.02 3.71
CA ASP G 327 32.61 -43.53 2.42
C ASP G 327 32.21 -44.99 2.43
N ASN G 328 32.43 -45.72 3.52
CA ASN G 328 32.02 -47.14 3.56
C ASN G 328 31.19 -47.58 4.75
N PHE G 329 30.71 -46.64 5.56
CA PHE G 329 29.90 -46.95 6.71
C PHE G 329 28.89 -45.81 6.81
N VAL G 330 27.62 -46.16 6.54
CA VAL G 330 26.53 -45.22 6.51
C VAL G 330 25.27 -45.65 7.22
N LYS G 331 24.50 -44.65 7.63
CA LYS G 331 23.20 -44.86 8.30
C LYS G 331 22.16 -44.18 7.40
N LEU G 332 21.27 -44.98 6.83
CA LEU G 332 20.24 -44.49 5.93
C LEU G 332 18.87 -44.57 6.57
N VAL G 333 18.04 -43.58 6.28
CA VAL G 333 16.73 -43.49 6.85
C VAL G 333 15.64 -43.49 5.81
N SER G 334 14.60 -44.29 6.02
CA SER G 334 13.49 -44.35 5.08
C SER G 334 12.15 -44.55 5.82
N TRP G 335 11.20 -43.69 5.47
CA TRP G 335 9.87 -43.69 6.05
C TRP G 335 8.88 -44.59 5.37
N TYR G 336 7.87 -45.02 6.13
CA TYR G 336 6.80 -45.83 5.56
C TYR G 336 5.48 -45.77 6.34
N ASP G 337 4.36 -45.65 5.62
CA ASP G 337 3.07 -45.68 6.25
C ASP G 337 2.77 -47.19 6.31
N ASN G 338 2.95 -47.74 7.49
CA ASN G 338 2.71 -49.15 7.71
C ASN G 338 1.30 -49.70 7.37
N GLU G 339 0.28 -48.84 7.29
CA GLU G 339 -1.01 -49.31 6.89
C GLU G 339 -1.25 -49.09 5.40
N THR G 340 -1.06 -47.84 4.96
CA THR G 340 -1.33 -47.47 3.55
C THR G 340 -0.39 -48.03 2.48
N GLY G 341 0.90 -47.95 2.68
CA GLY G 341 1.84 -48.46 1.67
C GLY G 341 1.64 -49.94 1.41
N TYR G 342 1.73 -50.72 2.48
CA TYR G 342 1.56 -52.14 2.39
C TYR G 342 0.22 -52.48 1.76
N SER G 343 -0.86 -51.86 2.23
CA SER G 343 -2.16 -52.16 1.66
C SER G 343 -2.18 -51.97 0.16
N ASN G 344 -1.61 -50.89 -0.34
CA ASN G 344 -1.59 -50.68 -1.78
C ASN G 344 -0.78 -51.73 -2.48
N LYS G 345 0.33 -52.14 -1.89
CA LYS G 345 1.14 -53.17 -2.53
C LYS G 345 0.45 -54.50 -2.54
N VAL G 346 -0.46 -54.74 -1.60
CA VAL G 346 -1.18 -55.99 -1.59
C VAL G 346 -1.96 -55.99 -2.88
N LEU G 347 -2.59 -54.86 -3.19
CA LEU G 347 -3.37 -54.76 -4.42
C LEU G 347 -2.47 -54.88 -5.64
N ASP G 348 -1.27 -54.31 -5.56
CA ASP G 348 -0.34 -54.39 -6.69
C ASP G 348 0.00 -55.85 -6.96
N LEU G 349 0.12 -56.62 -5.87
CA LEU G 349 0.48 -58.03 -5.98
C LEU G 349 -0.67 -58.81 -6.52
N ILE G 350 -1.87 -58.49 -6.09
CA ILE G 350 -3.07 -59.16 -6.58
C ILE G 350 -3.17 -58.96 -8.09
N ALA G 351 -2.96 -57.73 -8.52
CA ALA G 351 -2.99 -57.39 -9.94
C ALA G 351 -1.90 -58.14 -10.72
N HIS G 352 -0.73 -58.25 -10.09
CA HIS G 352 0.40 -58.88 -10.74
C HIS G 352 0.20 -60.35 -10.96
N ILE G 353 -0.29 -61.06 -9.95
CA ILE G 353 -0.48 -62.50 -10.09
C ILE G 353 -1.69 -62.83 -10.95
N SER G 354 -2.48 -61.83 -11.31
CA SER G 354 -3.66 -62.03 -12.12
C SER G 354 -3.40 -61.80 -13.61
N LYS G 355 -2.17 -61.47 -13.98
CA LYS G 355 -1.84 -61.26 -15.40
C LYS G 355 -1.90 -62.61 -16.09
N MET H 25 -4.19 -61.65 64.35
CA MET H 25 -4.25 -62.50 63.13
C MET H 25 -4.48 -61.63 61.88
N THR H 26 -3.75 -61.98 60.83
CA THR H 26 -3.87 -61.27 59.57
C THR H 26 -5.00 -61.99 58.84
N ILE H 27 -5.67 -61.26 57.95
CA ILE H 27 -6.71 -61.84 57.12
C ILE H 27 -6.06 -62.41 55.87
N LYS H 28 -6.21 -63.71 55.64
CA LYS H 28 -5.64 -64.33 54.44
C LYS H 28 -6.50 -64.02 53.22
N VAL H 29 -5.88 -63.49 52.19
CA VAL H 29 -6.58 -63.13 50.97
C VAL H 29 -6.04 -63.83 49.72
N GLY H 30 -6.95 -64.16 48.81
CA GLY H 30 -6.63 -64.82 47.58
C GLY H 30 -7.08 -63.88 46.50
N ILE H 31 -6.26 -63.66 45.51
CA ILE H 31 -6.61 -62.77 44.40
C ILE H 31 -6.90 -63.56 43.14
N ASN H 32 -8.05 -63.33 42.53
CA ASN H 32 -8.36 -64.06 41.33
C ASN H 32 -8.38 -63.02 40.28
N GLY H 33 -7.40 -63.08 39.38
CA GLY H 33 -7.28 -62.10 38.31
C GLY H 33 -6.14 -61.17 38.68
N PHE H 34 -5.02 -61.30 37.98
CA PHE H 34 -3.87 -60.48 38.30
C PHE H 34 -3.67 -59.38 37.26
N GLY H 35 -4.76 -58.70 36.94
CA GLY H 35 -4.75 -57.55 36.01
C GLY H 35 -4.38 -56.27 36.74
N ARG H 36 -4.80 -55.11 36.22
CA ARG H 36 -4.45 -53.84 36.85
C ARG H 36 -4.89 -53.77 38.31
N ILE H 37 -6.17 -54.03 38.57
CA ILE H 37 -6.64 -53.98 39.93
C ILE H 37 -5.98 -55.07 40.79
N GLY H 38 -5.95 -56.30 40.31
CA GLY H 38 -5.33 -57.36 41.08
C GLY H 38 -3.92 -56.99 41.53
N ARG H 39 -3.14 -56.44 40.62
CA ARG H 39 -1.77 -56.08 40.93
C ARG H 39 -1.60 -54.91 41.85
N ILE H 40 -2.46 -53.92 41.74
CA ILE H 40 -2.38 -52.75 42.63
C ILE H 40 -2.88 -53.16 44.02
N VAL H 41 -3.93 -53.99 44.06
CA VAL H 41 -4.41 -54.49 45.32
C VAL H 41 -3.24 -55.24 45.98
N PHE H 42 -2.52 -56.01 45.20
CA PHE H 42 -1.42 -56.77 45.75
C PHE H 42 -0.39 -55.86 46.39
N ARG H 43 -0.02 -54.78 45.69
CA ARG H 43 0.99 -53.84 46.19
C ARG H 43 0.53 -53.11 47.46
N ALA H 44 -0.72 -52.71 47.48
CA ALA H 44 -1.29 -52.02 48.63
C ALA H 44 -1.35 -52.93 49.87
N ALA H 45 -1.56 -54.22 49.64
CA ALA H 45 -1.61 -55.17 50.72
C ALA H 45 -0.28 -55.31 51.45
N GLN H 46 0.84 -55.05 50.77
CA GLN H 46 2.17 -55.18 51.37
C GLN H 46 2.38 -54.13 52.45
N LYS H 47 1.70 -53.01 52.31
CA LYS H 47 1.80 -51.90 53.26
C LYS H 47 0.83 -51.99 54.44
N ARG H 48 0.00 -53.03 54.48
CA ARG H 48 -0.95 -53.22 55.58
C ARG H 48 -0.58 -54.50 56.32
N SER H 49 -0.56 -54.41 57.65
CA SER H 49 -0.23 -55.56 58.47
C SER H 49 -1.44 -56.44 58.79
N ASP H 50 -2.66 -55.92 58.60
CA ASP H 50 -3.87 -56.71 58.86
C ASP H 50 -4.30 -57.61 57.69
N ILE H 51 -3.65 -57.47 56.52
CA ILE H 51 -3.98 -58.30 55.35
C ILE H 51 -2.76 -58.90 54.65
N GLU H 52 -2.87 -60.20 54.33
CA GLU H 52 -1.83 -60.94 53.64
C GLU H 52 -2.34 -61.64 52.43
N ILE H 53 -1.70 -61.37 51.29
CA ILE H 53 -2.06 -62.09 50.09
C ILE H 53 -1.29 -63.40 50.20
N VAL H 54 -1.99 -64.52 50.10
CA VAL H 54 -1.32 -65.83 50.21
C VAL H 54 -1.47 -66.67 48.96
N ALA H 55 -2.25 -66.18 48.00
CA ALA H 55 -2.45 -66.92 46.76
C ALA H 55 -2.98 -66.03 45.67
N ILE H 56 -2.63 -66.38 44.45
CA ILE H 56 -3.02 -65.64 43.27
C ILE H 56 -3.40 -66.61 42.17
N ASN H 57 -4.47 -66.34 41.45
CA ASN H 57 -4.86 -67.20 40.35
C ASN H 57 -5.06 -66.39 39.10
N ASP H 58 -4.50 -66.86 38.01
CA ASP H 58 -4.65 -66.22 36.73
C ASP H 58 -3.98 -67.14 35.70
N LEU H 59 -4.33 -66.97 34.43
CA LEU H 59 -3.78 -67.79 33.33
C LEU H 59 -2.38 -67.34 32.97
N LEU H 60 -1.47 -67.34 33.93
CA LEU H 60 -0.12 -66.85 33.69
C LEU H 60 0.91 -67.63 34.48
N ASP H 61 2.05 -67.90 33.88
CA ASP H 61 3.11 -68.60 34.55
C ASP H 61 3.60 -67.72 35.68
N ALA H 62 4.16 -68.32 36.71
CA ALA H 62 4.67 -67.58 37.84
C ALA H 62 5.76 -66.60 37.46
N ASP H 63 6.66 -66.99 36.55
CA ASP H 63 7.74 -66.09 36.15
C ASP H 63 7.19 -64.80 35.47
N TYR H 64 6.05 -64.93 34.80
CA TYR H 64 5.45 -63.81 34.15
C TYR H 64 4.70 -62.96 35.18
N MET H 65 4.07 -63.58 36.21
CA MET H 65 3.38 -62.77 37.23
C MET H 65 4.43 -61.96 37.96
N ALA H 66 5.58 -62.58 38.18
CA ALA H 66 6.69 -61.91 38.85
C ALA H 66 7.06 -60.64 38.06
N TYR H 67 7.15 -60.79 36.74
CA TYR H 67 7.48 -59.66 35.89
C TYR H 67 6.42 -58.59 35.98
N MET H 68 5.14 -58.97 35.92
CA MET H 68 4.05 -57.97 35.94
C MET H 68 4.02 -57.23 37.26
N LEU H 69 4.52 -57.89 38.29
CA LEU H 69 4.59 -57.31 39.60
C LEU H 69 5.85 -56.43 39.79
OH ALY H 70 11.61 -60.05 34.56
CH ALY H 70 11.41 -60.42 35.65
CH3 ALY H 70 10.80 -61.80 35.79
NZ ALY H 70 11.80 -59.66 36.71
CE ALY H 70 11.66 -59.87 38.22
CD ALY H 70 11.53 -58.52 39.01
CG ALY H 70 10.12 -58.13 39.58
CB ALY H 70 9.50 -56.89 38.91
CA ALY H 70 8.28 -56.16 39.49
N ALY H 70 7.02 -56.90 39.34
C ALY H 70 8.24 -54.81 38.79
O ALY H 70 8.62 -53.80 39.36
N TYR H 71 7.71 -54.79 37.56
CA TYR H 71 7.69 -53.59 36.74
C TYR H 71 6.29 -53.10 36.40
N ASP H 72 6.06 -51.79 36.53
CA ASP H 72 4.79 -51.17 36.23
C ASP H 72 5.00 -49.80 35.62
N SER H 73 4.47 -49.59 34.42
CA SER H 73 4.64 -48.36 33.70
C SER H 73 4.09 -47.14 34.42
N THR H 74 3.00 -47.31 35.14
CA THR H 74 2.37 -46.22 35.86
C THR H 74 2.87 -46.01 37.28
N HIS H 75 3.07 -47.09 38.03
CA HIS H 75 3.49 -46.96 39.42
C HIS H 75 4.94 -47.33 39.76
N GLY H 76 5.79 -47.44 38.75
CA GLY H 76 7.19 -47.75 38.99
C GLY H 76 7.45 -49.16 39.46
N ARG H 77 8.69 -49.40 39.87
CA ARG H 77 9.12 -50.72 40.29
C ARG H 77 8.62 -51.08 41.65
N PHE H 78 8.36 -52.37 41.82
CA PHE H 78 7.83 -52.88 43.05
C PHE H 78 8.82 -52.64 44.15
N ASP H 79 8.34 -52.11 45.26
CA ASP H 79 9.20 -51.84 46.40
C ASP H 79 9.35 -53.10 47.24
N GLY H 80 10.28 -53.97 46.85
CA GLY H 80 10.46 -55.23 47.56
C GLY H 80 11.10 -56.27 46.69
N THR H 81 11.34 -57.43 47.27
CA THR H 81 11.94 -58.54 46.52
C THR H 81 10.89 -59.54 46.03
N VAL H 82 11.09 -60.03 44.82
CA VAL H 82 10.21 -61.04 44.23
C VAL H 82 11.04 -62.06 43.45
N GLU H 83 10.89 -63.34 43.80
CA GLU H 83 11.63 -64.42 43.14
C GLU H 83 10.67 -65.59 42.90
N VAL H 84 11.03 -66.49 42.00
CA VAL H 84 10.19 -67.62 41.65
C VAL H 84 10.84 -68.90 42.10
N LYS H 85 10.08 -69.76 42.74
CA LYS H 85 10.62 -71.02 43.21
C LYS H 85 9.57 -72.12 43.11
N ASP H 86 9.90 -73.17 42.36
CA ASP H 86 9.00 -74.32 42.18
C ASP H 86 7.64 -73.93 41.63
N GLY H 87 7.63 -73.04 40.64
CA GLY H 87 6.38 -72.61 40.01
C GLY H 87 5.53 -71.72 40.89
N HIS H 88 6.05 -71.35 42.05
CA HIS H 88 5.34 -70.45 42.96
C HIS H 88 6.14 -69.19 43.13
N LEU H 89 5.51 -68.21 43.74
CA LEU H 89 6.12 -66.91 43.91
C LEU H 89 6.57 -66.64 45.35
N ILE H 90 7.71 -65.94 45.51
CA ILE H 90 8.22 -65.60 46.84
C ILE H 90 8.46 -64.10 46.88
N VAL H 91 7.55 -63.42 47.55
CA VAL H 91 7.58 -61.97 47.68
C VAL H 91 7.92 -61.54 49.09
N ASN H 92 9.07 -60.87 49.25
CA ASN H 92 9.52 -60.40 50.57
C ASN H 92 9.59 -61.58 51.54
N GLY H 93 10.18 -62.67 51.07
CA GLY H 93 10.31 -63.91 51.83
C GLY H 93 9.03 -64.69 52.22
N LYS H 94 7.90 -64.46 51.54
CA LYS H 94 6.64 -65.15 51.82
C LYS H 94 6.16 -65.93 50.61
N LYS H 95 5.71 -67.18 50.79
CA LYS H 95 5.19 -67.93 49.64
C LYS H 95 3.81 -67.48 49.26
N ILE H 96 3.62 -67.29 47.96
CA ILE H 96 2.33 -66.93 47.41
C ILE H 96 2.00 -68.08 46.46
N ARG H 97 0.88 -68.75 46.67
CA ARG H 97 0.55 -69.88 45.81
C ARG H 97 0.02 -69.35 44.51
N VAL H 98 0.61 -69.82 43.42
CA VAL H 98 0.25 -69.44 42.06
C VAL H 98 -0.45 -70.59 41.39
N THR H 99 -1.64 -70.33 40.89
CA THR H 99 -2.45 -71.33 40.20
C THR H 99 -2.92 -70.74 38.86
N ALA H 100 -3.39 -71.60 37.97
CA ALA H 100 -3.87 -71.18 36.65
C ALA H 100 -5.18 -71.84 36.25
N GLU H 101 -6.11 -71.90 37.20
CA GLU H 101 -7.42 -72.53 37.00
C GLU H 101 -8.37 -71.59 36.29
N ARG H 102 -9.07 -72.12 35.29
CA ARG H 102 -10.01 -71.34 34.50
C ARG H 102 -11.34 -71.33 35.21
N ASP H 103 -11.68 -72.47 35.81
CA ASP H 103 -12.93 -72.63 36.56
C ASP H 103 -12.66 -72.50 38.06
N PRO H 104 -13.18 -71.43 38.71
CA PRO H 104 -12.98 -71.14 40.12
C PRO H 104 -13.33 -72.23 41.11
N ALA H 105 -14.17 -73.19 40.74
CA ALA H 105 -14.50 -74.26 41.67
C ALA H 105 -13.28 -75.14 42.01
N ASN H 106 -12.28 -75.12 41.14
CA ASN H 106 -11.08 -75.91 41.32
C ASN H 106 -9.94 -75.22 42.06
N LEU H 107 -10.18 -74.01 42.58
CA LEU H 107 -9.12 -73.22 43.22
C LEU H 107 -8.62 -73.72 44.56
N LYS H 108 -9.40 -74.56 45.21
CA LYS H 108 -8.99 -75.11 46.47
C LYS H 108 -8.40 -74.02 47.39
N TRP H 109 -9.18 -72.98 47.67
CA TRP H 109 -8.69 -71.89 48.51
C TRP H 109 -8.41 -72.30 49.96
N ASP H 110 -9.22 -73.20 50.48
CA ASP H 110 -9.03 -73.68 51.83
C ASP H 110 -7.64 -74.30 52.07
N GLU H 111 -6.98 -74.80 51.01
CA GLU H 111 -5.67 -75.44 51.19
C GLU H 111 -4.61 -74.47 51.58
N VAL H 112 -4.81 -73.20 51.29
CA VAL H 112 -3.81 -72.20 51.62
C VAL H 112 -4.45 -71.23 52.62
N GLY H 113 -5.54 -71.69 53.23
CA GLY H 113 -6.26 -70.94 54.28
C GLY H 113 -6.81 -69.57 53.96
N VAL H 114 -7.34 -69.40 52.77
CA VAL H 114 -7.90 -68.12 52.35
C VAL H 114 -9.23 -67.79 52.99
N ASP H 115 -9.28 -66.62 53.62
CA ASP H 115 -10.52 -66.14 54.27
C ASP H 115 -11.40 -65.44 53.25
N VAL H 116 -10.82 -64.49 52.53
CA VAL H 116 -11.55 -63.73 51.54
C VAL H 116 -10.88 -63.70 50.17
N VAL H 117 -11.69 -63.70 49.13
CA VAL H 117 -11.17 -63.65 47.78
C VAL H 117 -11.51 -62.34 47.11
N ALA H 118 -10.50 -61.71 46.52
CA ALA H 118 -10.71 -60.51 45.76
C ALA H 118 -10.92 -60.98 44.32
N GLU H 119 -12.17 -60.96 43.89
CA GLU H 119 -12.54 -61.37 42.54
C GLU H 119 -12.27 -60.23 41.58
N ALA H 120 -11.16 -60.32 40.84
CA ALA H 120 -10.76 -59.21 39.95
C ALA H 120 -10.54 -59.53 38.48
N THR H 121 -11.27 -60.51 37.96
CA THR H 121 -11.11 -60.91 36.57
C THR H 121 -12.07 -60.16 35.70
N GLY H 122 -13.08 -59.56 36.32
CA GLY H 122 -14.12 -58.83 35.60
C GLY H 122 -15.16 -59.74 34.97
N LEU H 123 -14.98 -61.05 35.10
CA LEU H 123 -15.90 -62.02 34.53
C LEU H 123 -16.91 -62.66 35.47
N PHE H 124 -16.68 -62.59 36.78
CA PHE H 124 -17.60 -63.26 37.71
C PHE H 124 -18.28 -62.24 38.64
N LEU H 125 -19.22 -61.51 38.08
CA LEU H 125 -19.87 -60.43 38.79
C LEU H 125 -21.31 -60.70 39.13
N THR H 126 -21.65 -61.98 39.24
CA THR H 126 -23.01 -62.40 39.63
C THR H 126 -22.84 -63.32 40.83
N ASP H 127 -23.92 -63.58 41.55
CA ASP H 127 -23.80 -64.40 42.73
C ASP H 127 -23.37 -65.81 42.40
N GLU H 128 -23.95 -66.40 41.35
CA GLU H 128 -23.60 -67.80 41.07
C GLU H 128 -22.16 -67.94 40.64
N THR H 129 -21.65 -67.02 39.83
CA THR H 129 -20.28 -67.13 39.38
C THR H 129 -19.28 -66.89 40.51
N ALA H 130 -19.56 -65.94 41.39
CA ALA H 130 -18.63 -65.63 42.48
C ALA H 130 -18.73 -66.66 43.59
N ARG H 131 -19.93 -67.22 43.75
CA ARG H 131 -20.23 -68.25 44.77
C ARG H 131 -19.24 -69.42 44.64
N LYS H 132 -18.73 -69.64 43.43
CA LYS H 132 -17.80 -70.72 43.22
C LYS H 132 -16.57 -70.66 44.13
N HIS H 133 -16.09 -69.46 44.47
CA HIS H 133 -14.94 -69.34 45.36
C HIS H 133 -15.27 -69.89 46.74
N ILE H 134 -16.51 -69.70 47.16
CA ILE H 134 -16.96 -70.22 48.45
C ILE H 134 -17.03 -71.74 48.38
N THR H 135 -17.57 -72.25 47.27
CA THR H 135 -17.66 -73.68 47.06
C THR H 135 -16.23 -74.26 47.13
N ALA H 136 -15.26 -73.47 46.65
CA ALA H 136 -13.85 -73.89 46.62
C ALA H 136 -13.08 -73.66 47.94
N GLY H 137 -13.78 -73.34 49.03
CA GLY H 137 -13.10 -73.13 50.32
C GLY H 137 -12.97 -71.73 50.91
N ALA H 138 -13.22 -70.70 50.13
CA ALA H 138 -13.09 -69.34 50.66
C ALA H 138 -14.31 -69.05 51.45
N LYS H 139 -14.19 -68.18 52.44
CA LYS H 139 -15.35 -67.86 53.31
C LYS H 139 -16.16 -66.72 52.69
N LYS H 140 -15.49 -65.70 52.15
CA LYS H 140 -16.20 -64.55 51.56
C LYS H 140 -15.54 -64.07 50.30
N VAL H 141 -16.29 -63.26 49.53
CA VAL H 141 -15.82 -62.74 48.27
C VAL H 141 -16.14 -61.28 48.06
N VAL H 142 -15.16 -60.55 47.53
CA VAL H 142 -15.32 -59.13 47.23
C VAL H 142 -15.07 -58.92 45.74
N MET H 143 -16.12 -58.56 45.03
CA MET H 143 -16.02 -58.33 43.61
C MET H 143 -15.36 -56.98 43.45
N THR H 144 -14.35 -56.88 42.60
CA THR H 144 -13.69 -55.61 42.40
C THR H 144 -14.32 -54.89 41.24
N GLY H 145 -15.64 -54.92 41.16
CA GLY H 145 -16.35 -54.21 40.10
C GLY H 145 -17.81 -54.20 40.46
N PRO H 146 -18.60 -53.39 39.74
CA PRO H 146 -20.01 -53.37 40.10
C PRO H 146 -20.64 -54.68 39.71
N SER H 147 -21.55 -55.15 40.54
CA SER H 147 -22.24 -56.40 40.29
C SER H 147 -23.27 -56.31 39.16
N LYS H 148 -23.33 -57.34 38.32
CA LYS H 148 -24.30 -57.40 37.24
C LYS H 148 -25.65 -57.87 37.71
N ASP H 149 -25.71 -58.49 38.89
CA ASP H 149 -26.98 -58.94 39.45
C ASP H 149 -27.24 -58.00 40.62
N ASN H 150 -27.97 -58.45 41.63
CA ASN H 150 -28.24 -57.61 42.76
C ASN H 150 -27.33 -57.82 43.95
N THR H 151 -26.14 -58.32 43.71
CA THR H 151 -25.19 -58.48 44.77
C THR H 151 -25.01 -57.06 45.33
N PRO H 152 -25.07 -56.92 46.66
CA PRO H 152 -24.96 -55.60 47.27
C PRO H 152 -23.60 -54.92 47.09
N MET H 153 -23.62 -53.61 46.84
CA MET H 153 -22.42 -52.82 46.69
C MET H 153 -22.13 -51.96 47.90
N PHE H 154 -20.87 -51.80 48.21
CA PHE H 154 -20.46 -50.99 49.35
C PHE H 154 -19.35 -50.06 48.94
N VAL H 155 -19.45 -48.82 49.38
CA VAL H 155 -18.47 -47.77 49.07
C VAL H 155 -18.07 -47.09 50.36
N LYS H 156 -16.78 -47.14 50.68
CA LYS H 156 -16.30 -46.52 51.92
C LYS H 156 -16.58 -45.03 51.88
N GLY H 157 -17.11 -44.52 53.00
CA GLY H 157 -17.48 -43.16 53.13
C GLY H 157 -18.97 -43.00 52.90
N ALA H 158 -19.61 -44.02 52.35
CA ALA H 158 -21.02 -43.93 51.99
C ALA H 158 -21.87 -44.92 52.72
N ASN H 159 -21.54 -46.20 52.64
CA ASN H 159 -22.39 -47.17 53.28
C ASN H 159 -21.74 -48.41 53.87
N PHE H 160 -20.48 -48.34 54.28
CA PHE H 160 -19.87 -49.52 54.91
C PHE H 160 -20.71 -49.98 56.11
N ASP H 161 -21.23 -49.03 56.89
CA ASP H 161 -22.08 -49.34 58.06
C ASP H 161 -23.28 -50.24 57.71
N LYS H 162 -23.77 -50.17 56.46
CA LYS H 162 -24.89 -51.02 55.98
C LYS H 162 -24.55 -52.49 55.76
N TYR H 163 -23.27 -52.83 55.76
CA TYR H 163 -22.90 -54.22 55.60
C TYR H 163 -23.62 -55.03 56.67
N ALA H 164 -24.23 -56.14 56.25
CA ALA H 164 -24.99 -56.99 57.12
C ALA H 164 -24.60 -58.49 57.08
N GLY H 165 -23.32 -58.76 57.19
CA GLY H 165 -22.86 -60.14 57.18
C GLY H 165 -22.92 -60.94 55.86
N GLN H 166 -23.26 -60.31 54.71
CA GLN H 166 -23.31 -61.04 53.42
C GLN H 166 -21.96 -61.63 53.12
N ASP H 167 -21.95 -62.78 52.46
CA ASP H 167 -20.69 -63.45 52.15
C ASP H 167 -20.11 -63.07 50.79
N ILE H 168 -20.92 -62.40 49.97
CA ILE H 168 -20.50 -61.94 48.65
C ILE H 168 -20.94 -60.49 48.47
N VAL H 169 -19.96 -59.62 48.23
CA VAL H 169 -20.22 -58.20 48.05
C VAL H 169 -19.42 -57.61 46.90
N SER H 170 -19.76 -56.38 46.55
CA SER H 170 -19.11 -55.63 45.48
C SER H 170 -18.62 -54.28 46.01
N ASN H 171 -17.45 -53.83 45.56
CA ASN H 171 -16.88 -52.55 46.00
C ASN H 171 -17.23 -51.48 44.97
N ALA H 172 -18.26 -51.76 44.16
CA ALA H 172 -18.74 -50.84 43.15
C ALA H 172 -17.64 -50.54 42.14
N SER H 173 -17.69 -49.35 41.54
CA SER H 173 -16.71 -48.93 40.55
C SER H 173 -15.84 -47.79 41.08
N SCY H 174 -14.77 -47.53 40.37
CA SCY H 174 -13.85 -46.46 40.73
CB SCY H 174 -12.65 -46.48 39.80
SG SCY H 174 -12.99 -46.69 38.07
CD SCY H 174 -12.57 -48.41 38.01
OCD SCY H 174 -13.36 -49.38 38.17
CE SCY H 174 -11.12 -48.81 37.82
C SCY H 174 -14.54 -45.12 40.79
O SCY H 174 -14.37 -44.35 41.76
N THR H 175 -15.34 -44.85 39.76
CA THR H 175 -16.06 -43.62 39.66
C THR H 175 -17.10 -43.49 40.79
N THR H 176 -17.81 -44.56 41.09
CA THR H 176 -18.77 -44.48 42.15
C THR H 176 -18.04 -44.17 43.47
N ASN H 177 -16.83 -44.69 43.65
CA ASN H 177 -16.10 -44.41 44.88
C ASN H 177 -15.69 -42.96 45.00
N CYS H 178 -15.63 -42.24 43.88
CA CYS H 178 -15.25 -40.86 43.92
C CYS H 178 -16.44 -40.00 44.17
N LEU H 179 -17.51 -40.33 43.47
CA LEU H 179 -18.74 -39.57 43.52
C LEU H 179 -19.56 -39.73 44.78
N ALA H 180 -19.74 -40.94 45.23
CA ALA H 180 -20.59 -41.16 46.42
C ALA H 180 -20.20 -40.35 47.65
N PRO H 181 -18.92 -40.40 48.05
CA PRO H 181 -18.56 -39.65 49.25
C PRO H 181 -18.82 -38.17 49.13
N LEU H 182 -18.51 -37.60 47.97
CA LEU H 182 -18.71 -36.19 47.74
C LEU H 182 -20.19 -35.85 47.77
N ALA H 183 -20.99 -36.64 47.05
CA ALA H 183 -22.43 -36.44 47.00
C ALA H 183 -23.07 -36.55 48.38
N LYS H 184 -22.63 -37.52 49.16
CA LYS H 184 -23.14 -37.69 50.50
C LYS H 184 -22.96 -36.41 51.34
N VAL H 185 -21.75 -35.85 51.31
CA VAL H 185 -21.45 -34.65 52.06
C VAL H 185 -22.30 -33.50 51.58
N ILE H 186 -22.35 -33.30 50.27
CA ILE H 186 -23.12 -32.20 49.70
C ILE H 186 -24.58 -32.34 50.04
N ASN H 187 -25.09 -33.56 49.87
CA ASN H 187 -26.48 -33.82 50.16
C ASN H 187 -26.81 -33.64 51.64
N ASP H 188 -26.03 -34.24 52.52
CA ASP H 188 -26.28 -34.11 53.97
C ASP H 188 -26.30 -32.68 54.41
N ASN H 189 -25.42 -31.87 53.88
CA ASN H 189 -25.34 -30.46 54.25
C ASN H 189 -26.27 -29.51 53.53
N PHE H 190 -26.52 -29.73 52.24
CA PHE H 190 -27.33 -28.77 51.49
C PHE H 190 -28.51 -29.36 50.74
N GLY H 191 -28.56 -30.69 50.63
CA GLY H 191 -29.64 -31.35 49.93
C GLY H 191 -29.55 -31.25 48.40
N ILE H 192 -29.26 -32.38 47.77
CA ILE H 192 -29.19 -32.44 46.33
C ILE H 192 -30.57 -32.70 45.75
N ILE H 193 -31.08 -31.73 44.98
CA ILE H 193 -32.37 -31.88 44.36
C ILE H 193 -32.22 -32.77 43.14
N GLU H 194 -31.22 -32.45 42.33
CA GLU H 194 -30.93 -33.19 41.13
C GLU H 194 -29.51 -32.86 40.71
N GLY H 195 -28.85 -33.80 40.03
CA GLY H 195 -27.49 -33.56 39.58
C GLY H 195 -27.10 -34.42 38.39
N LEU H 196 -26.17 -33.92 37.60
CA LEU H 196 -25.65 -34.59 36.40
C LEU H 196 -24.20 -34.54 36.54
N MET H 197 -23.53 -35.62 36.22
CA MET H 197 -22.10 -35.62 36.38
C MET H 197 -21.39 -36.15 35.15
N THR H 198 -20.15 -35.73 35.01
CA THR H 198 -19.30 -36.14 33.90
C THR H 198 -17.98 -36.53 34.46
N THR H 199 -17.42 -37.61 33.96
CA THR H 199 -16.12 -37.99 34.40
C THR H 199 -15.18 -38.04 33.20
N VAL H 200 -14.08 -37.29 33.31
CA VAL H 200 -13.05 -37.29 32.27
C VAL H 200 -12.17 -38.39 32.82
N HIS H 201 -12.17 -39.51 32.11
CA HIS H 201 -11.53 -40.71 32.58
C HIS H 201 -10.34 -41.17 31.79
N ALA H 202 -9.36 -41.69 32.49
CA ALA H 202 -8.16 -42.20 31.86
C ALA H 202 -8.44 -43.46 31.06
N THR H 203 -7.53 -43.78 30.16
CA THR H 203 -7.65 -44.95 29.33
C THR H 203 -7.52 -46.19 30.19
N THR H 204 -8.22 -47.27 29.82
CA THR H 204 -8.15 -48.51 30.57
C THR H 204 -7.92 -49.69 29.64
N ALA H 205 -7.72 -50.85 30.26
CA ALA H 205 -7.46 -52.07 29.53
C ALA H 205 -8.53 -52.51 28.52
N THR H 206 -9.77 -52.10 28.69
CA THR H 206 -10.80 -52.51 27.75
C THR H 206 -10.71 -51.76 26.42
N GLN H 207 -9.88 -50.73 26.34
CA GLN H 207 -9.79 -49.95 25.09
C GLN H 207 -8.75 -50.52 24.15
N LYS H 208 -8.68 -49.96 22.94
CA LYS H 208 -7.73 -50.42 21.93
C LYS H 208 -6.67 -49.40 21.53
N THR H 209 -5.51 -49.90 21.16
CA THR H 209 -4.40 -49.04 20.76
C THR H 209 -4.69 -48.34 19.44
N VAL H 210 -5.35 -49.03 18.54
CA VAL H 210 -5.74 -48.45 17.27
C VAL H 210 -7.19 -48.90 16.99
N ASP H 211 -7.92 -48.18 16.14
CA ASP H 211 -9.30 -48.57 15.82
C ASP H 211 -9.46 -50.08 15.66
N GLY H 212 -10.15 -50.68 16.60
CA GLY H 212 -10.35 -52.12 16.64
C GLY H 212 -11.77 -52.44 17.03
N PRO H 213 -12.10 -53.74 17.14
CA PRO H 213 -13.44 -54.19 17.46
C PRO H 213 -13.86 -54.17 18.92
N SER H 214 -15.08 -53.68 19.14
CA SER H 214 -15.70 -53.62 20.44
C SER H 214 -17.19 -53.68 20.09
N HIS H 215 -17.68 -54.89 19.85
CA HIS H 215 -19.08 -55.16 19.41
C HIS H 215 -20.16 -54.58 20.33
N LYS H 216 -19.95 -54.60 21.65
CA LYS H 216 -20.94 -54.05 22.59
C LYS H 216 -20.79 -52.54 22.83
N ASP H 217 -19.66 -51.95 22.41
CA ASP H 217 -19.39 -50.53 22.60
C ASP H 217 -18.54 -50.00 21.46
N TRP H 218 -19.19 -49.69 20.35
CA TRP H 218 -18.51 -49.18 19.16
C TRP H 218 -17.53 -48.07 19.41
N ARG H 219 -17.93 -47.03 20.12
CA ARG H 219 -17.01 -45.90 20.33
C ARG H 219 -15.78 -46.37 21.10
N GLY H 220 -16.01 -47.30 22.02
CA GLY H 220 -14.94 -47.83 22.87
C GLY H 220 -13.83 -48.56 22.15
N GLY H 221 -14.09 -48.98 20.92
CA GLY H 221 -13.09 -49.69 20.14
C GLY H 221 -12.19 -48.76 19.36
N ARG H 222 -12.51 -47.47 19.35
CA ARG H 222 -11.69 -46.50 18.64
C ARG H 222 -10.35 -46.24 19.36
N GLY H 223 -9.32 -45.97 18.56
CA GLY H 223 -7.97 -45.70 19.05
C GLY H 223 -7.97 -44.81 20.27
N ALA H 224 -7.47 -45.35 21.37
CA ALA H 224 -7.51 -44.62 22.65
C ALA H 224 -6.65 -43.39 22.72
N SER H 225 -5.45 -43.46 22.16
CA SER H 225 -4.52 -42.35 22.23
C SER H 225 -4.83 -41.22 21.28
N GLN H 226 -5.66 -41.45 20.29
CA GLN H 226 -6.00 -40.43 19.30
C GLN H 226 -7.31 -39.71 19.57
N ASN H 227 -8.12 -40.27 20.44
CA ASN H 227 -9.44 -39.73 20.69
C ASN H 227 -9.95 -39.40 22.11
N ILE H 228 -10.92 -38.48 22.11
CA ILE H 228 -11.72 -38.16 23.26
C ILE H 228 -12.93 -39.07 22.94
N ILE H 229 -13.17 -40.08 23.77
CA ILE H 229 -14.25 -41.01 23.49
C ILE H 229 -15.43 -40.96 24.47
N PRO H 230 -16.63 -40.57 24.00
CA PRO H 230 -17.77 -40.56 24.90
C PRO H 230 -18.08 -41.97 25.34
N SER H 231 -18.59 -42.11 26.54
CA SER H 231 -18.85 -43.41 27.07
C SER H 231 -19.90 -43.39 28.12
N SER H 232 -20.59 -44.51 28.29
CA SER H 232 -21.64 -44.61 29.29
C SER H 232 -21.06 -45.10 30.58
N THR H 233 -21.72 -44.75 31.67
CA THR H 233 -21.28 -45.15 32.98
C THR H 233 -22.45 -44.98 33.92
N GLY H 234 -23.00 -46.11 34.37
CA GLY H 234 -24.13 -46.08 35.28
C GLY H 234 -23.69 -45.68 36.67
N ALA H 235 -22.38 -45.43 36.85
CA ALA H 235 -21.77 -45.05 38.12
C ALA H 235 -22.52 -43.98 38.84
N ALA H 236 -23.09 -43.03 38.10
CA ALA H 236 -23.85 -41.95 38.73
C ALA H 236 -25.19 -42.47 39.23
N LYS H 237 -25.80 -43.34 38.42
CA LYS H 237 -27.07 -43.92 38.77
C LYS H 237 -26.86 -44.92 39.93
N ALA H 238 -25.73 -45.65 39.89
CA ALA H 238 -25.36 -46.62 40.95
C ALA H 238 -25.17 -45.97 42.32
N VAL H 239 -25.02 -44.65 42.35
CA VAL H 239 -24.88 -43.95 43.62
C VAL H 239 -26.19 -44.15 44.37
N GLY H 240 -27.27 -44.22 43.60
CA GLY H 240 -28.61 -44.43 44.14
C GLY H 240 -28.69 -45.70 44.98
N LYS H 241 -27.86 -46.69 44.66
CA LYS H 241 -27.83 -47.93 45.44
C LYS H 241 -27.01 -47.84 46.75
N VAL H 242 -25.86 -47.17 46.73
CA VAL H 242 -25.08 -47.04 47.96
C VAL H 242 -25.63 -45.89 48.83
N LEU H 243 -26.33 -44.95 48.19
CA LEU H 243 -26.99 -43.84 48.89
C LEU H 243 -28.44 -43.75 48.41
N PRO H 244 -29.30 -44.66 48.93
CA PRO H 244 -30.72 -44.72 48.56
C PRO H 244 -31.41 -43.35 48.46
N GLU H 245 -31.06 -42.44 49.38
CA GLU H 245 -31.68 -41.10 49.39
C GLU H 245 -31.46 -40.32 48.08
N LEU H 246 -30.48 -40.73 47.27
CA LEU H 246 -30.17 -40.04 46.01
C LEU H 246 -30.62 -40.85 44.82
N ASN H 247 -31.39 -41.90 45.06
CA ASN H 247 -31.87 -42.73 43.97
C ASN H 247 -32.72 -41.88 43.02
N GLY H 248 -32.43 -41.94 41.72
CA GLY H 248 -33.18 -41.19 40.72
C GLY H 248 -32.84 -39.73 40.59
N LYS H 249 -31.90 -39.24 41.39
CA LYS H 249 -31.50 -37.82 41.39
C LYS H 249 -30.18 -37.52 40.68
N LEU H 250 -29.43 -38.56 40.32
CA LEU H 250 -28.16 -38.37 39.63
C LEU H 250 -27.98 -39.35 38.54
N THR H 251 -27.27 -38.91 37.53
CA THR H 251 -26.94 -39.75 36.40
C THR H 251 -25.81 -39.01 35.72
N GLY H 252 -25.15 -39.65 34.77
CA GLY H 252 -24.09 -38.95 34.06
C GLY H 252 -23.46 -39.72 32.94
N MET H 253 -22.31 -39.25 32.51
CA MET H 253 -21.59 -39.91 31.43
C MET H 253 -20.10 -39.69 31.54
N ALA H 254 -19.35 -40.20 30.56
CA ALA H 254 -17.91 -40.11 30.62
C ALA H 254 -17.29 -39.87 29.32
N PHE H 255 -16.07 -39.35 29.39
CA PHE H 255 -15.26 -39.10 28.23
C PHE H 255 -13.95 -39.76 28.55
N ARG H 256 -13.55 -40.72 27.74
CA ARG H 256 -12.30 -41.40 27.91
C ARG H 256 -11.27 -40.60 27.14
N VAL H 257 -10.20 -40.18 27.80
CA VAL H 257 -9.16 -39.40 27.14
C VAL H 257 -7.82 -40.14 27.19
N PRO H 258 -6.85 -39.75 26.38
CA PRO H 258 -5.55 -40.41 26.33
C PRO H 258 -4.57 -40.21 27.48
N THR H 259 -4.91 -40.56 28.69
CA THR H 259 -3.96 -40.51 29.81
C THR H 259 -3.97 -41.94 30.37
N PRO H 260 -2.84 -42.43 30.85
CA PRO H 260 -2.79 -43.80 31.32
C PRO H 260 -3.40 -44.09 32.68
N ASN H 261 -3.58 -43.06 33.50
CA ASN H 261 -4.16 -43.25 34.82
C ASN H 261 -4.60 -41.92 35.45
N VAL H 262 -5.55 -41.98 36.37
CA VAL H 262 -6.09 -40.81 37.08
C VAL H 262 -7.20 -40.18 36.27
N SER H 263 -8.35 -40.03 36.92
CA SER H 263 -9.56 -39.50 36.32
C SER H 263 -10.14 -38.39 37.21
N VAL H 264 -11.19 -37.73 36.75
CA VAL H 264 -11.80 -36.65 37.53
C VAL H 264 -13.29 -36.53 37.28
N VAL H 265 -14.06 -36.19 38.32
CA VAL H 265 -15.50 -36.07 38.11
C VAL H 265 -15.85 -34.61 38.17
N ASP H 266 -16.85 -34.27 37.38
CA ASP H 266 -17.40 -32.93 37.23
C ASP H 266 -18.90 -33.05 37.58
N LEU H 267 -19.21 -32.83 38.85
CA LEU H 267 -20.54 -32.92 39.34
C LEU H 267 -21.27 -31.58 39.34
N THR H 268 -22.36 -31.50 38.58
CA THR H 268 -23.16 -30.30 38.48
C THR H 268 -24.45 -30.56 39.21
N VAL H 269 -24.67 -29.89 40.34
CA VAL H 269 -25.87 -30.13 41.16
C VAL H 269 -26.68 -28.90 41.49
N ARG H 270 -27.96 -29.13 41.81
CA ARG H 270 -28.85 -28.07 42.18
C ARG H 270 -29.17 -28.35 43.64
N LEU H 271 -28.94 -27.37 44.50
CA LEU H 271 -29.12 -27.53 45.94
C LEU H 271 -30.42 -27.00 46.50
N GLU H 272 -30.92 -27.69 47.52
CA GLU H 272 -32.16 -27.32 48.17
C GLU H 272 -31.86 -26.12 49.05
N LYS H 273 -30.88 -26.23 49.91
CA LYS H 273 -30.51 -25.13 50.76
C LYS H 273 -29.38 -24.29 50.08
N ALA H 274 -29.55 -22.97 50.06
CA ALA H 274 -28.57 -22.09 49.47
C ALA H 274 -27.24 -22.22 50.18
N ALA H 275 -26.16 -22.22 49.42
CA ALA H 275 -24.82 -22.29 49.99
C ALA H 275 -23.80 -21.61 49.10
N THR H 276 -23.02 -20.70 49.68
CA THR H 276 -21.98 -20.01 48.96
C THR H 276 -20.90 -21.03 48.72
N TYR H 277 -20.00 -20.73 47.80
CA TYR H 277 -18.94 -21.68 47.48
C TYR H 277 -18.03 -21.82 48.69
N GLU H 278 -17.92 -20.77 49.48
CA GLU H 278 -17.05 -20.82 50.64
C GLU H 278 -17.59 -21.82 51.64
N GLN H 279 -18.91 -21.89 51.75
CA GLN H 279 -19.58 -22.83 52.66
C GLN H 279 -19.43 -24.27 52.22
N ILE H 280 -19.46 -24.48 50.91
CA ILE H 280 -19.29 -25.80 50.35
C ILE H 280 -17.89 -26.25 50.68
OH ALY H 281 -12.02 -21.80 45.52
CH ALY H 281 -11.42 -21.82 46.58
CH3 ALY H 281 -9.94 -21.77 46.44
NZ ALY H 281 -11.91 -21.86 47.89
CE ALY H 281 -13.16 -21.92 48.73
CD ALY H 281 -13.76 -23.34 48.58
CG ALY H 281 -13.44 -24.39 49.61
CB ALY H 281 -14.46 -24.52 50.78
CA ALY H 281 -15.50 -25.67 50.77
N ALY H 281 -16.91 -25.36 50.47
C ALY H 281 -15.41 -26.15 52.18
O ALY H 281 -14.82 -27.19 52.46
N ALA H 282 -15.98 -25.39 53.09
CA ALA H 282 -15.89 -25.71 54.50
C ALA H 282 -16.53 -27.05 54.83
N ALA H 283 -17.64 -27.37 54.17
CA ALA H 283 -18.36 -28.61 54.44
C ALA H 283 -17.52 -29.80 54.07
N VAL H 284 -16.92 -29.74 52.89
CA VAL H 284 -16.09 -30.80 52.39
C VAL H 284 -14.85 -30.93 53.23
N LYS H 285 -14.23 -29.80 53.50
CA LYS H 285 -12.99 -29.79 54.26
C LYS H 285 -13.23 -30.40 55.65
N ALA H 286 -14.39 -30.12 56.22
CA ALA H 286 -14.74 -30.65 57.53
C ALA H 286 -14.84 -32.17 57.46
N ALA H 287 -15.53 -32.66 56.43
CA ALA H 287 -15.69 -34.10 56.22
C ALA H 287 -14.35 -34.79 55.96
N ALA H 288 -13.48 -34.13 55.19
CA ALA H 288 -12.17 -34.67 54.85
C ALA H 288 -11.28 -34.80 56.06
N GLU H 289 -11.37 -33.85 56.98
CA GLU H 289 -10.56 -33.86 58.18
C GLU H 289 -11.22 -34.65 59.30
N GLY H 290 -12.51 -34.97 59.14
CA GLY H 290 -13.25 -35.68 60.16
C GLY H 290 -13.71 -37.09 59.85
N GLU H 291 -15.02 -37.25 59.74
CA GLU H 291 -15.66 -38.54 59.51
C GLU H 291 -15.18 -39.32 58.29
N MET H 292 -14.88 -38.62 57.20
CA MET H 292 -14.44 -39.31 55.98
C MET H 292 -12.96 -39.17 55.73
N LYS H 293 -12.18 -39.13 56.81
CA LYS H 293 -10.74 -38.98 56.65
C LYS H 293 -10.21 -40.21 55.93
N GLY H 294 -9.26 -40.03 55.01
CA GLY H 294 -8.68 -41.13 54.27
C GLY H 294 -9.46 -41.50 53.03
N VAL H 295 -10.72 -41.06 52.96
CA VAL H 295 -11.59 -41.36 51.82
C VAL H 295 -11.74 -40.14 50.97
N LEU H 296 -12.24 -39.09 51.58
CA LEU H 296 -12.43 -37.83 50.91
C LEU H 296 -11.30 -36.88 51.26
N GLY H 297 -10.64 -36.37 50.22
CA GLY H 297 -9.55 -35.42 50.39
C GLY H 297 -9.97 -34.03 49.96
N TYR H 298 -9.08 -33.07 50.19
CA TYR H 298 -9.39 -31.69 49.90
C TYR H 298 -8.12 -30.94 49.55
N THR H 299 -8.13 -30.17 48.47
CA THR H 299 -6.98 -29.38 48.12
C THR H 299 -7.37 -28.02 47.54
N GLU H 300 -6.49 -27.05 47.73
CA GLU H 300 -6.72 -25.71 47.20
C GLU H 300 -5.55 -25.35 46.29
N ASP H 301 -4.69 -26.33 46.02
CA ASP H 301 -3.52 -26.11 45.14
C ASP H 301 -3.89 -26.22 43.67
N ASP H 302 -3.00 -25.75 42.80
CA ASP H 302 -3.20 -25.77 41.34
C ASP H 302 -2.77 -27.11 40.73
N VAL H 303 -3.51 -28.13 41.09
CA VAL H 303 -3.17 -29.48 40.71
C VAL H 303 -3.62 -29.92 39.32
N VAL H 304 -2.99 -30.97 38.83
CA VAL H 304 -3.32 -31.55 37.56
C VAL H 304 -3.35 -33.03 37.84
N SER H 305 -3.94 -33.78 36.93
CA SER H 305 -4.08 -35.23 37.11
C SER H 305 -2.87 -36.00 37.66
N THR H 306 -1.68 -35.81 37.09
CA THR H 306 -0.52 -36.55 37.58
C THR H 306 -0.24 -36.33 39.05
N ASP H 307 -0.80 -35.30 39.64
CA ASP H 307 -0.50 -35.04 41.04
C ASP H 307 -1.23 -36.03 41.91
N PHE H 308 -2.11 -36.82 41.32
CA PHE H 308 -2.83 -37.84 42.09
C PHE H 308 -2.45 -39.25 41.72
N ASN H 309 -1.41 -39.40 40.94
CA ASN H 309 -0.98 -40.74 40.57
C ASN H 309 -0.46 -41.32 41.86
N GLY H 310 -1.05 -42.38 42.33
CA GLY H 310 -0.65 -42.99 43.62
C GLY H 310 -1.55 -42.60 44.79
N GLU H 311 -2.50 -41.71 44.56
CA GLU H 311 -3.39 -41.22 45.60
C GLU H 311 -4.29 -42.30 46.18
N VAL H 312 -4.30 -42.39 47.50
CA VAL H 312 -5.11 -43.36 48.21
C VAL H 312 -6.54 -42.89 48.47
N CYS H 313 -6.75 -41.60 48.70
CA CYS H 313 -8.12 -41.11 48.87
C CYS H 313 -8.89 -41.41 47.56
N THR H 314 -10.16 -41.78 47.69
CA THR H 314 -10.94 -42.14 46.53
C THR H 314 -11.63 -40.98 45.91
N SER H 315 -11.52 -39.83 46.56
CA SER H 315 -12.14 -38.64 46.05
C SER H 315 -11.42 -37.44 46.64
N VAL H 316 -10.81 -36.61 45.80
CA VAL H 316 -10.11 -35.44 46.30
C VAL H 316 -10.69 -34.18 45.69
N PHE H 317 -11.43 -33.46 46.51
CA PHE H 317 -12.08 -32.23 46.11
C PHE H 317 -11.07 -31.17 45.70
N ASP H 318 -11.31 -30.57 44.54
CA ASP H 318 -10.44 -29.54 43.99
C ASP H 318 -11.21 -28.25 44.13
N ALA H 319 -10.93 -27.51 45.19
CA ALA H 319 -11.62 -26.27 45.48
C ALA H 319 -11.56 -25.22 44.34
N LYS H 320 -10.36 -24.87 43.89
CA LYS H 320 -10.23 -23.87 42.85
C LYS H 320 -10.83 -24.21 41.50
N ALA H 321 -10.89 -25.49 41.16
CA ALA H 321 -11.40 -25.91 39.86
C ALA H 321 -12.88 -25.77 39.69
N GLY H 322 -13.61 -25.93 40.78
CA GLY H 322 -15.06 -25.83 40.74
C GLY H 322 -15.52 -24.41 40.53
N ILE H 323 -16.76 -24.29 40.09
CA ILE H 323 -17.38 -23.03 39.83
C ILE H 323 -18.84 -23.02 40.25
N ALA H 324 -19.30 -21.88 40.76
CA ALA H 324 -20.67 -21.74 41.17
C ALA H 324 -21.38 -20.67 40.35
N LEU H 325 -22.54 -20.99 39.80
CA LEU H 325 -23.31 -19.98 39.07
C LEU H 325 -24.02 -19.12 40.11
N ASN H 326 -24.55 -19.77 41.14
CA ASN H 326 -25.24 -19.10 42.21
C ASN H 326 -25.28 -20.01 43.46
N ASP H 327 -25.87 -19.50 44.54
CA ASP H 327 -25.96 -20.26 45.77
C ASP H 327 -26.69 -21.60 45.65
N ASN H 328 -27.30 -21.90 44.51
CA ASN H 328 -28.06 -23.16 44.39
C ASN H 328 -27.80 -23.97 43.18
N PHE H 329 -26.79 -23.58 42.40
CA PHE H 329 -26.45 -24.31 41.19
C PHE H 329 -24.93 -24.24 41.11
N VAL H 330 -24.30 -25.40 41.30
CA VAL H 330 -22.88 -25.49 41.36
C VAL H 330 -22.27 -26.64 40.59
N LYS H 331 -21.02 -26.46 40.18
CA LYS H 331 -20.24 -27.50 39.48
C LYS H 331 -19.05 -27.80 40.38
N LEU H 332 -19.01 -29.01 40.89
CA LEU H 332 -17.94 -29.45 41.81
C LEU H 332 -17.01 -30.43 41.12
N VAL H 333 -15.72 -30.31 41.41
CA VAL H 333 -14.71 -31.18 40.79
C VAL H 333 -13.97 -32.02 41.79
N SER H 334 -13.83 -33.32 41.51
CA SER H 334 -13.08 -34.20 42.41
C SER H 334 -12.26 -35.22 41.64
N TRP H 335 -10.97 -35.30 42.02
CA TRP H 335 -10.01 -36.22 41.40
C TRP H 335 -9.94 -37.59 42.02
N TYR H 336 -9.48 -38.56 41.24
CA TYR H 336 -9.34 -39.94 41.71
C TYR H 336 -8.38 -40.77 40.92
N ASP H 337 -7.53 -41.51 41.62
CA ASP H 337 -6.60 -42.43 40.96
C ASP H 337 -7.44 -43.69 40.79
N ASN H 338 -7.90 -43.92 39.58
CA ASN H 338 -8.76 -45.05 39.32
C ASN H 338 -8.17 -46.43 39.60
N GLU H 339 -6.86 -46.51 39.76
CA GLU H 339 -6.28 -47.82 40.08
C GLU H 339 -5.99 -47.90 41.56
N THR H 340 -5.29 -46.89 42.07
CA THR H 340 -4.84 -46.91 43.47
C THR H 340 -5.92 -46.70 44.52
N GLY H 341 -6.75 -45.69 44.37
CA GLY H 341 -7.80 -45.46 45.36
C GLY H 341 -8.71 -46.66 45.52
N TYR H 342 -9.31 -47.08 44.41
CA TYR H 342 -10.20 -48.23 44.41
C TYR H 342 -9.51 -49.46 45.02
N SER H 343 -8.31 -49.75 44.57
CA SER H 343 -7.61 -50.90 45.08
C SER H 343 -7.52 -50.85 46.59
N ASN H 344 -7.20 -49.69 47.16
CA ASN H 344 -7.07 -49.61 48.60
C ASN H 344 -8.40 -49.82 49.26
N LYS H 345 -9.47 -49.32 48.65
CA LYS H 345 -10.78 -49.51 49.26
C LYS H 345 -11.25 -50.94 49.17
N VAL H 346 -10.76 -51.68 48.18
CA VAL H 346 -11.13 -53.07 48.10
C VAL H 346 -10.59 -53.68 49.39
N LEU H 347 -9.36 -53.33 49.78
CA LEU H 347 -8.77 -53.88 51.00
C LEU H 347 -9.53 -53.40 52.25
N ASP H 348 -9.94 -52.14 52.24
CA ASP H 348 -10.72 -51.61 53.35
C ASP H 348 -12.01 -52.43 53.52
N LEU H 349 -12.64 -52.80 52.40
CA LEU H 349 -13.88 -53.56 52.41
C LEU H 349 -13.61 -54.97 52.89
N ILE H 350 -12.52 -55.56 52.44
CA ILE H 350 -12.17 -56.89 52.89
C ILE H 350 -12.03 -56.90 54.43
N ALA H 351 -11.33 -55.89 54.95
CA ALA H 351 -11.09 -55.77 56.37
C ALA H 351 -12.39 -55.58 57.11
N HIS H 352 -13.27 -54.78 56.52
CA HIS H 352 -14.56 -54.49 57.13
C HIS H 352 -15.48 -55.71 57.26
N ILE H 353 -15.63 -56.49 56.19
CA ILE H 353 -16.50 -57.66 56.23
C ILE H 353 -15.89 -58.80 57.03
N SER H 354 -14.61 -58.67 57.44
CA SER H 354 -13.93 -59.69 58.24
C SER H 354 -13.98 -59.44 59.74
N LYS H 355 -14.59 -58.33 60.15
CA LYS H 355 -14.75 -58.07 61.58
C LYS H 355 -15.69 -59.12 62.15
N THR I 26 7.37 38.08 13.71
CA THR I 26 6.77 37.90 12.37
C THR I 26 5.71 36.79 12.43
N ILE I 27 4.72 36.89 11.54
CA ILE I 27 3.64 35.92 11.45
C ILE I 27 4.07 34.88 10.45
N LYS I 28 4.19 33.64 10.87
CA LYS I 28 4.56 32.57 9.93
C LYS I 28 3.36 32.16 9.04
N VAL I 29 3.55 32.21 7.74
CA VAL I 29 2.51 31.85 6.80
C VAL I 29 2.87 30.70 5.88
N GLY I 30 1.87 29.89 5.59
CA GLY I 30 2.02 28.75 4.70
C GLY I 30 1.08 29.00 3.54
N ILE I 31 1.55 28.77 2.33
CA ILE I 31 0.74 29.01 1.14
C ILE I 31 0.34 27.70 0.53
N ASN I 32 -0.96 27.46 0.37
CA ASN I 32 -1.39 26.23 -0.27
C ASN I 32 -1.91 26.67 -1.62
N GLY I 33 -1.18 26.29 -2.67
CA GLY I 33 -1.57 26.66 -4.04
C GLY I 33 -0.64 27.75 -4.50
N PHE I 34 0.30 27.42 -5.39
CA PHE I 34 1.22 28.39 -5.86
C PHE I 34 0.88 28.87 -7.27
N GLY I 35 -0.39 29.22 -7.45
CA GLY I 35 -0.90 29.74 -8.72
C GLY I 35 -0.67 31.24 -8.78
N ARG I 36 -1.46 31.94 -9.60
CA ARG I 36 -1.28 33.38 -9.73
C ARG I 36 -1.35 34.12 -8.39
N ILE I 37 -2.40 33.88 -7.61
CA ILE I 37 -2.53 34.56 -6.33
C ILE I 37 -1.46 34.09 -5.37
N GLY I 38 -1.23 32.79 -5.29
CA GLY I 38 -0.18 32.29 -4.39
C GLY I 38 1.15 32.95 -4.63
N ARG I 39 1.52 33.05 -5.89
CA ARG I 39 2.79 33.64 -6.24
C ARG I 39 2.89 35.14 -6.01
N ILE I 40 1.81 35.87 -6.22
CA ILE I 40 1.84 37.32 -6.03
C ILE I 40 1.80 37.61 -4.54
N VAL I 41 1.04 36.82 -3.80
CA VAL I 41 1.03 36.92 -2.35
C VAL I 41 2.46 36.68 -1.87
N PHE I 42 3.12 35.68 -2.43
CA PHE I 42 4.49 35.40 -2.03
C PHE I 42 5.41 36.60 -2.24
N ARG I 43 5.33 37.22 -3.41
CA ARG I 43 6.18 38.36 -3.70
C ARG I 43 5.90 39.54 -2.78
N ALA I 44 4.62 39.78 -2.51
CA ALA I 44 4.23 40.92 -1.67
C ALA I 44 4.70 40.73 -0.25
N ALA I 45 4.79 39.48 0.17
CA ALA I 45 5.22 39.14 1.52
C ALA I 45 6.68 39.47 1.76
N GLN I 46 7.49 39.51 0.70
CA GLN I 46 8.91 39.81 0.82
C GLN I 46 9.14 41.25 1.22
N LYS I 47 8.20 42.11 0.83
CA LYS I 47 8.28 43.55 1.12
C LYS I 47 7.70 43.95 2.48
N ARG I 48 7.17 42.98 3.24
CA ARG I 48 6.60 43.24 4.55
C ARG I 48 7.45 42.51 5.58
N SER I 49 7.75 43.19 6.66
CA SER I 49 8.55 42.55 7.68
C SER I 49 7.71 41.86 8.74
N ASP I 50 6.40 42.12 8.76
CA ASP I 50 5.53 41.49 9.75
C ASP I 50 5.05 40.10 9.33
N ILE I 51 5.39 39.70 8.10
CA ILE I 51 4.94 38.41 7.58
C ILE I 51 6.06 37.68 6.85
N GLU I 52 6.20 36.40 7.19
CA GLU I 52 7.16 35.51 6.55
C GLU I 52 6.53 34.26 5.99
N ILE I 53 6.83 33.97 4.73
CA ILE I 53 6.32 32.77 4.12
C ILE I 53 7.36 31.75 4.50
N VAL I 54 6.95 30.67 5.14
CA VAL I 54 7.87 29.64 5.55
C VAL I 54 7.64 28.29 4.89
N ALA I 55 6.54 28.16 4.16
CA ALA I 55 6.21 26.91 3.49
C ALA I 55 5.22 27.13 2.36
N ILE I 56 5.33 26.28 1.35
CA ILE I 56 4.50 26.33 0.17
C ILE I 56 4.11 24.93 -0.22
N ASN I 57 2.86 24.73 -0.59
CA ASN I 57 2.42 23.42 -1.00
C ASN I 57 1.73 23.50 -2.33
N ASP I 58 2.08 22.60 -3.23
CA ASP I 58 1.47 22.53 -4.52
C ASP I 58 2.04 21.30 -5.20
N LEU I 59 1.34 20.81 -6.20
CA LEU I 59 1.78 19.64 -6.98
C LEU I 59 2.92 20.00 -7.95
N LEU I 60 4.00 20.58 -7.45
CA LEU I 60 5.10 20.98 -8.31
C LEU I 60 6.45 20.75 -7.67
N ASP I 61 7.44 20.33 -8.47
CA ASP I 61 8.80 20.15 -7.97
C ASP I 61 9.34 21.51 -7.56
N ALA I 62 10.28 21.53 -6.62
CA ALA I 62 10.83 22.76 -6.13
C ALA I 62 11.52 23.54 -7.22
N ASP I 63 12.22 22.85 -8.12
CA ASP I 63 12.90 23.54 -9.21
C ASP I 63 11.92 24.28 -10.13
N TYR I 64 10.69 23.77 -10.23
CA TYR I 64 9.69 24.36 -11.09
C TYR I 64 9.05 25.50 -10.35
N MET I 65 8.88 25.39 -9.03
CA MET I 65 8.31 26.53 -8.28
C MET I 65 9.29 27.67 -8.38
N ALA I 66 10.58 27.36 -8.29
CA ALA I 66 11.59 28.37 -8.38
C ALA I 66 11.42 29.11 -9.69
N TYR I 67 11.23 28.37 -10.76
CA TYR I 67 11.05 28.98 -12.08
C TYR I 67 9.82 29.87 -12.15
N MET I 68 8.69 29.38 -11.64
CA MET I 68 7.44 30.16 -11.64
C MET I 68 7.57 31.45 -10.83
N LEU I 69 8.46 31.41 -9.87
CA LEU I 69 8.73 32.54 -9.04
C LEU I 69 9.73 33.52 -9.68
OH ALY I 70 14.68 28.42 -14.42
CH ALY I 70 14.83 28.58 -13.27
CH3 ALY I 70 14.67 27.39 -12.37
NZ ALY I 70 15.20 29.75 -12.77
CE ALY I 70 15.56 30.31 -11.41
CD ALY I 70 15.34 31.85 -11.30
CG ALY I 70 14.07 32.36 -10.52
CB ALY I 70 13.04 33.06 -11.42
CA ALY I 70 11.87 33.83 -10.83
N ALY I 70 10.83 33.00 -10.23
C ALY I 70 11.33 34.67 -11.97
O ALY I 70 11.58 35.86 -12.05
N TYR I 71 10.56 34.03 -12.85
CA TYR I 71 10.03 34.70 -14.05
C TYR I 71 8.49 34.80 -14.08
N ASP I 72 7.98 35.99 -14.46
CA ASP I 72 6.55 36.25 -14.52
C ASP I 72 6.26 37.16 -15.69
N SER I 73 5.42 36.69 -16.59
CA SER I 73 5.09 37.44 -17.79
C SER I 73 4.44 38.81 -17.54
N THR I 74 3.68 38.92 -16.47
CA THR I 74 3.00 40.12 -16.15
C THR I 74 3.76 41.03 -15.25
N HIS I 75 4.35 40.48 -14.20
CA HIS I 75 5.09 41.31 -13.24
C HIS I 75 6.64 41.31 -13.28
N GLY I 76 7.23 40.85 -14.39
CA GLY I 76 8.67 40.79 -14.53
C GLY I 76 9.38 39.82 -13.61
N ARG I 77 10.71 39.95 -13.56
CA ARG I 77 11.55 39.06 -12.77
C ARG I 77 11.51 39.35 -11.32
N PHE I 78 11.62 38.29 -10.53
CA PHE I 78 11.56 38.38 -9.07
C PHE I 78 12.69 39.19 -8.58
N ASP I 79 12.40 40.13 -7.69
CA ASP I 79 13.43 41.01 -7.15
C ASP I 79 14.07 40.34 -5.95
N GLY I 80 15.02 39.46 -6.21
CA GLY I 80 15.68 38.72 -5.15
C GLY I 80 16.33 37.45 -5.66
N THR I 81 17.00 36.73 -4.77
CA THR I 81 17.65 35.48 -5.11
C THR I 81 16.79 34.29 -4.75
N VAL I 82 16.83 33.29 -5.60
CA VAL I 82 16.09 32.05 -5.37
C VAL I 82 16.92 30.85 -5.87
N GLU I 83 17.25 29.94 -4.97
CA GLU I 83 17.97 28.72 -5.35
C GLU I 83 17.27 27.49 -4.73
N VAL I 84 17.55 26.32 -5.28
CA VAL I 84 16.94 25.06 -4.80
C VAL I 84 17.99 24.22 -4.08
N LYS I 85 17.63 23.69 -2.92
CA LYS I 85 18.56 22.87 -2.16
C LYS I 85 17.82 21.77 -1.44
N ASP I 86 18.18 20.52 -1.74
CA ASP I 86 17.58 19.33 -1.11
C ASP I 86 16.07 19.27 -1.28
N GLY I 87 15.60 19.57 -2.48
CA GLY I 87 14.18 19.56 -2.78
C GLY I 87 13.38 20.68 -2.13
N HIS I 88 14.08 21.59 -1.45
CA HIS I 88 13.43 22.75 -0.82
C HIS I 88 13.93 24.03 -1.47
N LEU I 89 13.30 25.12 -1.13
CA LEU I 89 13.58 26.37 -1.77
C LEU I 89 14.28 27.33 -0.83
N ILE I 90 15.24 28.10 -1.36
CA ILE I 90 15.95 29.11 -0.56
C ILE I 90 15.82 30.46 -1.23
N VAL I 91 15.01 31.31 -0.62
CA VAL I 91 14.69 32.64 -1.18
C VAL I 91 15.23 33.72 -0.31
N ASN I 92 16.17 34.49 -0.85
CA ASN I 92 16.82 35.57 -0.10
C ASN I 92 17.39 34.99 1.20
N GLY I 93 18.07 33.85 1.07
CA GLY I 93 18.71 33.18 2.20
C GLY I 93 17.81 32.58 3.28
N LYS I 94 16.52 32.37 2.99
CA LYS I 94 15.57 31.77 3.95
C LYS I 94 15.03 30.45 3.42
N LYS I 95 14.95 29.41 4.25
CA LYS I 95 14.35 28.15 3.77
C LYS I 95 12.86 28.22 3.72
N ILE I 96 12.31 27.74 2.62
CA ILE I 96 10.90 27.66 2.44
C ILE I 96 10.63 26.17 2.24
N ARG I 97 9.82 25.57 3.10
CA ARG I 97 9.52 24.15 2.95
C ARG I 97 8.56 23.94 1.78
N VAL I 98 8.97 23.08 0.86
CA VAL I 98 8.19 22.73 -0.31
C VAL I 98 7.62 21.34 -0.15
N THR I 99 6.30 21.22 -0.27
CA THR I 99 5.60 19.94 -0.18
C THR I 99 4.70 19.78 -1.41
N ALA I 100 4.24 18.57 -1.64
CA ALA I 100 3.37 18.27 -2.77
C ALA I 100 2.20 17.36 -2.36
N GLU I 101 1.58 17.67 -1.22
CA GLU I 101 0.44 16.91 -0.72
C GLU I 101 -0.86 17.31 -1.40
N ARG I 102 -1.65 16.31 -1.77
CA ARG I 102 -2.93 16.54 -2.44
C ARG I 102 -3.99 16.77 -1.40
N ASP I 103 -3.90 16.02 -0.30
CA ASP I 103 -4.84 16.11 0.80
C ASP I 103 -4.23 16.95 1.93
N PRO I 104 -4.81 18.14 2.19
CA PRO I 104 -4.33 19.08 3.19
C PRO I 104 -4.13 18.55 4.61
N ALA I 105 -4.80 17.47 4.98
CA ALA I 105 -4.63 16.95 6.33
C ALA I 105 -3.19 16.45 6.57
N ASN I 106 -2.48 16.16 5.48
CA ASN I 106 -1.11 15.67 5.55
C ASN I 106 -0.02 16.74 5.50
N LEU I 107 -0.40 18.01 5.47
CA LEU I 107 0.58 19.10 5.38
C LEU I 107 1.50 19.32 6.55
N LYS I 108 1.13 18.84 7.72
CA LYS I 108 1.96 19.01 8.89
C LYS I 108 2.49 20.46 9.00
N TRP I 109 1.58 21.44 9.00
CA TRP I 109 2.00 22.86 9.12
C TRP I 109 2.72 23.19 10.43
N ASP I 110 2.35 22.51 11.51
CA ASP I 110 2.98 22.77 12.82
C ASP I 110 4.48 22.47 12.84
N GLU I 111 4.94 21.58 11.95
CA GLU I 111 6.36 21.25 11.88
C GLU I 111 7.24 22.40 11.41
N VAL I 112 6.68 23.35 10.70
CA VAL I 112 7.45 24.50 10.26
C VAL I 112 6.87 25.78 10.93
N GLY I 113 6.13 25.57 12.01
CA GLY I 113 5.54 26.64 12.81
C GLY I 113 4.60 27.62 12.16
N VAL I 114 3.76 27.15 11.22
CA VAL I 114 2.82 28.03 10.52
C VAL I 114 1.64 28.51 11.36
N ASP I 115 1.46 29.83 11.41
CA ASP I 115 0.38 30.44 12.16
C ASP I 115 -0.86 30.47 11.31
N VAL I 116 -0.74 31.03 10.11
CA VAL I 116 -1.87 31.16 9.19
C VAL I 116 -1.58 30.59 7.81
N VAL I 117 -2.61 30.03 7.20
CA VAL I 117 -2.47 29.45 5.87
C VAL I 117 -3.27 30.24 4.88
N ALA I 118 -2.65 30.57 3.76
CA ALA I 118 -3.32 31.28 2.69
C ALA I 118 -3.78 30.18 1.75
N GLU I 119 -5.06 29.89 1.79
CA GLU I 119 -5.62 28.85 0.97
C GLU I 119 -5.87 29.43 -0.40
N ALA I 120 -4.99 29.14 -1.33
CA ALA I 120 -5.11 29.69 -2.69
C ALA I 120 -5.19 28.69 -3.86
N THR I 121 -5.78 27.53 -3.64
CA THR I 121 -5.91 26.55 -4.71
C THR I 121 -7.22 26.71 -5.44
N GLY I 122 -8.16 27.44 -4.83
CA GLY I 122 -9.48 27.62 -5.40
C GLY I 122 -10.41 26.43 -5.19
N LEU I 123 -9.91 25.37 -4.55
CA LEU I 123 -10.67 24.14 -4.35
C LEU I 123 -11.20 23.93 -2.95
N PHE I 124 -10.69 24.64 -1.96
CA PHE I 124 -11.14 24.43 -0.58
C PHE I 124 -11.76 25.69 -0.01
N LEU I 125 -12.94 26.00 -0.52
CA LEU I 125 -13.66 27.20 -0.11
C LEU I 125 -14.88 26.97 0.79
N THR I 126 -14.85 25.88 1.56
CA THR I 126 -15.91 25.58 2.50
C THR I 126 -15.23 25.36 3.84
N ASP I 127 -15.99 25.42 4.91
CA ASP I 127 -15.40 25.24 6.21
C ASP I 127 -14.74 23.89 6.38
N GLU I 128 -15.40 22.81 5.96
CA GLU I 128 -14.81 21.50 6.20
C GLU I 128 -13.54 21.30 5.41
N THR I 129 -13.50 21.78 4.17
CA THR I 129 -12.29 21.59 3.34
C THR I 129 -11.13 22.44 3.83
N ALA I 130 -11.40 23.67 4.25
CA ALA I 130 -10.35 24.53 4.76
C ALA I 130 -9.91 24.12 6.17
N ARG I 131 -10.86 23.62 6.96
CA ARG I 131 -10.63 23.18 8.34
C ARG I 131 -9.45 22.19 8.40
N LYS I 132 -9.23 21.47 7.31
CA LYS I 132 -8.15 20.51 7.28
C LYS I 132 -6.79 21.11 7.60
N HIS I 133 -6.57 22.36 7.24
CA HIS I 133 -5.27 22.98 7.54
C HIS I 133 -5.09 23.12 9.03
N ILE I 134 -6.19 23.35 9.74
CA ILE I 134 -6.14 23.50 11.17
C ILE I 134 -5.88 22.13 11.78
N THR I 135 -6.52 21.11 11.22
CA THR I 135 -6.33 19.73 11.69
C THR I 135 -4.84 19.39 11.51
N ALA I 136 -4.25 19.93 10.45
CA ALA I 136 -2.84 19.71 10.13
C ALA I 136 -1.83 20.62 10.86
N GLY I 137 -2.29 21.38 11.87
CA GLY I 137 -1.38 22.22 12.66
C GLY I 137 -1.43 23.73 12.54
N ALA I 138 -2.08 24.24 11.50
CA ALA I 138 -2.17 25.68 11.34
C ALA I 138 -3.21 26.22 12.32
N LYS I 139 -3.05 27.46 12.77
CA LYS I 139 -3.99 28.04 13.72
C LYS I 139 -5.18 28.67 12.99
N LYS I 140 -4.92 29.37 11.89
CA LYS I 140 -6.00 30.02 11.14
C LYS I 140 -5.82 29.89 9.64
N VAL I 141 -6.90 30.15 8.91
CA VAL I 141 -6.90 30.06 7.46
C VAL I 141 -7.61 31.21 6.77
N VAL I 142 -7.00 31.71 5.71
CA VAL I 142 -7.57 32.78 4.91
C VAL I 142 -7.77 32.27 3.50
N MET I 143 -9.03 32.12 3.11
CA MET I 143 -9.35 31.67 1.77
C MET I 143 -9.11 32.85 0.84
N THR I 144 -8.36 32.64 -0.24
CA THR I 144 -8.12 33.71 -1.20
C THR I 144 -9.18 33.71 -2.28
N GLY I 145 -10.43 33.56 -1.89
CA GLY I 145 -11.55 33.57 -2.82
C GLY I 145 -12.84 33.61 -2.03
N PRO I 146 -13.96 33.91 -2.69
CA PRO I 146 -15.21 33.95 -1.93
C PRO I 146 -15.58 32.55 -1.50
N SER I 147 -16.15 32.46 -0.32
CA SER I 147 -16.51 31.18 0.23
C SER I 147 -17.76 30.62 -0.38
N LYS I 148 -17.76 29.32 -0.64
CA LYS I 148 -18.94 28.63 -1.19
C LYS I 148 -19.97 28.28 -0.13
N ASP I 149 -19.57 28.28 1.13
CA ASP I 149 -20.52 28.08 2.22
C ASP I 149 -20.69 29.45 2.88
N ASN I 150 -21.06 29.50 4.15
CA ASN I 150 -21.21 30.78 4.83
C ASN I 150 -19.99 31.25 5.63
N THR I 151 -18.80 30.84 5.23
CA THR I 151 -17.59 31.27 5.90
C THR I 151 -17.60 32.77 5.71
N PRO I 152 -17.38 33.53 6.80
CA PRO I 152 -17.44 34.99 6.70
C PRO I 152 -16.38 35.61 5.82
N MET I 153 -16.80 36.64 5.08
CA MET I 153 -15.90 37.37 4.21
C MET I 153 -15.52 38.74 4.76
N PHE I 154 -14.27 39.14 4.53
CA PHE I 154 -13.80 40.44 4.98
C PHE I 154 -13.10 41.16 3.84
N VAL I 155 -13.39 42.45 3.70
CA VAL I 155 -12.82 43.29 2.65
C VAL I 155 -12.30 44.55 3.29
N LYS I 156 -11.00 44.80 3.14
CA LYS I 156 -10.39 45.98 3.72
C LYS I 156 -11.03 47.22 3.12
N GLY I 157 -11.38 48.14 4.01
CA GLY I 157 -12.02 49.39 3.63
C GLY I 157 -13.52 49.28 3.86
N ALA I 158 -14.00 48.05 4.04
CA ALA I 158 -15.42 47.81 4.22
C ALA I 158 -15.78 47.24 5.57
N ASN I 159 -15.18 46.13 5.96
CA ASN I 159 -15.56 45.52 7.23
C ASN I 159 -14.50 44.79 8.03
N PHE I 160 -13.23 45.19 7.93
CA PHE I 160 -12.22 44.50 8.72
C PHE I 160 -12.56 44.58 10.21
N ASP I 161 -13.07 45.72 10.64
CA ASP I 161 -13.46 45.94 12.05
C ASP I 161 -14.45 44.88 12.56
N LYS I 162 -15.24 44.29 11.67
CA LYS I 162 -16.22 43.23 12.04
C LYS I 162 -15.59 41.88 12.39
N TYR I 163 -14.31 41.70 12.11
CA TYR I 163 -13.67 40.41 12.40
C TYR I 163 -13.88 40.17 13.88
N ALA I 164 -14.26 38.93 14.22
CA ALA I 164 -14.57 38.57 15.61
C ALA I 164 -13.85 37.30 16.09
N GLY I 165 -12.57 37.19 15.80
CA GLY I 165 -11.81 36.01 16.21
C GLY I 165 -12.02 34.69 15.49
N GLN I 166 -12.81 34.66 14.40
CA GLN I 166 -13.02 33.38 13.66
C GLN I 166 -11.68 32.82 13.20
N ASP I 167 -11.57 31.50 13.14
CA ASP I 167 -10.32 30.87 12.70
C ASP I 167 -10.23 30.60 11.19
N ILE I 168 -11.35 30.71 10.49
CA ILE I 168 -11.39 30.53 9.05
C ILE I 168 -12.19 31.67 8.43
N VAL I 169 -11.55 32.40 7.52
CA VAL I 169 -12.18 33.54 6.86
C VAL I 169 -11.86 33.58 5.38
N SER I 170 -12.56 34.46 4.66
CA SER I 170 -12.40 34.65 3.22
C SER I 170 -12.14 36.11 2.92
N ASN I 171 -11.28 36.39 1.96
CA ASN I 171 -10.95 37.79 1.61
C ASN I 171 -11.80 38.20 0.41
N ALA I 172 -12.90 37.48 0.22
CA ALA I 172 -13.82 37.74 -0.87
C ALA I 172 -13.13 37.60 -2.22
N SER I 173 -13.63 38.33 -3.22
CA SER I 173 -13.06 38.30 -4.58
C SER I 173 -12.39 39.61 -4.93
N CYS I 174 -11.60 39.59 -5.99
CA CYS I 174 -10.89 40.78 -6.43
C CYS I 174 -11.89 41.88 -6.75
N THR I 175 -12.99 41.52 -7.43
CA THR I 175 -14.00 42.48 -7.83
C THR I 175 -14.71 43.05 -6.60
N THR I 176 -15.03 42.20 -5.63
CA THR I 176 -15.69 42.72 -4.44
C THR I 176 -14.76 43.69 -3.72
N ASN I 177 -13.46 43.43 -3.73
CA ASN I 177 -12.53 44.36 -3.11
C ASN I 177 -12.48 45.71 -3.82
N CYS I 178 -12.81 45.75 -5.10
CA CYS I 178 -12.82 47.03 -5.82
C CYS I 178 -14.11 47.79 -5.58
N LEU I 179 -15.21 47.07 -5.65
CA LEU I 179 -16.50 47.63 -5.49
C LEU I 179 -16.91 48.04 -4.09
N ALA I 180 -16.67 47.21 -3.10
CA ALA I 180 -17.12 47.52 -1.75
C ALA I 180 -16.66 48.86 -1.22
N PRO I 181 -15.37 49.13 -1.31
CA PRO I 181 -14.91 50.40 -0.76
C PRO I 181 -15.55 51.60 -1.44
N LEU I 182 -15.68 51.55 -2.75
CA LEU I 182 -16.27 52.64 -3.49
C LEU I 182 -17.73 52.81 -3.09
N ALA I 183 -18.46 51.71 -3.07
CA ALA I 183 -19.86 51.73 -2.72
C ALA I 183 -20.06 52.28 -1.33
N LYS I 184 -19.21 51.87 -0.39
CA LYS I 184 -19.33 52.32 0.99
C LYS I 184 -19.27 53.84 1.06
N VAL I 185 -18.29 54.42 0.37
CA VAL I 185 -18.13 55.86 0.34
C VAL I 185 -19.34 56.54 -0.29
N ILE I 186 -19.74 56.07 -1.47
CA ILE I 186 -20.88 56.65 -2.14
C ILE I 186 -22.14 56.55 -1.30
N ASN I 187 -22.36 55.38 -0.72
CA ASN I 187 -23.52 55.17 0.10
C ASN I 187 -23.50 56.03 1.36
N ASP I 188 -22.39 56.01 2.10
CA ASP I 188 -22.29 56.82 3.32
C ASP I 188 -22.58 58.30 3.06
N ASN I 189 -22.10 58.81 1.93
CA ASN I 189 -22.27 60.22 1.60
C ASN I 189 -23.55 60.59 0.89
N PHE I 190 -24.05 59.73 0.01
CA PHE I 190 -25.25 60.10 -0.75
C PHE I 190 -26.39 59.11 -0.71
N GLY I 191 -26.13 57.90 -0.21
CA GLY I 191 -27.16 56.87 -0.12
C GLY I 191 -27.48 56.21 -1.45
N ILE I 192 -27.11 54.94 -1.57
CA ILE I 192 -27.38 54.18 -2.77
C ILE I 192 -28.74 53.54 -2.66
N ILE I 193 -29.65 53.94 -3.53
CA ILE I 193 -30.98 53.37 -3.55
C ILE I 193 -30.92 52.00 -4.21
N GLU I 194 -30.26 51.96 -5.36
CA GLU I 194 -30.10 50.75 -6.12
C GLU I 194 -28.94 50.97 -7.10
N GLY I 195 -28.25 49.90 -7.44
CA GLY I 195 -27.15 50.00 -8.42
C GLY I 195 -26.87 48.70 -9.16
N LEU I 196 -26.37 48.85 -10.37
CA LEU I 196 -26.03 47.74 -11.23
C LEU I 196 -24.63 47.98 -11.65
N MET I 197 -23.82 46.93 -11.68
CA MET I 197 -22.44 47.13 -12.03
C MET I 197 -21.96 46.14 -13.05
N THR I 198 -20.94 46.54 -13.79
CA THR I 198 -20.34 45.71 -14.81
C THR I 198 -18.86 45.80 -14.64
N THR I 199 -18.21 44.67 -14.74
CA THR I 199 -16.76 44.69 -14.66
C THR I 199 -16.18 44.16 -15.97
N VAL I 200 -15.33 44.96 -16.60
CA VAL I 200 -14.62 44.55 -17.80
C VAL I 200 -13.39 43.96 -17.15
N HIS I 201 -13.31 42.64 -17.19
CA HIS I 201 -12.27 41.87 -16.52
C HIS I 201 -11.22 41.19 -17.40
N ALA I 202 -10.00 41.13 -16.90
CA ALA I 202 -8.88 40.55 -17.64
C ALA I 202 -9.03 39.07 -17.65
N THR I 203 -8.35 38.45 -18.59
CA THR I 203 -8.36 37.02 -18.71
C THR I 203 -7.71 36.37 -17.48
N THR I 204 -8.19 35.20 -17.09
CA THR I 204 -7.64 34.49 -15.97
C THR I 204 -7.38 33.04 -16.31
N ALA I 205 -6.80 32.34 -15.35
CA ALA I 205 -6.43 30.94 -15.52
C ALA I 205 -7.55 29.97 -15.81
N THR I 206 -8.79 30.31 -15.42
CA THR I 206 -9.90 29.40 -15.68
C THR I 206 -10.33 29.40 -17.15
N GLN I 207 -9.83 30.35 -17.95
CA GLN I 207 -10.20 30.40 -19.34
C GLN I 207 -9.29 29.56 -20.24
N LYS I 208 -9.61 29.53 -21.55
CA LYS I 208 -8.89 28.72 -22.48
C LYS I 208 -8.26 29.51 -23.59
N THR I 209 -7.14 29.02 -24.08
CA THR I 209 -6.46 29.65 -25.17
C THR I 209 -7.25 29.55 -26.47
N VAL I 210 -7.95 28.45 -26.69
CA VAL I 210 -8.75 28.27 -27.91
C VAL I 210 -10.04 27.62 -27.47
N ASP I 211 -11.10 27.73 -28.27
CA ASP I 211 -12.39 27.12 -27.90
C ASP I 211 -12.21 25.74 -27.32
N GLY I 212 -12.45 25.61 -26.03
CA GLY I 212 -12.29 24.32 -25.31
C GLY I 212 -13.44 24.12 -24.37
N PRO I 213 -13.41 23.02 -23.59
CA PRO I 213 -14.48 22.64 -22.67
C PRO I 213 -14.51 23.31 -21.33
N SER I 214 -15.70 23.73 -20.92
CA SER I 214 -15.98 24.40 -19.65
C SER I 214 -17.46 24.05 -19.41
N HIS I 215 -17.69 22.85 -18.90
N HIS I 215 -17.68 22.84 -18.90
CA HIS I 215 -19.03 22.26 -18.70
CA HIS I 215 -19.01 22.27 -18.68
C HIS I 215 -19.96 23.12 -17.84
C HIS I 215 -19.96 23.11 -17.83
N LYS I 216 -19.42 23.79 -16.83
CA LYS I 216 -20.25 24.61 -15.93
C LYS I 216 -20.41 26.05 -16.43
N ASP I 217 -19.61 26.45 -17.41
CA ASP I 217 -19.66 27.80 -17.96
C ASP I 217 -19.28 27.79 -19.46
N TRP I 218 -20.25 27.47 -20.31
CA TRP I 218 -20.02 27.34 -21.73
C TRP I 218 -19.33 28.51 -22.35
N ARG I 219 -19.80 29.71 -22.08
CA ARG I 219 -19.15 30.87 -22.68
C ARG I 219 -17.69 30.96 -22.25
N GLY I 220 -17.43 30.55 -21.03
CA GLY I 220 -16.09 30.64 -20.45
C GLY I 220 -15.04 29.76 -21.10
N GLY I 221 -15.49 28.82 -21.89
CA GLY I 221 -14.58 27.90 -22.53
C GLY I 221 -14.16 28.40 -23.88
N ARG I 222 -14.77 29.48 -24.32
CA ARG I 222 -14.43 30.05 -25.63
C ARG I 222 -13.07 30.76 -25.59
N GLY I 223 -12.39 30.72 -26.73
CA GLY I 223 -11.06 31.31 -26.87
C GLY I 223 -10.97 32.68 -26.22
N ALA I 224 -10.13 32.78 -25.21
CA ALA I 224 -10.01 34.01 -24.48
C ALA I 224 -9.48 35.20 -25.26
N SER I 225 -8.49 34.99 -26.08
CA SER I 225 -7.88 36.10 -26.81
C SER I 225 -8.68 36.61 -28.00
N GLN I 226 -9.72 35.89 -28.40
CA GLN I 226 -10.49 36.24 -29.58
C GLN I 226 -11.81 36.86 -29.26
N ASN I 227 -12.19 36.74 -27.99
CA ASN I 227 -13.52 37.15 -27.59
C ASN I 227 -13.73 38.06 -26.38
N ILE I 228 -14.88 38.73 -26.43
CA ILE I 228 -15.41 39.52 -25.33
C ILE I 228 -16.38 38.44 -24.81
N ILE I 229 -16.17 37.97 -23.60
CA ILE I 229 -17.01 36.89 -23.05
C ILE I 229 -17.86 37.27 -21.88
N PRO I 230 -19.20 37.28 -22.04
CA PRO I 230 -20.02 37.66 -20.90
C PRO I 230 -19.84 36.63 -19.83
N SER I 231 -20.01 37.04 -18.60
CA SER I 231 -19.80 36.13 -17.48
C SER I 231 -20.54 36.58 -16.25
N SER I 232 -20.87 35.63 -15.40
CA SER I 232 -21.58 35.93 -14.15
C SER I 232 -20.59 36.21 -13.06
N THR I 233 -21.03 37.00 -12.09
CA THR I 233 -20.21 37.34 -10.96
C THR I 233 -21.11 37.85 -9.84
N GLY I 234 -21.25 37.03 -8.80
CA GLY I 234 -22.06 37.41 -7.66
C GLY I 234 -21.39 38.48 -6.81
N ALA I 235 -20.19 38.90 -7.23
CA ALA I 235 -19.39 39.93 -6.54
C ALA I 235 -20.17 41.15 -6.15
N ALA I 236 -21.11 41.55 -6.97
CA ALA I 236 -21.92 42.73 -6.67
C ALA I 236 -22.91 42.38 -5.56
N LYS I 237 -23.47 41.18 -5.64
CA LYS I 237 -24.44 40.73 -4.66
C LYS I 237 -23.71 40.48 -3.33
N ALA I 238 -22.48 39.94 -3.42
CA ALA I 238 -21.66 39.64 -2.25
C ALA I 238 -21.29 40.91 -1.47
N VAL I 239 -21.45 42.07 -2.07
CA VAL I 239 -21.15 43.32 -1.37
C VAL I 239 -22.15 43.40 -0.20
N GLY I 240 -23.34 42.86 -0.44
CA GLY I 240 -24.38 42.83 0.57
C GLY I 240 -23.94 42.17 1.84
N LYS I 241 -22.98 41.24 1.75
CA LYS I 241 -22.47 40.54 2.93
C LYS I 241 -21.41 41.32 3.69
N VAL I 242 -20.51 41.99 2.99
CA VAL I 242 -19.48 42.79 3.69
C VAL I 242 -20.07 44.16 4.10
N LEU I 243 -21.13 44.58 3.41
CA LEU I 243 -21.82 45.82 3.70
C LEU I 243 -23.32 45.54 3.76
N PRO I 244 -23.78 44.94 4.87
CA PRO I 244 -25.19 44.59 5.10
C PRO I 244 -26.19 45.66 4.65
N GLU I 245 -25.89 46.93 4.91
CA GLU I 245 -26.76 48.04 4.52
C GLU I 245 -27.06 48.10 2.99
N LEU I 246 -26.25 47.45 2.17
CA LEU I 246 -26.46 47.41 0.72
C LEU I 246 -27.01 46.08 0.25
N ASN I 247 -27.38 45.22 1.18
CA ASN I 247 -27.91 43.92 0.81
C ASN I 247 -29.15 44.09 -0.07
N GLY I 248 -29.20 43.40 -1.20
CA GLY I 248 -30.34 43.48 -2.12
C GLY I 248 -30.40 44.72 -3.00
N LYS I 249 -29.43 45.64 -2.86
CA LYS I 249 -29.41 46.87 -3.64
C LYS I 249 -28.43 46.90 -4.82
N LEU I 250 -27.55 45.91 -4.91
CA LEU I 250 -26.61 45.84 -6.01
C LEU I 250 -26.50 44.46 -6.57
N THR I 251 -26.20 44.41 -7.87
CA THR I 251 -25.96 43.16 -8.56
C THR I 251 -25.27 43.55 -9.83
N GLY I 252 -24.75 42.60 -10.57
CA GLY I 252 -24.08 42.95 -11.81
C GLY I 252 -23.58 41.78 -12.63
N MET I 253 -22.71 42.08 -13.58
CA MET I 253 -22.14 41.06 -14.43
C MET I 253 -20.77 41.44 -14.91
N ALA I 254 -20.20 40.59 -15.74
CA ALA I 254 -18.88 40.83 -16.24
C ALA I 254 -18.68 40.49 -17.69
N PHE I 255 -17.66 41.10 -18.26
CA PHE I 255 -17.23 40.82 -19.61
C PHE I 255 -15.74 40.52 -19.49
N ARG I 256 -15.32 39.34 -19.92
CA ARG I 256 -13.94 38.94 -19.88
C ARG I 256 -13.37 39.35 -21.21
N VAL I 257 -12.31 40.15 -21.19
CA VAL I 257 -11.71 40.60 -22.45
C VAL I 257 -10.27 40.14 -22.53
N PRO I 258 -9.65 40.21 -23.73
CA PRO I 258 -8.31 39.72 -23.91
C PRO I 258 -7.14 40.55 -23.38
N THR I 259 -7.07 40.79 -22.08
CA THR I 259 -5.90 41.47 -21.50
C THR I 259 -5.44 40.48 -20.40
N PRO I 260 -4.13 40.39 -20.16
CA PRO I 260 -3.63 39.45 -19.21
C PRO I 260 -3.80 39.82 -17.75
N ASN I 261 -4.03 41.11 -17.47
CA ASN I 261 -4.19 41.55 -16.09
C ASN I 261 -4.77 42.95 -16.00
N VAL I 262 -5.38 43.28 -14.87
CA VAL I 262 -5.99 44.58 -14.60
C VAL I 262 -7.40 44.60 -15.18
N SER I 263 -8.34 44.95 -14.32
CA SER I 263 -9.76 44.98 -14.65
C SER I 263 -10.36 46.30 -14.18
N VAL I 264 -11.62 46.54 -14.51
CA VAL I 264 -12.25 47.81 -14.13
C VAL I 264 -13.75 47.65 -13.85
N VAL I 265 -14.29 48.39 -12.88
CA VAL I 265 -15.74 48.28 -12.61
C VAL I 265 -16.42 49.52 -13.09
N ASP I 266 -17.64 49.34 -13.58
CA ASP I 266 -18.52 50.36 -14.12
C ASP I 266 -19.78 50.28 -13.29
N LEU I 267 -19.84 51.12 -12.24
CA LEU I 267 -20.95 51.12 -11.32
C LEU I 267 -21.93 52.18 -11.65
N THR I 268 -23.16 51.77 -11.94
CA THR I 268 -24.23 52.70 -12.28
C THR I 268 -25.18 52.71 -11.11
N VAL I 269 -25.25 53.81 -10.38
CA VAL I 269 -26.12 53.90 -9.20
C VAL I 269 -27.10 55.05 -9.21
N ARG I 270 -28.15 54.89 -8.40
CA ARG I 270 -29.16 55.90 -8.27
C ARG I 270 -29.02 56.37 -6.84
N LEU I 271 -28.83 57.66 -6.64
CA LEU I 271 -28.59 58.21 -5.31
C LEU I 271 -29.83 58.82 -4.63
N GLU I 272 -29.87 58.67 -3.31
CA GLU I 272 -30.95 59.23 -2.51
C GLU I 272 -30.75 60.75 -2.43
OH ALY I 273 -26.63 59.24 4.20
CH ALY I 273 -27.58 59.76 3.64
CH3 ALY I 273 -28.57 58.87 2.96
NZ ALY I 273 -27.75 61.11 3.63
CE ALY I 273 -28.79 61.92 2.97
CD ALY I 273 -28.23 61.98 1.59
CG ALY I 273 -29.06 62.65 0.52
CB ALY I 273 -28.34 62.93 -0.78
CA ALY I 273 -29.22 62.60 -1.97
N ALY I 273 -29.53 61.18 -2.08
C ALY I 273 -28.60 63.08 -3.23
O ALY I 273 -27.71 62.46 -3.75
N ALA I 274 -29.11 64.19 -3.76
CA ALA I 274 -28.59 64.75 -4.99
C ALA I 274 -27.13 65.12 -4.79
N ALA I 275 -26.32 64.86 -5.80
CA ALA I 275 -24.91 65.19 -5.75
C ALA I 275 -24.35 65.41 -7.13
N THR I 276 -23.70 66.55 -7.32
CA THR I 276 -23.07 66.87 -8.59
C THR I 276 -21.87 65.97 -8.71
N TYR I 277 -21.32 65.85 -9.91
CA TYR I 277 -20.18 64.97 -10.08
C TYR I 277 -18.99 65.54 -9.34
N GLU I 278 -18.94 66.86 -9.22
CA GLU I 278 -17.82 67.47 -8.52
C GLU I 278 -17.83 67.05 -7.04
N GLN I 279 -19.03 66.91 -6.47
CA GLN I 279 -19.20 66.50 -5.07
C GLN I 279 -18.81 65.07 -4.84
N ILE I 280 -19.11 64.24 -5.82
CA ILE I 280 -18.77 62.85 -5.74
C ILE I 280 -17.26 62.75 -5.75
OH ALY I 281 -12.69 64.89 -14.20
CH ALY I 281 -13.73 65.15 -13.63
CH3 ALY I 281 -14.90 65.37 -14.52
NZ ALY I 281 -13.99 65.34 -12.28
CE ALY I 281 -13.44 65.25 -10.88
CD ALY I 281 -14.75 65.09 -10.13
CG ALY I 281 -15.09 64.00 -9.14
CB ALY I 281 -14.67 64.41 -7.79
CA ALY I 281 -15.18 63.48 -6.73
N ALY I 281 -16.63 63.49 -6.65
C ALY I 281 -14.58 63.82 -5.40
O ALY I 281 -13.70 63.12 -4.90
N ALA I 282 -15.07 64.89 -4.80
CA ALA I 282 -14.57 65.33 -3.52
C ALA I 282 -14.75 64.27 -2.42
N ALA I 283 -15.88 63.57 -2.44
CA ALA I 283 -16.17 62.55 -1.43
C ALA I 283 -15.18 61.40 -1.50
N VAL I 284 -14.95 60.91 -2.70
CA VAL I 284 -14.03 59.85 -2.93
C VAL I 284 -12.61 60.27 -2.61
N LYS I 285 -12.23 61.43 -3.13
CA LYS I 285 -10.88 61.93 -2.91
C LYS I 285 -10.62 62.07 -1.41
N ALA I 286 -11.64 62.46 -0.65
CA ALA I 286 -11.49 62.63 0.78
C ALA I 286 -11.23 61.28 1.44
N ALA I 287 -11.99 60.27 1.02
CA ALA I 287 -11.85 58.93 1.56
C ALA I 287 -10.50 58.33 1.21
N ALA I 288 -10.04 58.60 -0.01
CA ALA I 288 -8.76 58.09 -0.50
C ALA I 288 -7.59 58.67 0.24
N GLU I 289 -7.69 59.94 0.61
CA GLU I 289 -6.61 60.61 1.34
C GLU I 289 -6.76 60.40 2.83
N GLY I 290 -7.92 59.93 3.25
CA GLY I 290 -8.20 59.75 4.65
C GLY I 290 -8.36 58.33 5.16
N GLU I 291 -9.57 58.02 5.60
CA GLU I 291 -9.90 56.75 6.24
C GLU I 291 -9.57 55.52 5.40
N MET I 292 -9.73 55.60 4.10
CA MET I 292 -9.45 54.45 3.25
C MET I 292 -8.16 54.59 2.49
N LYS I 293 -7.18 55.27 3.07
CA LYS I 293 -5.92 55.42 2.38
C LYS I 293 -5.28 54.04 2.17
N GLY I 294 -4.68 53.82 1.00
CA GLY I 294 -4.03 52.54 0.68
C GLY I 294 -4.97 51.51 0.09
N VAL I 295 -6.27 51.73 0.27
CA VAL I 295 -7.30 50.83 -0.25
C VAL I 295 -7.97 51.47 -1.46
N LEU I 296 -8.54 52.64 -1.24
CA LEU I 296 -9.20 53.38 -2.28
C LEU I 296 -8.30 54.49 -2.81
N GLY I 297 -8.09 54.51 -4.11
CA GLY I 297 -7.24 55.51 -4.75
C GLY I 297 -8.09 56.45 -5.56
N TYR I 298 -7.48 57.53 -6.04
CA TYR I 298 -8.19 58.53 -6.84
C TYR I 298 -7.28 59.11 -7.89
N THR I 299 -7.75 59.22 -9.14
CA THR I 299 -6.92 59.83 -10.18
C THR I 299 -7.76 60.66 -11.13
N GLU I 300 -7.13 61.68 -11.71
CA GLU I 300 -7.80 62.56 -12.66
C GLU I 300 -7.02 62.54 -13.97
N ASP I 301 -6.04 61.64 -14.03
CA ASP I 301 -5.23 61.51 -15.24
C ASP I 301 -5.90 60.64 -16.28
N ASP I 302 -5.39 60.72 -17.51
CA ASP I 302 -5.92 59.95 -18.64
C ASP I 302 -5.34 58.53 -18.70
N VAL I 303 -5.67 57.76 -17.69
CA VAL I 303 -5.15 56.42 -17.55
C VAL I 303 -5.82 55.31 -18.36
N VAL I 304 -5.09 54.23 -18.53
CA VAL I 304 -5.58 53.05 -19.23
C VAL I 304 -5.17 51.90 -18.31
N SER I 305 -5.68 50.73 -18.59
CA SER I 305 -5.46 49.59 -17.72
C SER I 305 -4.03 49.32 -17.35
N THR I 306 -3.12 49.38 -18.30
CA THR I 306 -1.69 49.08 -17.96
C THR I 306 -1.11 50.00 -16.92
N ASP I 307 -1.69 51.16 -16.76
CA ASP I 307 -1.20 52.07 -15.79
C ASP I 307 -1.44 51.56 -14.37
N PHE I 308 -2.18 50.48 -14.22
CA PHE I 308 -2.43 49.92 -12.88
C PHE I 308 -1.80 48.56 -12.67
N ASN I 309 -0.97 48.15 -13.61
CA ASN I 309 -0.31 46.86 -13.48
C ASN I 309 0.65 47.06 -12.32
N GLY I 310 0.47 46.30 -11.25
CA GLY I 310 1.28 46.45 -10.06
C GLY I 310 0.64 47.28 -8.95
N GLU I 311 -0.51 47.87 -9.23
CA GLU I 311 -1.20 48.70 -8.27
C GLU I 311 -1.62 47.96 -7.02
N VAL I 312 -1.31 48.53 -5.87
CA VAL I 312 -1.65 47.94 -4.58
C VAL I 312 -3.03 48.33 -4.09
N CYS I 313 -3.50 49.54 -4.41
CA CYS I 313 -4.86 49.93 -3.98
C CYS I 313 -5.82 48.95 -4.67
N THR I 314 -6.86 48.56 -3.96
CA THR I 314 -7.82 47.62 -4.50
C THR I 314 -8.93 48.27 -5.31
N SER I 315 -8.94 49.59 -5.34
CA SER I 315 -9.95 50.31 -6.08
C SER I 315 -9.43 51.71 -6.35
N VAL I 316 -9.28 52.07 -7.61
CA VAL I 316 -8.79 53.38 -7.96
C VAL I 316 -9.80 54.10 -8.82
N PHE I 317 -10.46 55.06 -8.22
CA PHE I 317 -11.49 55.87 -8.89
C PHE I 317 -10.91 56.69 -10.03
N ASP I 318 -11.57 56.61 -11.17
CA ASP I 318 -11.14 57.29 -12.38
C ASP I 318 -12.15 58.41 -12.58
N ALA I 319 -11.78 59.59 -12.12
CA ALA I 319 -12.69 60.72 -12.20
C ALA I 319 -13.16 61.05 -13.61
N LYS I 320 -12.23 61.27 -14.53
CA LYS I 320 -12.61 61.63 -15.91
C LYS I 320 -13.43 60.61 -16.69
N ALA I 321 -13.23 59.33 -16.39
CA ALA I 321 -13.94 58.27 -17.10
C ALA I 321 -15.43 58.17 -16.77
N GLY I 322 -15.80 58.48 -15.54
CA GLY I 322 -17.19 58.41 -15.14
C GLY I 322 -18.03 59.50 -15.78
N ILE I 323 -19.34 59.27 -15.80
CA ILE I 323 -20.25 60.23 -16.36
C ILE I 323 -21.52 60.27 -15.55
N ALA I 324 -22.12 61.44 -15.44
CA ALA I 324 -23.36 61.62 -14.69
C ALA I 324 -24.49 62.05 -15.59
N LEU I 325 -25.61 61.34 -15.58
CA LEU I 325 -26.75 61.78 -16.35
C LEU I 325 -27.38 63.01 -15.62
N ASN I 326 -27.44 62.93 -14.28
CA ASN I 326 -28.02 63.96 -13.46
C ASN I 326 -27.57 63.81 -12.01
N ASP I 327 -27.98 64.74 -11.14
CA ASP I 327 -27.57 64.70 -9.75
C ASP I 327 -27.97 63.43 -8.98
N ASN I 328 -28.76 62.54 -9.59
CA ASN I 328 -29.17 61.32 -8.88
C ASN I 328 -28.99 60.02 -9.62
N PHE I 329 -28.34 60.06 -10.77
CA PHE I 329 -28.11 58.85 -11.57
C PHE I 329 -26.75 59.02 -12.18
N VAL I 330 -25.81 58.17 -11.72
CA VAL I 330 -24.45 58.28 -12.12
C VAL I 330 -23.78 56.97 -12.47
N LYS I 331 -22.72 57.05 -13.29
CA LYS I 331 -21.93 55.89 -13.69
C LYS I 331 -20.52 56.18 -13.23
N LEU I 332 -20.05 55.40 -12.26
CA LEU I 332 -18.71 55.56 -11.67
C LEU I 332 -17.77 54.47 -12.14
N VAL I 333 -16.52 54.83 -12.38
CA VAL I 333 -15.52 53.88 -12.87
C VAL I 333 -14.37 53.72 -11.92
N SER I 334 -13.97 52.47 -11.64
CA SER I 334 -12.84 52.24 -10.73
C SER I 334 -12.00 51.05 -11.18
N TRP I 335 -10.70 51.30 -11.28
CA TRP I 335 -9.73 50.29 -11.70
C TRP I 335 -9.18 49.41 -10.59
N TYR I 336 -8.72 48.22 -10.97
CA TYR I 336 -8.12 47.29 -10.02
C TYR I 336 -7.21 46.26 -10.65
N ASP I 337 -6.04 46.07 -10.04
CA ASP I 337 -5.13 45.05 -10.50
C ASP I 337 -5.63 43.80 -9.79
N ASN I 338 -6.33 42.98 -10.53
CA ASN I 338 -6.90 41.77 -9.98
C ASN I 338 -5.91 40.77 -9.36
N GLU I 339 -4.61 40.90 -9.62
CA GLU I 339 -3.66 39.98 -9.01
C GLU I 339 -2.99 40.67 -7.83
N THR I 340 -2.41 41.85 -8.09
CA THR I 340 -1.68 42.56 -7.07
C THR I 340 -2.49 43.15 -5.91
N GLY I 341 -3.57 43.83 -6.19
CA GLY I 341 -4.35 44.42 -5.10
C GLY I 341 -4.84 43.38 -4.14
N TYR I 342 -5.58 42.42 -4.68
CA TYR I 342 -6.16 41.36 -3.88
C TYR I 342 -5.06 40.64 -3.08
N SER I 343 -3.97 40.28 -3.75
CA SER I 343 -2.88 39.61 -3.04
C SER I 343 -2.42 40.40 -1.83
N ASN I 344 -2.22 41.72 -1.97
CA ASN I 344 -1.79 42.52 -0.83
C ASN I 344 -2.83 42.54 0.27
N LYS I 345 -4.11 42.61 -0.09
CA LYS I 345 -5.14 42.60 0.93
C LYS I 345 -5.25 41.26 1.62
N VAL I 346 -4.87 40.17 0.94
CA VAL I 346 -4.87 38.88 1.61
C VAL I 346 -3.90 39.00 2.77
N LEU I 347 -2.73 39.57 2.52
CA LEU I 347 -1.73 39.77 3.58
C LEU I 347 -2.26 40.72 4.68
N ASP I 348 -2.94 41.79 4.28
CA ASP I 348 -3.53 42.71 5.24
C ASP I 348 -4.49 41.97 6.16
N LEU I 349 -5.24 41.04 5.60
CA LEU I 349 -6.22 40.29 6.38
C LEU I 349 -5.52 39.30 7.29
N ILE I 350 -4.46 38.69 6.81
CA ILE I 350 -3.71 37.76 7.61
C ILE I 350 -3.18 38.49 8.84
N ALA I 351 -2.61 39.66 8.59
CA ALA I 351 -2.08 40.49 9.65
C ALA I 351 -3.18 40.90 10.64
N HIS I 352 -4.35 41.24 10.10
CA HIS I 352 -5.46 41.67 10.93
C HIS I 352 -6.00 40.60 11.86
N ILE I 353 -6.21 39.40 11.34
CA ILE I 353 -6.73 38.31 12.19
C ILE I 353 -5.69 37.75 13.16
N SER I 354 -4.43 38.18 13.01
CA SER I 354 -3.36 37.71 13.89
C SER I 354 -3.09 38.65 15.03
N LYS I 355 -3.80 39.76 15.01
CA LYS I 355 -3.69 40.76 16.02
C LYS I 355 -4.42 40.12 17.22
N THR J 26 -21.05 5.22 -48.90
CA THR J 26 -20.30 6.15 -47.99
C THR J 26 -19.55 5.34 -46.94
N ILE J 27 -18.44 5.89 -46.47
CA ILE J 27 -17.62 5.27 -45.45
C ILE J 27 -18.10 5.76 -44.11
N LYS J 28 -18.56 4.87 -43.26
CA LYS J 28 -19.02 5.27 -41.93
C LYS J 28 -17.84 5.54 -41.00
N VAL J 29 -17.83 6.72 -40.41
CA VAL J 29 -16.77 7.12 -39.51
C VAL J 29 -17.25 7.46 -38.11
N GLY J 30 -16.44 7.11 -37.15
CA GLY J 30 -16.71 7.39 -35.75
C GLY J 30 -15.58 8.29 -35.28
N ILE J 31 -15.91 9.34 -34.55
CA ILE J 31 -14.90 10.26 -34.05
C ILE J 31 -14.72 10.09 -32.55
N ASN J 32 -13.50 9.85 -32.11
CA ASN J 32 -13.27 9.72 -30.70
C ASN J 32 -12.45 10.93 -30.34
N GLY J 33 -13.07 11.85 -29.60
CA GLY J 33 -12.42 13.09 -29.16
C GLY J 33 -13.00 14.19 -29.97
N PHE J 34 -13.81 15.04 -29.34
CA PHE J 34 -14.47 16.11 -30.09
C PHE J 34 -13.84 17.45 -29.76
N GLY J 35 -12.50 17.48 -29.81
CA GLY J 35 -11.73 18.69 -29.58
C GLY J 35 -11.61 19.48 -30.87
N ARG J 36 -10.59 20.33 -30.96
CA ARG J 36 -10.42 21.12 -32.17
C ARG J 36 -10.39 20.27 -33.46
N ILE J 37 -9.55 19.25 -33.51
CA ILE J 37 -9.44 18.42 -34.69
C ILE J 37 -10.72 17.65 -34.92
N GLY J 38 -11.23 17.04 -33.88
CA GLY J 38 -12.47 16.28 -34.01
C GLY J 38 -13.58 17.10 -34.63
N ARG J 39 -13.75 18.31 -34.14
CA ARG J 39 -14.81 19.20 -34.65
C ARG J 39 -14.59 19.72 -36.04
N ILE J 40 -13.34 20.01 -36.41
CA ILE J 40 -13.08 20.47 -37.76
C ILE J 40 -13.22 19.30 -38.74
N VAL J 41 -12.79 18.11 -38.31
CA VAL J 41 -12.93 16.92 -39.14
C VAL J 41 -14.40 16.73 -39.38
N PHE J 42 -15.19 16.91 -38.33
CA PHE J 42 -16.63 16.76 -38.43
C PHE J 42 -17.21 17.71 -39.47
N ARG J 43 -16.82 18.98 -39.41
CA ARG J 43 -17.32 19.96 -40.38
C ARG J 43 -16.90 19.65 -41.82
N ALA J 44 -15.65 19.23 -42.00
CA ALA J 44 -15.14 18.92 -43.33
C ALA J 44 -15.85 17.72 -43.94
N ALA J 45 -16.27 16.80 -43.08
CA ALA J 45 -16.95 15.62 -43.50
C ALA J 45 -18.34 15.90 -44.11
N GLN J 46 -18.97 17.00 -43.72
CA GLN J 46 -20.28 17.35 -44.25
C GLN J 46 -20.20 17.72 -45.71
N LYS J 47 -19.04 18.20 -46.13
CA LYS J 47 -18.84 18.66 -47.51
C LYS J 47 -18.38 17.57 -48.45
N ARG J 48 -18.21 16.36 -47.92
CA ARG J 48 -17.78 15.22 -48.73
C ARG J 48 -18.88 14.19 -48.73
N SER J 49 -19.19 13.65 -49.91
CA SER J 49 -20.25 12.68 -50.04
C SER J 49 -19.76 11.27 -49.82
N ASP J 50 -18.45 11.06 -49.90
CA ASP J 50 -17.89 9.71 -49.68
C ASP J 50 -17.68 9.35 -48.19
N ILE J 51 -17.90 10.29 -47.28
CA ILE J 51 -17.71 10.03 -45.85
C ILE J 51 -18.85 10.59 -45.00
N GLU J 52 -19.32 9.77 -44.05
CA GLU J 52 -20.36 10.13 -43.10
C GLU J 52 -19.97 9.87 -41.67
N ILE J 53 -20.11 10.89 -40.84
CA ILE J 53 -19.83 10.73 -39.46
C ILE J 53 -21.13 10.19 -38.91
N VAL J 54 -21.07 9.05 -38.24
CA VAL J 54 -22.28 8.44 -37.67
C VAL J 54 -22.26 8.32 -36.15
N ALA J 55 -21.12 8.65 -35.55
CA ALA J 55 -21.00 8.59 -34.11
C ALA J 55 -19.85 9.44 -33.62
N ILE J 56 -20.01 9.97 -32.42
CA ILE J 56 -19.02 10.78 -31.75
C ILE J 56 -18.88 10.37 -30.29
N ASN J 57 -17.66 10.28 -29.77
CA ASN J 57 -17.46 9.93 -28.38
C ASN J 57 -16.59 10.92 -27.71
N ASP J 58 -17.02 11.39 -26.56
CA ASP J 58 -16.25 12.33 -25.77
C ASP J 58 -16.96 12.48 -24.44
N LEU J 59 -16.26 12.98 -23.44
CA LEU J 59 -16.82 13.21 -22.12
C LEU J 59 -17.68 14.48 -22.10
N LEU J 60 -18.68 14.59 -22.97
CA LEU J 60 -19.51 15.77 -23.03
C LEU J 60 -20.96 15.44 -23.33
N ASP J 61 -21.87 16.18 -22.71
CA ASP J 61 -23.30 15.96 -22.94
C ASP J 61 -23.58 16.33 -24.39
N ALA J 62 -24.61 15.75 -24.97
CA ALA J 62 -24.95 16.03 -26.33
C ALA J 62 -25.27 17.51 -26.55
N ASP J 63 -25.98 18.13 -25.61
CA ASP J 63 -26.35 19.54 -25.77
C ASP J 63 -25.11 20.45 -25.83
N TYR J 64 -24.04 20.02 -25.16
CA TYR J 64 -22.82 20.78 -25.14
C TYR J 64 -22.04 20.51 -26.43
N MET J 65 -22.03 19.27 -26.94
CA MET J 65 -21.36 19.01 -28.21
C MET J 65 -22.04 19.85 -29.29
N ALA J 66 -23.36 19.95 -29.21
CA ALA J 66 -24.12 20.72 -30.18
C ALA J 66 -23.63 22.16 -30.17
N TYR J 67 -23.43 22.68 -28.97
CA TYR J 67 -22.95 24.05 -28.83
C TYR J 67 -21.55 24.21 -29.40
N MET J 68 -20.66 23.25 -29.12
CA MET J 68 -19.26 23.35 -29.60
C MET J 68 -19.21 23.27 -31.13
N LEU J 69 -20.23 22.65 -31.70
CA LEU J 69 -20.32 22.49 -33.11
C LEU J 69 -20.97 23.70 -33.76
OH ALY J 70 -26.26 26.63 -27.67
CH ALY J 70 -26.55 25.73 -28.40
CH3 ALY J 70 -26.76 24.38 -27.79
NZ ALY J 70 -26.71 25.95 -29.70
CE ALY J 70 -27.10 25.11 -30.88
CD ALY J 70 -26.54 25.67 -32.25
CG ALY J 70 -25.34 24.92 -32.88
CB ALY J 70 -24.04 25.75 -32.92
CA ALY J 70 -22.81 25.32 -33.75
N ALY J 70 -22.09 24.16 -33.20
C ALY J 70 -21.93 26.56 -33.85
O ALY J 70 -21.91 27.25 -34.86
N TYR J 71 -21.25 26.89 -32.74
CA TYR J 71 -20.41 28.11 -32.68
C TYR J 71 -18.90 27.84 -32.55
N ASP J 72 -18.11 28.58 -33.31
CA ASP J 72 -16.65 28.42 -33.34
C ASP J 72 -16.02 29.77 -33.52
N SER J 73 -15.18 30.16 -32.59
CA SER J 73 -14.53 31.46 -32.62
C SER J 73 -13.65 31.70 -33.81
N THR J 74 -12.98 30.65 -34.28
CA THR J 74 -12.12 30.78 -35.43
C THR J 74 -12.82 30.58 -36.78
N HIS J 75 -13.72 29.60 -36.87
CA HIS J 75 -14.32 29.26 -38.17
C HIS J 75 -15.79 29.62 -38.35
N GLY J 76 -16.29 30.48 -37.49
CA GLY J 76 -17.64 30.89 -37.58
C GLY J 76 -18.68 29.83 -37.26
N ARG J 77 -19.93 30.16 -37.54
CA ARG J 77 -21.02 29.28 -37.25
C ARG J 77 -21.11 28.13 -38.20
N PHE J 78 -21.55 27.01 -37.68
CA PHE J 78 -21.71 25.82 -38.48
C PHE J 78 -22.73 26.04 -39.56
N ASP J 79 -22.37 25.67 -40.78
CA ASP J 79 -23.27 25.83 -41.91
C ASP J 79 -24.21 24.62 -41.99
N GLY J 80 -25.26 24.64 -41.18
CA GLY J 80 -26.21 23.56 -41.18
C GLY J 80 -27.02 23.56 -39.91
N THR J 81 -27.94 22.60 -39.82
CA THR J 81 -28.82 22.52 -38.65
C THR J 81 -28.33 21.47 -37.71
N VAL J 82 -28.46 21.78 -36.43
CA VAL J 82 -28.06 20.85 -35.39
C VAL J 82 -29.05 20.94 -34.23
N GLU J 83 -29.68 19.81 -33.89
CA GLU J 83 -30.60 19.77 -32.76
C GLU J 83 -30.29 18.51 -31.91
N VAL J 84 -30.79 18.48 -30.68
CA VAL J 84 -30.55 17.37 -29.76
C VAL J 84 -31.85 16.63 -29.51
N LYS J 85 -31.79 15.31 -29.56
CA LYS J 85 -32.97 14.52 -29.34
C LYS J 85 -32.61 13.22 -28.65
N ASP J 86 -33.20 13.00 -27.47
CA ASP J 86 -32.97 11.77 -26.70
C ASP J 86 -31.51 11.53 -26.38
N GLY J 87 -30.81 12.60 -26.01
CA GLY J 87 -29.39 12.49 -25.67
C GLY J 87 -28.47 12.28 -26.86
N HIS J 88 -29.02 12.28 -28.06
CA HIS J 88 -28.25 12.11 -29.27
C HIS J 88 -28.34 13.36 -30.11
N LEU J 89 -27.52 13.41 -31.14
CA LEU J 89 -27.42 14.59 -31.95
C LEU J 89 -28.01 14.39 -33.32
N ILE J 90 -28.66 15.44 -33.84
CA ILE J 90 -29.27 15.36 -35.19
C ILE J 90 -28.76 16.52 -36.01
N VAL J 91 -27.86 16.19 -36.92
CA VAL J 91 -27.21 17.18 -37.76
C VAL J 91 -27.64 17.04 -39.19
N ASN J 92 -28.31 18.07 -39.71
CA ASN J 92 -28.78 18.06 -41.09
C ASN J 92 -29.64 16.83 -41.31
N GLY J 93 -30.53 16.58 -40.36
CA GLY J 93 -31.44 15.44 -40.40
C GLY J 93 -30.88 14.03 -40.29
N LYS J 94 -29.65 13.88 -39.79
CA LYS J 94 -29.00 12.57 -39.64
C LYS J 94 -28.69 12.30 -38.19
N LYS J 95 -28.95 11.09 -37.69
CA LYS J 95 -28.60 10.80 -36.29
C LYS J 95 -27.14 10.52 -36.14
N ILE J 96 -26.55 11.10 -35.10
CA ILE J 96 -25.18 10.92 -34.79
C ILE J 96 -25.23 10.35 -33.39
N ARG J 97 -24.72 9.15 -33.20
CA ARG J 97 -24.72 8.57 -31.87
C ARG J 97 -23.67 9.25 -30.99
N VAL J 98 -24.12 9.74 -29.84
CA VAL J 98 -23.26 10.40 -28.87
C VAL J 98 -23.06 9.49 -27.68
N THR J 99 -21.81 9.22 -27.38
CA THR J 99 -21.44 8.39 -26.23
C THR J 99 -20.43 9.15 -25.36
N ALA J 100 -20.23 8.67 -24.13
CA ALA J 100 -19.29 9.31 -23.22
C ALA J 100 -18.42 8.27 -22.49
N GLU J 101 -17.93 7.28 -23.24
CA GLU J 101 -17.08 6.22 -22.71
C GLU J 101 -15.65 6.68 -22.54
N ARG J 102 -15.07 6.35 -21.40
CA ARG J 102 -13.73 6.72 -21.09
C ARG J 102 -12.77 5.67 -21.69
N ASP J 103 -13.18 4.41 -21.61
CA ASP J 103 -12.41 3.28 -22.11
C ASP J 103 -12.98 2.86 -23.46
N PRO J 104 -12.19 3.06 -24.54
CA PRO J 104 -12.58 2.74 -25.90
C PRO J 104 -13.09 1.33 -26.18
N ALA J 105 -12.75 0.36 -25.34
CA ALA J 105 -13.22 -1.01 -25.59
C ALA J 105 -14.76 -1.11 -25.46
N ASN J 106 -15.35 -0.14 -24.76
CA ASN J 106 -16.80 -0.10 -24.55
C ASN J 106 -17.59 0.70 -25.58
N LEU J 107 -16.93 1.23 -26.60
CA LEU J 107 -17.60 2.05 -27.62
C LEU J 107 -18.62 1.36 -28.52
N LYS J 108 -18.52 0.04 -28.66
CA LYS J 108 -19.47 -0.69 -29.49
C LYS J 108 -19.67 -0.02 -30.84
N TRP J 109 -18.58 0.20 -31.57
CA TRP J 109 -18.68 0.87 -32.88
C TRP J 109 -19.48 0.09 -33.91
N ASP J 110 -19.42 -1.22 -33.84
CA ASP J 110 -20.16 -2.08 -34.78
C ASP J 110 -21.69 -1.87 -34.71
N GLU J 111 -22.19 -1.39 -33.58
CA GLU J 111 -23.64 -1.17 -33.43
C GLU J 111 -24.16 -0.05 -34.30
N VAL J 112 -23.28 0.87 -34.68
CA VAL J 112 -23.70 1.96 -35.54
C VAL J 112 -22.96 1.84 -36.89
N GLY J 113 -22.45 0.64 -37.16
CA GLY J 113 -21.75 0.31 -38.40
C GLY J 113 -20.53 1.10 -38.81
N VAL J 114 -19.69 1.47 -37.84
CA VAL J 114 -18.49 2.25 -38.13
C VAL J 114 -17.38 1.47 -38.82
N ASP J 115 -16.94 1.97 -39.97
CA ASP J 115 -15.84 1.37 -40.72
C ASP J 115 -14.49 1.83 -40.15
N VAL J 116 -14.31 3.15 -40.04
CA VAL J 116 -13.07 3.73 -39.55
C VAL J 116 -13.27 4.71 -38.42
N VAL J 117 -12.33 4.71 -37.50
CA VAL J 117 -12.39 5.62 -36.37
C VAL J 117 -11.29 6.67 -36.47
N ALA J 118 -11.67 7.92 -36.29
CA ALA J 118 -10.72 9.00 -36.25
C ALA J 118 -10.40 9.17 -34.76
N GLU J 119 -9.23 8.66 -34.35
CA GLU J 119 -8.78 8.78 -32.98
C GLU J 119 -8.18 10.17 -32.74
N ALA J 120 -8.94 11.04 -32.09
CA ALA J 120 -8.52 12.44 -31.91
C ALA J 120 -8.48 12.98 -30.50
N THR J 121 -8.22 12.11 -29.55
CA THR J 121 -8.18 12.54 -28.16
C THR J 121 -6.77 12.92 -27.76
N GLY J 122 -5.79 12.51 -28.57
CA GLY J 122 -4.40 12.80 -28.29
C GLY J 122 -3.82 11.86 -27.24
N LEU J 123 -4.65 10.95 -26.72
CA LEU J 123 -4.21 10.00 -25.68
C LEU J 123 -3.93 8.57 -26.14
N PHE J 124 -4.44 8.15 -27.29
CA PHE J 124 -4.24 6.77 -27.74
C PHE J 124 -3.43 6.71 -29.03
N LEU J 125 -2.14 6.99 -28.90
CA LEU J 125 -1.24 7.06 -30.04
C LEU J 125 -0.26 5.90 -30.15
N THR J 126 -0.64 4.76 -29.61
CA THR J 126 0.19 3.54 -29.67
C THR J 126 -0.71 2.46 -30.24
N ASP J 127 -0.13 1.39 -30.74
CA ASP J 127 -0.94 0.34 -31.30
C ASP J 127 -1.91 -0.28 -30.30
N GLU J 128 -1.44 -0.59 -29.09
CA GLU J 128 -2.35 -1.26 -28.13
C GLU J 128 -3.51 -0.36 -27.73
N THR J 129 -3.25 0.93 -27.50
CA THR J 129 -4.33 1.83 -27.11
C THR J 129 -5.35 2.06 -28.23
N ALA J 130 -4.87 2.19 -29.46
CA ALA J 130 -5.76 2.44 -30.59
C ALA J 130 -6.47 1.16 -31.00
N ARG J 131 -5.80 0.03 -30.81
CA ARG J 131 -6.32 -1.30 -31.15
C ARG J 131 -7.68 -1.52 -30.49
N LYS J 132 -7.90 -0.85 -29.36
CA LYS J 132 -9.15 -1.01 -28.65
C LYS J 132 -10.39 -0.70 -29.50
N HIS J 133 -10.27 0.25 -30.42
CA HIS J 133 -11.40 0.59 -31.27
C HIS J 133 -11.75 -0.59 -32.16
N ILE J 134 -10.74 -1.34 -32.58
CA ILE J 134 -10.97 -2.50 -33.43
C ILE J 134 -11.61 -3.60 -32.59
N THR J 135 -11.16 -3.73 -31.35
CA THR J 135 -11.72 -4.72 -30.42
C THR J 135 -13.20 -4.37 -30.22
N ALA J 136 -13.51 -3.07 -30.26
CA ALA J 136 -14.88 -2.58 -30.07
C ALA J 136 -15.74 -2.57 -31.34
N GLY J 137 -15.28 -3.19 -32.42
CA GLY J 137 -16.08 -3.25 -33.66
C GLY J 137 -15.66 -2.45 -34.89
N ALA J 138 -14.76 -1.49 -34.73
CA ALA J 138 -14.33 -0.71 -35.88
C ALA J 138 -13.36 -1.55 -36.69
N LYS J 139 -13.30 -1.33 -38.00
CA LYS J 139 -12.39 -2.09 -38.86
C LYS J 139 -11.00 -1.46 -38.89
N LYS J 140 -10.92 -0.13 -39.01
CA LYS J 140 -9.62 0.55 -39.04
C LYS J 140 -9.60 1.80 -38.20
N VAL J 141 -8.39 2.30 -37.92
CA VAL J 141 -8.20 3.50 -37.12
C VAL J 141 -7.16 4.46 -37.68
N VAL J 142 -7.49 5.76 -37.65
CA VAL J 142 -6.58 6.80 -38.09
C VAL J 142 -6.30 7.72 -36.92
N MET J 143 -5.06 7.69 -36.44
CA MET J 143 -4.66 8.55 -35.34
C MET J 143 -4.49 9.96 -35.92
N THR J 144 -5.08 10.97 -35.29
CA THR J 144 -4.95 12.33 -35.79
C THR J 144 -3.77 13.02 -35.12
N GLY J 145 -2.66 12.31 -35.02
CA GLY J 145 -1.45 12.85 -34.42
C GLY J 145 -0.31 11.89 -34.71
N PRO J 146 0.91 12.33 -34.54
CA PRO J 146 2.01 11.41 -34.76
C PRO J 146 1.99 10.29 -33.72
N SER J 147 2.32 9.09 -34.16
CA SER J 147 2.34 7.92 -33.29
C SER J 147 3.54 7.88 -32.35
N LYS J 148 3.29 7.47 -31.11
CA LYS J 148 4.35 7.39 -30.10
C LYS J 148 5.12 6.10 -30.22
N ASP J 149 4.54 5.12 -30.91
CA ASP J 149 5.22 3.86 -31.11
C ASP J 149 5.60 3.87 -32.59
N ASN J 150 5.75 2.70 -33.21
CA ASN J 150 6.10 2.64 -34.62
C ASN J 150 4.93 2.46 -35.58
N THR J 151 3.74 2.87 -35.14
CA THR J 151 2.59 2.84 -36.01
C THR J 151 2.99 3.72 -37.22
N PRO J 152 2.79 3.20 -38.43
CA PRO J 152 3.18 3.94 -39.63
C PRO J 152 2.42 5.25 -39.86
N MET J 153 3.15 6.26 -40.30
CA MET J 153 2.58 7.57 -40.58
C MET J 153 2.45 7.82 -42.07
N PHE J 154 1.38 8.49 -42.47
CA PHE J 154 1.15 8.80 -43.87
C PHE J 154 0.80 10.27 -44.02
N VAL J 155 1.38 10.90 -45.03
CA VAL J 155 1.18 12.32 -45.31
C VAL J 155 0.87 12.48 -46.76
N LYS J 156 -0.32 13.00 -47.07
CA LYS J 156 -0.72 13.18 -48.48
C LYS J 156 0.26 14.12 -49.17
N GLY J 157 0.66 13.72 -50.36
CA GLY J 157 1.64 14.44 -51.14
C GLY J 157 3.04 13.85 -50.94
N ALA J 158 3.21 13.03 -49.91
CA ALA J 158 4.51 12.44 -49.61
C ALA J 158 4.54 10.94 -49.73
N ASN J 159 3.65 10.23 -49.03
CA ASN J 159 3.69 8.79 -49.08
C ASN J 159 2.38 8.01 -48.99
N PHE J 160 1.26 8.58 -49.42
CA PHE J 160 0.02 7.81 -49.40
C PHE J 160 0.17 6.49 -50.18
N ASP J 161 0.86 6.54 -51.31
CA ASP J 161 1.12 5.34 -52.17
C ASP J 161 1.76 4.17 -51.40
N LYS J 162 2.52 4.48 -50.35
CA LYS J 162 3.14 3.46 -49.48
C LYS J 162 2.17 2.68 -48.58
N TYR J 163 0.93 3.13 -48.46
CA TYR J 163 -0.01 2.43 -47.58
C TYR J 163 -0.08 1.01 -48.07
N ALA J 164 -0.01 0.07 -47.14
CA ALA J 164 -0.02 -1.36 -47.48
C ALA J 164 -1.09 -2.19 -46.73
N GLY J 165 -2.30 -1.65 -46.62
CA GLY J 165 -3.39 -2.36 -45.93
C GLY J 165 -3.40 -2.39 -44.40
N GLN J 166 -2.51 -1.66 -43.73
CA GLN J 166 -2.47 -1.69 -42.25
C GLN J 166 -3.81 -1.24 -41.72
N ASP J 167 -4.20 -1.78 -40.57
CA ASP J 167 -5.50 -1.40 -39.98
C ASP J 167 -5.43 -0.21 -39.02
N ILE J 168 -4.22 0.19 -38.66
CA ILE J 168 -4.01 1.31 -37.75
C ILE J 168 -2.88 2.17 -38.33
N VAL J 169 -3.21 3.43 -38.58
CA VAL J 169 -2.24 4.39 -39.14
C VAL J 169 -2.33 5.76 -38.46
N SER J 170 -1.35 6.59 -38.77
CA SER J 170 -1.26 7.94 -38.26
C SER J 170 -1.14 8.94 -39.40
N ASN J 171 -1.81 10.08 -39.28
CA ASN J 171 -1.75 11.14 -40.31
C ASN J 171 -0.65 12.17 -39.94
N ALA J 172 0.27 11.76 -39.08
CA ALA J 172 1.38 12.59 -38.63
C ALA J 172 0.89 13.83 -37.94
N SER J 173 1.68 14.90 -37.99
CA SER J 173 1.30 16.18 -37.38
C SER J 173 0.99 17.26 -38.45
N CYS J 174 0.37 18.33 -38.01
CA CYS J 174 0.04 19.42 -38.90
C CYS J 174 1.31 19.97 -39.58
N THR J 175 2.37 20.14 -38.79
CA THR J 175 3.63 20.71 -39.30
C THR J 175 4.28 19.78 -40.29
N THR J 176 4.26 18.49 -40.01
CA THR J 176 4.82 17.55 -40.96
C THR J 176 4.06 17.57 -42.26
N ASN J 177 2.74 17.75 -42.20
CA ASN J 177 1.96 17.84 -43.44
C ASN J 177 2.32 19.06 -44.27
N CYS J 178 2.86 20.09 -43.64
CA CYS J 178 3.22 21.28 -44.39
C CYS J 178 4.58 21.13 -44.98
N LEU J 179 5.48 20.60 -44.19
CA LEU J 179 6.85 20.45 -44.56
C LEU J 179 7.17 19.33 -45.54
N ALA J 180 6.60 18.16 -45.33
CA ALA J 180 6.91 17.03 -46.21
C ALA J 180 6.67 17.30 -47.69
N PRO J 181 5.48 17.77 -48.09
CA PRO J 181 5.26 17.99 -49.50
C PRO J 181 6.24 18.97 -50.12
N LEU J 182 6.56 20.06 -49.40
CA LEU J 182 7.47 21.06 -49.92
C LEU J 182 8.86 20.46 -50.05
N ALA J 183 9.32 19.79 -49.00
CA ALA J 183 10.62 19.18 -49.01
C ALA J 183 10.74 18.15 -50.13
N LYS J 184 9.69 17.37 -50.35
CA LYS J 184 9.72 16.37 -51.40
C LYS J 184 10.01 17.00 -52.74
N VAL J 185 9.30 18.09 -53.03
CA VAL J 185 9.47 18.78 -54.29
C VAL J 185 10.86 19.33 -54.41
N ILE J 186 11.30 20.04 -53.38
CA ILE J 186 12.63 20.64 -53.42
C ILE J 186 13.71 19.56 -53.58
N ASN J 187 13.56 18.48 -52.83
CA ASN J 187 14.53 17.42 -52.88
C ASN J 187 14.53 16.73 -54.22
N ASP J 188 13.36 16.33 -54.71
CA ASP J 188 13.27 15.66 -56.02
C ASP J 188 13.92 16.48 -57.13
N ASN J 189 13.74 17.79 -57.08
CA ASN J 189 14.28 18.67 -58.12
C ASN J 189 15.70 19.15 -57.92
N PHE J 190 16.12 19.38 -56.68
CA PHE J 190 17.43 19.95 -56.48
C PHE J 190 18.31 19.22 -55.49
N GLY J 191 17.72 18.30 -54.74
CA GLY J 191 18.47 17.54 -53.75
C GLY J 191 18.80 18.32 -52.49
N ILE J 192 18.18 17.93 -51.38
CA ILE J 192 18.42 18.58 -50.12
C ILE J 192 19.59 17.90 -49.43
N ILE J 193 20.66 18.64 -49.22
CA ILE J 193 21.83 18.09 -48.55
C ILE J 193 21.54 18.06 -47.07
N GLU J 194 21.10 19.19 -46.56
CA GLU J 194 20.76 19.34 -45.16
C GLU J 194 19.84 20.56 -45.02
N GLY J 195 19.01 20.56 -43.98
CA GLY J 195 18.10 21.65 -43.78
C GLY J 195 17.66 21.78 -42.34
N LEU J 196 17.38 23.02 -41.94
CA LEU J 196 16.90 23.35 -40.61
C LEU J 196 15.63 24.13 -40.80
N MET J 197 14.62 23.89 -39.96
CA MET J 197 13.40 24.57 -40.17
C MET J 197 12.87 25.14 -38.89
N THR J 198 12.07 26.17 -39.04
CA THR J 198 11.45 26.85 -37.92
C THR J 198 10.00 27.07 -38.26
N THR J 199 9.12 26.84 -37.30
CA THR J 199 7.72 27.05 -37.54
C THR J 199 7.23 28.07 -36.55
N VAL J 200 6.64 29.15 -37.07
CA VAL J 200 6.05 30.18 -36.23
C VAL J 200 4.66 29.63 -36.18
N HIS J 201 4.26 29.19 -35.01
CA HIS J 201 3.02 28.47 -34.81
C HIS J 201 2.01 29.16 -33.97
N ALA J 202 0.76 29.00 -34.36
CA ALA J 202 -0.35 29.60 -33.60
C ALA J 202 -0.53 28.93 -32.27
N THR J 203 -1.20 29.63 -31.38
CA THR J 203 -1.50 29.11 -30.07
C THR J 203 -2.42 27.93 -30.17
N THR J 204 -2.23 26.95 -29.28
CA THR J 204 -3.11 25.78 -29.26
C THR J 204 -3.68 25.52 -27.87
N ALA J 205 -4.52 24.48 -27.80
CA ALA J 205 -5.21 24.12 -26.57
C ALA J 205 -4.32 23.71 -25.43
N THR J 206 -3.12 23.24 -25.72
CA THR J 206 -2.21 22.83 -24.63
C THR J 206 -1.59 24.00 -23.89
N GLN J 207 -1.79 25.23 -24.38
CA GLN J 207 -1.15 26.39 -23.74
C GLN J 207 -2.06 27.00 -22.71
N LYS J 208 -1.57 28.01 -22.00
CA LYS J 208 -2.33 28.64 -20.95
C LYS J 208 -2.61 30.11 -21.21
N THR J 209 -3.72 30.58 -20.66
CA THR J 209 -4.13 31.96 -20.82
C THR J 209 -3.22 32.89 -20.04
N VAL J 210 -2.74 32.44 -18.89
CA VAL J 210 -1.83 33.24 -18.08
C VAL J 210 -0.80 32.30 -17.53
N ASP J 211 0.37 32.79 -17.15
CA ASP J 211 1.40 31.92 -16.59
C ASP J 211 0.82 30.85 -15.66
N GLY J 212 0.84 29.60 -16.12
CA GLY J 212 0.33 28.46 -15.36
C GLY J 212 1.29 27.28 -15.46
N PRO J 213 0.89 26.13 -14.90
CA PRO J 213 1.73 24.94 -14.85
C PRO J 213 1.74 24.05 -16.05
N SER J 214 2.92 23.60 -16.43
CA SER J 214 3.16 22.72 -17.57
C SER J 214 4.47 22.03 -17.16
N HIS J 215 4.34 21.01 -16.31
N HIS J 215 4.35 20.99 -16.31
CA HIS J 215 5.49 20.28 -15.72
CA HIS J 215 5.52 20.27 -15.72
C HIS J 215 6.46 19.68 -16.74
C HIS J 215 6.47 19.67 -16.74
N LYS J 216 5.96 19.20 -17.87
CA LYS J 216 6.82 18.61 -18.90
C LYS J 216 7.39 19.64 -19.88
N ASP J 217 6.82 20.86 -19.89
CA ASP J 217 7.24 21.90 -20.80
C ASP J 217 7.07 23.27 -20.15
N TRP J 218 8.05 23.66 -19.36
CA TRP J 218 8.01 24.91 -18.62
C TRP J 218 7.69 26.12 -19.46
N ARG J 219 8.38 26.30 -20.56
CA ARG J 219 8.07 27.49 -21.38
C ARG J 219 6.64 27.49 -21.87
N GLY J 220 6.13 26.30 -22.13
CA GLY J 220 4.75 26.13 -22.65
C GLY J 220 3.66 26.56 -21.74
N GLY J 221 3.97 26.69 -20.46
CA GLY J 221 2.95 27.08 -19.48
C GLY J 221 2.82 28.57 -19.36
N ARG J 222 3.68 29.31 -20.03
CA ARG J 222 3.68 30.75 -19.91
C ARG J 222 2.53 31.33 -20.72
N GLY J 223 2.04 32.46 -20.26
CA GLY J 223 0.93 33.13 -20.89
C GLY J 223 1.06 33.18 -22.38
N ALA J 224 0.14 32.54 -23.06
CA ALA J 224 0.20 32.48 -24.50
C ALA J 224 0.07 33.80 -25.25
N SER J 225 -0.85 34.65 -24.82
CA SER J 225 -1.10 35.91 -25.51
C SER J 225 -0.06 36.98 -25.27
N GLN J 226 0.79 36.81 -24.28
CA GLN J 226 1.81 37.81 -23.96
C GLN J 226 3.17 37.48 -24.49
N ASN J 227 3.37 36.23 -24.88
CA ASN J 227 4.70 35.77 -25.30
C ASN J 227 4.94 35.07 -26.65
N ILE J 228 6.20 35.17 -27.07
CA ILE J 228 6.77 34.43 -28.18
C ILE J 228 7.39 33.28 -27.38
N ILE J 229 6.97 32.05 -27.62
CA ILE J 229 7.45 30.93 -26.80
C ILE J 229 8.17 29.89 -27.56
N PRO J 230 9.47 29.72 -27.31
CA PRO J 230 10.19 28.68 -28.04
C PRO J 230 9.64 27.34 -27.68
N SER J 231 9.67 26.43 -28.63
CA SER J 231 9.14 25.09 -28.41
C SER J 231 9.79 24.04 -29.28
N SER J 232 9.78 22.79 -28.83
CA SER J 232 10.36 21.69 -29.59
C SER J 232 9.32 21.08 -30.49
N THR J 233 9.78 20.47 -31.56
CA THR J 233 8.90 19.80 -32.51
C THR J 233 9.72 18.85 -33.36
N GLY J 234 9.52 17.56 -33.16
CA GLY J 234 10.22 16.56 -33.94
C GLY J 234 9.70 16.44 -35.37
N ALA J 235 8.71 17.28 -35.69
CA ALA J 235 8.06 17.30 -37.00
C ALA J 235 9.02 17.33 -38.16
N ALA J 236 10.14 18.01 -37.98
CA ALA J 236 11.15 18.08 -39.03
C ALA J 236 11.88 16.75 -39.14
N LYS J 237 12.17 16.16 -37.99
CA LYS J 237 12.86 14.86 -37.95
C LYS J 237 11.89 13.75 -38.46
N ALA J 238 10.60 13.86 -38.11
CA ALA J 238 9.56 12.92 -38.56
C ALA J 238 9.38 12.88 -40.09
N VAL J 239 9.89 13.89 -40.79
CA VAL J 239 9.79 13.92 -42.23
C VAL J 239 10.59 12.73 -42.74
N GLY J 240 11.65 12.41 -42.00
CA GLY J 240 12.51 11.28 -42.33
C GLY J 240 11.75 9.98 -42.44
N LYS J 241 10.62 9.88 -41.75
CA LYS J 241 9.81 8.66 -41.77
C LYS J 241 8.86 8.59 -42.95
N VAL J 242 8.24 9.71 -43.33
CA VAL J 242 7.34 9.68 -44.48
C VAL J 242 8.16 9.82 -45.77
N LEU J 243 9.37 10.35 -45.65
CA LEU J 243 10.28 10.51 -46.80
C LEU J 243 11.66 10.00 -46.39
N PRO J 244 11.81 8.68 -46.37
CA PRO J 244 13.05 8.01 -45.96
C PRO J 244 14.33 8.65 -46.52
N GLU J 245 14.29 9.05 -47.78
CA GLU J 245 15.44 9.68 -48.43
C GLU J 245 15.95 10.94 -47.69
N LEU J 246 15.13 11.54 -46.83
CA LEU J 246 15.51 12.74 -46.06
C LEU J 246 15.78 12.43 -44.59
N ASN J 247 15.81 11.16 -44.24
CA ASN J 247 16.09 10.77 -42.89
C ASN J 247 17.44 11.32 -42.46
N GLY J 248 17.48 11.98 -41.31
CA GLY J 248 18.73 12.54 -40.78
C GLY J 248 19.21 13.84 -41.42
N LYS J 249 18.46 14.37 -42.39
CA LYS J 249 18.84 15.61 -43.09
C LYS J 249 18.09 16.86 -42.68
N LEU J 250 17.06 16.70 -41.87
CA LEU J 250 16.28 17.83 -41.42
C LEU J 250 15.92 17.73 -39.97
N THR J 251 15.84 18.88 -39.33
CA THR J 251 15.42 18.98 -37.94
C THR J 251 15.02 20.42 -37.77
N GLY J 252 14.52 20.79 -36.60
CA GLY J 252 14.07 22.17 -36.45
C GLY J 252 13.44 22.48 -35.11
N MET J 253 12.78 23.63 -35.02
CA MET J 253 12.11 24.05 -33.80
C MET J 253 10.94 24.97 -34.07
N ALA J 254 10.33 25.49 -33.01
CA ALA J 254 9.14 26.29 -33.15
C ALA J 254 9.05 27.41 -32.20
N PHE J 255 8.27 28.39 -32.59
CA PHE J 255 8.01 29.56 -31.77
C PHE J 255 6.50 29.68 -31.75
N ARG J 256 5.90 29.62 -30.57
CA ARG J 256 4.48 29.72 -30.43
C ARG J 256 4.20 31.19 -30.24
N VAL J 257 3.33 31.75 -31.07
CA VAL J 257 3.02 33.18 -30.98
C VAL J 257 1.55 33.37 -30.72
N PRO J 258 1.15 34.52 -30.25
CA PRO J 258 -0.24 34.78 -29.95
C PRO J 258 -1.31 34.95 -31.09
N THR J 259 -1.50 33.97 -31.94
CA THR J 259 -2.53 34.03 -32.95
C THR J 259 -3.35 32.77 -32.68
N PRO J 260 -4.65 32.82 -32.90
CA PRO J 260 -5.48 31.69 -32.59
C PRO J 260 -5.45 30.56 -33.57
N ASN J 261 -5.01 30.81 -34.80
CA ASN J 261 -4.94 29.75 -35.81
C ASN J 261 -4.09 30.15 -37.00
N VAL J 262 -3.58 29.17 -37.72
CA VAL J 262 -2.69 29.36 -38.89
C VAL J 262 -1.26 29.55 -38.45
N SER J 263 -0.41 28.70 -38.99
CA SER J 263 1.01 28.70 -38.71
C SER J 263 1.84 28.77 -40.02
N VAL J 264 3.16 28.91 -39.92
CA VAL J 264 3.99 28.98 -41.11
C VAL J 264 5.35 28.33 -40.90
N VAL J 265 5.89 27.66 -41.91
CA VAL J 265 7.24 27.07 -41.75
C VAL J 265 8.23 27.92 -42.52
N ASP J 266 9.42 27.98 -41.97
CA ASP J 266 10.56 28.70 -42.50
C ASP J 266 11.68 27.63 -42.66
N LEU J 267 11.77 27.08 -43.87
CA LEU J 267 12.72 26.03 -44.20
C LEU J 267 13.96 26.58 -44.83
N THR J 268 15.08 26.40 -44.15
CA THR J 268 16.37 26.85 -44.64
C THR J 268 17.12 25.64 -45.09
N VAL J 269 17.31 25.46 -46.38
CA VAL J 269 18.03 24.30 -46.91
C VAL J 269 19.24 24.59 -47.76
N ARG J 270 20.11 23.59 -47.89
CA ARG J 270 21.32 23.70 -48.69
C ARG J 270 21.08 22.69 -49.82
N LEU J 271 21.22 23.14 -51.06
CA LEU J 271 20.91 22.30 -52.20
C LEU J 271 22.11 21.70 -52.90
N GLU J 272 21.93 20.50 -53.42
CA GLU J 272 22.98 19.79 -54.13
C GLU J 272 23.13 20.43 -55.50
N LYS J 273 22.05 20.46 -56.27
CA LYS J 273 22.11 21.18 -57.52
C LYS J 273 22.09 22.67 -57.10
N ALA J 274 22.36 23.51 -58.11
CA ALA J 274 22.28 24.98 -57.99
C ALA J 274 20.96 25.32 -58.62
N ALA J 275 20.26 26.27 -58.02
CA ALA J 275 18.97 26.68 -58.51
C ALA J 275 18.66 28.09 -58.11
N THR J 276 18.33 28.91 -59.10
CA THR J 276 17.95 30.28 -58.84
C THR J 276 16.61 30.26 -58.16
N TYR J 277 16.25 31.35 -57.53
CA TYR J 277 14.95 31.40 -56.86
C TYR J 277 13.82 31.28 -57.89
N GLU J 278 14.04 31.78 -59.09
CA GLU J 278 13.02 31.70 -60.11
C GLU J 278 12.73 30.23 -60.46
N GLN J 279 13.77 29.40 -60.46
CA GLN J 279 13.64 27.97 -60.75
C GLN J 279 12.90 27.21 -59.66
N ILE J 280 13.12 27.63 -58.43
CA ILE J 280 12.48 27.01 -57.29
C ILE J 280 11.00 27.31 -57.39
OH ALY J 281 8.26 36.61 -55.78
CH ALY J 281 9.22 36.04 -56.25
CH3 ALY J 281 10.54 36.56 -55.77
NZ ALY J 281 9.01 35.08 -57.23
CE ALY J 281 9.64 33.99 -58.11
CD ALY J 281 9.21 32.84 -57.25
CG ALY J 281 9.66 31.38 -57.15
CB ALY J 281 9.17 30.44 -58.21
CA ALY J 281 9.31 28.97 -57.85
N ALY J 281 10.69 28.57 -57.70
C ALY J 281 8.62 28.10 -58.87
O ALY J 281 7.55 27.56 -58.63
N ALA J 282 9.28 27.92 -60.01
CA ALA J 282 8.71 27.13 -61.09
C ALA J 282 8.49 25.67 -60.69
N ALA J 283 9.42 25.12 -59.92
CA ALA J 283 9.33 23.73 -59.49
C ALA J 283 8.12 23.50 -58.60
N VAL J 284 7.94 24.40 -57.65
CA VAL J 284 6.84 24.32 -56.72
C VAL J 284 5.52 24.56 -57.42
N LYS J 285 5.48 25.60 -58.23
CA LYS J 285 4.28 25.94 -58.95
C LYS J 285 3.85 24.78 -59.83
N ALA J 286 4.80 24.09 -60.42
CA ALA J 286 4.50 22.94 -61.27
C ALA J 286 3.85 21.84 -60.45
N ALA J 287 4.42 21.58 -59.28
CA ALA J 287 3.91 20.53 -58.39
C ALA J 287 2.53 20.88 -57.87
N ALA J 288 2.34 22.15 -57.56
CA ALA J 288 1.05 22.65 -57.06
C ALA J 288 -0.07 22.53 -58.09
N GLU J 289 0.25 22.78 -59.36
CA GLU J 289 -0.73 22.69 -60.45
C GLU J 289 -0.84 21.28 -60.99
N GLY J 290 0.12 20.42 -60.66
CA GLY J 290 0.12 19.06 -61.13
C GLY J 290 -0.13 17.94 -60.13
N GLU J 291 0.92 17.14 -59.92
CA GLU J 291 0.86 15.96 -59.06
C GLU J 291 0.38 16.21 -57.63
N MET J 292 0.74 17.34 -57.04
CA MET J 292 0.33 17.62 -55.67
C MET J 292 -0.77 18.65 -55.58
N LYS J 293 -1.65 18.69 -56.58
CA LYS J 293 -2.75 19.63 -56.54
C LYS J 293 -3.65 19.33 -55.34
N GLY J 294 -4.12 20.37 -54.67
CA GLY J 294 -4.96 20.23 -53.48
C GLY J 294 -4.20 20.05 -52.17
N VAL J 295 -2.92 19.66 -52.28
CA VAL J 295 -2.07 19.49 -51.12
C VAL J 295 -1.12 20.67 -50.99
N LEU J 296 -0.30 20.86 -52.02
CA LEU J 296 0.66 21.95 -52.07
C LEU J 296 0.10 23.12 -52.90
N GLY J 297 0.07 24.30 -52.31
CA GLY J 297 -0.42 25.49 -52.97
C GLY J 297 0.72 26.43 -53.28
N TYR J 298 0.43 27.46 -54.07
CA TYR J 298 1.44 28.42 -54.46
C TYR J 298 0.84 29.80 -54.59
N THR J 299 1.50 30.81 -54.04
CA THR J 299 0.99 32.19 -54.13
C THR J 299 2.13 33.20 -54.29
N GLU J 300 1.85 34.29 -54.98
CA GLU J 300 2.82 35.35 -55.18
C GLU J 300 2.24 36.65 -54.61
N ASP J 301 1.12 36.52 -53.87
CA ASP J 301 0.44 37.68 -53.31
C ASP J 301 1.04 38.03 -51.97
N ASP J 302 0.71 39.22 -51.48
CA ASP J 302 1.22 39.76 -50.23
C ASP J 302 0.36 39.30 -49.07
N VAL J 303 0.35 38.01 -48.88
CA VAL J 303 -0.48 37.40 -47.84
C VAL J 303 0.04 37.46 -46.39
N VAL J 304 -0.89 37.29 -45.45
CA VAL J 304 -0.57 37.26 -44.04
C VAL J 304 -1.34 36.07 -43.54
N SER J 305 -1.09 35.67 -42.32
CA SER J 305 -1.67 34.43 -41.79
C SER J 305 -3.15 34.30 -41.94
N THR J 306 -3.91 35.36 -41.64
CA THR J 306 -5.38 35.25 -41.70
C THR J 306 -5.87 34.88 -43.09
N ASP J 307 -5.05 35.07 -44.11
CA ASP J 307 -5.47 34.77 -45.46
C ASP J 307 -5.58 33.29 -45.67
N PHE J 308 -5.11 32.52 -44.73
CA PHE J 308 -5.18 31.06 -44.84
C PHE J 308 -6.11 30.42 -43.82
N ASN J 309 -6.83 31.25 -43.07
CA ASN J 309 -7.74 30.70 -42.13
C ASN J 309 -8.79 29.99 -43.00
N GLY J 310 -8.92 28.68 -42.86
CA GLY J 310 -9.90 27.92 -43.65
C GLY J 310 -9.27 27.19 -44.82
N GLU J 311 -7.98 27.41 -45.03
CA GLU J 311 -7.27 26.81 -46.14
C GLU J 311 -7.21 25.31 -46.04
N VAL J 312 -7.58 24.66 -47.14
CA VAL J 312 -7.55 23.20 -47.23
C VAL J 312 -6.18 22.62 -47.64
N CYS J 313 -5.41 23.34 -48.44
CA CYS J 313 -4.09 22.86 -48.80
C CYS J 313 -3.29 22.80 -47.50
N THR J 314 -2.47 21.77 -47.37
CA THR J 314 -1.66 21.59 -46.17
C THR J 314 -0.33 22.32 -46.20
N SER J 315 -0.04 22.93 -47.33
CA SER J 315 1.20 23.66 -47.46
C SER J 315 1.05 24.65 -48.61
N VAL J 316 1.15 25.95 -48.33
CA VAL J 316 1.03 26.94 -49.37
C VAL J 316 2.29 27.78 -49.44
N PHE J 317 3.06 27.55 -50.50
CA PHE J 317 4.29 28.24 -50.71
C PHE J 317 4.06 29.72 -50.93
N ASP J 318 4.80 30.52 -50.18
CA ASP J 318 4.76 31.99 -50.28
C ASP J 318 6.02 32.43 -51.04
N ALA J 319 5.89 32.63 -52.33
CA ALA J 319 7.04 33.01 -53.15
C ALA J 319 7.76 34.28 -52.71
N LYS J 320 7.05 35.38 -52.55
CA LYS J 320 7.69 36.63 -52.15
C LYS J 320 8.34 36.64 -50.78
N ALA J 321 7.86 35.82 -49.85
CA ALA J 321 8.38 35.82 -48.48
C ALA J 321 9.73 35.18 -48.35
N GLY J 322 9.98 34.15 -49.15
CA GLY J 322 11.26 33.46 -49.14
C GLY J 322 12.40 34.32 -49.66
N ILE J 323 13.61 33.93 -49.29
CA ILE J 323 14.78 34.64 -49.69
C ILE J 323 15.93 33.67 -49.94
N ALA J 324 16.77 33.99 -50.93
CA ALA J 324 17.89 33.14 -51.32
C ALA J 324 19.19 33.87 -51.12
N LEU J 325 20.12 33.27 -50.40
CA LEU J 325 21.41 33.89 -50.23
C LEU J 325 22.18 33.66 -51.54
N ASN J 326 22.05 32.45 -52.08
CA ASN J 326 22.72 32.07 -53.31
C ASN J 326 22.03 30.87 -53.95
N ASP J 327 22.55 30.42 -55.08
CA ASP J 327 21.96 29.30 -55.80
C ASP J 327 21.93 28.00 -55.02
N ASN J 328 22.58 27.93 -53.86
CA ASN J 328 22.59 26.66 -53.09
C ASN J 328 22.24 26.76 -51.62
N PHE J 329 21.77 27.92 -51.18
CA PHE J 329 21.41 28.13 -49.78
C PHE J 329 20.19 29.05 -49.81
N VAL J 330 19.04 28.49 -49.44
CA VAL J 330 17.80 29.16 -49.52
C VAL J 330 16.90 29.00 -48.32
N LYS J 331 16.05 30.00 -48.12
CA LYS J 331 15.06 30.01 -47.05
C LYS J 331 13.70 30.06 -47.73
N LEU J 332 12.94 28.98 -47.59
CA LEU J 332 11.62 28.85 -48.16
C LEU J 332 10.52 28.96 -47.08
N VAL J 333 9.42 29.61 -47.44
CA VAL J 333 8.32 29.83 -46.52
C VAL J 333 7.04 29.21 -47.01
N SER J 334 6.35 28.51 -46.13
CA SER J 334 5.10 27.90 -46.50
C SER J 334 4.08 27.94 -45.35
N TRP J 335 2.87 28.41 -45.69
CA TRP J 335 1.79 28.54 -44.75
C TRP J 335 0.92 27.33 -44.59
N TYR J 336 0.28 27.21 -43.43
CA TYR J 336 -0.67 26.13 -43.17
C TYR J 336 -1.70 26.41 -42.10
N ASP J 337 -2.95 26.04 -42.37
CA ASP J 337 -4.01 26.22 -41.38
C ASP J 337 -3.91 24.94 -40.58
N ASN J 338 -3.27 25.05 -39.41
CA ASN J 338 -3.09 23.91 -38.55
C ASN J 338 -4.35 23.13 -38.11
N GLU J 339 -5.53 23.70 -38.23
CA GLU J 339 -6.72 22.95 -37.90
C GLU J 339 -7.38 22.40 -39.16
N THR J 340 -7.62 23.28 -40.13
CA THR J 340 -8.35 22.90 -41.34
C THR J 340 -7.59 22.00 -42.31
N GLY J 341 -6.38 22.36 -42.71
CA GLY J 341 -5.63 21.49 -43.62
C GLY J 341 -5.51 20.05 -43.11
N TYR J 342 -4.89 19.89 -41.93
CA TYR J 342 -4.72 18.60 -41.32
C TYR J 342 -6.07 17.86 -41.23
N SER J 343 -7.13 18.54 -40.78
CA SER J 343 -8.42 17.86 -40.65
C SER J 343 -8.87 17.29 -41.98
N ASN J 344 -8.75 18.05 -43.05
CA ASN J 344 -9.13 17.52 -44.34
C ASN J 344 -8.28 16.34 -44.77
N LYS J 345 -6.98 16.41 -44.54
CA LYS J 345 -6.14 15.28 -44.89
C LYS J 345 -6.45 14.02 -44.05
N VAL J 346 -6.96 14.18 -42.83
CA VAL J 346 -7.34 13.03 -42.04
C VAL J 346 -8.40 12.33 -42.86
N LEU J 347 -9.35 13.08 -43.38
CA LEU J 347 -10.42 12.49 -44.19
C LEU J 347 -9.87 11.88 -45.47
N ASP J 348 -8.88 12.54 -46.07
CA ASP J 348 -8.26 12.01 -47.29
C ASP J 348 -7.64 10.66 -46.99
N LEU J 349 -7.01 10.54 -45.82
CA LEU J 349 -6.37 9.29 -45.42
C LEU J 349 -7.41 8.22 -45.14
N ILE J 350 -8.50 8.59 -44.50
CA ILE J 350 -9.56 7.64 -44.20
C ILE J 350 -10.08 7.07 -45.51
N ALA J 351 -10.32 7.95 -46.48
CA ALA J 351 -10.80 7.54 -47.78
C ALA J 351 -9.80 6.64 -48.48
N HIS J 352 -8.52 6.98 -48.35
CA HIS J 352 -7.46 6.21 -48.99
C HIS J 352 -7.31 4.78 -48.45
N ILE J 353 -7.31 4.62 -47.15
CA ILE J 353 -7.17 3.28 -46.57
C ILE J 353 -8.45 2.44 -46.72
N SER J 354 -9.54 3.06 -47.18
CA SER J 354 -10.82 2.36 -47.34
C SER J 354 -11.04 1.90 -48.76
N LYS J 355 -10.11 2.24 -49.65
CA LYS J 355 -10.21 1.79 -51.04
C LYS J 355 -9.90 0.30 -51.10
N MET K 25 -34.03 48.10 -62.39
CA MET K 25 -33.15 49.28 -62.22
C MET K 25 -32.37 49.29 -60.89
N THR K 26 -31.06 49.19 -61.00
CA THR K 26 -30.21 49.20 -59.83
C THR K 26 -29.84 50.66 -59.52
N ILE K 27 -29.55 50.92 -58.26
CA ILE K 27 -29.14 52.24 -57.81
C ILE K 27 -27.61 52.31 -57.94
N LYS K 28 -27.10 53.24 -58.75
CA LYS K 28 -25.67 53.36 -58.91
C LYS K 28 -25.05 54.08 -57.73
N VAL K 29 -24.04 53.45 -57.12
CA VAL K 29 -23.39 54.03 -55.98
C VAL K 29 -21.90 54.25 -56.18
N GLY K 30 -21.42 55.35 -55.61
CA GLY K 30 -20.01 55.70 -55.65
C GLY K 30 -19.53 55.71 -54.21
N ILE K 31 -18.39 55.12 -53.96
CA ILE K 31 -17.84 55.08 -52.61
C ILE K 31 -16.64 56.02 -52.50
N ASN K 32 -16.70 56.98 -51.58
CA ASN K 32 -15.56 57.82 -51.36
C ASN K 32 -14.95 57.39 -50.03
N GLY K 33 -13.75 56.81 -50.09
CA GLY K 33 -13.08 56.30 -48.90
C GLY K 33 -13.19 54.79 -48.88
N PHE K 34 -12.09 54.10 -49.16
CA PHE K 34 -12.12 52.68 -49.21
C PHE K 34 -11.45 52.07 -47.99
N GLY K 35 -11.91 52.53 -46.82
CA GLY K 35 -11.40 52.05 -45.54
C GLY K 35 -12.22 50.88 -45.09
N ARG K 36 -12.25 50.61 -43.79
CA ARG K 36 -12.98 49.47 -43.27
C ARG K 36 -14.46 49.51 -43.70
N ILE K 37 -15.13 50.64 -43.49
CA ILE K 37 -16.54 50.73 -43.86
C ILE K 37 -16.71 50.69 -45.36
N GLY K 38 -15.92 51.47 -46.08
CA GLY K 38 -16.01 51.47 -47.53
C GLY K 38 -15.93 50.06 -48.10
N ARG K 39 -14.96 49.28 -47.62
CA ARG K 39 -14.76 47.94 -48.12
C ARG K 39 -15.84 46.93 -47.76
N ILE K 40 -16.39 47.03 -46.56
CA ILE K 40 -17.45 46.14 -46.13
C ILE K 40 -18.74 46.52 -46.83
N VAL K 41 -18.96 47.82 -47.02
CA VAL K 41 -20.11 48.29 -47.79
C VAL K 41 -19.99 47.71 -49.18
N PHE K 42 -18.80 47.80 -49.76
CA PHE K 42 -18.57 47.22 -51.06
C PHE K 42 -18.96 45.74 -51.14
N ARG K 43 -18.51 44.94 -50.16
CA ARG K 43 -18.80 43.51 -50.17
C ARG K 43 -20.29 43.21 -50.00
N ALA K 44 -20.95 43.97 -49.13
CA ALA K 44 -22.38 43.77 -48.88
C ALA K 44 -23.21 44.11 -50.10
N ALA K 45 -22.72 45.06 -50.88
CA ALA K 45 -23.40 45.47 -52.09
C ALA K 45 -23.43 44.39 -53.16
N GLN K 46 -22.48 43.46 -53.13
CA GLN K 46 -22.41 42.38 -54.12
C GLN K 46 -23.55 41.41 -53.93
N LYS K 47 -24.05 41.34 -52.71
CA LYS K 47 -25.13 40.44 -52.35
C LYS K 47 -26.52 41.01 -52.51
N ARG K 48 -26.60 42.26 -52.94
CA ARG K 48 -27.88 42.91 -53.19
C ARG K 48 -27.99 43.23 -54.66
N SER K 49 -29.15 42.92 -55.23
CA SER K 49 -29.38 43.19 -56.64
C SER K 49 -29.90 44.60 -56.91
N ASP K 50 -30.37 45.29 -55.86
CA ASP K 50 -30.89 46.65 -56.04
C ASP K 50 -29.81 47.74 -55.99
N ILE K 51 -28.58 47.36 -55.68
CA ILE K 51 -27.47 48.33 -55.58
C ILE K 51 -26.19 47.85 -56.24
N GLU K 52 -25.58 48.76 -57.01
CA GLU K 52 -24.35 48.50 -57.71
C GLU K 52 -23.32 49.55 -57.44
N ILE K 53 -22.14 49.10 -57.00
CA ILE K 53 -21.06 50.02 -56.82
C ILE K 53 -20.45 50.18 -58.23
N VAL K 54 -20.29 51.40 -58.68
CA VAL K 54 -19.75 51.64 -60.03
C VAL K 54 -18.50 52.46 -60.02
N ALA K 55 -18.14 52.98 -58.86
CA ALA K 55 -16.95 53.81 -58.72
C ALA K 55 -16.49 53.89 -57.28
N ILE K 56 -15.17 54.01 -57.12
CA ILE K 56 -14.53 54.11 -55.83
C ILE K 56 -13.46 55.17 -55.87
N ASN K 57 -13.36 55.97 -54.84
CA ASN K 57 -12.35 56.99 -54.80
C ASN K 57 -11.58 56.91 -53.51
N ASP K 58 -10.26 56.93 -53.62
CA ASP K 58 -9.39 56.92 -52.45
C ASP K 58 -7.99 57.14 -52.94
N LEU K 59 -7.10 57.52 -52.05
CA LEU K 59 -5.70 57.79 -52.40
C LEU K 59 -4.93 56.50 -52.54
N LEU K 60 -5.40 55.59 -53.39
CA LEU K 60 -4.75 54.30 -53.55
C LEU K 60 -4.75 53.81 -54.98
N ASP K 61 -3.66 53.19 -55.40
CA ASP K 61 -3.58 52.64 -56.74
C ASP K 61 -4.61 51.51 -56.84
N ALA K 62 -5.08 51.24 -58.05
CA ALA K 62 -6.07 50.20 -58.26
C ALA K 62 -5.58 48.85 -57.84
N ASP K 63 -4.33 48.55 -58.10
CA ASP K 63 -3.79 47.24 -57.72
C ASP K 63 -3.81 47.03 -56.20
N TYR K 64 -3.70 48.12 -55.45
CA TYR K 64 -3.68 48.04 -54.00
C TYR K 64 -5.11 47.95 -53.51
N MET K 65 -6.06 48.63 -54.15
CA MET K 65 -7.45 48.50 -53.74
C MET K 65 -7.89 47.05 -53.97
N ALA K 66 -7.45 46.48 -55.09
CA ALA K 66 -7.77 45.11 -55.39
C ALA K 66 -7.30 44.21 -54.23
N TYR K 67 -6.08 44.46 -53.75
CA TYR K 67 -5.53 43.67 -52.65
C TYR K 67 -6.32 43.84 -51.39
N MET K 68 -6.72 45.08 -51.08
CA MET K 68 -7.47 45.35 -49.83
C MET K 68 -8.84 44.68 -49.87
N LEU K 69 -9.33 44.49 -51.08
CA LEU K 69 -10.62 43.87 -51.31
C LEU K 69 -10.52 42.35 -51.32
OH ALY K 70 -2.55 40.90 -54.24
CH ALY K 70 -3.48 41.11 -54.96
CH3 ALY K 70 -3.46 42.38 -55.78
NZ ALY K 70 -4.51 40.21 -55.05
CE ALY K 70 -5.78 40.14 -55.84
CD ALY K 70 -6.88 39.29 -55.12
CG ALY K 70 -8.07 40.05 -54.46
CB ALY K 70 -8.11 39.92 -52.92
CA ALY K 70 -9.35 40.34 -52.11
N ALY K 70 -9.54 41.79 -52.03
C ALY K 70 -9.15 39.72 -50.71
O ALY K 70 -9.76 38.69 -50.41
N TYR K 71 -8.29 40.32 -49.89
CA TYR K 71 -7.93 39.76 -48.58
C TYR K 71 -8.33 40.64 -47.42
N ASP K 72 -8.95 40.03 -46.40
CA ASP K 72 -9.41 40.74 -45.22
C ASP K 72 -9.17 39.85 -43.99
N SER K 73 -8.39 40.35 -43.03
CA SER K 73 -8.06 39.64 -41.83
C SER K 73 -9.28 39.23 -41.00
N THR K 74 -10.31 40.06 -40.98
CA THR K 74 -11.49 39.78 -40.20
C THR K 74 -12.57 39.03 -40.93
N HIS K 75 -12.78 39.34 -42.19
CA HIS K 75 -13.88 38.69 -42.93
C HIS K 75 -13.49 37.70 -44.02
N GLY K 76 -12.22 37.34 -44.06
CA GLY K 76 -11.77 36.34 -45.02
C GLY K 76 -11.66 36.87 -46.41
N ARG K 77 -11.45 35.95 -47.35
CA ARG K 77 -11.27 36.31 -48.75
C ARG K 77 -12.54 36.67 -49.43
N PHE K 78 -12.43 37.63 -50.33
CA PHE K 78 -13.56 38.11 -51.09
C PHE K 78 -14.14 37.00 -51.90
N ASP K 79 -15.46 36.84 -51.81
CA ASP K 79 -16.15 35.79 -52.54
C ASP K 79 -16.45 36.29 -53.95
N GLY K 80 -15.48 36.17 -54.83
CA GLY K 80 -15.64 36.64 -56.19
C GLY K 80 -14.31 36.90 -56.87
N THR K 81 -14.36 37.30 -58.13
CA THR K 81 -13.16 37.60 -58.89
C THR K 81 -12.89 39.10 -58.93
N VAL K 82 -11.61 39.45 -58.84
CA VAL K 82 -11.19 40.83 -58.91
C VAL K 82 -9.88 40.93 -59.67
N GLU K 83 -9.88 41.72 -60.76
CA GLU K 83 -8.67 41.91 -61.55
C GLU K 83 -8.53 43.39 -61.86
N VAL K 84 -7.32 43.81 -62.23
CA VAL K 84 -7.04 45.20 -62.57
C VAL K 84 -6.79 45.35 -64.06
N LYS K 85 -7.41 46.36 -64.68
CA LYS K 85 -7.23 46.59 -66.08
C LYS K 85 -7.26 48.09 -66.39
N ASP K 86 -6.17 48.59 -66.98
CA ASP K 86 -6.05 50.01 -67.34
C ASP K 86 -6.27 50.95 -66.18
N GLY K 87 -5.67 50.62 -65.04
CA GLY K 87 -5.78 51.46 -63.86
C GLY K 87 -7.16 51.45 -63.21
N HIS K 88 -8.06 50.62 -63.73
CA HIS K 88 -9.39 50.46 -63.15
C HIS K 88 -9.57 49.05 -62.64
N LEU K 89 -10.66 48.85 -61.92
CA LEU K 89 -10.91 47.58 -61.29
C LEU K 89 -12.05 46.81 -61.95
N ILE K 90 -11.94 45.48 -62.00
CA ILE K 90 -12.96 44.65 -62.62
C ILE K 90 -13.33 43.58 -61.65
N VAL K 91 -14.50 43.74 -61.06
CA VAL K 91 -15.00 42.85 -60.03
C VAL K 91 -16.20 42.07 -60.51
N ASN K 92 -16.05 40.76 -60.62
CA ASN K 92 -17.13 39.90 -61.07
C ASN K 92 -17.58 40.38 -62.44
N GLY K 93 -16.60 40.70 -63.29
CA GLY K 93 -16.87 41.14 -64.68
C GLY K 93 -17.51 42.52 -64.88
N LYS K 94 -17.46 43.38 -63.86
CA LYS K 94 -18.05 44.73 -63.92
C LYS K 94 -16.98 45.77 -63.73
N LYS K 95 -16.94 46.83 -64.54
CA LYS K 95 -15.94 47.88 -64.33
C LYS K 95 -16.32 48.77 -63.18
N ILE K 96 -15.32 49.02 -62.32
CA ILE K 96 -15.48 49.91 -61.21
C ILE K 96 -14.47 51.03 -61.49
N ARG K 97 -14.92 52.27 -61.58
CA ARG K 97 -14.01 53.36 -61.87
C ARG K 97 -13.26 53.71 -60.62
N VAL K 98 -11.94 53.67 -60.71
CA VAL K 98 -11.05 53.99 -59.62
C VAL K 98 -10.44 55.36 -59.84
N THR K 99 -10.57 56.23 -58.85
CA THR K 99 -10.02 57.60 -58.91
C THR K 99 -9.24 57.85 -57.64
N ALA K 100 -8.42 58.91 -57.67
CA ALA K 100 -7.59 59.26 -56.51
C ALA K 100 -7.60 60.77 -56.24
N GLU K 101 -8.79 61.37 -56.35
CA GLU K 101 -8.97 62.79 -56.09
C GLU K 101 -9.04 63.11 -54.59
N ARG K 102 -8.33 64.15 -54.18
CA ARG K 102 -8.27 64.59 -52.78
C ARG K 102 -9.44 65.50 -52.52
N ASP K 103 -9.75 66.35 -53.51
CA ASP K 103 -10.87 67.27 -53.43
C ASP K 103 -12.10 66.69 -54.19
N PRO K 104 -13.18 66.34 -53.44
CA PRO K 104 -14.40 65.76 -53.98
C PRO K 104 -15.09 66.50 -55.12
N ALA K 105 -14.86 67.80 -55.26
CA ALA K 105 -15.48 68.51 -56.38
C ALA K 105 -15.00 68.00 -57.75
N ASN K 106 -13.84 67.34 -57.77
CA ASN K 106 -13.25 66.82 -59.00
C ASN K 106 -13.59 65.39 -59.34
N LEU K 107 -14.47 64.76 -58.56
CA LEU K 107 -14.84 63.36 -58.76
C LEU K 107 -15.63 63.04 -60.01
N LYS K 108 -16.30 64.04 -60.59
CA LYS K 108 -17.07 63.80 -61.80
C LYS K 108 -17.94 62.52 -61.69
N TRP K 109 -18.77 62.45 -60.66
CA TRP K 109 -19.62 61.27 -60.46
C TRP K 109 -20.62 61.05 -61.59
N ASP K 110 -21.09 62.12 -62.21
CA ASP K 110 -22.06 62.00 -63.29
C ASP K 110 -21.53 61.25 -64.50
N GLU K 111 -20.22 61.19 -64.66
CA GLU K 111 -19.61 60.50 -65.80
C GLU K 111 -19.78 59.01 -65.73
N VAL K 112 -19.96 58.49 -64.53
CA VAL K 112 -20.17 57.06 -64.39
C VAL K 112 -21.60 56.80 -63.83
N GLY K 113 -22.46 57.81 -63.99
CA GLY K 113 -23.86 57.74 -63.60
C GLY K 113 -24.22 57.46 -62.17
N VAL K 114 -23.43 57.97 -61.23
CA VAL K 114 -23.69 57.75 -59.80
C VAL K 114 -24.90 58.49 -59.24
N ASP K 115 -25.81 57.73 -58.62
CA ASP K 115 -27.02 58.28 -58.00
C ASP K 115 -26.72 58.76 -56.60
N VAL K 116 -26.12 57.88 -55.80
CA VAL K 116 -25.79 58.19 -54.42
C VAL K 116 -24.34 57.90 -54.08
N VAL K 117 -23.77 58.72 -53.21
CA VAL K 117 -22.41 58.53 -52.77
C VAL K 117 -22.35 58.15 -51.31
N ALA K 118 -21.61 57.09 -51.00
CA ALA K 118 -21.37 56.69 -49.64
C ALA K 118 -20.11 57.40 -49.23
N GLU K 119 -20.25 58.48 -48.46
CA GLU K 119 -19.10 59.24 -47.96
C GLU K 119 -18.48 58.54 -46.74
N ALA K 120 -17.39 57.83 -46.98
CA ALA K 120 -16.76 57.03 -45.92
C ALA K 120 -15.31 57.31 -45.58
N THR K 121 -14.91 58.57 -45.70
CA THR K 121 -13.54 58.95 -45.41
C THR K 121 -13.40 59.43 -43.99
N GLY K 122 -14.51 59.75 -43.38
CA GLY K 122 -14.51 60.26 -42.02
C GLY K 122 -14.17 61.75 -41.94
N LEU K 123 -13.86 62.37 -43.08
CA LEU K 123 -13.47 63.77 -43.13
C LEU K 123 -14.51 64.75 -43.60
N PHE K 124 -15.55 64.28 -44.29
CA PHE K 124 -16.56 65.20 -44.82
C PHE K 124 -17.90 64.95 -44.17
N LEU K 125 -18.01 65.30 -42.91
CA LEU K 125 -19.22 65.11 -42.15
C LEU K 125 -20.04 66.38 -41.89
N THR K 126 -19.97 67.35 -42.80
CA THR K 126 -20.75 68.57 -42.67
C THR K 126 -21.42 68.76 -43.98
N ASP K 127 -22.46 69.58 -44.01
CA ASP K 127 -23.15 69.79 -45.25
C ASP K 127 -22.28 70.36 -46.36
N GLU K 128 -21.46 71.37 -46.06
CA GLU K 128 -20.66 72.00 -47.14
C GLU K 128 -19.63 71.04 -47.69
N THR K 129 -18.97 70.28 -46.83
CA THR K 129 -17.98 69.31 -47.33
C THR K 129 -18.61 68.16 -48.13
N ALA K 130 -19.74 67.63 -47.68
CA ALA K 130 -20.39 66.54 -48.38
C ALA K 130 -21.08 67.03 -49.64
N ARG K 131 -21.57 68.26 -49.60
CA ARG K 131 -22.28 68.88 -50.73
C ARG K 131 -21.44 68.81 -51.99
N LYS K 132 -20.12 68.74 -51.81
CA LYS K 132 -19.23 68.71 -52.97
C LYS K 132 -19.52 67.55 -53.91
N HIS K 133 -19.97 66.43 -53.37
CA HIS K 133 -20.27 65.30 -54.23
C HIS K 133 -21.41 65.63 -55.14
N ILE K 134 -22.36 66.41 -54.63
CA ILE K 134 -23.51 66.81 -55.43
C ILE K 134 -23.05 67.78 -56.51
N THR K 135 -22.18 68.70 -56.14
CA THR K 135 -21.62 69.66 -57.08
C THR K 135 -20.92 68.86 -58.20
N ALA K 136 -20.33 67.72 -57.81
CA ALA K 136 -19.61 66.87 -58.75
C ALA K 136 -20.46 65.88 -59.54
N GLY K 137 -21.78 66.01 -59.48
CA GLY K 137 -22.67 65.14 -60.25
C GLY K 137 -23.53 64.11 -59.54
N ALA K 138 -23.24 63.82 -58.28
CA ALA K 138 -24.06 62.84 -57.55
C ALA K 138 -25.36 63.50 -57.14
N LYS K 139 -26.43 62.72 -57.00
CA LYS K 139 -27.73 63.27 -56.63
C LYS K 139 -27.87 63.34 -55.12
N LYS K 140 -27.46 62.31 -54.41
CA LYS K 140 -27.54 62.31 -52.95
C LYS K 140 -26.31 61.74 -52.28
N VAL K 141 -26.18 61.99 -50.98
CA VAL K 141 -25.04 61.53 -50.20
C VAL K 141 -25.40 60.97 -48.84
N VAL K 142 -24.75 59.87 -48.48
CA VAL K 142 -24.96 59.22 -47.21
C VAL K 142 -23.64 59.17 -46.46
N MET K 143 -23.56 59.93 -45.38
CA MET K 143 -22.35 59.97 -44.57
C MET K 143 -22.34 58.71 -43.77
N THR K 144 -21.22 58.01 -43.76
CA THR K 144 -21.12 56.76 -43.00
C THR K 144 -20.59 57.05 -41.62
N GLY K 145 -21.09 58.10 -41.00
CA GLY K 145 -20.67 58.48 -39.66
C GLY K 145 -21.57 59.58 -39.15
N PRO K 146 -21.53 59.85 -37.85
CA PRO K 146 -22.42 60.89 -37.36
C PRO K 146 -21.99 62.22 -37.88
N SER K 147 -22.96 63.07 -38.19
CA SER K 147 -22.67 64.40 -38.73
C SER K 147 -22.17 65.37 -37.68
N LYS K 148 -21.19 66.19 -38.06
CA LYS K 148 -20.62 67.19 -37.15
C LYS K 148 -21.43 68.46 -37.13
N ASP K 149 -22.26 68.65 -38.15
CA ASP K 149 -23.18 69.78 -38.16
C ASP K 149 -24.58 69.18 -37.88
N ASN K 150 -25.64 69.81 -38.36
CA ASN K 150 -26.98 69.31 -38.10
C ASN K 150 -27.58 68.54 -39.24
N THR K 151 -26.72 67.94 -40.05
CA THR K 151 -27.19 67.08 -41.12
C THR K 151 -27.99 65.98 -40.39
N PRO K 152 -29.22 65.72 -40.86
CA PRO K 152 -30.06 64.74 -40.18
C PRO K 152 -29.49 63.31 -40.19
N MET K 153 -29.64 62.63 -39.05
CA MET K 153 -29.25 61.24 -38.92
C MET K 153 -30.44 60.26 -38.96
N PHE K 154 -30.24 59.12 -39.60
CA PHE K 154 -31.26 58.11 -39.69
C PHE K 154 -30.70 56.76 -39.27
N VAL K 155 -31.47 56.03 -38.47
CA VAL K 155 -31.10 54.72 -37.98
C VAL K 155 -32.24 53.75 -38.23
N LYS K 156 -31.98 52.71 -39.00
CA LYS K 156 -33.02 51.75 -39.31
C LYS K 156 -33.49 51.12 -38.01
N GLY K 157 -34.79 51.04 -37.89
CA GLY K 157 -35.45 50.48 -36.74
C GLY K 157 -35.89 51.59 -35.81
N ALA K 158 -35.32 52.77 -36.01
CA ALA K 158 -35.67 53.92 -35.19
C ALA K 158 -36.41 55.05 -35.93
N ASN K 159 -35.86 55.56 -37.02
CA ASN K 159 -36.49 56.65 -37.71
C ASN K 159 -36.37 56.75 -39.21
N PHE K 160 -36.20 55.64 -39.91
CA PHE K 160 -36.18 55.72 -41.37
C PHE K 160 -37.44 56.39 -41.91
N ASP K 161 -38.59 56.09 -41.32
CA ASP K 161 -39.89 56.70 -41.75
C ASP K 161 -39.86 58.24 -41.73
N LYS K 162 -39.00 58.84 -40.90
CA LYS K 162 -38.85 60.30 -40.82
C LYS K 162 -38.12 60.93 -42.00
N TYR K 163 -37.47 60.13 -42.84
CA TYR K 163 -36.75 60.68 -43.99
C TYR K 163 -37.77 61.48 -44.78
N ALA K 164 -37.38 62.69 -45.18
CA ALA K 164 -38.29 63.61 -45.90
C ALA K 164 -37.70 64.17 -47.19
N GLY K 165 -37.06 63.32 -47.97
CA GLY K 165 -36.42 63.76 -49.22
C GLY K 165 -35.08 64.53 -49.19
N GLN K 166 -34.44 64.66 -48.04
CA GLN K 166 -33.17 65.43 -47.96
C GLN K 166 -32.16 64.78 -48.88
N ASP K 167 -31.25 65.59 -49.43
CA ASP K 167 -30.24 65.08 -50.36
C ASP K 167 -28.93 64.66 -49.68
N ILE K 168 -28.75 65.06 -48.43
CA ILE K 168 -27.56 64.70 -47.65
C ILE K 168 -28.00 64.21 -46.28
N VAL K 169 -27.60 62.98 -45.93
CA VAL K 169 -27.98 62.37 -44.66
C VAL K 169 -26.83 61.61 -44.04
N SER K 170 -27.04 61.18 -42.79
CA SER K 170 -26.06 60.46 -42.03
C SER K 170 -26.67 59.21 -41.48
N ASN K 171 -25.94 58.09 -41.48
CA ASN K 171 -26.46 56.82 -40.95
C ASN K 171 -26.02 56.68 -39.49
N ALA K 172 -25.67 57.80 -38.85
CA ALA K 172 -25.24 57.81 -37.46
C ALA K 172 -24.00 56.96 -37.26
N SER K 173 -23.85 56.39 -36.06
CA SER K 173 -22.67 55.56 -35.73
C SER K 173 -23.08 54.12 -35.53
N CYS K 174 -22.10 53.24 -35.51
CA CYS K 174 -22.34 51.82 -35.29
C CYS K 174 -23.03 51.59 -33.94
N THR K 175 -22.56 52.28 -32.91
CA THR K 175 -23.12 52.13 -31.57
C THR K 175 -24.53 52.66 -31.50
N THR K 176 -24.80 53.79 -32.16
CA THR K 176 -26.16 54.32 -32.15
C THR K 176 -27.10 53.34 -32.86
N ASN K 177 -26.62 52.66 -33.89
CA ASN K 177 -27.45 51.69 -34.56
C ASN K 177 -27.76 50.50 -33.68
N CYS K 178 -26.94 50.24 -32.66
CA CYS K 178 -27.21 49.09 -31.79
C CYS K 178 -28.16 49.50 -30.71
N LEU K 179 -27.90 50.65 -30.13
CA LEU K 179 -28.66 51.17 -29.04
C LEU K 179 -30.06 51.69 -29.36
N ALA K 180 -30.21 52.45 -30.43
CA ALA K 180 -31.51 53.03 -30.75
C ALA K 180 -32.65 52.01 -30.87
N PRO K 181 -32.46 50.95 -31.67
CA PRO K 181 -33.54 49.99 -31.81
C PRO K 181 -33.96 49.34 -30.51
N LEU K 182 -32.99 49.04 -29.67
CA LEU K 182 -33.27 48.38 -28.40
C LEU K 182 -33.99 49.34 -27.47
N ALA K 183 -33.48 50.56 -27.40
CA ALA K 183 -34.09 51.58 -26.56
C ALA K 183 -35.51 51.88 -26.98
N LYS K 184 -35.73 51.96 -28.28
CA LYS K 184 -37.06 52.24 -28.77
C LYS K 184 -38.04 51.21 -28.24
N VAL K 185 -37.66 49.94 -28.33
CA VAL K 185 -38.54 48.86 -27.92
C VAL K 185 -38.82 48.95 -26.45
N ILE K 186 -37.76 49.13 -25.68
CA ILE K 186 -37.89 49.17 -24.23
C ILE K 186 -38.74 50.35 -23.81
N ASN K 187 -38.47 51.49 -24.42
CA ASN K 187 -39.20 52.69 -24.11
C ASN K 187 -40.68 52.58 -24.52
N ASP K 188 -40.96 52.17 -25.75
CA ASP K 188 -42.34 52.01 -26.19
C ASP K 188 -43.15 51.10 -25.28
N ASN K 189 -42.57 50.01 -24.85
CA ASN K 189 -43.25 49.09 -23.98
C ASN K 189 -43.25 49.40 -22.48
N PHE K 190 -42.17 49.94 -21.94
CA PHE K 190 -42.10 50.16 -20.48
C PHE K 190 -41.75 51.57 -20.04
N GLY K 191 -41.29 52.39 -20.97
CA GLY K 191 -40.94 53.77 -20.67
C GLY K 191 -39.62 53.92 -19.95
N ILE K 192 -38.64 54.49 -20.65
CA ILE K 192 -37.35 54.72 -20.07
C ILE K 192 -37.33 56.06 -19.36
N ILE K 193 -37.11 56.03 -18.06
CA ILE K 193 -37.05 57.26 -17.28
C ILE K 193 -35.70 57.90 -17.49
N GLU K 194 -34.68 57.07 -17.34
CA GLU K 194 -33.30 57.49 -17.50
C GLU K 194 -32.45 56.24 -17.69
N GLY K 195 -31.35 56.40 -18.41
CA GLY K 195 -30.49 55.29 -18.64
C GLY K 195 -29.07 55.72 -18.90
N LEU K 196 -28.15 54.85 -18.52
CA LEU K 196 -26.71 55.04 -18.75
C LEU K 196 -26.23 53.82 -19.48
N MET K 197 -25.38 53.99 -20.48
CA MET K 197 -24.95 52.84 -21.21
C MET K 197 -23.44 52.81 -21.35
N THR K 198 -22.94 51.61 -21.57
CA THR K 198 -21.54 51.37 -21.74
C THR K 198 -21.37 50.46 -22.90
N THR K 199 -20.40 50.72 -23.74
CA THR K 199 -20.14 49.83 -24.84
C THR K 199 -18.70 49.34 -24.73
N VAL K 200 -18.55 48.01 -24.73
CA VAL K 200 -17.24 47.39 -24.70
C VAL K 200 -17.04 47.24 -26.19
N HIS K 201 -16.09 47.99 -26.72
CA HIS K 201 -15.91 48.13 -28.13
C HIS K 201 -14.62 47.61 -28.65
N ALA K 202 -14.67 47.06 -29.84
CA ALA K 202 -13.50 46.49 -30.49
C ALA K 202 -12.58 47.58 -30.94
N THR K 203 -11.33 47.21 -31.16
CA THR K 203 -10.32 48.13 -31.60
C THR K 203 -10.66 48.62 -33.00
N THR K 204 -10.30 49.87 -33.30
CA THR K 204 -10.54 50.41 -34.62
C THR K 204 -9.32 51.07 -35.19
N ALA K 205 -9.47 51.55 -36.44
CA ALA K 205 -8.37 52.20 -37.18
C ALA K 205 -7.82 53.46 -36.56
N THR K 206 -8.59 54.15 -35.74
CA THR K 206 -8.06 55.36 -35.10
C THR K 206 -7.09 55.07 -33.94
N GLN K 207 -6.99 53.82 -33.51
CA GLN K 207 -6.09 53.49 -32.39
C GLN K 207 -4.70 53.14 -32.87
N LYS K 208 -3.80 52.91 -31.92
CA LYS K 208 -2.39 52.64 -32.24
C LYS K 208 -1.91 51.29 -31.78
N THR K 209 -0.98 50.71 -32.54
CA THR K 209 -0.43 49.43 -32.19
C THR K 209 0.40 49.49 -30.93
N VAL K 210 1.14 50.57 -30.72
CA VAL K 210 1.92 50.75 -29.50
C VAL K 210 1.72 52.20 -29.05
N ASP K 211 1.96 52.50 -27.77
CA ASP K 211 1.77 53.88 -27.26
C ASP K 211 2.28 54.91 -28.26
N GLY K 212 1.34 55.61 -28.90
CA GLY K 212 1.65 56.64 -29.87
C GLY K 212 0.81 57.90 -29.61
N PRO K 213 0.95 58.91 -30.51
CA PRO K 213 0.29 60.19 -30.37
C PRO K 213 -1.13 60.27 -30.84
N SER K 214 -1.95 60.93 -30.03
CA SER K 214 -3.38 61.15 -30.29
C SER K 214 -3.64 62.41 -29.47
N HIS K 215 -3.30 63.56 -30.04
N HIS K 215 -3.30 63.57 -30.06
CA HIS K 215 -3.39 64.86 -29.37
CA HIS K 215 -3.39 64.88 -29.35
C HIS K 215 -4.78 65.23 -28.84
C HIS K 215 -4.79 65.24 -28.83
N LYS K 216 -5.83 64.85 -29.55
CA LYS K 216 -7.20 65.16 -29.11
C LYS K 216 -7.79 64.12 -28.18
N ASP K 217 -7.14 62.96 -28.07
CA ASP K 217 -7.62 61.86 -27.21
C ASP K 217 -6.43 61.06 -26.68
N TRP K 218 -5.82 61.59 -25.64
CA TRP K 218 -4.67 60.96 -25.02
C TRP K 218 -4.81 59.46 -24.74
N ARG K 219 -5.86 59.07 -24.04
CA ARG K 219 -6.01 57.64 -23.77
C ARG K 219 -6.05 56.81 -25.06
N GLY K 220 -6.67 57.37 -26.09
CA GLY K 220 -6.83 56.70 -27.38
C GLY K 220 -5.57 56.39 -28.11
N GLY K 221 -4.48 57.05 -27.73
CA GLY K 221 -3.19 56.81 -28.37
C GLY K 221 -2.42 55.67 -27.72
N ARG K 222 -2.90 55.17 -26.59
CA ARG K 222 -2.23 54.08 -25.91
C ARG K 222 -2.39 52.77 -26.66
N GLY K 223 -1.36 51.94 -26.57
CA GLY K 223 -1.35 50.65 -27.21
C GLY K 223 -2.68 49.93 -27.12
N ALA K 224 -3.29 49.69 -28.26
CA ALA K 224 -4.59 49.02 -28.31
C ALA K 224 -4.65 47.58 -27.80
N SER K 225 -3.69 46.76 -28.19
CA SER K 225 -3.67 45.37 -27.75
C SER K 225 -3.30 45.11 -26.29
N GLN K 226 -2.71 46.07 -25.62
CA GLN K 226 -2.30 45.87 -24.25
C GLN K 226 -3.27 46.43 -23.23
N ASN K 227 -4.17 47.30 -23.69
CA ASN K 227 -5.07 48.00 -22.78
C ASN K 227 -6.60 47.96 -22.94
N ILE K 228 -7.25 48.24 -21.82
CA ILE K 228 -8.69 48.45 -21.74
C ILE K 228 -8.64 49.98 -21.71
N ILE K 229 -9.20 50.62 -22.72
CA ILE K 229 -9.10 52.06 -22.81
C ILE K 229 -10.41 52.78 -22.72
N PRO K 230 -10.63 53.52 -21.64
CA PRO K 230 -11.85 54.29 -21.56
C PRO K 230 -11.94 55.28 -22.72
N SER K 231 -13.15 55.54 -23.15
CA SER K 231 -13.34 56.45 -24.26
C SER K 231 -14.71 57.10 -24.25
N SER K 232 -14.82 58.28 -24.85
CA SER K 232 -16.08 58.99 -24.93
C SER K 232 -16.83 58.59 -26.16
N THR K 233 -18.15 58.71 -26.10
CA THR K 233 -19.01 58.37 -27.23
C THR K 233 -20.37 59.02 -27.00
N GLY K 234 -20.66 60.02 -27.81
CA GLY K 234 -21.92 60.73 -27.70
C GLY K 234 -23.06 59.91 -28.26
N ALA K 235 -22.74 58.71 -28.75
CA ALA K 235 -23.70 57.78 -29.33
C ALA K 235 -24.95 57.61 -28.50
N ALA K 236 -24.83 57.67 -27.18
CA ALA K 236 -25.98 57.48 -26.30
C ALA K 236 -26.80 58.74 -26.31
N LYS K 237 -26.11 59.87 -26.31
CA LYS K 237 -26.78 61.16 -26.35
C LYS K 237 -27.42 61.38 -27.76
N ALA K 238 -26.74 60.92 -28.82
CA ALA K 238 -27.23 60.99 -30.21
C ALA K 238 -28.51 60.21 -30.43
N VAL K 239 -28.83 59.30 -29.50
CA VAL K 239 -30.07 58.54 -29.63
C VAL K 239 -31.21 59.55 -29.52
N GLY K 240 -30.97 60.59 -28.73
CA GLY K 240 -31.94 61.67 -28.54
C GLY K 240 -32.37 62.31 -29.84
N LYS K 241 -31.49 62.29 -30.83
CA LYS K 241 -31.81 62.86 -32.13
C LYS K 241 -32.64 61.92 -33.04
N VAL K 242 -32.35 60.63 -33.02
CA VAL K 242 -33.12 59.72 -33.88
C VAL K 242 -34.40 59.34 -33.15
N LEU K 243 -34.39 59.49 -31.83
CA LEU K 243 -35.57 59.19 -31.00
C LEU K 243 -35.78 60.36 -30.05
N PRO K 244 -36.35 61.46 -30.55
CA PRO K 244 -36.59 62.69 -29.78
C PRO K 244 -37.16 62.46 -28.38
N GLU K 245 -38.09 61.50 -28.26
CA GLU K 245 -38.70 61.18 -26.96
C GLU K 245 -37.68 60.77 -25.87
N LEU K 246 -36.47 60.37 -26.26
CA LEU K 246 -35.41 59.99 -25.31
C LEU K 246 -34.33 61.04 -25.18
N ASN K 247 -34.54 62.19 -25.79
CA ASN K 247 -33.58 63.27 -25.68
C ASN K 247 -33.32 63.62 -24.20
N GLY K 248 -32.06 63.71 -23.81
CA GLY K 248 -31.70 64.02 -22.43
C GLY K 248 -31.85 62.91 -21.38
N LYS K 249 -32.31 61.72 -21.81
CA LYS K 249 -32.52 60.60 -20.89
C LYS K 249 -31.47 59.51 -20.93
N LEU K 250 -30.58 59.57 -21.91
CA LEU K 250 -29.51 58.61 -22.03
C LEU K 250 -28.20 59.25 -22.33
N THR K 251 -27.15 58.63 -21.84
CA THR K 251 -25.80 59.08 -22.13
C THR K 251 -24.95 57.89 -21.76
N GLY K 252 -23.67 57.91 -22.09
CA GLY K 252 -22.83 56.78 -21.74
C GLY K 252 -21.39 56.93 -22.11
N MET K 253 -20.67 55.81 -22.08
CA MET K 253 -19.26 55.81 -22.40
C MET K 253 -18.83 54.49 -22.98
N ALA K 254 -17.54 54.40 -23.29
CA ALA K 254 -17.02 53.20 -23.88
C ALA K 254 -15.68 52.77 -23.34
N PHE K 255 -15.39 51.51 -23.57
CA PHE K 255 -14.14 50.93 -23.18
C PHE K 255 -13.70 50.21 -24.44
N ARG K 256 -12.57 50.61 -24.97
CA ARG K 256 -12.01 49.97 -26.11
C ARG K 256 -11.16 48.82 -25.62
N VAL K 257 -11.44 47.60 -26.10
CA VAL K 257 -10.66 46.43 -25.67
C VAL K 257 -9.94 45.80 -26.87
N PRO K 258 -8.95 44.96 -26.64
CA PRO K 258 -8.18 44.36 -27.72
C PRO K 258 -8.81 43.26 -28.56
N THR K 259 -9.90 43.53 -29.25
CA THR K 259 -10.50 42.55 -30.15
C THR K 259 -10.57 43.28 -31.46
N PRO K 260 -10.38 42.57 -32.56
CA PRO K 260 -10.35 43.24 -33.85
C PRO K 260 -11.69 43.63 -34.41
N ASN K 261 -12.78 43.02 -33.92
CA ASN K 261 -14.12 43.36 -34.42
C ASN K 261 -15.21 42.84 -33.50
N VAL K 262 -16.40 43.43 -33.58
CA VAL K 262 -17.57 43.07 -32.78
C VAL K 262 -17.50 43.73 -31.43
N SER K 263 -18.55 44.44 -31.11
CA SER K 263 -18.68 45.17 -29.87
C SER K 263 -20.01 44.81 -29.17
N VAL K 264 -20.22 45.32 -27.97
CA VAL K 264 -21.46 45.05 -27.24
C VAL K 264 -21.90 46.23 -26.37
N VAL K 265 -23.21 46.48 -26.28
CA VAL K 265 -23.67 47.56 -25.40
C VAL K 265 -24.27 46.96 -24.13
N ASP K 266 -24.05 47.68 -23.04
CA ASP K 266 -24.51 47.35 -21.73
C ASP K 266 -25.39 48.55 -21.29
N LEU K 267 -26.70 48.44 -21.59
CA LEU K 267 -27.66 49.48 -21.26
C LEU K 267 -28.32 49.27 -19.91
N THR K 268 -28.13 50.22 -18.99
CA THR K 268 -28.68 50.14 -17.66
C THR K 268 -29.76 51.17 -17.61
N VAL K 269 -31.02 50.74 -17.59
CA VAL K 269 -32.13 51.67 -17.53
C VAL K 269 -33.09 51.53 -16.35
N ARG K 270 -33.80 52.62 -16.06
CA ARG K 270 -34.77 52.62 -14.99
C ARG K 270 -36.10 52.76 -15.72
N LEU K 271 -37.03 51.86 -15.44
CA LEU K 271 -38.30 51.83 -16.17
C LEU K 271 -39.48 52.44 -15.42
N GLU K 272 -40.37 53.02 -16.20
CA GLU K 272 -41.54 53.64 -15.63
C GLU K 272 -42.49 52.53 -15.24
N LYS K 273 -42.77 51.62 -16.17
CA LYS K 273 -43.69 50.51 -15.92
C LYS K 273 -42.89 49.33 -15.48
N ALA K 274 -43.32 48.69 -14.42
CA ALA K 274 -42.65 47.52 -13.88
C ALA K 274 -42.71 46.43 -14.91
N ALA K 275 -41.61 45.71 -15.05
CA ALA K 275 -41.54 44.61 -16.01
C ALA K 275 -40.54 43.59 -15.59
N THR K 276 -40.98 42.33 -15.54
CA THR K 276 -40.11 41.25 -15.15
C THR K 276 -39.19 41.05 -16.31
N TYR K 277 -38.08 40.35 -16.07
CA TYR K 277 -37.14 40.12 -17.17
C TYR K 277 -37.80 39.25 -18.24
N GLU K 278 -38.69 38.36 -17.86
CA GLU K 278 -39.34 37.52 -18.83
C GLU K 278 -40.16 38.37 -19.81
N GLN K 279 -40.79 39.44 -19.29
CA GLN K 279 -41.60 40.34 -20.10
C GLN K 279 -40.76 41.15 -21.06
N ILE K 280 -39.57 41.51 -20.62
CA ILE K 280 -38.65 42.27 -21.43
C ILE K 280 -38.23 41.38 -22.59
N LYS K 281 -37.85 40.14 -22.26
CA LYS K 281 -37.46 39.19 -23.28
C LYS K 281 -38.56 39.10 -24.33
N ALA K 282 -39.81 38.99 -23.89
CA ALA K 282 -40.91 38.83 -24.82
C ALA K 282 -41.11 40.05 -25.69
N ALA K 283 -40.93 41.23 -25.11
CA ALA K 283 -41.08 42.48 -25.86
C ALA K 283 -40.06 42.60 -26.99
N VAL K 284 -38.81 42.30 -26.66
CA VAL K 284 -37.75 42.34 -27.64
C VAL K 284 -37.94 41.27 -28.70
N LYS K 285 -38.22 40.06 -28.25
CA LYS K 285 -38.39 38.94 -29.17
C LYS K 285 -39.51 39.26 -30.15
N ALA K 286 -40.54 39.96 -29.69
CA ALA K 286 -41.67 40.29 -30.53
C ALA K 286 -41.24 41.25 -31.59
N ALA K 287 -40.52 42.26 -31.18
CA ALA K 287 -39.97 43.27 -32.12
C ALA K 287 -39.00 42.66 -33.13
N ALA K 288 -38.15 41.75 -32.66
CA ALA K 288 -37.19 41.07 -33.52
C ALA K 288 -37.87 40.21 -34.59
N GLU K 289 -38.98 39.59 -34.27
CA GLU K 289 -39.69 38.71 -35.19
C GLU K 289 -40.69 39.48 -35.98
N GLY K 290 -40.96 40.71 -35.56
CA GLY K 290 -41.95 41.53 -36.25
C GLY K 290 -41.49 42.77 -36.97
N GLU K 291 -41.87 43.92 -36.44
CA GLU K 291 -41.57 45.22 -37.03
C GLU K 291 -40.09 45.52 -37.26
N MET K 292 -39.21 45.09 -36.37
CA MET K 292 -37.79 45.35 -36.53
C MET K 292 -37.01 44.12 -37.00
N LYS K 293 -37.64 43.27 -37.80
CA LYS K 293 -36.95 42.09 -38.28
C LYS K 293 -35.77 42.52 -39.11
N GLY K 294 -34.62 41.84 -38.94
CA GLY K 294 -33.42 42.15 -39.74
C GLY K 294 -32.54 43.22 -39.12
N VAL K 295 -33.12 44.00 -38.22
CA VAL K 295 -32.41 45.05 -37.52
C VAL K 295 -32.07 44.60 -36.10
N LEU K 296 -33.11 44.26 -35.35
CA LEU K 296 -32.97 43.80 -33.99
C LEU K 296 -33.09 42.29 -33.94
N GLY K 297 -32.09 41.65 -33.36
CA GLY K 297 -32.06 40.21 -33.25
C GLY K 297 -32.26 39.81 -31.80
N TYR K 298 -32.48 38.52 -31.57
CA TYR K 298 -32.67 38.00 -30.24
C TYR K 298 -32.05 36.63 -30.10
N THR K 299 -31.32 36.38 -29.02
CA THR K 299 -30.74 35.07 -28.78
C THR K 299 -30.77 34.68 -27.32
N GLU K 300 -30.82 33.39 -27.06
CA GLU K 300 -30.83 32.88 -25.69
C GLU K 300 -29.67 31.93 -25.55
N ASP K 301 -28.82 31.85 -26.58
CA ASP K 301 -27.65 30.98 -26.57
C ASP K 301 -26.45 31.62 -25.85
N ASP K 302 -25.50 30.78 -25.48
CA ASP K 302 -24.31 31.18 -24.72
C ASP K 302 -23.24 31.72 -25.68
N VAL K 303 -23.55 32.85 -26.25
CA VAL K 303 -22.69 33.44 -27.25
C VAL K 303 -21.57 34.26 -26.72
N VAL K 304 -20.58 34.47 -27.59
CA VAL K 304 -19.45 35.33 -27.29
C VAL K 304 -19.30 36.19 -28.52
N SER K 305 -18.49 37.23 -28.43
CA SER K 305 -18.32 38.21 -29.53
C SER K 305 -18.08 37.64 -30.90
N THR K 306 -17.20 36.64 -31.02
CA THR K 306 -16.94 36.09 -32.35
C THR K 306 -18.14 35.50 -33.00
N ASP K 307 -19.17 35.17 -32.22
CA ASP K 307 -20.36 34.56 -32.81
C ASP K 307 -21.13 35.56 -33.62
N PHE K 308 -20.75 36.83 -33.54
CA PHE K 308 -21.42 37.86 -34.32
C PHE K 308 -20.52 38.46 -35.40
N ASN K 309 -19.33 37.89 -35.59
CA ASN K 309 -18.50 38.37 -36.65
C ASN K 309 -19.26 38.07 -37.93
N GLY K 310 -19.63 39.10 -38.68
CA GLY K 310 -20.38 38.88 -39.92
C GLY K 310 -21.87 39.13 -39.79
N GLU K 311 -22.32 39.37 -38.56
CA GLU K 311 -23.74 39.61 -38.28
C GLU K 311 -24.28 40.84 -38.95
N VAL K 312 -25.42 40.69 -39.60
CA VAL K 312 -26.07 41.78 -40.32
C VAL K 312 -27.03 42.57 -39.44
N CYS K 313 -27.66 41.95 -38.46
CA CYS K 313 -28.52 42.70 -37.55
C CYS K 313 -27.61 43.70 -36.82
N THR K 314 -28.12 44.91 -36.62
CA THR K 314 -27.35 45.96 -35.96
C THR K 314 -27.43 45.93 -34.45
N SER K 315 -28.26 45.05 -33.93
CA SER K 315 -28.40 44.93 -32.50
C SER K 315 -28.97 43.55 -32.20
N VAL K 316 -28.22 42.73 -31.49
CA VAL K 316 -28.69 41.40 -31.13
C VAL K 316 -28.75 41.23 -29.63
N PHE K 317 -29.97 41.26 -29.10
CA PHE K 317 -30.23 41.12 -27.68
C PHE K 317 -29.75 39.79 -27.18
N ASP K 318 -29.03 39.82 -26.09
CA ASP K 318 -28.49 38.63 -25.45
C ASP K 318 -29.29 38.44 -24.16
N ALA K 319 -30.30 37.63 -24.23
CA ALA K 319 -31.16 37.42 -23.07
C ALA K 319 -30.44 36.96 -21.82
N LYS K 320 -29.64 35.90 -21.92
CA LYS K 320 -28.97 35.37 -20.71
C LYS K 320 -27.93 36.28 -20.06
N ALA K 321 -27.35 37.17 -20.84
CA ALA K 321 -26.30 38.02 -20.34
C ALA K 321 -26.79 39.14 -19.49
N GLY K 322 -28.00 39.60 -19.76
CA GLY K 322 -28.56 40.70 -19.00
C GLY K 322 -28.95 40.27 -17.60
N ILE K 323 -29.04 41.24 -16.72
CA ILE K 323 -29.47 40.97 -15.37
C ILE K 323 -30.41 42.09 -14.86
N ALA K 324 -31.40 41.70 -14.03
CA ALA K 324 -32.34 42.64 -13.49
C ALA K 324 -32.23 42.74 -12.00
N LEU K 325 -32.08 43.94 -11.46
CA LEU K 325 -32.02 44.08 -10.02
C LEU K 325 -33.46 43.95 -9.50
N ASN K 326 -34.39 44.57 -10.20
CA ASN K 326 -35.80 44.53 -9.85
C ASN K 326 -36.67 44.87 -11.07
N ASP K 327 -37.97 44.84 -10.90
CA ASP K 327 -38.89 45.13 -12.00
C ASP K 327 -38.74 46.52 -12.62
N ASN K 328 -37.91 47.38 -12.05
CA ASN K 328 -37.76 48.74 -12.62
C ASN K 328 -36.35 49.23 -12.83
N PHE K 329 -35.37 48.34 -12.67
CA PHE K 329 -33.99 48.71 -12.82
C PHE K 329 -33.33 47.49 -13.42
N VAL K 330 -32.94 47.64 -14.67
CA VAL K 330 -32.38 46.55 -15.45
C VAL K 330 -31.13 46.90 -16.24
N LYS K 331 -30.33 45.88 -16.49
CA LYS K 331 -29.13 46.00 -17.30
C LYS K 331 -29.36 45.06 -18.50
N LEU K 332 -29.42 45.65 -19.69
CA LEU K 332 -29.65 44.92 -20.91
C LEU K 332 -28.39 44.87 -21.76
N VAL K 333 -28.17 43.74 -22.42
CA VAL K 333 -26.99 43.56 -23.24
C VAL K 333 -27.34 43.28 -24.69
N SER K 334 -26.68 43.97 -25.61
CA SER K 334 -26.91 43.75 -27.04
C SER K 334 -25.60 43.85 -27.86
N TRP K 335 -25.37 42.84 -28.69
CA TRP K 335 -24.19 42.74 -29.51
C TRP K 335 -24.32 43.39 -30.85
N TYR K 336 -23.18 43.75 -31.42
CA TYR K 336 -23.16 44.33 -32.76
C TYR K 336 -21.83 44.19 -33.49
N ASP K 337 -21.89 43.80 -34.76
CA ASP K 337 -20.69 43.73 -35.56
C ASP K 337 -20.55 45.15 -36.08
N ASN K 338 -19.65 45.88 -35.46
CA ASN K 338 -19.44 47.25 -35.82
C ASN K 338 -19.02 47.53 -37.27
N GLU K 339 -18.63 46.51 -38.01
CA GLU K 339 -18.27 46.76 -39.40
C GLU K 339 -19.38 46.31 -40.29
N THR K 340 -19.80 45.07 -40.10
CA THR K 340 -20.83 44.48 -40.94
C THR K 340 -22.26 45.03 -40.78
N GLY K 341 -22.77 45.13 -39.56
CA GLY K 341 -24.11 45.63 -39.37
C GLY K 341 -24.29 47.03 -39.96
N TYR K 342 -23.46 47.95 -39.49
CA TYR K 342 -23.51 49.32 -39.96
C TYR K 342 -23.37 49.38 -41.47
N SER K 343 -22.43 48.64 -42.04
CA SER K 343 -22.24 48.68 -43.48
C SER K 343 -23.51 48.30 -44.19
N ASN K 344 -24.18 47.27 -43.71
CA ASN K 344 -25.42 46.89 -44.37
C ASN K 344 -26.51 47.94 -44.24
N LYS K 345 -26.60 48.56 -43.07
CA LYS K 345 -27.59 49.60 -42.90
C LYS K 345 -27.28 50.82 -43.74
N VAL K 346 -26.01 51.05 -44.08
CA VAL K 346 -25.68 52.18 -44.94
C VAL K 346 -26.39 51.88 -46.26
N LEU K 347 -26.28 50.64 -46.74
CA LEU K 347 -26.95 50.25 -47.98
C LEU K 347 -28.49 50.32 -47.82
N ASP K 348 -29.02 49.88 -46.68
CA ASP K 348 -30.43 50.01 -46.45
C ASP K 348 -30.88 51.48 -46.55
N LEU K 349 -30.09 52.40 -46.00
CA LEU K 349 -30.43 53.83 -46.05
C LEU K 349 -30.32 54.37 -47.46
N ILE K 350 -29.33 53.93 -48.22
CA ILE K 350 -29.18 54.35 -49.60
C ILE K 350 -30.42 53.96 -50.38
N ALA K 351 -30.86 52.73 -50.17
CA ALA K 351 -32.02 52.21 -50.86
C ALA K 351 -33.27 53.00 -50.46
N HIS K 352 -33.35 53.31 -49.18
CA HIS K 352 -34.51 54.04 -48.64
C HIS K 352 -34.66 55.43 -49.18
N ILE K 353 -33.57 56.19 -49.22
CA ILE K 353 -33.62 57.56 -49.74
C ILE K 353 -33.74 57.61 -51.27
N SER K 354 -33.57 56.46 -51.93
CA SER K 354 -33.71 56.38 -53.38
C SER K 354 -35.12 55.99 -53.85
N LYS K 355 -36.06 55.79 -52.92
CA LYS K 355 -37.45 55.49 -53.30
C LYS K 355 -38.02 56.74 -53.94
N MET L 25 31.92 66.36 -15.86
CA MET L 25 31.27 66.91 -17.11
C MET L 25 30.30 65.95 -17.77
N THR L 26 29.01 66.28 -17.75
CA THR L 26 28.00 65.44 -18.38
C THR L 26 27.91 65.90 -19.83
N ILE L 27 27.44 65.00 -20.69
CA ILE L 27 27.29 65.28 -22.10
C ILE L 27 25.88 65.76 -22.29
N LYS L 28 25.71 66.98 -22.77
CA LYS L 28 24.38 67.51 -23.01
C LYS L 28 23.78 66.92 -24.28
N VAL L 29 22.59 66.32 -24.15
CA VAL L 29 21.92 65.73 -25.28
C VAL L 29 20.56 66.33 -25.57
N GLY L 30 20.25 66.43 -26.86
CA GLY L 30 18.98 66.94 -27.31
C GLY L 30 18.30 65.79 -28.06
N ILE L 31 17.00 65.58 -27.82
CA ILE L 31 16.29 64.51 -28.48
C ILE L 31 15.34 65.08 -29.49
N ASN L 32 15.47 64.65 -30.73
CA ASN L 32 14.53 65.11 -31.74
C ASN L 32 13.66 63.92 -32.07
N GLY L 33 12.39 63.99 -31.67
CA GLY L 33 11.44 62.89 -31.90
C GLY L 33 11.23 62.19 -30.58
N PHE L 34 10.07 62.39 -29.98
CA PHE L 34 9.78 61.81 -28.69
C PHE L 34 8.83 60.62 -28.82
N GLY L 35 9.15 59.74 -29.75
CA GLY L 35 8.39 58.51 -30.01
C GLY L 35 8.86 57.41 -29.09
N ARG L 36 8.72 56.16 -29.52
CA ARG L 36 9.10 55.05 -28.63
C ARG L 36 10.56 55.11 -28.27
N ILE L 37 11.42 55.21 -29.27
CA ILE L 37 12.85 55.28 -29.00
C ILE L 37 13.22 56.54 -28.22
N GLY L 38 12.71 57.69 -28.66
CA GLY L 38 13.02 58.93 -27.97
C GLY L 38 12.70 58.85 -26.48
N ARG L 39 11.54 58.29 -26.16
CA ARG L 39 11.11 58.18 -24.76
C ARG L 39 11.86 57.17 -23.94
N ILE L 40 12.25 56.06 -24.55
CA ILE L 40 13.03 55.06 -23.82
C ILE L 40 14.47 55.56 -23.64
N VAL L 41 14.98 56.25 -24.65
CA VAL L 41 16.31 56.84 -24.55
C VAL L 41 16.27 57.82 -23.38
N PHE L 42 15.19 58.57 -23.30
CA PHE L 42 15.07 59.54 -22.24
C PHE L 42 15.12 58.88 -20.89
N ARG L 43 14.38 57.78 -20.71
CA ARG L 43 14.35 57.08 -19.40
C ARG L 43 15.68 56.48 -19.02
N ALA L 44 16.33 55.87 -20.01
CA ALA L 44 17.65 55.28 -19.79
C ALA L 44 18.70 56.32 -19.40
N ALA L 45 18.56 57.54 -19.94
CA ALA L 45 19.48 58.62 -19.65
C ALA L 45 19.43 59.07 -18.19
N GLN L 46 18.29 58.86 -17.52
CA GLN L 46 18.14 59.25 -16.11
C GLN L 46 19.00 58.41 -15.20
N LYS L 47 19.29 57.19 -15.64
CA LYS L 47 20.08 56.25 -14.86
C LYS L 47 21.57 56.35 -15.12
N ARG L 48 21.99 57.23 -16.03
CA ARG L 48 23.41 57.43 -16.32
C ARG L 48 23.80 58.84 -15.88
N SER L 49 24.94 58.95 -15.21
CA SER L 49 25.42 60.24 -14.74
C SER L 49 26.27 60.98 -15.78
N ASP L 50 26.73 60.26 -16.81
CA ASP L 50 27.55 60.89 -17.84
C ASP L 50 26.75 61.55 -18.96
N ILE L 51 25.42 61.41 -18.93
CA ILE L 51 24.55 61.98 -19.96
C ILE L 51 23.31 62.63 -19.38
N GLU L 52 23.03 63.83 -19.89
CA GLU L 52 21.88 64.62 -19.50
C GLU L 52 21.07 65.06 -20.68
N ILE L 53 19.77 64.77 -20.62
CA ILE L 53 18.89 65.25 -21.65
C ILE L 53 18.53 66.66 -21.21
N VAL L 54 18.74 67.64 -22.08
CA VAL L 54 18.46 69.03 -21.72
C VAL L 54 17.42 69.68 -22.62
N ALA L 55 17.02 68.96 -23.67
CA ALA L 55 16.02 69.47 -24.59
C ALA L 55 15.38 68.35 -25.39
N ILE L 56 14.12 68.57 -25.74
CA ILE L 56 13.33 67.64 -26.53
C ILE L 56 12.54 68.39 -27.57
N ASN L 57 12.50 67.87 -28.79
CA ASN L 57 11.73 68.50 -29.83
C ASN L 57 10.78 67.52 -30.46
N ASP L 58 9.53 67.92 -30.61
CA ASP L 58 8.54 67.08 -31.25
C ASP L 58 7.28 67.94 -31.37
N LEU L 59 6.38 67.54 -32.26
CA LEU L 59 5.14 68.25 -32.49
C LEU L 59 4.12 67.97 -31.40
N LEU L 60 4.47 68.26 -30.15
CA LEU L 60 3.59 67.95 -29.04
C LEU L 60 3.70 68.97 -27.95
N ASP L 61 2.56 69.32 -27.35
CA ASP L 61 2.56 70.25 -26.23
C ASP L 61 3.33 69.61 -25.07
N ALA L 62 3.92 70.43 -24.21
CA ALA L 62 4.67 69.93 -23.07
C ALA L 62 3.84 69.07 -22.14
N ASP L 63 2.58 69.46 -21.91
CA ASP L 63 1.71 68.68 -21.02
C ASP L 63 1.47 67.26 -21.56
N TYR L 64 1.48 67.13 -22.88
CA TYR L 64 1.28 65.83 -23.48
C TYR L 64 2.57 65.04 -23.45
N MET L 65 3.72 65.70 -23.62
CA MET L 65 4.98 64.95 -23.52
C MET L 65 5.10 64.40 -22.12
N ALA L 66 4.71 65.22 -21.15
CA ALA L 66 4.75 64.80 -19.76
C ALA L 66 3.95 63.53 -19.59
N TYR L 67 2.78 63.47 -20.21
CA TYR L 67 1.90 62.31 -20.10
C TYR L 67 2.55 61.10 -20.73
N MET L 68 3.11 61.27 -21.92
CA MET L 68 3.73 60.13 -22.63
C MET L 68 4.91 59.57 -21.86
N LEU L 69 5.49 60.43 -21.04
CA LEU L 69 6.63 60.07 -20.25
C LEU L 69 6.22 59.42 -18.93
N LYS L 70 5.23 60.01 -18.24
CA LYS L 70 4.78 59.50 -16.94
C LYS L 70 4.25 58.09 -17.08
N TYR L 71 3.41 57.84 -18.08
CA TYR L 71 2.78 56.52 -18.27
C TYR L 71 3.20 55.79 -19.54
N ASP L 72 3.52 54.50 -19.41
CA ASP L 72 3.95 53.69 -20.54
C ASP L 72 3.36 52.27 -20.38
N SER L 73 2.62 51.82 -21.38
CA SER L 73 1.97 50.55 -21.34
C SER L 73 2.91 49.38 -21.22
N THR L 74 4.09 49.51 -21.80
CA THR L 74 5.07 48.43 -21.81
C THR L 74 6.06 48.47 -20.67
N HIS L 75 6.54 49.66 -20.35
CA HIS L 75 7.55 49.82 -19.29
C HIS L 75 7.10 50.44 -17.98
N GLY L 76 5.79 50.54 -17.77
CA GLY L 76 5.27 51.05 -16.50
C GLY L 76 5.47 52.50 -16.32
N ARG L 77 5.17 52.96 -15.12
CA ARG L 77 5.27 54.39 -14.82
C ARG L 77 6.69 54.86 -14.67
N PHE L 78 6.91 56.10 -15.10
CA PHE L 78 8.21 56.72 -15.00
C PHE L 78 8.67 56.79 -13.56
N ASP L 79 9.89 56.32 -13.30
CA ASP L 79 10.43 56.33 -11.96
C ASP L 79 11.03 57.72 -11.67
N GLY L 80 10.18 58.66 -11.29
CA GLY L 80 10.64 60.01 -11.01
C GLY L 80 9.51 61.01 -11.09
N THR L 81 9.82 62.26 -10.80
CA THR L 81 8.83 63.33 -10.86
C THR L 81 8.89 64.09 -12.18
N VAL L 82 7.72 64.43 -12.69
CA VAL L 82 7.63 65.21 -13.92
C VAL L 82 6.48 66.23 -13.81
N GLU L 83 6.81 67.52 -13.96
CA GLU L 83 5.79 68.58 -13.92
C GLU L 83 6.03 69.54 -15.09
N VAL L 84 5.01 70.32 -15.44
CA VAL L 84 5.09 71.27 -16.54
C VAL L 84 5.10 72.70 -16.01
N LYS L 85 6.00 73.53 -16.52
CA LYS L 85 6.07 74.91 -16.08
C LYS L 85 6.46 75.82 -17.24
N ASP L 86 5.58 76.78 -17.55
CA ASP L 86 5.81 77.76 -18.62
C ASP L 86 6.07 77.12 -19.97
N GLY L 87 5.26 76.11 -20.29
CA GLY L 87 5.40 75.40 -21.56
C GLY L 87 6.64 74.53 -21.66
N HIS L 88 7.41 74.43 -20.58
CA HIS L 88 8.59 73.57 -20.55
C HIS L 88 8.40 72.46 -19.52
N LEU L 89 9.31 71.51 -19.55
CA LEU L 89 9.18 70.35 -18.72
C LEU L 89 10.21 70.32 -17.60
N ILE L 90 9.80 69.83 -16.43
CA ILE L 90 10.69 69.75 -15.27
C ILE L 90 10.67 68.34 -14.75
N VAL L 91 11.75 67.62 -15.04
CA VAL L 91 11.91 66.24 -14.67
C VAL L 91 12.98 66.05 -13.61
N ASN L 92 12.57 65.57 -12.44
CA ASN L 92 13.48 65.37 -11.33
C ASN L 92 14.21 66.67 -11.04
N GLY L 93 13.46 67.77 -11.03
CA GLY L 93 14.00 69.11 -10.74
C GLY L 93 14.93 69.75 -11.77
N LYS L 94 14.91 69.28 -13.02
CA LYS L 94 15.80 69.79 -14.07
C LYS L 94 14.97 70.31 -15.21
N LYS L 95 15.30 71.49 -15.74
CA LYS L 95 14.53 71.99 -16.90
C LYS L 95 14.93 71.30 -18.18
N ILE L 96 13.92 70.93 -18.94
CA ILE L 96 14.11 70.30 -20.22
C ILE L 96 13.43 71.24 -21.19
N ARG L 97 14.15 71.79 -22.15
CA ARG L 97 13.54 72.70 -23.10
C ARG L 97 12.70 71.93 -24.09
N VAL L 98 11.45 72.32 -24.21
CA VAL L 98 10.50 71.70 -25.10
C VAL L 98 10.24 72.63 -26.26
N THR L 99 10.43 72.12 -27.47
CA THR L 99 10.18 72.87 -28.68
C THR L 99 9.29 72.05 -29.61
N ALA L 100 8.74 72.72 -30.62
CA ALA L 100 7.85 72.06 -31.59
C ALA L 100 8.16 72.48 -33.02
N GLU L 101 9.44 72.57 -33.35
CA GLU L 101 9.91 72.91 -34.68
C GLU L 101 9.82 71.75 -35.67
N ARG L 102 9.29 72.02 -36.85
CA ARG L 102 9.15 71.01 -37.89
C ARG L 102 10.45 70.91 -38.66
N ASP L 103 11.09 72.06 -38.87
CA ASP L 103 12.35 72.14 -39.60
C ASP L 103 13.51 72.27 -38.60
N PRO L 104 14.36 71.23 -38.51
CA PRO L 104 15.50 71.17 -37.59
C PRO L 104 16.47 72.34 -37.60
N ALA L 105 16.55 73.10 -38.69
CA ALA L 105 17.48 74.22 -38.73
C ALA L 105 17.10 75.29 -37.70
N ASN L 106 15.84 75.28 -37.25
CA ASN L 106 15.34 76.27 -36.30
C ASN L 106 15.42 75.86 -34.85
N LEU L 107 15.99 74.69 -34.57
CA LEU L 107 16.06 74.19 -33.20
C LEU L 107 16.93 74.97 -32.23
N LYS L 108 17.88 75.76 -32.73
CA LYS L 108 18.75 76.53 -31.85
C LYS L 108 19.29 75.67 -30.70
N TRP L 109 19.94 74.55 -31.01
CA TRP L 109 20.48 73.66 -29.96
C TRP L 109 21.57 74.33 -29.10
N ASP L 110 22.36 75.20 -29.69
CA ASP L 110 23.43 75.88 -28.97
C ASP L 110 22.91 76.75 -27.80
N GLU L 111 21.65 77.19 -27.87
CA GLU L 111 21.07 78.00 -26.79
C GLU L 111 20.90 77.23 -25.49
N VAL L 112 20.78 75.91 -25.57
CA VAL L 112 20.64 75.12 -24.36
C VAL L 112 21.90 74.20 -24.21
N GLY L 113 22.96 74.60 -24.91
CA GLY L 113 24.26 73.91 -24.86
C GLY L 113 24.33 72.45 -25.24
N VAL L 114 23.55 72.03 -26.23
CA VAL L 114 23.55 70.64 -26.68
C VAL L 114 24.81 70.20 -27.42
N ASP L 115 25.43 69.14 -26.93
CA ASP L 115 26.64 68.56 -27.55
C ASP L 115 26.22 67.61 -28.68
N VAL L 116 25.37 66.66 -28.36
CA VAL L 116 24.92 65.67 -29.32
C VAL L 116 23.40 65.57 -29.42
N VAL L 117 22.93 65.33 -30.63
CA VAL L 117 21.50 65.16 -30.85
C VAL L 117 21.14 63.72 -31.21
N ALA L 118 20.14 63.17 -30.54
CA ALA L 118 19.65 61.84 -30.84
C ALA L 118 18.52 62.06 -31.82
N GLU L 119 18.79 61.79 -33.09
CA GLU L 119 17.78 61.99 -34.13
C GLU L 119 16.87 60.78 -34.17
N ALA L 120 15.69 60.91 -33.59
CA ALA L 120 14.77 59.77 -33.48
C ALA L 120 13.39 59.93 -34.08
N THR L 121 13.28 60.70 -35.15
CA THR L 121 11.99 60.93 -35.79
C THR L 121 11.77 59.94 -36.89
N GLY L 122 12.85 59.29 -37.34
CA GLY L 122 12.79 58.31 -38.41
C GLY L 122 12.74 58.96 -39.78
N LEU L 123 12.74 60.30 -39.82
CA LEU L 123 12.64 61.04 -41.08
C LEU L 123 13.93 61.66 -41.59
N PHE L 124 14.93 61.84 -40.73
CA PHE L 124 16.16 62.46 -41.17
C PHE L 124 17.33 61.48 -41.08
N LEU L 125 17.34 60.52 -41.99
CA LEU L 125 18.36 59.49 -42.02
C LEU L 125 19.39 59.62 -43.14
N THR L 126 19.61 60.84 -43.61
CA THR L 126 20.62 61.10 -44.64
C THR L 126 21.53 62.18 -44.08
N ASP L 127 22.70 62.35 -44.66
CA ASP L 127 23.60 63.35 -44.16
C ASP L 127 23.03 64.76 -44.23
N GLU L 128 22.42 65.13 -45.35
CA GLU L 128 21.94 66.50 -45.47
C GLU L 128 20.82 66.80 -44.49
N THR L 129 19.91 65.85 -44.29
CA THR L 129 18.81 66.09 -43.36
C THR L 129 19.27 66.16 -41.92
N ALA L 130 20.21 65.30 -41.54
CA ALA L 130 20.69 65.29 -40.16
C ALA L 130 21.63 66.43 -39.89
N ARG L 131 22.36 66.83 -40.94
CA ARG L 131 23.34 67.92 -40.88
C ARG L 131 22.69 69.18 -40.33
N LYS L 132 21.38 69.31 -40.54
CA LYS L 132 20.67 70.49 -40.06
C LYS L 132 20.82 70.74 -38.56
N HIS L 133 20.95 69.68 -37.77
CA HIS L 133 21.11 69.84 -36.33
C HIS L 133 22.43 70.52 -36.03
N ILE L 134 23.43 70.21 -36.84
CA ILE L 134 24.73 70.82 -36.66
C ILE L 134 24.65 72.30 -37.07
N THR L 135 23.92 72.57 -38.16
CA THR L 135 23.75 73.94 -38.62
C THR L 135 23.06 74.72 -37.50
N ALA L 136 22.21 74.02 -36.75
CA ALA L 136 21.43 74.63 -35.66
C ALA L 136 22.17 74.69 -34.30
N GLY L 137 23.48 74.43 -34.29
CA GLY L 137 24.25 74.50 -33.04
C GLY L 137 24.74 73.23 -32.37
N ALA L 138 24.22 72.07 -32.75
CA ALA L 138 24.68 70.83 -32.13
C ALA L 138 26.03 70.47 -32.73
N LYS L 139 26.87 69.78 -31.97
CA LYS L 139 28.20 69.40 -32.46
C LYS L 139 28.14 68.07 -33.24
N LYS L 140 27.41 67.09 -32.71
CA LYS L 140 27.29 65.79 -33.39
C LYS L 140 25.89 65.24 -33.36
N VAL L 141 25.64 64.25 -34.21
CA VAL L 141 24.34 63.64 -34.34
C VAL L 141 24.40 62.11 -34.43
N VAL L 142 23.50 61.46 -33.70
CA VAL L 142 23.37 60.03 -33.73
C VAL L 142 21.97 59.67 -34.23
N MET L 143 21.89 59.09 -35.43
CA MET L 143 20.63 58.66 -36.00
C MET L 143 20.22 57.39 -35.26
N THR L 144 18.97 57.34 -34.78
CA THR L 144 18.49 56.16 -34.07
C THR L 144 17.83 55.21 -35.06
N GLY L 145 18.43 55.05 -36.22
CA GLY L 145 17.94 54.12 -37.22
C GLY L 145 19.00 53.92 -38.29
N PRO L 146 18.84 52.91 -39.14
CA PRO L 146 19.87 52.74 -40.16
C PRO L 146 19.81 53.88 -41.14
N SER L 147 20.97 54.31 -41.59
CA SER L 147 21.06 55.41 -42.54
C SER L 147 20.64 55.04 -43.96
N LYS L 148 19.90 55.93 -44.61
CA LYS L 148 19.44 55.71 -45.99
C LYS L 148 20.51 56.05 -46.99
N ASP L 149 21.52 56.82 -46.58
CA ASP L 149 22.63 57.14 -47.46
C ASP L 149 23.81 56.34 -46.91
N ASN L 150 25.04 56.81 -47.12
CA ASN L 150 26.19 56.10 -46.64
C ASN L 150 26.76 56.60 -45.32
N THR L 151 25.90 57.23 -44.52
CA THR L 151 26.32 57.66 -43.20
C THR L 151 26.75 56.36 -42.47
N PRO L 152 27.94 56.38 -41.86
CA PRO L 152 28.46 55.17 -41.21
C PRO L 152 27.66 54.68 -40.03
N MET L 153 27.53 53.36 -39.93
CA MET L 153 26.78 52.74 -38.84
C MET L 153 27.71 52.07 -37.83
N PHE L 154 27.33 52.16 -36.56
CA PHE L 154 28.13 51.57 -35.49
C PHE L 154 27.25 50.76 -34.57
N VAL L 155 27.73 49.58 -34.20
CA VAL L 155 27.00 48.66 -33.34
C VAL L 155 27.92 48.19 -32.24
N LYS L 156 27.54 48.46 -30.99
CA LYS L 156 28.37 48.08 -29.85
C LYS L 156 28.53 46.58 -29.84
N GLY L 157 29.78 46.15 -29.65
CA GLY L 157 30.12 44.75 -29.64
C GLY L 157 30.67 44.34 -30.99
N ALA L 158 30.51 45.18 -31.99
CA ALA L 158 30.93 44.85 -33.34
C ALA L 158 31.95 45.79 -33.89
N ASN L 159 31.67 47.09 -33.90
CA ASN L 159 32.62 48.03 -34.48
C ASN L 159 32.74 49.42 -33.87
N PHE L 160 32.45 49.59 -32.58
CA PHE L 160 32.63 50.91 -31.97
C PHE L 160 34.07 51.39 -32.17
N ASP L 161 35.05 50.49 -32.05
CA ASP L 161 36.46 50.83 -32.23
C ASP L 161 36.76 51.49 -33.59
N LYS L 162 35.95 51.20 -34.60
CA LYS L 162 36.10 51.81 -35.94
C LYS L 162 35.67 53.28 -36.04
N TYR L 163 35.00 53.81 -35.03
CA TYR L 163 34.60 55.22 -35.08
C TYR L 163 35.87 56.03 -35.30
N ALA L 164 35.79 56.98 -36.23
CA ALA L 164 36.91 57.82 -36.59
C ALA L 164 36.64 59.34 -36.55
N GLY L 165 35.96 59.79 -35.50
CA GLY L 165 35.67 61.21 -35.36
C GLY L 165 34.56 61.81 -36.21
N GLN L 166 33.81 61.00 -36.98
CA GLN L 166 32.71 61.55 -37.81
C GLN L 166 31.71 62.30 -36.92
N ASP L 167 31.07 63.32 -37.46
CA ASP L 167 30.13 64.14 -36.69
C ASP L 167 28.69 63.67 -36.81
N ILE L 168 28.44 62.81 -37.78
CA ILE L 168 27.12 62.23 -37.99
C ILE L 168 27.26 60.71 -38.15
N VAL L 169 26.58 59.97 -37.28
CA VAL L 169 26.61 58.51 -37.31
C VAL L 169 25.23 57.89 -37.09
N SER L 170 25.16 56.58 -37.29
CA SER L 170 23.93 55.80 -37.13
C SER L 170 24.19 54.63 -36.22
N ASN L 171 23.24 54.32 -35.33
CA ASN L 171 23.39 53.19 -34.41
C ASN L 171 22.72 51.95 -35.03
N ALA L 172 22.55 51.96 -36.36
CA ALA L 172 21.94 50.86 -37.08
C ALA L 172 20.51 50.60 -36.62
N SER L 173 20.06 49.35 -36.72
CA SER L 173 18.74 48.96 -36.29
C SER L 173 18.77 48.04 -35.05
N CYS L 174 17.62 47.83 -34.43
CA CYS L 174 17.51 46.97 -33.24
C CYS L 174 17.93 45.56 -33.59
N THR L 175 17.47 45.07 -34.73
CA THR L 175 17.81 43.72 -35.18
C THR L 175 19.31 43.59 -35.48
N THR L 176 19.89 44.57 -36.14
CA THR L 176 21.32 44.49 -36.41
C THR L 176 22.10 44.48 -35.09
N ASN L 177 21.64 45.23 -34.08
CA ASN L 177 22.31 45.19 -32.79
C ASN L 177 22.23 43.81 -32.11
N CYS L 178 21.22 43.01 -32.45
CA CYS L 178 21.12 41.68 -31.86
C CYS L 178 21.99 40.69 -32.60
N LEU L 179 21.92 40.78 -33.91
CA LEU L 179 22.64 39.86 -34.78
C LEU L 179 24.14 40.05 -34.89
N ALA L 180 24.58 41.27 -35.03
CA ALA L 180 26.02 41.52 -35.21
C ALA L 180 26.92 40.93 -34.12
N PRO L 181 26.62 41.21 -32.83
CA PRO L 181 27.47 40.66 -31.79
C PRO L 181 27.54 39.14 -31.79
N LEU L 182 26.40 38.49 -31.96
CA LEU L 182 26.37 37.05 -32.01
C LEU L 182 27.16 36.53 -33.18
N ALA L 183 26.89 37.06 -34.36
CA ALA L 183 27.61 36.65 -35.58
C ALA L 183 29.11 36.83 -35.45
N LYS L 184 29.53 37.95 -34.87
CA LYS L 184 30.94 38.22 -34.70
C LYS L 184 31.60 37.10 -33.90
N VAL L 185 30.96 36.70 -32.80
CA VAL L 185 31.50 35.65 -31.94
C VAL L 185 31.57 34.35 -32.68
N ILE L 186 30.47 33.98 -33.33
CA ILE L 186 30.41 32.73 -34.06
C ILE L 186 31.45 32.70 -35.16
N ASN L 187 31.54 33.79 -35.90
CA ASN L 187 32.48 33.87 -36.99
C ASN L 187 33.90 33.83 -36.51
N ASP L 188 34.24 34.65 -35.50
CA ASP L 188 35.61 34.66 -34.97
C ASP L 188 36.06 33.29 -34.51
N ASN L 189 35.18 32.56 -33.87
CA ASN L 189 35.50 31.24 -33.38
C ASN L 189 35.38 30.09 -34.35
N PHE L 190 34.39 30.12 -35.24
CA PHE L 190 34.18 28.96 -36.12
C PHE L 190 34.10 29.26 -37.59
N GLY L 191 33.99 30.54 -37.93
CA GLY L 191 33.92 30.95 -39.32
C GLY L 191 32.57 30.70 -39.97
N ILE L 192 31.86 31.77 -40.27
CA ILE L 192 30.59 31.67 -40.94
C ILE L 192 30.78 31.66 -42.45
N ILE L 193 30.41 30.57 -43.08
CA ILE L 193 30.53 30.43 -44.53
C ILE L 193 29.38 31.17 -45.16
N GLU L 194 28.18 30.90 -44.64
CA GLU L 194 26.96 31.53 -45.12
C GLU L 194 25.90 31.35 -44.06
N GLY L 195 24.95 32.27 -44.02
CA GLY L 195 23.88 32.19 -43.06
C GLY L 195 22.63 32.92 -43.47
N LEU L 196 21.50 32.44 -43.00
CA LEU L 196 20.18 33.03 -43.27
C LEU L 196 19.55 33.23 -41.93
N MET L 197 18.91 34.37 -41.72
CA MET L 197 18.33 34.60 -40.42
C MET L 197 16.90 35.06 -40.51
N THR L 198 16.17 34.83 -39.45
CA THR L 198 14.79 35.18 -39.37
C THR L 198 14.58 35.82 -38.06
N THR L 199 13.85 36.93 -38.03
CA THR L 199 13.53 37.52 -36.76
C THR L 199 12.03 37.52 -36.56
N VAL L 200 11.59 36.97 -35.42
CA VAL L 200 10.16 36.95 -35.05
C VAL L 200 10.14 38.24 -34.24
N HIS L 201 9.49 39.25 -34.80
CA HIS L 201 9.51 40.59 -34.27
C HIS L 201 8.21 41.10 -33.74
N ALA L 202 8.29 41.87 -32.66
CA ALA L 202 7.11 42.44 -32.01
C ALA L 202 6.52 43.50 -32.87
N THR L 203 5.28 43.81 -32.61
CA THR L 203 4.58 44.80 -33.34
C THR L 203 5.21 46.17 -33.05
N THR L 204 5.21 47.06 -34.05
CA THR L 204 5.73 48.41 -33.85
C THR L 204 4.75 49.47 -34.32
N ALA L 205 5.13 50.73 -34.09
CA ALA L 205 4.32 51.87 -34.44
C ALA L 205 3.96 52.00 -35.93
N THR L 206 4.74 51.43 -36.83
CA THR L 206 4.43 51.54 -38.25
C THR L 206 3.28 50.62 -38.67
N GLN L 207 2.83 49.74 -37.80
CA GLN L 207 1.77 48.82 -38.15
C GLN L 207 0.40 49.40 -37.82
N LYS L 208 -0.65 48.65 -38.17
CA LYS L 208 -2.03 49.10 -37.99
C LYS L 208 -2.86 48.20 -37.09
N THR L 209 -3.79 48.80 -36.37
CA THR L 209 -4.66 48.06 -35.48
C THR L 209 -5.62 47.16 -36.23
N VAL L 210 -6.10 47.61 -37.37
CA VAL L 210 -6.97 46.78 -38.21
C VAL L 210 -6.50 47.00 -39.68
N ASP L 211 -6.84 46.08 -40.58
CA ASP L 211 -6.42 46.22 -41.98
C ASP L 211 -6.56 47.68 -42.47
N GLY L 212 -5.43 48.31 -42.69
CA GLY L 212 -5.37 49.68 -43.15
C GLY L 212 -4.31 49.84 -44.23
N PRO L 213 -4.11 51.08 -44.71
CA PRO L 213 -3.17 51.37 -45.79
C PRO L 213 -1.69 51.51 -45.42
N SER L 214 -0.85 50.89 -46.23
CA SER L 214 0.60 50.93 -46.11
C SER L 214 1.04 50.73 -47.58
N HIS L 215 1.04 51.82 -48.35
N HIS L 215 1.05 51.84 -48.35
CA HIS L 215 1.34 51.83 -49.79
CA HIS L 215 1.36 51.81 -49.80
C HIS L 215 2.69 51.21 -50.15
C HIS L 215 2.70 51.23 -50.17
N LYS L 216 3.71 51.41 -49.32
CA LYS L 216 5.06 50.87 -49.63
C LYS L 216 5.26 49.44 -49.09
N ASP L 217 4.38 48.98 -48.20
CA ASP L 217 4.47 47.64 -47.62
C ASP L 217 3.09 47.08 -47.35
N TRP L 218 2.48 46.54 -48.38
CA TRP L 218 1.11 46.02 -48.30
C TRP L 218 0.87 45.08 -47.13
N ARG L 219 1.72 44.09 -46.95
CA ARG L 219 1.48 43.14 -45.85
C ARG L 219 1.51 43.88 -44.50
N GLY L 220 2.39 44.87 -44.40
CA GLY L 220 2.55 45.67 -43.19
C GLY L 220 1.34 46.44 -42.75
N GLY L 221 0.41 46.71 -43.66
CA GLY L 221 -0.81 47.42 -43.31
C GLY L 221 -1.91 46.52 -42.73
N ARG L 222 -1.66 45.21 -42.70
CA ARG L 222 -2.68 44.27 -42.22
C ARG L 222 -2.72 44.29 -40.71
N GLY L 223 -3.91 44.04 -40.19
CA GLY L 223 -4.14 44.05 -38.74
C GLY L 223 -3.04 43.36 -37.98
N ALA L 224 -2.34 44.11 -37.14
CA ALA L 224 -1.20 43.59 -36.39
C ALA L 224 -1.53 42.52 -35.36
N SER L 225 -2.57 42.72 -34.59
CA SER L 225 -2.95 41.74 -33.59
C SER L 225 -3.57 40.43 -34.11
N GLN L 226 -4.00 40.37 -35.35
CA GLN L 226 -4.65 39.18 -35.90
C GLN L 226 -3.74 38.33 -36.74
N ASN L 227 -2.56 38.88 -37.05
CA ASN L 227 -1.68 38.22 -38.01
C ASN L 227 -0.22 38.02 -37.73
N ILE L 228 0.32 37.02 -38.42
CA ILE L 228 1.74 36.72 -38.48
C ILE L 228 2.03 37.39 -39.83
N ILE L 229 2.85 38.43 -39.84
CA ILE L 229 3.08 39.17 -41.07
C ILE L 229 4.50 39.12 -41.57
N PRO L 230 4.71 38.49 -42.72
CA PRO L 230 6.06 38.47 -43.25
C PRO L 230 6.52 39.86 -43.57
N SER L 231 7.80 40.09 -43.45
CA SER L 231 8.33 41.40 -43.68
C SER L 231 9.80 41.36 -44.07
N SER L 232 10.23 42.39 -44.79
CA SER L 232 11.62 42.48 -45.20
C SER L 232 12.42 43.20 -44.15
N THR L 233 13.71 42.92 -44.12
CA THR L 233 14.62 43.57 -43.20
C THR L 233 16.03 43.36 -43.71
N GLY L 234 16.64 44.44 -44.18
CA GLY L 234 18.02 44.37 -44.67
C GLY L 234 19.03 44.25 -43.53
N ALA L 235 18.51 44.20 -42.30
CA ALA L 235 19.32 44.08 -41.06
C ALA L 235 20.36 43.02 -41.14
N ALA L 236 20.06 41.92 -41.82
CA ALA L 236 21.03 40.82 -41.94
C ALA L 236 22.12 41.20 -42.93
N LYS L 237 21.70 41.85 -44.01
CA LYS L 237 22.64 42.29 -45.03
C LYS L 237 23.49 43.46 -44.46
N ALA L 238 22.86 44.34 -43.66
CA ALA L 238 23.54 45.49 -43.01
C ALA L 238 24.65 45.04 -42.04
N VAL L 239 24.65 43.77 -41.64
CA VAL L 239 25.68 43.27 -40.76
C VAL L 239 26.98 43.38 -41.55
N GLY L 240 26.87 43.22 -42.87
CA GLY L 240 28.03 43.29 -43.77
C GLY L 240 28.75 44.61 -43.65
N LYS L 241 28.04 45.66 -43.27
CA LYS L 241 28.65 46.97 -43.10
C LYS L 241 29.34 47.17 -41.76
N VAL L 242 28.77 46.69 -40.68
CA VAL L 242 29.45 46.83 -39.37
C VAL L 242 30.52 45.74 -39.21
N LEU L 243 30.38 44.65 -39.97
CA LEU L 243 31.32 43.52 -39.94
C LEU L 243 31.66 43.16 -41.37
N PRO L 244 32.50 43.98 -42.01
CA PRO L 244 32.90 43.78 -43.40
C PRO L 244 33.20 42.32 -43.77
N GLU L 245 33.82 41.59 -42.86
CA GLU L 245 34.20 40.22 -43.14
C GLU L 245 32.99 39.32 -43.46
N LEU L 246 31.79 39.76 -43.11
CA LEU L 246 30.58 38.98 -43.35
C LEU L 246 29.74 39.54 -44.46
N ASN L 247 30.30 40.52 -45.16
CA ASN L 247 29.60 41.12 -46.28
C ASN L 247 29.25 40.04 -47.31
N GLY L 248 28.00 39.99 -47.72
CA GLY L 248 27.55 39.01 -48.72
C GLY L 248 27.31 37.60 -48.22
N LYS L 249 27.57 37.36 -46.94
CA LYS L 249 27.37 36.04 -46.34
C LYS L 249 26.08 35.84 -45.53
N LEU L 250 25.36 36.91 -45.25
CA LEU L 250 24.12 36.82 -44.48
C LEU L 250 23.04 37.65 -45.05
N THR L 251 21.82 37.18 -44.88
CA THR L 251 20.65 37.91 -45.32
C THR L 251 19.51 37.26 -44.56
N GLY L 252 18.32 37.82 -44.64
CA GLY L 252 17.22 37.24 -43.91
C GLY L 252 15.92 37.94 -44.06
N MET L 253 14.99 37.58 -43.19
CA MET L 253 13.66 38.19 -43.22
C MET L 253 13.01 38.21 -41.85
N ALA L 254 11.77 38.69 -41.80
CA ALA L 254 11.08 38.81 -40.53
C ALA L 254 9.64 38.46 -40.59
N PHE L 255 9.12 38.14 -39.41
CA PHE L 255 7.75 37.83 -39.24
C PHE L 255 7.32 38.71 -38.08
N ARG L 256 6.34 39.59 -38.33
CA ARG L 256 5.84 40.48 -37.31
C ARG L 256 4.71 39.73 -36.65
N VAL L 257 4.78 39.56 -35.33
CA VAL L 257 3.72 38.85 -34.60
C VAL L 257 3.06 39.76 -33.58
N PRO L 258 1.90 39.37 -33.06
CA PRO L 258 1.17 40.21 -32.13
C PRO L 258 1.65 40.33 -30.68
N THR L 259 2.85 40.83 -30.47
CA THR L 259 3.33 41.07 -29.11
C THR L 259 3.75 42.55 -29.13
N PRO L 260 3.57 43.26 -28.03
CA PRO L 260 3.86 44.67 -28.00
C PRO L 260 5.33 45.06 -27.89
N ASN L 261 6.18 44.14 -27.46
CA ASN L 261 7.60 44.42 -27.34
C ASN L 261 8.42 43.15 -27.15
N VAL L 262 9.70 43.20 -27.50
CA VAL L 262 10.64 42.05 -27.42
C VAL L 262 10.53 41.16 -28.66
N SER L 263 11.68 40.94 -29.27
CA SER L 263 11.78 40.18 -30.50
C SER L 263 12.89 39.14 -30.35
N VAL L 264 13.06 38.31 -31.35
CA VAL L 264 14.07 37.25 -31.29
C VAL L 264 14.62 36.88 -32.65
N VAL L 265 15.92 36.61 -32.75
CA VAL L 265 16.48 36.22 -34.04
C VAL L 265 16.75 34.71 -34.02
N ASP L 266 16.58 34.12 -35.20
CA ASP L 266 16.77 32.72 -35.48
C ASP L 266 17.82 32.66 -36.61
N LEU L 267 19.07 32.57 -36.20
CA LEU L 267 20.20 32.53 -37.14
C LEU L 267 20.61 31.13 -37.50
N THR L 268 20.46 30.79 -38.76
CA THR L 268 20.83 29.48 -39.26
C THR L 268 22.11 29.65 -40.05
N VAL L 269 23.23 29.15 -39.53
CA VAL L 269 24.52 29.29 -40.23
C VAL L 269 25.25 27.99 -40.52
N ARG L 270 26.16 28.08 -41.49
CA ARG L 270 26.96 26.93 -41.87
C ARG L 270 28.35 27.33 -41.45
N LEU L 271 29.01 26.48 -40.65
CA LEU L 271 30.34 26.79 -40.14
C LEU L 271 31.51 26.15 -40.88
N GLU L 272 32.62 26.87 -40.91
CA GLU L 272 33.85 26.40 -41.56
C GLU L 272 34.49 25.36 -40.66
N LYS L 273 34.73 25.72 -39.39
CA LYS L 273 35.27 24.78 -38.39
C LYS L 273 34.14 24.05 -37.67
N ALA L 274 34.25 22.74 -37.59
CA ALA L 274 33.26 21.94 -36.91
C ALA L 274 33.20 22.33 -35.45
N ALA L 275 31.99 22.35 -34.92
CA ALA L 275 31.79 22.70 -33.52
C ALA L 275 30.54 22.10 -32.98
N THR L 276 30.67 21.37 -31.88
CA THR L 276 29.51 20.79 -31.22
C THR L 276 28.72 21.94 -30.62
N TYR L 277 27.47 21.68 -30.28
CA TYR L 277 26.63 22.73 -29.69
C TYR L 277 27.21 23.14 -28.33
N GLU L 278 27.78 22.20 -27.61
CA GLU L 278 28.35 22.55 -26.34
C GLU L 278 29.48 23.58 -26.52
N GLN L 279 30.25 23.46 -27.61
CA GLN L 279 31.38 24.37 -27.87
C GLN L 279 30.91 25.77 -28.22
N ILE L 280 29.80 25.82 -28.93
CA ILE L 280 29.21 27.08 -29.31
C ILE L 280 28.76 27.78 -28.04
N LYS L 281 28.06 27.04 -27.17
CA LYS L 281 27.59 27.58 -25.91
C LYS L 281 28.77 28.19 -25.14
N ALA L 282 29.86 27.44 -25.03
CA ALA L 282 31.05 27.95 -24.34
C ALA L 282 31.63 29.22 -24.98
N ALA L 283 31.63 29.29 -26.30
CA ALA L 283 32.18 30.45 -27.01
C ALA L 283 31.39 31.71 -26.70
N VAL L 284 30.07 31.58 -26.77
CA VAL L 284 29.19 32.70 -26.51
C VAL L 284 29.26 33.11 -25.07
N LYS L 285 29.19 32.12 -24.18
CA LYS L 285 29.24 32.39 -22.75
C LYS L 285 30.53 33.12 -22.40
N ALA L 286 31.62 32.76 -23.08
CA ALA L 286 32.91 33.40 -22.82
C ALA L 286 32.85 34.86 -23.22
N ALA L 287 32.31 35.10 -24.40
CA ALA L 287 32.17 36.46 -24.90
C ALA L 287 31.25 37.31 -24.02
N ALA L 288 30.18 36.70 -23.55
CA ALA L 288 29.22 37.39 -22.69
C ALA L 288 29.79 37.78 -21.36
N GLU L 289 30.67 36.96 -20.81
CA GLU L 289 31.29 37.21 -19.51
C GLU L 289 32.56 38.03 -19.66
N GLY L 290 33.07 38.10 -20.89
CA GLY L 290 34.30 38.85 -21.15
C GLY L 290 34.22 40.14 -21.96
N GLU L 291 34.81 40.09 -23.15
CA GLU L 291 34.88 41.23 -24.06
C GLU L 291 33.53 41.91 -24.42
N MET L 292 32.46 41.15 -24.60
CA MET L 292 31.17 41.74 -24.93
C MET L 292 30.21 41.78 -23.74
N LYS L 293 30.73 41.99 -22.55
CA LYS L 293 29.86 42.04 -21.38
C LYS L 293 28.95 43.24 -21.51
N GLY L 294 27.69 43.09 -21.11
CA GLY L 294 26.70 44.18 -21.22
C GLY L 294 26.02 44.30 -22.57
N VAL L 295 26.62 43.70 -23.60
CA VAL L 295 26.08 43.71 -24.93
C VAL L 295 25.46 42.35 -25.25
N LEU L 296 26.28 41.32 -25.20
CA LEU L 296 25.83 39.98 -25.46
C LEU L 296 25.58 39.25 -24.13
N GLY L 297 24.38 38.71 -23.99
CA GLY L 297 24.02 37.96 -22.80
C GLY L 297 23.94 36.48 -23.10
N TYR L 298 23.81 35.67 -22.06
CA TYR L 298 23.71 34.23 -22.22
C TYR L 298 22.78 33.64 -21.18
N THR L 299 21.91 32.72 -21.57
CA THR L 299 21.00 32.08 -20.60
C THR L 299 20.74 30.63 -20.96
N GLU L 300 20.49 29.82 -19.95
CA GLU L 300 20.18 28.42 -20.14
C GLU L 300 18.81 28.12 -19.52
N ASP L 301 18.09 29.18 -19.14
CA ASP L 301 16.79 29.03 -18.50
C ASP L 301 15.70 28.91 -19.55
N ASP L 302 14.51 28.49 -19.11
CA ASP L 302 13.35 28.30 -19.96
C ASP L 302 12.57 29.60 -20.13
N VAL L 303 13.22 30.55 -20.78
CA VAL L 303 12.66 31.85 -20.98
C VAL L 303 11.66 32.01 -22.12
N VAL L 304 10.86 33.07 -22.02
CA VAL L 304 9.95 33.44 -23.06
C VAL L 304 10.17 34.93 -23.25
N SER L 305 9.63 35.49 -24.33
CA SER L 305 9.83 36.90 -24.63
C SER L 305 9.66 37.90 -23.50
N THR L 306 8.63 37.76 -22.68
CA THR L 306 8.41 38.73 -21.59
C THR L 306 9.52 38.76 -20.59
N ASP L 307 10.29 37.69 -20.53
CA ASP L 307 11.41 37.69 -19.61
C ASP L 307 12.51 38.68 -20.01
N PHE L 308 12.41 39.28 -21.19
CA PHE L 308 13.39 40.25 -21.65
C PHE L 308 12.83 41.66 -21.78
N ASN L 309 11.61 41.84 -21.30
CA ASN L 309 11.05 43.17 -21.36
C ASN L 309 11.90 43.97 -20.39
N GLY L 310 12.58 44.98 -20.88
CA GLY L 310 13.42 45.81 -20.00
C GLY L 310 14.90 45.46 -20.10
N GLU L 311 15.22 44.39 -20.82
CA GLU L 311 16.56 43.95 -21.00
C GLU L 311 17.46 44.96 -21.69
N VAL L 312 18.61 45.22 -21.10
CA VAL L 312 19.57 46.15 -21.63
C VAL L 312 20.52 45.52 -22.62
N CYS L 313 20.84 44.23 -22.47
CA CYS L 313 21.74 43.60 -23.43
C CYS L 313 21.02 43.64 -24.76
N THR L 314 21.76 43.85 -25.82
CA THR L 314 21.17 43.91 -27.16
C THR L 314 21.04 42.56 -27.83
N SER L 315 21.57 41.51 -27.21
CA SER L 315 21.47 40.19 -27.76
C SER L 315 21.65 39.20 -26.64
N VAL L 316 20.63 38.37 -26.38
CA VAL L 316 20.74 37.39 -25.31
C VAL L 316 20.57 35.99 -25.85
N PHE L 317 21.68 35.27 -25.94
CA PHE L 317 21.70 33.91 -26.46
C PHE L 317 20.89 32.98 -25.61
N ASP L 318 20.06 32.20 -26.28
CA ASP L 318 19.17 31.24 -25.62
C ASP L 318 19.72 29.86 -25.96
N ALA L 319 20.49 29.32 -25.05
CA ALA L 319 21.11 28.04 -25.27
C ALA L 319 20.15 26.90 -25.57
N LYS L 320 19.17 26.69 -24.70
CA LYS L 320 18.21 25.57 -24.90
C LYS L 320 17.31 25.66 -26.14
N ALA L 321 17.04 26.87 -26.62
CA ALA L 321 16.18 27.04 -27.77
C ALA L 321 16.81 26.67 -29.09
N GLY L 322 18.12 26.84 -29.19
CA GLY L 322 18.81 26.54 -30.45
C GLY L 322 18.91 25.07 -30.69
N ILE L 323 19.13 24.71 -31.93
CA ILE L 323 19.27 23.31 -32.29
C ILE L 323 20.34 23.15 -33.38
N ALA L 324 21.08 22.05 -33.32
CA ALA L 324 22.15 21.78 -34.28
C ALA L 324 21.85 20.54 -35.07
N LEU L 325 21.90 20.63 -36.38
CA LEU L 325 21.69 19.44 -37.18
C LEU L 325 22.99 18.60 -37.11
N ASN L 326 24.12 19.28 -37.18
CA ASN L 326 25.40 18.65 -37.14
C ASN L 326 26.48 19.66 -36.74
N ASP L 327 27.71 19.20 -36.62
CA ASP L 327 28.82 20.07 -36.24
C ASP L 327 29.08 21.27 -37.17
N ASN L 328 28.40 21.34 -38.32
CA ASN L 328 28.63 22.46 -39.24
C ASN L 328 27.40 23.17 -39.77
N PHE L 329 26.24 22.87 -39.23
CA PHE L 329 25.00 23.50 -39.67
C PHE L 329 24.15 23.63 -38.41
N VAL L 330 23.99 24.87 -37.96
CA VAL L 330 23.31 25.17 -36.75
C VAL L 330 22.29 26.28 -36.82
N LYS L 331 21.32 26.24 -35.91
CA LYS L 331 20.30 27.28 -35.78
C LYS L 331 20.46 27.86 -34.37
N LEU L 332 20.85 29.12 -34.31
CA LEU L 332 21.08 29.82 -33.06
C LEU L 332 19.97 30.83 -32.79
N VAL L 333 19.59 30.94 -31.52
CA VAL L 333 18.53 31.86 -31.13
C VAL L 333 19.01 32.92 -30.16
N SER L 334 18.68 34.16 -30.44
CA SER L 334 19.02 35.23 -29.52
C SER L 334 17.88 36.28 -29.39
N TRP L 335 17.52 36.57 -28.14
CA TRP L 335 16.49 37.54 -27.79
C TRP L 335 16.94 38.98 -27.71
N TYR L 336 16.01 39.91 -27.91
CA TYR L 336 16.30 41.33 -27.79
C TYR L 336 15.08 42.20 -27.50
N ASP L 337 15.23 43.12 -26.55
CA ASP L 337 14.17 44.05 -26.27
C ASP L 337 14.41 45.16 -27.30
N ASN L 338 13.63 45.14 -28.34
CA ASN L 338 13.75 46.13 -29.42
C ASN L 338 13.62 47.61 -29.04
N GLU L 339 13.08 47.91 -27.86
CA GLU L 339 13.01 49.30 -27.45
C GLU L 339 14.14 49.62 -26.48
N THR L 340 14.23 48.84 -25.40
CA THR L 340 15.22 49.08 -24.37
C THR L 340 16.70 48.84 -24.76
N GLY L 341 17.03 47.72 -25.38
CA GLY L 341 18.41 47.46 -25.72
C GLY L 341 18.98 48.55 -26.62
N TYR L 342 18.32 48.73 -27.75
CA TYR L 342 18.73 49.71 -28.73
C TYR L 342 18.84 51.09 -28.08
N SER L 343 17.83 51.49 -27.33
CA SER L 343 17.88 52.79 -26.69
C SER L 343 19.12 52.95 -25.84
N ASN L 344 19.46 51.95 -25.03
CA ASN L 344 20.69 52.06 -24.23
C ASN L 344 21.96 52.16 -25.08
N LYS L 345 22.02 51.41 -26.17
CA LYS L 345 23.19 51.49 -27.05
C LYS L 345 23.28 52.83 -27.76
N VAL L 346 22.16 53.52 -27.94
CA VAL L 346 22.21 54.82 -28.58
C VAL L 346 23.01 55.65 -27.62
N LEU L 347 22.70 55.56 -26.34
CA LEU L 347 23.43 56.33 -25.33
C LEU L 347 24.91 55.91 -25.28
N ASP L 348 25.16 54.60 -25.40
CA ASP L 348 26.55 54.10 -25.39
C ASP L 348 27.31 54.73 -26.55
N LEU L 349 26.66 54.81 -27.71
CA LEU L 349 27.28 55.42 -28.89
C LEU L 349 27.50 56.94 -28.71
N ILE L 350 26.51 57.62 -28.12
CA ILE L 350 26.66 59.03 -27.84
C ILE L 350 27.90 59.26 -26.95
N ALA L 351 28.02 58.46 -25.91
CA ALA L 351 29.15 58.55 -24.99
C ALA L 351 30.46 58.26 -25.69
N HIS L 352 30.43 57.27 -26.58
CA HIS L 352 31.62 56.87 -27.31
C HIS L 352 32.14 57.94 -28.26
N ILE L 353 31.26 58.56 -29.05
CA ILE L 353 31.68 59.59 -29.99
C ILE L 353 32.03 60.90 -29.30
N SER L 354 31.80 60.98 -28.00
CA SER L 354 32.08 62.19 -27.24
C SER L 354 33.42 62.16 -26.53
N LYS L 355 34.16 61.05 -26.64
CA LYS L 355 35.50 60.97 -26.04
C LYS L 355 36.35 61.94 -26.84
N MET M 25 -22.45 43.15 79.16
CA MET M 25 -23.62 42.30 79.35
C MET M 25 -24.38 42.15 78.06
N THR M 26 -24.64 40.87 77.73
CA THR M 26 -25.37 40.48 76.52
C THR M 26 -26.64 41.33 76.39
N ILE M 27 -27.15 41.43 75.17
CA ILE M 27 -28.34 42.20 74.87
C ILE M 27 -29.48 41.24 74.93
N LYS M 28 -30.43 41.49 75.82
CA LYS M 28 -31.59 40.60 75.92
C LYS M 28 -32.59 40.89 74.81
N VAL M 29 -32.97 39.85 74.09
CA VAL M 29 -33.90 39.98 73.00
C VAL M 29 -35.14 39.13 73.15
N GLY M 30 -36.24 39.68 72.71
CA GLY M 30 -37.50 38.98 72.70
C GLY M 30 -37.94 38.86 71.25
N ILE M 31 -38.43 37.68 70.87
CA ILE M 31 -38.87 37.47 69.49
C ILE M 31 -40.38 37.37 69.44
N ASN M 32 -41.00 38.19 68.60
CA ASN M 32 -42.44 38.12 68.48
C ASN M 32 -42.68 37.59 67.09
N GLY M 33 -43.17 36.36 67.02
CA GLY M 33 -43.43 35.72 65.75
C GLY M 33 -42.35 34.67 65.52
N PHE M 34 -42.70 33.40 65.66
CA PHE M 34 -41.71 32.35 65.51
C PHE M 34 -41.87 31.61 64.19
N GLY M 35 -41.94 32.42 63.12
CA GLY M 35 -42.06 31.91 61.76
C GLY M 35 -40.67 31.66 61.20
N ARG M 36 -40.54 31.70 59.89
CA ARG M 36 -39.25 31.39 59.28
C ARG M 36 -38.16 32.32 59.81
N ILE M 37 -38.41 33.62 59.77
CA ILE M 37 -37.44 34.58 60.20
C ILE M 37 -37.21 34.46 61.67
N GLY M 38 -38.27 34.43 62.44
CA GLY M 38 -38.11 34.30 63.87
C GLY M 38 -37.20 33.10 64.26
N ARG M 39 -37.42 31.96 63.64
CA ARG M 39 -36.65 30.79 63.95
C ARG M 39 -35.22 30.81 63.50
N ILE M 40 -34.96 31.44 62.36
CA ILE M 40 -33.58 31.53 61.85
C ILE M 40 -32.82 32.58 62.68
N VAL M 41 -33.52 33.64 63.06
CA VAL M 41 -32.93 34.64 63.92
C VAL M 41 -32.55 33.94 65.22
N PHE M 42 -33.44 33.08 65.70
CA PHE M 42 -33.16 32.38 66.93
C PHE M 42 -31.90 31.55 66.83
N ARG M 43 -31.77 30.80 65.75
CA ARG M 43 -30.60 29.95 65.56
C ARG M 43 -29.30 30.74 65.44
N ALA M 44 -29.34 31.80 64.68
CA ALA M 44 -28.17 32.67 64.52
C ALA M 44 -27.72 33.31 65.84
N ALA M 45 -28.69 33.60 66.71
CA ALA M 45 -28.41 34.21 67.99
C ALA M 45 -27.59 33.29 68.90
N GLN M 46 -27.70 31.97 68.70
CA GLN M 46 -26.96 31.01 69.54
C GLN M 46 -25.47 31.10 69.29
N LYS M 47 -25.10 31.52 68.08
CA LYS M 47 -23.72 31.62 67.68
C LYS M 47 -23.06 32.94 68.00
N ARG M 48 -23.82 33.85 68.59
CA ARG M 48 -23.30 35.16 68.97
C ARG M 48 -23.35 35.28 70.49
N SER M 49 -22.28 35.79 71.06
CA SER M 49 -22.20 35.93 72.49
C SER M 49 -22.74 37.26 72.97
N ASP M 50 -22.90 38.22 72.06
CA ASP M 50 -23.39 39.55 72.46
C ASP M 50 -24.92 39.63 72.49
N ILE M 51 -25.61 38.57 72.10
CA ILE M 51 -27.07 38.57 72.06
C ILE M 51 -27.66 37.28 72.57
N GLU M 52 -28.68 37.44 73.40
CA GLU M 52 -29.39 36.33 73.98
C GLU M 52 -30.88 36.45 73.81
N ILE M 53 -31.47 35.37 73.30
CA ILE M 53 -32.90 35.35 73.16
C ILE M 53 -33.37 34.87 74.52
N VAL M 54 -34.26 35.62 75.14
CA VAL M 54 -34.75 35.25 76.47
C VAL M 54 -36.25 35.01 76.51
N ALA M 55 -36.93 35.31 75.41
CA ALA M 55 -38.37 35.13 75.32
C ALA M 55 -38.83 35.06 73.89
N ILE M 56 -39.91 34.32 73.69
CA ILE M 56 -40.52 34.13 72.38
C ILE M 56 -42.04 34.18 72.52
N ASN M 57 -42.70 34.84 71.58
CA ASN M 57 -44.14 34.94 71.62
C ASN M 57 -44.71 34.54 70.30
N ASP M 58 -45.71 33.67 70.33
CA ASP M 58 -46.40 33.25 69.14
C ASP M 58 -47.56 32.39 69.59
N LEU M 59 -48.52 32.20 68.70
CA LEU M 59 -49.71 31.41 69.00
C LEU M 59 -49.40 29.93 68.89
N LEU M 60 -48.41 29.45 69.64
CA LEU M 60 -48.04 28.05 69.59
C LEU M 60 -47.64 27.51 70.94
N ASP M 61 -48.00 26.24 71.22
CA ASP M 61 -47.63 25.60 72.47
C ASP M 61 -46.11 25.46 72.49
N ALA M 62 -45.52 25.41 73.67
CA ALA M 62 -44.07 25.31 73.78
C ALA M 62 -43.55 24.04 73.15
N ASP M 63 -44.28 22.95 73.28
CA ASP M 63 -43.82 21.69 72.73
C ASP M 63 -43.72 21.73 71.21
N TYR M 64 -44.56 22.57 70.61
CA TYR M 64 -44.60 22.69 69.17
C TYR M 64 -43.52 23.63 68.73
N MET M 65 -43.28 24.70 69.49
CA MET M 65 -42.16 25.57 69.14
C MET M 65 -40.87 24.75 69.20
N ALA M 66 -40.76 23.88 70.19
CA ALA M 66 -39.58 23.05 70.34
C ALA M 66 -39.39 22.24 69.06
N TYR M 67 -40.47 21.69 68.55
CA TYR M 67 -40.41 20.89 67.34
C TYR M 67 -39.99 21.72 66.14
N MET M 68 -40.58 22.91 65.99
CA MET M 68 -40.24 23.78 64.85
C MET M 68 -38.78 24.20 64.90
N LEU M 69 -38.23 24.22 66.09
CA LEU M 69 -36.84 24.59 66.31
C LEU M 69 -35.89 23.42 66.12
N LYS M 70 -36.21 22.26 66.68
CA LYS M 70 -35.36 21.06 66.55
C LYS M 70 -35.16 20.64 65.09
N TYR M 71 -36.25 20.57 64.32
CA TYR M 71 -36.19 20.12 62.93
C TYR M 71 -36.54 21.20 61.92
N ASP M 72 -35.74 21.27 60.85
CA ASP M 72 -35.94 22.27 59.80
C ASP M 72 -35.60 21.65 58.47
N SER M 73 -36.56 21.64 57.55
CA SER M 73 -36.39 21.02 56.25
C SER M 73 -35.28 21.64 55.43
N THR M 74 -35.05 22.94 55.60
CA THR M 74 -34.06 23.60 54.84
C THR M 74 -32.69 23.66 55.51
N HIS M 75 -32.67 23.89 56.81
CA HIS M 75 -31.38 24.07 57.51
C HIS M 75 -30.95 22.97 58.42
N GLY M 76 -31.56 21.80 58.27
CA GLY M 76 -31.22 20.68 59.14
C GLY M 76 -31.60 20.80 60.59
N ARG M 77 -31.15 19.84 61.36
CA ARG M 77 -31.45 19.82 62.80
C ARG M 77 -30.71 20.87 63.59
N PHE M 78 -31.38 21.36 64.61
CA PHE M 78 -30.82 22.35 65.46
C PHE M 78 -29.59 21.82 66.12
N ASP M 79 -28.49 22.56 66.03
CA ASP M 79 -27.25 22.18 66.69
C ASP M 79 -27.28 22.57 68.20
N GLY M 80 -27.90 21.74 69.01
CA GLY M 80 -28.02 22.02 70.43
C GLY M 80 -29.16 21.26 71.06
N THR M 81 -29.31 21.41 72.36
CA THR M 81 -30.36 20.72 73.08
C THR M 81 -31.56 21.63 73.31
N VAL M 82 -32.74 21.04 73.18
CA VAL M 82 -33.99 21.76 73.43
C VAL M 82 -34.99 20.85 74.15
N GLU M 83 -35.46 21.29 75.32
N GLU M 83 -35.52 21.35 75.27
CA GLU M 83 -36.43 20.51 76.08
CA GLU M 83 -36.43 20.55 76.05
C GLU M 83 -37.53 21.46 76.58
C GLU M 83 -37.52 21.46 76.57
N VAL M 84 -38.67 20.91 76.94
CA VAL M 84 -39.80 21.69 77.44
C VAL M 84 -40.02 21.45 78.93
N LYS M 85 -40.22 22.51 79.70
CA LYS M 85 -40.42 22.38 81.13
C LYS M 85 -41.36 23.47 81.63
N ASP M 86 -42.45 23.06 82.27
CA ASP M 86 -43.46 24.00 82.82
C ASP M 86 -44.01 24.93 81.74
N GLY M 87 -44.26 24.44 80.52
CA GLY M 87 -44.82 25.26 79.46
C GLY M 87 -43.83 26.25 78.89
N HIS M 88 -42.59 26.19 79.35
CA HIS M 88 -41.53 27.06 78.83
C HIS M 88 -40.45 26.20 78.17
N LEU M 89 -39.54 26.86 77.51
CA LEU M 89 -38.56 26.19 76.72
C LEU M 89 -37.17 26.30 77.34
N ILE M 90 -36.40 25.23 77.24
CA ILE M 90 -35.04 25.23 77.77
C ILE M 90 -34.09 24.81 76.65
N VAL M 91 -33.37 25.81 76.13
CA VAL M 91 -32.45 25.61 75.03
C VAL M 91 -31.01 25.78 75.47
N ASN M 92 -30.23 24.70 75.39
CA ASN M 92 -28.81 24.73 75.80
C ASN M 92 -28.72 25.20 77.24
N GLY M 93 -29.60 24.66 78.08
CA GLY M 93 -29.65 25.00 79.50
C GLY M 93 -30.09 26.40 79.91
N LYS M 94 -30.74 27.14 79.02
CA LYS M 94 -31.21 28.51 79.31
C LYS M 94 -32.73 28.57 79.21
N LYS M 95 -33.42 29.21 80.17
CA LYS M 95 -34.88 29.35 80.03
C LYS M 95 -35.26 30.41 79.04
N ILE M 96 -36.22 30.08 78.19
CA ILE M 96 -36.75 30.99 77.19
C ILE M 96 -38.23 31.08 77.54
N ARG M 97 -38.69 32.26 77.88
CA ARG M 97 -40.08 32.42 78.24
C ARG M 97 -40.94 32.33 76.98
N VAL M 98 -41.92 31.44 77.02
CA VAL M 98 -42.85 31.24 75.92
C VAL M 98 -44.22 31.79 76.31
N THR M 99 -44.73 32.67 75.48
CA THR M 99 -46.04 33.29 75.66
C THR M 99 -46.87 33.13 74.37
N ALA M 100 -48.16 33.39 74.47
CA ALA M 100 -49.08 33.23 73.32
C ALA M 100 -50.09 34.37 73.27
N GLU M 101 -49.60 35.57 73.53
CA GLU M 101 -50.42 36.79 73.50
C GLU M 101 -50.67 37.27 72.08
N ARG M 102 -51.92 37.64 71.80
CA ARG M 102 -52.31 38.10 70.46
C ARG M 102 -52.06 39.57 70.39
N ASP M 103 -52.32 40.27 71.51
CA ASP M 103 -52.12 41.70 71.61
C ASP M 103 -50.79 41.99 72.33
N PRO M 104 -49.81 42.53 71.60
CA PRO M 104 -48.47 42.85 72.13
C PRO M 104 -48.40 43.70 73.40
N ALA M 105 -49.41 44.51 73.69
CA ALA M 105 -49.37 45.30 74.92
C ALA M 105 -49.33 44.40 76.19
N ASN M 106 -49.75 43.15 76.05
CA ASN M 106 -49.79 42.21 77.18
C ASN M 106 -48.55 41.35 77.34
N LEU M 107 -47.54 41.58 76.52
CA LEU M 107 -46.33 40.76 76.54
C LEU M 107 -45.46 40.87 77.78
N LYS M 108 -45.58 41.96 78.52
CA LYS M 108 -44.78 42.12 79.71
C LYS M 108 -43.30 41.78 79.46
N TRP M 109 -42.68 42.40 78.47
CA TRP M 109 -41.27 42.15 78.19
C TRP M 109 -40.31 42.50 79.32
N ASP M 110 -40.64 43.55 80.08
CA ASP M 110 -39.79 43.96 81.21
C ASP M 110 -39.62 42.89 82.30
N GLU M 111 -40.57 41.96 82.40
CA GLU M 111 -40.50 40.89 83.40
C GLU M 111 -39.38 39.92 83.12
N VAL M 112 -38.94 39.82 81.87
CA VAL M 112 -37.85 38.91 81.54
C VAL M 112 -36.64 39.75 81.04
N GLY M 113 -36.67 41.05 81.36
CA GLY M 113 -35.61 42.00 81.05
C GLY M 113 -35.23 42.21 79.61
N VAL M 114 -36.21 42.21 78.70
CA VAL M 114 -35.93 42.38 77.28
C VAL M 114 -35.56 43.79 76.88
N ASP M 115 -34.40 43.91 76.21
CA ASP M 115 -33.90 45.21 75.75
C ASP M 115 -34.53 45.55 74.40
N VAL M 116 -34.42 44.62 73.45
CA VAL M 116 -34.93 44.81 72.14
C VAL M 116 -35.83 43.70 71.68
N VAL M 117 -36.87 44.06 70.92
CA VAL M 117 -37.80 43.08 70.38
C VAL M 117 -37.67 42.95 68.87
N ALA M 118 -37.57 41.71 68.40
CA ALA M 118 -37.49 41.45 66.97
C ALA M 118 -38.92 41.18 66.60
N GLU M 119 -39.55 42.16 65.98
CA GLU M 119 -40.95 42.03 65.54
C GLU M 119 -40.99 41.26 64.22
N ALA M 120 -41.35 39.98 64.29
CA ALA M 120 -41.32 39.13 63.11
C ALA M 120 -42.62 38.42 62.74
N THR M 121 -43.75 39.03 63.06
CA THR M 121 -45.04 38.44 62.73
C THR M 121 -45.53 38.92 61.36
N GLY M 122 -44.94 40.01 60.85
CA GLY M 122 -45.33 40.57 59.57
C GLY M 122 -46.58 41.41 59.67
N LEU M 123 -47.16 41.48 60.86
CA LEU M 123 -48.39 42.25 61.08
C LEU M 123 -48.24 43.62 61.74
N PHE M 124 -47.11 43.91 62.38
CA PHE M 124 -46.98 45.18 63.09
C PHE M 124 -45.85 45.99 62.52
N LEU M 125 -46.10 46.54 61.34
CA LEU M 125 -45.08 47.28 60.61
C LEU M 125 -45.29 48.77 60.54
N THR M 126 -45.97 49.31 61.55
CA THR M 126 -46.21 50.75 61.64
C THR M 126 -45.75 51.15 63.02
N ASP M 127 -45.54 52.43 63.22
CA ASP M 127 -45.09 52.88 64.51
C ASP M 127 -46.06 52.57 65.64
N GLU M 128 -47.35 52.83 65.46
CA GLU M 128 -48.29 52.58 66.55
C GLU M 128 -48.39 51.10 66.90
N THR M 129 -48.41 50.21 65.92
CA THR M 129 -48.49 48.79 66.21
C THR M 129 -47.22 48.26 66.88
N ALA M 130 -46.06 48.68 66.42
CA ALA M 130 -44.79 48.21 67.00
C ALA M 130 -44.52 48.87 68.34
N ARG M 131 -44.97 50.12 68.47
CA ARG M 131 -44.81 50.87 69.70
C ARG M 131 -45.36 50.06 70.92
N LYS M 132 -46.34 49.20 70.69
CA LYS M 132 -46.91 48.42 71.78
C LYS M 132 -45.86 47.63 72.57
N HIS M 133 -44.81 47.16 71.90
CA HIS M 133 -43.76 46.40 72.59
C HIS M 133 -43.06 47.29 73.60
N ILE M 134 -42.91 48.56 73.26
CA ILE M 134 -42.29 49.51 74.17
C ILE M 134 -43.24 49.77 75.35
N THR M 135 -44.53 49.88 75.06
CA THR M 135 -45.54 50.10 76.10
C THR M 135 -45.49 48.90 77.06
N ALA M 136 -45.18 47.73 76.50
CA ALA M 136 -45.10 46.48 77.25
C ALA M 136 -43.75 46.23 77.94
N GLY M 137 -42.87 47.22 77.98
CA GLY M 137 -41.58 47.08 78.67
C GLY M 137 -40.29 47.00 77.87
N ALA M 138 -40.38 46.78 76.57
CA ALA M 138 -39.16 46.67 75.78
C ALA M 138 -38.64 48.08 75.54
N LYS M 139 -37.33 48.22 75.35
CA LYS M 139 -36.75 49.54 75.13
C LYS M 139 -36.78 49.90 73.65
N LYS M 140 -36.48 48.94 72.78
CA LYS M 140 -36.46 49.21 71.33
C LYS M 140 -37.03 48.08 70.53
N VAL M 141 -37.37 48.37 69.28
CA VAL M 141 -37.94 47.38 68.39
C VAL M 141 -37.35 47.39 66.97
N VAL M 142 -37.12 46.20 66.44
CA VAL M 142 -36.61 46.04 65.11
C VAL M 142 -37.64 45.23 64.32
N MET M 143 -38.29 45.89 63.39
CA MET M 143 -39.21 45.21 62.51
C MET M 143 -38.41 44.35 61.51
N THR M 144 -38.77 43.09 61.35
CA THR M 144 -38.07 42.22 60.41
C THR M 144 -38.75 42.25 59.06
N GLY M 145 -39.10 43.45 58.61
CA GLY M 145 -39.74 43.63 57.31
C GLY M 145 -39.80 45.10 57.00
N PRO M 146 -40.09 45.45 55.76
CA PRO M 146 -40.13 46.89 55.45
C PRO M 146 -41.32 47.53 56.13
N SER M 147 -41.14 48.76 56.59
CA SER M 147 -42.19 49.47 57.27
C SER M 147 -43.25 50.02 56.34
N LYS M 148 -44.50 49.95 56.79
CA LYS M 148 -45.63 50.43 55.98
C LYS M 148 -45.84 51.89 56.16
N ASP M 149 -45.27 52.46 57.23
CA ASP M 149 -45.37 53.91 57.47
C ASP M 149 -44.00 54.45 57.20
N ASN M 150 -43.62 55.52 57.86
CA ASN M 150 -42.28 56.10 57.62
C ASN M 150 -41.23 55.72 58.65
N THR M 151 -41.42 54.57 59.29
CA THR M 151 -40.45 54.10 60.25
C THR M 151 -39.19 53.93 59.43
N PRO M 152 -38.09 54.46 59.93
CA PRO M 152 -36.82 54.39 59.17
C PRO M 152 -36.26 52.98 58.97
N MET M 153 -35.74 52.74 57.76
CA MET M 153 -35.15 51.46 57.43
C MET M 153 -33.64 51.52 57.40
N PHE M 154 -32.99 50.46 57.87
CA PHE M 154 -31.55 50.38 57.84
C PHE M 154 -31.10 49.05 57.23
N VAL M 155 -30.12 49.14 56.36
CA VAL M 155 -29.55 47.97 55.68
C VAL M 155 -28.05 47.98 55.87
N LYS M 156 -27.51 46.92 56.50
CA LYS M 156 -26.06 46.86 56.71
C LYS M 156 -25.35 46.89 55.37
N GLY M 157 -24.32 47.73 55.30
CA GLY M 157 -23.53 47.90 54.10
C GLY M 157 -23.99 49.13 53.36
N ALA M 158 -25.16 49.63 53.70
CA ALA M 158 -25.70 50.80 53.04
C ALA M 158 -25.86 52.01 53.94
N ASN M 159 -26.52 51.85 55.09
CA ASN M 159 -26.77 53.03 55.92
C ASN M 159 -26.84 52.83 57.42
N PHE M 160 -26.20 51.80 57.96
CA PHE M 160 -26.20 51.66 59.43
C PHE M 160 -25.69 52.93 60.11
N ASP M 161 -24.65 53.54 59.56
CA ASP M 161 -24.10 54.79 60.10
C ASP M 161 -25.15 55.92 60.29
N LYS M 162 -26.22 55.89 59.50
CA LYS M 162 -27.30 56.89 59.61
C LYS M 162 -28.20 56.73 60.82
N TYR M 163 -28.09 55.62 61.53
CA TYR M 163 -28.94 55.41 62.68
C TYR M 163 -28.70 56.59 63.60
N ALA M 164 -29.78 57.14 64.15
CA ALA M 164 -29.72 58.30 65.02
C ALA M 164 -30.48 58.13 66.36
N GLY M 165 -30.38 56.97 66.98
CA GLY M 165 -31.02 56.75 68.28
C GLY M 165 -32.51 56.46 68.29
N GLN M 166 -33.15 56.31 67.12
CA GLN M 166 -34.58 55.97 67.09
C GLN M 166 -34.85 54.69 67.88
N ASP M 167 -36.02 54.60 68.49
CA ASP M 167 -36.37 53.41 69.28
C ASP M 167 -37.10 52.33 68.47
N ILE M 168 -37.50 52.66 67.26
CA ILE M 168 -38.22 51.73 66.41
C ILE M 168 -37.66 51.85 65.02
N VAL M 169 -37.19 50.73 64.49
CA VAL M 169 -36.59 50.71 63.15
C VAL M 169 -36.99 49.48 62.37
N SER M 170 -36.66 49.48 61.09
CA SER M 170 -36.91 48.38 60.20
C SER M 170 -35.63 47.92 59.51
N ASN M 171 -35.47 46.61 59.31
CA ASN M 171 -34.27 46.07 58.64
C ASN M 171 -34.56 45.84 57.17
N ALA M 172 -35.59 46.52 56.68
CA ALA M 172 -36.00 46.42 55.29
C ALA M 172 -36.37 45.01 54.92
N SER M 173 -36.21 44.65 53.64
CA SER M 173 -36.53 43.31 53.15
C SER M 173 -35.29 42.53 52.78
N CYS M 174 -35.44 41.21 52.63
CA CYS M 174 -34.31 40.37 52.21
C CYS M 174 -33.71 40.84 50.87
N THR M 175 -34.57 41.14 49.90
CA THR M 175 -34.12 41.58 48.60
C THR M 175 -33.41 42.93 48.67
N THR M 176 -33.91 43.85 49.47
CA THR M 176 -33.26 45.14 49.58
C THR M 176 -31.90 44.94 50.20
N ASN M 177 -31.77 44.00 51.14
CA ASN M 177 -30.43 43.74 51.72
C ASN M 177 -29.44 43.19 50.70
N CYS M 178 -29.93 42.59 49.62
CA CYS M 178 -29.03 42.04 48.60
C CYS M 178 -28.65 43.10 47.64
N LEU M 179 -29.65 43.84 47.23
CA LEU M 179 -29.48 44.89 46.24
C LEU M 179 -28.76 46.15 46.70
N ALA M 180 -29.08 46.65 47.89
CA ALA M 180 -28.48 47.92 48.35
C ALA M 180 -26.94 47.92 48.38
N PRO M 181 -26.34 46.92 49.03
CA PRO M 181 -24.89 46.92 49.07
C PRO M 181 -24.23 46.88 47.71
N LEU M 182 -24.77 46.08 46.80
CA LEU M 182 -24.20 45.97 45.48
C LEU M 182 -24.35 47.29 44.73
N ALA M 183 -25.54 47.87 44.77
CA ALA M 183 -25.80 49.12 44.11
C ALA M 183 -24.92 50.23 44.65
N LYS M 184 -24.70 50.25 45.95
CA LYS M 184 -23.88 51.29 46.56
C LYS M 184 -22.50 51.25 45.97
N VAL M 185 -21.92 50.05 45.89
CA VAL M 185 -20.59 49.88 45.34
C VAL M 185 -20.53 50.33 43.89
N ILE M 186 -21.49 49.85 43.09
CA ILE M 186 -21.50 50.18 41.66
C ILE M 186 -21.67 51.67 41.47
N ASN M 187 -22.53 52.26 42.27
CA ASN M 187 -22.80 53.68 42.12
C ASN M 187 -21.64 54.52 42.56
N ASP M 188 -21.10 54.25 43.74
CA ASP M 188 -19.95 54.97 44.22
C ASP M 188 -18.81 54.94 43.24
N ASN M 189 -18.56 53.79 42.61
CA ASN M 189 -17.44 53.67 41.66
C ASN M 189 -17.71 54.10 40.23
N PHE M 190 -18.93 53.91 39.74
CA PHE M 190 -19.18 54.25 38.32
C PHE M 190 -20.39 55.12 38.07
N GLY M 191 -21.24 55.29 39.07
CA GLY M 191 -22.45 56.09 38.94
C GLY M 191 -23.56 55.41 38.18
N ILE M 192 -24.64 55.12 38.90
CA ILE M 192 -25.79 54.50 38.30
C ILE M 192 -26.72 55.57 37.79
N ILE M 193 -26.92 55.60 36.48
CA ILE M 193 -27.84 56.55 35.88
C ILE M 193 -29.26 56.07 36.12
N GLU M 194 -29.47 54.79 35.82
CA GLU M 194 -30.76 54.17 35.95
C GLU M 194 -30.55 52.67 35.94
N GLY M 195 -31.42 51.95 36.61
CA GLY M 195 -31.34 50.52 36.60
C GLY M 195 -32.67 49.83 36.85
N LEU M 196 -32.81 48.63 36.30
CA LEU M 196 -34.00 47.79 36.46
C LEU M 196 -33.52 46.46 36.99
N MET M 197 -34.24 45.88 37.93
CA MET M 197 -33.75 44.65 38.50
C MET M 197 -34.84 43.62 38.57
N THR M 198 -34.40 42.37 38.55
CA THR M 198 -35.29 41.23 38.62
C THR M 198 -34.74 40.28 39.64
N THR M 199 -35.61 39.73 40.48
CA THR M 199 -35.16 38.79 41.43
C THR M 199 -35.88 37.47 41.17
N VAL M 200 -35.12 36.40 41.01
CA VAL M 200 -35.67 35.06 40.81
C VAL M 200 -35.65 34.64 42.24
N HIS M 201 -36.83 34.53 42.81
CA HIS M 201 -36.99 34.29 44.22
C HIS M 201 -37.57 32.93 44.58
N ALA M 202 -37.10 32.39 45.69
CA ALA M 202 -37.56 31.10 46.17
C ALA M 202 -38.95 31.21 46.69
N THR M 203 -39.61 30.09 46.78
CA THR M 203 -40.95 30.00 47.30
C THR M 203 -40.97 30.39 48.77
N THR M 204 -42.06 31.03 49.21
CA THR M 204 -42.20 31.41 50.61
C THR M 204 -43.51 31.00 51.18
N ALA M 205 -43.65 31.26 52.47
CA ALA M 205 -44.84 30.86 53.21
C ALA M 205 -46.15 31.46 52.73
N THR M 206 -46.10 32.61 52.05
CA THR M 206 -47.34 33.23 51.57
C THR M 206 -47.91 32.53 50.34
N GLN M 207 -47.16 31.62 49.75
CA GLN M 207 -47.65 30.93 48.55
C GLN M 207 -48.45 29.65 48.89
N LYS M 208 -48.98 29.00 47.86
CA LYS M 208 -49.80 27.81 48.03
C LYS M 208 -49.24 26.56 47.38
N THR M 209 -49.52 25.41 47.98
CA THR M 209 -49.06 24.18 47.46
C THR M 209 -49.74 23.82 46.15
N VAL M 210 -51.00 24.19 46.02
CA VAL M 210 -51.75 23.92 44.78
C VAL M 210 -52.60 25.14 44.52
N ASP M 211 -53.09 25.32 43.31
CA ASP M 211 -53.91 26.51 42.98
C ASP M 211 -54.95 26.79 44.05
N GLY M 212 -54.75 27.87 44.78
CA GLY M 212 -55.62 28.27 45.88
C GLY M 212 -55.89 29.76 45.82
N PRO M 213 -56.65 30.27 46.81
CA PRO M 213 -57.01 31.68 46.89
C PRO M 213 -55.99 32.64 47.48
N SER M 214 -55.85 33.77 46.80
CA SER M 214 -54.95 34.86 47.18
C SER M 214 -55.63 36.07 46.55
N HIS M 215 -56.64 36.58 47.24
CA HIS M 215 -57.50 37.69 46.78
C HIS M 215 -56.74 38.97 46.40
N LYS M 216 -55.68 39.30 47.12
CA LYS M 216 -54.91 40.52 46.82
C LYS M 216 -53.79 40.29 45.78
N ASP M 217 -53.48 39.03 45.48
CA ASP M 217 -52.42 38.68 44.50
C ASP M 217 -52.75 37.38 43.78
N TRP M 218 -53.59 37.48 42.76
CA TRP M 218 -54.07 36.31 42.03
C TRP M 218 -52.96 35.38 41.59
N ARG M 219 -51.93 35.90 40.96
CA ARG M 219 -50.88 35.00 40.49
C ARG M 219 -50.24 34.26 41.65
N GLY M 220 -50.13 34.94 42.78
CA GLY M 220 -49.52 34.39 43.99
C GLY M 220 -50.21 33.19 44.60
N GLY M 221 -51.46 32.99 44.24
CA GLY M 221 -52.22 31.86 44.75
C GLY M 221 -52.04 30.62 43.91
N ARG M 222 -51.37 30.73 42.77
CA ARG M 222 -51.16 29.58 41.90
C ARG M 222 -50.09 28.63 42.50
N GLY M 223 -50.25 27.34 42.17
CA GLY M 223 -49.38 26.29 42.70
C GLY M 223 -47.94 26.68 42.62
N ALA M 224 -47.29 26.79 43.77
CA ALA M 224 -45.89 27.21 43.80
C ALA M 224 -44.89 26.28 43.14
N SER M 225 -45.05 24.97 43.34
CA SER M 225 -44.12 23.98 42.76
C SER M 225 -44.28 23.74 41.26
N GLN M 226 -45.41 24.09 40.68
CA GLN M 226 -45.63 23.91 39.26
C GLN M 226 -45.35 25.14 38.37
N ASN M 227 -45.16 26.30 38.99
CA ASN M 227 -45.04 27.54 38.25
C ASN M 227 -43.92 28.54 38.52
N ILE M 228 -43.68 29.33 37.48
CA ILE M 228 -42.79 30.47 37.51
C ILE M 228 -43.88 31.52 37.70
N ILE M 229 -43.86 32.23 38.81
CA ILE M 229 -44.89 33.21 39.08
C ILE M 229 -44.42 34.65 39.17
N PRO M 230 -44.85 35.50 38.23
CA PRO M 230 -44.43 36.89 38.31
C PRO M 230 -44.98 37.51 39.55
N SER M 231 -44.27 38.49 40.08
CA SER M 231 -44.66 39.14 41.32
C SER M 231 -44.06 40.53 41.46
N SER M 232 -44.72 41.37 42.24
CA SER M 232 -44.25 42.73 42.49
C SER M 232 -43.36 42.77 43.69
N THR M 233 -42.47 43.75 43.71
CA THR M 233 -41.55 43.94 44.83
C THR M 233 -40.99 45.37 44.78
N GLY M 234 -41.39 46.19 45.72
CA GLY M 234 -40.92 47.57 45.79
C GLY M 234 -39.49 47.67 46.32
N ALA M 235 -38.90 46.50 46.61
CA ALA M 235 -37.53 46.37 47.12
C ALA M 235 -36.52 47.18 46.35
N ALA M 236 -36.70 47.29 45.04
CA ALA M 236 -35.79 48.08 44.21
C ALA M 236 -36.02 49.57 44.42
N LYS M 237 -37.28 49.95 44.52
CA LYS M 237 -37.63 51.31 44.78
C LYS M 237 -37.19 51.70 46.22
N ALA M 238 -37.31 50.76 47.17
CA ALA M 238 -36.95 50.99 48.60
C ALA M 238 -35.48 51.24 48.80
N VAL M 239 -34.68 50.88 47.80
CA VAL M 239 -33.25 51.15 47.88
C VAL M 239 -33.10 52.69 47.97
N GLY M 240 -34.00 53.41 47.29
CA GLY M 240 -33.98 54.86 47.30
C GLY M 240 -34.01 55.44 48.70
N LYS M 241 -34.58 54.68 49.65
CA LYS M 241 -34.68 55.16 51.02
C LYS M 241 -33.43 54.89 51.85
N VAL M 242 -32.80 53.75 51.67
CA VAL M 242 -31.56 53.49 52.41
C VAL M 242 -30.37 54.16 51.69
N LEU M 243 -30.54 54.45 50.39
CA LEU M 243 -29.51 55.13 49.58
C LEU M 243 -30.18 56.28 48.79
N PRO M 244 -30.43 57.41 49.47
CA PRO M 244 -31.12 58.57 48.90
C PRO M 244 -30.63 58.97 47.53
N GLU M 245 -29.33 58.88 47.33
CA GLU M 245 -28.73 59.21 46.04
C GLU M 245 -29.28 58.37 44.84
N LEU M 246 -29.89 57.22 45.13
CA LEU M 246 -30.46 56.39 44.08
C LEU M 246 -31.98 56.48 44.03
N ASN M 247 -32.55 57.38 44.77
CA ASN M 247 -33.98 57.56 44.77
C ASN M 247 -34.51 57.85 43.35
N GLY M 248 -35.50 57.08 42.89
CA GLY M 248 -36.07 57.24 41.57
C GLY M 248 -35.28 56.64 40.41
N LYS M 249 -34.13 56.03 40.71
CA LYS M 249 -33.27 55.47 39.66
C LYS M 249 -33.35 53.97 39.51
N LEU M 250 -34.01 53.29 40.42
CA LEU M 250 -34.15 51.84 40.34
C LEU M 250 -35.53 51.39 40.65
N THR M 251 -35.95 50.34 39.98
CA THR M 251 -37.23 49.70 40.24
C THR M 251 -37.08 48.29 39.68
N GLY M 252 -38.05 47.42 39.94
CA GLY M 252 -37.93 46.07 39.41
C GLY M 252 -39.09 45.17 39.71
N MET M 253 -38.90 43.87 39.50
CA MET M 253 -39.92 42.89 39.74
C MET M 253 -39.33 41.55 40.12
N ALA M 254 -40.21 40.57 40.27
CA ALA M 254 -39.75 39.26 40.70
C ALA M 254 -40.47 38.13 40.03
N PHE M 255 -39.80 36.98 40.02
CA PHE M 255 -40.37 35.77 39.54
C PHE M 255 -40.17 34.77 40.68
N ARG M 256 -41.27 34.23 41.20
CA ARG M 256 -41.20 33.23 42.23
C ARG M 256 -41.07 31.87 41.52
N VAL M 257 -40.03 31.12 41.84
CA VAL M 257 -39.83 29.79 41.24
C VAL M 257 -39.87 28.69 42.30
N PRO M 258 -40.00 27.43 41.89
CA PRO M 258 -40.10 26.32 42.84
C PRO M 258 -38.84 25.83 43.58
N THR M 259 -38.22 26.67 44.39
CA THR M 259 -37.09 26.23 45.21
C THR M 259 -37.51 26.65 46.60
N PRO M 260 -37.13 25.88 47.61
CA PRO M 260 -37.54 26.19 48.98
C PRO M 260 -36.78 27.33 49.66
N ASN M 261 -35.59 27.70 49.16
CA ASN M 261 -34.83 28.78 49.77
C ASN M 261 -33.70 29.24 48.86
N VAL M 262 -33.22 30.46 49.05
CA VAL M 262 -32.13 31.07 48.27
C VAL M 262 -32.69 31.69 47.00
N SER M 263 -32.36 32.96 46.81
CA SER M 263 -32.85 33.74 45.72
C SER M 263 -31.69 34.46 45.07
N VAL M 264 -31.94 35.15 43.96
CA VAL M 264 -30.87 35.84 43.28
C VAL M 264 -31.36 37.12 42.57
N VAL M 265 -30.54 38.20 42.54
CA VAL M 265 -30.98 39.39 41.87
C VAL M 265 -30.21 39.52 40.58
N ASP M 266 -30.87 40.09 39.60
CA ASP M 266 -30.38 40.32 38.24
C ASP M 266 -30.56 41.82 38.03
N LEU M 267 -29.51 42.57 38.35
CA LEU M 267 -29.52 44.03 38.24
C LEU M 267 -28.94 44.48 36.91
N THR M 268 -29.78 45.14 36.11
CA THR M 268 -29.38 45.66 34.79
C THR M 268 -29.24 47.17 34.94
N VAL M 269 -28.02 47.71 34.87
CA VAL M 269 -27.81 49.14 35.07
C VAL M 269 -27.06 49.82 33.96
N ARG M 270 -27.25 51.14 33.88
CA ARG M 270 -26.60 51.94 32.88
C ARG M 270 -25.66 52.82 33.70
N LEU M 271 -24.38 52.80 33.36
CA LEU M 271 -23.37 53.54 34.11
C LEU M 271 -22.93 54.87 33.51
N GLU M 272 -22.65 55.81 34.40
CA GLU M 272 -22.21 57.13 34.01
C GLU M 272 -20.75 57.02 33.52
N LYS M 273 -19.87 56.45 34.35
CA LYS M 273 -18.47 56.23 33.97
C LYS M 273 -18.30 54.85 33.31
N ALA M 274 -17.62 54.81 32.19
CA ALA M 274 -17.37 53.58 31.45
C ALA M 274 -16.53 52.66 32.30
N ALA M 275 -16.83 51.37 32.24
CA ALA M 275 -16.13 50.41 33.03
C ALA M 275 -16.27 49.05 32.41
N THR M 276 -15.14 48.42 32.19
CA THR M 276 -15.09 47.06 31.66
C THR M 276 -15.60 46.14 32.75
N TYR M 277 -15.93 44.92 32.38
CA TYR M 277 -16.47 44.00 33.37
C TYR M 277 -15.36 43.64 34.33
N GLU M 278 -14.12 43.63 33.86
CA GLU M 278 -13.04 43.29 34.74
C GLU M 278 -12.93 44.33 35.88
N GLN M 279 -13.18 45.59 35.54
CA GLN M 279 -13.12 46.67 36.51
C GLN M 279 -14.21 46.60 37.55
N ILE M 280 -15.38 46.18 37.11
CA ILE M 280 -16.52 46.02 37.99
C ILE M 280 -16.18 44.92 38.98
OH ALY M 281 -15.65 35.72 35.53
CH ALY M 281 -15.39 36.83 35.16
CH3 ALY M 281 -15.92 37.12 33.77
NZ ALY M 281 -14.59 37.65 35.97
CE ALY M 281 -14.07 39.08 36.06
CD ALY M 281 -15.10 39.54 37.07
CG ALY M 281 -15.54 40.91 37.58
CB ALY M 281 -14.64 41.60 38.55
CA ALY M 281 -15.27 42.74 39.32
N ALY M 281 -15.65 43.82 38.46
C ALY M 281 -14.35 43.24 40.41
O ALY M 281 -14.52 42.94 41.58
N ALA M 282 -13.33 43.99 40.00
CA ALA M 282 -12.36 44.47 40.94
C ALA M 282 -12.99 45.37 41.99
N ALA M 283 -13.95 46.20 41.57
CA ALA M 283 -14.63 47.13 42.50
C ALA M 283 -15.39 46.41 43.59
N VAL M 284 -16.15 45.41 43.17
CA VAL M 284 -16.91 44.61 44.09
C VAL M 284 -16.01 43.79 44.99
N LYS M 285 -15.01 43.15 44.40
CA LYS M 285 -14.08 42.32 45.16
C LYS M 285 -13.40 43.16 46.22
N ALA M 286 -13.11 44.41 45.89
CA ALA M 286 -12.44 45.30 46.84
C ALA M 286 -13.35 45.58 48.02
N ALA M 287 -14.62 45.85 47.71
CA ALA M 287 -15.61 46.15 48.73
C ALA M 287 -15.87 44.94 49.60
N ALA M 288 -15.89 43.77 48.99
CA ALA M 288 -16.13 42.53 49.71
C ALA M 288 -15.03 42.19 50.66
N GLU M 289 -13.80 42.50 50.28
CA GLU M 289 -12.61 42.22 51.12
C GLU M 289 -12.34 43.37 52.08
N GLY M 290 -12.98 44.50 51.84
CA GLY M 290 -12.78 45.65 52.67
C GLY M 290 -13.92 46.15 53.52
N GLU M 291 -14.41 47.34 53.17
CA GLU M 291 -15.46 48.04 53.91
C GLU M 291 -16.76 47.26 54.13
N MET M 292 -17.18 46.49 53.13
CA MET M 292 -18.39 45.70 53.29
C MET M 292 -18.13 44.22 53.56
N LYS M 293 -17.06 43.89 54.25
CA LYS M 293 -16.76 42.50 54.53
C LYS M 293 -17.88 41.93 55.39
N GLY M 294 -18.26 40.69 55.12
CA GLY M 294 -19.33 40.02 55.88
C GLY M 294 -20.74 40.31 55.35
N VAL M 295 -20.86 41.35 54.52
CA VAL M 295 -22.16 41.76 53.95
C VAL M 295 -22.18 41.41 52.51
N LEU M 296 -21.21 41.92 51.77
CA LEU M 296 -21.10 41.67 50.35
C LEU M 296 -20.02 40.64 50.11
N GLY M 297 -20.38 39.59 49.42
CA GLY M 297 -19.44 38.53 49.09
C GLY M 297 -19.10 38.57 47.62
N TYR M 298 -18.10 37.77 47.23
CA TYR M 298 -17.66 37.71 45.84
C TYR M 298 -17.21 36.31 45.48
N THR M 299 -17.63 35.82 44.34
CA THR M 299 -17.20 34.49 43.91
C THR M 299 -17.01 34.44 42.40
N GLU M 300 -16.09 33.59 41.96
CA GLU M 300 -15.83 33.38 40.56
C GLU M 300 -16.07 31.91 40.23
N ASP M 301 -16.64 31.16 41.19
CA ASP M 301 -16.88 29.74 41.01
C ASP M 301 -18.18 29.50 40.29
N ASP M 302 -18.36 28.27 39.81
CA ASP M 302 -19.55 27.85 39.09
C ASP M 302 -20.67 27.44 40.03
N VAL M 303 -21.13 28.41 40.79
CA VAL M 303 -22.16 28.17 41.77
C VAL M 303 -23.61 28.08 41.30
N VAL M 304 -24.44 27.48 42.17
CA VAL M 304 -25.88 27.36 41.91
C VAL M 304 -26.49 27.71 43.22
N SER M 305 -27.77 27.94 43.22
CA SER M 305 -28.47 28.41 44.43
C SER M 305 -28.16 27.65 45.71
N THR M 306 -28.12 26.32 45.66
CA THR M 306 -27.91 25.54 46.91
C THR M 306 -26.59 25.81 47.53
N ASP M 307 -25.67 26.37 46.77
CA ASP M 307 -24.35 26.65 47.32
C ASP M 307 -24.42 27.80 48.29
N PHE M 308 -25.54 28.52 48.34
CA PHE M 308 -25.71 29.60 49.29
C PHE M 308 -26.72 29.29 50.40
N ASN M 309 -27.14 28.04 50.50
CA ASN M 309 -28.05 27.74 51.52
C ASN M 309 -27.23 27.86 52.80
N GLY M 310 -27.65 28.70 53.72
CA GLY M 310 -26.88 28.92 54.96
C GLY M 310 -25.94 30.13 54.93
N GLU M 311 -25.85 30.78 53.77
CA GLU M 311 -24.97 31.91 53.61
C GLU M 311 -25.35 33.08 54.47
N VAL M 312 -24.39 33.61 55.20
CA VAL M 312 -24.56 34.77 56.04
C VAL M 312 -24.44 36.11 55.30
N CYS M 313 -23.58 36.21 54.28
CA CYS M 313 -23.50 37.47 53.52
C CYS M 313 -24.89 37.71 52.91
N THR M 314 -25.31 38.95 52.88
CA THR M 314 -26.62 39.29 52.33
C THR M 314 -26.62 39.50 50.83
N SER M 315 -25.45 39.44 50.23
CA SER M 315 -25.34 39.65 48.81
C SER M 315 -24.01 39.06 48.36
N VAL M 316 -24.05 38.05 47.50
CA VAL M 316 -22.83 37.45 47.00
C VAL M 316 -22.74 37.57 45.49
N PHE M 317 -21.89 38.48 45.03
CA PHE M 317 -21.68 38.75 43.62
C PHE M 317 -21.16 37.51 42.88
N ASP M 318 -21.81 37.19 41.78
CA ASP M 318 -21.47 36.05 40.97
C ASP M 318 -20.82 36.62 39.72
N ALA M 319 -19.50 36.66 39.73
CA ALA M 319 -18.77 37.22 38.60
C ALA M 319 -19.06 36.58 37.25
N LYS M 320 -18.94 35.25 37.14
CA LYS M 320 -19.14 34.58 35.86
C LYS M 320 -20.54 34.68 35.30
N ALA M 321 -21.54 34.80 36.16
CA ALA M 321 -22.94 34.83 35.70
C ALA M 321 -23.36 36.11 35.01
N GLY M 322 -22.78 37.22 35.43
CA GLY M 322 -23.12 38.50 34.87
C GLY M 322 -22.60 38.64 33.46
N ILE M 323 -23.17 39.60 32.75
CA ILE M 323 -22.77 39.85 31.39
C ILE M 323 -22.85 41.33 31.10
N ALA M 324 -21.93 41.81 30.28
CA ALA M 324 -21.88 43.25 29.88
C ALA M 324 -22.11 43.43 28.38
N LEU M 325 -23.03 44.30 28.01
CA LEU M 325 -23.26 44.55 26.60
C LEU M 325 -22.15 45.48 26.13
N ASN M 326 -21.86 46.47 26.95
CA ASN M 326 -20.79 47.42 26.68
C ASN M 326 -20.31 48.08 27.98
N ASP M 327 -19.31 48.97 27.86
CA ASP M 327 -18.73 49.61 29.04
C ASP M 327 -19.73 50.45 29.85
N ASN M 328 -20.95 50.63 29.37
CA ASN M 328 -21.91 51.41 30.14
C ASN M 328 -23.29 50.79 30.35
N PHE M 329 -23.44 49.51 30.02
CA PHE M 329 -24.72 48.84 30.16
C PHE M 329 -24.38 47.41 30.54
N VAL M 330 -24.67 47.08 31.77
CA VAL M 330 -24.33 45.82 32.34
C VAL M 330 -25.42 45.13 33.13
N LYS M 331 -25.34 43.80 33.21
CA LYS M 331 -26.29 42.96 33.96
C LYS M 331 -25.48 42.26 35.02
N LEU M 332 -25.75 42.59 36.27
CA LEU M 332 -24.99 42.04 37.41
C LEU M 332 -25.84 41.08 38.21
N VAL M 333 -25.23 40.01 38.69
CA VAL M 333 -25.94 38.97 39.40
C VAL M 333 -25.44 38.79 40.81
N SER M 334 -26.35 38.70 41.78
CA SER M 334 -25.96 38.52 43.17
C SER M 334 -26.94 37.65 43.92
N TRP M 335 -26.37 36.68 44.63
CA TRP M 335 -27.14 35.67 45.37
C TRP M 335 -27.40 36.04 46.77
N TYR M 336 -28.48 35.51 47.33
CA TYR M 336 -28.82 35.73 48.72
C TYR M 336 -29.70 34.65 49.35
N ASP M 337 -29.35 34.25 50.57
CA ASP M 337 -30.14 33.27 51.27
C ASP M 337 -31.17 34.14 51.95
N ASN M 338 -32.38 34.10 51.41
CA ASN M 338 -33.46 34.94 51.92
C ASN M 338 -33.87 34.72 53.38
N GLU M 339 -33.46 33.61 53.96
CA GLU M 339 -33.77 33.40 55.34
C GLU M 339 -32.58 33.71 56.22
N THR M 340 -31.45 33.09 55.90
CA THR M 340 -30.24 33.24 56.71
C THR M 340 -29.55 34.61 56.70
N GLY M 341 -29.30 35.16 55.54
CA GLY M 341 -28.64 36.47 55.49
C GLY M 341 -29.41 37.53 56.25
N TYR M 342 -30.67 37.73 55.86
CA TYR M 342 -31.51 38.70 56.51
C TYR M 342 -31.57 38.46 58.00
N SER M 343 -31.79 37.23 58.41
CA SER M 343 -31.87 36.96 59.84
C SER M 343 -30.62 37.41 60.57
N ASN M 344 -29.45 37.13 60.03
CA ASN M 344 -28.22 37.59 60.68
C ASN M 344 -28.11 39.11 60.72
N LYS M 345 -28.51 39.77 59.64
CA LYS M 345 -28.49 41.24 59.66
C LYS M 345 -29.52 41.84 60.63
N VAL M 346 -30.64 41.17 60.88
CA VAL M 346 -31.53 41.65 61.91
C VAL M 346 -30.73 41.72 63.20
N LEU M 347 -29.97 40.66 63.52
CA LEU M 347 -29.13 40.65 64.75
C LEU M 347 -28.05 41.74 64.70
N ASP M 348 -27.43 41.92 63.55
CA ASP M 348 -26.45 43.00 63.39
C ASP M 348 -27.08 44.37 63.71
N LEU M 349 -28.33 44.57 63.27
CA LEU M 349 -29.04 45.83 63.51
C LEU M 349 -29.39 45.98 64.97
N ILE M 350 -29.76 44.87 65.60
CA ILE M 350 -30.12 44.91 67.02
C ILE M 350 -28.89 45.36 67.82
N ALA M 351 -27.76 44.76 67.48
CA ALA M 351 -26.50 45.06 68.15
C ALA M 351 -26.13 46.52 67.91
N HIS M 352 -26.36 47.00 66.69
CA HIS M 352 -25.99 48.36 66.32
C HIS M 352 -26.78 49.43 67.04
N ILE M 353 -28.09 49.26 67.13
CA ILE M 353 -28.91 50.24 67.83
C ILE M 353 -28.76 50.14 69.35
N SER M 354 -28.07 49.12 69.84
CA SER M 354 -27.87 48.95 71.28
C SER M 354 -26.54 49.52 71.76
N LYS M 355 -25.74 50.10 70.87
CA LYS M 355 -24.48 50.72 71.28
C LYS M 355 -24.82 51.94 72.12
N MET N 25 -84.42 16.41 30.18
CA MET N 25 -84.37 17.09 31.53
C MET N 25 -83.05 16.96 32.22
N THR N 26 -82.36 18.07 32.35
CA THR N 26 -81.09 18.09 33.03
C THR N 26 -81.34 18.27 34.54
N ILE N 27 -80.40 17.80 35.34
CA ILE N 27 -80.47 17.92 36.78
C ILE N 27 -79.76 19.22 37.15
N LYS N 28 -80.48 20.15 37.77
CA LYS N 28 -79.87 21.41 38.18
C LYS N 28 -79.02 21.23 39.43
N VAL N 29 -77.76 21.63 39.34
CA VAL N 29 -76.85 21.50 40.46
C VAL N 29 -76.27 22.82 40.93
N GLY N 30 -76.10 22.92 42.24
CA GLY N 30 -75.52 24.10 42.86
C GLY N 30 -74.25 23.62 43.52
N ILE N 31 -73.17 24.38 43.37
CA ILE N 31 -71.90 24.01 43.98
C ILE N 31 -71.58 24.94 45.15
N ASN N 32 -71.35 24.38 46.32
CA ASN N 32 -70.99 25.22 47.43
C ASN N 32 -69.55 24.90 47.70
N GLY N 33 -68.68 25.87 47.43
CA GLY N 33 -67.25 25.70 47.63
C GLY N 33 -66.63 25.53 46.26
N PHE N 34 -65.93 26.57 45.79
CA PHE N 34 -65.31 26.49 44.49
C PHE N 34 -63.78 26.27 44.57
N GLY N 35 -63.39 25.27 45.37
CA GLY N 35 -61.99 24.89 45.56
C GLY N 35 -61.60 23.90 44.49
N ARG N 36 -60.57 23.09 44.75
CA ARG N 36 -60.11 22.12 43.76
C ARG N 36 -61.25 21.20 43.28
N ILE N 37 -61.95 20.56 44.21
CA ILE N 37 -63.04 19.66 43.83
C ILE N 37 -64.19 20.42 43.17
N GLY N 38 -64.63 21.52 43.78
CA GLY N 38 -65.69 22.31 43.19
C GLY N 38 -65.41 22.66 41.72
N ARG N 39 -64.19 23.09 41.44
CA ARG N 39 -63.85 23.49 40.10
C ARG N 39 -63.72 22.36 39.12
N ILE N 40 -63.28 21.20 39.57
CA ILE N 40 -63.10 20.05 38.66
C ILE N 40 -64.45 19.48 38.40
N VAL N 41 -65.29 19.52 39.42
CA VAL N 41 -66.67 19.03 39.26
C VAL N 41 -67.32 19.93 38.22
N PHE N 42 -67.08 21.23 38.34
CA PHE N 42 -67.66 22.16 37.40
C PHE N 42 -67.25 21.84 35.97
N ARG N 43 -65.97 21.59 35.76
CA ARG N 43 -65.48 21.28 34.41
C ARG N 43 -66.06 19.98 33.85
N ALA N 44 -66.15 18.96 34.71
CA ALA N 44 -66.65 17.66 34.29
C ALA N 44 -68.13 17.74 33.92
N ALA N 45 -68.84 18.64 34.58
CA ALA N 45 -70.26 18.83 34.34
C ALA N 45 -70.55 19.39 32.94
N GLN N 46 -69.60 20.13 32.37
CA GLN N 46 -69.77 20.69 31.03
C GLN N 46 -69.83 19.61 29.96
N LYS N 47 -69.19 18.50 30.23
CA LYS N 47 -69.12 17.38 29.29
C LYS N 47 -70.25 16.40 29.42
N ARG N 48 -71.17 16.64 30.35
CA ARG N 48 -72.32 15.77 30.55
C ARG N 48 -73.56 16.57 30.24
N SER N 49 -74.46 15.96 29.49
CA SER N 49 -75.69 16.63 29.12
C SER N 49 -76.81 16.42 30.15
N ASP N 50 -76.64 15.46 31.05
CA ASP N 50 -77.68 15.20 32.07
C ASP N 50 -77.54 16.07 33.32
N ILE N 51 -76.48 16.88 33.38
CA ILE N 51 -76.26 17.74 34.54
C ILE N 51 -75.82 19.14 34.15
N GLU N 52 -76.45 20.12 34.79
CA GLU N 52 -76.13 21.53 34.59
C GLU N 52 -75.83 22.27 35.88
N ILE N 53 -74.70 22.96 35.91
CA ILE N 53 -74.37 23.74 37.07
C ILE N 53 -75.08 25.04 36.81
N VAL N 54 -75.90 25.49 37.75
CA VAL N 54 -76.65 26.74 37.58
C VAL N 54 -76.33 27.78 38.63
N ALA N 55 -75.54 27.39 39.63
CA ALA N 55 -75.18 28.31 40.70
C ALA N 55 -73.93 27.84 41.44
N ILE N 56 -73.17 28.80 41.94
CA ILE N 56 -71.95 28.55 42.67
C ILE N 56 -71.88 29.48 43.85
N ASN N 57 -71.46 28.98 45.00
CA ASN N 57 -71.32 29.82 46.16
C ASN N 57 -69.95 29.67 46.76
N ASP N 58 -69.32 30.78 47.07
CA ASP N 58 -68.01 30.78 47.70
C ASP N 58 -67.70 32.22 48.02
N LEU N 59 -66.76 32.43 48.94
CA LEU N 59 -66.35 33.77 49.37
C LEU N 59 -65.41 34.40 48.33
N LEU N 60 -65.86 34.52 47.09
CA LEU N 60 -65.03 35.06 46.04
C LEU N 60 -65.82 35.88 45.06
N ASP N 61 -65.25 36.99 44.61
CA ASP N 61 -65.89 37.82 43.59
C ASP N 61 -66.02 37.00 42.30
N ALA N 62 -67.01 37.33 41.49
CA ALA N 62 -67.22 36.59 40.26
C ALA N 62 -66.04 36.68 39.32
N ASP N 63 -65.38 37.83 39.26
CA ASP N 63 -64.23 38.00 38.36
C ASP N 63 -63.07 37.09 38.75
N TYR N 64 -62.97 36.80 40.04
CA TYR N 64 -61.93 35.92 40.52
C TYR N 64 -62.34 34.46 40.29
N MET N 65 -63.62 34.10 40.46
CA MET N 65 -64.02 32.73 40.16
C MET N 65 -63.75 32.45 38.68
N ALA N 66 -63.99 33.45 37.85
CA ALA N 66 -63.79 33.30 36.43
C ALA N 66 -62.35 32.96 36.19
N TYR N 67 -61.47 33.65 36.89
CA TYR N 67 -60.02 33.42 36.75
C TYR N 67 -59.63 32.02 37.19
N MET N 68 -60.13 31.60 38.35
CA MET N 68 -59.81 30.26 38.86
C MET N 68 -60.32 29.16 37.91
N LEU N 69 -61.35 29.48 37.16
CA LEU N 69 -61.94 28.55 36.23
C LEU N 69 -61.20 28.56 34.90
OH ALY N 70 -58.26 36.61 34.34
CH ALY N 70 -59.36 36.33 33.98
CH3 ALY N 70 -60.48 36.88 34.84
NZ ALY N 70 -59.54 35.53 32.90
CE ALY N 70 -60.77 34.95 32.26
CD ALY N 70 -60.51 33.59 31.53
CG ALY N 70 -61.05 32.27 32.18
CB ALY N 70 -59.94 31.34 32.66
CA ALY N 70 -60.22 29.88 33.07
N ALY N 70 -60.88 29.76 34.38
C ALY N 70 -58.86 29.20 33.08
O ALY N 70 -58.54 28.45 32.15
N TYR N 71 -58.07 29.44 34.13
CA TYR N 71 -56.72 28.89 34.21
C TYR N 71 -56.53 27.90 35.36
N ASP N 72 -55.91 26.74 35.05
CA ASP N 72 -55.61 25.71 36.04
C ASP N 72 -54.21 25.14 35.79
N SER N 73 -53.34 25.20 36.79
CA SER N 73 -51.96 24.74 36.65
C SER N 73 -51.84 23.26 36.34
N THR N 74 -52.74 22.46 36.86
CA THR N 74 -52.72 21.03 36.63
C THR N 74 -53.50 20.56 35.41
N HIS N 75 -54.70 21.10 35.20
CA HIS N 75 -55.52 20.66 34.06
C HIS N 75 -55.63 21.59 32.85
N GLY N 76 -54.75 22.58 32.75
CA GLY N 76 -54.77 23.51 31.64
C GLY N 76 -55.93 24.47 31.62
N ARG N 77 -56.06 25.16 30.50
CA ARG N 77 -57.11 26.14 30.34
C ARG N 77 -58.45 25.52 30.12
N PHE N 78 -59.45 26.21 30.63
CA PHE N 78 -60.81 25.77 30.48
C PHE N 78 -61.20 25.71 29.03
N ASP N 79 -61.80 24.59 28.63
CA ASP N 79 -62.25 24.40 27.26
C ASP N 79 -63.64 25.05 27.09
N GLY N 80 -63.67 26.36 26.89
CA GLY N 80 -64.92 27.07 26.71
C GLY N 80 -64.77 28.55 27.00
N THR N 81 -65.85 29.28 26.84
CA THR N 81 -65.85 30.71 27.09
C THR N 81 -66.41 31.02 28.47
N VAL N 82 -65.82 32.02 29.11
CA VAL N 82 -66.26 32.46 30.43
C VAL N 82 -66.13 33.97 30.55
N GLU N 83 -67.22 34.65 30.85
CA GLU N 83 -67.20 36.10 30.99
C GLU N 83 -68.02 36.47 32.22
N VAL N 84 -67.78 37.66 32.75
CA VAL N 84 -68.51 38.16 33.92
C VAL N 84 -69.50 39.27 33.53
N LYS N 85 -70.72 39.19 34.04
CA LYS N 85 -71.71 40.20 33.74
C LYS N 85 -72.62 40.42 34.94
N ASP N 86 -72.66 41.67 35.42
CA ASP N 86 -73.49 42.05 36.57
C ASP N 86 -73.22 41.23 37.82
N GLY N 87 -71.94 41.00 38.10
CA GLY N 87 -71.55 40.22 39.26
C GLY N 87 -71.83 38.73 39.17
N HIS N 88 -72.33 38.28 38.01
CA HIS N 88 -72.59 36.87 37.79
C HIS N 88 -71.71 36.36 36.69
N LEU N 89 -71.71 35.05 36.53
CA LEU N 89 -70.83 34.40 35.59
C LEU N 89 -71.58 33.85 34.38
N ILE N 90 -70.95 33.95 33.20
CA ILE N 90 -71.56 33.44 31.97
C ILE N 90 -70.59 32.51 31.29
N VAL N 91 -70.90 31.22 31.39
CA VAL N 91 -70.05 30.17 30.87
C VAL N 91 -70.70 29.47 29.72
N ASN N 92 -70.09 29.60 28.53
CA ASN N 92 -70.62 28.97 27.32
C ASN N 92 -72.05 29.44 27.10
N GLY N 93 -72.24 30.75 27.23
CA GLY N 93 -73.56 31.37 27.07
C GLY N 93 -74.67 31.03 28.08
N LYS N 94 -74.32 30.51 29.27
CA LYS N 94 -75.31 30.15 30.30
C LYS N 94 -75.04 30.95 31.58
N LYS N 95 -76.08 31.52 32.20
CA LYS N 95 -75.86 32.22 33.47
C LYS N 95 -75.67 31.27 34.62
N ILE N 96 -74.67 31.57 35.42
CA ILE N 96 -74.37 30.81 36.61
C ILE N 96 -74.50 31.83 37.74
N ARG N 97 -75.40 31.60 38.68
CA ARG N 97 -75.58 32.53 39.77
C ARG N 97 -74.41 32.40 40.74
N VAL N 98 -73.75 33.53 40.99
CA VAL N 98 -72.64 33.61 41.91
C VAL N 98 -73.08 34.30 43.19
N THR N 99 -72.85 33.63 44.31
CA THR N 99 -73.20 34.16 45.63
C THR N 99 -71.99 34.06 46.54
N ALA N 100 -72.02 34.78 47.65
CA ALA N 100 -70.92 34.76 48.61
C ALA N 100 -71.42 34.64 50.05
N GLU N 101 -72.41 33.78 50.27
CA GLU N 101 -72.99 33.55 51.59
C GLU N 101 -72.11 32.65 52.45
N ARG N 102 -71.91 33.05 53.70
CA ARG N 102 -71.11 32.28 54.65
C ARG N 102 -71.99 31.21 55.28
N ASP N 103 -73.24 31.56 55.55
CA ASP N 103 -74.20 30.65 56.16
C ASP N 103 -75.14 30.09 55.08
N PRO N 104 -75.03 28.78 54.81
CA PRO N 104 -75.82 28.08 53.78
C PRO N 104 -77.35 28.25 53.84
N ALA N 105 -77.90 28.59 55.00
CA ALA N 105 -79.36 28.76 55.07
C ALA N 105 -79.84 29.94 54.21
N ASN N 106 -78.93 30.86 53.89
CA ASN N 106 -79.23 32.04 53.09
C ASN N 106 -79.02 31.88 51.58
N LEU N 107 -78.65 30.69 51.13
CA LEU N 107 -78.37 30.46 49.71
C LEU N 107 -79.54 30.55 48.75
N LYS N 108 -80.76 30.39 49.24
CA LYS N 108 -81.92 30.48 48.38
C LYS N 108 -81.74 29.66 47.10
N TRP N 109 -81.41 28.38 47.23
CA TRP N 109 -81.22 27.53 46.05
C TRP N 109 -82.47 27.38 45.17
N ASP N 110 -83.64 27.40 45.78
CA ASP N 110 -84.88 27.24 45.03
C ASP N 110 -85.11 28.36 44.01
N GLU N 111 -84.49 29.51 44.24
CA GLU N 111 -84.66 30.65 43.32
C GLU N 111 -84.02 30.40 41.97
N VAL N 112 -83.06 29.50 41.90
CA VAL N 112 -82.41 29.22 40.63
C VAL N 112 -82.68 27.75 40.28
N GLY N 113 -83.73 27.20 40.90
CA GLY N 113 -84.18 25.83 40.68
C GLY N 113 -83.22 24.67 40.89
N VAL N 114 -82.37 24.76 41.92
CA VAL N 114 -81.40 23.70 42.20
C VAL N 114 -82.00 22.42 42.78
N ASP N 115 -81.72 21.30 42.13
CA ASP N 115 -82.18 19.99 42.59
C ASP N 115 -81.23 19.43 43.63
N VAL N 116 -79.96 19.35 43.28
CA VAL N 116 -78.93 18.82 44.17
C VAL N 116 -77.76 19.78 44.39
N VAL N 117 -77.21 19.76 45.61
CA VAL N 117 -76.08 20.60 45.95
C VAL N 117 -74.84 19.77 46.18
N ALA N 118 -73.73 20.18 45.56
CA ALA N 118 -72.46 19.49 45.75
C ALA N 118 -71.78 20.29 46.83
N GLU N 119 -71.78 19.74 48.03
CA GLU N 119 -71.19 20.40 49.18
C GLU N 119 -69.69 20.14 49.15
N ALA N 120 -68.93 21.13 48.70
CA ALA N 120 -67.49 20.97 48.58
C ALA N 120 -66.60 21.94 49.32
N THR N 121 -67.04 22.43 50.47
CA THR N 121 -66.25 23.39 51.22
C THR N 121 -65.39 22.68 52.24
N GLY N 122 -65.73 21.42 52.50
CA GLY N 122 -64.99 20.62 53.48
C GLY N 122 -65.41 20.94 54.92
N LEU N 123 -66.32 21.90 55.10
CA LEU N 123 -66.76 22.33 56.42
C LEU N 123 -68.12 21.81 56.86
N PHE N 124 -68.96 21.38 55.94
CA PHE N 124 -70.29 20.90 56.34
C PHE N 124 -70.46 19.41 56.05
N LEU N 125 -69.80 18.59 56.86
CA LEU N 125 -69.83 17.14 56.68
C LEU N 125 -70.64 16.37 57.70
N THR N 126 -71.65 17.02 58.27
CA THR N 126 -72.55 16.38 59.23
C THR N 126 -73.94 16.62 58.72
N ASP N 127 -74.91 15.86 59.20
CA ASP N 127 -76.26 16.02 58.73
C ASP N 127 -76.82 17.41 59.01
N GLU N 128 -76.63 17.93 60.22
CA GLU N 128 -77.23 19.25 60.53
C GLU N 128 -76.61 20.36 59.69
N THR N 129 -75.30 20.35 59.48
CA THR N 129 -74.68 21.40 58.69
C THR N 129 -75.07 21.32 57.21
N ALA N 130 -75.14 20.11 56.66
CA ALA N 130 -75.50 19.94 55.24
C ALA N 130 -77.00 20.15 55.02
N ARG N 131 -77.79 19.79 56.03
CA ARG N 131 -79.25 19.94 56.01
C ARG N 131 -79.64 21.38 55.66
N LYS N 132 -78.78 22.34 55.98
CA LYS N 132 -79.07 23.74 55.70
C LYS N 132 -79.36 24.01 54.23
N HIS N 133 -78.71 23.30 53.33
CA HIS N 133 -78.98 23.49 51.91
C HIS N 133 -80.42 23.11 51.56
N ILE N 134 -80.93 22.09 52.25
CA ILE N 134 -82.30 21.66 52.02
C ILE N 134 -83.25 22.71 52.58
N THR N 135 -82.90 23.26 53.74
CA THR N 135 -83.70 24.30 54.38
C THR N 135 -83.74 25.50 53.42
N ALA N 136 -82.64 25.69 52.69
CA ALA N 136 -82.52 26.78 51.72
C ALA N 136 -83.10 26.50 50.32
N GLY N 137 -83.86 25.41 50.16
CA GLY N 137 -84.49 25.11 48.86
C GLY N 137 -83.99 23.95 48.01
N ALA N 138 -82.81 23.42 48.31
CA ALA N 138 -82.30 22.31 47.53
C ALA N 138 -83.02 21.05 47.96
N LYS N 139 -83.17 20.09 47.05
CA LYS N 139 -83.87 18.84 47.38
C LYS N 139 -82.92 17.81 48.01
N LYS N 140 -81.71 17.70 47.47
CA LYS N 140 -80.71 16.75 48.01
C LYS N 140 -79.30 17.33 48.06
N VAL N 141 -78.42 16.65 48.80
CA VAL N 141 -77.05 17.09 48.98
C VAL N 141 -76.06 15.97 48.91
N VAL N 142 -74.95 16.22 48.20
CA VAL N 142 -73.87 15.25 48.09
C VAL N 142 -72.61 15.87 48.67
N MET N 143 -72.13 15.33 49.78
CA MET N 143 -70.92 15.82 50.42
C MET N 143 -69.76 15.30 49.59
N THR N 144 -68.83 16.17 49.23
CA THR N 144 -67.68 15.73 48.44
C THR N 144 -66.55 15.36 49.35
N GLY N 145 -66.85 14.64 50.42
CA GLY N 145 -65.84 14.20 51.36
C GLY N 145 -66.48 13.19 52.29
N PRO N 146 -65.66 12.43 53.02
CA PRO N 146 -66.26 11.50 53.96
C PRO N 146 -67.00 12.25 55.08
N SER N 147 -68.13 11.69 55.48
CA SER N 147 -68.95 12.31 56.52
C SER N 147 -68.38 12.12 57.92
N LYS N 148 -68.48 13.18 58.74
CA LYS N 148 -67.97 13.14 60.12
C LYS N 148 -68.96 12.53 61.05
N ASP N 149 -70.22 12.46 60.63
CA ASP N 149 -71.24 11.80 61.42
C ASP N 149 -71.53 10.48 60.68
N ASN N 150 -72.74 9.94 60.83
CA ASN N 150 -73.06 8.68 60.17
C ASN N 150 -73.83 8.83 58.86
N THR N 151 -73.65 9.97 58.21
CA THR N 151 -74.28 10.19 56.94
C THR N 151 -73.74 9.08 56.06
N PRO N 152 -74.62 8.36 55.35
CA PRO N 152 -74.17 7.25 54.53
C PRO N 152 -73.25 7.62 53.36
N MET N 153 -72.24 6.79 53.14
CA MET N 153 -71.28 7.00 52.08
C MET N 153 -71.51 6.04 50.93
N PHE N 154 -71.31 6.52 49.70
CA PHE N 154 -71.48 5.70 48.51
C PHE N 154 -70.30 5.85 47.60
N VAL N 155 -69.84 4.72 47.08
CA VAL N 155 -68.68 4.67 46.21
C VAL N 155 -69.05 3.84 44.99
N LYS N 156 -69.00 4.47 43.82
CA LYS N 156 -69.35 3.78 42.60
C LYS N 156 -68.40 2.59 42.42
N GLY N 157 -69.00 1.47 42.06
CA GLY N 157 -68.28 0.22 41.87
C GLY N 157 -68.37 -0.63 43.13
N ALA N 158 -68.75 -0.01 44.25
CA ALA N 158 -68.85 -0.73 45.52
C ALA N 158 -70.28 -0.82 46.06
N ASN N 159 -70.97 0.30 46.22
CA ASN N 159 -72.30 0.21 46.79
C ASN N 159 -73.35 1.21 46.31
N PHE N 160 -73.30 1.66 45.08
CA PHE N 160 -74.33 2.59 44.59
C PHE N 160 -75.70 1.95 44.70
N ASP N 161 -75.78 0.66 44.39
CA ASP N 161 -77.04 -0.11 44.49
C ASP N 161 -77.71 -0.02 45.89
N LYS N 162 -76.91 0.18 46.94
CA LYS N 162 -77.43 0.34 48.31
C LYS N 162 -78.16 1.66 48.59
N TYR N 163 -78.03 2.64 47.70
CA TYR N 163 -78.71 3.91 47.92
C TYR N 163 -80.18 3.60 48.12
N ALA N 164 -80.78 4.21 49.15
CA ALA N 164 -82.17 3.99 49.50
C ALA N 164 -83.01 5.27 49.63
N GLY N 165 -82.85 6.21 48.71
CA GLY N 165 -83.62 7.45 48.75
C GLY N 165 -83.22 8.53 49.75
N GLN N 166 -82.14 8.33 50.52
CA GLN N 166 -81.71 9.38 51.47
C GLN N 166 -81.51 10.72 50.74
N ASP N 167 -81.79 11.81 51.44
CA ASP N 167 -81.63 13.16 50.85
C ASP N 167 -80.24 13.78 51.05
N ILE N 168 -79.44 13.18 51.92
CA ILE N 168 -78.08 13.66 52.19
C ILE N 168 -77.14 12.47 52.19
N VAL N 169 -76.14 12.52 51.31
CA VAL N 169 -75.15 11.45 51.19
C VAL N 169 -73.74 11.98 51.03
N SER N 170 -72.77 11.06 51.11
CA SER N 170 -71.35 11.37 50.97
C SER N 170 -70.73 10.49 49.91
N ASN N 171 -69.84 11.03 49.09
CA ASN N 171 -69.16 10.26 48.05
C ASN N 171 -67.80 9.75 48.57
N ALA N 172 -67.65 9.72 49.89
CA ALA N 172 -66.44 9.22 50.55
C ALA N 172 -65.26 10.05 50.17
N SER N 173 -64.07 9.44 50.17
CA SER N 173 -62.82 10.13 49.82
C SER N 173 -62.24 9.62 48.52
N CYS N 174 -61.29 10.36 47.97
CA CYS N 174 -60.62 9.97 46.72
C CYS N 174 -59.95 8.61 46.86
N THR N 175 -59.23 8.43 47.97
CA THR N 175 -58.55 7.17 48.24
C THR N 175 -59.54 5.99 48.40
N THR N 176 -60.65 6.21 49.08
CA THR N 176 -61.63 5.14 49.24
C THR N 176 -62.19 4.77 47.88
N ASN N 177 -62.41 5.75 47.02
CA ASN N 177 -62.90 5.41 45.68
C ASN N 177 -61.90 4.59 44.87
N CYS N 178 -60.61 4.64 45.21
CA CYS N 178 -59.61 3.87 44.47
C CYS N 178 -59.54 2.47 45.02
N LEU N 179 -59.50 2.40 46.34
CA LEU N 179 -59.40 1.14 47.04
C LEU N 179 -60.64 0.24 47.06
N ALA N 180 -61.82 0.80 47.34
CA ALA N 180 -63.02 -0.04 47.39
C ALA N 180 -63.27 -0.93 46.18
N PRO N 181 -63.29 -0.35 44.97
CA PRO N 181 -63.56 -1.20 43.81
C PRO N 181 -62.57 -2.32 43.65
N LEU N 182 -61.30 -2.05 43.88
CA LEU N 182 -60.26 -3.06 43.72
C LEU N 182 -60.46 -4.14 44.75
N ALA N 183 -60.62 -3.73 46.00
CA ALA N 183 -60.82 -4.66 47.10
C ALA N 183 -62.05 -5.54 46.87
N LYS N 184 -63.13 -4.94 46.38
CA LYS N 184 -64.35 -5.71 46.13
C LYS N 184 -64.09 -6.86 45.16
N VAL N 185 -63.42 -6.55 44.05
CA VAL N 185 -63.08 -7.56 43.06
C VAL N 185 -62.19 -8.65 43.67
N ILE N 186 -61.11 -8.24 44.32
CA ILE N 186 -60.19 -9.20 44.92
C ILE N 186 -60.92 -10.08 45.94
N ASN N 187 -61.71 -9.44 46.79
CA ASN N 187 -62.42 -10.16 47.82
C ASN N 187 -63.44 -11.13 47.23
N ASP N 188 -64.30 -10.64 46.32
CA ASP N 188 -65.32 -11.51 45.69
C ASP N 188 -64.71 -12.73 45.06
N ASN N 189 -63.57 -12.58 44.40
CA ASN N 189 -62.90 -13.67 43.73
C ASN N 189 -62.00 -14.55 44.56
N PHE N 190 -61.27 -13.97 45.50
CA PHE N 190 -60.32 -14.77 46.28
C PHE N 190 -60.45 -14.68 47.78
N GLY N 191 -61.23 -13.72 48.28
CA GLY N 191 -61.43 -13.56 49.71
C GLY N 191 -60.26 -12.92 50.42
N ILE N 192 -60.48 -11.70 50.92
CA ILE N 192 -59.44 -11.00 51.63
C ILE N 192 -59.53 -11.34 53.11
N ILE N 193 -58.47 -11.93 53.63
CA ILE N 193 -58.45 -12.30 55.05
C ILE N 193 -58.12 -11.07 55.83
N GLU N 194 -57.07 -10.39 55.39
CA GLU N 194 -56.62 -9.16 56.02
C GLU N 194 -55.74 -8.41 55.02
N GLY N 195 -55.68 -7.10 55.14
CA GLY N 195 -54.88 -6.31 54.25
C GLY N 195 -54.47 -4.99 54.86
N LEU N 196 -53.29 -4.52 54.44
CA LEU N 196 -52.73 -3.25 54.86
C LEU N 196 -52.44 -2.49 53.60
N MET N 197 -52.72 -1.19 53.59
CA MET N 197 -52.51 -0.45 52.36
C MET N 197 -51.78 0.83 52.62
N THR N 198 -51.10 1.29 51.60
CA THR N 198 -50.34 2.51 51.66
C THR N 198 -50.66 3.29 50.43
N THR N 199 -50.82 4.59 50.58
CA THR N 199 -51.08 5.40 49.43
C THR N 199 -49.98 6.45 49.34
N VAL N 200 -49.29 6.48 48.19
CA VAL N 200 -48.29 7.49 47.93
C VAL N 200 -49.18 8.54 47.29
N HIS N 201 -49.38 9.62 48.02
CA HIS N 201 -50.32 10.65 47.64
C HIS N 201 -49.71 11.98 47.25
N ALA N 202 -50.31 12.62 46.25
CA ALA N 202 -49.86 13.92 45.78
C ALA N 202 -50.11 15.00 46.83
N THR N 203 -49.40 16.09 46.69
CA THR N 203 -49.56 17.20 47.58
C THR N 203 -50.95 17.82 47.42
N THR N 204 -51.52 18.33 48.53
CA THR N 204 -52.83 18.95 48.47
C THR N 204 -52.82 20.30 49.13
N ALA N 205 -53.97 20.96 49.05
CA ALA N 205 -54.12 22.32 49.55
C ALA N 205 -53.89 22.49 51.04
N THR N 206 -54.01 21.42 51.81
CA THR N 206 -53.83 21.53 53.28
C THR N 206 -52.35 21.59 53.67
N GLN N 207 -51.45 21.31 52.73
CA GLN N 207 -50.01 21.36 53.03
C GLN N 207 -49.40 22.76 52.86
N LYS N 208 -48.14 22.91 53.23
CA LYS N 208 -47.43 24.19 53.17
C LYS N 208 -46.25 24.20 52.21
N THR N 209 -46.00 25.37 51.63
CA THR N 209 -44.93 25.51 50.69
C THR N 209 -43.58 25.39 51.38
N VAL N 210 -43.48 25.91 52.61
CA VAL N 210 -42.22 25.82 53.39
C VAL N 210 -42.63 25.50 54.81
N ASP N 211 -41.71 24.99 55.62
CA ASP N 211 -42.05 24.58 57.01
C ASP N 211 -42.90 25.63 57.67
N GLY N 212 -44.17 25.28 57.91
CA GLY N 212 -45.12 26.18 58.52
C GLY N 212 -45.94 25.45 59.55
N PRO N 213 -46.90 26.16 60.19
CA PRO N 213 -47.74 25.62 61.26
C PRO N 213 -48.93 24.77 60.84
N SER N 214 -49.08 23.65 61.53
CA SER N 214 -50.16 22.70 61.32
C SER N 214 -50.26 22.08 62.72
N HIS N 215 -50.93 22.77 63.62
N HIS N 215 -50.95 22.78 63.64
CA HIS N 215 -51.08 22.36 65.04
CA HIS N 215 -51.07 22.36 65.06
C HIS N 215 -51.64 20.96 65.26
C HIS N 215 -51.65 20.96 65.28
N LYS N 216 -52.58 20.52 64.41
CA LYS N 216 -53.19 19.18 64.57
C LYS N 216 -52.43 18.10 63.85
N ASP N 217 -51.50 18.49 62.98
CA ASP N 217 -50.71 17.53 62.20
C ASP N 217 -49.32 18.11 61.91
N TRP N 218 -48.46 18.03 62.92
CA TRP N 218 -47.08 18.51 62.81
C TRP N 218 -46.36 18.12 61.55
N ARG N 219 -46.35 16.84 61.20
CA ARG N 219 -45.61 16.45 59.97
C ARG N 219 -46.19 17.15 58.74
N GLY N 220 -47.51 17.31 58.75
CA GLY N 220 -48.23 17.94 57.64
C GLY N 220 -47.86 19.38 57.34
N GLY N 221 -47.27 20.06 58.31
CA GLY N 221 -46.89 21.45 58.13
C GLY N 221 -45.52 21.61 57.50
N ARG N 222 -44.80 20.52 57.35
CA ARG N 222 -43.46 20.58 56.78
C ARG N 222 -43.54 20.82 55.27
N GLY N 223 -42.52 21.53 54.77
CA GLY N 223 -42.41 21.85 53.36
C GLY N 223 -42.79 20.69 52.46
N ALA N 224 -43.86 20.86 51.71
CA ALA N 224 -44.35 19.83 50.84
C ALA N 224 -43.41 19.40 49.72
N SER N 225 -42.79 20.35 49.06
CA SER N 225 -41.92 20.03 47.94
C SER N 225 -40.55 19.43 48.31
N GLN N 226 -40.14 19.54 49.56
CA GLN N 226 -38.84 19.02 50.01
C GLN N 226 -38.91 17.69 50.67
N ASN N 227 -40.12 17.27 51.04
CA ASN N 227 -40.29 16.05 51.79
C ASN N 227 -41.26 14.93 51.38
N ILE N 228 -40.95 13.74 51.92
CA ILE N 228 -41.81 12.58 51.85
C ILE N 228 -42.43 12.72 53.25
N ILE N 229 -43.72 12.91 53.32
CA ILE N 229 -44.36 13.12 54.62
C ILE N 229 -45.35 12.06 55.03
N PRO N 230 -45.04 11.30 56.09
CA PRO N 230 -46.02 10.29 56.53
C PRO N 230 -47.31 10.95 56.99
N SER N 231 -48.43 10.25 56.82
CA SER N 231 -49.71 10.81 57.15
C SER N 231 -50.76 9.76 57.40
N SER N 232 -51.78 10.11 58.18
CA SER N 232 -52.86 9.18 58.49
C SER N 232 -53.97 9.28 57.47
N THR N 233 -54.72 8.19 57.33
CA THR N 233 -55.87 8.15 56.42
C THR N 233 -56.75 6.95 56.78
N GLY N 234 -57.95 7.23 57.31
CA GLY N 234 -58.90 6.19 57.69
C GLY N 234 -59.59 5.59 56.48
N ALA N 235 -59.22 6.07 55.29
CA ALA N 235 -59.76 5.61 54.00
C ALA N 235 -59.80 4.11 53.87
N ALA N 236 -58.79 3.42 54.43
CA ALA N 236 -58.74 1.96 54.35
C ALA N 236 -59.78 1.38 55.28
N LYS N 237 -59.91 1.99 56.46
CA LYS N 237 -60.89 1.54 57.44
C LYS N 237 -62.33 1.87 56.95
N ALA N 238 -62.49 3.01 56.28
CA ALA N 238 -63.79 3.46 55.71
C ALA N 238 -64.32 2.52 54.63
N VAL N 239 -63.44 1.67 54.10
CA VAL N 239 -63.87 0.71 53.09
C VAL N 239 -64.86 -0.21 53.77
N GLY N 240 -64.64 -0.44 55.06
CA GLY N 240 -65.52 -1.28 55.85
C GLY N 240 -66.97 -0.81 55.83
N LYS N 241 -67.19 0.49 55.61
CA LYS N 241 -68.54 1.04 55.56
C LYS N 241 -69.23 0.88 54.20
N VAL N 242 -68.49 1.03 53.12
CA VAL N 242 -69.10 0.86 51.80
C VAL N 242 -69.13 -0.63 51.44
N LEU N 243 -68.26 -1.41 52.08
CA LEU N 243 -68.17 -2.86 51.86
C LEU N 243 -68.13 -3.53 53.22
N PRO N 244 -69.28 -3.60 53.89
CA PRO N 244 -69.42 -4.21 55.22
C PRO N 244 -68.63 -5.51 55.40
N GLU N 245 -68.63 -6.38 54.40
CA GLU N 245 -67.92 -7.66 54.47
C GLU N 245 -66.39 -7.51 54.75
N LEU N 246 -65.83 -6.32 54.53
CA LEU N 246 -64.40 -6.07 54.78
C LEU N 246 -64.18 -5.23 56.04
N ASN N 247 -65.23 -5.02 56.82
CA ASN N 247 -65.12 -4.24 58.04
C ASN N 247 -64.09 -4.88 58.95
N GLY N 248 -63.16 -4.09 59.47
CA GLY N 248 -62.11 -4.59 60.36
C GLY N 248 -60.97 -5.38 59.72
N LYS N 249 -60.99 -5.55 58.41
CA LYS N 249 -59.96 -6.34 57.70
C LYS N 249 -58.92 -5.51 56.97
N LEU N 250 -59.10 -4.20 56.91
CA LEU N 250 -58.17 -3.35 56.23
C LEU N 250 -57.95 -2.10 56.97
N THR N 251 -56.75 -1.60 56.86
CA THR N 251 -56.40 -0.31 57.43
C THR N 251 -55.13 0.09 56.67
N GLY N 252 -54.62 1.29 56.91
CA GLY N 252 -53.43 1.72 56.20
C GLY N 252 -52.93 3.09 56.55
N MET N 253 -52.04 3.60 55.70
CA MET N 253 -51.48 4.93 55.90
C MET N 253 -51.06 5.57 54.60
N ALA N 254 -50.49 6.77 54.69
CA ALA N 254 -50.09 7.47 53.51
C ALA N 254 -48.76 8.18 53.63
N PHE N 255 -48.18 8.42 52.47
CA PHE N 255 -46.95 9.21 52.35
C PHE N 255 -47.29 10.30 51.34
N ARG N 256 -47.16 11.55 51.76
CA ARG N 256 -47.43 12.66 50.88
C ARG N 256 -46.11 12.96 50.22
N VAL N 257 -46.08 12.95 48.89
CA VAL N 257 -44.86 13.26 48.15
C VAL N 257 -45.02 14.53 47.29
N PRO N 258 -43.92 15.14 46.82
CA PRO N 258 -43.98 16.36 46.04
C PRO N 258 -44.48 16.31 44.60
N THR N 259 -45.73 15.90 44.36
CA THR N 259 -46.30 15.91 43.01
C THR N 259 -47.59 16.68 43.20
N PRO N 260 -47.98 17.47 42.22
CA PRO N 260 -49.16 18.30 42.35
C PRO N 260 -50.48 17.58 42.20
N ASN N 261 -50.48 16.39 41.59
CA ASN N 261 -51.71 15.65 41.40
C ASN N 261 -51.44 14.20 41.02
N VAL N 262 -52.42 13.34 41.25
CA VAL N 262 -52.34 11.88 40.95
C VAL N 262 -51.62 11.16 42.09
N SER N 263 -52.29 10.15 42.59
CA SER N 263 -51.83 9.36 43.70
C SER N 263 -51.93 7.85 43.35
N VAL N 264 -51.45 6.99 44.23
CA VAL N 264 -51.47 5.58 43.95
C VAL N 264 -51.59 4.75 45.22
N VAL N 265 -52.33 3.64 45.18
CA VAL N 265 -52.45 2.80 46.38
C VAL N 265 -51.62 1.54 46.17
N ASP N 266 -51.08 1.07 47.27
CA ASP N 266 -50.24 -0.10 47.37
C ASP N 266 -50.94 -0.99 48.41
N LEU N 267 -51.81 -1.85 47.91
CA LEU N 267 -52.57 -2.77 48.73
C LEU N 267 -51.88 -4.12 48.89
N THR N 268 -51.52 -4.45 50.13
CA THR N 268 -50.88 -5.70 50.45
C THR N 268 -51.91 -6.57 51.16
N VAL N 269 -52.36 -7.64 50.51
CA VAL N 269 -53.39 -8.49 51.11
C VAL N 269 -53.03 -9.95 51.20
N ARG N 270 -53.72 -10.64 52.10
CA ARG N 270 -53.52 -12.05 52.29
C ARG N 270 -54.83 -12.66 51.82
N LEU N 271 -54.75 -13.63 50.91
CA LEU N 271 -55.95 -14.23 50.33
C LEU N 271 -56.34 -15.57 50.89
N GLU N 272 -57.64 -15.78 50.96
CA GLU N 272 -58.19 -17.04 51.44
C GLU N 272 -57.96 -18.12 50.36
N LYS N 273 -58.39 -17.86 49.12
CA LYS N 273 -58.20 -18.79 48.00
C LYS N 273 -56.90 -18.46 47.30
N ALA N 274 -56.09 -19.48 47.05
CA ALA N 274 -54.83 -19.30 46.37
C ALA N 274 -55.08 -18.79 44.97
N ALA N 275 -54.24 -17.87 44.53
CA ALA N 275 -54.38 -17.31 43.20
C ALA N 275 -53.05 -16.80 42.68
N THR N 276 -52.69 -17.25 41.49
CA THR N 276 -51.44 -16.81 40.85
C THR N 276 -51.67 -15.38 40.44
N TYR N 277 -50.59 -14.68 40.14
CA TYR N 277 -50.73 -13.29 39.75
C TYR N 277 -51.46 -13.20 38.41
N GLU N 278 -51.27 -14.20 37.57
CA GLU N 278 -51.94 -14.17 36.28
C GLU N 278 -53.47 -14.22 36.48
N GLN N 279 -53.93 -14.95 37.50
CA GLN N 279 -55.37 -15.07 37.80
C GLN N 279 -55.95 -13.80 38.34
N ILE N 280 -55.16 -13.12 39.15
CA ILE N 280 -55.58 -11.85 39.70
C ILE N 280 -55.75 -10.86 38.55
N LYS N 281 -54.76 -10.79 37.67
CA LYS N 281 -54.82 -9.91 36.52
C LYS N 281 -56.12 -10.18 35.75
N ALA N 282 -56.43 -11.45 35.49
CA ALA N 282 -57.63 -11.78 34.75
C ALA N 282 -58.91 -11.34 35.46
N ALA N 283 -58.96 -11.53 36.79
CA ALA N 283 -60.13 -11.14 37.58
C ALA N 283 -60.41 -9.65 37.47
N VAL N 284 -59.36 -8.85 37.62
CA VAL N 284 -59.47 -7.39 37.54
C VAL N 284 -59.83 -6.94 36.15
N LYS N 285 -59.12 -7.49 35.18
CA LYS N 285 -59.37 -7.14 33.79
C LYS N 285 -60.81 -7.45 33.43
N ALA N 286 -61.34 -8.54 33.94
CA ALA N 286 -62.72 -8.91 33.65
C ALA N 286 -63.66 -7.87 34.21
N ALA N 287 -63.39 -7.43 35.44
CA ALA N 287 -64.23 -6.46 36.11
C ALA N 287 -64.16 -5.14 35.42
N ALA N 288 -62.97 -4.80 34.95
CA ALA N 288 -62.75 -3.53 34.27
C ALA N 288 -63.46 -3.45 32.94
N GLU N 289 -63.52 -4.57 32.22
CA GLU N 289 -64.20 -4.59 30.94
C GLU N 289 -65.68 -4.89 31.10
N GLY N 290 -66.09 -5.30 32.30
CA GLY N 290 -67.49 -5.67 32.52
C GLY N 290 -68.29 -4.82 33.47
N GLU N 291 -68.69 -5.43 34.57
CA GLU N 291 -69.49 -4.77 35.60
C GLU N 291 -68.97 -3.42 36.13
N MET N 292 -67.66 -3.26 36.29
CA MET N 292 -67.12 -2.01 36.80
C MET N 292 -66.48 -1.16 35.72
N LYS N 293 -67.00 -1.22 34.52
CA LYS N 293 -66.43 -0.44 33.43
C LYS N 293 -66.58 1.03 33.76
N GLY N 294 -65.57 1.83 33.45
CA GLY N 294 -65.59 3.28 33.73
C GLY N 294 -65.15 3.64 35.14
N VAL N 295 -65.14 2.66 36.04
CA VAL N 295 -64.74 2.87 37.42
C VAL N 295 -63.36 2.28 37.62
N LEU N 296 -63.25 0.99 37.38
CA LEU N 296 -62.01 0.30 37.54
C LEU N 296 -61.36 0.12 36.18
N GLY N 297 -60.12 0.56 36.07
CA GLY N 297 -59.37 0.43 34.84
C GLY N 297 -58.27 -0.61 34.99
N TYR N 298 -57.62 -0.93 33.88
CA TYR N 298 -56.58 -1.96 33.89
C TYR N 298 -55.55 -1.63 32.85
N THR N 299 -54.29 -1.77 33.21
CA THR N 299 -53.23 -1.49 32.25
C THR N 299 -52.04 -2.40 32.47
N GLU N 300 -51.37 -2.71 31.37
CA GLU N 300 -50.15 -3.50 31.42
C GLU N 300 -48.97 -2.67 30.86
N ASP N 301 -49.20 -1.37 30.64
CA ASP N 301 -48.18 -0.47 30.12
C ASP N 301 -47.27 0.05 31.21
N ASP N 302 -46.14 0.60 30.79
CA ASP N 302 -45.12 1.13 31.72
C ASP N 302 -45.45 2.57 32.10
N VAL N 303 -46.56 2.71 32.81
CA VAL N 303 -47.04 4.01 33.23
C VAL N 303 -46.42 4.65 34.45
N VAL N 304 -46.61 5.95 34.56
CA VAL N 304 -46.10 6.73 35.68
C VAL N 304 -47.26 7.62 36.03
N SER N 305 -47.20 8.24 37.18
CA SER N 305 -48.30 9.08 37.66
C SER N 305 -48.89 10.06 36.66
N THR N 306 -48.05 10.84 35.98
CA THR N 306 -48.58 11.82 35.01
C THR N 306 -49.47 11.20 33.94
N ASP N 307 -49.35 9.90 33.72
CA ASP N 307 -50.15 9.27 32.68
C ASP N 307 -51.59 9.21 33.10
N PHE N 308 -51.88 9.55 34.34
CA PHE N 308 -53.24 9.50 34.82
C PHE N 308 -53.79 10.88 35.17
N ASN N 309 -53.02 11.91 34.84
CA ASN N 309 -53.52 13.22 35.07
C ASN N 309 -54.71 13.36 34.12
N GLY N 310 -55.89 13.61 34.65
CA GLY N 310 -57.08 13.73 33.82
C GLY N 310 -57.89 12.46 33.75
N GLU N 311 -57.37 11.36 34.31
CA GLU N 311 -58.08 10.09 34.31
C GLU N 311 -59.41 10.11 35.03
N VAL N 312 -60.43 9.62 34.34
CA VAL N 312 -61.78 9.54 34.89
C VAL N 312 -62.03 8.25 35.75
N CYS N 313 -61.40 7.13 35.42
CA CYS N 313 -61.57 5.94 36.25
C CYS N 313 -61.03 6.28 37.64
N THR N 314 -61.69 5.79 38.67
CA THR N 314 -61.28 6.06 40.05
C THR N 314 -60.24 5.09 40.58
N SER N 315 -59.94 4.06 39.80
CA SER N 315 -58.95 3.10 40.21
C SER N 315 -58.43 2.41 38.96
N VAL N 316 -57.16 2.56 38.68
CA VAL N 316 -56.59 1.91 37.51
C VAL N 316 -55.47 0.94 37.92
N PHE N 317 -55.78 -0.35 37.88
CA PHE N 317 -54.86 -1.40 38.22
C PHE N 317 -53.64 -1.40 37.32
N ASP N 318 -52.47 -1.42 37.96
CA ASP N 318 -51.21 -1.45 37.26
C ASP N 318 -50.67 -2.86 37.41
N ALA N 319 -50.88 -3.67 36.38
CA ALA N 319 -50.45 -5.05 36.42
C ALA N 319 -48.95 -5.26 36.66
N LYS N 320 -48.10 -4.63 35.86
CA LYS N 320 -46.67 -4.83 35.99
C LYS N 320 -46.07 -4.36 37.30
N ALA N 321 -46.68 -3.36 37.92
CA ALA N 321 -46.11 -2.77 39.14
C ALA N 321 -46.28 -3.65 40.35
N GLY N 322 -47.37 -4.40 40.40
CA GLY N 322 -47.64 -5.27 41.52
C GLY N 322 -46.69 -6.45 41.57
N ILE N 323 -46.61 -7.06 42.73
CA ILE N 323 -45.73 -8.19 42.93
C ILE N 323 -46.36 -9.16 43.90
N ALA N 324 -46.14 -10.44 43.65
CA ALA N 324 -46.68 -11.50 44.50
C ALA N 324 -45.59 -12.29 45.18
N LEU N 325 -45.67 -12.46 46.49
CA LEU N 325 -44.67 -13.26 47.19
C LEU N 325 -45.03 -14.71 46.93
N ASN N 326 -46.33 -15.00 47.00
CA ASN N 326 -46.84 -16.35 46.78
C ASN N 326 -48.33 -16.32 46.41
N ASP N 327 -48.92 -17.48 46.18
CA ASP N 327 -50.34 -17.56 45.82
C ASP N 327 -51.32 -16.99 46.84
N ASN N 328 -50.86 -16.64 48.05
CA ASN N 328 -51.75 -16.08 49.06
C ASN N 328 -51.33 -14.81 49.73
N PHE N 329 -50.29 -14.17 49.24
CA PHE N 329 -49.80 -12.93 49.81
C PHE N 329 -49.31 -12.10 48.64
N VAL N 330 -50.07 -11.04 48.36
CA VAL N 330 -49.81 -10.18 47.23
C VAL N 330 -49.84 -8.68 47.51
N LYS N 331 -49.11 -7.92 46.69
CA LYS N 331 -49.07 -6.49 46.77
C LYS N 331 -49.62 -6.01 45.45
N LEU N 332 -50.79 -5.37 45.49
CA LEU N 332 -51.46 -4.83 44.32
C LEU N 332 -51.34 -3.32 44.23
N VAL N 333 -51.17 -2.80 43.02
CA VAL N 333 -51.00 -1.33 42.81
C VAL N 333 -52.06 -0.73 41.94
N SER N 334 -52.62 0.40 42.34
CA SER N 334 -53.69 1.02 41.57
C SER N 334 -53.60 2.54 41.65
N TRP N 335 -53.63 3.17 40.48
CA TRP N 335 -53.53 4.63 40.34
C TRP N 335 -54.84 5.35 40.37
N TYR N 336 -54.78 6.62 40.73
CA TYR N 336 -55.96 7.46 40.76
C TYR N 336 -55.68 8.95 40.69
N ASP N 337 -56.45 9.66 39.85
CA ASP N 337 -56.30 11.12 39.76
C ASP N 337 -57.21 11.61 40.88
N ASN N 338 -56.59 12.05 41.96
CA ASN N 338 -57.34 12.47 43.14
C ASN N 338 -58.29 13.65 42.95
N GLU N 339 -58.14 14.37 41.87
CA GLU N 339 -59.05 15.47 41.62
C GLU N 339 -60.11 15.06 40.60
N THR N 340 -59.66 14.58 39.44
CA THR N 340 -60.55 14.21 38.36
C THR N 340 -61.46 12.97 38.59
N GLY N 341 -60.91 11.85 38.99
CA GLY N 341 -61.72 10.69 39.21
C GLY N 341 -62.86 10.97 40.18
N TYR N 342 -62.49 11.39 41.39
CA TYR N 342 -63.47 11.69 42.44
C TYR N 342 -64.51 12.69 41.94
N SER N 343 -64.06 13.78 41.31
CA SER N 343 -65.00 14.77 40.83
C SER N 343 -66.03 14.14 39.91
N ASN N 344 -65.60 13.28 38.98
CA ASN N 344 -66.58 12.66 38.09
C ASN N 344 -67.54 11.77 38.83
N LYS N 345 -67.05 11.06 39.85
CA LYS N 345 -67.96 10.17 40.60
C LYS N 345 -68.91 10.96 41.43
N VAL N 346 -68.56 12.19 41.81
CA VAL N 346 -69.50 13.02 42.55
C VAL N 346 -70.69 13.21 41.61
N LEU N 347 -70.41 13.52 40.35
CA LEU N 347 -71.48 13.71 39.36
C LEU N 347 -72.24 12.41 39.13
N ASP N 348 -71.54 11.28 39.09
CA ASP N 348 -72.21 9.98 38.92
C ASP N 348 -73.20 9.76 40.06
N LEU N 349 -72.78 10.14 41.28
CA LEU N 349 -73.63 9.96 42.46
C LEU N 349 -74.82 10.90 42.42
N ILE N 350 -74.59 12.12 41.96
CA ILE N 350 -75.66 13.08 41.85
C ILE N 350 -76.73 12.53 40.91
N ALA N 351 -76.26 12.00 39.78
CA ALA N 351 -77.16 11.44 38.77
C ALA N 351 -77.90 10.24 39.32
N HIS N 352 -77.19 9.43 40.10
CA HIS N 352 -77.77 8.22 40.67
C HIS N 352 -78.89 8.49 41.68
N ILE N 353 -78.65 9.41 42.61
CA ILE N 353 -79.67 9.72 43.61
C ILE N 353 -80.84 10.53 43.02
N SER N 354 -80.72 10.98 41.77
CA SER N 354 -81.77 11.76 41.12
C SER N 354 -82.69 10.90 40.26
N LYS N 355 -82.44 9.60 40.18
CA LYS N 355 -83.31 8.71 39.41
C LYS N 355 -84.67 8.67 40.11
N MET O 25 -51.39 18.21 -2.23
CA MET O 25 -49.99 17.72 -2.04
C MET O 25 -49.43 17.96 -0.66
N THR O 26 -49.19 16.89 0.10
CA THR O 26 -48.62 17.05 1.41
C THR O 26 -47.10 16.97 1.24
N ILE O 27 -46.40 17.61 2.17
CA ILE O 27 -44.95 17.61 2.18
C ILE O 27 -44.52 16.43 3.02
N LYS O 28 -43.78 15.49 2.44
CA LYS O 28 -43.30 14.34 3.19
C LYS O 28 -42.10 14.70 4.07
N VAL O 29 -42.21 14.41 5.36
CA VAL O 29 -41.16 14.75 6.30
C VAL O 29 -40.60 13.53 7.04
N GLY O 30 -39.29 13.58 7.27
CA GLY O 30 -38.60 12.55 7.98
C GLY O 30 -38.04 13.20 9.22
N ILE O 31 -38.19 12.56 10.37
CA ILE O 31 -37.68 13.09 11.62
C ILE O 31 -36.45 12.31 12.07
N ASN O 32 -35.34 12.99 12.30
CA ASN O 32 -34.16 12.31 12.78
C ASN O 32 -33.99 12.80 14.19
N GLY O 33 -34.21 11.90 15.14
CA GLY O 33 -34.11 12.24 16.56
C GLY O 33 -35.50 12.35 17.12
N PHE O 34 -35.90 11.36 17.90
CA PHE O 34 -37.24 11.36 18.44
C PHE O 34 -37.26 11.74 19.91
N GLY O 35 -36.58 12.84 20.22
CA GLY O 35 -36.47 13.37 21.57
C GLY O 35 -37.64 14.30 21.83
N ARG O 36 -37.49 15.23 22.76
CA ARG O 36 -38.58 16.12 23.09
C ARG O 36 -39.09 16.88 21.87
N ILE O 37 -38.21 17.54 21.18
CA ILE O 37 -38.63 18.27 20.00
C ILE O 37 -39.17 17.33 18.91
N GLY O 38 -38.46 16.23 18.63
CA GLY O 38 -38.91 15.31 17.60
C GLY O 38 -40.33 14.87 17.85
N ARG O 39 -40.61 14.52 19.10
CA ARG O 39 -41.94 14.04 19.46
C ARG O 39 -43.04 15.09 19.45
N ILE O 40 -42.73 16.32 19.81
CA ILE O 40 -43.73 17.38 19.79
C ILE O 40 -43.97 17.82 18.35
N VAL O 41 -42.90 17.86 17.56
CA VAL O 41 -43.05 18.15 16.14
C VAL O 41 -43.96 17.08 15.55
N PHE O 42 -43.75 15.82 15.94
CA PHE O 42 -44.58 14.75 15.42
C PHE O 42 -46.07 14.97 15.73
N ARG O 43 -46.36 15.34 16.98
CA ARG O 43 -47.75 15.56 17.37
C ARG O 43 -48.38 16.72 16.66
N ALA O 44 -47.62 17.81 16.50
CA ALA O 44 -48.13 19.00 15.82
C ALA O 44 -48.43 18.75 14.36
N ALA O 45 -47.65 17.85 13.76
CA ALA O 45 -47.81 17.49 12.37
C ALA O 45 -49.13 16.79 12.08
N GLN O 46 -49.67 16.12 13.08
CA GLN O 46 -50.94 15.40 12.91
C GLN O 46 -52.13 16.33 12.78
N LYS O 47 -51.95 17.56 13.23
CA LYS O 47 -53.00 18.60 13.14
C LYS O 47 -52.91 19.46 11.91
N ARG O 48 -51.92 19.22 11.05
CA ARG O 48 -51.74 19.98 9.83
C ARG O 48 -51.93 19.03 8.65
N SER O 49 -52.69 19.48 7.66
CA SER O 49 -52.94 18.67 6.48
C SER O 49 -51.87 18.86 5.40
N ASP O 50 -51.09 19.93 5.48
CA ASP O 50 -50.02 20.17 4.49
C ASP O 50 -48.70 19.42 4.78
N ILE O 51 -48.61 18.74 5.92
CA ILE O 51 -47.41 18.00 6.27
C ILE O 51 -47.71 16.62 6.83
N GLU O 52 -46.97 15.65 6.32
CA GLU O 52 -47.04 14.26 6.79
C GLU O 52 -45.71 13.69 7.21
N ILE O 53 -45.65 13.12 8.42
CA ILE O 53 -44.43 12.49 8.88
C ILE O 53 -44.55 11.09 8.30
N VAL O 54 -43.53 10.66 7.57
CA VAL O 54 -43.57 9.35 6.94
C VAL O 54 -42.45 8.44 7.41
N ALA O 55 -41.52 8.99 8.19
CA ALA O 55 -40.39 8.22 8.69
C ALA O 55 -39.75 8.88 9.90
N ILE O 56 -39.21 8.05 10.77
CA ILE O 56 -38.57 8.48 12.00
C ILE O 56 -37.32 7.66 12.23
N ASN O 57 -36.23 8.31 12.64
CA ASN O 57 -35.01 7.59 12.89
C ASN O 57 -34.49 7.94 14.24
N ASP O 58 -34.12 6.92 15.00
CA ASP O 58 -33.56 7.12 16.32
C ASP O 58 -33.11 5.75 16.79
N LEU O 59 -32.24 5.72 17.79
CA LEU O 59 -31.71 4.47 18.35
C LEU O 59 -32.72 3.83 19.28
N LEU O 60 -33.93 3.57 18.80
CA LEU O 60 -34.97 3.01 19.64
C LEU O 60 -35.84 2.03 18.88
N ASP O 61 -36.24 0.96 19.56
CA ASP O 61 -37.12 -0.03 18.95
C ASP O 61 -38.46 0.64 18.69
N ALA O 62 -39.19 0.17 17.70
CA ALA O 62 -40.48 0.75 17.37
C ALA O 62 -41.47 0.69 18.54
N ASP O 63 -41.47 -0.40 19.29
CA ASP O 63 -42.40 -0.52 20.43
C ASP O 63 -42.12 0.55 21.50
N TYR O 64 -40.86 0.95 21.62
CA TYR O 64 -40.50 1.96 22.59
C TYR O 64 -40.83 3.36 22.04
N MET O 65 -40.68 3.59 20.74
CA MET O 65 -41.08 4.88 20.18
C MET O 65 -42.56 5.04 20.36
N ALA O 66 -43.30 3.97 20.11
CA ALA O 66 -44.75 3.99 20.30
C ALA O 66 -45.06 4.44 21.73
N TYR O 67 -44.34 3.90 22.71
CA TYR O 67 -44.56 4.27 24.09
C TYR O 67 -44.25 5.74 24.35
N MET O 68 -43.13 6.22 23.83
CA MET O 68 -42.73 7.63 24.05
C MET O 68 -43.74 8.59 23.41
N LEU O 69 -44.42 8.10 22.39
CA LEU O 69 -45.42 8.86 21.70
C LEU O 69 -46.77 8.81 22.39
OH ALY O 70 -46.75 1.07 26.11
CH ALY O 70 -47.04 1.24 24.95
CH3 ALY O 70 -46.13 0.64 23.91
NZ ALY O 70 -48.17 1.93 24.61
CE ALY O 70 -48.84 2.30 23.33
CD ALY O 70 -49.70 3.59 23.47
CG ALY O 70 -49.15 4.88 22.84
CB ALY O 70 -48.80 5.97 23.87
CA ALY O 70 -48.50 7.42 23.46
N ALY O 70 -47.20 7.61 22.82
C ALY O 70 -48.61 8.23 24.74
O ALY O 70 -49.60 8.92 24.96
N TYR O 71 -47.59 8.13 25.58
CA TYR O 71 -47.59 8.83 26.87
C TYR O 71 -46.53 9.95 27.02
N ASP O 72 -46.95 11.10 27.55
CA ASP O 72 -46.07 12.26 27.75
C ASP O 72 -46.43 12.94 29.06
N SER O 73 -45.46 13.04 29.95
CA SER O 73 -45.64 13.63 31.27
C SER O 73 -46.10 15.08 31.22
N THR O 74 -45.62 15.83 30.25
CA THR O 74 -45.98 17.24 30.11
C THR O 74 -47.22 17.51 29.27
N HIS O 75 -47.40 16.82 28.17
CA HIS O 75 -48.52 17.10 27.27
C HIS O 75 -49.63 16.06 27.22
N GLY O 76 -49.65 15.15 28.17
CA GLY O 76 -50.68 14.14 28.20
C GLY O 76 -50.58 13.08 27.13
N ARG O 77 -51.61 12.25 27.07
CA ARG O 77 -51.67 11.16 26.11
C ARG O 77 -51.90 11.62 24.70
N PHE O 78 -51.29 10.90 23.78
CA PHE O 78 -51.40 11.19 22.37
C PHE O 78 -52.84 11.08 21.94
N ASP O 79 -53.32 12.10 21.25
CA ASP O 79 -54.67 12.12 20.75
C ASP O 79 -54.73 11.35 19.41
N GLY O 80 -54.80 10.03 19.49
CA GLY O 80 -54.89 9.20 18.30
C GLY O 80 -54.49 7.77 18.59
N THR O 81 -54.56 6.93 17.57
CA THR O 81 -54.17 5.55 17.71
C THR O 81 -52.75 5.30 17.24
N VAL O 82 -52.05 4.42 17.95
CA VAL O 82 -50.68 4.05 17.60
C VAL O 82 -50.46 2.57 17.88
N GLU O 83 -50.10 1.81 16.85
CA GLU O 83 -49.81 0.39 17.01
C GLU O 83 -48.49 0.04 16.28
N VAL O 84 -47.88 -1.09 16.63
CA VAL O 84 -46.62 -1.53 16.03
C VAL O 84 -46.85 -2.74 15.15
N LYS O 85 -46.29 -2.73 13.96
CA LYS O 85 -46.46 -3.83 13.03
C LYS O 85 -45.20 -4.02 12.20
N ASP O 86 -44.62 -5.22 12.30
CA ASP O 86 -43.42 -5.59 11.55
C ASP O 86 -42.26 -4.62 11.80
N GLY O 87 -42.06 -4.26 13.06
CA GLY O 87 -40.96 -3.36 13.43
C GLY O 87 -41.17 -1.92 12.99
N HIS O 88 -42.34 -1.64 12.40
CA HIS O 88 -42.68 -0.28 11.99
C HIS O 88 -43.88 0.22 12.78
N LEU O 89 -44.14 1.50 12.65
CA LEU O 89 -45.17 2.13 13.41
C LEU O 89 -46.39 2.49 12.58
N ILE O 90 -47.57 2.38 13.17
CA ILE O 90 -48.82 2.71 12.46
C ILE O 90 -49.60 3.67 13.33
N VAL O 91 -49.59 4.92 12.91
CA VAL O 91 -50.24 6.00 13.62
C VAL O 91 -51.43 6.54 12.87
N ASN O 92 -52.62 6.39 13.45
CA ASN O 92 -53.86 6.83 12.81
C ASN O 92 -53.96 6.22 11.42
N GLY O 93 -53.69 4.91 11.34
CA GLY O 93 -53.75 4.16 10.10
C GLY O 93 -52.73 4.47 9.01
N LYS O 94 -51.62 5.12 9.35
CA LYS O 94 -50.57 5.48 8.37
C LYS O 94 -49.25 4.83 8.74
N LYS O 95 -48.54 4.25 7.79
CA LYS O 95 -47.23 3.66 8.13
C LYS O 95 -46.18 4.71 8.27
N ILE O 96 -45.39 4.56 9.32
CA ILE O 96 -44.28 5.45 9.59
C ILE O 96 -43.07 4.53 9.60
N ARG O 97 -42.10 4.76 8.74
CA ARG O 97 -40.93 3.90 8.69
C ARG O 97 -40.03 4.23 9.86
N VAL O 98 -39.70 3.21 10.63
CA VAL O 98 -38.84 3.33 11.80
C VAL O 98 -37.49 2.71 11.49
N THR O 99 -36.43 3.49 11.71
CA THR O 99 -35.06 3.04 11.45
C THR O 99 -34.23 3.34 12.67
N ALA O 100 -33.04 2.74 12.75
CA ALA O 100 -32.14 2.97 13.87
C ALA O 100 -30.69 3.16 13.42
N GLU O 101 -30.51 3.96 12.37
CA GLU O 101 -29.19 4.26 11.81
C GLU O 101 -28.46 5.33 12.63
N ARG O 102 -27.18 5.08 12.91
CA ARG O 102 -26.35 6.01 13.68
C ARG O 102 -25.78 7.03 12.74
N ASP O 103 -25.40 6.58 11.54
CA ASP O 103 -24.83 7.43 10.51
C ASP O 103 -25.92 7.79 9.48
N PRO O 104 -26.32 9.08 9.43
CA PRO O 104 -27.36 9.59 8.54
C PRO O 104 -27.21 9.27 7.05
N ALA O 105 -26.00 8.97 6.58
CA ALA O 105 -25.83 8.67 5.14
C ALA O 105 -26.56 7.37 4.75
N ASN O 106 -26.84 6.52 5.75
CA ASN O 106 -27.54 5.25 5.54
C ASN O 106 -29.06 5.28 5.68
N LEU O 107 -29.63 6.45 5.91
CA LEU O 107 -31.08 6.58 6.10
C LEU O 107 -31.97 6.27 4.91
N LYS O 108 -31.42 6.35 3.70
CA LYS O 108 -32.22 6.08 2.51
C LYS O 108 -33.58 6.80 2.57
N TRP O 109 -33.58 8.12 2.77
CA TRP O 109 -34.85 8.86 2.82
C TRP O 109 -35.68 8.80 1.53
N ASP O 110 -35.00 8.71 0.39
CA ASP O 110 -35.69 8.68 -0.90
C ASP O 110 -36.61 7.46 -1.05
N GLU O 111 -36.32 6.40 -0.29
CA GLU O 111 -37.13 5.18 -0.38
C GLU O 111 -38.52 5.37 0.15
N VAL O 112 -38.72 6.35 1.02
CA VAL O 112 -40.03 6.58 1.59
C VAL O 112 -40.50 7.98 1.15
N GLY O 113 -39.87 8.48 0.07
CA GLY O 113 -40.18 9.76 -0.54
C GLY O 113 -40.12 11.01 0.31
N VAL O 114 -39.13 11.11 1.19
CA VAL O 114 -39.00 12.28 2.06
C VAL O 114 -38.51 13.53 1.36
N ASP O 115 -39.29 14.61 1.49
CA ASP O 115 -38.92 15.89 0.92
C ASP O 115 -37.96 16.64 1.86
N VAL O 116 -38.36 16.78 3.13
CA VAL O 116 -37.59 17.51 4.11
C VAL O 116 -37.34 16.73 5.37
N VAL O 117 -36.17 16.92 5.96
CA VAL O 117 -35.83 16.24 7.16
C VAL O 117 -35.74 17.21 8.31
N ALA O 118 -36.38 16.86 9.42
CA ALA O 118 -36.30 17.67 10.62
C ALA O 118 -35.16 17.05 11.41
N GLU O 119 -34.00 17.70 11.38
CA GLU O 119 -32.83 17.22 12.11
C GLU O 119 -32.96 17.60 13.59
N ALA O 120 -33.38 16.67 14.42
CA ALA O 120 -33.59 16.97 15.83
C ALA O 120 -32.81 16.15 16.88
N THR O 121 -31.60 15.74 16.55
CA THR O 121 -30.79 14.95 17.46
C THR O 121 -29.89 15.84 18.28
N GLY O 122 -29.71 17.08 17.83
CA GLY O 122 -28.85 18.03 18.52
C GLY O 122 -27.38 17.82 18.20
N LEU O 123 -27.08 16.78 17.41
CA LEU O 123 -25.70 16.45 17.05
C LEU O 123 -25.22 16.88 15.66
N PHE O 124 -26.14 17.16 14.74
CA PHE O 124 -25.73 17.52 13.38
C PHE O 124 -26.17 18.94 13.04
N LEU O 125 -25.47 19.89 13.65
CA LEU O 125 -25.77 21.29 13.45
C LEU O 125 -24.77 22.07 12.60
N THR O 126 -24.09 21.37 11.69
CA THR O 126 -23.15 22.02 10.77
C THR O 126 -23.57 21.58 9.38
N ASP O 127 -23.12 22.30 8.37
CA ASP O 127 -23.49 21.95 7.02
C ASP O 127 -23.07 20.54 6.62
N GLU O 128 -21.82 20.15 6.94
CA GLU O 128 -21.36 18.82 6.50
C GLU O 128 -22.13 17.70 7.18
N THR O 129 -22.40 17.83 8.47
CA THR O 129 -23.14 16.78 9.18
C THR O 129 -24.60 16.67 8.72
N ALA O 130 -25.24 17.81 8.49
CA ALA O 130 -26.65 17.80 8.05
C ALA O 130 -26.78 17.43 6.59
N ARG O 131 -25.79 17.83 5.80
CA ARG O 131 -25.71 17.53 4.36
C ARG O 131 -25.92 16.02 4.11
N LYS O 132 -25.54 15.19 5.09
CA LYS O 132 -25.69 13.75 4.93
C LYS O 132 -27.11 13.30 4.61
N HIS O 133 -28.11 14.01 5.12
CA HIS O 133 -29.50 13.65 4.83
C HIS O 133 -29.79 13.84 3.37
N ILE O 134 -29.17 14.87 2.78
CA ILE O 134 -29.36 15.14 1.36
C ILE O 134 -28.66 14.04 0.54
N THR O 135 -27.47 13.65 0.99
CA THR O 135 -26.71 12.59 0.33
C THR O 135 -27.57 11.32 0.38
N ALA O 136 -28.34 11.16 1.46
CA ALA O 136 -29.20 9.99 1.66
C ALA O 136 -30.59 10.08 1.00
N GLY O 137 -30.82 11.08 0.15
CA GLY O 137 -32.10 11.19 -0.56
C GLY O 137 -33.08 12.31 -0.22
N ALA O 138 -32.90 12.96 0.91
CA ALA O 138 -33.78 14.06 1.26
C ALA O 138 -33.43 15.28 0.43
N LYS O 139 -34.41 16.13 0.15
CA LYS O 139 -34.15 17.32 -0.66
C LYS O 139 -33.66 18.47 0.20
N LYS O 140 -34.27 18.68 1.36
CA LYS O 140 -33.88 19.77 2.26
C LYS O 140 -33.85 19.35 3.70
N VAL O 141 -33.21 20.19 4.53
CA VAL O 141 -33.06 19.91 5.94
C VAL O 141 -33.28 21.12 6.83
N VAL O 142 -34.04 20.92 7.90
CA VAL O 142 -34.28 21.96 8.90
C VAL O 142 -33.71 21.52 10.24
N MET O 143 -32.67 22.21 10.69
CA MET O 143 -32.04 21.91 11.97
C MET O 143 -32.96 22.47 13.04
N THR O 144 -33.31 21.66 14.03
CA THR O 144 -34.18 22.14 15.09
C THR O 144 -33.35 22.71 16.25
N GLY O 145 -32.34 23.49 15.91
CA GLY O 145 -31.47 24.11 16.90
C GLY O 145 -30.59 25.12 16.19
N PRO O 146 -29.94 25.98 16.95
CA PRO O 146 -29.09 26.96 16.27
C PRO O 146 -27.90 26.28 15.67
N SER O 147 -27.49 26.74 14.50
CA SER O 147 -26.39 26.15 13.81
C SER O 147 -25.04 26.51 14.44
N LYS O 148 -24.15 25.52 14.52
CA LYS O 148 -22.81 25.75 15.04
C LYS O 148 -21.87 26.36 14.00
N ASP O 149 -22.21 26.26 12.72
CA ASP O 149 -21.42 26.89 11.68
C ASP O 149 -22.26 28.10 11.23
N ASN O 150 -22.09 28.54 9.99
CA ASN O 150 -22.87 29.68 9.51
C ASN O 150 -24.11 29.32 8.70
N THR O 151 -24.67 28.13 8.96
CA THR O 151 -25.91 27.72 8.29
C THR O 151 -26.91 28.80 8.69
N PRO O 152 -27.62 29.37 7.70
CA PRO O 152 -28.55 30.46 8.00
C PRO O 152 -29.72 30.07 8.91
N MET O 153 -30.07 30.98 9.81
CA MET O 153 -31.18 30.77 10.73
C MET O 153 -32.41 31.59 10.35
N PHE O 154 -33.59 31.03 10.58
CA PHE O 154 -34.83 31.73 10.28
C PHE O 154 -35.78 31.60 11.45
N VAL O 155 -36.42 32.72 11.78
CA VAL O 155 -37.35 32.80 12.88
C VAL O 155 -38.63 33.45 12.40
N LYS O 156 -39.75 32.74 12.55
CA LYS O 156 -41.03 33.26 12.05
C LYS O 156 -41.37 34.50 12.84
N GLY O 157 -41.77 35.53 12.11
CA GLY O 157 -42.10 36.82 12.69
C GLY O 157 -40.94 37.79 12.56
N ALA O 158 -39.75 37.24 12.30
CA ALA O 158 -38.54 38.06 12.13
C ALA O 158 -37.94 38.07 10.74
N ASN O 159 -37.62 36.91 10.17
CA ASN O 159 -37.03 36.90 8.83
C ASN O 159 -37.36 35.76 7.86
N PHE O 160 -38.54 35.16 7.96
CA PHE O 160 -38.88 34.11 6.99
C PHE O 160 -38.75 34.62 5.56
N ASP O 161 -39.16 35.87 5.34
CA ASP O 161 -39.09 36.48 4.00
C ASP O 161 -37.69 36.45 3.39
N LYS O 162 -36.67 36.40 4.24
CA LYS O 162 -35.25 36.35 3.79
C LYS O 162 -34.81 35.01 3.23
N TYR O 163 -35.61 33.96 3.42
CA TYR O 163 -35.23 32.67 2.89
C TYR O 163 -35.00 32.83 1.40
N ALA O 164 -33.88 32.29 0.91
CA ALA O 164 -33.49 32.39 -0.46
C ALA O 164 -33.19 31.03 -1.15
N GLY O 165 -34.02 30.03 -0.93
CA GLY O 165 -33.85 28.74 -1.56
C GLY O 165 -32.78 27.82 -1.01
N GLN O 166 -32.11 28.17 0.09
CA GLN O 166 -31.06 27.29 0.67
C GLN O 166 -31.65 25.91 0.97
N ASP O 167 -30.84 24.86 0.84
CA ASP O 167 -31.32 23.50 1.09
C ASP O 167 -31.13 23.03 2.54
N ILE O 168 -30.36 23.77 3.30
CA ILE O 168 -30.11 23.48 4.70
C ILE O 168 -30.29 24.75 5.51
N VAL O 169 -31.20 24.72 6.48
CA VAL O 169 -31.47 25.87 7.34
C VAL O 169 -31.63 25.49 8.80
N SER O 170 -31.65 26.50 9.65
CA SER O 170 -31.85 26.32 11.10
C SER O 170 -33.02 27.17 11.58
N ASN O 171 -33.81 26.65 12.52
CA ASN O 171 -34.97 27.39 13.05
C ASN O 171 -34.57 28.07 14.34
N ALA O 172 -33.26 28.24 14.52
CA ALA O 172 -32.70 28.92 15.69
C ALA O 172 -33.05 28.18 16.96
N SER O 173 -33.12 28.90 18.06
CA SER O 173 -33.46 28.32 19.33
C SER O 173 -34.84 28.76 19.82
N CYS O 174 -35.36 28.06 20.82
CA CYS O 174 -36.65 28.40 21.39
C CYS O 174 -36.64 29.84 21.92
N THR O 175 -35.55 30.23 22.58
CA THR O 175 -35.45 31.56 23.17
C THR O 175 -35.38 32.61 22.12
N THR O 176 -34.62 32.33 21.07
CA THR O 176 -34.55 33.32 20.01
C THR O 176 -35.92 33.50 19.37
N ASN O 177 -36.73 32.44 19.31
CA ASN O 177 -38.05 32.57 18.72
C ASN O 177 -38.96 33.40 19.57
N CYS O 178 -38.66 33.52 20.87
CA CYS O 178 -39.48 34.33 21.76
C CYS O 178 -39.06 35.77 21.70
N LEU O 179 -37.77 35.97 21.76
CA LEU O 179 -37.20 37.29 21.74
C LEU O 179 -37.23 38.07 20.43
N ALA O 180 -36.90 37.43 19.32
CA ALA O 180 -36.84 38.15 18.06
C ALA O 180 -38.13 38.88 17.69
N PRO O 181 -39.27 38.20 17.72
CA PRO O 181 -40.49 38.89 17.32
C PRO O 181 -40.79 40.09 18.19
N LEU O 182 -40.58 39.96 19.49
CA LEU O 182 -40.87 41.06 20.40
C LEU O 182 -39.93 42.20 20.12
N ALA O 183 -38.66 41.88 19.94
CA ALA O 183 -37.66 42.91 19.73
C ALA O 183 -37.92 43.65 18.44
N LYS O 184 -38.33 42.91 17.43
CA LYS O 184 -38.59 43.51 16.14
C LYS O 184 -39.66 44.58 16.30
N VAL O 185 -40.73 44.24 17.00
CA VAL O 185 -41.84 45.17 17.20
C VAL O 185 -41.38 46.39 17.97
N ILE O 186 -40.72 46.15 19.10
CA ILE O 186 -40.23 47.25 19.91
C ILE O 186 -39.28 48.14 19.13
N ASN O 187 -38.35 47.52 18.42
CA ASN O 187 -37.40 48.28 17.64
C ASN O 187 -38.04 49.07 16.51
N ASP O 188 -38.88 48.41 15.70
CA ASP O 188 -39.56 49.10 14.59
C ASP O 188 -40.33 50.31 15.07
N ASN O 189 -40.97 50.21 16.23
CA ASN O 189 -41.77 51.32 16.75
C ASN O 189 -41.04 52.33 17.58
N PHE O 190 -40.02 51.91 18.33
CA PHE O 190 -39.39 52.87 19.24
C PHE O 190 -37.89 52.94 19.16
N GLY O 191 -37.31 51.95 18.51
CA GLY O 191 -35.84 51.93 18.33
C GLY O 191 -35.09 51.49 19.56
N ILE O 192 -34.50 50.29 19.49
CA ILE O 192 -33.75 49.75 20.60
C ILE O 192 -32.32 50.22 20.51
N ILE O 193 -31.89 51.01 21.48
CA ILE O 193 -30.53 51.49 21.50
C ILE O 193 -29.62 50.37 21.96
N GLU O 194 -30.02 49.73 23.05
CA GLU O 194 -29.28 48.63 23.62
C GLU O 194 -30.22 47.88 24.55
N GLY O 195 -29.96 46.60 24.76
CA GLY O 195 -30.80 45.81 25.62
C GLY O 195 -30.10 44.59 26.16
N LEU O 196 -30.50 44.17 27.35
CA LEU O 196 -29.98 43.00 28.02
C LEU O 196 -31.17 42.16 28.36
N MET O 197 -31.09 40.87 28.14
CA MET O 197 -32.19 40.04 28.46
C MET O 197 -31.82 38.85 29.33
N THR O 198 -32.82 38.35 30.04
CA THR O 198 -32.69 37.23 30.91
C THR O 198 -33.83 36.31 30.66
N THR O 199 -33.57 35.03 30.63
CA THR O 199 -34.63 34.07 30.45
C THR O 199 -34.63 33.13 31.61
N VAL O 200 -35.79 33.02 32.27
CA VAL O 200 -35.97 32.08 33.38
C VAL O 200 -36.50 30.92 32.59
N HIS O 201 -35.69 29.89 32.49
CA HIS O 201 -35.96 28.75 31.64
C HIS O 201 -36.22 27.45 32.35
N ALA O 202 -37.12 26.67 31.80
CA ALA O 202 -37.47 25.38 32.36
C ALA O 202 -36.35 24.39 32.19
N THR O 203 -36.40 23.34 32.98
CA THR O 203 -35.41 22.27 32.92
C THR O 203 -35.51 21.55 31.60
N THR O 204 -34.37 21.08 31.10
CA THR O 204 -34.34 20.36 29.83
C THR O 204 -33.54 19.07 29.95
N ALA O 205 -33.58 18.31 28.88
CA ALA O 205 -32.90 17.02 28.83
C ALA O 205 -31.38 17.03 29.07
N THR O 206 -30.71 18.14 28.81
CA THR O 206 -29.27 18.18 29.01
C THR O 206 -28.90 18.28 30.47
N GLN O 207 -29.89 18.48 31.36
CA GLN O 207 -29.56 18.63 32.79
C GLN O 207 -29.60 17.30 33.50
N LYS O 208 -29.22 17.31 34.78
CA LYS O 208 -29.19 16.10 35.60
C LYS O 208 -30.16 16.10 36.80
N THR O 209 -30.64 14.92 37.15
CA THR O 209 -31.55 14.78 38.27
C THR O 209 -30.85 15.07 39.60
N VAL O 210 -29.59 14.71 39.72
CA VAL O 210 -28.81 14.97 40.93
C VAL O 210 -27.43 15.40 40.48
N ASP O 211 -26.70 16.10 41.32
CA ASP O 211 -25.34 16.56 40.94
C ASP O 211 -24.56 15.50 40.17
N GLY O 212 -24.38 15.74 38.87
CA GLY O 212 -23.68 14.83 37.98
C GLY O 212 -22.73 15.59 37.07
N PRO O 213 -22.07 14.87 36.14
CA PRO O 213 -21.06 15.45 35.26
C PRO O 213 -21.55 16.14 34.02
N SER O 214 -20.97 17.31 33.75
CA SER O 214 -21.26 18.13 32.61
C SER O 214 -19.96 18.91 32.40
N HIS O 215 -19.00 18.26 31.73
CA HIS O 215 -17.64 18.78 31.51
C HIS O 215 -17.58 20.14 30.82
N LYS O 216 -18.48 20.40 29.87
CA LYS O 216 -18.48 21.69 29.17
C LYS O 216 -19.31 22.77 29.88
N ASP O 217 -20.11 22.37 30.87
CA ASP O 217 -20.94 23.31 31.62
C ASP O 217 -21.12 22.82 33.05
N TRP O 218 -20.14 23.13 33.88
CA TRP O 218 -20.16 22.72 35.29
C TRP O 218 -21.46 23.02 36.03
N ARG O 219 -21.94 24.26 35.96
CA ARG O 219 -23.16 24.57 36.68
C ARG O 219 -24.32 23.73 36.19
N GLY O 220 -24.33 23.45 34.88
CA GLY O 220 -25.37 22.67 34.24
C GLY O 220 -25.51 21.25 34.72
N GLY O 221 -24.48 20.73 35.38
CA GLY O 221 -24.53 19.35 35.86
C GLY O 221 -25.12 19.24 37.25
N ARG O 222 -25.36 20.38 37.88
CA ARG O 222 -25.93 20.39 39.21
C ARG O 222 -27.41 20.01 39.19
N GLY O 223 -27.84 19.41 40.28
CA GLY O 223 -29.19 18.91 40.41
C GLY O 223 -30.19 19.90 39.94
N ALA O 224 -30.88 19.58 38.86
CA ALA O 224 -31.90 20.47 38.30
C ALA O 224 -33.07 20.86 39.22
N SER O 225 -33.67 19.90 39.93
CA SER O 225 -34.79 20.18 40.77
C SER O 225 -34.47 20.93 42.07
N GLN O 226 -33.21 20.98 42.47
CA GLN O 226 -32.81 21.63 43.72
C GLN O 226 -32.27 23.01 43.56
N ASN O 227 -31.96 23.37 42.31
CA ASN O 227 -31.33 24.63 42.04
C ASN O 227 -31.85 25.61 41.00
N ILE O 228 -31.47 26.86 41.22
CA ILE O 228 -31.65 27.93 40.26
C ILE O 228 -30.22 27.87 39.65
N ILE O 229 -30.12 27.56 38.38
CA ILE O 229 -28.83 27.45 37.75
C ILE O 229 -28.50 28.49 36.68
N PRO O 230 -27.52 29.36 36.92
CA PRO O 230 -27.19 30.33 35.88
C PRO O 230 -26.66 29.60 34.66
N SER O 231 -26.88 30.19 33.50
CA SER O 231 -26.46 29.55 32.28
C SER O 231 -26.27 30.55 31.17
N SER O 232 -25.44 30.19 30.20
CA SER O 232 -25.18 31.06 29.05
C SER O 232 -26.12 30.74 27.96
N THR O 233 -26.35 31.74 27.11
CA THR O 233 -27.26 31.58 25.99
C THR O 233 -26.98 32.71 25.02
N GLY O 234 -26.37 32.37 23.89
CA GLY O 234 -26.10 33.35 22.86
C GLY O 234 -27.36 33.77 22.12
N ALA O 235 -28.51 33.20 22.51
CA ALA O 235 -29.83 33.50 21.93
C ALA O 235 -30.11 34.98 21.75
N ALA O 236 -29.63 35.80 22.67
CA ALA O 236 -29.84 37.24 22.57
C ALA O 236 -28.94 37.82 21.50
N LYS O 237 -27.71 37.32 21.46
CA LYS O 237 -26.74 37.79 20.48
C LYS O 237 -27.17 37.27 19.07
N ALA O 238 -27.73 36.06 19.02
CA ALA O 238 -28.20 35.43 17.78
C ALA O 238 -29.35 36.21 17.14
N VAL O 239 -30.00 37.07 17.91
CA VAL O 239 -31.08 37.87 17.35
C VAL O 239 -30.45 38.74 16.28
N GLY O 240 -29.20 39.14 16.51
CA GLY O 240 -28.47 39.96 15.58
C GLY O 240 -28.40 39.35 14.20
N LYS O 241 -28.48 38.03 14.12
CA LYS O 241 -28.42 37.34 12.84
C LYS O 241 -29.76 37.30 12.12
N VAL O 242 -30.85 37.04 12.83
CA VAL O 242 -32.16 37.06 12.17
C VAL O 242 -32.67 38.51 12.00
N LEU O 243 -32.15 39.45 12.79
CA LEU O 243 -32.51 40.88 12.72
C LEU O 243 -31.24 41.71 12.71
N PRO O 244 -30.56 41.75 11.55
CA PRO O 244 -29.28 42.46 11.38
C PRO O 244 -29.22 43.83 12.04
N GLU O 245 -30.30 44.58 11.93
CA GLU O 245 -30.37 45.92 12.51
C GLU O 245 -30.13 45.93 14.03
N LEU O 246 -30.23 44.77 14.70
CA LEU O 246 -30.00 44.70 16.15
C LEU O 246 -28.70 44.02 16.49
N ASN O 247 -27.88 43.80 15.48
CA ASN O 247 -26.61 43.16 15.71
C ASN O 247 -25.77 43.99 16.68
N GLY O 248 -25.22 43.35 17.70
CA GLY O 248 -24.39 44.05 18.69
C GLY O 248 -25.15 44.88 19.73
N LYS O 249 -26.49 44.92 19.65
CA LYS O 249 -27.30 45.71 20.59
C LYS O 249 -27.98 44.90 21.70
N LEU O 250 -27.96 43.58 21.60
CA LEU O 250 -28.56 42.74 22.62
C LEU O 250 -27.69 41.58 22.98
N THR O 251 -27.75 41.20 24.25
CA THR O 251 -27.06 40.02 24.73
C THR O 251 -27.79 39.66 26.00
N GLY O 252 -27.51 38.49 26.56
CA GLY O 252 -28.18 38.14 27.82
C GLY O 252 -27.73 36.86 28.45
N MET O 253 -28.52 36.37 29.39
CA MET O 253 -28.21 35.13 30.07
C MET O 253 -29.45 34.41 30.53
N ALA O 254 -29.26 33.28 31.21
CA ALA O 254 -30.37 32.51 31.63
C ALA O 254 -30.22 31.91 32.99
N PHE O 255 -31.37 31.58 33.57
CA PHE O 255 -31.43 30.91 34.84
C PHE O 255 -32.33 29.71 34.60
N ARG O 256 -31.80 28.52 34.85
CA ARG O 256 -32.55 27.29 34.67
C ARG O 256 -33.19 27.03 36.02
N VAL O 257 -34.51 26.87 36.05
CA VAL O 257 -35.22 26.63 37.29
C VAL O 257 -35.96 25.31 37.24
N PRO O 258 -36.40 24.78 38.39
CA PRO O 258 -37.05 23.47 38.42
C PRO O 258 -38.49 23.35 37.93
N THR O 259 -38.75 23.60 36.65
CA THR O 259 -40.10 23.45 36.10
C THR O 259 -39.84 22.59 34.87
N PRO O 260 -40.78 21.72 34.53
CA PRO O 260 -40.54 20.80 33.45
C PRO O 260 -40.72 21.37 32.06
N ASN O 261 -41.42 22.50 31.95
CA ASN O 261 -41.67 23.10 30.65
C ASN O 261 -42.20 24.51 30.78
N VAL O 262 -41.99 25.31 29.74
CA VAL O 262 -42.42 26.71 29.68
C VAL O 262 -41.38 27.60 30.34
N SER O 263 -40.94 28.58 29.58
CA SER O 263 -39.95 29.53 29.99
C SER O 263 -40.43 30.98 29.77
N VAL O 264 -39.66 31.97 30.20
CA VAL O 264 -40.06 33.38 30.03
C VAL O 264 -38.87 34.31 29.84
N VAL O 265 -39.00 35.35 29.01
CA VAL O 265 -37.89 36.26 28.82
C VAL O 265 -38.21 37.55 29.50
N ASP O 266 -37.16 38.18 30.00
CA ASP O 266 -37.19 39.44 30.73
C ASP O 266 -36.24 40.35 29.97
N LEU O 267 -36.81 41.11 29.05
CA LEU O 267 -36.03 42.01 28.21
C LEU O 267 -36.02 43.41 28.75
N THR O 268 -34.83 43.90 29.07
CA THR O 268 -34.63 45.24 29.61
C THR O 268 -33.99 46.06 28.52
N VAL O 269 -34.73 47.02 27.96
CA VAL O 269 -34.20 47.81 26.85
C VAL O 269 -34.23 49.31 27.07
N ARG O 270 -33.36 50.02 26.34
CA ARG O 270 -33.33 51.44 26.39
C ARG O 270 -33.82 51.88 25.01
N LEU O 271 -34.82 52.74 24.97
CA LEU O 271 -35.41 53.15 23.72
C LEU O 271 -34.97 54.51 23.20
N GLU O 272 -34.88 54.60 21.89
CA GLU O 272 -34.53 55.85 21.25
C GLU O 272 -35.72 56.82 21.37
N LYS O 273 -36.92 56.41 20.93
CA LYS O 273 -38.13 57.24 21.02
C LYS O 273 -38.83 56.98 22.34
N ALA O 274 -39.21 58.02 23.03
CA ALA O 274 -39.89 57.91 24.31
C ALA O 274 -41.22 57.24 24.07
N ALA O 275 -41.60 56.36 24.98
CA ALA O 275 -42.86 55.66 24.88
C ALA O 275 -43.36 55.24 26.25
N THR O 276 -44.61 55.58 26.53
CA THR O 276 -45.23 55.23 27.81
C THR O 276 -45.50 53.76 27.73
N TYR O 277 -45.76 53.14 28.88
CA TYR O 277 -46.01 51.70 28.89
C TYR O 277 -47.31 51.43 28.15
N GLU O 278 -48.26 52.33 28.24
CA GLU O 278 -49.50 52.15 27.52
C GLU O 278 -49.27 52.06 25.99
N GLN O 279 -48.36 52.87 25.46
CA GLN O 279 -48.03 52.86 24.05
C GLN O 279 -47.33 51.59 23.61
N ILE O 280 -46.52 51.03 24.50
CA ILE O 280 -45.80 49.81 24.20
C ILE O 280 -46.83 48.73 24.08
OH ALY O 281 -51.28 46.04 32.42
CH ALY O 281 -50.74 47.02 31.98
CH3 ALY O 281 -50.00 47.84 32.95
NZ ALY O 281 -50.74 47.52 30.70
CE ALY O 281 -51.13 47.26 29.26
CD ALY O 281 -50.07 48.12 28.58
CG ALY O 281 -49.13 47.69 27.48
CB ALY O 281 -49.77 47.90 26.15
CA ALY O 281 -48.81 47.71 25.00
N ALY O 281 -47.76 48.70 25.03
C ALY O 281 -49.56 47.75 23.70
O ALY O 281 -49.76 46.73 23.06
N ALA O 282 -49.95 48.94 23.29
CA ALA O 282 -50.67 49.10 22.05
C ALA O 282 -49.87 48.62 20.84
N ALA O 283 -48.56 48.89 20.83
CA ALA O 283 -47.70 48.47 19.70
C ALA O 283 -47.65 46.95 19.55
N VAL O 284 -47.43 46.28 20.66
CA VAL O 284 -47.39 44.83 20.69
C VAL O 284 -48.74 44.24 20.34
N LYS O 285 -49.78 44.74 21.00
CA LYS O 285 -51.12 44.25 20.76
C LYS O 285 -51.48 44.39 19.25
N ALA O 286 -51.06 45.47 18.63
CA ALA O 286 -51.34 45.69 17.22
C ALA O 286 -50.65 44.64 16.38
N ALA O 287 -49.40 44.35 16.72
CA ALA O 287 -48.62 43.36 15.98
C ALA O 287 -49.19 41.97 16.17
N ALA O 288 -49.70 41.70 17.37
CA ALA O 288 -50.24 40.39 17.71
C ALA O 288 -51.51 40.11 16.99
N GLU O 289 -52.30 41.15 16.79
CA GLU O 289 -53.58 41.02 16.09
C GLU O 289 -53.41 41.20 14.60
N GLY O 290 -52.25 41.69 14.18
CA GLY O 290 -51.99 41.91 12.78
C GLY O 290 -50.95 41.07 12.09
N GLU O 291 -49.88 41.74 11.66
CA GLU O 291 -48.80 41.12 10.93
C GLU O 291 -48.16 39.88 11.58
N MET O 292 -48.02 39.86 12.90
CA MET O 292 -47.41 38.71 13.57
C MET O 292 -48.42 37.83 14.27
N LYS O 293 -49.63 37.75 13.72
CA LYS O 293 -50.62 36.91 14.33
C LYS O 293 -50.14 35.46 14.33
N GLY O 294 -50.36 34.76 15.44
CA GLY O 294 -49.98 33.33 15.52
C GLY O 294 -48.56 33.13 16.02
N VAL O 295 -47.76 34.18 15.95
CA VAL O 295 -46.39 34.15 16.41
C VAL O 295 -46.27 34.89 17.73
N LEU O 296 -46.62 36.15 17.70
CA LEU O 296 -46.60 36.98 18.88
C LEU O 296 -48.01 37.09 19.49
N GLY O 297 -48.12 36.76 20.78
CA GLY O 297 -49.37 36.85 21.50
C GLY O 297 -49.35 38.00 22.49
N TYR O 298 -50.49 38.27 23.09
CA TYR O 298 -50.64 39.37 24.02
C TYR O 298 -51.67 39.04 25.07
N THR O 299 -51.37 39.31 26.33
CA THR O 299 -52.32 39.05 27.41
C THR O 299 -52.21 40.09 28.51
N GLU O 300 -53.32 40.33 29.17
CA GLU O 300 -53.36 41.28 30.29
C GLU O 300 -53.86 40.54 31.54
N ASP O 301 -53.92 39.21 31.44
CA ASP O 301 -54.40 38.40 32.54
C ASP O 301 -53.28 38.07 33.49
N ASP O 302 -53.66 37.58 34.67
CA ASP O 302 -52.74 37.24 35.73
C ASP O 302 -52.21 35.83 35.56
N VAL O 303 -51.51 35.63 34.47
CA VAL O 303 -50.97 34.32 34.13
C VAL O 303 -49.69 33.88 34.86
N VAL O 304 -49.47 32.56 34.84
CA VAL O 304 -48.28 31.95 35.39
C VAL O 304 -47.85 30.97 34.33
N SER O 305 -46.65 30.43 34.46
CA SER O 305 -46.07 29.56 33.43
C SER O 305 -46.96 28.44 32.92
N THR O 306 -47.64 27.72 33.82
CA THR O 306 -48.50 26.60 33.38
C THR O 306 -49.61 27.03 32.43
N ASP O 307 -49.97 28.30 32.47
CA ASP O 307 -51.00 28.77 31.57
C ASP O 307 -50.53 28.76 30.11
N PHE O 308 -49.26 28.46 29.85
CA PHE O 308 -48.76 28.44 28.47
C PHE O 308 -48.31 27.07 28.06
N ASN O 309 -48.55 26.09 28.91
CA ASN O 309 -48.17 24.75 28.55
C ASN O 309 -49.07 24.40 27.36
N GLY O 310 -48.49 24.08 26.22
CA GLY O 310 -49.25 23.79 25.01
C GLY O 310 -49.41 24.99 24.07
N GLU O 311 -48.99 26.16 24.50
CA GLU O 311 -49.08 27.35 23.70
C GLU O 311 -48.32 27.26 22.36
N VAL O 312 -49.00 27.59 21.29
CA VAL O 312 -48.41 27.62 19.96
C VAL O 312 -47.68 28.92 19.61
N CYS O 313 -48.11 30.06 20.15
CA CYS O 313 -47.39 31.30 19.86
C CYS O 313 -46.01 31.15 20.46
N THR O 314 -45.01 31.69 19.78
CA THR O 314 -43.64 31.57 20.24
C THR O 314 -43.23 32.67 21.19
N SER O 315 -44.10 33.64 21.38
CA SER O 315 -43.81 34.74 22.26
C SER O 315 -45.12 35.37 22.69
N VAL O 316 -45.41 35.39 23.99
CA VAL O 316 -46.67 35.95 24.47
C VAL O 316 -46.39 37.00 25.48
N PHE O 317 -46.61 38.23 25.05
CA PHE O 317 -46.35 39.40 25.88
C PHE O 317 -47.26 39.43 27.09
N ASP O 318 -46.67 39.66 28.25
CA ASP O 318 -47.38 39.72 29.51
C ASP O 318 -47.37 41.18 29.93
N ALA O 319 -48.45 41.87 29.61
CA ALA O 319 -48.54 43.29 29.91
C ALA O 319 -48.36 43.65 31.37
N LYS O 320 -49.15 43.05 32.25
CA LYS O 320 -49.07 43.37 33.70
C LYS O 320 -47.74 43.04 34.37
N ALA O 321 -47.06 42.02 33.90
CA ALA O 321 -45.77 41.66 34.50
C ALA O 321 -44.62 42.65 34.27
N GLY O 322 -44.63 43.34 33.13
CA GLY O 322 -43.57 44.26 32.78
C GLY O 322 -43.64 45.51 33.61
N ILE O 323 -42.51 46.19 33.70
CA ILE O 323 -42.43 47.42 34.43
C ILE O 323 -41.53 48.44 33.71
N ALA O 324 -41.88 49.71 33.83
CA ALA O 324 -41.15 50.77 33.17
C ALA O 324 -40.57 51.72 34.20
N LEU O 325 -39.28 51.99 34.14
CA LEU O 325 -38.70 52.97 35.01
C LEU O 325 -39.08 54.37 34.50
N ASN O 326 -38.96 54.56 33.17
CA ASN O 326 -39.33 55.83 32.53
C ASN O 326 -39.67 55.60 31.05
N ASP O 327 -40.00 56.65 30.35
CA ASP O 327 -40.38 56.54 28.94
C ASP O 327 -39.28 55.96 28.03
N ASN O 328 -38.07 55.75 28.55
CA ASN O 328 -36.99 55.25 27.70
C ASN O 328 -36.23 54.08 28.25
N PHE O 329 -36.69 53.51 29.35
CA PHE O 329 -35.97 52.40 29.96
C PHE O 329 -37.05 51.51 30.53
N VAL O 330 -37.19 50.33 29.92
CA VAL O 330 -38.26 49.43 30.20
C VAL O 330 -37.86 47.98 30.28
N LYS O 331 -38.65 47.22 31.05
CA LYS O 331 -38.43 45.79 31.25
C LYS O 331 -39.69 45.13 30.74
N LEU O 332 -39.55 44.37 29.67
CA LEU O 332 -40.65 43.67 29.05
C LEU O 332 -40.57 42.18 29.30
N VAL O 333 -41.73 41.55 29.51
CA VAL O 333 -41.80 40.13 29.79
C VAL O 333 -42.60 39.37 28.76
N SER O 334 -42.07 38.24 28.29
CA SER O 334 -42.79 37.42 27.28
C SER O 334 -42.55 35.96 27.52
N TRP O 335 -43.65 35.22 27.50
CA TRP O 335 -43.66 33.79 27.79
C TRP O 335 -43.53 32.94 26.57
N TYR O 336 -43.08 31.70 26.76
CA TYR O 336 -42.94 30.76 25.67
C TYR O 336 -42.89 29.32 26.08
N ASP O 337 -43.62 28.47 25.34
CA ASP O 337 -43.61 27.03 25.64
C ASP O 337 -42.44 26.57 24.81
N ASN O 338 -41.33 26.31 25.50
CA ASN O 338 -40.11 25.92 24.81
C ASN O 338 -40.18 24.62 24.00
N GLU O 339 -41.20 23.80 24.21
CA GLU O 339 -41.32 22.60 23.42
C GLU O 339 -42.33 22.81 22.31
N THR O 340 -43.51 23.27 22.67
CA THR O 340 -44.59 23.43 21.71
C THR O 340 -44.45 24.56 20.70
N GLY O 341 -44.09 25.74 21.12
CA GLY O 341 -44.00 26.85 20.19
C GLY O 341 -42.98 26.55 19.11
N TYR O 342 -41.77 26.28 19.56
CA TYR O 342 -40.67 25.99 18.65
C TYR O 342 -41.05 24.85 17.71
N SER O 343 -41.55 23.75 18.25
CA SER O 343 -41.93 22.66 17.40
C SER O 343 -42.85 23.10 16.30
N ASN O 344 -43.86 23.91 16.60
CA ASN O 344 -44.80 24.35 15.57
C ASN O 344 -44.11 25.21 14.54
N LYS O 345 -43.23 26.08 14.98
CA LYS O 345 -42.50 26.90 14.02
C LYS O 345 -41.53 26.07 13.15
N VAL O 346 -41.07 24.92 13.64
CA VAL O 346 -40.20 24.09 12.80
C VAL O 346 -41.05 23.70 11.61
N LEU O 347 -42.29 23.31 11.88
CA LEU O 347 -43.21 22.92 10.80
C LEU O 347 -43.52 24.12 9.89
N ASP O 348 -43.70 25.30 10.47
CA ASP O 348 -43.95 26.47 9.69
C ASP O 348 -42.78 26.69 8.73
N LEU O 349 -41.56 26.44 9.20
CA LEU O 349 -40.37 26.67 8.39
C LEU O 349 -40.27 25.63 7.30
N ILE O 350 -40.56 24.40 7.64
CA ILE O 350 -40.56 23.34 6.66
C ILE O 350 -41.51 23.69 5.51
N ALA O 351 -42.71 24.15 5.87
CA ALA O 351 -43.71 24.52 4.90
C ALA O 351 -43.22 25.67 4.05
N HIS O 352 -42.57 26.63 4.70
CA HIS O 352 -42.09 27.81 4.00
C HIS O 352 -41.02 27.53 2.97
N ILE O 353 -40.04 26.72 3.32
CA ILE O 353 -38.95 26.41 2.39
C ILE O 353 -39.40 25.45 1.29
N SER O 354 -40.61 24.91 1.43
CA SER O 354 -41.12 23.97 0.42
C SER O 354 -42.02 24.64 -0.61
N LYS O 355 -42.23 25.96 -0.51
CA LYS O 355 -43.05 26.66 -1.49
C LYS O 355 -42.30 26.64 -2.81
N THR P 26 -3.11 3.55 59.07
CA THR P 26 -4.34 3.87 58.27
C THR P 26 -4.42 2.93 57.07
N ILE P 27 -5.64 2.66 56.63
CA ILE P 27 -5.90 1.81 55.49
C ILE P 27 -5.93 2.69 54.26
N LYS P 28 -5.05 2.46 53.30
CA LYS P 28 -5.05 3.27 52.08
C LYS P 28 -6.15 2.82 51.14
N VAL P 29 -7.00 3.76 50.75
CA VAL P 29 -8.11 3.47 49.86
C VAL P 29 -8.08 4.25 48.54
N GLY P 30 -8.50 3.58 47.47
CA GLY P 30 -8.56 4.16 46.16
C GLY P 30 -10.01 4.14 45.76
N ILE P 31 -10.50 5.22 45.18
CA ILE P 31 -11.91 5.30 44.78
C ILE P 31 -12.02 5.28 43.30
N ASN P 32 -12.79 4.35 42.76
CA ASN P 32 -12.95 4.32 41.32
C ASN P 32 -14.37 4.71 41.08
N GLY P 33 -14.56 5.86 40.47
CA GLY P 33 -15.88 6.40 40.22
C GLY P 33 -16.16 7.49 41.25
N PHE P 34 -16.12 8.74 40.81
CA PHE P 34 -16.33 9.85 41.75
C PHE P 34 -17.74 10.45 41.60
N GLY P 35 -18.73 9.57 41.59
CA GLY P 35 -20.13 9.95 41.47
C GLY P 35 -20.68 10.26 42.86
N ARG P 36 -22.00 10.12 43.03
CA ARG P 36 -22.61 10.44 44.31
C ARG P 36 -22.00 9.63 45.44
N ILE P 37 -21.98 8.33 45.31
CA ILE P 37 -21.39 7.48 46.35
C ILE P 37 -19.89 7.74 46.51
N GLY P 38 -19.15 7.74 45.43
CA GLY P 38 -17.72 8.03 45.51
C GLY P 38 -17.41 9.31 46.30
N ARG P 39 -18.10 10.39 45.97
CA ARG P 39 -17.91 11.64 46.68
C ARG P 39 -18.35 11.66 48.15
N ILE P 40 -19.44 10.97 48.50
CA ILE P 40 -19.90 10.95 49.90
C ILE P 40 -18.96 10.04 50.71
N VAL P 41 -18.51 8.96 50.09
CA VAL P 41 -17.55 8.07 50.73
C VAL P 41 -16.31 8.91 51.02
N PHE P 42 -15.91 9.72 50.05
CA PHE P 42 -14.74 10.55 50.22
C PHE P 42 -14.88 11.47 51.41
N ARG P 43 -16.04 12.10 51.55
CA ARG P 43 -16.25 13.05 52.65
C ARG P 43 -16.28 12.35 54.00
N ALA P 44 -16.93 11.20 54.04
CA ALA P 44 -17.00 10.43 55.27
C ALA P 44 -15.63 9.94 55.73
N ALA P 45 -14.75 9.68 54.78
CA ALA P 45 -13.42 9.21 55.07
C ALA P 45 -12.56 10.24 55.79
N GLN P 46 -12.88 11.53 55.59
CA GLN P 46 -12.11 12.61 56.22
C GLN P 46 -12.33 12.62 57.72
N LYS P 47 -13.47 12.13 58.16
CA LYS P 47 -13.85 12.10 59.58
C LYS P 47 -13.40 10.85 60.30
N ARG P 48 -12.76 9.93 59.59
CA ARG P 48 -12.24 8.70 60.20
C ARG P 48 -10.72 8.71 60.12
N SER P 49 -10.08 8.35 61.21
CA SER P 49 -8.63 8.32 61.26
C SER P 49 -8.06 6.98 60.81
N ASP P 50 -8.87 5.94 60.78
CA ASP P 50 -8.39 4.62 60.33
C ASP P 50 -8.39 4.43 58.81
N ILE P 51 -8.92 5.40 58.05
CA ILE P 51 -8.97 5.30 56.59
C ILE P 51 -8.57 6.60 55.90
N GLU P 52 -7.72 6.43 54.88
CA GLU P 52 -7.25 7.54 54.05
C GLU P 52 -7.47 7.29 52.58
N ILE P 53 -8.09 8.25 51.93
CA ILE P 53 -8.26 8.15 50.50
C ILE P 53 -6.97 8.70 49.96
N VAL P 54 -6.29 7.93 49.13
CA VAL P 54 -5.02 8.38 48.53
C VAL P 54 -5.04 8.50 47.01
N ALA P 55 -6.13 8.08 46.38
CA ALA P 55 -6.26 8.14 44.94
C ALA P 55 -7.71 8.05 44.51
N ILE P 56 -8.02 8.71 43.40
CA ILE P 56 -9.35 8.75 42.82
C ILE P 56 -9.25 8.59 41.32
N ASN P 57 -10.12 7.78 40.75
CA ASN P 57 -10.11 7.60 39.31
C ASN P 57 -11.47 7.84 38.75
N ASP P 58 -11.53 8.64 37.68
CA ASP P 58 -12.78 8.92 37.02
C ASP P 58 -12.42 9.71 35.76
N LEU P 59 -13.34 9.77 34.81
CA LEU P 59 -13.14 10.48 33.54
C LEU P 59 -13.34 11.97 33.74
N LEU P 60 -12.59 12.58 34.64
CA LEU P 60 -12.76 13.99 34.94
C LEU P 60 -11.45 14.66 35.27
N ASP P 61 -11.30 15.89 34.81
CA ASP P 61 -10.10 16.66 35.11
C ASP P 61 -10.08 16.92 36.62
N ALA P 62 -8.90 17.12 37.17
CA ALA P 62 -8.76 17.35 38.58
C ALA P 62 -9.49 18.60 39.03
N ASP P 63 -9.45 19.65 38.22
CA ASP P 63 -10.10 20.91 38.59
C ASP P 63 -11.62 20.73 38.72
N TYR P 64 -12.16 19.81 37.92
CA TYR P 64 -13.59 19.52 37.97
C TYR P 64 -13.91 18.62 39.17
N MET P 65 -13.05 17.67 39.50
CA MET P 65 -13.30 16.86 40.67
C MET P 65 -13.30 17.76 41.88
N ALA P 66 -12.39 18.73 41.88
CA ALA P 66 -12.28 19.64 43.00
C ALA P 66 -13.61 20.36 43.18
N TYR P 67 -14.18 20.80 42.06
CA TYR P 67 -15.48 21.48 42.09
C TYR P 67 -16.60 20.57 42.61
N MET P 68 -16.65 19.34 42.13
CA MET P 68 -17.70 18.40 42.55
C MET P 68 -17.59 18.09 44.03
N LEU P 69 -16.38 18.24 44.56
CA LEU P 69 -16.12 17.98 45.93
C LEU P 69 -16.43 19.21 46.79
OH ALY P 70 -14.82 25.74 41.50
CH ALY P 70 -13.95 25.20 42.11
CH3 ALY P 70 -12.93 24.44 41.33
NZ ALY P 70 -13.92 25.29 43.47
CE ALY P 70 -13.00 24.74 44.54
CD ALY P 70 -13.72 24.59 45.93
CG ALY P 70 -14.09 23.15 46.39
CB ALY P 70 -15.59 22.89 46.45
CA ALY P 70 -16.17 21.63 47.11
N ALY P 70 -16.01 20.39 46.33
C ALY P 70 -17.65 21.93 47.36
O ALY P 70 -18.05 22.24 48.47
N TYR P 71 -18.45 21.80 46.31
CA TYR P 71 -19.85 22.12 46.37
C TYR P 71 -20.78 20.93 46.13
N ASP P 72 -21.82 20.80 46.98
CA ASP P 72 -22.78 19.72 46.87
C ASP P 72 -24.15 20.26 47.20
N SER P 73 -25.08 20.11 46.26
CA SER P 73 -26.41 20.61 46.39
C SER P 73 -27.17 20.04 47.58
N THR P 74 -26.89 18.81 47.92
CA THR P 74 -27.59 18.12 48.98
C THR P 74 -26.90 18.22 50.31
N HIS P 75 -25.59 18.08 50.34
CA HIS P 75 -24.85 18.09 51.62
C HIS P 75 -24.02 19.33 51.94
N GLY P 76 -24.26 20.40 51.24
CA GLY P 76 -23.51 21.63 51.46
C GLY P 76 -22.06 21.61 51.05
N ARG P 77 -21.36 22.66 51.43
CA ARG P 77 -19.95 22.78 51.09
C ARG P 77 -19.06 21.86 51.89
N PHE P 78 -18.00 21.41 51.24
CA PHE P 78 -17.03 20.53 51.83
C PHE P 78 -16.38 21.21 53.00
N ASP P 79 -16.33 20.51 54.13
CA ASP P 79 -15.72 21.05 55.33
C ASP P 79 -14.22 20.82 55.28
N GLY P 80 -13.51 21.64 54.53
CA GLY P 80 -12.06 21.51 54.43
C GLY P 80 -11.52 22.23 53.24
N THR P 81 -10.22 22.19 53.07
CA THR P 81 -9.57 22.88 51.96
C THR P 81 -9.29 21.92 50.82
N VAL P 82 -9.47 22.40 49.59
CA VAL P 82 -9.20 21.62 48.39
C VAL P 82 -8.60 22.50 47.31
N GLU P 83 -7.42 22.13 46.82
CA GLU P 83 -6.75 22.89 45.77
C GLU P 83 -6.19 21.91 44.75
N VAL P 84 -5.91 22.40 43.55
CA VAL P 84 -5.35 21.57 42.47
C VAL P 84 -3.88 21.93 42.21
N LYS P 85 -3.03 20.92 42.08
CA LYS P 85 -1.63 21.17 41.82
C LYS P 85 -1.05 20.08 40.93
N ASP P 86 -0.54 20.48 39.77
CA ASP P 86 0.07 19.56 38.80
C ASP P 86 -0.87 18.45 38.37
N GLY P 87 -2.11 18.81 38.09
CA GLY P 87 -3.12 17.84 37.68
C GLY P 87 -3.58 16.87 38.76
N HIS P 88 -3.11 17.08 39.99
CA HIS P 88 -3.52 16.26 41.12
C HIS P 88 -4.24 17.13 42.14
N LEU P 89 -4.82 16.46 43.11
CA LEU P 89 -5.64 17.15 44.05
C LEU P 89 -4.99 17.19 45.42
N ILE P 90 -5.17 18.31 46.12
CA ILE P 90 -4.61 18.44 47.47
C ILE P 90 -5.73 18.82 48.43
N VAL P 91 -6.13 17.84 49.24
CA VAL P 91 -7.24 18.00 50.18
C VAL P 91 -6.75 17.99 51.60
N ASN P 92 -6.96 19.11 52.31
CA ASN P 92 -6.50 19.24 53.68
C ASN P 92 -5.02 18.90 53.76
N GLY P 93 -4.24 19.46 52.84
CA GLY P 93 -2.78 19.24 52.77
C GLY P 93 -2.26 17.84 52.42
N LYS P 94 -3.09 16.98 51.84
CA LYS P 94 -2.70 15.61 51.48
C LYS P 94 -2.84 15.42 49.97
N LYS P 95 -1.84 14.83 49.31
CA LYS P 95 -1.99 14.55 47.88
C LYS P 95 -2.91 13.37 47.60
N ILE P 96 -3.80 13.57 46.65
CA ILE P 96 -4.72 12.53 46.22
C ILE P 96 -4.39 12.36 44.74
N ARG P 97 -3.99 11.17 44.33
CA ARG P 97 -3.64 10.95 42.94
C ARG P 97 -4.90 10.86 42.13
N VAL P 98 -4.98 11.69 41.11
CA VAL P 98 -6.10 11.75 40.19
C VAL P 98 -5.71 11.13 38.86
N THR P 99 -6.51 10.16 38.41
CA THR P 99 -6.28 9.46 37.15
C THR P 99 -7.57 9.46 36.36
N ALA P 100 -7.47 9.14 35.07
CA ALA P 100 -8.65 9.11 34.18
C ALA P 100 -8.64 7.89 33.28
N GLU P 101 -8.30 6.74 33.84
CA GLU P 101 -8.26 5.47 33.11
C GLU P 101 -9.65 4.87 32.93
N ARG P 102 -9.94 4.41 31.72
CA ARG P 102 -11.22 3.81 31.41
C ARG P 102 -11.17 2.34 31.79
N ASP P 103 -10.01 1.72 31.56
CA ASP P 103 -9.80 0.31 31.84
C ASP P 103 -9.02 0.17 33.15
N PRO P 104 -9.68 -0.36 34.18
CA PRO P 104 -9.09 -0.53 35.52
C PRO P 104 -7.75 -1.26 35.62
N ALA P 105 -7.41 -2.09 34.62
CA ALA P 105 -6.13 -2.80 34.70
C ALA P 105 -4.93 -1.82 34.64
N ASN P 106 -5.19 -0.61 34.15
CA ASN P 106 -4.15 0.42 34.01
C ASN P 106 -4.03 1.39 35.18
N LEU P 107 -4.81 1.17 36.23
CA LEU P 107 -4.80 2.07 37.39
C LEU P 107 -3.52 2.11 38.22
N LYS P 108 -2.70 1.07 38.16
CA LYS P 108 -1.46 1.05 38.93
C LYS P 108 -1.70 1.48 40.39
N TRP P 109 -2.60 0.81 41.09
CA TRP P 109 -2.90 1.17 42.48
C TRP P 109 -1.72 0.99 43.43
N ASP P 110 -0.88 0.00 43.14
CA ASP P 110 0.29 -0.28 43.99
C ASP P 110 1.28 0.91 44.04
N GLU P 111 1.29 1.75 43.00
CA GLU P 111 2.19 2.91 42.99
C GLU P 111 1.87 3.95 44.04
N VAL P 112 0.63 3.97 44.51
CA VAL P 112 0.26 4.93 45.54
C VAL P 112 -0.14 4.14 46.83
N GLY P 113 0.32 2.90 46.89
CA GLY P 113 0.08 2.00 48.02
C GLY P 113 -1.33 1.70 48.45
N VAL P 114 -2.24 1.55 47.51
CA VAL P 114 -3.64 1.27 47.84
C VAL P 114 -3.91 -0.14 48.34
N ASP P 115 -4.51 -0.23 49.53
CA ASP P 115 -4.88 -1.51 50.12
C ASP P 115 -6.22 -2.00 49.56
N VAL P 116 -7.24 -1.15 49.65
CA VAL P 116 -8.58 -1.48 49.18
C VAL P 116 -9.15 -0.47 48.21
N VAL P 117 -9.93 -0.96 47.25
CA VAL P 117 -10.54 -0.09 46.27
C VAL P 117 -12.04 -0.08 46.45
N ALA P 118 -12.62 1.13 46.46
CA ALA P 118 -14.06 1.28 46.56
C ALA P 118 -14.51 1.42 45.12
N GLU P 119 -15.10 0.34 44.60
CA GLU P 119 -15.55 0.31 43.20
C GLU P 119 -16.93 0.96 43.15
N ALA P 120 -16.96 2.22 42.75
CA ALA P 120 -18.20 2.97 42.71
C ALA P 120 -18.65 3.55 41.37
N THR P 121 -18.31 2.89 40.28
CA THR P 121 -18.72 3.35 38.96
C THR P 121 -20.07 2.74 38.56
N GLY P 122 -20.47 1.64 39.23
CA GLY P 122 -21.72 0.96 38.93
C GLY P 122 -21.59 0.03 37.73
N LEU P 123 -20.40 0.01 37.12
CA LEU P 123 -20.15 -0.80 35.92
C LEU P 123 -19.36 -2.10 36.13
N PHE P 124 -18.64 -2.22 37.24
CA PHE P 124 -17.85 -3.43 37.47
C PHE P 124 -18.36 -4.18 38.69
N LEU P 125 -19.53 -4.80 38.53
CA LEU P 125 -20.15 -5.55 39.61
C LEU P 125 -20.10 -7.09 39.48
N THR P 126 -19.07 -7.60 38.79
CA THR P 126 -18.86 -9.04 38.65
C THR P 126 -17.44 -9.31 39.09
N ASP P 127 -17.11 -10.56 39.36
CA ASP P 127 -15.78 -10.88 39.83
C ASP P 127 -14.72 -10.53 38.82
N GLU P 128 -14.91 -10.90 37.56
CA GLU P 128 -13.87 -10.62 36.57
C GLU P 128 -13.64 -9.12 36.36
N THR P 129 -14.70 -8.32 36.34
CA THR P 129 -14.52 -6.88 36.12
C THR P 129 -13.85 -6.20 37.31
N ALA P 130 -14.23 -6.60 38.52
CA ALA P 130 -13.66 -5.99 39.72
C ALA P 130 -12.25 -6.51 39.97
N ARG P 131 -12.01 -7.76 39.61
CA ARG P 131 -10.72 -8.42 39.77
C ARG P 131 -9.60 -7.57 39.16
N LYS P 132 -9.96 -6.76 38.16
CA LYS P 132 -8.96 -5.95 37.50
C LYS P 132 -8.20 -5.02 38.43
N HIS P 133 -8.86 -4.55 39.48
CA HIS P 133 -8.19 -3.66 40.44
C HIS P 133 -7.10 -4.42 41.16
N ILE P 134 -7.32 -5.70 41.41
CA ILE P 134 -6.34 -6.52 42.07
C ILE P 134 -5.17 -6.76 41.12
N THR P 135 -5.49 -6.97 39.84
CA THR P 135 -4.47 -7.19 38.82
C THR P 135 -3.62 -5.92 38.77
N ALA P 136 -4.26 -4.78 39.00
CA ALA P 136 -3.59 -3.48 38.98
C ALA P 136 -2.88 -3.07 40.29
N GLY P 137 -2.74 -3.99 41.23
CA GLY P 137 -2.03 -3.69 42.49
C GLY P 137 -2.80 -3.57 43.80
N ALA P 138 -4.12 -3.46 43.74
CA ALA P 138 -4.90 -3.35 44.96
C ALA P 138 -5.03 -4.71 45.58
N LYS P 139 -5.13 -4.78 46.90
CA LYS P 139 -5.24 -6.07 47.57
C LYS P 139 -6.69 -6.55 47.61
N LYS P 140 -7.63 -5.65 47.91
CA LYS P 140 -9.03 -6.03 47.97
C LYS P 140 -9.95 -5.00 47.33
N VAL P 141 -11.18 -5.41 47.07
CA VAL P 141 -12.18 -4.55 46.45
C VAL P 141 -13.55 -4.63 47.08
N VAL P 142 -14.18 -3.46 47.26
CA VAL P 142 -15.51 -3.35 47.81
C VAL P 142 -16.42 -2.70 46.79
N MET P 143 -17.36 -3.47 46.25
CA MET P 143 -18.31 -2.97 45.28
C MET P 143 -19.31 -2.16 46.03
N THR P 144 -19.55 -0.93 45.60
CA THR P 144 -20.54 -0.10 46.26
C THR P 144 -21.92 -0.31 45.64
N GLY P 145 -22.27 -1.55 45.39
CA GLY P 145 -23.56 -1.88 44.81
C GLY P 145 -23.76 -3.38 44.87
N PRO P 146 -24.99 -3.86 44.68
CA PRO P 146 -25.17 -5.31 44.72
C PRO P 146 -24.47 -5.96 43.54
N SER P 147 -23.89 -7.13 43.79
CA SER P 147 -23.17 -7.82 42.75
C SER P 147 -24.09 -8.50 41.75
N LYS P 148 -23.72 -8.43 40.48
CA LYS P 148 -24.49 -9.08 39.42
C LYS P 148 -24.19 -10.56 39.30
N ASP P 149 -23.07 -10.99 39.87
CA ASP P 149 -22.73 -12.41 39.85
C ASP P 149 -22.93 -12.87 41.29
N ASN P 150 -22.24 -13.92 41.72
CA ASN P 150 -22.42 -14.41 43.07
C ASN P 150 -21.32 -13.88 44.04
N THR P 151 -20.77 -12.71 43.76
CA THR P 151 -19.81 -12.10 44.67
C THR P 151 -20.59 -11.90 45.98
N PRO P 152 -20.03 -12.33 47.11
CA PRO P 152 -20.74 -12.23 48.36
C PRO P 152 -21.04 -10.81 48.82
N MET P 153 -22.24 -10.63 49.37
CA MET P 153 -22.66 -9.33 49.89
C MET P 153 -22.66 -9.28 51.41
N PHE P 154 -22.29 -8.12 51.96
CA PHE P 154 -22.26 -7.95 53.40
C PHE P 154 -22.98 -6.68 53.78
N VAL P 155 -23.80 -6.76 54.83
CA VAL P 155 -24.56 -5.63 55.33
C VAL P 155 -24.36 -5.51 56.83
N LYS P 156 -23.82 -4.38 57.28
CA LYS P 156 -23.56 -4.18 58.68
C LYS P 156 -24.87 -4.28 59.45
N GLY P 157 -24.83 -5.02 60.55
CA GLY P 157 -25.99 -5.24 61.40
C GLY P 157 -26.62 -6.56 61.06
N ALA P 158 -26.25 -7.13 59.92
CA ALA P 158 -26.82 -8.38 59.46
C ALA P 158 -25.84 -9.51 59.35
N ASN P 159 -24.75 -9.34 58.59
CA ASN P 159 -23.81 -10.43 58.44
C ASN P 159 -22.33 -10.10 58.31
N PHE P 160 -21.85 -9.00 58.87
CA PHE P 160 -20.41 -8.72 58.80
C PHE P 160 -19.60 -9.89 59.36
N ASP P 161 -20.07 -10.49 60.46
CA ASP P 161 -19.39 -11.64 61.09
C ASP P 161 -19.13 -12.81 60.11
N LYS P 162 -19.96 -12.95 59.08
CA LYS P 162 -19.80 -14.00 58.04
C LYS P 162 -18.63 -13.77 57.07
N TYR P 163 -18.04 -12.58 57.06
CA TYR P 163 -16.94 -12.35 56.17
C TYR P 163 -15.90 -13.42 56.46
N ALA P 164 -15.37 -14.03 55.40
CA ALA P 164 -14.38 -15.09 55.51
C ALA P 164 -13.08 -14.86 54.70
N GLY P 165 -12.54 -13.65 54.72
CA GLY P 165 -11.29 -13.35 54.01
C GLY P 165 -11.35 -13.15 52.51
N GLN P 166 -12.54 -13.17 51.90
CA GLN P 166 -12.65 -12.96 50.44
C GLN P 166 -11.98 -11.64 50.05
N ASP P 167 -11.43 -11.57 48.85
CA ASP P 167 -10.74 -10.35 48.40
C ASP P 167 -11.64 -9.39 47.62
N ILE P 168 -12.81 -9.87 47.23
CA ILE P 168 -13.78 -9.06 46.50
C ILE P 168 -15.15 -9.26 47.14
N VAL P 169 -15.76 -8.15 47.58
CA VAL P 169 -17.06 -8.20 48.24
C VAL P 169 -17.95 -7.05 47.80
N SER P 170 -19.21 -7.13 48.19
CA SER P 170 -20.22 -6.13 47.86
C SER P 170 -20.91 -5.66 49.12
N ASN P 171 -21.20 -4.36 49.21
CA ASN P 171 -21.86 -3.81 50.39
C ASN P 171 -23.38 -3.74 50.12
N ALA P 172 -23.83 -4.55 49.18
CA ALA P 172 -25.25 -4.62 48.80
C ALA P 172 -25.76 -3.27 48.33
N SER P 173 -27.06 -3.02 48.51
CA SER P 173 -27.67 -1.76 48.12
C SER P 173 -28.09 -0.94 49.30
N SCY P 174 -28.43 0.31 49.05
CA SCY P 174 -28.86 1.20 50.09
CB SCY P 174 -29.02 2.60 49.49
SG SCY P 174 -29.87 2.74 47.96
CD SCY P 174 -29.76 1.45 46.83
OCD SCY P 174 -30.54 0.48 46.93
CE SCY P 174 -28.75 1.45 45.68
C SCY P 174 -30.10 0.69 50.79
O SCY P 174 -30.19 0.68 52.03
N THR P 175 -31.04 0.21 49.98
CA THR P 175 -32.29 -0.30 50.49
C THR P 175 -32.07 -1.56 51.30
N THR P 176 -31.20 -2.44 50.83
CA THR P 176 -30.95 -3.66 51.57
C THR P 176 -30.31 -3.29 52.93
N ASN P 177 -29.46 -2.27 52.96
CA ASN P 177 -28.91 -1.86 54.24
C ASN P 177 -29.95 -1.32 55.21
N CYS P 178 -31.10 -0.87 54.71
CA CYS P 178 -32.13 -0.35 55.60
C CYS P 178 -33.00 -1.46 56.09
N LEU P 179 -33.38 -2.31 55.16
CA LEU P 179 -34.25 -3.42 55.42
C LEU P 179 -33.67 -4.57 56.23
N ALA P 180 -32.47 -5.03 55.88
CA ALA P 180 -31.88 -6.16 56.60
C ALA P 180 -31.80 -6.02 58.11
N PRO P 181 -31.22 -4.92 58.61
CA PRO P 181 -31.14 -4.81 60.07
C PRO P 181 -32.49 -4.84 60.76
N LEU P 182 -33.48 -4.17 60.19
CA LEU P 182 -34.82 -4.14 60.77
C LEU P 182 -35.44 -5.52 60.75
N ALA P 183 -35.39 -6.16 59.59
CA ALA P 183 -35.93 -7.50 59.44
C ALA P 183 -35.26 -8.48 60.40
N LYS P 184 -33.95 -8.38 60.57
CA LYS P 184 -33.23 -9.29 61.47
C LYS P 184 -33.80 -9.18 62.88
N VAL P 185 -33.97 -7.96 63.37
CA VAL P 185 -34.52 -7.73 64.70
C VAL P 185 -35.94 -8.28 64.83
N ILE P 186 -36.80 -7.92 63.88
CA ILE P 186 -38.18 -8.40 63.89
C ILE P 186 -38.24 -9.91 63.84
N ASN P 187 -37.45 -10.50 62.93
CA ASN P 187 -37.43 -11.95 62.80
C ASN P 187 -36.88 -12.65 64.06
N ASP P 188 -35.75 -12.20 64.57
CA ASP P 188 -35.16 -12.80 65.76
C ASP P 188 -36.12 -12.78 66.93
N ASN P 189 -36.85 -11.69 67.10
CA ASN P 189 -37.80 -11.56 68.21
C ASN P 189 -39.18 -12.14 67.99
N PHE P 190 -39.72 -12.07 66.77
CA PHE P 190 -41.09 -12.54 66.56
C PHE P 190 -41.30 -13.51 65.43
N GLY P 191 -40.29 -13.67 64.58
CA GLY P 191 -40.36 -14.60 63.47
C GLY P 191 -41.20 -14.10 62.31
N ILE P 192 -40.53 -13.85 61.19
CA ILE P 192 -41.21 -13.36 60.00
C ILE P 192 -41.64 -14.54 59.17
N ILE P 193 -42.95 -14.70 59.01
CA ILE P 193 -43.47 -15.78 58.20
C ILE P 193 -43.30 -15.41 56.74
N GLU P 194 -43.75 -14.21 56.42
CA GLU P 194 -43.69 -13.68 55.07
C GLU P 194 -43.84 -12.16 55.15
N GLY P 195 -43.30 -11.47 54.15
CA GLY P 195 -43.37 -10.02 54.16
C GLY P 195 -43.22 -9.44 52.78
N LEU P 196 -43.86 -8.31 52.55
CA LEU P 196 -43.77 -7.55 51.31
C LEU P 196 -43.35 -6.17 51.68
N MET P 197 -42.42 -5.58 50.94
CA MET P 197 -41.98 -4.24 51.31
C MET P 197 -42.02 -3.30 50.13
N THR P 198 -42.14 -2.02 50.44
CA THR P 198 -42.20 -0.97 49.45
C THR P 198 -41.28 0.11 49.90
N THR P 199 -40.53 0.67 48.96
CA THR P 199 -39.66 1.74 49.32
C THR P 199 -40.03 2.95 48.49
N VAL P 200 -40.29 4.08 49.17
CA VAL P 200 -40.59 5.34 48.52
C VAL P 200 -39.21 5.89 48.49
N HIS P 201 -38.65 5.93 47.30
CA HIS P 201 -37.27 6.29 47.10
C HIS P 201 -37.02 7.62 46.40
N ALA P 202 -35.98 8.32 46.86
CA ALA P 202 -35.59 9.58 46.26
C ALA P 202 -35.06 9.38 44.85
N THR P 203 -35.11 10.45 44.09
CA THR P 203 -34.58 10.42 42.75
C THR P 203 -33.05 10.15 42.75
N THR P 204 -32.56 9.42 41.74
CA THR P 204 -31.15 9.18 41.63
C THR P 204 -30.61 9.55 40.24
N ALA P 205 -29.29 9.43 40.11
CA ALA P 205 -28.60 9.75 38.86
C ALA P 205 -29.04 8.97 37.61
N THR P 206 -29.60 7.79 37.77
CA THR P 206 -30.03 7.01 36.61
C THR P 206 -31.31 7.57 35.99
N GLN P 207 -31.99 8.50 36.66
CA GLN P 207 -33.24 9.05 36.13
C GLN P 207 -33.01 10.26 35.23
N LYS P 208 -34.08 10.77 34.64
CA LYS P 208 -34.01 11.87 33.69
C LYS P 208 -34.78 13.11 34.14
N THR P 209 -34.27 14.29 33.75
CA THR P 209 -34.90 15.52 34.10
C THR P 209 -36.24 15.69 33.39
N VAL P 210 -36.33 15.24 32.15
CA VAL P 210 -37.60 15.28 31.40
C VAL P 210 -37.72 13.96 30.65
N ASP P 211 -38.92 13.58 30.25
CA ASP P 211 -39.11 12.31 29.54
C ASP P 211 -38.00 12.05 28.54
N GLY P 212 -37.17 11.05 28.85
CA GLY P 212 -36.04 10.67 28.00
C GLY P 212 -35.94 9.17 27.87
N PRO P 213 -34.89 8.68 27.17
CA PRO P 213 -34.68 7.27 26.94
C PRO P 213 -34.02 6.45 28.06
N SER P 214 -34.58 5.29 28.32
CA SER P 214 -34.11 4.33 29.28
C SER P 214 -34.63 3.00 28.70
N HIS P 215 -33.88 2.45 27.75
N HIS P 215 -33.92 2.41 27.72
CA HIS P 215 -34.25 1.23 27.03
CA HIS P 215 -34.41 1.17 27.04
C HIS P 215 -34.52 -0.01 27.92
C HIS P 215 -34.55 -0.06 27.95
N LYS P 216 -33.79 -0.15 29.02
CA LYS P 216 -33.95 -1.31 29.91
C LYS P 216 -35.02 -1.06 30.97
N ASP P 217 -35.41 0.19 31.16
CA ASP P 217 -36.41 0.55 32.16
C ASP P 217 -37.23 1.76 31.67
N TRP P 218 -38.21 1.46 30.83
CA TRP P 218 -39.08 2.50 30.28
C TRP P 218 -39.66 3.48 31.29
N ARG P 219 -40.28 3.01 32.36
CA ARG P 219 -40.82 3.94 33.35
C ARG P 219 -39.74 4.85 33.91
N GLY P 220 -38.54 4.29 34.09
CA GLY P 220 -37.41 5.02 34.65
C GLY P 220 -36.92 6.20 33.85
N GLY P 221 -37.25 6.23 32.56
CA GLY P 221 -36.86 7.33 31.69
C GLY P 221 -37.80 8.52 31.76
N ARG P 222 -38.92 8.37 32.45
CA ARG P 222 -39.90 9.45 32.56
C ARG P 222 -39.41 10.54 33.51
N GLY P 223 -39.80 11.78 33.20
CA GLY P 223 -39.43 12.92 33.99
C GLY P 223 -39.51 12.64 35.48
N ALA P 224 -38.38 12.70 36.14
CA ALA P 224 -38.31 12.43 37.57
C ALA P 224 -39.08 13.39 38.49
N SER P 225 -39.01 14.70 38.22
CA SER P 225 -39.65 15.70 39.07
C SER P 225 -41.15 15.78 38.91
N GLN P 226 -41.69 15.26 37.83
CA GLN P 226 -43.12 15.31 37.59
C GLN P 226 -43.87 14.06 38.01
N ASN P 227 -43.14 12.98 38.23
CA ASN P 227 -43.77 11.70 38.47
C ASN P 227 -43.43 10.83 39.68
N ILE P 228 -44.40 9.96 40.00
CA ILE P 228 -44.27 8.93 41.01
C ILE P 228 -44.00 7.80 40.05
N ILE P 229 -42.84 7.21 40.13
CA ILE P 229 -42.47 6.18 39.18
C ILE P 229 -42.26 4.81 39.78
N PRO P 230 -43.14 3.85 39.44
CA PRO P 230 -42.93 2.50 39.96
C PRO P 230 -41.61 1.95 39.47
N SER P 231 -40.98 1.12 40.29
CA SER P 231 -39.70 0.56 39.93
C SER P 231 -39.43 -0.75 40.62
N SER P 232 -38.59 -1.57 40.01
CA SER P 232 -38.24 -2.87 40.57
C SER P 232 -37.03 -2.73 41.46
N THR P 233 -36.91 -3.63 42.41
CA THR P 233 -35.78 -3.63 43.32
C THR P 233 -35.74 -4.99 43.99
N GLY P 234 -34.73 -5.77 43.64
CA GLY P 234 -34.55 -7.09 44.21
C GLY P 234 -34.04 -7.00 45.63
N ALA P 235 -33.84 -5.77 46.12
CA ALA P 235 -33.34 -5.48 47.48
C ALA P 235 -34.03 -6.27 48.55
N ALA P 236 -35.32 -6.52 48.39
CA ALA P 236 -36.07 -7.28 49.40
C ALA P 236 -35.71 -8.76 49.29
N LYS P 237 -35.57 -9.23 48.05
CA LYS P 237 -35.21 -10.61 47.79
C LYS P 237 -33.73 -10.84 48.19
N ALA P 238 -32.87 -9.83 47.95
CA ALA P 238 -31.43 -9.87 48.31
C ALA P 238 -31.21 -9.98 49.83
N VAL P 239 -32.23 -9.70 50.63
CA VAL P 239 -32.11 -9.83 52.07
C VAL P 239 -31.87 -11.30 52.34
N GLY P 240 -32.46 -12.14 51.49
CA GLY P 240 -32.33 -13.59 51.62
C GLY P 240 -30.89 -14.05 51.60
N LYS P 241 -30.03 -13.26 50.96
CA LYS P 241 -28.60 -13.60 50.86
C LYS P 241 -27.81 -13.16 52.08
N VAL P 242 -28.05 -11.97 52.59
CA VAL P 242 -27.34 -11.55 53.80
C VAL P 242 -27.98 -12.19 55.07
N LEU P 243 -29.26 -12.58 54.99
CA LEU P 243 -29.99 -13.26 56.09
C LEU P 243 -30.66 -14.51 55.54
N PRO P 244 -29.88 -15.58 55.34
CA PRO P 244 -30.37 -16.84 54.77
C PRO P 244 -31.70 -17.29 55.32
N GLU P 245 -31.89 -17.12 56.63
CA GLU P 245 -33.12 -17.55 57.29
C GLU P 245 -34.40 -16.88 56.72
N LEU P 246 -34.24 -15.79 55.99
CA LEU P 246 -35.36 -15.08 55.39
C LEU P 246 -35.44 -15.29 53.88
N ASN P 247 -34.62 -16.21 53.36
CA ASN P 247 -34.62 -16.47 51.95
C ASN P 247 -36.02 -16.91 51.51
N GLY P 248 -36.56 -16.28 50.47
CA GLY P 248 -37.87 -16.65 49.93
C GLY P 248 -39.07 -16.12 50.70
N LYS P 249 -38.82 -15.43 51.81
CA LYS P 249 -39.89 -14.86 52.64
C LYS P 249 -40.18 -13.36 52.42
N LEU P 250 -39.34 -12.65 51.67
CA LEU P 250 -39.53 -11.24 51.43
C LEU P 250 -39.27 -10.87 50.01
N THR P 251 -39.98 -9.87 49.56
CA THR P 251 -39.81 -9.35 48.21
C THR P 251 -40.50 -8.00 48.25
N GLY P 252 -40.30 -7.18 47.24
CA GLY P 252 -40.98 -5.90 47.24
C GLY P 252 -40.76 -5.09 45.99
N MET P 253 -41.07 -3.81 46.08
CA MET P 253 -40.92 -2.91 44.97
C MET P 253 -40.66 -1.48 45.43
N ALA P 254 -40.55 -0.57 44.49
CA ALA P 254 -40.28 0.80 44.81
C ALA P 254 -41.05 1.80 43.99
N PHE P 255 -41.14 2.99 44.55
CA PHE P 255 -41.76 4.12 43.89
C PHE P 255 -40.75 5.23 44.00
N ARG P 256 -40.31 5.74 42.86
CA ARG P 256 -39.34 6.80 42.83
C ARG P 256 -40.15 8.08 42.84
N VAL P 257 -39.89 8.95 43.80
CA VAL P 257 -40.62 10.22 43.90
C VAL P 257 -39.65 11.41 43.76
N PRO P 258 -40.19 12.64 43.53
CA PRO P 258 -39.35 13.79 43.31
C PRO P 258 -38.65 14.43 44.49
N THR P 259 -37.83 13.71 45.24
CA THR P 259 -37.02 14.31 46.32
C THR P 259 -35.57 13.97 45.95
N PRO P 260 -34.64 14.88 46.22
CA PRO P 260 -33.25 14.68 45.81
C PRO P 260 -32.45 13.70 46.63
N ASN P 261 -32.93 13.36 47.83
CA ASN P 261 -32.21 12.46 48.71
C ASN P 261 -33.06 12.04 49.91
N VAL P 262 -32.73 10.90 50.50
CA VAL P 262 -33.45 10.29 51.61
C VAL P 262 -34.66 9.51 51.11
N SER P 263 -34.69 8.23 51.48
CA SER P 263 -35.75 7.32 51.12
C SER P 263 -36.35 6.64 52.37
N VAL P 264 -37.40 5.85 52.19
CA VAL P 264 -38.03 5.17 53.33
C VAL P 264 -38.61 3.81 52.95
N VAL P 265 -38.51 2.83 53.84
CA VAL P 265 -39.11 1.52 53.53
C VAL P 265 -40.38 1.36 54.36
N ASP P 266 -41.32 0.64 53.76
CA ASP P 266 -42.63 0.34 54.29
C ASP P 266 -42.72 -1.19 54.24
N LEU P 267 -42.32 -1.82 55.35
CA LEU P 267 -42.31 -3.28 55.48
C LEU P 267 -43.57 -3.80 56.11
N THR P 268 -44.30 -4.60 55.35
CA THR P 268 -45.56 -5.20 55.82
C THR P 268 -45.28 -6.66 56.06
N VAL P 269 -45.24 -7.09 57.32
CA VAL P 269 -44.93 -8.48 57.63
C VAL P 269 -45.99 -9.20 58.45
N ARG P 270 -45.94 -10.54 58.39
CA ARG P 270 -46.85 -11.37 59.14
C ARG P 270 -45.94 -12.08 60.11
N LEU P 271 -46.26 -12.01 61.40
CA LEU P 271 -45.44 -12.59 62.43
C LEU P 271 -45.89 -13.93 62.97
N GLU P 272 -44.92 -14.75 63.30
CA GLU P 272 -45.20 -16.05 63.88
C GLU P 272 -45.67 -15.85 65.32
OH ALY P 273 -38.05 -16.59 67.39
CH ALY P 273 -39.20 -17.00 67.45
CH3 ALY P 273 -39.86 -17.45 66.17
NZ ALY P 273 -39.86 -17.04 68.62
CE ALY P 273 -41.22 -17.48 69.02
CD ALY P 273 -42.06 -16.27 69.44
CG ALY P 273 -43.40 -16.16 68.69
CB ALY P 273 -44.04 -14.80 68.49
CA ALY P 273 -45.23 -14.81 67.54
N ALY P 273 -44.90 -15.08 66.12
C ALY P 273 -46.00 -13.53 67.62
O ALY P 273 -45.61 -12.54 67.06
N ALA P 274 -47.12 -13.54 68.32
CA ALA P 274 -47.94 -12.37 68.46
C ALA P 274 -47.15 -11.30 69.17
N ALA P 275 -47.27 -10.07 68.72
CA ALA P 275 -46.60 -8.97 69.37
C ALA P 275 -47.36 -7.67 69.19
N THR P 276 -47.62 -6.97 70.30
CA THR P 276 -48.30 -5.69 70.26
C THR P 276 -47.32 -4.72 69.67
N TYR P 277 -47.82 -3.58 69.22
CA TYR P 277 -46.93 -2.61 68.63
C TYR P 277 -45.96 -2.08 69.67
N GLU P 278 -46.39 -2.04 70.92
CA GLU P 278 -45.53 -1.52 71.98
C GLU P 278 -44.32 -2.44 72.15
N GLN P 279 -44.55 -3.75 71.99
CA GLN P 279 -43.47 -4.72 72.09
C GLN P 279 -42.46 -4.62 70.96
N ILE P 280 -42.97 -4.32 69.78
CA ILE P 280 -42.13 -4.19 68.61
C ILE P 280 -41.24 -2.98 68.83
N LYS P 281 -41.84 -1.88 69.26
CA LYS P 281 -41.10 -0.67 69.55
C LYS P 281 -39.95 -0.99 70.52
N ALA P 282 -40.26 -1.70 71.60
CA ALA P 282 -39.24 -2.05 72.58
C ALA P 282 -38.11 -2.90 71.99
N ALA P 283 -38.46 -3.83 71.10
CA ALA P 283 -37.48 -4.73 70.51
C ALA P 283 -36.48 -3.98 69.68
N VAL P 284 -37.01 -3.07 68.84
CA VAL P 284 -36.19 -2.26 67.97
C VAL P 284 -35.34 -1.31 68.77
N LYS P 285 -35.99 -0.63 69.72
CA LYS P 285 -35.29 0.33 70.57
C LYS P 285 -34.14 -0.35 71.32
N ALA P 286 -34.36 -1.58 71.77
CA ALA P 286 -33.32 -2.32 72.46
C ALA P 286 -32.14 -2.57 71.52
N ALA P 287 -32.43 -3.01 70.29
CA ALA P 287 -31.39 -3.30 69.30
C ALA P 287 -30.64 -2.03 68.93
N ALA P 288 -31.36 -0.93 68.80
CA ALA P 288 -30.77 0.35 68.43
C ALA P 288 -29.82 0.86 69.48
N GLU P 289 -30.15 0.63 70.75
CA GLU P 289 -29.31 1.09 71.85
C GLU P 289 -28.25 0.08 72.20
N GLY P 290 -28.38 -1.13 71.65
CA GLY P 290 -27.45 -2.19 71.98
C GLY P 290 -26.57 -2.70 70.87
N GLU P 291 -26.81 -3.95 70.50
CA GLU P 291 -26.02 -4.66 69.49
C GLU P 291 -25.92 -3.97 68.12
N MET P 292 -26.98 -3.31 67.67
CA MET P 292 -26.95 -2.65 66.38
C MET P 292 -26.82 -1.13 66.50
N LYS P 293 -26.15 -0.66 67.53
CA LYS P 293 -25.98 0.76 67.69
C LYS P 293 -25.18 1.30 66.49
N GLY P 294 -25.58 2.48 66.00
CA GLY P 294 -24.90 3.11 64.87
C GLY P 294 -25.41 2.63 63.52
N VAL P 295 -26.12 1.50 63.51
CA VAL P 295 -26.67 0.95 62.28
C VAL P 295 -28.18 1.19 62.26
N LEU P 296 -28.85 0.67 63.28
CA LEU P 296 -30.29 0.81 63.43
C LEU P 296 -30.62 1.91 64.44
N GLY P 297 -31.42 2.88 64.00
CA GLY P 297 -31.83 3.99 64.83
C GLY P 297 -33.27 3.84 65.20
N TYR P 298 -33.72 4.67 66.15
CA TYR P 298 -35.09 4.63 66.60
C TYR P 298 -35.58 6.04 66.95
N THR P 299 -36.78 6.39 66.54
CA THR P 299 -37.32 7.72 66.85
C THR P 299 -38.82 7.66 67.08
N GLU P 300 -39.32 8.54 67.94
CA GLU P 300 -40.75 8.65 68.21
C GLU P 300 -41.22 10.08 67.85
N ASP P 301 -40.35 10.85 67.20
CA ASP P 301 -40.67 12.22 66.81
C ASP P 301 -41.43 12.26 65.49
N ASP P 302 -42.05 13.40 65.22
CA ASP P 302 -42.83 13.63 63.98
C ASP P 302 -41.94 14.04 62.81
N VAL P 303 -41.09 13.12 62.41
CA VAL P 303 -40.10 13.39 61.38
C VAL P 303 -40.60 13.31 59.93
N VAL P 304 -39.81 13.91 59.03
CA VAL P 304 -40.07 13.88 57.61
C VAL P 304 -38.74 13.61 57.02
N SER P 305 -38.73 13.28 55.75
CA SER P 305 -37.49 12.85 55.07
C SER P 305 -36.31 13.74 55.27
N THR P 306 -36.47 15.05 55.12
CA THR P 306 -35.31 15.96 55.31
C THR P 306 -34.64 15.84 56.68
N ASP P 307 -35.36 15.34 57.68
CA ASP P 307 -34.76 15.18 58.99
C ASP P 307 -33.67 14.12 59.00
N PHE P 308 -33.53 13.37 57.92
CA PHE P 308 -32.48 12.35 57.85
C PHE P 308 -31.41 12.66 56.80
N ASN P 309 -31.44 13.87 56.27
CA ASN P 309 -30.46 14.23 55.30
C ASN P 309 -29.17 14.30 56.10
N GLY P 310 -28.17 13.49 55.74
CA GLY P 310 -26.93 13.45 56.52
C GLY P 310 -26.85 12.32 57.56
N GLU P 311 -27.95 11.58 57.73
CA GLU P 311 -28.02 10.49 58.70
C GLU P 311 -27.05 9.36 58.39
N VAL P 312 -26.28 8.98 59.40
CA VAL P 312 -25.30 7.90 59.28
C VAL P 312 -25.92 6.51 59.52
N CYS P 313 -26.94 6.40 60.37
CA CYS P 313 -27.56 5.10 60.58
C CYS P 313 -28.16 4.70 59.25
N THR P 314 -28.08 3.41 58.93
CA THR P 314 -28.62 2.92 57.67
C THR P 314 -30.09 2.55 57.73
N SER P 315 -30.68 2.66 58.92
CA SER P 315 -32.07 2.33 59.08
C SER P 315 -32.54 2.97 60.34
N VAL P 316 -33.51 3.87 60.22
CA VAL P 316 -34.04 4.54 61.41
C VAL P 316 -35.55 4.29 61.52
N PHE P 317 -35.90 3.43 62.46
CA PHE P 317 -37.27 3.08 62.73
C PHE P 317 -38.10 4.29 63.17
N ASP P 318 -39.26 4.46 62.53
CA ASP P 318 -40.16 5.53 62.80
C ASP P 318 -41.33 4.91 63.52
N ALA P 319 -41.33 5.01 64.84
CA ALA P 319 -42.38 4.40 65.64
C ALA P 319 -43.79 4.89 65.33
N LYS P 320 -44.00 6.20 65.34
CA LYS P 320 -45.35 6.75 65.09
C LYS P 320 -45.91 6.52 63.69
N ALA P 321 -45.04 6.40 62.69
CA ALA P 321 -45.49 6.19 61.30
C ALA P 321 -46.04 4.81 61.01
N GLY P 322 -45.50 3.79 61.65
CA GLY P 322 -45.99 2.44 61.48
C GLY P 322 -47.39 2.22 62.04
N ILE P 323 -48.03 1.16 61.56
CA ILE P 323 -49.38 0.83 61.99
C ILE P 323 -49.55 -0.69 62.05
N ALA P 324 -50.32 -1.16 63.01
CA ALA P 324 -50.56 -2.60 63.20
C ALA P 324 -52.02 -2.93 63.03
N LEU P 325 -52.34 -3.91 62.21
CA LEU P 325 -53.72 -4.29 62.05
C LEU P 325 -54.08 -5.14 63.24
N ASN P 326 -53.13 -5.97 63.64
CA ASN P 326 -53.32 -6.87 64.78
C ASN P 326 -51.96 -7.37 65.28
N ASP P 327 -51.99 -8.15 66.35
CA ASP P 327 -50.74 -8.70 66.90
C ASP P 327 -49.86 -9.53 65.93
N ASN P 328 -50.35 -9.86 64.73
CA ASN P 328 -49.56 -10.68 63.80
C ASN P 328 -49.45 -10.18 62.39
N PHE P 329 -49.90 -8.96 62.14
CA PHE P 329 -49.85 -8.38 60.81
C PHE P 329 -49.58 -6.91 61.03
N VAL P 330 -48.38 -6.49 60.65
CA VAL P 330 -47.91 -5.15 60.90
C VAL P 330 -47.21 -4.48 59.72
N LYS P 331 -47.31 -3.17 59.66
CA LYS P 331 -46.62 -2.36 58.67
C LYS P 331 -45.60 -1.50 59.43
N LEU P 332 -44.32 -1.73 59.16
CA LEU P 332 -43.24 -1.02 59.83
C LEU P 332 -42.57 -0.05 58.87
N VAL P 333 -42.19 1.12 59.40
CA VAL P 333 -41.55 2.15 58.59
C VAL P 333 -40.14 2.49 59.05
N SER P 334 -39.19 2.53 58.11
CA SER P 334 -37.82 2.88 58.47
C SER P 334 -37.17 3.76 57.40
N TRP P 335 -36.58 4.87 57.85
CA TRP P 335 -35.94 5.85 57.00
C TRP P 335 -34.47 5.58 56.73
N TYR P 336 -33.97 6.10 55.61
CA TYR P 336 -32.57 5.96 55.29
C TYR P 336 -32.06 7.01 54.33
N ASP P 337 -30.86 7.52 54.60
CA ASP P 337 -30.25 8.50 53.71
C ASP P 337 -29.51 7.61 52.75
N ASN P 338 -30.08 7.44 51.58
CA ASN P 338 -29.50 6.59 50.57
C ASN P 338 -28.09 6.94 50.11
N GLU P 339 -27.59 8.14 50.42
CA GLU P 339 -26.22 8.49 50.03
C GLU P 339 -25.30 8.35 51.22
N THR P 340 -25.66 9.04 52.31
CA THR P 340 -24.82 9.06 53.49
C THR P 340 -24.71 7.74 54.27
N GLY P 341 -25.83 7.09 54.55
CA GLY P 341 -25.75 5.84 55.34
C GLY P 341 -24.91 4.80 54.65
N TYR P 342 -25.33 4.45 53.46
CA TYR P 342 -24.60 3.49 52.64
C TYR P 342 -23.10 3.86 52.52
N SER P 343 -22.80 5.11 52.15
CA SER P 343 -21.39 5.53 52.06
C SER P 343 -20.61 5.23 53.31
N ASN P 344 -21.15 5.57 54.48
CA ASN P 344 -20.46 5.24 55.72
C ASN P 344 -20.27 3.73 55.93
N LYS P 345 -21.28 2.93 55.62
CA LYS P 345 -21.14 1.50 55.75
C LYS P 345 -20.13 0.92 54.75
N VAL P 346 -19.94 1.56 53.61
CA VAL P 346 -18.93 1.08 52.68
C VAL P 346 -17.60 1.17 53.45
N LEU P 347 -17.37 2.29 54.13
CA LEU P 347 -16.14 2.46 54.90
C LEU P 347 -16.06 1.43 56.05
N ASP P 348 -17.19 1.18 56.70
CA ASP P 348 -17.22 0.21 57.78
C ASP P 348 -16.79 -1.16 57.23
N LEU P 349 -17.23 -1.48 56.02
CA LEU P 349 -16.91 -2.77 55.40
C LEU P 349 -15.45 -2.83 55.01
N ILE P 350 -14.93 -1.73 54.49
CA ILE P 350 -13.52 -1.65 54.13
C ILE P 350 -12.66 -1.93 55.37
N ALA P 351 -13.00 -1.26 56.46
CA ALA P 351 -12.30 -1.44 57.71
C ALA P 351 -12.39 -2.89 58.22
N HIS P 352 -13.58 -3.47 58.07
CA HIS P 352 -13.82 -4.82 58.54
C HIS P 352 -13.00 -5.87 57.81
N ILE P 353 -12.98 -5.79 56.48
CA ILE P 353 -12.23 -6.78 55.69
C ILE P 353 -10.72 -6.55 55.77
N SER P 354 -10.30 -5.44 56.39
CA SER P 354 -8.86 -5.13 56.52
C SER P 354 -8.32 -5.49 57.88
N LYS P 355 -9.21 -5.96 58.74
CA LYS P 355 -8.84 -6.32 60.08
C LYS P 355 -7.94 -7.57 60.07
NA NA Q . 20.68 -24.78 -64.28
CL CL R . 10.54 -36.25 -39.87
CL CL S . 17.37 -42.57 -50.83
CL CL T . 13.35 -43.70 -54.10
CL CL U . 30.83 -22.10 -59.54
P PO4 V . 23.16 -21.72 -20.99
O1 PO4 V . 22.22 -22.67 -21.69
O2 PO4 V . 22.27 -20.62 -20.39
O3 PO4 V . 23.88 -22.30 -19.76
O4 PO4 V . 24.23 -21.35 -22.07
P PO4 W . 42.03 -49.94 -43.55
O1 PO4 W . 41.28 -51.21 -43.36
O2 PO4 W . 41.65 -49.19 -44.81
O3 PO4 W . 41.77 -49.12 -42.32
O4 PO4 W . 43.50 -50.31 -43.57
P PO4 X . 51.58 -44.68 -44.69
O1 PO4 X . 51.29 -45.77 -43.67
O2 PO4 X . 51.41 -43.29 -44.03
O3 PO4 X . 50.68 -44.86 -45.92
O4 PO4 X . 53.00 -44.90 -45.17
P1 POP Y . 23.63 -20.69 -43.88
O1 POP Y . 22.38 -21.36 -43.30
O2 POP Y . 24.88 -20.61 -43.00
O3 POP Y . 23.81 -21.21 -45.29
O POP Y . 23.37 -19.11 -44.19
P2 POP Y . 24.28 -18.00 -43.44
O4 POP Y . 24.72 -18.90 -42.33
O5 POP Y . 25.43 -17.56 -44.31
O6 POP Y . 23.32 -16.86 -43.18
NA NA Z . 39.69 -0.89 -7.57
NA NA AA . 67.41 7.53 -41.61
CL CL BA . 42.40 -10.46 -14.02
CL CL CA . 38.09 -25.72 -13.88
CL CL DA . 34.75 -16.99 -9.43
CL CL EA . 50.41 13.62 -22.13
CL CL FA . 21.62 -12.95 -21.08
CL CL GA . 39.98 16.46 -30.86
P PO4 HA . 68.27 -2.21 -35.25
O1 PO4 HA . 67.87 -2.08 -33.80
O2 PO4 HA . 68.71 -3.63 -35.49
O3 PO4 HA . 69.30 -1.13 -35.41
O4 PO4 HA . 67.29 -2.05 -36.40
P1 POP IA . 32.00 -5.41 -28.48
O1 POP IA . 30.64 -5.47 -27.74
O2 POP IA . 31.84 -5.04 -29.95
O3 POP IA . 33.01 -6.55 -28.29
O POP IA . 32.72 -4.12 -27.75
P2 POP IA . 34.29 -3.66 -27.79
O4 POP IA . 34.73 -4.04 -26.41
O5 POP IA . 34.95 -4.42 -28.99
O6 POP IA . 34.27 -2.14 -27.86
PA NAD JA . 59.59 -30.19 -29.44
O1A NAD JA . 59.81 -30.70 -30.85
O2A NAD JA . 59.03 -28.78 -29.19
O5B NAD JA . 60.97 -30.45 -28.58
C5B NAD JA . 62.15 -31.11 -29.09
C4B NAD JA . 63.43 -30.34 -28.69
O4B NAD JA . 64.55 -31.24 -28.60
C3B NAD JA . 63.82 -29.22 -29.68
O3B NAD JA . 63.97 -27.94 -29.02
C2B NAD JA . 65.15 -29.64 -30.29
O2B NAD JA . 66.00 -28.49 -30.47
C1B NAD JA . 65.71 -30.71 -29.31
N9A NAD JA . 66.58 -31.85 -29.87
C8A NAD JA . 66.49 -32.48 -31.07
N7A NAD JA . 67.46 -33.44 -31.20
C5A NAD JA . 68.21 -33.45 -30.07
C6A NAD JA . 69.39 -34.23 -29.51
N6A NAD JA . 70.03 -35.21 -30.19
N1A NAD JA . 69.85 -33.90 -28.26
C2A NAD JA . 69.26 -32.92 -27.54
N3A NAD JA . 68.18 -32.19 -27.99
C4A NAD JA . 67.62 -32.40 -29.20
O3 NAD JA . 58.56 -31.30 -28.83
PN NAD JA . 57.76 -31.41 -27.42
O1N NAD JA . 56.32 -31.12 -27.91
O2N NAD JA . 58.49 -30.70 -26.26
O5D NAD JA . 57.99 -33.00 -27.14
C5D NAD JA . 59.12 -33.51 -26.40
C4D NAD JA . 58.73 -34.86 -25.76
O4D NAD JA . 57.58 -34.72 -24.90
C3D NAD JA . 58.35 -35.86 -26.83
O3D NAD JA . 58.73 -37.18 -26.37
C2D NAD JA . 56.84 -35.73 -26.94
O2D NAD JA . 56.24 -36.93 -27.45
C1D NAD JA . 56.47 -35.47 -25.47
N1N NAD JA . 55.12 -34.86 -25.24
C2N NAD JA . 54.67 -33.76 -25.87
C3N NAD JA . 53.38 -33.23 -25.61
C7N NAD JA . 52.82 -31.99 -26.32
O7N NAD JA . 51.76 -32.07 -26.97
N7N NAD JA . 53.49 -30.84 -26.22
C4N NAD JA . 52.60 -33.88 -24.67
C5N NAD JA . 53.08 -35.00 -24.06
C6N NAD JA . 54.35 -35.48 -24.34
NA NA KA . 63.03 -24.77 -8.20
CL CL LA . 56.61 -18.38 -15.90
CL CL MA . 54.21 -50.09 -18.34
CL CL NA . 48.76 -42.46 -8.33
CL CL OA . 25.32 -31.51 -16.71
CL CL PA . 22.83 -52.75 -12.88
PA NAD QA . 59.10 -26.54 -49.62
O1A NAD QA . 59.31 -27.03 -48.22
O2A NAD QA . 57.80 -26.82 -50.28
O5B NAD QA . 60.35 -27.07 -50.48
C5B NAD QA . 61.42 -27.88 -49.94
C4B NAD QA . 61.41 -29.30 -50.56
O4B NAD QA . 62.62 -29.67 -51.28
C3B NAD QA . 61.15 -30.34 -49.48
O3B NAD QA . 59.90 -30.96 -49.71
C2B NAD QA . 62.19 -31.41 -49.64
O2B NAD QA . 61.53 -32.70 -49.61
C1B NAD QA . 62.95 -31.04 -50.94
N9A NAD QA . 64.42 -31.17 -50.72
C8A NAD QA . 65.09 -30.65 -49.66
N7A NAD QA . 66.43 -30.95 -49.75
C5A NAD QA . 66.61 -31.66 -50.87
C6A NAD QA . 67.75 -32.29 -51.56
N6A NAD QA . 69.00 -32.20 -51.05
N1A NAD QA . 67.52 -32.95 -52.71
C2A NAD QA . 66.30 -33.05 -53.26
N3A NAD QA . 65.21 -32.50 -52.67
C4A NAD QA . 65.29 -31.81 -51.51
O3 NAD QA . 59.16 -24.95 -49.76
PN NAD QA . 59.14 -24.32 -51.25
O1N NAD QA . 58.21 -23.12 -51.15
O2N NAD QA . 59.05 -25.39 -52.30
O5D NAD QA . 60.60 -23.69 -51.51
C5D NAD QA . 61.45 -24.08 -52.59
C4D NAD QA . 62.24 -22.85 -53.02
O4D NAD QA . 61.37 -21.92 -53.67
C3D NAD QA . 62.85 -22.09 -51.86
O3D NAD QA . 64.10 -21.52 -52.26
C2D NAD QA . 61.94 -20.90 -51.64
O2D NAD QA . 62.67 -19.80 -51.11
C1D NAD QA . 61.49 -20.62 -53.07
N1N NAD QA . 60.25 -19.83 -53.14
C2N NAD QA . 59.13 -20.27 -52.53
C3N NAD QA . 57.94 -19.54 -52.60
C7N NAD QA . 56.67 -20.01 -51.89
O7N NAD QA . 56.09 -19.25 -51.12
N7N NAD QA . 56.22 -21.24 -52.07
C4N NAD QA . 57.94 -18.34 -53.30
C5N NAD QA . 59.12 -17.89 -53.89
C6N NAD QA . 60.27 -18.66 -53.81
NA NA RA . 52.97 -30.54 -70.35
CL CL SA . 56.92 -46.68 -54.38
CL CL TA . 44.50 -40.50 -59.21
CL CL UA . 45.89 -29.83 -61.21
CL CL VA . 59.79 -9.04 -70.02
CL CL WA . 70.96 -9.84 -61.57
P PO4 XA . 69.45 -13.41 -34.84
O1 PO4 XA . 68.07 -14.11 -35.10
O2 PO4 XA . 70.67 -14.31 -34.45
O3 PO4 XA . 69.26 -12.34 -33.78
O4 PO4 XA . 69.78 -12.78 -36.21
P PO4 YA . 47.82 -41.65 -52.50
O1 PO4 YA . 46.80 -42.78 -52.75
O2 PO4 YA . 47.59 -40.49 -53.46
O3 PO4 YA . 47.58 -41.15 -51.11
O4 PO4 YA . 49.29 -42.08 -52.65
PA NAD ZA . 13.79 -26.22 30.57
O1A NAD ZA . 12.87 -25.42 29.70
O2A NAD ZA . 13.21 -27.03 31.70
O5B NAD ZA . 14.85 -25.12 31.14
C5B NAD ZA . 14.69 -23.72 30.86
C4B NAD ZA . 14.59 -22.98 32.20
O4B NAD ZA . 15.55 -21.92 32.36
C3B NAD ZA . 13.22 -22.36 32.43
O3B NAD ZA . 12.82 -22.65 33.77
C2B NAD ZA . 13.44 -20.88 32.37
O2B NAD ZA . 12.50 -20.24 33.21
C1B NAD ZA . 14.90 -20.74 32.82
N9A NAD ZA . 15.59 -19.52 32.30
C8A NAD ZA . 15.58 -19.02 31.03
N7A NAD ZA . 16.33 -17.89 30.96
C5A NAD ZA . 16.86 -17.65 32.18
C6A NAD ZA . 17.76 -16.66 32.82
N6A NAD ZA . 18.28 -15.61 32.13
N1A NAD ZA . 18.04 -16.80 34.13
C2A NAD ZA . 17.55 -17.81 34.87
N3A NAD ZA . 16.74 -18.75 34.36
C4A NAD ZA . 16.36 -18.73 33.05
O3 NAD ZA . 14.68 -27.23 29.72
PN NAD ZA . 15.82 -27.99 30.57
O1N NAD ZA . 16.01 -29.38 29.98
O2N NAD ZA . 15.61 -27.70 32.04
O5D NAD ZA . 17.15 -27.15 30.20
C5D NAD ZA . 18.32 -27.37 30.97
C4D NAD ZA . 19.46 -27.56 29.99
O4D NAD ZA . 20.11 -28.78 30.26
C3D NAD ZA . 18.98 -27.63 28.55
O3D NAD ZA . 19.30 -26.42 27.89
C2D NAD ZA . 19.73 -28.76 27.91
O2D NAD ZA . 20.73 -28.26 27.02
C1D NAD ZA . 20.44 -29.46 29.04
N1N NAD ZA . 20.00 -30.84 29.10
C2N NAD ZA . 18.71 -31.10 29.24
C3N NAD ZA . 18.31 -32.43 29.30
C7N NAD ZA . 16.86 -32.71 29.44
O7N NAD ZA . 16.40 -33.84 29.20
N7N NAD ZA . 16.15 -31.67 29.81
C4N NAD ZA . 19.23 -33.45 29.22
C5N NAD ZA . 20.55 -33.12 29.07
C6N NAD ZA . 20.92 -31.79 29.01
NA NA AB . 21.35 -30.75 50.10
CL CL BB . 36.14 -31.44 25.57
CL CL CB . 35.53 -41.41 35.20
CL CL DB . 16.92 -25.31 7.96
CL CL EB . 20.60 -62.07 25.90
CL CL FB . 11.87 -35.79 45.96
P PO4 GB . 9.78 -63.99 26.91
O1 PO4 GB . 8.94 -65.09 27.53
O2 PO4 GB . 8.94 -62.74 26.58
O3 PO4 GB . 10.92 -63.57 27.87
O4 PO4 GB . 10.35 -64.64 25.67
CL CL HB . -26.56 -15.58 12.53
P PO4 IB . -2.22 -18.62 40.18
O1 PO4 IB . -1.92 -18.87 41.65
O2 PO4 IB . -3.45 -17.73 40.10
O3 PO4 IB . -2.48 -19.89 39.38
O4 PO4 IB . -1.05 -17.91 39.52
P1 POP JB . -3.13 -19.42 17.07
O1 POP JB . -3.08 -20.66 17.96
O2 POP JB . -3.59 -18.12 17.74
O3 POP JB . -3.74 -19.65 15.70
O POP JB . -1.60 -19.25 16.61
P2 POP JB . -0.37 -19.93 17.37
O4 POP JB . -0.91 -20.18 18.75
O5 POP JB . 0.65 -18.83 17.30
O6 POP JB . -0.04 -21.13 16.53
NA NA KB . -12.74 -50.48 -7.36
CL CL LB . -26.89 -55.40 9.82
CL CL MB . 9.66 -56.05 -8.89
CL CL NB . -11.68 -43.06 1.58
CL CL OB . 21.19 -34.12 2.22
P1 POP PB . -6.21 -55.99 13.12
O1 POP PB . -7.02 -57.19 12.77
O2 POP PB . -6.99 -54.82 13.61
O3 POP PB . -5.07 -56.37 14.00
O POP PB . -5.56 -55.43 11.75
P2 POP PB . -4.23 -55.93 10.97
O4 POP PB . -4.27 -57.42 10.88
O5 POP PB . -4.40 -55.31 9.62
O6 POP PB . -3.10 -55.37 11.78
NA NA QB . 0.97 -57.39 54.32
CL CL RB . 2.34 -67.23 30.97
P PO4 SB . -24.14 -50.26 19.55
O1 PO4 SB . -24.18 -51.61 20.25
O2 PO4 SB . -25.47 -49.58 19.66
O3 PO4 SB . -23.05 -49.39 20.19
O4 PO4 SB . -23.92 -50.44 18.07
C ACT TB . 14.09 -64.30 34.02
O ACT TB . 12.91 -64.72 33.82
OXT ACT TB . 14.36 -63.06 34.02
CH3 ACT TB . 15.20 -65.30 34.27
C1 PGE UB . -31.00 -59.24 36.78
O1 PGE UB . -29.71 -59.46 36.14
C2 PGE UB . -30.85 -58.63 38.18
O2 PGE UB . -30.20 -59.52 39.11
C3 PGE UB . -31.11 -60.40 39.81
C4 PGE UB . -30.40 -61.56 40.54
O4 PGE UB . -28.98 -61.06 44.77
C6 PGE UB . -28.37 -61.75 43.67
C5 PGE UB . -29.40 -62.21 42.61
O3 PGE UB . -29.86 -61.13 41.80
C1 PEG VB . -31.97 -30.21 54.22
O1 PEG VB . -32.34 -29.22 53.26
C2 PEG VB . -30.52 -30.57 53.93
O2 PEG VB . -29.66 -29.63 54.59
C3 PEG VB . -29.55 -29.75 56.02
C4 PEG VB . -29.86 -31.16 56.54
O4 PEG VB . -29.34 -31.31 57.85
PA NAD WB . -4.46 29.51 -10.61
O1A NAD WB . -4.87 28.61 -11.73
O2A NAD WB . -3.29 30.43 -10.90
O5B NAD WB . -4.26 28.66 -9.25
C5B NAD WB . -4.38 27.25 -9.09
C4B NAD WB . -3.08 26.73 -8.45
O4B NAD WB . -3.32 25.77 -7.41
C3B NAD WB . -2.19 26.03 -9.50
O3B NAD WB . -0.80 26.34 -9.33
C2B NAD WB . -2.37 24.56 -9.23
O2B NAD WB . -1.21 23.87 -9.69
C1B NAD WB . -2.59 24.57 -7.70
N9A NAD WB . -3.34 23.40 -7.19
C8A NAD WB . -4.37 22.77 -7.81
N7A NAD WB . -4.82 21.73 -7.03
C5A NAD WB . -4.08 21.70 -5.91
C6A NAD WB . -4.03 20.87 -4.69
N6A NAD WB . -4.89 19.83 -4.52
N1A NAD WB . -3.10 21.16 -3.75
C2A NAD WB . -2.24 22.19 -3.91
N3A NAD WB . -2.23 22.98 -5.00
C4A NAD WB . -3.10 22.79 -6.03
O3 NAD WB . -5.71 30.43 -10.13
PN NAD WB . -5.45 31.78 -9.27
O1N NAD WB . -6.14 32.92 -9.98
O2N NAD WB . -3.97 31.84 -9.02
O5D NAD WB . -6.09 31.55 -7.80
C5D NAD WB . -7.10 30.59 -7.49
C4D NAD WB . -8.12 31.18 -6.50
O4D NAD WB . -7.85 32.56 -6.24
C3D NAD WB . -9.55 31.13 -7.04
O3D NAD WB . -10.51 30.96 -6.00
C2D NAD WB . -9.79 32.50 -7.58
O2D NAD WB . -11.18 32.82 -7.55
C1D NAD WB . -9.04 33.32 -6.57
N1N NAD WB . -8.81 34.68 -7.09
C2N NAD WB . -8.17 34.84 -8.25
C3N NAD WB . -7.96 36.13 -8.74
C7N NAD WB . -7.26 36.35 -10.07
O7N NAD WB . -7.73 37.15 -10.87
N7N NAD WB . -6.17 35.64 -10.33
C4N NAD WB . -8.44 37.22 -8.03
C5N NAD WB . -9.11 37.01 -6.84
C6N NAD WB . -9.29 35.71 -6.39
NA NA XB . 8.61 38.82 4.55
CL CL YB . -7.58 66.34 -22.56
CL CL ZB . 13.68 19.72 -7.32
P PO4 AC . -24.90 26.28 -18.99
O1 PO4 AC . -24.45 24.90 -18.48
O2 PO4 AC . -25.88 26.07 -20.16
O3 PO4 AC . -25.70 26.94 -17.85
O4 PO4 AC . -23.69 27.20 -19.40
CL CL BC . -19.54 24.45 -41.59
CL CL CC . -27.92 35.65 -34.12
P PO4 DC . 12.20 21.00 -18.31
O1 PO4 DC . 11.33 19.83 -17.82
O2 PO4 DC . 11.31 22.18 -18.78
O3 PO4 DC . 13.19 21.44 -17.21
O4 PO4 DC . 12.99 20.50 -19.49
P PO4 EC . 4.11 45.69 -53.34
O1 PO4 EC . 3.45 44.46 -54.01
O2 PO4 EC . 3.99 45.70 -51.80
O3 PO4 EC . 3.49 46.97 -53.85
O4 PO4 EC . 5.58 45.69 -53.73
O1 PG4 FC . 10.09 4.71 -27.10
C1 PG4 FC . 8.85 4.46 -27.78
C2 PG4 FC . 8.72 2.96 -28.10
O2 PG4 FC . 8.85 2.74 -29.51
C3 PG4 FC . 8.86 1.37 -29.90
C4 PG4 FC . 7.45 0.94 -30.30
O3 PG4 FC . 7.37 -0.47 -30.50
C5 PG4 FC . 6.11 -0.95 -30.96
C6 PG4 FC . 6.16 -1.20 -32.47
O4 PG4 FC . 4.95 -0.71 -33.08
C7 PG4 FC . 3.84 -1.62 -33.02
C8 PG4 FC . 3.73 -2.47 -34.30
O5 PG4 FC . 4.12 -1.75 -35.50
P1 POP GC . -8.37 19.57 -28.13
O1 POP GC . -9.17 18.49 -27.37
O2 POP GC . -9.05 20.92 -28.32
O3 POP GC . -6.94 19.71 -27.68
O POP GC . -8.28 18.90 -29.62
P2 POP GC . -7.02 18.97 -30.64
O4 POP GC . -6.35 17.61 -30.59
O5 POP GC . -6.20 20.19 -30.25
O6 POP GC . -7.71 19.03 -31.96
PA NAD HC . -10.93 53.35 -41.77
O1A NAD HC . -11.01 53.74 -40.31
O2A NAD HC . -10.52 51.96 -42.15
O5B NAD HC . -10.14 54.44 -42.69
C5B NAD HC . -10.77 55.45 -43.51
C4B NAD HC . -10.15 55.50 -44.94
O4B NAD HC . -10.54 56.67 -45.70
C3B NAD HC . -8.62 55.48 -45.02
O3B NAD HC . -8.14 54.14 -45.24
C2B NAD HC . -8.25 56.32 -46.22
O2B NAD HC . -7.55 55.54 -47.21
C1B NAD HC . -9.58 56.89 -46.73
N9A NAD HC . -9.38 58.33 -46.99
C8A NAD HC . -8.76 59.18 -46.16
N7A NAD HC . -8.70 60.43 -46.69
C5A NAD HC . -9.29 60.38 -47.90
C6A NAD HC . -9.59 61.36 -48.99
N6A NAD HC . -9.24 62.68 -48.90
N1A NAD HC . -10.25 60.89 -50.08
C2A NAD HC . -10.60 59.60 -50.17
N3A NAD HC . -10.35 58.68 -49.22
C4A NAD HC . -9.73 59.00 -48.08
O3 NAD HC . -12.41 53.65 -42.32
PN NAD HC . -13.73 53.32 -41.45
O1N NAD HC . -13.39 52.68 -40.10
O2N NAD HC . -14.51 52.62 -42.52
O5D NAD HC . -14.37 54.78 -41.17
C5D NAD HC . -14.80 55.59 -42.24
C4D NAD HC . -16.17 56.13 -41.88
O4D NAD HC . -16.97 55.13 -41.23
C3D NAD HC . -16.05 57.27 -40.89
O3D NAD HC . -17.05 58.25 -41.27
C2D NAD HC . -16.28 56.60 -39.53
O2D NAD HC . -16.75 57.53 -38.55
C1D NAD HC . -17.34 55.56 -39.88
N1N NAD HC . -17.60 54.39 -38.97
C2N NAD HC . -16.70 53.43 -38.75
C3N NAD HC . -16.99 52.33 -37.92
C7N NAD HC . -15.93 51.29 -37.69
O7N NAD HC . -16.14 50.27 -37.03
N7N NAD HC . -14.75 51.54 -38.24
C4N NAD HC . -18.25 52.23 -37.32
C5N NAD HC . -19.16 53.23 -37.57
C6N NAD HC . -18.82 54.29 -38.40
NA NA IC . -24.97 44.22 -56.62
CL CL JC . -30.70 64.36 -36.45
CL CL KC . -32.93 34.32 -20.09
CL CL LC . -37.46 52.82 -39.16
CL CL MC . -17.39 38.70 -49.85
CL CL NC . -9.16 37.23 -57.87
CL CL OC . -27.64 71.81 -40.79
CL CL PC . 21.30 23.61 -23.88
P PO4 QC . 38.33 30.08 -38.59
O1 PO4 QC . 36.95 29.55 -38.98
O2 PO4 QC . 38.44 31.59 -38.90
O3 PO4 QC . 38.58 29.89 -37.11
O4 PO4 QC . 39.34 29.34 -39.43
NA NA RC . -26.27 33.69 72.57
CL CL SC . -39.98 17.19 68.84
CL CL TC . -23.28 50.39 56.97
C1 UVW UC . -57.78 42.71 39.32
O1 UVW UC . -57.40 41.99 38.39
C1M UVW UC . -59.18 43.32 39.38
O2 UVW UC . -56.82 43.03 40.39
P UVW UC . -55.79 41.96 41.09
O1P UVW UC . -56.70 41.27 42.08
O2P UVW UC . -55.20 41.07 39.99
O3P UVW UC . -54.75 42.81 41.82
P1 POP VC . -43.40 32.95 58.13
O1 POP VC . -44.88 33.28 58.33
O2 POP VC . -42.76 33.15 56.74
O3 POP VC . -42.95 31.68 58.80
O POP VC . -42.76 34.21 58.93
P2 POP VC . -41.53 35.06 58.28
O4 POP VC . -40.39 34.48 59.06
O5 POP VC . -41.77 36.51 58.71
O6 POP VC . -41.59 34.64 56.79
NA NA WC . -73.72 20.58 30.93
CL CL XC . -47.41 -8.56 34.64
PA NAD YC . -34.01 15.25 23.91
O1A NAD YC . -32.93 14.56 24.69
O2A NAD YC . -35.46 15.02 24.31
O5B NAD YC . -33.82 14.75 22.39
C5B NAD YC . -32.64 14.02 21.99
C4B NAD YC . -32.99 12.89 21.02
O4B NAD YC . -32.02 12.70 19.96
C3B NAD YC . -33.07 11.57 21.76
O3B NAD YC . -34.21 10.84 21.33
C2B NAD YC . -31.83 10.81 21.35
O2B NAD YC . -32.05 9.41 21.49
C1B NAD YC . -31.72 11.29 19.91
N9A NAD YC . -30.40 11.05 19.25
C8A NAD YC . -29.18 11.39 19.70
N7A NAD YC . -28.25 10.99 18.79
C5A NAD YC . -28.86 10.39 17.75
C6A NAD YC . -28.47 9.76 16.46
N6A NAD YC . -27.18 9.66 16.03
N1A NAD YC . -29.46 9.27 15.68
C2A NAD YC . -30.73 9.34 16.02
N3A NAD YC . -31.13 9.89 17.17
C4A NAD YC . -30.27 10.43 18.06
O3 NAD YC . -33.76 16.86 23.90
PN NAD YC . -34.36 17.78 22.72
O1N NAD YC . -34.64 19.14 23.28
O2N NAD YC . -35.44 17.06 21.91
O5D NAD YC . -33.15 17.87 21.66
C5D NAD YC . -33.24 18.62 20.43
C4D NAD YC . -32.21 19.74 20.50
O4D NAD YC . -32.77 20.99 20.07
C3D NAD YC . -31.79 19.91 21.97
O3D NAD YC . -30.43 19.52 22.24
C2D NAD YC . -31.97 21.36 22.31
O2D NAD YC . -30.74 21.88 22.80
C1D NAD YC . -32.49 22.04 21.02
N1N NAD YC . -33.70 22.83 21.38
C2N NAD YC . -34.35 22.50 22.52
C3N NAD YC . -35.49 23.17 22.96
C7N NAD YC . -36.16 22.75 24.23
O7N NAD YC . -35.94 23.42 25.25
N7N NAD YC . -36.95 21.67 24.26
C4N NAD YC . -35.96 24.22 22.19
C5N NAD YC . -35.28 24.55 21.02
C6N NAD YC . -34.13 23.85 20.63
CL CL ZC . -15.25 25.97 33.76
CL CL AD . -41.41 36.37 8.81
PA NAD BD . -23.45 8.42 39.91
O1A NAD BD . -24.27 8.47 38.66
O2A NAD BD . -22.93 9.70 40.48
O5B NAD BD . -22.30 7.32 39.71
C5B NAD BD . -21.69 7.06 38.45
C4B NAD BD . -20.33 7.76 38.45
O4B NAD BD . -19.26 6.93 37.97
C3B NAD BD . -20.41 8.98 37.54
O3B NAD BD . -19.95 10.15 38.21
C2B NAD BD . -19.49 8.70 36.40
O2B NAD BD . -18.80 9.90 36.12
C1B NAD BD . -18.55 7.63 36.93
N9A NAD BD . -18.15 6.73 35.83
C8A NAD BD . -18.87 6.35 34.75
N7A NAD BD . -18.14 5.51 33.94
C5A NAD BD . -16.93 5.38 34.52
C6A NAD BD . -15.69 4.65 34.23
N6A NAD BD . -15.57 3.87 33.12
N1A NAD BD . -14.67 4.78 35.12
C2A NAD BD . -14.75 5.54 36.23
N3A NAD BD . -15.86 6.23 36.54
C4A NAD BD . -16.95 6.18 35.76
O3 NAD BD . -24.37 7.79 41.07
PN NAD BD . -23.95 6.75 42.24
O1N NAD BD . -25.20 6.73 43.11
O2N NAD BD . -22.60 7.09 42.78
O5D NAD BD . -23.84 5.26 41.58
C5D NAD BD . -22.65 4.50 41.83
C4D NAD BD . -22.92 3.06 42.28
O4D NAD BD . -23.28 2.99 43.67
C3D NAD BD . -24.07 2.42 41.51
O3D NAD BD . -23.81 1.00 41.39
C2D NAD BD . -25.26 2.72 42.40
O2D NAD BD . -26.38 1.86 42.18
C1D NAD BD . -24.65 2.50 43.79
N1N NAD BD . -25.47 3.08 44.88
C2N NAD BD . -26.11 4.25 44.77
C3N NAD BD . -26.88 4.71 45.83
C7N NAD BD . -27.59 6.02 45.78
O7N NAD BD . -28.80 5.99 45.68
N7N NAD BD . -26.85 7.12 45.90
C4N NAD BD . -27.00 3.99 47.00
C5N NAD BD . -26.34 2.79 47.08
C6N NAD BD . -25.58 2.35 46.00
CL CL CD . -17.52 17.47 54.56
CL CL DD . -45.89 5.14 68.41
P PO4 ED . -49.02 15.61 67.33
O1 PO4 ED . -50.23 14.73 66.99
O2 PO4 ED . -49.44 16.82 68.15
O3 PO4 ED . -48.04 14.83 68.23
O4 PO4 ED . -48.38 16.03 66.00
P PO4 FD . -39.35 -3.15 29.44
O1 PO4 FD . -40.72 -3.55 28.89
O2 PO4 FD . -39.44 -1.71 29.98
O3 PO4 FD . -38.86 -4.05 30.55
O4 PO4 FD . -38.25 -3.30 28.41
#